data_2TMP
#
_entry.id   2TMP
#
_cell.length_a   1.000
_cell.length_b   1.000
_cell.length_c   1.000
_cell.angle_alpha   90.00
_cell.angle_beta   90.00
_cell.angle_gamma   90.00
#
_symmetry.space_group_name_H-M   'P 1'
#
_entity_poly.entity_id   1
_entity_poly.type   'polypeptide(L)'
_entity_poly.pdbx_seq_one_letter_code
;CSCSPVHPQQAFCNADVVIRTKAVSEKEVDSGNDIYGNPIKRIQYEIKQIKMFKGPEKDIEFIYTAPSSAVCGVSLDVGG
KKEYLIAGKAEGDGKMHITLCDFIVPWDTLSTTQKKSLNHRYQMGCE
;
_entity_poly.pdbx_strand_id   A
#
# COMPACT_ATOMS: atom_id res chain seq x y z
N CYS A 1 6.13 5.46 11.91
CA CYS A 1 6.26 6.89 11.72
C CYS A 1 4.99 7.55 12.27
N SER A 2 3.97 6.73 12.48
CA SER A 2 2.70 7.23 12.99
C SER A 2 2.21 8.39 12.14
N CYS A 3 2.65 8.39 10.89
CA CYS A 3 2.26 9.44 9.96
C CYS A 3 0.73 9.60 10.02
N SER A 4 0.24 10.57 9.27
CA SER A 4 -1.19 10.83 9.22
C SER A 4 -1.72 10.64 7.79
N PRO A 5 -2.50 9.56 7.62
CA PRO A 5 -3.07 9.25 6.31
C PRO A 5 -4.24 10.19 6.00
N VAL A 6 -4.19 10.75 4.79
CA VAL A 6 -5.24 11.66 4.36
C VAL A 6 -5.29 11.66 2.83
N HIS A 7 -5.35 12.86 2.27
CA HIS A 7 -5.42 13.01 0.82
C HIS A 7 -6.29 11.91 0.23
N PRO A 8 -7.62 12.18 0.21
CA PRO A 8 -8.58 11.23 -0.32
C PRO A 8 -8.53 11.19 -1.85
N GLN A 9 -7.62 11.98 -2.40
CA GLN A 9 -7.46 12.06 -3.84
C GLN A 9 -5.98 12.12 -4.21
N GLN A 10 -5.25 12.94 -3.47
CA GLN A 10 -3.82 13.10 -3.71
C GLN A 10 -3.09 11.78 -3.43
N ALA A 11 -3.85 10.80 -2.96
CA ALA A 11 -3.29 9.50 -2.66
C ALA A 11 -3.23 8.67 -3.93
N PHE A 12 -4.26 8.83 -4.76
CA PHE A 12 -4.34 8.11 -6.01
C PHE A 12 -3.62 8.86 -7.13
N CYS A 13 -3.14 10.05 -6.79
CA CYS A 13 -2.43 10.88 -7.75
C CYS A 13 -0.93 10.80 -7.43
N ASN A 14 -0.64 10.30 -6.24
CA ASN A 14 0.75 10.16 -5.81
C ASN A 14 1.22 8.73 -6.09
N ALA A 15 0.34 7.79 -5.80
CA ALA A 15 0.66 6.38 -6.02
C ALA A 15 1.09 6.18 -7.47
N ASP A 16 1.51 4.95 -7.77
CA ASP A 16 1.95 4.62 -9.11
C ASP A 16 1.74 3.13 -9.35
N VAL A 17 0.94 2.52 -8.48
CA VAL A 17 0.65 1.10 -8.58
C VAL A 17 -0.54 0.75 -7.68
N VAL A 18 -1.73 0.92 -8.24
CA VAL A 18 -2.94 0.63 -7.50
C VAL A 18 -3.43 -0.76 -7.85
N ILE A 19 -3.46 -1.62 -6.85
CA ILE A 19 -3.90 -2.99 -7.04
C ILE A 19 -4.72 -3.44 -5.83
N ARG A 20 -5.93 -3.89 -6.10
CA ARG A 20 -6.82 -4.35 -5.05
C ARG A 20 -6.42 -5.75 -4.59
N THR A 21 -5.12 -5.95 -4.46
CA THR A 21 -4.59 -7.24 -4.03
C THR A 21 -5.03 -7.54 -2.60
N LYS A 22 -4.74 -8.75 -2.17
CA LYS A 22 -5.09 -9.18 -0.82
C LYS A 22 -3.84 -9.71 -0.12
N ALA A 23 -3.51 -9.07 0.98
CA ALA A 23 -2.34 -9.47 1.76
C ALA A 23 -2.76 -10.48 2.82
N VAL A 24 -2.36 -11.73 2.59
CA VAL A 24 -2.70 -12.80 3.51
C VAL A 24 -1.42 -13.26 4.23
N SER A 25 -0.32 -13.25 3.49
CA SER A 25 0.95 -13.66 4.04
C SER A 25 1.93 -12.48 4.05
N GLU A 26 3.00 -12.63 4.80
CA GLU A 26 4.00 -11.59 4.90
C GLU A 26 5.39 -12.21 5.13
N LYS A 27 6.37 -11.34 5.31
CA LYS A 27 7.73 -11.78 5.55
C LYS A 27 8.45 -10.76 6.42
N GLU A 28 8.75 -11.17 7.65
CA GLU A 28 9.45 -10.30 8.59
C GLU A 28 10.92 -10.17 8.21
N VAL A 29 11.20 -9.14 7.42
CA VAL A 29 12.56 -8.88 6.97
C VAL A 29 13.10 -7.65 7.70
N ASP A 30 14.12 -7.90 8.51
CA ASP A 30 14.74 -6.82 9.27
C ASP A 30 15.22 -5.74 8.31
N SER A 31 15.42 -4.55 8.85
CA SER A 31 15.88 -3.42 8.06
C SER A 31 16.84 -2.55 8.89
N GLY A 32 17.33 -3.13 9.97
CA GLY A 32 18.24 -2.43 10.85
C GLY A 32 17.49 -1.44 11.74
N ASN A 33 18.24 -0.79 12.62
CA ASN A 33 17.67 0.18 13.54
C ASN A 33 17.55 1.53 12.85
N ASP A 34 16.73 2.39 13.42
CA ASP A 34 16.52 3.73 12.87
C ASP A 34 17.48 4.70 13.56
N ILE A 35 17.15 5.98 13.44
CA ILE A 35 17.96 7.02 14.04
C ILE A 35 17.62 7.15 15.53
N TYR A 36 16.69 6.31 15.96
CA TYR A 36 16.26 6.31 17.35
C TYR A 36 16.77 5.07 18.08
N GLY A 37 17.48 4.23 17.34
CA GLY A 37 18.03 3.01 17.91
C GLY A 37 17.01 1.86 17.82
N ASN A 38 15.80 2.22 17.43
CA ASN A 38 14.74 1.24 17.29
C ASN A 38 14.92 0.45 16.00
N PRO A 39 14.41 -0.80 16.00
CA PRO A 39 14.51 -1.66 14.84
C PRO A 39 13.53 -1.23 13.76
N ILE A 40 14.04 -1.09 12.54
CA ILE A 40 13.22 -0.68 11.41
C ILE A 40 12.21 -1.79 11.10
N LYS A 41 12.69 -2.81 10.42
CA LYS A 41 11.85 -3.94 10.05
C LYS A 41 10.83 -3.49 9.00
N ARG A 42 10.78 -4.21 7.90
CA ARG A 42 9.87 -3.90 6.82
C ARG A 42 9.12 -5.16 6.38
N ILE A 43 8.27 -5.66 7.27
CA ILE A 43 7.49 -6.84 6.99
C ILE A 43 7.03 -6.81 5.54
N GLN A 44 7.06 -7.97 4.90
CA GLN A 44 6.64 -8.09 3.52
C GLN A 44 5.12 -8.21 3.43
N TYR A 45 4.63 -8.32 2.19
CA TYR A 45 3.21 -8.43 1.96
C TYR A 45 2.91 -9.49 0.90
N GLU A 46 3.15 -10.74 1.27
CA GLU A 46 2.91 -11.85 0.37
C GLU A 46 1.43 -11.97 0.05
N ILE A 47 0.93 -10.97 -0.67
CA ILE A 47 -0.47 -10.95 -1.05
C ILE A 47 -0.76 -12.11 -1.99
N LYS A 48 -1.98 -12.13 -2.51
CA LYS A 48 -2.39 -13.19 -3.41
C LYS A 48 -2.80 -12.57 -4.76
N GLN A 49 -2.81 -11.26 -4.78
CA GLN A 49 -3.18 -10.53 -5.99
C GLN A 49 -4.58 -10.95 -6.45
N ILE A 50 -5.50 -10.00 -6.37
CA ILE A 50 -6.87 -10.25 -6.77
C ILE A 50 -7.27 -9.25 -7.85
N LYS A 51 -6.68 -8.07 -7.77
CA LYS A 51 -6.97 -7.02 -8.74
C LYS A 51 -5.73 -6.14 -8.92
N MET A 52 -5.71 -5.41 -10.02
CA MET A 52 -4.59 -4.54 -10.33
C MET A 52 -5.06 -3.28 -11.06
N PHE A 53 -5.75 -2.43 -10.31
CA PHE A 53 -6.26 -1.18 -10.87
C PHE A 53 -5.20 -0.50 -11.73
N LYS A 54 -4.23 0.10 -11.05
CA LYS A 54 -3.16 0.80 -11.74
C LYS A 54 -1.81 0.23 -11.29
N GLY A 55 -0.80 0.44 -12.11
CA GLY A 55 0.54 -0.05 -11.81
C GLY A 55 1.12 -0.83 -12.98
N PRO A 56 1.88 -1.90 -12.64
CA PRO A 56 2.50 -2.74 -13.66
C PRO A 56 1.46 -3.64 -14.32
N GLU A 57 1.96 -4.56 -15.13
CA GLU A 57 1.09 -5.50 -15.84
C GLU A 57 1.05 -6.84 -15.10
N LYS A 58 2.18 -7.18 -14.51
CA LYS A 58 2.28 -8.44 -13.78
C LYS A 58 1.50 -8.33 -12.46
N ASP A 59 2.16 -7.76 -11.47
CA ASP A 59 1.54 -7.58 -10.16
C ASP A 59 2.63 -7.55 -9.09
N ILE A 60 2.23 -7.11 -7.91
CA ILE A 60 3.16 -7.02 -6.79
C ILE A 60 2.68 -7.94 -5.66
N GLU A 61 2.88 -9.22 -5.87
CA GLU A 61 2.47 -10.22 -4.89
C GLU A 61 3.32 -10.08 -3.62
N PHE A 62 4.35 -9.25 -3.72
CA PHE A 62 5.24 -9.02 -2.60
C PHE A 62 5.46 -7.52 -2.36
N ILE A 63 4.62 -6.96 -1.51
CA ILE A 63 4.71 -5.54 -1.19
C ILE A 63 5.52 -5.36 0.09
N TYR A 64 5.88 -4.11 0.36
CA TYR A 64 6.66 -3.79 1.54
C TYR A 64 5.92 -2.78 2.42
N THR A 65 6.10 -2.93 3.73
CA THR A 65 5.46 -2.03 4.68
C THR A 65 6.15 -2.14 6.04
N ALA A 66 5.50 -1.55 7.03
CA ALA A 66 6.03 -1.57 8.39
C ALA A 66 5.34 -2.67 9.19
N PRO A 67 6.05 -3.16 10.24
CA PRO A 67 5.52 -4.21 11.09
C PRO A 67 4.45 -3.66 12.04
N SER A 68 4.20 -4.42 13.09
CA SER A 68 3.20 -4.02 14.07
C SER A 68 1.86 -3.78 13.39
N SER A 69 0.93 -3.21 14.16
CA SER A 69 -0.40 -2.93 13.64
C SER A 69 -0.30 -2.06 12.38
N ALA A 70 0.66 -1.15 12.41
CA ALA A 70 0.88 -0.25 11.29
C ALA A 70 1.48 1.06 11.80
N VAL A 71 2.78 1.20 11.58
CA VAL A 71 3.50 2.39 12.01
C VAL A 71 3.81 3.26 10.79
N CYS A 72 4.17 2.59 9.70
CA CYS A 72 4.48 3.29 8.47
C CYS A 72 3.74 2.61 7.32
N GLY A 73 2.62 1.99 7.67
CA GLY A 73 1.81 1.30 6.69
C GLY A 73 0.39 1.06 7.21
N VAL A 74 -0.27 0.07 6.62
CA VAL A 74 -1.62 -0.27 7.01
C VAL A 74 -1.63 -1.70 7.57
N SER A 75 -0.46 -2.31 7.56
CA SER A 75 -0.33 -3.67 8.06
C SER A 75 -1.62 -4.46 7.82
N LEU A 76 -1.72 -5.01 6.62
CA LEU A 76 -2.88 -5.78 6.24
C LEU A 76 -2.54 -7.27 6.29
N ASP A 77 -3.43 -8.04 6.91
CA ASP A 77 -3.24 -9.47 7.03
C ASP A 77 -4.41 -10.20 6.37
N VAL A 78 -5.31 -9.40 5.81
CA VAL A 78 -6.48 -9.96 5.14
C VAL A 78 -7.44 -10.53 6.20
N GLY A 79 -6.90 -11.43 7.00
CA GLY A 79 -7.70 -12.06 8.05
C GLY A 79 -8.30 -11.02 8.98
N GLY A 80 -7.83 -9.79 8.83
CA GLY A 80 -8.32 -8.69 9.64
C GLY A 80 -8.97 -7.60 8.79
N LYS A 81 -8.64 -7.65 7.50
CA LYS A 81 -9.19 -6.68 6.56
C LYS A 81 -9.86 -7.41 5.40
N LYS A 82 -9.10 -7.61 4.34
CA LYS A 82 -9.60 -8.30 3.17
C LYS A 82 -8.67 -8.05 1.98
N GLU A 83 -8.91 -6.93 1.31
CA GLU A 83 -8.09 -6.55 0.16
C GLU A 83 -7.94 -5.04 0.09
N TYR A 84 -6.88 -4.61 -0.57
CA TYR A 84 -6.60 -3.20 -0.72
C TYR A 84 -6.05 -2.88 -2.11
N LEU A 85 -6.30 -1.67 -2.56
CA LEU A 85 -5.84 -1.23 -3.86
C LEU A 85 -4.38 -0.78 -3.75
N ILE A 86 -3.84 -0.93 -2.56
CA ILE A 86 -2.45 -0.54 -2.31
C ILE A 86 -1.92 0.24 -3.51
N ALA A 87 -1.82 1.55 -3.32
CA ALA A 87 -1.33 2.42 -4.38
C ALA A 87 -0.25 3.35 -3.81
N GLY A 88 0.98 3.14 -4.27
CA GLY A 88 2.09 3.95 -3.81
C GLY A 88 3.10 4.18 -4.93
N LYS A 89 4.08 5.03 -4.66
CA LYS A 89 5.12 5.33 -5.63
C LYS A 89 5.57 4.03 -6.29
N ALA A 90 5.47 2.95 -5.54
CA ALA A 90 5.87 1.64 -6.04
C ALA A 90 7.39 1.52 -5.96
N GLU A 91 7.88 0.34 -6.32
CA GLU A 91 9.30 0.08 -6.30
C GLU A 91 9.73 -0.68 -7.55
N GLY A 92 8.81 -0.76 -8.49
CA GLY A 92 9.07 -1.45 -9.75
C GLY A 92 8.00 -2.50 -10.03
N ASP A 93 8.45 -3.75 -10.15
CA ASP A 93 7.55 -4.85 -10.42
C ASP A 93 7.86 -6.01 -9.46
N GLY A 94 6.81 -6.69 -9.03
CA GLY A 94 6.96 -7.81 -8.13
C GLY A 94 7.21 -7.33 -6.70
N LYS A 95 7.32 -6.02 -6.56
CA LYS A 95 7.57 -5.41 -5.26
C LYS A 95 7.46 -3.90 -5.37
N MET A 96 6.85 -3.30 -4.36
CA MET A 96 6.68 -1.85 -4.33
C MET A 96 6.80 -1.31 -2.91
N HIS A 97 6.49 -0.03 -2.77
CA HIS A 97 6.55 0.61 -1.47
C HIS A 97 5.18 1.22 -1.12
N ILE A 98 4.71 0.87 0.06
CA ILE A 98 3.42 1.37 0.52
C ILE A 98 3.50 1.69 2.01
N THR A 99 2.99 2.86 2.36
CA THR A 99 3.00 3.28 3.76
C THR A 99 1.65 3.91 4.13
N LEU A 100 1.44 4.05 5.43
CA LEU A 100 0.21 4.64 5.93
C LEU A 100 0.06 6.06 5.39
N CYS A 101 1.15 6.81 5.46
CA CYS A 101 1.16 8.18 4.98
C CYS A 101 0.93 8.15 3.46
N ASP A 102 1.11 6.98 2.89
CA ASP A 102 0.93 6.81 1.46
C ASP A 102 -0.50 6.35 1.18
N PHE A 103 -0.85 6.34 -0.09
CA PHE A 103 -2.18 5.93 -0.51
C PHE A 103 -2.36 4.42 -0.35
N ILE A 104 -3.28 4.04 0.53
CA ILE A 104 -3.54 2.64 0.77
C ILE A 104 -4.86 2.51 1.54
N VAL A 105 -5.71 1.62 1.05
CA VAL A 105 -7.00 1.38 1.68
C VAL A 105 -7.45 -0.05 1.38
N PRO A 106 -8.36 -0.56 2.26
CA PRO A 106 -8.89 -1.90 2.10
C PRO A 106 -9.91 -1.96 0.96
N TRP A 107 -10.05 -0.84 0.27
CA TRP A 107 -10.98 -0.75 -0.84
C TRP A 107 -12.39 -0.59 -0.26
N ASP A 108 -12.77 -1.56 0.56
CA ASP A 108 -14.08 -1.54 1.19
C ASP A 108 -14.13 -0.42 2.23
N THR A 109 -13.74 0.77 1.79
CA THR A 109 -13.73 1.93 2.66
C THR A 109 -13.76 3.22 1.84
N LEU A 110 -12.78 3.35 0.97
CA LEU A 110 -12.68 4.52 0.12
C LEU A 110 -13.67 5.59 0.61
N SER A 111 -14.73 5.76 -0.17
CA SER A 111 -15.75 6.74 0.18
C SER A 111 -16.33 7.36 -1.10
N THR A 112 -15.44 7.62 -2.05
CA THR A 112 -15.86 8.21 -3.32
C THR A 112 -14.67 8.86 -4.01
N THR A 113 -14.16 9.91 -3.38
CA THR A 113 -13.03 10.63 -3.93
C THR A 113 -11.90 9.65 -4.31
N GLN A 114 -11.89 8.53 -3.62
CA GLN A 114 -10.87 7.51 -3.88
C GLN A 114 -11.30 6.63 -5.07
N LYS A 115 -12.61 6.47 -5.20
CA LYS A 115 -13.16 5.66 -6.27
C LYS A 115 -13.04 6.43 -7.59
N LYS A 116 -13.34 7.72 -7.53
CA LYS A 116 -13.28 8.57 -8.70
C LYS A 116 -11.83 8.61 -9.20
N SER A 117 -10.91 8.30 -8.30
CA SER A 117 -9.50 8.31 -8.65
C SER A 117 -9.07 6.92 -9.10
N LEU A 118 -9.92 5.94 -8.82
CA LEU A 118 -9.64 4.57 -9.19
C LEU A 118 -9.86 4.40 -10.69
N ASN A 119 -10.69 5.27 -11.25
CA ASN A 119 -10.99 5.23 -12.67
C ASN A 119 -9.78 5.74 -13.45
N HIS A 120 -9.13 6.75 -12.89
CA HIS A 120 -7.97 7.35 -13.53
C HIS A 120 -6.83 6.33 -13.55
N ARG A 121 -6.08 6.35 -14.65
CA ARG A 121 -4.96 5.45 -14.82
C ARG A 121 -3.97 5.60 -13.66
N TYR A 122 -3.28 6.74 -13.66
CA TYR A 122 -2.31 7.03 -12.63
C TYR A 122 -2.09 8.54 -12.48
N GLN A 123 -2.92 9.15 -11.65
CA GLN A 123 -2.82 10.58 -11.42
C GLN A 123 -3.15 11.35 -12.71
N MET A 124 -4.39 11.19 -13.14
CA MET A 124 -4.84 11.86 -14.35
C MET A 124 -5.01 13.36 -14.11
N GLY A 125 -3.93 13.96 -13.65
CA GLY A 125 -3.93 15.39 -13.38
C GLY A 125 -5.02 15.77 -12.38
N CYS A 126 -5.42 14.77 -11.59
CA CYS A 126 -6.45 14.98 -10.59
C CYS A 126 -5.97 16.05 -9.62
N GLU A 127 -6.70 16.18 -8.53
CA GLU A 127 -6.35 17.16 -7.51
C GLU A 127 -7.35 17.10 -6.35
N CYS A 1 7.46 8.67 10.83
CA CYS A 1 6.90 7.76 9.85
C CYS A 1 5.38 7.72 10.05
N SER A 2 4.99 7.60 11.31
CA SER A 2 3.57 7.54 11.65
C SER A 2 2.89 8.86 11.25
N CYS A 3 2.65 8.99 9.96
CA CYS A 3 2.01 10.19 9.44
C CYS A 3 0.51 9.91 9.30
N SER A 4 -0.25 10.99 9.16
CA SER A 4 -1.70 10.87 9.02
C SER A 4 -2.06 10.57 7.56
N PRO A 5 -2.66 9.37 7.35
CA PRO A 5 -3.06 8.96 6.02
C PRO A 5 -4.31 9.71 5.56
N VAL A 6 -4.09 10.93 5.07
CA VAL A 6 -5.19 11.75 4.61
C VAL A 6 -5.23 11.73 3.07
N HIS A 7 -5.37 12.91 2.50
CA HIS A 7 -5.42 13.04 1.05
C HIS A 7 -6.25 11.89 0.46
N PRO A 8 -7.60 12.11 0.44
CA PRO A 8 -8.51 11.12 -0.08
C PRO A 8 -8.46 11.07 -1.62
N GLN A 9 -7.59 11.92 -2.16
CA GLN A 9 -7.43 11.98 -3.61
C GLN A 9 -5.95 12.08 -3.98
N GLN A 10 -5.26 12.97 -3.28
CA GLN A 10 -3.84 13.16 -3.52
C GLN A 10 -3.08 11.85 -3.34
N ALA A 11 -3.79 10.86 -2.80
CA ALA A 11 -3.19 9.56 -2.56
C ALA A 11 -3.21 8.75 -3.86
N PHE A 12 -4.26 8.97 -4.64
CA PHE A 12 -4.40 8.28 -5.91
C PHE A 12 -3.75 9.07 -7.05
N CYS A 13 -3.11 10.17 -6.67
CA CYS A 13 -2.45 11.02 -7.64
C CYS A 13 -0.95 10.94 -7.40
N ASN A 14 -0.59 10.37 -6.26
CA ASN A 14 0.81 10.24 -5.90
C ASN A 14 1.27 8.80 -6.16
N ALA A 15 0.38 7.87 -5.87
CA ALA A 15 0.67 6.46 -6.08
C ALA A 15 1.11 6.24 -7.52
N ASP A 16 1.62 5.04 -7.78
CA ASP A 16 2.09 4.69 -9.11
C ASP A 16 1.91 3.18 -9.33
N VAL A 17 1.12 2.58 -8.47
CA VAL A 17 0.87 1.15 -8.55
C VAL A 17 -0.34 0.80 -7.68
N VAL A 18 -1.51 1.00 -8.24
CA VAL A 18 -2.75 0.71 -7.53
C VAL A 18 -3.23 -0.69 -7.92
N ILE A 19 -3.34 -1.55 -6.92
CA ILE A 19 -3.79 -2.92 -7.13
C ILE A 19 -4.60 -3.38 -5.93
N ARG A 20 -5.81 -3.85 -6.21
CA ARG A 20 -6.70 -4.32 -5.16
C ARG A 20 -6.28 -5.72 -4.71
N THR A 21 -4.97 -5.91 -4.58
CA THR A 21 -4.43 -7.18 -4.16
C THR A 21 -4.89 -7.52 -2.73
N LYS A 22 -4.54 -8.72 -2.31
CA LYS A 22 -4.91 -9.17 -0.97
C LYS A 22 -3.66 -9.67 -0.24
N ALA A 23 -3.38 -9.02 0.88
CA ALA A 23 -2.22 -9.39 1.68
C ALA A 23 -2.65 -10.36 2.78
N VAL A 24 -2.32 -11.62 2.56
CA VAL A 24 -2.66 -12.66 3.52
C VAL A 24 -1.40 -13.12 4.25
N SER A 25 -0.30 -13.17 3.49
CA SER A 25 0.96 -13.59 4.04
C SER A 25 1.94 -12.40 4.09
N GLU A 26 2.98 -12.57 4.88
CA GLU A 26 3.99 -11.52 5.02
C GLU A 26 5.36 -12.14 5.26
N LYS A 27 6.34 -11.26 5.51
CA LYS A 27 7.69 -11.71 5.76
C LYS A 27 8.41 -10.67 6.64
N GLU A 28 8.75 -11.09 7.84
CA GLU A 28 9.44 -10.22 8.77
C GLU A 28 10.91 -10.06 8.38
N VAL A 29 11.17 -9.04 7.56
CA VAL A 29 12.52 -8.78 7.11
C VAL A 29 13.10 -7.61 7.89
N ASP A 30 14.01 -7.94 8.80
CA ASP A 30 14.65 -6.94 9.62
C ASP A 30 15.24 -5.85 8.73
N SER A 31 15.31 -4.64 9.28
CA SER A 31 15.85 -3.51 8.55
C SER A 31 16.76 -2.68 9.45
N GLY A 32 17.25 -3.33 10.49
CA GLY A 32 18.13 -2.67 11.44
C GLY A 32 17.36 -1.65 12.28
N ASN A 33 18.09 -0.99 13.16
CA ASN A 33 17.50 0.01 14.04
C ASN A 33 17.42 1.35 13.29
N ASP A 34 16.63 2.25 13.84
CA ASP A 34 16.46 3.57 13.24
C ASP A 34 17.41 4.55 13.92
N ILE A 35 17.11 5.83 13.76
CA ILE A 35 17.93 6.87 14.35
C ILE A 35 17.55 7.04 15.82
N TYR A 36 16.59 6.23 16.25
CA TYR A 36 16.13 6.28 17.63
C TYR A 36 16.60 5.05 18.41
N GLY A 37 17.32 4.18 17.70
CA GLY A 37 17.83 2.97 18.32
C GLY A 37 16.80 1.84 18.24
N ASN A 38 15.61 2.20 17.81
CA ASN A 38 14.53 1.23 17.69
C ASN A 38 14.72 0.42 16.40
N PRO A 39 14.18 -0.83 16.42
CA PRO A 39 14.29 -1.71 15.27
C PRO A 39 13.33 -1.27 14.16
N ILE A 40 13.89 -1.14 12.96
CA ILE A 40 13.12 -0.74 11.80
C ILE A 40 12.10 -1.82 11.47
N LYS A 41 12.56 -2.85 10.77
CA LYS A 41 11.70 -3.95 10.39
C LYS A 41 10.73 -3.48 9.30
N ARG A 42 10.73 -4.19 8.19
CA ARG A 42 9.86 -3.86 7.08
C ARG A 42 9.12 -5.10 6.60
N ILE A 43 8.28 -5.63 7.47
CA ILE A 43 7.50 -6.82 7.15
C ILE A 43 7.08 -6.76 5.67
N GLN A 44 7.04 -7.93 5.06
CA GLN A 44 6.65 -8.02 3.67
C GLN A 44 5.13 -8.12 3.53
N TYR A 45 4.67 -8.24 2.30
CA TYR A 45 3.24 -8.35 2.03
C TYR A 45 2.97 -9.41 0.96
N GLU A 46 3.23 -10.66 1.32
CA GLU A 46 3.01 -11.76 0.41
C GLU A 46 1.53 -11.87 0.04
N ILE A 47 1.05 -10.88 -0.70
CA ILE A 47 -0.34 -10.85 -1.12
C ILE A 47 -0.61 -12.03 -2.05
N LYS A 48 -1.83 -12.07 -2.56
CA LYS A 48 -2.22 -13.13 -3.48
C LYS A 48 -2.69 -12.53 -4.80
N GLN A 49 -2.65 -11.21 -4.84
CA GLN A 49 -3.06 -10.49 -6.04
C GLN A 49 -4.49 -10.87 -6.42
N ILE A 50 -5.33 -9.85 -6.55
CA ILE A 50 -6.72 -10.07 -6.90
C ILE A 50 -7.12 -9.09 -8.02
N LYS A 51 -6.51 -7.91 -7.96
CA LYS A 51 -6.78 -6.89 -8.96
C LYS A 51 -5.54 -6.02 -9.16
N MET A 52 -5.58 -5.22 -10.20
CA MET A 52 -4.45 -4.34 -10.51
C MET A 52 -4.94 -3.02 -11.13
N PHE A 53 -5.59 -2.21 -10.30
CA PHE A 53 -6.11 -0.94 -10.77
C PHE A 53 -5.13 -0.26 -11.73
N LYS A 54 -4.08 0.30 -11.15
CA LYS A 54 -3.07 0.98 -11.94
C LYS A 54 -1.68 0.47 -11.55
N GLY A 55 -1.45 -0.80 -11.84
CA GLY A 55 -0.18 -1.42 -11.51
C GLY A 55 0.51 -1.95 -12.78
N PRO A 56 1.41 -2.95 -12.56
CA PRO A 56 2.13 -3.55 -13.67
C PRO A 56 1.23 -4.49 -14.46
N GLU A 57 1.84 -5.18 -15.42
CA GLU A 57 1.10 -6.11 -16.26
C GLU A 57 1.03 -7.48 -15.59
N LYS A 58 2.11 -7.83 -14.92
CA LYS A 58 2.18 -9.11 -14.23
C LYS A 58 1.49 -8.99 -12.87
N ASP A 59 2.21 -8.42 -11.92
CA ASP A 59 1.67 -8.24 -10.58
C ASP A 59 2.83 -8.15 -9.58
N ILE A 60 2.49 -7.80 -8.35
CA ILE A 60 3.47 -7.68 -7.31
C ILE A 60 3.52 -8.97 -6.49
N GLU A 61 2.47 -9.18 -5.70
CA GLU A 61 2.38 -10.37 -4.87
C GLU A 61 3.33 -10.26 -3.68
N PHE A 62 4.15 -9.21 -3.70
CA PHE A 62 5.10 -8.98 -2.63
C PHE A 62 5.33 -7.49 -2.42
N ILE A 63 4.66 -6.96 -1.41
CA ILE A 63 4.79 -5.55 -1.09
C ILE A 63 5.56 -5.39 0.21
N TYR A 64 5.93 -4.15 0.50
CA TYR A 64 6.67 -3.85 1.72
C TYR A 64 5.95 -2.82 2.56
N THR A 65 6.13 -2.94 3.88
CA THR A 65 5.50 -2.02 4.81
C THR A 65 6.14 -2.15 6.19
N ALA A 66 5.48 -1.55 7.17
CA ALA A 66 5.97 -1.58 8.54
C ALA A 66 5.24 -2.68 9.31
N PRO A 67 5.93 -3.19 10.37
CA PRO A 67 5.37 -4.24 11.19
C PRO A 67 4.28 -3.70 12.12
N SER A 68 3.94 -4.50 13.12
CA SER A 68 2.92 -4.09 14.07
C SER A 68 1.60 -3.79 13.35
N SER A 69 0.67 -3.21 14.09
CA SER A 69 -0.62 -2.86 13.53
C SER A 69 -0.44 -2.00 12.28
N ALA A 70 0.50 -1.08 12.37
CA ALA A 70 0.78 -0.19 11.25
C ALA A 70 1.41 1.11 11.79
N VAL A 71 2.70 1.25 11.51
CA VAL A 71 3.42 2.44 11.96
C VAL A 71 3.84 3.27 10.74
N CYS A 72 4.31 2.56 9.72
CA CYS A 72 4.74 3.20 8.49
C CYS A 72 3.91 2.64 7.33
N GLY A 73 2.86 1.92 7.69
CA GLY A 73 1.99 1.32 6.69
C GLY A 73 0.59 1.09 7.25
N VAL A 74 -0.12 0.15 6.65
CA VAL A 74 -1.46 -0.17 7.07
C VAL A 74 -1.50 -1.60 7.63
N SER A 75 -0.34 -2.25 7.54
CA SER A 75 -0.23 -3.62 8.02
C SER A 75 -1.53 -4.38 7.78
N LEU A 76 -1.65 -4.92 6.57
CA LEU A 76 -2.84 -5.67 6.20
C LEU A 76 -2.51 -7.17 6.23
N ASP A 77 -3.40 -7.91 6.88
CA ASP A 77 -3.22 -9.36 6.99
C ASP A 77 -4.37 -10.06 6.27
N VAL A 78 -5.29 -9.25 5.76
CA VAL A 78 -6.44 -9.78 5.05
C VAL A 78 -7.40 -10.43 6.05
N GLY A 79 -6.86 -11.35 6.84
CA GLY A 79 -7.66 -12.04 7.84
C GLY A 79 -8.43 -11.05 8.71
N GLY A 80 -8.05 -9.79 8.59
CA GLY A 80 -8.69 -8.73 9.36
C GLY A 80 -9.38 -7.72 8.43
N LYS A 81 -8.79 -7.54 7.26
CA LYS A 81 -9.32 -6.62 6.29
C LYS A 81 -9.92 -7.40 5.12
N LYS A 82 -9.13 -7.56 4.08
CA LYS A 82 -9.56 -8.28 2.90
C LYS A 82 -8.59 -8.02 1.75
N GLU A 83 -8.81 -6.90 1.06
CA GLU A 83 -7.96 -6.52 -0.05
C GLU A 83 -7.84 -4.99 -0.14
N TYR A 84 -6.72 -4.55 -0.68
CA TYR A 84 -6.46 -3.13 -0.82
C TYR A 84 -5.92 -2.80 -2.21
N LEU A 85 -6.15 -1.57 -2.63
CA LEU A 85 -5.68 -1.12 -3.93
C LEU A 85 -4.23 -0.68 -3.82
N ILE A 86 -3.68 -0.85 -2.62
CA ILE A 86 -2.29 -0.47 -2.38
C ILE A 86 -1.77 0.32 -3.58
N ALA A 87 -1.71 1.63 -3.40
CA ALA A 87 -1.22 2.50 -4.46
C ALA A 87 -0.12 3.41 -3.90
N GLY A 88 1.10 3.15 -4.35
CA GLY A 88 2.25 3.92 -3.91
C GLY A 88 3.25 4.13 -5.06
N LYS A 89 4.30 4.87 -4.75
CA LYS A 89 5.32 5.16 -5.74
C LYS A 89 5.72 3.86 -6.45
N ALA A 90 5.63 2.77 -5.69
CA ALA A 90 5.98 1.47 -6.24
C ALA A 90 7.50 1.31 -6.25
N GLU A 91 7.94 0.12 -6.62
CA GLU A 91 9.37 -0.18 -6.68
C GLU A 91 9.69 -0.92 -7.98
N GLY A 92 8.69 -1.02 -8.84
CA GLY A 92 8.86 -1.71 -10.11
C GLY A 92 7.78 -2.76 -10.32
N ASP A 93 8.21 -3.99 -10.46
CA ASP A 93 7.28 -5.10 -10.67
C ASP A 93 7.64 -6.25 -9.72
N GLY A 94 6.61 -6.95 -9.28
CA GLY A 94 6.79 -8.07 -8.37
C GLY A 94 7.15 -7.57 -6.97
N LYS A 95 7.22 -6.26 -6.84
CA LYS A 95 7.55 -5.65 -5.55
C LYS A 95 7.44 -4.13 -5.68
N MET A 96 6.97 -3.52 -4.60
CA MET A 96 6.81 -2.07 -4.57
C MET A 96 7.00 -1.53 -3.16
N HIS A 97 6.66 -0.25 -2.99
CA HIS A 97 6.79 0.40 -1.70
C HIS A 97 5.48 1.09 -1.34
N ILE A 98 5.00 0.80 -0.15
CA ILE A 98 3.76 1.38 0.33
C ILE A 98 3.91 1.73 1.81
N THR A 99 3.31 2.86 2.18
CA THR A 99 3.36 3.31 3.56
C THR A 99 2.00 3.89 3.99
N LEU A 100 1.86 4.06 5.29
CA LEU A 100 0.62 4.60 5.84
C LEU A 100 0.38 6.00 5.27
N CYS A 101 1.41 6.83 5.37
CA CYS A 101 1.33 8.19 4.87
C CYS A 101 1.07 8.13 3.37
N ASP A 102 1.32 6.97 2.80
CA ASP A 102 1.12 6.77 1.37
C ASP A 102 -0.32 6.33 1.12
N PHE A 103 -0.71 6.37 -0.16
CA PHE A 103 -2.05 5.98 -0.54
C PHE A 103 -2.24 4.46 -0.42
N ILE A 104 -3.10 4.08 0.52
CA ILE A 104 -3.37 2.67 0.74
C ILE A 104 -4.68 2.54 1.53
N VAL A 105 -5.54 1.67 1.03
CA VAL A 105 -6.83 1.43 1.67
C VAL A 105 -7.29 0.00 1.37
N PRO A 106 -8.18 -0.51 2.26
CA PRO A 106 -8.71 -1.86 2.10
C PRO A 106 -9.73 -1.91 0.97
N TRP A 107 -9.80 -0.83 0.22
CA TRP A 107 -10.74 -0.74 -0.89
C TRP A 107 -12.15 -0.61 -0.30
N ASP A 108 -12.52 -1.61 0.48
CA ASP A 108 -13.84 -1.60 1.10
C ASP A 108 -13.89 -0.52 2.17
N THR A 109 -13.54 0.69 1.76
CA THR A 109 -13.54 1.83 2.67
C THR A 109 -13.59 3.13 1.88
N LEU A 110 -12.62 3.29 0.98
CA LEU A 110 -12.53 4.48 0.17
C LEU A 110 -13.56 5.51 0.66
N SER A 111 -14.61 5.68 -0.12
CA SER A 111 -15.66 6.62 0.23
C SER A 111 -16.26 7.22 -1.04
N THR A 112 -15.40 7.52 -2.00
CA THR A 112 -15.82 8.09 -3.26
C THR A 112 -14.66 8.80 -3.96
N THR A 113 -14.21 9.88 -3.34
CA THR A 113 -13.10 10.64 -3.89
C THR A 113 -11.95 9.72 -4.28
N GLN A 114 -11.90 8.57 -3.62
CA GLN A 114 -10.86 7.60 -3.88
C GLN A 114 -11.24 6.72 -5.08
N LYS A 115 -12.55 6.50 -5.22
CA LYS A 115 -13.06 5.69 -6.30
C LYS A 115 -12.95 6.47 -7.61
N LYS A 116 -13.28 7.76 -7.52
CA LYS A 116 -13.24 8.63 -8.68
C LYS A 116 -11.78 8.73 -9.17
N SER A 117 -10.87 8.38 -8.27
CA SER A 117 -9.46 8.45 -8.59
C SER A 117 -8.98 7.08 -9.11
N LEU A 118 -9.83 6.09 -8.92
CA LEU A 118 -9.51 4.74 -9.37
C LEU A 118 -9.66 4.66 -10.89
N ASN A 119 -10.53 5.50 -11.41
CA ASN A 119 -10.78 5.54 -12.85
C ASN A 119 -9.85 6.56 -13.50
N HIS A 120 -9.30 7.43 -12.66
CA HIS A 120 -8.40 8.46 -13.14
C HIS A 120 -6.97 7.90 -13.18
N ARG A 121 -6.86 6.67 -13.65
CA ARG A 121 -5.57 6.00 -13.75
C ARG A 121 -4.86 6.02 -12.39
N TYR A 122 -3.95 6.97 -12.25
CA TYR A 122 -3.20 7.09 -11.01
C TYR A 122 -2.85 8.55 -10.73
N GLN A 123 -3.35 9.43 -11.59
CA GLN A 123 -3.10 10.86 -11.45
C GLN A 123 -3.62 11.61 -12.67
N MET A 124 -4.83 11.26 -13.07
CA MET A 124 -5.46 11.90 -14.21
C MET A 124 -5.81 13.36 -13.90
N GLY A 125 -4.81 14.10 -13.49
CA GLY A 125 -5.00 15.50 -13.16
C GLY A 125 -6.00 15.67 -12.01
N CYS A 126 -6.20 14.58 -11.29
CA CYS A 126 -7.13 14.59 -10.17
C CYS A 126 -6.69 15.69 -9.19
N GLU A 127 -7.41 15.77 -8.09
CA GLU A 127 -7.11 16.76 -7.06
C GLU A 127 -8.05 16.59 -5.86
N CYS A 1 6.36 7.38 9.00
CA CYS A 1 5.96 6.52 10.12
C CYS A 1 5.04 7.34 11.03
N SER A 2 3.97 6.69 11.45
CA SER A 2 3.00 7.34 12.34
C SER A 2 2.43 8.58 11.66
N CYS A 3 2.72 8.71 10.38
CA CYS A 3 2.24 9.84 9.60
C CYS A 3 0.71 9.84 9.66
N SER A 4 0.13 10.92 9.16
CA SER A 4 -1.31 11.06 9.13
C SER A 4 -1.85 10.82 7.72
N PRO A 5 -2.59 9.69 7.57
CA PRO A 5 -3.16 9.33 6.29
C PRO A 5 -4.37 10.21 5.96
N VAL A 6 -4.31 10.83 4.79
CA VAL A 6 -5.37 11.71 4.35
C VAL A 6 -5.43 11.70 2.82
N HIS A 7 -5.51 12.90 2.26
CA HIS A 7 -5.57 13.05 0.81
C HIS A 7 -6.43 11.92 0.21
N PRO A 8 -7.76 12.17 0.21
CA PRO A 8 -8.70 11.20 -0.32
C PRO A 8 -8.66 11.18 -1.85
N GLN A 9 -7.80 12.02 -2.40
CA GLN A 9 -7.66 12.12 -3.84
C GLN A 9 -6.18 12.20 -4.22
N GLN A 10 -5.45 13.00 -3.46
CA GLN A 10 -4.03 13.19 -3.72
C GLN A 10 -3.28 11.88 -3.46
N ALA A 11 -4.02 10.89 -2.97
CA ALA A 11 -3.44 9.59 -2.69
C ALA A 11 -3.38 8.76 -3.98
N PHE A 12 -4.42 8.92 -4.79
CA PHE A 12 -4.50 8.20 -6.05
C PHE A 12 -3.81 8.97 -7.17
N CYS A 13 -3.23 10.10 -6.79
CA CYS A 13 -2.53 10.94 -7.76
C CYS A 13 -1.03 10.90 -7.44
N ASN A 14 -0.74 10.40 -6.24
CA ASN A 14 0.65 10.30 -5.80
C ASN A 14 1.15 8.88 -6.05
N ALA A 15 0.27 7.93 -5.77
CA ALA A 15 0.62 6.52 -5.96
C ALA A 15 1.09 6.31 -7.40
N ASP A 16 1.58 5.11 -7.64
CA ASP A 16 2.08 4.76 -8.96
C ASP A 16 1.89 3.25 -9.20
N VAL A 17 1.09 2.66 -8.34
CA VAL A 17 0.81 1.23 -8.44
C VAL A 17 -0.41 0.89 -7.57
N VAL A 18 -1.58 0.97 -8.18
CA VAL A 18 -2.81 0.67 -7.48
C VAL A 18 -3.27 -0.74 -7.83
N ILE A 19 -3.39 -1.58 -6.82
CA ILE A 19 -3.82 -2.94 -7.01
C ILE A 19 -4.65 -3.39 -5.81
N ARG A 20 -5.85 -3.87 -6.10
CA ARG A 20 -6.75 -4.32 -5.06
C ARG A 20 -6.32 -5.71 -4.56
N THR A 21 -5.02 -5.90 -4.48
CA THR A 21 -4.47 -7.16 -4.03
C THR A 21 -4.92 -7.45 -2.60
N LYS A 22 -4.73 -8.71 -2.20
CA LYS A 22 -5.11 -9.13 -0.87
C LYS A 22 -3.89 -9.64 -0.12
N ALA A 23 -3.59 -8.99 1.00
CA ALA A 23 -2.45 -9.37 1.81
C ALA A 23 -2.90 -10.35 2.89
N VAL A 24 -2.59 -11.62 2.67
CA VAL A 24 -2.95 -12.66 3.62
C VAL A 24 -1.70 -13.14 4.35
N SER A 25 -0.59 -13.14 3.62
CA SER A 25 0.67 -13.57 4.20
C SER A 25 1.66 -12.39 4.22
N GLU A 26 2.72 -12.58 4.99
CA GLU A 26 3.74 -11.55 5.12
C GLU A 26 5.11 -12.18 5.36
N LYS A 27 6.09 -11.33 5.62
CA LYS A 27 7.44 -11.78 5.88
C LYS A 27 8.18 -10.74 6.71
N GLU A 28 8.57 -11.15 7.91
CA GLU A 28 9.29 -10.28 8.81
C GLU A 28 10.75 -10.16 8.40
N VAL A 29 11.03 -9.15 7.57
CA VAL A 29 12.38 -8.92 7.09
C VAL A 29 12.99 -7.74 7.85
N ASP A 30 14.07 -8.02 8.54
CA ASP A 30 14.77 -7.00 9.31
C ASP A 30 15.26 -5.91 8.37
N SER A 31 15.50 -4.73 8.94
CA SER A 31 15.97 -3.60 8.17
C SER A 31 16.93 -2.75 9.00
N GLY A 32 17.44 -3.37 10.05
CA GLY A 32 18.38 -2.69 10.94
C GLY A 32 17.64 -1.69 11.83
N ASN A 33 18.41 -1.06 12.71
CA ASN A 33 17.85 -0.09 13.63
C ASN A 33 17.77 1.28 12.93
N ASP A 34 16.97 2.16 13.52
CA ASP A 34 16.79 3.49 12.96
C ASP A 34 17.77 4.45 13.65
N ILE A 35 17.46 5.74 13.53
CA ILE A 35 18.30 6.77 14.14
C ILE A 35 17.96 6.88 15.63
N TYR A 36 17.02 6.05 16.05
CA TYR A 36 16.61 6.04 17.45
C TYR A 36 17.10 4.80 18.17
N GLY A 37 17.80 3.96 17.42
CA GLY A 37 18.34 2.72 17.97
C GLY A 37 17.31 1.59 17.89
N ASN A 38 16.09 1.97 17.52
CA ASN A 38 15.01 1.00 17.40
C ASN A 38 15.17 0.23 16.09
N PRO A 39 14.62 -1.01 16.10
CA PRO A 39 14.69 -1.86 14.92
C PRO A 39 13.69 -1.40 13.85
N ILE A 40 14.21 -1.25 12.64
CA ILE A 40 13.37 -0.81 11.53
C ILE A 40 12.32 -1.88 11.23
N LYS A 41 12.77 -2.92 10.54
CA LYS A 41 11.88 -4.02 10.19
C LYS A 41 10.87 -3.54 9.14
N ARG A 42 10.83 -4.25 8.03
CA ARG A 42 9.92 -3.91 6.95
C ARG A 42 9.14 -5.14 6.50
N ILE A 43 8.31 -5.65 7.40
CA ILE A 43 7.50 -6.81 7.11
C ILE A 43 7.09 -6.79 5.64
N GLN A 44 6.91 -7.98 5.08
CA GLN A 44 6.51 -8.10 3.69
C GLN A 44 4.99 -8.20 3.58
N TYR A 45 4.52 -8.28 2.34
CA TYR A 45 3.10 -8.38 2.09
C TYR A 45 2.79 -9.44 1.04
N GLU A 46 3.00 -10.69 1.43
CA GLU A 46 2.76 -11.81 0.54
C GLU A 46 1.28 -11.89 0.17
N ILE A 47 0.83 -10.89 -0.57
CA ILE A 47 -0.55 -10.83 -0.99
C ILE A 47 -0.85 -11.98 -1.95
N LYS A 48 -2.05 -11.96 -2.51
CA LYS A 48 -2.46 -13.01 -3.44
C LYS A 48 -2.86 -12.37 -4.77
N GLN A 49 -2.56 -11.07 -4.88
CA GLN A 49 -2.88 -10.33 -6.09
C GLN A 49 -4.22 -10.81 -6.66
N ILE A 50 -5.24 -9.98 -6.45
CA ILE A 50 -6.56 -10.30 -6.94
C ILE A 50 -6.96 -9.31 -8.04
N LYS A 51 -6.46 -8.09 -7.89
CA LYS A 51 -6.74 -7.04 -8.86
C LYS A 51 -5.52 -6.12 -8.99
N MET A 52 -5.52 -5.35 -10.06
CA MET A 52 -4.41 -4.44 -10.32
C MET A 52 -4.92 -3.14 -10.96
N PHE A 53 -5.64 -2.37 -10.16
CA PHE A 53 -6.18 -1.11 -10.63
C PHE A 53 -5.21 -0.42 -11.60
N LYS A 54 -4.21 0.22 -11.01
CA LYS A 54 -3.22 0.92 -11.80
C LYS A 54 -1.82 0.46 -11.38
N GLY A 55 -1.48 -0.75 -11.79
CA GLY A 55 -0.19 -1.32 -11.46
C GLY A 55 0.57 -1.75 -12.72
N PRO A 56 1.60 -2.61 -12.52
CA PRO A 56 2.40 -3.10 -13.62
C PRO A 56 1.64 -4.15 -14.43
N GLU A 57 2.34 -4.72 -15.40
CA GLU A 57 1.74 -5.73 -16.24
C GLU A 57 2.03 -7.13 -15.69
N LYS A 58 3.19 -7.26 -15.07
CA LYS A 58 3.61 -8.52 -14.49
C LYS A 58 2.78 -8.79 -13.23
N ASP A 59 3.17 -8.12 -12.16
CA ASP A 59 2.47 -8.27 -10.88
C ASP A 59 3.48 -8.15 -9.75
N ILE A 60 2.95 -7.96 -8.54
CA ILE A 60 3.79 -7.82 -7.36
C ILE A 60 3.63 -9.07 -6.49
N GLU A 61 2.54 -9.10 -5.74
CA GLU A 61 2.26 -10.22 -4.86
C GLU A 61 3.13 -10.13 -3.60
N PHE A 62 4.08 -9.21 -3.64
CA PHE A 62 4.98 -9.03 -2.52
C PHE A 62 5.29 -7.54 -2.31
N ILE A 63 4.50 -6.93 -1.42
CA ILE A 63 4.68 -5.51 -1.13
C ILE A 63 5.46 -5.37 0.18
N TYR A 64 5.90 -4.15 0.44
CA TYR A 64 6.66 -3.86 1.64
C TYR A 64 5.95 -2.80 2.50
N THR A 65 6.15 -2.91 3.81
CA THR A 65 5.54 -1.98 4.73
C THR A 65 6.23 -2.07 6.09
N ALA A 66 5.56 -1.51 7.10
CA ALA A 66 6.09 -1.52 8.44
C ALA A 66 5.36 -2.59 9.28
N PRO A 67 6.09 -3.11 10.30
CA PRO A 67 5.53 -4.13 11.17
C PRO A 67 4.52 -3.54 12.14
N SER A 68 4.26 -4.27 13.21
CA SER A 68 3.32 -3.83 14.22
C SER A 68 1.92 -3.68 13.61
N SER A 69 1.07 -2.93 14.30
CA SER A 69 -0.28 -2.70 13.83
C SER A 69 -0.29 -1.60 12.78
N ALA A 70 0.81 -1.50 12.05
CA ALA A 70 0.93 -0.50 11.01
C ALA A 70 1.47 0.79 11.62
N VAL A 71 2.78 0.98 11.49
CA VAL A 71 3.43 2.16 12.02
C VAL A 71 3.83 3.08 10.87
N CYS A 72 4.23 2.45 9.77
CA CYS A 72 4.63 3.20 8.59
C CYS A 72 3.80 2.72 7.40
N GLY A 73 2.79 1.91 7.72
CA GLY A 73 1.92 1.38 6.69
C GLY A 73 0.51 1.15 7.25
N VAL A 74 -0.18 0.21 6.62
CA VAL A 74 -1.54 -0.12 7.03
C VAL A 74 -1.56 -1.55 7.60
N SER A 75 -0.39 -2.17 7.57
CA SER A 75 -0.26 -3.53 8.08
C SER A 75 -1.57 -4.30 7.87
N LEU A 76 -1.73 -4.81 6.66
CA LEU A 76 -2.92 -5.57 6.31
C LEU A 76 -2.60 -7.06 6.32
N ASP A 77 -3.55 -7.84 6.81
CA ASP A 77 -3.38 -9.29 6.88
C ASP A 77 -4.55 -9.96 6.16
N VAL A 78 -5.44 -9.14 5.63
CA VAL A 78 -6.61 -9.64 4.92
C VAL A 78 -7.54 -10.33 5.91
N GLY A 79 -7.00 -11.31 6.61
CA GLY A 79 -7.78 -12.05 7.59
C GLY A 79 -8.52 -11.10 8.53
N GLY A 80 -8.12 -9.84 8.49
CA GLY A 80 -8.73 -8.83 9.33
C GLY A 80 -9.43 -7.76 8.48
N LYS A 81 -8.96 -7.63 7.25
CA LYS A 81 -9.52 -6.66 6.32
C LYS A 81 -10.22 -7.40 5.18
N LYS A 82 -9.45 -7.64 4.12
CA LYS A 82 -9.98 -8.33 2.96
C LYS A 82 -9.05 -8.10 1.77
N GLU A 83 -8.88 -6.83 1.43
CA GLU A 83 -8.01 -6.46 0.32
C GLU A 83 -7.85 -4.94 0.27
N TYR A 84 -6.89 -4.52 -0.55
CA TYR A 84 -6.62 -3.10 -0.72
C TYR A 84 -6.04 -2.80 -2.09
N LEU A 85 -6.25 -1.57 -2.54
CA LEU A 85 -5.76 -1.15 -3.84
C LEU A 85 -4.30 -0.71 -3.71
N ILE A 86 -3.79 -0.83 -2.49
CA ILE A 86 -2.41 -0.45 -2.22
C ILE A 86 -1.85 0.34 -3.41
N ALA A 87 -1.85 1.65 -3.26
CA ALA A 87 -1.35 2.52 -4.31
C ALA A 87 -0.26 3.44 -3.73
N GLY A 88 0.97 3.13 -4.10
CA GLY A 88 2.10 3.91 -3.62
C GLY A 88 3.13 4.11 -4.75
N LYS A 89 4.04 5.05 -4.51
CA LYS A 89 5.07 5.35 -5.48
C LYS A 89 5.56 4.05 -6.12
N ALA A 90 5.52 2.99 -5.34
CA ALA A 90 5.95 1.69 -5.82
C ALA A 90 7.47 1.58 -5.68
N GLU A 91 7.98 0.42 -6.08
CA GLU A 91 9.42 0.17 -5.99
C GLU A 91 9.92 -0.44 -7.31
N GLY A 92 9.12 -1.35 -7.85
CA GLY A 92 9.48 -2.00 -9.10
C GLY A 92 8.48 -3.11 -9.44
N ASP A 93 9.02 -4.20 -9.97
CA ASP A 93 8.19 -5.33 -10.34
C ASP A 93 8.39 -6.47 -9.34
N GLY A 94 7.28 -6.99 -8.82
CA GLY A 94 7.34 -8.06 -7.86
C GLY A 94 7.54 -7.53 -6.44
N LYS A 95 7.68 -6.21 -6.36
CA LYS A 95 7.87 -5.57 -5.07
C LYS A 95 7.75 -4.05 -5.24
N MET A 96 7.09 -3.43 -4.28
CA MET A 96 6.90 -1.98 -4.31
C MET A 96 7.14 -1.37 -2.94
N HIS A 97 6.57 -0.19 -2.74
CA HIS A 97 6.71 0.51 -1.47
C HIS A 97 5.40 1.22 -1.14
N ILE A 98 4.90 0.94 0.06
CA ILE A 98 3.66 1.54 0.51
C ILE A 98 3.79 1.90 1.99
N THR A 99 3.15 3.00 2.35
CA THR A 99 3.19 3.47 3.73
C THR A 99 1.81 4.03 4.14
N LEU A 100 1.64 4.18 5.45
CA LEU A 100 0.39 4.69 5.98
C LEU A 100 0.15 6.09 5.42
N CYS A 101 1.21 6.87 5.36
CA CYS A 101 1.12 8.23 4.85
C CYS A 101 0.79 8.16 3.35
N ASP A 102 1.28 7.10 2.73
CA ASP A 102 1.05 6.90 1.31
C ASP A 102 -0.40 6.45 1.09
N PHE A 103 -0.81 6.48 -0.17
CA PHE A 103 -2.16 6.07 -0.52
C PHE A 103 -2.34 4.56 -0.38
N ILE A 104 -3.24 4.19 0.53
CA ILE A 104 -3.51 2.79 0.77
C ILE A 104 -4.82 2.65 1.55
N VAL A 105 -5.65 1.73 1.09
CA VAL A 105 -6.93 1.49 1.74
C VAL A 105 -7.37 0.04 1.48
N PRO A 106 -8.27 -0.45 2.37
CA PRO A 106 -8.77 -1.80 2.27
C PRO A 106 -9.78 -1.93 1.12
N TRP A 107 -9.85 -0.87 0.32
CA TRP A 107 -10.77 -0.85 -0.81
C TRP A 107 -12.19 -0.70 -0.25
N ASP A 108 -12.59 -1.69 0.54
CA ASP A 108 -13.91 -1.69 1.13
C ASP A 108 -14.00 -0.57 2.17
N THR A 109 -13.65 0.64 1.74
CA THR A 109 -13.68 1.79 2.63
C THR A 109 -13.74 3.07 1.81
N LEU A 110 -12.77 3.23 0.92
CA LEU A 110 -12.71 4.42 0.08
C LEU A 110 -13.71 5.45 0.60
N SER A 111 -14.78 5.63 -0.17
CA SER A 111 -15.82 6.57 0.20
C SER A 111 -16.41 7.19 -1.07
N THR A 112 -15.54 7.49 -2.02
CA THR A 112 -15.98 8.09 -3.27
C THR A 112 -14.81 8.79 -3.97
N THR A 113 -14.31 9.83 -3.31
CA THR A 113 -13.20 10.59 -3.84
C THR A 113 -12.06 9.66 -4.26
N GLN A 114 -12.01 8.51 -3.60
CA GLN A 114 -10.98 7.52 -3.90
C GLN A 114 -11.40 6.66 -5.09
N LYS A 115 -12.70 6.43 -5.19
CA LYS A 115 -13.24 5.63 -6.28
C LYS A 115 -13.16 6.44 -7.58
N LYS A 116 -13.50 7.71 -7.47
CA LYS A 116 -13.48 8.60 -8.62
C LYS A 116 -12.05 8.69 -9.17
N SER A 117 -11.10 8.35 -8.30
CA SER A 117 -9.70 8.40 -8.68
C SER A 117 -9.26 7.03 -9.23
N LEU A 118 -10.11 6.04 -9.01
CA LEU A 118 -9.83 4.70 -9.49
C LEU A 118 -9.96 4.66 -11.01
N ASN A 119 -10.84 5.51 -11.51
CA ASN A 119 -11.07 5.59 -12.95
C ASN A 119 -10.16 6.66 -13.55
N HIS A 120 -9.33 7.25 -12.69
CA HIS A 120 -8.42 8.28 -13.13
C HIS A 120 -7.16 7.65 -13.71
N ARG A 121 -7.21 6.33 -13.87
CA ARG A 121 -6.10 5.60 -14.43
C ARG A 121 -4.87 5.72 -13.51
N TYR A 122 -4.26 6.90 -13.55
CA TYR A 122 -3.09 7.16 -12.73
C TYR A 122 -2.79 8.65 -12.68
N GLN A 123 -3.28 9.30 -11.63
CA GLN A 123 -3.07 10.72 -11.46
C GLN A 123 -3.49 11.48 -12.71
N MET A 124 -4.75 11.28 -13.07
CA MET A 124 -5.30 11.94 -14.26
C MET A 124 -5.52 13.43 -13.99
N GLY A 125 -4.45 14.09 -13.55
CA GLY A 125 -4.52 15.51 -13.26
C GLY A 125 -5.60 15.81 -12.23
N CYS A 126 -5.88 14.80 -11.40
CA CYS A 126 -6.89 14.96 -10.37
C CYS A 126 -6.51 16.14 -9.48
N GLU A 127 -7.21 16.25 -8.36
CA GLU A 127 -6.96 17.34 -7.42
C GLU A 127 -7.88 17.22 -6.22
N CYS A 1 7.46 5.70 12.73
CA CYS A 1 6.75 6.87 12.24
C CYS A 1 5.30 6.79 12.72
N SER A 2 4.54 7.83 12.39
CA SER A 2 3.14 7.89 12.78
C SER A 2 2.38 8.86 11.86
N CYS A 3 2.81 8.89 10.61
CA CYS A 3 2.18 9.76 9.62
C CYS A 3 0.66 9.55 9.71
N SER A 4 -0.06 10.43 9.03
CA SER A 4 -1.50 10.37 9.03
C SER A 4 -2.01 10.21 7.59
N PRO A 5 -2.80 9.13 7.37
CA PRO A 5 -3.35 8.86 6.05
C PRO A 5 -4.51 9.80 5.73
N VAL A 6 -4.31 10.60 4.69
CA VAL A 6 -5.33 11.54 4.27
C VAL A 6 -5.41 11.55 2.74
N HIS A 7 -5.42 12.75 2.18
CA HIS A 7 -5.50 12.92 0.75
C HIS A 7 -6.40 11.83 0.16
N PRO A 8 -7.73 12.13 0.10
CA PRO A 8 -8.69 11.20 -0.43
C PRO A 8 -8.61 11.13 -1.96
N GLN A 9 -7.77 11.99 -2.51
CA GLN A 9 -7.59 12.05 -3.95
C GLN A 9 -6.11 12.14 -4.30
N GLN A 10 -5.41 12.97 -3.54
CA GLN A 10 -3.98 13.16 -3.76
C GLN A 10 -3.23 11.86 -3.50
N ALA A 11 -3.97 10.86 -3.03
CA ALA A 11 -3.39 9.57 -2.73
C ALA A 11 -3.31 8.74 -4.02
N PHE A 12 -4.35 8.89 -4.84
CA PHE A 12 -4.41 8.17 -6.09
C PHE A 12 -3.69 8.94 -7.21
N CYS A 13 -3.21 10.11 -6.84
CA CYS A 13 -2.49 10.96 -7.80
C CYS A 13 -1.00 10.87 -7.48
N ASN A 14 -0.70 10.40 -6.29
CA ASN A 14 0.68 10.26 -5.86
C ASN A 14 1.16 8.83 -6.12
N ALA A 15 0.25 7.89 -5.89
CA ALA A 15 0.56 6.49 -6.09
C ALA A 15 1.01 6.28 -7.54
N ASP A 16 1.42 5.05 -7.83
CA ASP A 16 1.89 4.71 -9.15
C ASP A 16 1.75 3.19 -9.36
N VAL A 17 0.97 2.58 -8.49
CA VAL A 17 0.74 1.14 -8.56
C VAL A 17 -0.45 0.77 -7.70
N VAL A 18 -1.64 0.97 -8.26
CA VAL A 18 -2.87 0.66 -7.56
C VAL A 18 -3.33 -0.75 -7.93
N ILE A 19 -3.40 -1.60 -6.92
CA ILE A 19 -3.81 -2.97 -7.13
C ILE A 19 -4.63 -3.44 -5.93
N ARG A 20 -5.85 -3.89 -6.20
CA ARG A 20 -6.73 -4.37 -5.16
C ARG A 20 -6.30 -5.77 -4.70
N THR A 21 -4.98 -5.94 -4.58
CA THR A 21 -4.44 -7.20 -4.15
C THR A 21 -4.90 -7.53 -2.73
N LYS A 22 -4.52 -8.73 -2.29
CA LYS A 22 -4.91 -9.18 -0.96
C LYS A 22 -3.66 -9.68 -0.22
N ALA A 23 -3.37 -9.02 0.91
CA ALA A 23 -2.22 -9.39 1.71
C ALA A 23 -2.65 -10.37 2.79
N VAL A 24 -2.42 -11.65 2.53
CA VAL A 24 -2.78 -12.69 3.47
C VAL A 24 -1.54 -13.11 4.26
N SER A 25 -0.42 -13.20 3.54
CA SER A 25 0.83 -13.58 4.16
C SER A 25 1.80 -12.40 4.16
N GLU A 26 2.87 -12.56 4.92
CA GLU A 26 3.88 -11.51 5.03
C GLU A 26 5.26 -12.12 5.25
N LYS A 27 6.24 -11.25 5.43
CA LYS A 27 7.61 -11.69 5.65
C LYS A 27 8.34 -10.65 6.51
N GLU A 28 8.70 -11.07 7.71
CA GLU A 28 9.39 -10.19 8.64
C GLU A 28 10.85 -10.05 8.22
N VAL A 29 11.12 -9.01 7.44
CA VAL A 29 12.47 -8.75 6.97
C VAL A 29 13.07 -7.59 7.77
N ASP A 30 14.22 -7.86 8.36
CA ASP A 30 14.91 -6.85 9.16
C ASP A 30 15.38 -5.73 8.23
N SER A 31 15.61 -4.58 8.85
CA SER A 31 16.08 -3.41 8.10
C SER A 31 17.01 -2.57 8.97
N GLY A 32 17.54 -3.20 10.00
CA GLY A 32 18.45 -2.53 10.90
C GLY A 32 17.69 -1.59 11.85
N ASN A 33 18.45 -0.95 12.72
CA ASN A 33 17.87 -0.02 13.68
C ASN A 33 17.71 1.34 13.02
N ASP A 34 16.88 2.17 13.65
CA ASP A 34 16.63 3.51 13.12
C ASP A 34 17.57 4.50 13.82
N ILE A 35 17.20 5.76 13.73
CA ILE A 35 18.00 6.82 14.34
C ILE A 35 17.68 6.89 15.82
N TYR A 36 16.79 6.01 16.25
CA TYR A 36 16.40 5.96 17.65
C TYR A 36 16.95 4.72 18.34
N GLY A 37 17.69 3.94 17.57
CA GLY A 37 18.28 2.71 18.08
C GLY A 37 17.30 1.54 18.01
N ASN A 38 16.06 1.87 17.65
CA ASN A 38 15.03 0.87 17.53
C ASN A 38 15.18 0.13 16.19
N PRO A 39 14.66 -1.13 16.16
CA PRO A 39 14.75 -1.94 14.96
C PRO A 39 13.74 -1.46 13.91
N ILE A 40 14.25 -1.26 12.70
CA ILE A 40 13.41 -0.81 11.60
C ILE A 40 12.36 -1.88 11.29
N LYS A 41 12.79 -2.89 10.56
CA LYS A 41 11.91 -3.99 10.19
C LYS A 41 10.89 -3.48 9.16
N ARG A 42 10.87 -4.17 8.03
CA ARG A 42 9.95 -3.80 6.96
C ARG A 42 9.17 -5.02 6.49
N ILE A 43 8.35 -5.55 7.39
CA ILE A 43 7.55 -6.72 7.09
C ILE A 43 7.11 -6.66 5.63
N GLN A 44 6.98 -7.84 5.04
CA GLN A 44 6.57 -7.95 3.65
C GLN A 44 5.04 -8.08 3.54
N TYR A 45 4.57 -8.19 2.32
CA TYR A 45 3.15 -8.32 2.08
C TYR A 45 2.87 -9.40 1.02
N GLU A 46 3.12 -10.65 1.41
CA GLU A 46 2.90 -11.77 0.51
C GLU A 46 1.42 -11.86 0.13
N ILE A 47 0.99 -10.91 -0.69
CA ILE A 47 -0.40 -10.87 -1.13
C ILE A 47 -0.66 -12.08 -2.04
N LYS A 48 -1.82 -12.05 -2.68
CA LYS A 48 -2.21 -13.13 -3.57
C LYS A 48 -2.67 -12.54 -4.91
N GLN A 49 -2.57 -11.22 -4.99
CA GLN A 49 -2.97 -10.52 -6.20
C GLN A 49 -4.39 -10.92 -6.61
N ILE A 50 -5.29 -9.95 -6.51
CA ILE A 50 -6.68 -10.20 -6.85
C ILE A 50 -7.10 -9.22 -7.96
N LYS A 51 -6.44 -8.08 -7.97
CA LYS A 51 -6.75 -7.05 -8.96
C LYS A 51 -5.52 -6.15 -9.15
N MET A 52 -5.56 -5.36 -10.21
CA MET A 52 -4.46 -4.46 -10.51
C MET A 52 -4.97 -3.17 -11.15
N PHE A 53 -5.61 -2.35 -10.33
CA PHE A 53 -6.16 -1.09 -10.79
C PHE A 53 -5.18 -0.39 -11.74
N LYS A 54 -4.18 0.23 -11.14
CA LYS A 54 -3.17 0.94 -11.92
C LYS A 54 -1.78 0.48 -11.48
N GLY A 55 -1.49 -0.78 -11.76
CA GLY A 55 -0.21 -1.35 -11.40
C GLY A 55 0.55 -1.82 -12.65
N PRO A 56 1.49 -2.78 -12.42
CA PRO A 56 2.28 -3.32 -13.51
C PRO A 56 1.45 -4.28 -14.37
N GLU A 57 2.14 -4.97 -15.27
CA GLU A 57 1.49 -5.91 -16.15
C GLU A 57 1.52 -7.31 -15.55
N LYS A 58 2.61 -7.60 -14.86
CA LYS A 58 2.77 -8.91 -14.22
C LYS A 58 2.00 -8.92 -12.89
N ASP A 59 2.64 -8.33 -11.88
CA ASP A 59 2.03 -8.26 -10.56
C ASP A 59 3.13 -8.12 -9.52
N ILE A 60 2.70 -7.86 -8.29
CA ILE A 60 3.64 -7.69 -7.19
C ILE A 60 3.67 -8.97 -6.36
N GLU A 61 2.58 -9.22 -5.66
CA GLU A 61 2.48 -10.41 -4.82
C GLU A 61 3.36 -10.27 -3.59
N PHE A 62 4.15 -9.20 -3.58
CA PHE A 62 5.05 -8.94 -2.47
C PHE A 62 5.27 -7.44 -2.28
N ILE A 63 4.56 -6.89 -1.31
CA ILE A 63 4.67 -5.47 -1.01
C ILE A 63 5.46 -5.28 0.27
N TYR A 64 5.88 -4.04 0.51
CA TYR A 64 6.64 -3.71 1.69
C TYR A 64 5.90 -2.71 2.57
N THR A 65 6.14 -2.81 3.86
CA THR A 65 5.50 -1.91 4.82
C THR A 65 6.20 -1.98 6.17
N ALA A 66 5.52 -1.44 7.18
CA ALA A 66 6.08 -1.43 8.53
C ALA A 66 5.35 -2.48 9.38
N PRO A 67 6.08 -3.02 10.38
CA PRO A 67 5.51 -4.02 11.27
C PRO A 67 4.55 -3.39 12.26
N SER A 68 4.34 -4.10 13.37
CA SER A 68 3.44 -3.62 14.40
C SER A 68 2.07 -3.30 13.80
N SER A 69 1.23 -2.67 14.62
CA SER A 69 -0.10 -2.29 14.18
C SER A 69 -0.02 -1.18 13.15
N ALA A 70 0.77 -1.42 12.11
CA ALA A 70 0.94 -0.44 11.05
C ALA A 70 1.48 0.86 11.66
N VAL A 71 2.78 1.07 11.48
CA VAL A 71 3.42 2.26 12.00
C VAL A 71 3.77 3.19 10.83
N CYS A 72 4.12 2.58 9.71
CA CYS A 72 4.47 3.34 8.52
C CYS A 72 3.69 2.76 7.33
N GLY A 73 2.67 2.00 7.66
CA GLY A 73 1.84 1.38 6.62
C GLY A 73 0.42 1.14 7.14
N VAL A 74 -0.25 0.17 6.53
CA VAL A 74 -1.60 -0.16 6.90
C VAL A 74 -1.63 -1.57 7.50
N SER A 75 -0.45 -2.18 7.56
CA SER A 75 -0.32 -3.52 8.10
C SER A 75 -1.61 -4.31 7.85
N LEU A 76 -1.72 -4.84 6.64
CA LEU A 76 -2.89 -5.62 6.27
C LEU A 76 -2.54 -7.10 6.30
N ASP A 77 -3.42 -7.87 6.92
CA ASP A 77 -3.21 -9.31 7.02
C ASP A 77 -4.34 -10.04 6.28
N VAL A 78 -5.35 -9.27 5.91
CA VAL A 78 -6.49 -9.82 5.20
C VAL A 78 -7.35 -10.63 6.17
N GLY A 79 -6.75 -10.94 7.31
CA GLY A 79 -7.45 -11.71 8.33
C GLY A 79 -8.44 -10.84 9.10
N GLY A 80 -8.40 -9.55 8.79
CA GLY A 80 -9.30 -8.60 9.44
C GLY A 80 -9.95 -7.67 8.42
N LYS A 81 -9.21 -7.40 7.35
CA LYS A 81 -9.71 -6.53 6.30
C LYS A 81 -10.24 -7.39 5.14
N LYS A 82 -9.42 -7.52 4.11
CA LYS A 82 -9.79 -8.29 2.95
C LYS A 82 -8.77 -8.06 1.83
N GLU A 83 -8.89 -6.90 1.21
CA GLU A 83 -7.99 -6.53 0.12
C GLU A 83 -7.86 -5.01 0.03
N TYR A 84 -6.79 -4.58 -0.61
CA TYR A 84 -6.53 -3.15 -0.78
C TYR A 84 -5.98 -2.85 -2.17
N LEU A 85 -6.21 -1.63 -2.62
CA LEU A 85 -5.75 -1.21 -3.93
C LEU A 85 -4.30 -0.74 -3.82
N ILE A 86 -3.75 -0.88 -2.62
CA ILE A 86 -2.38 -0.48 -2.37
C ILE A 86 -1.85 0.31 -3.58
N ALA A 87 -1.79 1.62 -3.41
CA ALA A 87 -1.32 2.49 -4.47
C ALA A 87 -0.25 3.43 -3.92
N GLY A 88 0.97 3.22 -4.39
CA GLY A 88 2.10 4.03 -3.95
C GLY A 88 3.09 4.25 -5.08
N LYS A 89 4.17 4.95 -4.74
CA LYS A 89 5.21 5.23 -5.72
C LYS A 89 5.65 3.92 -6.39
N ALA A 90 5.52 2.84 -5.63
CA ALA A 90 5.91 1.53 -6.13
C ALA A 90 7.43 1.39 -6.09
N GLU A 91 7.89 0.20 -6.42
CA GLU A 91 9.32 -0.08 -6.42
C GLU A 91 9.71 -0.82 -7.69
N GLY A 92 8.75 -0.95 -8.59
CA GLY A 92 8.99 -1.64 -9.85
C GLY A 92 7.93 -2.73 -10.08
N ASP A 93 8.41 -3.96 -10.19
CA ASP A 93 7.52 -5.08 -10.42
C ASP A 93 7.87 -6.20 -9.44
N GLY A 94 6.84 -6.91 -9.00
CA GLY A 94 7.02 -8.00 -8.07
C GLY A 94 7.24 -7.48 -6.64
N LYS A 95 7.29 -6.16 -6.54
CA LYS A 95 7.50 -5.52 -5.25
C LYS A 95 7.37 -4.01 -5.40
N MET A 96 6.88 -3.36 -4.35
CA MET A 96 6.71 -1.93 -4.37
C MET A 96 6.84 -1.35 -2.96
N HIS A 97 6.49 -0.08 -2.84
CA HIS A 97 6.57 0.61 -1.56
C HIS A 97 5.20 1.22 -1.21
N ILE A 98 4.78 0.96 0.01
CA ILE A 98 3.50 1.48 0.48
C ILE A 98 3.62 1.84 1.96
N THR A 99 3.04 2.99 2.30
CA THR A 99 3.07 3.46 3.67
C THR A 99 1.70 4.04 4.06
N LEU A 100 1.49 4.14 5.37
CA LEU A 100 0.25 4.68 5.88
C LEU A 100 0.02 6.08 5.30
N CYS A 101 1.09 6.87 5.33
CA CYS A 101 1.01 8.23 4.82
C CYS A 101 0.71 8.16 3.33
N ASP A 102 1.21 7.10 2.70
CA ASP A 102 1.00 6.90 1.27
C ASP A 102 -0.44 6.45 1.03
N PHE A 103 -0.83 6.44 -0.24
CA PHE A 103 -2.16 6.03 -0.61
C PHE A 103 -2.34 4.52 -0.46
N ILE A 104 -3.24 4.15 0.43
CA ILE A 104 -3.51 2.74 0.68
C ILE A 104 -4.83 2.60 1.45
N VAL A 105 -5.65 1.68 0.99
CA VAL A 105 -6.94 1.43 1.63
C VAL A 105 -7.38 0.01 1.34
N PRO A 106 -8.29 -0.50 2.23
CA PRO A 106 -8.80 -1.85 2.08
C PRO A 106 -9.82 -1.93 0.93
N TRP A 107 -9.91 -0.83 0.19
CA TRP A 107 -10.84 -0.77 -0.92
C TRP A 107 -12.26 -0.64 -0.35
N ASP A 108 -12.63 -1.62 0.46
CA ASP A 108 -13.94 -1.63 1.07
C ASP A 108 -14.03 -0.51 2.11
N THR A 109 -13.65 0.68 1.68
CA THR A 109 -13.68 1.84 2.57
C THR A 109 -13.73 3.13 1.75
N LEU A 110 -12.75 3.28 0.88
CA LEU A 110 -12.67 4.46 0.04
C LEU A 110 -13.71 5.49 0.50
N SER A 111 -14.75 5.65 -0.30
CA SER A 111 -15.81 6.58 0.02
C SER A 111 -16.40 7.16 -1.27
N THR A 112 -15.51 7.46 -2.21
CA THR A 112 -15.92 8.01 -3.49
C THR A 112 -14.75 8.71 -4.18
N THR A 113 -14.29 9.78 -3.57
CA THR A 113 -13.17 10.54 -4.11
C THR A 113 -12.01 9.60 -4.47
N GLN A 114 -11.98 8.48 -3.77
CA GLN A 114 -10.94 7.48 -4.00
C GLN A 114 -11.31 6.58 -5.18
N LYS A 115 -12.61 6.35 -5.31
CA LYS A 115 -13.11 5.51 -6.38
C LYS A 115 -13.02 6.26 -7.71
N LYS A 116 -13.37 7.54 -7.65
CA LYS A 116 -13.33 8.38 -8.84
C LYS A 116 -11.89 8.47 -9.35
N SER A 117 -10.96 8.14 -8.47
CA SER A 117 -9.55 8.17 -8.81
C SER A 117 -9.09 6.78 -9.28
N LEU A 118 -10.01 5.83 -9.18
CA LEU A 118 -9.72 4.47 -9.60
C LEU A 118 -9.87 4.35 -11.11
N ASN A 119 -10.73 5.21 -11.66
CA ASN A 119 -10.97 5.22 -13.09
C ASN A 119 -10.15 6.34 -13.74
N HIS A 120 -9.57 7.18 -12.89
CA HIS A 120 -8.77 8.28 -13.36
C HIS A 120 -7.30 7.85 -13.46
N ARG A 121 -7.12 6.56 -13.76
CA ARG A 121 -5.79 6.01 -13.89
C ARG A 121 -5.09 5.99 -12.52
N TYR A 122 -4.16 6.92 -12.36
CA TYR A 122 -3.41 7.01 -11.12
C TYR A 122 -2.84 8.41 -10.93
N GLN A 123 -3.32 9.33 -11.76
CA GLN A 123 -2.86 10.71 -11.69
C GLN A 123 -3.48 11.53 -12.83
N MET A 124 -4.80 11.46 -12.92
CA MET A 124 -5.51 12.18 -13.96
C MET A 124 -5.53 13.68 -13.66
N GLY A 125 -4.34 14.23 -13.45
CA GLY A 125 -4.21 15.65 -13.16
C GLY A 125 -5.18 16.06 -12.05
N CYS A 126 -5.58 15.08 -11.26
CA CYS A 126 -6.49 15.33 -10.15
C CYS A 126 -5.87 16.39 -9.25
N GLU A 127 -6.48 16.55 -8.08
CA GLU A 127 -5.99 17.52 -7.11
C GLU A 127 -6.85 17.49 -5.84
N CYS A 1 8.33 6.87 11.80
CA CYS A 1 7.20 7.04 10.89
C CYS A 1 5.91 6.94 11.71
N SER A 2 4.93 7.73 11.31
CA SER A 2 3.65 7.74 11.99
C SER A 2 2.81 8.93 11.52
N CYS A 3 2.54 8.96 10.22
CA CYS A 3 1.76 10.03 9.63
C CYS A 3 0.31 9.54 9.49
N SER A 4 -0.58 10.51 9.32
CA SER A 4 -1.99 10.19 9.16
C SER A 4 -2.32 9.97 7.68
N PRO A 5 -3.02 8.83 7.42
CA PRO A 5 -3.40 8.50 6.06
C PRO A 5 -4.56 9.37 5.58
N VAL A 6 -4.22 10.54 5.06
CA VAL A 6 -5.21 11.47 4.56
C VAL A 6 -5.22 11.44 3.03
N HIS A 7 -5.22 12.63 2.45
CA HIS A 7 -5.22 12.75 1.00
C HIS A 7 -6.15 11.69 0.41
N PRO A 8 -7.46 12.05 0.32
CA PRO A 8 -8.46 11.14 -0.23
C PRO A 8 -8.34 11.06 -1.77
N GLN A 9 -7.72 12.08 -2.33
CA GLN A 9 -7.54 12.13 -3.77
C GLN A 9 -6.05 12.21 -4.11
N GLN A 10 -5.33 13.01 -3.35
CA GLN A 10 -3.90 13.18 -3.56
C GLN A 10 -3.18 11.85 -3.33
N ALA A 11 -3.94 10.87 -2.88
CA ALA A 11 -3.38 9.55 -2.62
C ALA A 11 -3.33 8.75 -3.92
N PHE A 12 -4.38 8.92 -4.72
CA PHE A 12 -4.46 8.22 -5.99
C PHE A 12 -3.77 9.02 -7.10
N CYS A 13 -3.16 10.13 -6.70
CA CYS A 13 -2.46 10.98 -7.65
C CYS A 13 -0.97 10.91 -7.33
N ASN A 14 -0.67 10.42 -6.15
CA ASN A 14 0.72 10.29 -5.72
C ASN A 14 1.21 8.86 -5.97
N ALA A 15 0.32 7.92 -5.72
CA ALA A 15 0.64 6.50 -5.92
C ALA A 15 1.12 6.30 -7.36
N ASP A 16 1.58 5.09 -7.63
CA ASP A 16 2.07 4.75 -8.95
C ASP A 16 1.86 3.26 -9.21
N VAL A 17 1.04 2.66 -8.36
CA VAL A 17 0.75 1.24 -8.47
C VAL A 17 -0.47 0.90 -7.61
N VAL A 18 -1.64 1.02 -8.21
CA VAL A 18 -2.88 0.72 -7.52
C VAL A 18 -3.36 -0.67 -7.91
N ILE A 19 -3.40 -1.55 -6.91
CA ILE A 19 -3.84 -2.91 -7.14
C ILE A 19 -4.67 -3.38 -5.94
N ARG A 20 -5.87 -3.85 -6.24
CA ARG A 20 -6.77 -4.33 -5.20
C ARG A 20 -6.35 -5.73 -4.75
N THR A 21 -5.04 -5.90 -4.58
CA THR A 21 -4.51 -7.18 -4.16
C THR A 21 -4.98 -7.51 -2.74
N LYS A 22 -4.61 -8.71 -2.29
CA LYS A 22 -4.99 -9.15 -0.96
C LYS A 22 -3.75 -9.66 -0.23
N ALA A 23 -3.47 -9.01 0.90
CA ALA A 23 -2.32 -9.38 1.71
C ALA A 23 -2.75 -10.40 2.77
N VAL A 24 -2.32 -11.63 2.58
CA VAL A 24 -2.65 -12.69 3.51
C VAL A 24 -1.38 -13.15 4.23
N SER A 25 -0.29 -13.14 3.49
CA SER A 25 0.99 -13.54 4.04
C SER A 25 1.96 -12.36 4.05
N GLU A 26 3.03 -12.52 4.81
CA GLU A 26 4.04 -11.48 4.92
C GLU A 26 5.42 -12.09 5.16
N LYS A 27 6.41 -11.21 5.27
CA LYS A 27 7.77 -11.66 5.51
C LYS A 27 8.48 -10.64 6.41
N GLU A 28 8.77 -11.08 7.62
CA GLU A 28 9.44 -10.23 8.58
C GLU A 28 10.92 -10.07 8.22
N VAL A 29 11.21 -9.02 7.45
CA VAL A 29 12.56 -8.75 7.02
C VAL A 29 13.09 -7.52 7.75
N ASP A 30 14.07 -7.76 8.63
CA ASP A 30 14.67 -6.68 9.39
C ASP A 30 15.20 -5.61 8.44
N SER A 31 15.39 -4.42 8.98
CA SER A 31 15.90 -3.30 8.20
C SER A 31 16.84 -2.45 9.05
N GLY A 32 17.29 -3.03 10.14
CA GLY A 32 18.20 -2.34 11.04
C GLY A 32 17.43 -1.34 11.92
N ASN A 33 18.17 -0.71 12.82
CA ASN A 33 17.59 0.27 13.72
C ASN A 33 17.52 1.63 13.02
N ASP A 34 16.69 2.50 13.58
CA ASP A 34 16.53 3.83 13.02
C ASP A 34 17.48 4.80 13.74
N ILE A 35 17.17 6.08 13.60
CA ILE A 35 17.98 7.11 14.24
C ILE A 35 17.59 7.23 15.71
N TYR A 36 16.64 6.40 16.11
CA TYR A 36 16.18 6.40 17.48
C TYR A 36 16.65 5.16 18.22
N GLY A 37 17.37 4.31 17.50
CA GLY A 37 17.90 3.08 18.08
C GLY A 37 16.88 1.95 17.98
N ASN A 38 15.68 2.31 17.55
CA ASN A 38 14.60 1.34 17.41
C ASN A 38 14.81 0.56 16.10
N PRO A 39 14.32 -0.71 16.11
CA PRO A 39 14.44 -1.57 14.94
C PRO A 39 13.46 -1.15 13.85
N ILE A 40 14.01 -0.99 12.65
CA ILE A 40 13.19 -0.59 11.51
C ILE A 40 12.20 -1.70 11.19
N LYS A 41 12.69 -2.71 10.49
CA LYS A 41 11.87 -3.84 10.11
C LYS A 41 10.84 -3.38 9.07
N ARG A 42 10.82 -4.10 7.95
CA ARG A 42 9.88 -3.78 6.88
C ARG A 42 9.15 -5.04 6.42
N ILE A 43 8.29 -5.53 7.31
CA ILE A 43 7.51 -6.73 7.01
C ILE A 43 7.04 -6.67 5.56
N GLN A 44 7.07 -7.83 4.92
CA GLN A 44 6.65 -7.93 3.53
C GLN A 44 5.13 -8.07 3.45
N TYR A 45 4.65 -8.17 2.21
CA TYR A 45 3.22 -8.31 1.98
C TYR A 45 2.94 -9.37 0.92
N GLU A 46 3.19 -10.61 1.29
CA GLU A 46 2.96 -11.73 0.38
C GLU A 46 1.48 -11.84 0.03
N ILE A 47 1.00 -10.86 -0.71
CA ILE A 47 -0.39 -10.84 -1.12
C ILE A 47 -0.67 -12.02 -2.05
N LYS A 48 -1.88 -12.04 -2.58
CA LYS A 48 -2.28 -13.11 -3.48
C LYS A 48 -2.77 -12.50 -4.80
N GLN A 49 -2.70 -11.18 -4.87
CA GLN A 49 -3.13 -10.46 -6.06
C GLN A 49 -4.58 -10.84 -6.41
N ILE A 50 -5.41 -9.82 -6.53
CA ILE A 50 -6.81 -10.03 -6.86
C ILE A 50 -7.23 -9.04 -7.96
N LYS A 51 -6.64 -7.85 -7.88
CA LYS A 51 -6.95 -6.81 -8.85
C LYS A 51 -5.70 -5.98 -9.09
N MET A 52 -5.72 -5.24 -10.19
CA MET A 52 -4.60 -4.38 -10.54
C MET A 52 -5.08 -3.09 -11.21
N PHE A 53 -5.80 -2.30 -10.44
CA PHE A 53 -6.32 -1.03 -10.94
C PHE A 53 -5.28 -0.31 -11.80
N LYS A 54 -4.35 0.35 -11.12
CA LYS A 54 -3.31 1.09 -11.81
C LYS A 54 -1.94 0.54 -11.37
N GLY A 55 -1.66 -0.68 -11.80
CA GLY A 55 -0.41 -1.32 -11.47
C GLY A 55 0.29 -1.86 -12.72
N PRO A 56 1.23 -2.82 -12.50
CA PRO A 56 1.97 -3.42 -13.59
C PRO A 56 1.09 -4.41 -14.37
N GLU A 57 1.72 -5.10 -15.30
CA GLU A 57 1.01 -6.08 -16.12
C GLU A 57 1.13 -7.47 -15.49
N LYS A 58 2.27 -7.71 -14.87
CA LYS A 58 2.53 -8.99 -14.23
C LYS A 58 1.80 -9.04 -12.88
N ASP A 59 2.41 -8.41 -11.90
CA ASP A 59 1.84 -8.37 -10.56
C ASP A 59 2.96 -8.24 -9.53
N ILE A 60 2.56 -7.98 -8.30
CA ILE A 60 3.51 -7.84 -7.21
C ILE A 60 3.53 -9.11 -6.37
N GLU A 61 2.45 -9.31 -5.62
CA GLU A 61 2.33 -10.47 -4.77
C GLU A 61 3.23 -10.34 -3.54
N PHE A 62 4.06 -9.31 -3.56
CA PHE A 62 4.98 -9.06 -2.47
C PHE A 62 5.26 -7.56 -2.32
N ILE A 63 4.54 -6.95 -1.39
CA ILE A 63 4.69 -5.53 -1.13
C ILE A 63 5.50 -5.33 0.16
N TYR A 64 5.88 -4.08 0.39
CA TYR A 64 6.65 -3.75 1.57
C TYR A 64 5.92 -2.72 2.43
N THR A 65 6.11 -2.84 3.73
CA THR A 65 5.48 -1.93 4.67
C THR A 65 6.18 -1.98 6.03
N ALA A 66 5.47 -1.53 7.05
CA ALA A 66 6.01 -1.52 8.40
C ALA A 66 5.30 -2.58 9.23
N PRO A 67 6.03 -3.07 10.27
CA PRO A 67 5.48 -4.09 11.16
C PRO A 67 4.46 -3.49 12.12
N SER A 68 4.25 -4.20 13.22
CA SER A 68 3.29 -3.73 14.22
C SER A 68 1.90 -3.61 13.60
N SER A 69 1.04 -2.87 14.29
CA SER A 69 -0.32 -2.67 13.83
C SER A 69 -0.35 -1.57 12.76
N ALA A 70 0.75 -1.47 12.03
CA ALA A 70 0.86 -0.48 10.98
C ALA A 70 1.42 0.82 11.57
N VAL A 71 2.74 0.97 11.46
CA VAL A 71 3.40 2.15 11.97
C VAL A 71 3.83 3.04 10.80
N CYS A 72 4.07 2.39 9.67
CA CYS A 72 4.50 3.12 8.47
C CYS A 72 3.68 2.59 7.29
N GLY A 73 2.64 1.83 7.62
CA GLY A 73 1.78 1.27 6.61
C GLY A 73 0.36 1.05 7.14
N VAL A 74 -0.32 0.08 6.54
CA VAL A 74 -1.67 -0.25 6.96
C VAL A 74 -1.70 -1.67 7.54
N SER A 75 -0.52 -2.28 7.55
CA SER A 75 -0.40 -3.63 8.09
C SER A 75 -1.66 -4.43 7.79
N LEU A 76 -1.73 -4.97 6.59
CA LEU A 76 -2.87 -5.76 6.17
C LEU A 76 -2.52 -7.24 6.20
N ASP A 77 -3.43 -8.03 6.75
CA ASP A 77 -3.22 -9.47 6.84
C ASP A 77 -4.39 -10.20 6.18
N VAL A 78 -5.31 -9.41 5.66
CA VAL A 78 -6.48 -9.96 4.99
C VAL A 78 -7.41 -10.58 6.04
N GLY A 79 -6.85 -11.48 6.82
CA GLY A 79 -7.61 -12.15 7.87
C GLY A 79 -8.29 -11.14 8.79
N GLY A 80 -7.88 -9.89 8.64
CA GLY A 80 -8.44 -8.82 9.45
C GLY A 80 -9.13 -7.78 8.58
N LYS A 81 -8.68 -7.69 7.34
CA LYS A 81 -9.25 -6.73 6.39
C LYS A 81 -9.89 -7.49 5.23
N LYS A 82 -9.11 -7.66 4.18
CA LYS A 82 -9.59 -8.36 3.00
C LYS A 82 -8.64 -8.08 1.83
N GLU A 83 -8.87 -6.95 1.18
CA GLU A 83 -8.05 -6.55 0.04
C GLU A 83 -7.91 -5.03 -0.01
N TYR A 84 -6.89 -4.59 -0.72
CA TYR A 84 -6.64 -3.17 -0.86
C TYR A 84 -6.05 -2.84 -2.23
N LEU A 85 -6.29 -1.61 -2.67
CA LEU A 85 -5.80 -1.16 -3.95
C LEU A 85 -4.33 -0.72 -3.81
N ILE A 86 -3.81 -0.88 -2.60
CA ILE A 86 -2.44 -0.51 -2.33
C ILE A 86 -1.89 0.30 -3.50
N ALA A 87 -1.87 1.62 -3.33
CA ALA A 87 -1.37 2.50 -4.36
C ALA A 87 -0.29 3.40 -3.77
N GLY A 88 0.96 3.12 -4.17
CA GLY A 88 2.09 3.89 -3.70
C GLY A 88 3.10 4.13 -4.82
N LYS A 89 4.09 4.95 -4.50
CA LYS A 89 5.13 5.26 -5.47
C LYS A 89 5.60 3.97 -6.15
N ALA A 90 5.49 2.88 -5.40
CA ALA A 90 5.90 1.58 -5.91
C ALA A 90 7.41 1.45 -5.81
N GLU A 91 7.90 0.29 -6.21
CA GLU A 91 9.34 0.03 -6.18
C GLU A 91 9.80 -0.58 -7.50
N GLY A 92 8.95 -1.42 -8.06
CA GLY A 92 9.25 -2.08 -9.32
C GLY A 92 8.22 -3.16 -9.65
N ASP A 93 8.74 -4.30 -10.09
CA ASP A 93 7.88 -5.42 -10.43
C ASP A 93 8.09 -6.56 -9.41
N GLY A 94 6.97 -7.11 -8.96
CA GLY A 94 7.02 -8.18 -7.99
C GLY A 94 7.19 -7.64 -6.57
N LYS A 95 7.40 -6.34 -6.49
CA LYS A 95 7.58 -5.68 -5.21
C LYS A 95 7.51 -4.17 -5.39
N MET A 96 6.93 -3.51 -4.40
CA MET A 96 6.80 -2.07 -4.44
C MET A 96 7.05 -1.45 -3.06
N HIS A 97 6.53 -0.24 -2.89
CA HIS A 97 6.68 0.47 -1.63
C HIS A 97 5.37 1.17 -1.27
N ILE A 98 4.88 0.87 -0.08
CA ILE A 98 3.64 1.46 0.39
C ILE A 98 3.78 1.82 1.87
N THR A 99 3.04 2.85 2.27
CA THR A 99 3.07 3.31 3.64
C THR A 99 1.71 3.88 4.05
N LEU A 100 1.54 4.02 5.36
CA LEU A 100 0.29 4.55 5.88
C LEU A 100 0.07 5.97 5.33
N CYS A 101 1.09 6.79 5.46
CA CYS A 101 1.03 8.15 4.98
C CYS A 101 0.79 8.12 3.47
N ASP A 102 1.10 6.97 2.88
CA ASP A 102 0.92 6.80 1.45
C ASP A 102 -0.51 6.34 1.17
N PHE A 103 -0.87 6.39 -0.11
CA PHE A 103 -2.21 5.99 -0.52
C PHE A 103 -2.39 4.48 -0.40
N ILE A 104 -3.29 4.08 0.49
CA ILE A 104 -3.56 2.67 0.71
C ILE A 104 -4.88 2.53 1.47
N VAL A 105 -5.73 1.63 0.98
CA VAL A 105 -7.01 1.39 1.61
C VAL A 105 -7.46 -0.04 1.30
N PRO A 106 -8.35 -0.57 2.19
CA PRO A 106 -8.86 -1.91 2.02
C PRO A 106 -9.90 -1.97 0.90
N TRP A 107 -10.06 -0.84 0.23
CA TRP A 107 -11.01 -0.74 -0.86
C TRP A 107 -12.41 -0.60 -0.26
N ASP A 108 -12.77 -1.57 0.56
CA ASP A 108 -14.07 -1.57 1.21
C ASP A 108 -14.11 -0.45 2.25
N THR A 109 -13.73 0.74 1.82
CA THR A 109 -13.72 1.89 2.70
C THR A 109 -13.75 3.18 1.89
N LEU A 110 -12.76 3.33 1.02
CA LEU A 110 -12.66 4.51 0.18
C LEU A 110 -13.64 5.58 0.68
N SER A 111 -14.71 5.75 -0.07
CA SER A 111 -15.72 6.74 0.29
C SER A 111 -16.33 7.35 -0.98
N THR A 112 -15.46 7.64 -1.94
CA THR A 112 -15.89 8.22 -3.20
C THR A 112 -14.71 8.89 -3.91
N THR A 113 -14.19 9.93 -3.28
CA THR A 113 -13.06 10.65 -3.85
C THR A 113 -11.95 9.68 -4.25
N GLN A 114 -11.93 8.53 -3.58
CA GLN A 114 -10.93 7.52 -3.87
C GLN A 114 -11.37 6.66 -5.04
N LYS A 115 -12.68 6.47 -5.14
CA LYS A 115 -13.24 5.68 -6.22
C LYS A 115 -13.16 6.46 -7.53
N LYS A 116 -13.45 7.75 -7.44
CA LYS A 116 -13.40 8.62 -8.60
C LYS A 116 -11.97 8.69 -9.13
N SER A 117 -11.04 8.35 -8.25
CA SER A 117 -9.62 8.37 -8.62
C SER A 117 -9.18 6.98 -9.07
N LEU A 118 -10.03 6.01 -8.80
CA LEU A 118 -9.74 4.63 -9.17
C LEU A 118 -9.94 4.46 -10.67
N ASN A 119 -10.84 5.28 -11.22
CA ASN A 119 -11.12 5.23 -12.64
C ASN A 119 -9.97 5.89 -13.42
N HIS A 120 -9.41 6.92 -12.81
CA HIS A 120 -8.31 7.64 -13.43
C HIS A 120 -7.09 6.72 -13.53
N ARG A 121 -6.52 6.70 -14.72
CA ARG A 121 -5.35 5.87 -14.98
C ARG A 121 -4.39 5.93 -13.78
N TYR A 122 -3.62 7.01 -13.72
CA TYR A 122 -2.67 7.19 -12.65
C TYR A 122 -2.33 8.67 -12.47
N GLN A 123 -3.03 9.30 -11.53
CA GLN A 123 -2.81 10.71 -11.26
C GLN A 123 -3.17 11.55 -12.48
N MET A 124 -4.45 11.53 -12.83
CA MET A 124 -4.93 12.29 -13.96
C MET A 124 -4.93 13.78 -13.67
N GLY A 125 -3.78 14.28 -13.24
CA GLY A 125 -3.64 15.69 -12.93
C GLY A 125 -4.71 16.13 -11.92
N CYS A 126 -5.22 15.15 -11.18
CA CYS A 126 -6.24 15.43 -10.19
C CYS A 126 -5.66 16.38 -9.14
N GLU A 127 -6.39 16.54 -8.06
CA GLU A 127 -5.96 17.42 -6.98
C GLU A 127 -6.95 17.36 -5.82
N CYS A 1 7.93 6.90 13.25
CA CYS A 1 6.85 6.70 12.29
C CYS A 1 5.53 7.05 12.99
N SER A 2 4.61 7.61 12.22
CA SER A 2 3.32 7.99 12.74
C SER A 2 2.69 9.08 11.86
N CYS A 3 2.82 8.89 10.56
CA CYS A 3 2.28 9.85 9.61
C CYS A 3 0.76 9.85 9.75
N SER A 4 0.13 10.74 8.99
CA SER A 4 -1.32 10.86 9.02
C SER A 4 -1.89 10.67 7.61
N PRO A 5 -2.63 9.55 7.43
CA PRO A 5 -3.24 9.25 6.14
C PRO A 5 -4.45 10.14 5.88
N VAL A 6 -4.47 10.73 4.70
CA VAL A 6 -5.56 11.60 4.31
C VAL A 6 -5.67 11.62 2.79
N HIS A 7 -5.81 12.84 2.26
CA HIS A 7 -5.92 13.02 0.82
C HIS A 7 -6.70 11.84 0.22
N PRO A 8 -8.05 12.01 0.19
CA PRO A 8 -8.92 10.98 -0.36
C PRO A 8 -8.85 10.95 -1.88
N GLN A 9 -8.00 11.82 -2.42
CA GLN A 9 -7.83 11.91 -3.86
C GLN A 9 -6.35 12.04 -4.22
N GLN A 10 -5.67 12.87 -3.44
CA GLN A 10 -4.25 13.11 -3.66
C GLN A 10 -3.45 11.82 -3.41
N ALA A 11 -4.16 10.82 -2.90
CA ALA A 11 -3.54 9.54 -2.62
C ALA A 11 -3.48 8.70 -3.90
N PHE A 12 -4.47 8.90 -4.74
CA PHE A 12 -4.54 8.18 -6.00
C PHE A 12 -3.87 8.97 -7.13
N CYS A 13 -3.42 10.16 -6.78
CA CYS A 13 -2.75 11.02 -7.74
C CYS A 13 -1.25 11.00 -7.46
N ASN A 14 -0.90 10.40 -6.33
CA ASN A 14 0.49 10.31 -5.92
C ASN A 14 0.99 8.89 -6.18
N ALA A 15 0.14 7.93 -5.85
CA ALA A 15 0.47 6.52 -6.04
C ALA A 15 0.92 6.30 -7.48
N ASP A 16 1.38 5.09 -7.75
CA ASP A 16 1.83 4.74 -9.09
C ASP A 16 1.70 3.23 -9.28
N VAL A 17 0.92 2.62 -8.40
CA VAL A 17 0.70 1.19 -8.47
C VAL A 17 -0.50 0.82 -7.60
N VAL A 18 -1.69 0.98 -8.17
CA VAL A 18 -2.91 0.68 -7.46
C VAL A 18 -3.37 -0.73 -7.83
N ILE A 19 -3.45 -1.59 -6.83
CA ILE A 19 -3.87 -2.96 -7.04
C ILE A 19 -4.68 -3.43 -5.83
N ARG A 20 -5.89 -3.87 -6.11
CA ARG A 20 -6.78 -4.35 -5.06
C ARG A 20 -6.33 -5.74 -4.58
N THR A 21 -5.03 -5.90 -4.50
CA THR A 21 -4.46 -7.17 -4.06
C THR A 21 -4.93 -7.50 -2.64
N LYS A 22 -4.57 -8.70 -2.20
CA LYS A 22 -4.95 -9.16 -0.87
C LYS A 22 -3.72 -9.67 -0.14
N ALA A 23 -3.40 -9.02 0.97
CA ALA A 23 -2.25 -9.41 1.76
C ALA A 23 -2.69 -10.44 2.81
N VAL A 24 -2.35 -11.69 2.54
CA VAL A 24 -2.69 -12.77 3.45
C VAL A 24 -1.44 -13.20 4.21
N SER A 25 -0.32 -13.16 3.51
CA SER A 25 0.96 -13.55 4.10
C SER A 25 1.91 -12.35 4.14
N GLU A 26 3.00 -12.52 4.85
CA GLU A 26 4.00 -11.47 4.97
C GLU A 26 5.39 -12.08 5.17
N LYS A 27 6.37 -11.19 5.35
CA LYS A 27 7.74 -11.62 5.55
C LYS A 27 8.46 -10.61 6.44
N GLU A 28 8.77 -11.05 7.66
CA GLU A 28 9.45 -10.19 8.61
C GLU A 28 10.92 -10.06 8.23
N VAL A 29 11.19 -9.03 7.43
CA VAL A 29 12.55 -8.77 6.98
C VAL A 29 13.12 -7.60 7.78
N ASP A 30 14.27 -7.84 8.40
CA ASP A 30 14.92 -6.81 9.18
C ASP A 30 15.41 -5.69 8.25
N SER A 31 15.65 -4.53 8.85
CA SER A 31 16.12 -3.39 8.08
C SER A 31 17.06 -2.54 8.94
N GLY A 32 17.58 -3.17 9.99
CA GLY A 32 18.49 -2.49 10.89
C GLY A 32 17.74 -1.57 11.84
N ASN A 33 18.49 -0.95 12.74
CA ASN A 33 17.90 -0.05 13.72
C ASN A 33 17.74 1.34 13.09
N ASP A 34 16.92 2.15 13.74
CA ASP A 34 16.66 3.50 13.26
C ASP A 34 17.60 4.47 13.97
N ILE A 35 17.24 5.74 13.91
CA ILE A 35 18.03 6.78 14.54
C ILE A 35 17.73 6.82 16.03
N TYR A 36 16.84 5.91 16.45
CA TYR A 36 16.46 5.84 17.84
C TYR A 36 17.03 4.58 18.51
N GLY A 37 17.74 3.80 17.70
CA GLY A 37 18.36 2.59 18.20
C GLY A 37 17.38 1.41 18.09
N ASN A 38 16.14 1.73 17.75
CA ASN A 38 15.11 0.72 17.61
C ASN A 38 15.27 0.01 16.26
N PRO A 39 14.77 -1.25 16.20
CA PRO A 39 14.85 -2.03 14.98
C PRO A 39 13.83 -1.54 13.96
N ILE A 40 14.31 -1.33 12.74
CA ILE A 40 13.45 -0.88 11.65
C ILE A 40 12.40 -1.95 11.35
N LYS A 41 12.83 -2.94 10.58
CA LYS A 41 11.93 -4.03 10.20
C LYS A 41 10.91 -3.52 9.18
N ARG A 42 10.88 -4.20 8.05
CA ARG A 42 9.96 -3.83 6.98
C ARG A 42 9.17 -5.06 6.51
N ILE A 43 8.34 -5.56 7.41
CA ILE A 43 7.53 -6.73 7.09
C ILE A 43 7.06 -6.64 5.64
N GLN A 44 7.01 -7.81 5.00
CA GLN A 44 6.58 -7.88 3.61
C GLN A 44 5.06 -8.01 3.53
N TYR A 45 4.57 -8.11 2.30
CA TYR A 45 3.14 -8.22 2.08
C TYR A 45 2.85 -9.28 1.01
N GLU A 46 3.17 -10.53 1.35
CA GLU A 46 2.94 -11.63 0.43
C GLU A 46 1.45 -11.76 0.11
N ILE A 47 0.97 -10.84 -0.71
CA ILE A 47 -0.43 -10.83 -1.11
C ILE A 47 -0.70 -12.03 -2.02
N LYS A 48 -1.87 -12.01 -2.63
CA LYS A 48 -2.26 -13.08 -3.52
C LYS A 48 -2.75 -12.49 -4.84
N GLN A 49 -2.58 -11.18 -4.97
CA GLN A 49 -3.01 -10.49 -6.17
C GLN A 49 -4.44 -10.87 -6.54
N ILE A 50 -5.32 -9.89 -6.45
CA ILE A 50 -6.72 -10.12 -6.78
C ILE A 50 -7.14 -9.15 -7.89
N LYS A 51 -6.47 -8.01 -7.93
CA LYS A 51 -6.77 -7.01 -8.94
C LYS A 51 -5.54 -6.12 -9.15
N MET A 52 -5.60 -5.32 -10.20
CA MET A 52 -4.50 -4.42 -10.51
C MET A 52 -5.02 -3.11 -11.12
N PHE A 53 -5.68 -2.32 -10.29
CA PHE A 53 -6.22 -1.06 -10.73
C PHE A 53 -5.25 -0.33 -11.66
N LYS A 54 -4.24 0.26 -11.06
CA LYS A 54 -3.23 0.98 -11.83
C LYS A 54 -1.84 0.52 -11.40
N GLY A 55 -1.56 -0.74 -11.70
CA GLY A 55 -0.26 -1.32 -11.34
C GLY A 55 0.48 -1.78 -12.60
N PRO A 56 1.43 -2.73 -12.38
CA PRO A 56 2.22 -3.27 -13.47
C PRO A 56 1.40 -4.24 -14.31
N GLU A 57 2.08 -4.89 -15.25
CA GLU A 57 1.43 -5.85 -16.13
C GLU A 57 1.49 -7.25 -15.51
N LYS A 58 2.60 -7.52 -14.84
CA LYS A 58 2.80 -8.81 -14.21
C LYS A 58 2.03 -8.85 -12.89
N ASP A 59 2.62 -8.25 -11.87
CA ASP A 59 1.99 -8.21 -10.56
C ASP A 59 3.08 -8.07 -9.49
N ILE A 60 2.64 -7.83 -8.27
CA ILE A 60 3.56 -7.67 -7.15
C ILE A 60 3.57 -8.97 -6.33
N GLU A 61 2.48 -9.18 -5.61
CA GLU A 61 2.34 -10.36 -4.78
C GLU A 61 3.23 -10.24 -3.53
N PHE A 62 4.04 -9.19 -3.52
CA PHE A 62 4.93 -8.95 -2.40
C PHE A 62 5.18 -7.45 -2.22
N ILE A 63 4.46 -6.87 -1.27
CA ILE A 63 4.58 -5.45 -0.98
C ILE A 63 5.42 -5.27 0.29
N TYR A 64 5.78 -4.02 0.55
CA TYR A 64 6.57 -3.70 1.72
C TYR A 64 5.84 -2.68 2.60
N THR A 65 6.14 -2.76 3.90
CA THR A 65 5.52 -1.85 4.85
C THR A 65 6.25 -1.92 6.20
N ALA A 66 5.55 -1.49 7.24
CA ALA A 66 6.11 -1.51 8.57
C ALA A 66 5.39 -2.56 9.41
N PRO A 67 6.13 -3.09 10.43
CA PRO A 67 5.58 -4.11 11.30
C PRO A 67 4.60 -3.50 12.30
N SER A 68 4.35 -4.24 13.38
CA SER A 68 3.43 -3.78 14.40
C SER A 68 2.06 -3.49 13.80
N SER A 69 1.20 -2.88 14.60
CA SER A 69 -0.14 -2.54 14.16
C SER A 69 -0.07 -1.39 13.15
N ALA A 70 0.71 -1.60 12.11
CA ALA A 70 0.87 -0.58 11.07
C ALA A 70 1.40 0.71 11.71
N VAL A 71 2.69 0.93 11.52
CA VAL A 71 3.34 2.11 12.05
C VAL A 71 3.74 3.04 10.91
N CYS A 72 4.08 2.42 9.78
CA CYS A 72 4.49 3.17 8.61
C CYS A 72 3.65 2.69 7.42
N GLY A 73 2.67 1.86 7.73
CA GLY A 73 1.80 1.32 6.70
C GLY A 73 0.38 1.10 7.23
N VAL A 74 -0.30 0.13 6.63
CA VAL A 74 -1.66 -0.19 7.04
C VAL A 74 -1.70 -1.62 7.58
N SER A 75 -0.52 -2.21 7.69
CA SER A 75 -0.41 -3.58 8.17
C SER A 75 -1.69 -4.35 7.85
N LEU A 76 -1.72 -4.91 6.65
CA LEU A 76 -2.87 -5.68 6.21
C LEU A 76 -2.52 -7.17 6.22
N ASP A 77 -3.42 -7.95 6.79
CA ASP A 77 -3.22 -9.39 6.87
C ASP A 77 -4.37 -10.10 6.16
N VAL A 78 -5.25 -9.30 5.58
CA VAL A 78 -6.40 -9.84 4.87
C VAL A 78 -7.36 -10.49 5.86
N GLY A 79 -6.82 -11.46 6.60
CA GLY A 79 -7.61 -12.17 7.58
C GLY A 79 -8.24 -11.19 8.59
N GLY A 80 -7.78 -9.96 8.52
CA GLY A 80 -8.28 -8.92 9.41
C GLY A 80 -8.96 -7.80 8.63
N LYS A 81 -8.65 -7.75 7.34
CA LYS A 81 -9.21 -6.72 6.47
C LYS A 81 -9.95 -7.40 5.32
N LYS A 82 -9.22 -7.68 4.26
CA LYS A 82 -9.80 -8.32 3.09
C LYS A 82 -8.89 -8.09 1.89
N GLU A 83 -8.83 -6.84 1.45
CA GLU A 83 -8.01 -6.48 0.32
C GLU A 83 -7.85 -4.96 0.24
N TYR A 84 -6.84 -4.54 -0.52
CA TYR A 84 -6.56 -3.13 -0.68
C TYR A 84 -6.01 -2.83 -2.07
N LEU A 85 -6.27 -1.62 -2.53
CA LEU A 85 -5.80 -1.20 -3.84
C LEU A 85 -4.35 -0.72 -3.73
N ILE A 86 -3.80 -0.86 -2.53
CA ILE A 86 -2.43 -0.45 -2.28
C ILE A 86 -1.91 0.34 -3.49
N ALA A 87 -1.87 1.65 -3.33
CA ALA A 87 -1.39 2.52 -4.39
C ALA A 87 -0.31 3.45 -3.84
N GLY A 88 0.91 3.23 -4.30
CA GLY A 88 2.04 4.03 -3.87
C GLY A 88 3.04 4.24 -5.00
N LYS A 89 4.14 4.89 -4.67
CA LYS A 89 5.18 5.17 -5.65
C LYS A 89 5.58 3.86 -6.34
N ALA A 90 5.59 2.78 -5.55
CA ALA A 90 5.94 1.48 -6.07
C ALA A 90 7.47 1.33 -6.04
N GLU A 91 7.92 0.12 -6.35
CA GLU A 91 9.34 -0.17 -6.37
C GLU A 91 9.72 -0.91 -7.66
N GLY A 92 8.73 -1.06 -8.53
CA GLY A 92 8.94 -1.74 -9.79
C GLY A 92 7.87 -2.80 -10.04
N ASP A 93 8.32 -4.03 -10.18
CA ASP A 93 7.42 -5.15 -10.41
C ASP A 93 7.76 -6.29 -9.46
N GLY A 94 6.72 -6.94 -8.97
CA GLY A 94 6.90 -8.05 -8.04
C GLY A 94 7.15 -7.55 -6.62
N LYS A 95 7.23 -6.23 -6.50
CA LYS A 95 7.47 -5.62 -5.20
C LYS A 95 7.40 -4.09 -5.35
N MET A 96 6.85 -3.46 -4.32
CA MET A 96 6.72 -2.01 -4.32
C MET A 96 6.89 -1.45 -2.91
N HIS A 97 6.56 -0.17 -2.77
CA HIS A 97 6.67 0.50 -1.49
C HIS A 97 5.35 1.20 -1.15
N ILE A 98 4.87 0.91 0.05
CA ILE A 98 3.62 1.50 0.50
C ILE A 98 3.74 1.86 1.98
N THR A 99 3.09 2.96 2.35
CA THR A 99 3.13 3.42 3.72
C THR A 99 1.76 3.98 4.13
N LEU A 100 1.57 4.11 5.44
CA LEU A 100 0.32 4.64 5.96
C LEU A 100 0.07 6.03 5.39
N CYS A 101 1.12 6.85 5.41
CA CYS A 101 1.02 8.20 4.90
C CYS A 101 0.70 8.13 3.41
N ASP A 102 1.20 7.08 2.78
CA ASP A 102 0.99 6.88 1.36
C ASP A 102 -0.46 6.43 1.13
N PHE A 103 -0.86 6.46 -0.13
CA PHE A 103 -2.21 6.06 -0.50
C PHE A 103 -2.39 4.54 -0.35
N ILE A 104 -3.30 4.16 0.53
CA ILE A 104 -3.57 2.76 0.77
C ILE A 104 -4.89 2.62 1.54
N VAL A 105 -5.71 1.69 1.08
CA VAL A 105 -7.00 1.45 1.72
C VAL A 105 -7.42 0.00 1.47
N PRO A 106 -8.33 -0.49 2.35
CA PRO A 106 -8.83 -1.85 2.23
C PRO A 106 -9.83 -1.97 1.09
N TRP A 107 -9.88 -0.92 0.29
CA TRP A 107 -10.79 -0.90 -0.86
C TRP A 107 -12.22 -0.78 -0.32
N ASP A 108 -12.60 -1.76 0.48
CA ASP A 108 -13.94 -1.77 1.06
C ASP A 108 -14.04 -0.66 2.10
N THR A 109 -13.69 0.54 1.67
CA THR A 109 -13.74 1.69 2.56
C THR A 109 -13.83 2.99 1.75
N LEU A 110 -12.85 3.15 0.86
CA LEU A 110 -12.80 4.33 0.01
C LEU A 110 -13.83 5.34 0.51
N SER A 111 -14.90 5.48 -0.28
CA SER A 111 -15.96 6.42 0.05
C SER A 111 -16.55 7.01 -1.22
N THR A 112 -15.66 7.34 -2.15
CA THR A 112 -16.08 7.93 -3.41
C THR A 112 -14.91 8.67 -4.07
N THR A 113 -14.45 9.70 -3.38
CA THR A 113 -13.34 10.50 -3.88
C THR A 113 -12.18 9.59 -4.31
N GLN A 114 -12.15 8.41 -3.73
CA GLN A 114 -11.12 7.44 -4.05
C GLN A 114 -11.53 6.59 -5.25
N LYS A 115 -12.82 6.28 -5.30
CA LYS A 115 -13.34 5.47 -6.39
C LYS A 115 -13.29 6.28 -7.69
N LYS A 116 -13.55 7.56 -7.56
CA LYS A 116 -13.53 8.45 -8.71
C LYS A 116 -12.11 8.50 -9.29
N SER A 117 -11.15 8.11 -8.46
CA SER A 117 -9.76 8.10 -8.86
C SER A 117 -9.40 6.75 -9.47
N LEU A 118 -10.18 5.74 -9.10
CA LEU A 118 -9.95 4.39 -9.59
C LEU A 118 -10.11 4.39 -11.12
N ASN A 119 -10.83 5.38 -11.61
CA ASN A 119 -11.06 5.49 -13.04
C ASN A 119 -10.15 6.58 -13.61
N HIS A 120 -9.40 7.21 -12.72
CA HIS A 120 -8.48 8.25 -13.12
C HIS A 120 -7.12 7.65 -13.45
N ARG A 121 -7.15 6.40 -13.87
CA ARG A 121 -5.92 5.69 -14.22
C ARG A 121 -4.84 5.96 -13.18
N TYR A 122 -3.98 6.92 -13.50
CA TYR A 122 -2.90 7.29 -12.60
C TYR A 122 -2.69 8.81 -12.58
N GLN A 123 -3.28 9.45 -11.58
CA GLN A 123 -3.15 10.89 -11.44
C GLN A 123 -3.52 11.58 -12.76
N MET A 124 -4.81 11.51 -13.09
CA MET A 124 -5.30 12.12 -14.32
C MET A 124 -5.15 13.65 -14.26
N GLY A 125 -3.92 14.09 -14.05
CA GLY A 125 -3.64 15.51 -13.99
C GLY A 125 -4.56 16.20 -12.97
N CYS A 126 -5.08 15.40 -12.06
CA CYS A 126 -5.96 15.91 -11.02
C CYS A 126 -5.24 17.02 -10.27
N GLU A 127 -5.84 17.46 -9.17
CA GLU A 127 -5.27 18.50 -8.35
C GLU A 127 -6.16 18.79 -7.14
N CYS A 1 5.11 6.15 8.84
CA CYS A 1 5.77 6.23 10.13
C CYS A 1 5.02 7.26 10.98
N SER A 2 3.93 6.81 11.60
CA SER A 2 3.13 7.69 12.44
C SER A 2 2.63 8.88 11.62
N CYS A 3 2.81 8.78 10.32
CA CYS A 3 2.38 9.84 9.42
C CYS A 3 0.86 9.95 9.49
N SER A 4 0.35 11.04 8.95
CA SER A 4 -1.09 11.28 8.94
C SER A 4 -1.66 11.00 7.55
N PRO A 5 -2.40 9.86 7.45
CA PRO A 5 -3.00 9.47 6.19
C PRO A 5 -4.22 10.34 5.87
N VAL A 6 -4.18 10.96 4.70
CA VAL A 6 -5.27 11.82 4.27
C VAL A 6 -5.36 11.79 2.74
N HIS A 7 -5.47 12.98 2.17
CA HIS A 7 -5.57 13.11 0.72
C HIS A 7 -6.45 11.98 0.17
N PRO A 8 -7.79 12.23 0.19
CA PRO A 8 -8.74 11.26 -0.31
C PRO A 8 -8.73 11.22 -1.84
N GLN A 9 -7.86 12.03 -2.42
CA GLN A 9 -7.75 12.09 -3.87
C GLN A 9 -6.28 12.18 -4.28
N GLN A 10 -5.54 13.00 -3.56
CA GLN A 10 -4.12 13.18 -3.84
C GLN A 10 -3.37 11.88 -3.58
N ALA A 11 -4.09 10.89 -3.06
CA ALA A 11 -3.50 9.61 -2.76
C ALA A 11 -3.47 8.76 -4.03
N PHE A 12 -4.52 8.89 -4.82
CA PHE A 12 -4.62 8.15 -6.08
C PHE A 12 -3.95 8.91 -7.21
N CYS A 13 -3.37 10.05 -6.87
CA CYS A 13 -2.70 10.88 -7.85
C CYS A 13 -1.19 10.85 -7.56
N ASN A 14 -0.87 10.39 -6.36
CA ASN A 14 0.51 10.30 -5.94
C ASN A 14 1.03 8.88 -6.17
N ALA A 15 0.15 7.92 -5.89
CA ALA A 15 0.51 6.52 -6.06
C ALA A 15 0.96 6.29 -7.50
N ASP A 16 1.48 5.09 -7.74
CA ASP A 16 1.96 4.73 -9.06
C ASP A 16 1.76 3.22 -9.28
N VAL A 17 0.96 2.64 -8.40
CA VAL A 17 0.69 1.21 -8.48
C VAL A 17 -0.51 0.88 -7.59
N VAL A 18 -1.70 0.96 -8.19
CA VAL A 18 -2.92 0.67 -7.48
C VAL A 18 -3.40 -0.74 -7.83
N ILE A 19 -3.46 -1.59 -6.82
CA ILE A 19 -3.89 -2.96 -7.01
C ILE A 19 -4.70 -3.42 -5.80
N ARG A 20 -5.91 -3.89 -6.06
CA ARG A 20 -6.78 -4.36 -5.00
C ARG A 20 -6.35 -5.74 -4.54
N THR A 21 -5.05 -5.93 -4.46
CA THR A 21 -4.49 -7.21 -4.03
C THR A 21 -4.93 -7.52 -2.60
N LYS A 22 -4.64 -8.74 -2.18
CA LYS A 22 -5.00 -9.18 -0.84
C LYS A 22 -3.75 -9.68 -0.12
N ALA A 23 -3.46 -9.05 1.01
CA ALA A 23 -2.29 -9.41 1.80
C ALA A 23 -2.70 -10.42 2.86
N VAL A 24 -2.36 -11.68 2.62
CA VAL A 24 -2.68 -12.75 3.55
C VAL A 24 -1.42 -13.20 4.27
N SER A 25 -0.31 -13.19 3.53
CA SER A 25 0.97 -13.58 4.08
C SER A 25 1.93 -12.39 4.11
N GLU A 26 3.01 -12.57 4.85
CA GLU A 26 4.01 -11.52 4.97
C GLU A 26 5.40 -12.12 5.17
N LYS A 27 6.38 -11.24 5.30
CA LYS A 27 7.76 -11.68 5.49
C LYS A 27 8.49 -10.64 6.35
N GLU A 28 8.87 -11.07 7.55
CA GLU A 28 9.58 -10.20 8.47
C GLU A 28 11.04 -10.03 8.03
N VAL A 29 11.26 -9.01 7.21
CA VAL A 29 12.60 -8.73 6.71
C VAL A 29 13.24 -7.64 7.57
N ASP A 30 14.00 -8.09 8.56
CA ASP A 30 14.68 -7.17 9.46
C ASP A 30 15.33 -6.06 8.64
N SER A 31 15.35 -4.87 9.23
CA SER A 31 15.94 -3.71 8.58
C SER A 31 16.87 -2.98 9.55
N GLY A 32 17.21 -3.66 10.63
CA GLY A 32 18.08 -3.08 11.64
C GLY A 32 17.37 -1.97 12.41
N ASN A 33 18.13 -1.31 13.27
CA ASN A 33 17.59 -0.22 14.07
C ASN A 33 17.62 1.07 13.25
N ASP A 34 16.88 2.06 13.74
CA ASP A 34 16.82 3.35 13.07
C ASP A 34 17.83 4.30 13.71
N ILE A 35 17.63 5.58 13.47
CA ILE A 35 18.52 6.60 14.01
C ILE A 35 18.13 6.89 15.47
N TYR A 36 17.12 6.17 15.93
CA TYR A 36 16.65 6.33 17.30
C TYR A 36 17.02 5.12 18.15
N GLY A 37 17.68 4.16 17.52
CA GLY A 37 18.09 2.95 18.21
C GLY A 37 16.99 1.90 18.18
N ASN A 38 15.83 2.32 17.71
CA ASN A 38 14.69 1.42 17.62
C ASN A 38 14.85 0.52 16.39
N PRO A 39 14.22 -0.68 16.48
CA PRO A 39 14.27 -1.64 15.38
C PRO A 39 13.38 -1.20 14.22
N ILE A 40 13.97 -1.20 13.03
CA ILE A 40 13.24 -0.81 11.84
C ILE A 40 12.22 -1.90 11.48
N LYS A 41 12.69 -2.91 10.78
CA LYS A 41 11.85 -4.01 10.38
C LYS A 41 10.86 -3.52 9.32
N ARG A 42 10.87 -4.21 8.18
CA ARG A 42 9.99 -3.87 7.08
C ARG A 42 9.24 -5.10 6.59
N ILE A 43 8.35 -5.60 7.44
CA ILE A 43 7.57 -6.78 7.10
C ILE A 43 7.11 -6.68 5.64
N GLN A 44 7.05 -7.83 5.01
CA GLN A 44 6.63 -7.89 3.61
C GLN A 44 5.11 -8.04 3.53
N TYR A 45 4.63 -8.16 2.29
CA TYR A 45 3.20 -8.31 2.06
C TYR A 45 2.93 -9.37 1.00
N GLU A 46 3.20 -10.61 1.36
CA GLU A 46 2.99 -11.73 0.46
C GLU A 46 1.50 -11.85 0.11
N ILE A 47 1.02 -10.86 -0.63
CA ILE A 47 -0.38 -10.85 -1.04
C ILE A 47 -0.63 -12.00 -2.01
N LYS A 48 -1.85 -12.05 -2.50
CA LYS A 48 -2.25 -13.11 -3.43
C LYS A 48 -2.65 -12.47 -4.77
N GLN A 49 -2.66 -11.16 -4.78
CA GLN A 49 -3.02 -10.42 -5.98
C GLN A 49 -4.39 -10.87 -6.49
N ILE A 50 -5.34 -9.94 -6.43
CA ILE A 50 -6.69 -10.23 -6.88
C ILE A 50 -7.08 -9.25 -7.98
N LYS A 51 -6.59 -8.02 -7.84
CA LYS A 51 -6.88 -6.98 -8.82
C LYS A 51 -5.65 -6.07 -8.95
N MET A 52 -5.63 -5.35 -10.07
CA MET A 52 -4.53 -4.42 -10.32
C MET A 52 -5.03 -3.13 -10.95
N PHE A 53 -5.77 -2.36 -10.15
CA PHE A 53 -6.31 -1.10 -10.61
C PHE A 53 -5.34 -0.40 -11.56
N LYS A 54 -4.35 0.26 -10.98
CA LYS A 54 -3.36 0.98 -11.77
C LYS A 54 -1.96 0.52 -11.34
N GLY A 55 -1.65 -0.71 -11.69
CA GLY A 55 -0.35 -1.28 -11.36
C GLY A 55 0.44 -1.64 -12.62
N PRO A 56 1.48 -2.49 -12.42
CA PRO A 56 2.31 -2.92 -13.53
C PRO A 56 1.59 -3.96 -14.39
N GLU A 57 2.34 -4.55 -15.31
CA GLU A 57 1.79 -5.56 -16.19
C GLU A 57 2.07 -6.96 -15.65
N LYS A 58 3.22 -7.08 -15.00
CA LYS A 58 3.62 -8.36 -14.43
C LYS A 58 2.78 -8.65 -13.18
N ASP A 59 3.18 -8.03 -12.08
CA ASP A 59 2.47 -8.20 -10.82
C ASP A 59 3.45 -8.03 -9.66
N ILE A 60 2.89 -7.85 -8.48
CA ILE A 60 3.71 -7.68 -7.28
C ILE A 60 3.63 -8.95 -6.43
N GLU A 61 2.53 -9.07 -5.70
CA GLU A 61 2.33 -10.23 -4.84
C GLU A 61 3.22 -10.13 -3.60
N PHE A 62 4.08 -9.13 -3.61
CA PHE A 62 4.99 -8.91 -2.50
C PHE A 62 5.25 -7.41 -2.28
N ILE A 63 4.49 -6.84 -1.36
CA ILE A 63 4.63 -5.44 -1.05
C ILE A 63 5.46 -5.28 0.23
N TYR A 64 5.78 -4.03 0.54
CA TYR A 64 6.56 -3.73 1.72
C TYR A 64 5.84 -2.73 2.62
N THR A 65 6.14 -2.80 3.91
CA THR A 65 5.53 -1.90 4.88
C THR A 65 6.22 -2.04 6.24
N ALA A 66 5.56 -1.52 7.26
CA ALA A 66 6.09 -1.57 8.61
C ALA A 66 5.33 -2.63 9.41
N PRO A 67 6.03 -3.19 10.44
CA PRO A 67 5.42 -4.20 11.29
C PRO A 67 4.42 -3.58 12.25
N SER A 68 4.12 -4.33 13.32
CA SER A 68 3.19 -3.86 14.32
C SER A 68 1.80 -3.69 13.71
N SER A 69 0.98 -2.91 14.38
CA SER A 69 -0.38 -2.65 13.91
C SER A 69 -0.36 -1.56 12.84
N ALA A 70 0.73 -1.54 12.08
CA ALA A 70 0.87 -0.56 11.02
C ALA A 70 1.38 0.75 11.62
N VAL A 71 2.68 0.98 11.44
CA VAL A 71 3.30 2.18 11.96
C VAL A 71 3.68 3.10 10.79
N CYS A 72 4.18 2.47 9.73
CA CYS A 72 4.59 3.21 8.55
C CYS A 72 3.79 2.69 7.36
N GLY A 73 2.75 1.93 7.67
CA GLY A 73 1.89 1.36 6.64
C GLY A 73 0.48 1.13 7.17
N VAL A 74 -0.20 0.16 6.57
CA VAL A 74 -1.55 -0.17 6.97
C VAL A 74 -1.58 -1.59 7.55
N SER A 75 -0.40 -2.18 7.64
CA SER A 75 -0.28 -3.53 8.18
C SER A 75 -1.57 -4.30 7.94
N LEU A 76 -1.67 -4.84 6.72
CA LEU A 76 -2.84 -5.62 6.34
C LEU A 76 -2.50 -7.10 6.38
N ASP A 77 -3.46 -7.89 6.84
CA ASP A 77 -3.28 -9.33 6.93
C ASP A 77 -4.42 -10.03 6.20
N VAL A 78 -5.31 -9.23 5.64
CA VAL A 78 -6.45 -9.76 4.91
C VAL A 78 -7.42 -10.42 5.90
N GLY A 79 -6.88 -11.36 6.65
CA GLY A 79 -7.68 -12.09 7.62
C GLY A 79 -8.36 -11.12 8.60
N GLY A 80 -7.92 -9.87 8.54
CA GLY A 80 -8.48 -8.85 9.40
C GLY A 80 -9.14 -7.74 8.58
N LYS A 81 -8.82 -7.73 7.30
CA LYS A 81 -9.39 -6.73 6.39
C LYS A 81 -10.09 -7.44 5.24
N LYS A 82 -9.32 -7.71 4.20
CA LYS A 82 -9.85 -8.38 3.02
C LYS A 82 -8.92 -8.14 1.83
N GLU A 83 -8.80 -6.88 1.46
CA GLU A 83 -7.95 -6.50 0.35
C GLU A 83 -7.78 -4.98 0.30
N TYR A 84 -6.84 -4.54 -0.53
CA TYR A 84 -6.57 -3.13 -0.67
C TYR A 84 -6.01 -2.81 -2.06
N LEU A 85 -6.25 -1.59 -2.50
CA LEU A 85 -5.78 -1.16 -3.81
C LEU A 85 -4.33 -0.70 -3.69
N ILE A 86 -3.78 -0.85 -2.49
CA ILE A 86 -2.41 -0.45 -2.24
C ILE A 86 -1.88 0.36 -3.41
N ALA A 87 -1.86 1.67 -3.23
CA ALA A 87 -1.39 2.57 -4.28
C ALA A 87 -0.36 3.53 -3.68
N GLY A 88 0.90 3.24 -3.95
CA GLY A 88 1.98 4.07 -3.45
C GLY A 88 3.25 3.90 -4.30
N LYS A 89 4.15 4.86 -4.15
CA LYS A 89 5.40 4.83 -4.90
C LYS A 89 5.87 3.37 -5.03
N ALA A 90 5.55 2.79 -6.18
CA ALA A 90 5.93 1.42 -6.45
C ALA A 90 7.45 1.30 -6.42
N GLU A 91 7.92 0.07 -6.56
CA GLU A 91 9.36 -0.18 -6.56
C GLU A 91 9.76 -0.92 -7.84
N GLY A 92 8.80 -1.10 -8.73
CA GLY A 92 9.05 -1.77 -9.98
C GLY A 92 7.98 -2.83 -10.25
N ASP A 93 8.42 -4.08 -10.28
CA ASP A 93 7.51 -5.18 -10.53
C ASP A 93 7.86 -6.34 -9.59
N GLY A 94 6.81 -6.97 -9.08
CA GLY A 94 6.97 -8.09 -8.16
C GLY A 94 7.22 -7.59 -6.74
N LYS A 95 7.29 -6.27 -6.60
CA LYS A 95 7.52 -5.66 -5.30
C LYS A 95 7.44 -4.14 -5.44
N MET A 96 6.89 -3.51 -4.42
CA MET A 96 6.75 -2.06 -4.42
C MET A 96 6.91 -1.51 -3.00
N HIS A 97 6.59 -0.22 -2.87
CA HIS A 97 6.69 0.44 -1.58
C HIS A 97 5.36 1.10 -1.24
N ILE A 98 4.93 0.90 -0.01
CA ILE A 98 3.67 1.46 0.45
C ILE A 98 3.80 1.85 1.92
N THR A 99 3.19 2.98 2.27
CA THR A 99 3.23 3.46 3.64
C THR A 99 1.87 4.05 4.03
N LEU A 100 1.67 4.14 5.34
CA LEU A 100 0.42 4.68 5.88
C LEU A 100 0.19 6.08 5.30
N CYS A 101 1.26 6.86 5.28
CA CYS A 101 1.18 8.22 4.77
C CYS A 101 0.83 8.15 3.28
N ASP A 102 1.32 7.11 2.64
CA ASP A 102 1.05 6.91 1.22
C ASP A 102 -0.40 6.45 1.03
N PHE A 103 -0.84 6.50 -0.22
CA PHE A 103 -2.19 6.09 -0.55
C PHE A 103 -2.36 4.57 -0.40
N ILE A 104 -3.26 4.20 0.50
CA ILE A 104 -3.53 2.79 0.73
C ILE A 104 -4.83 2.65 1.53
N VAL A 105 -5.65 1.71 1.11
CA VAL A 105 -6.92 1.46 1.77
C VAL A 105 -7.35 0.01 1.53
N PRO A 106 -8.24 -0.48 2.42
CA PRO A 106 -8.74 -1.84 2.31
C PRO A 106 -9.76 -1.97 1.18
N TRP A 107 -9.84 -0.91 0.37
CA TRP A 107 -10.77 -0.89 -0.74
C TRP A 107 -12.18 -0.77 -0.19
N ASP A 108 -12.56 -1.75 0.62
CA ASP A 108 -13.88 -1.76 1.23
C ASP A 108 -13.96 -0.65 2.27
N THR A 109 -13.61 0.55 1.85
CA THR A 109 -13.65 1.70 2.73
C THR A 109 -13.72 2.99 1.93
N LEU A 110 -12.71 3.19 1.09
CA LEU A 110 -12.65 4.39 0.26
C LEU A 110 -13.64 5.42 0.78
N SER A 111 -14.73 5.59 0.04
CA SER A 111 -15.75 6.54 0.42
C SER A 111 -16.40 7.13 -0.83
N THR A 112 -15.56 7.44 -1.81
CA THR A 112 -16.03 8.01 -3.06
C THR A 112 -14.88 8.71 -3.79
N THR A 113 -14.39 9.78 -3.17
CA THR A 113 -13.29 10.53 -3.75
C THR A 113 -12.16 9.60 -4.17
N GLN A 114 -12.07 8.47 -3.49
CA GLN A 114 -11.05 7.48 -3.78
C GLN A 114 -11.48 6.61 -4.95
N LYS A 115 -12.78 6.38 -5.04
CA LYS A 115 -13.33 5.55 -6.10
C LYS A 115 -13.28 6.33 -7.42
N LYS A 116 -13.64 7.60 -7.33
CA LYS A 116 -13.65 8.47 -8.50
C LYS A 116 -12.22 8.54 -9.07
N SER A 117 -11.26 8.23 -8.22
CA SER A 117 -9.87 8.27 -8.62
C SER A 117 -9.45 6.90 -9.19
N LEU A 118 -10.28 5.91 -8.92
CA LEU A 118 -10.02 4.56 -9.39
C LEU A 118 -10.23 4.50 -10.90
N ASN A 119 -10.98 5.47 -11.40
CA ASN A 119 -11.28 5.54 -12.82
C ASN A 119 -10.03 6.03 -13.57
N HIS A 120 -9.55 7.19 -13.16
CA HIS A 120 -8.37 7.78 -13.77
C HIS A 120 -7.29 6.70 -13.92
N ARG A 121 -6.68 6.68 -15.10
CA ARG A 121 -5.63 5.72 -15.38
C ARG A 121 -4.58 5.73 -14.26
N TYR A 122 -4.13 6.93 -13.94
CA TYR A 122 -3.14 7.10 -12.89
C TYR A 122 -2.78 8.58 -12.71
N GLN A 123 -3.40 9.19 -11.72
CA GLN A 123 -3.15 10.59 -11.42
C GLN A 123 -3.55 11.46 -12.63
N MET A 124 -4.85 11.49 -12.89
CA MET A 124 -5.37 12.27 -13.99
C MET A 124 -5.24 13.77 -13.71
N GLY A 125 -4.02 14.19 -13.44
CA GLY A 125 -3.74 15.59 -13.14
C GLY A 125 -4.74 16.13 -12.12
N CYS A 126 -5.32 15.22 -11.36
CA CYS A 126 -6.28 15.60 -10.34
C CYS A 126 -5.59 16.53 -9.34
N GLU A 127 -6.28 16.79 -8.24
CA GLU A 127 -5.75 17.66 -7.20
C GLU A 127 -6.72 17.74 -6.03
N CYS A 1 5.65 6.52 9.28
CA CYS A 1 5.81 5.68 10.45
C CYS A 1 4.82 6.16 11.53
N SER A 2 4.38 7.40 11.36
CA SER A 2 3.44 7.99 12.31
C SER A 2 2.81 9.23 11.69
N CYS A 3 2.75 9.24 10.37
CA CYS A 3 2.16 10.36 9.65
C CYS A 3 0.65 10.15 9.60
N SER A 4 -0.06 11.24 9.36
CA SER A 4 -1.51 11.19 9.27
C SER A 4 -1.94 10.87 7.84
N PRO A 5 -2.56 9.68 7.67
CA PRO A 5 -3.02 9.24 6.36
C PRO A 5 -4.30 9.99 5.96
N VAL A 6 -4.12 10.95 5.08
CA VAL A 6 -5.25 11.75 4.60
C VAL A 6 -5.28 11.71 3.07
N HIS A 7 -5.39 12.90 2.48
CA HIS A 7 -5.44 13.01 1.04
C HIS A 7 -6.31 11.89 0.46
N PRO A 8 -7.65 12.13 0.49
CA PRO A 8 -8.60 11.15 -0.03
C PRO A 8 -8.60 11.15 -1.56
N GLN A 9 -7.72 11.96 -2.13
CA GLN A 9 -7.61 12.06 -3.57
C GLN A 9 -6.14 12.14 -3.98
N GLN A 10 -5.40 12.97 -3.25
CA GLN A 10 -3.98 13.15 -3.55
C GLN A 10 -3.23 11.84 -3.32
N ALA A 11 -3.95 10.85 -2.80
CA ALA A 11 -3.37 9.56 -2.53
C ALA A 11 -3.37 8.73 -3.82
N PHE A 12 -4.45 8.88 -4.58
CA PHE A 12 -4.57 8.15 -5.83
C PHE A 12 -3.92 8.91 -6.98
N CYS A 13 -3.34 10.06 -6.64
CA CYS A 13 -2.67 10.88 -7.62
C CYS A 13 -1.17 10.83 -7.37
N ASN A 14 -0.82 10.32 -6.19
CA ASN A 14 0.58 10.21 -5.81
C ASN A 14 1.06 8.78 -6.08
N ALA A 15 0.17 7.84 -5.83
CA ALA A 15 0.50 6.43 -6.04
C ALA A 15 0.95 6.23 -7.48
N ASP A 16 1.43 5.03 -7.76
CA ASP A 16 1.89 4.69 -9.09
C ASP A 16 1.74 3.19 -9.31
N VAL A 17 0.94 2.58 -8.46
CA VAL A 17 0.70 1.14 -8.55
C VAL A 17 -0.49 0.78 -7.67
N VAL A 18 -1.68 0.94 -8.23
CA VAL A 18 -2.90 0.63 -7.50
C VAL A 18 -3.37 -0.78 -7.88
N ILE A 19 -3.46 -1.63 -6.87
CA ILE A 19 -3.90 -3.00 -7.08
C ILE A 19 -4.72 -3.46 -5.87
N ARG A 20 -5.92 -3.92 -6.16
CA ARG A 20 -6.81 -4.40 -5.11
C ARG A 20 -6.40 -5.80 -4.66
N THR A 21 -5.09 -5.98 -4.56
CA THR A 21 -4.55 -7.26 -4.13
C THR A 21 -5.00 -7.59 -2.71
N LYS A 22 -4.63 -8.78 -2.26
CA LYS A 22 -4.99 -9.23 -0.93
C LYS A 22 -3.74 -9.73 -0.21
N ALA A 23 -3.43 -9.09 0.90
CA ALA A 23 -2.27 -9.46 1.69
C ALA A 23 -2.69 -10.46 2.77
N VAL A 24 -2.36 -11.72 2.53
CA VAL A 24 -2.70 -12.79 3.46
C VAL A 24 -1.44 -13.22 4.20
N SER A 25 -0.34 -13.24 3.46
CA SER A 25 0.94 -13.64 4.03
C SER A 25 1.90 -12.44 4.06
N GLU A 26 2.97 -12.60 4.82
CA GLU A 26 3.96 -11.54 4.95
C GLU A 26 5.34 -12.15 5.22
N LYS A 27 6.30 -11.26 5.44
CA LYS A 27 7.67 -11.68 5.71
C LYS A 27 8.37 -10.64 6.58
N GLU A 28 8.65 -11.04 7.81
CA GLU A 28 9.31 -10.16 8.75
C GLU A 28 10.80 -10.04 8.42
N VAL A 29 11.11 -9.06 7.58
CA VAL A 29 12.49 -8.82 7.16
C VAL A 29 13.09 -7.71 8.02
N ASP A 30 13.49 -8.09 9.23
CA ASP A 30 14.09 -7.13 10.15
C ASP A 30 15.10 -6.27 9.40
N SER A 31 15.13 -4.99 9.76
CA SER A 31 16.04 -4.05 9.14
C SER A 31 16.84 -3.32 10.21
N GLY A 32 17.08 -4.00 11.31
CA GLY A 32 17.83 -3.43 12.42
C GLY A 32 17.15 -2.16 12.94
N ASN A 33 17.88 -1.44 13.78
CA ASN A 33 17.36 -0.21 14.36
C ASN A 33 17.60 0.94 13.38
N ASP A 34 16.91 2.04 13.64
CA ASP A 34 17.03 3.21 12.80
C ASP A 34 18.06 4.17 13.40
N ILE A 35 18.00 5.42 12.96
CA ILE A 35 18.91 6.43 13.46
C ILE A 35 18.41 6.95 14.80
N TYR A 36 17.30 6.38 15.24
CA TYR A 36 16.72 6.77 16.51
C TYR A 36 16.90 5.68 17.57
N GLY A 37 17.51 4.59 17.14
CA GLY A 37 17.76 3.47 18.05
C GLY A 37 16.57 2.50 18.04
N ASN A 38 15.50 2.94 17.40
CA ASN A 38 14.29 2.12 17.31
C ASN A 38 14.50 1.04 16.25
N PRO A 39 13.76 -0.08 16.43
CA PRO A 39 13.84 -1.20 15.50
C PRO A 39 13.09 -0.88 14.20
N ILE A 40 13.79 -1.08 13.09
CA ILE A 40 13.20 -0.82 11.79
C ILE A 40 12.20 -1.93 11.46
N LYS A 41 12.68 -2.92 10.73
CA LYS A 41 11.83 -4.04 10.33
C LYS A 41 10.84 -3.57 9.26
N ARG A 42 10.87 -4.28 8.14
CA ARG A 42 9.99 -3.95 7.02
C ARG A 42 9.23 -5.20 6.58
N ILE A 43 8.28 -5.60 7.39
CA ILE A 43 7.47 -6.77 7.10
C ILE A 43 7.03 -6.71 5.63
N GLN A 44 6.99 -7.89 5.02
CA GLN A 44 6.60 -7.99 3.62
C GLN A 44 5.08 -8.11 3.51
N TYR A 45 4.61 -8.23 2.27
CA TYR A 45 3.20 -8.34 2.01
C TYR A 45 2.92 -9.41 0.94
N GLU A 46 3.17 -10.65 1.31
CA GLU A 46 2.96 -11.77 0.41
C GLU A 46 1.47 -11.88 0.05
N ILE A 47 1.02 -10.92 -0.73
CA ILE A 47 -0.38 -10.89 -1.14
C ILE A 47 -0.65 -12.06 -2.09
N LYS A 48 -1.88 -12.12 -2.59
CA LYS A 48 -2.26 -13.18 -3.51
C LYS A 48 -2.71 -12.57 -4.82
N GLN A 49 -2.74 -11.23 -4.85
CA GLN A 49 -3.15 -10.52 -6.04
C GLN A 49 -4.56 -10.91 -6.44
N ILE A 50 -5.43 -9.91 -6.53
CA ILE A 50 -6.82 -10.15 -6.90
C ILE A 50 -7.20 -9.17 -8.02
N LYS A 51 -6.69 -7.97 -7.92
CA LYS A 51 -6.98 -6.94 -8.90
C LYS A 51 -5.78 -5.99 -9.02
N MET A 52 -5.67 -5.36 -10.18
CA MET A 52 -4.58 -4.42 -10.42
C MET A 52 -5.10 -3.13 -11.04
N PHE A 53 -5.77 -2.34 -10.21
CA PHE A 53 -6.32 -1.08 -10.66
C PHE A 53 -5.38 -0.39 -11.65
N LYS A 54 -4.30 0.15 -11.11
CA LYS A 54 -3.31 0.83 -11.93
C LYS A 54 -1.90 0.40 -11.50
N GLY A 55 -1.53 -0.80 -11.92
CA GLY A 55 -0.23 -1.34 -11.59
C GLY A 55 0.53 -1.74 -12.85
N PRO A 56 1.59 -2.58 -12.64
CA PRO A 56 2.41 -3.04 -13.74
C PRO A 56 1.68 -4.11 -14.56
N GLU A 57 2.39 -4.65 -15.54
CA GLU A 57 1.81 -5.67 -16.39
C GLU A 57 2.08 -7.06 -15.81
N LYS A 58 3.22 -7.17 -15.15
CA LYS A 58 3.60 -8.44 -14.53
C LYS A 58 2.77 -8.66 -13.25
N ASP A 59 3.18 -7.99 -12.19
CA ASP A 59 2.49 -8.10 -10.93
C ASP A 59 3.49 -7.94 -9.79
N ILE A 60 2.95 -7.79 -8.58
CA ILE A 60 3.80 -7.62 -7.41
C ILE A 60 3.74 -8.89 -6.56
N GLU A 61 2.62 -9.03 -5.84
CA GLU A 61 2.43 -10.20 -4.98
C GLU A 61 3.33 -10.10 -3.75
N PHE A 62 4.23 -9.13 -3.78
CA PHE A 62 5.14 -8.92 -2.67
C PHE A 62 5.37 -7.43 -2.43
N ILE A 63 4.61 -6.90 -1.48
CA ILE A 63 4.71 -5.49 -1.12
C ILE A 63 5.50 -5.35 0.18
N TYR A 64 5.90 -4.12 0.46
CA TYR A 64 6.66 -3.84 1.67
C TYR A 64 5.92 -2.83 2.55
N THR A 65 6.26 -2.85 3.83
CA THR A 65 5.64 -1.95 4.78
C THR A 65 6.32 -2.06 6.15
N ALA A 66 5.63 -1.58 7.16
CA ALA A 66 6.16 -1.62 8.52
C ALA A 66 5.35 -2.61 9.35
N PRO A 67 6.02 -3.19 10.38
CA PRO A 67 5.38 -4.14 11.26
C PRO A 67 4.42 -3.45 12.23
N SER A 68 4.07 -4.17 13.28
CA SER A 68 3.16 -3.63 14.29
C SER A 68 1.77 -3.46 13.70
N SER A 69 0.98 -2.61 14.34
CA SER A 69 -0.38 -2.35 13.89
C SER A 69 -0.36 -1.34 12.75
N ALA A 70 0.74 -1.33 12.02
CA ALA A 70 0.89 -0.41 10.90
C ALA A 70 1.42 0.92 11.40
N VAL A 71 2.74 1.07 11.30
CA VAL A 71 3.39 2.30 11.74
C VAL A 71 3.76 3.14 10.52
N CYS A 72 4.41 2.49 9.57
CA CYS A 72 4.83 3.17 8.35
C CYS A 72 3.98 2.65 7.19
N GLY A 73 2.96 1.89 7.55
CA GLY A 73 2.06 1.32 6.56
C GLY A 73 0.65 1.13 7.14
N VAL A 74 -0.06 0.16 6.56
CA VAL A 74 -1.41 -0.13 7.01
C VAL A 74 -1.46 -1.55 7.57
N SER A 75 -0.31 -2.20 7.58
CA SER A 75 -0.20 -3.55 8.09
C SER A 75 -1.51 -4.31 7.82
N LEU A 76 -1.59 -4.90 6.63
CA LEU A 76 -2.77 -5.64 6.24
C LEU A 76 -2.46 -7.13 6.32
N ASP A 77 -3.42 -7.88 6.86
CA ASP A 77 -3.27 -9.31 7.00
C ASP A 77 -4.40 -10.02 6.24
N VAL A 78 -5.32 -9.21 5.73
CA VAL A 78 -6.45 -9.73 4.98
C VAL A 78 -7.39 -10.48 5.94
N GLY A 79 -6.82 -11.44 6.65
CA GLY A 79 -7.59 -12.22 7.60
C GLY A 79 -8.43 -11.32 8.50
N GLY A 80 -8.11 -10.03 8.47
CA GLY A 80 -8.83 -9.05 9.27
C GLY A 80 -9.52 -8.02 8.39
N LYS A 81 -8.94 -7.80 7.21
CA LYS A 81 -9.50 -6.85 6.27
C LYS A 81 -10.14 -7.60 5.10
N LYS A 82 -9.37 -7.78 4.05
CA LYS A 82 -9.85 -8.48 2.87
C LYS A 82 -8.89 -8.22 1.71
N GLU A 83 -8.80 -6.96 1.31
CA GLU A 83 -7.94 -6.57 0.21
C GLU A 83 -7.78 -5.05 0.18
N TYR A 84 -6.82 -4.61 -0.62
CA TYR A 84 -6.55 -3.19 -0.76
C TYR A 84 -6.01 -2.86 -2.16
N LEU A 85 -6.24 -1.63 -2.56
CA LEU A 85 -5.77 -1.18 -3.87
C LEU A 85 -4.31 -0.74 -3.77
N ILE A 86 -3.77 -0.90 -2.57
CA ILE A 86 -2.38 -0.53 -2.32
C ILE A 86 -1.84 0.26 -3.52
N ALA A 87 -1.83 1.58 -3.35
CA ALA A 87 -1.35 2.46 -4.41
C ALA A 87 -0.26 3.37 -3.86
N GLY A 88 0.96 3.13 -4.32
CA GLY A 88 2.10 3.93 -3.87
C GLY A 88 3.10 4.14 -5.01
N LYS A 89 4.11 4.95 -4.72
CA LYS A 89 5.13 5.24 -5.70
C LYS A 89 5.54 3.96 -6.42
N ALA A 90 5.53 2.87 -5.65
CA ALA A 90 5.89 1.58 -6.19
C ALA A 90 7.42 1.44 -6.20
N GLU A 91 7.87 0.24 -6.54
CA GLU A 91 9.29 -0.04 -6.59
C GLU A 91 9.66 -0.74 -7.90
N GLY A 92 8.65 -0.90 -8.74
CA GLY A 92 8.84 -1.55 -10.03
C GLY A 92 7.80 -2.64 -10.26
N ASP A 93 8.31 -3.86 -10.43
CA ASP A 93 7.43 -5.00 -10.66
C ASP A 93 7.83 -6.13 -9.72
N GLY A 94 6.83 -6.85 -9.24
CA GLY A 94 7.05 -7.97 -8.34
C GLY A 94 7.32 -7.47 -6.92
N LYS A 95 7.36 -6.16 -6.78
CA LYS A 95 7.61 -5.55 -5.49
C LYS A 95 7.50 -4.03 -5.61
N MET A 96 6.93 -3.42 -4.59
CA MET A 96 6.75 -1.98 -4.57
C MET A 96 6.95 -1.42 -3.16
N HIS A 97 6.58 -0.16 -3.00
CA HIS A 97 6.71 0.51 -1.72
C HIS A 97 5.38 1.17 -1.34
N ILE A 98 4.91 0.85 -0.14
CA ILE A 98 3.66 1.41 0.35
C ILE A 98 3.81 1.76 1.83
N THR A 99 3.24 2.90 2.19
CA THR A 99 3.30 3.36 3.57
C THR A 99 1.93 3.90 4.01
N LEU A 100 1.80 4.08 5.32
CA LEU A 100 0.56 4.60 5.87
C LEU A 100 0.30 6.00 5.32
N CYS A 101 1.33 6.83 5.39
CA CYS A 101 1.23 8.20 4.91
C CYS A 101 0.96 8.16 3.41
N ASP A 102 1.18 6.98 2.84
CA ASP A 102 0.97 6.79 1.41
C ASP A 102 -0.45 6.32 1.16
N PHE A 103 -0.85 6.38 -0.10
CA PHE A 103 -2.19 5.95 -0.48
C PHE A 103 -2.34 4.43 -0.35
N ILE A 104 -3.22 4.04 0.56
CA ILE A 104 -3.47 2.62 0.79
C ILE A 104 -4.76 2.46 1.59
N VAL A 105 -5.64 1.60 1.10
CA VAL A 105 -6.90 1.34 1.77
C VAL A 105 -7.33 -0.09 1.50
N PRO A 106 -8.23 -0.61 2.39
CA PRO A 106 -8.73 -1.96 2.25
C PRO A 106 -9.74 -2.06 1.11
N TRP A 107 -9.82 -1.00 0.33
CA TRP A 107 -10.73 -0.95 -0.79
C TRP A 107 -12.15 -0.84 -0.24
N ASP A 108 -12.55 -1.84 0.54
CA ASP A 108 -13.86 -1.86 1.13
C ASP A 108 -13.95 -0.78 2.21
N THR A 109 -13.59 0.43 1.82
CA THR A 109 -13.61 1.55 2.75
C THR A 109 -13.67 2.87 1.97
N LEU A 110 -12.66 3.09 1.16
CA LEU A 110 -12.58 4.30 0.36
C LEU A 110 -13.57 5.33 0.90
N SER A 111 -14.66 5.51 0.15
CA SER A 111 -15.69 6.45 0.55
C SER A 111 -16.32 7.08 -0.69
N THR A 112 -15.47 7.39 -1.66
CA THR A 112 -15.93 7.99 -2.90
C THR A 112 -14.78 8.71 -3.60
N THR A 113 -14.33 9.78 -2.99
CA THR A 113 -13.24 10.57 -3.54
C THR A 113 -12.10 9.65 -3.97
N GLN A 114 -12.04 8.49 -3.34
CA GLN A 114 -11.00 7.52 -3.64
C GLN A 114 -11.41 6.67 -4.85
N LYS A 115 -12.70 6.41 -4.94
CA LYS A 115 -13.24 5.61 -6.03
C LYS A 115 -13.18 6.43 -7.33
N LYS A 116 -13.54 7.69 -7.21
CA LYS A 116 -13.53 8.58 -8.36
C LYS A 116 -12.10 8.71 -8.89
N SER A 117 -11.15 8.39 -8.02
CA SER A 117 -9.75 8.47 -8.39
C SER A 117 -9.30 7.13 -9.00
N LEU A 118 -10.13 6.12 -8.79
CA LEU A 118 -9.83 4.79 -9.32
C LEU A 118 -10.03 4.79 -10.84
N ASN A 119 -10.93 5.66 -11.28
CA ASN A 119 -11.23 5.76 -12.70
C ASN A 119 -10.23 6.72 -13.35
N HIS A 120 -9.45 7.38 -12.50
CA HIS A 120 -8.46 8.32 -12.98
C HIS A 120 -7.19 7.57 -13.40
N ARG A 121 -7.30 6.25 -13.42
CA ARG A 121 -6.18 5.40 -13.79
C ARG A 121 -5.02 5.60 -12.81
N TYR A 122 -4.22 6.62 -13.10
CA TYR A 122 -3.08 6.92 -12.26
C TYR A 122 -2.75 8.42 -12.30
N GLN A 123 -3.35 9.15 -11.37
CA GLN A 123 -3.14 10.59 -11.29
C GLN A 123 -3.51 11.25 -12.62
N MET A 124 -4.78 11.20 -12.94
CA MET A 124 -5.28 11.79 -14.17
C MET A 124 -5.19 13.32 -14.13
N GLY A 125 -3.99 13.80 -13.88
CA GLY A 125 -3.76 15.23 -13.80
C GLY A 125 -4.73 15.89 -12.82
N CYS A 126 -5.20 15.09 -11.87
CA CYS A 126 -6.13 15.57 -10.87
C CYS A 126 -5.47 16.75 -10.13
N GLU A 127 -6.13 17.17 -9.05
CA GLU A 127 -5.62 18.28 -8.26
C GLU A 127 -6.55 18.55 -7.08
N CYS A 1 6.85 7.28 8.92
CA CYS A 1 6.14 6.54 9.95
C CYS A 1 5.26 7.51 10.73
N SER A 2 4.37 6.95 11.53
CA SER A 2 3.47 7.75 12.34
C SER A 2 2.99 8.97 11.53
N CYS A 3 2.96 8.79 10.22
CA CYS A 3 2.53 9.86 9.33
C CYS A 3 1.00 9.96 9.42
N SER A 4 0.49 11.09 8.92
CA SER A 4 -0.95 11.32 8.94
C SER A 4 -1.55 10.97 7.58
N PRO A 5 -2.34 9.87 7.58
CA PRO A 5 -2.97 9.42 6.35
C PRO A 5 -4.17 10.30 6.00
N VAL A 6 -4.01 11.01 4.89
CA VAL A 6 -5.06 11.91 4.43
C VAL A 6 -5.17 11.82 2.90
N HIS A 7 -5.20 12.99 2.28
CA HIS A 7 -5.30 13.06 0.83
C HIS A 7 -6.26 11.98 0.32
N PRO A 8 -7.55 12.38 0.13
CA PRO A 8 -8.57 11.46 -0.34
C PRO A 8 -8.39 11.18 -1.83
N GLN A 9 -7.73 12.11 -2.50
CA GLN A 9 -7.49 11.97 -3.93
C GLN A 9 -6.00 12.06 -4.23
N GLN A 10 -5.35 13.01 -3.57
CA GLN A 10 -3.93 13.22 -3.76
C GLN A 10 -3.16 11.91 -3.51
N ALA A 11 -3.88 10.94 -2.96
CA ALA A 11 -3.29 9.65 -2.66
C ALA A 11 -3.31 8.78 -3.93
N PHE A 12 -4.39 8.92 -4.69
CA PHE A 12 -4.54 8.16 -5.92
C PHE A 12 -3.92 8.90 -7.10
N CYS A 13 -3.36 10.06 -6.81
CA CYS A 13 -2.73 10.87 -7.84
C CYS A 13 -1.21 10.83 -7.62
N ASN A 14 -0.83 10.38 -6.43
CA ASN A 14 0.58 10.29 -6.09
C ASN A 14 1.07 8.86 -6.32
N ALA A 15 0.19 7.91 -6.03
CA ALA A 15 0.52 6.51 -6.20
C ALA A 15 0.96 6.27 -7.64
N ASP A 16 1.40 5.04 -7.89
CA ASP A 16 1.85 4.68 -9.23
C ASP A 16 1.73 3.16 -9.40
N VAL A 17 0.94 2.56 -8.52
CA VAL A 17 0.74 1.11 -8.56
C VAL A 17 -0.46 0.74 -7.69
N VAL A 18 -1.64 0.97 -8.23
CA VAL A 18 -2.87 0.67 -7.52
C VAL A 18 -3.35 -0.74 -7.90
N ILE A 19 -3.40 -1.60 -6.89
CA ILE A 19 -3.84 -2.97 -7.11
C ILE A 19 -4.62 -3.44 -5.88
N ARG A 20 -5.83 -3.90 -6.14
CA ARG A 20 -6.69 -4.38 -5.08
C ARG A 20 -6.25 -5.79 -4.63
N THR A 21 -4.94 -5.96 -4.55
CA THR A 21 -4.38 -7.23 -4.15
C THR A 21 -4.84 -7.60 -2.73
N LYS A 22 -4.54 -8.82 -2.34
CA LYS A 22 -4.91 -9.30 -1.02
C LYS A 22 -3.67 -9.79 -0.28
N ALA A 23 -3.40 -9.13 0.84
CA ALA A 23 -2.24 -9.48 1.65
C ALA A 23 -2.66 -10.48 2.73
N VAL A 24 -2.28 -11.72 2.53
CA VAL A 24 -2.61 -12.78 3.48
C VAL A 24 -1.34 -13.23 4.21
N SER A 25 -0.24 -13.25 3.45
CA SER A 25 1.03 -13.66 4.00
C SER A 25 2.00 -12.48 4.04
N GLU A 26 3.05 -12.63 4.82
CA GLU A 26 4.05 -11.57 4.95
C GLU A 26 5.43 -12.18 5.20
N LYS A 27 6.39 -11.30 5.41
CA LYS A 27 7.76 -11.73 5.66
C LYS A 27 8.48 -10.68 6.51
N GLU A 28 8.84 -11.10 7.71
CA GLU A 28 9.54 -10.21 8.63
C GLU A 28 10.98 -10.04 8.20
N VAL A 29 11.22 -8.99 7.41
CA VAL A 29 12.56 -8.70 6.93
C VAL A 29 13.17 -7.60 7.79
N ASP A 30 13.92 -8.02 8.81
CA ASP A 30 14.56 -7.08 9.70
C ASP A 30 15.23 -5.97 8.88
N SER A 31 15.19 -4.77 9.42
CA SER A 31 15.78 -3.62 8.75
C SER A 31 16.67 -2.84 9.72
N GLY A 32 17.02 -3.52 10.81
CA GLY A 32 17.87 -2.91 11.83
C GLY A 32 17.14 -1.78 12.55
N ASN A 33 17.87 -1.09 13.41
CA ASN A 33 17.31 0.02 14.16
C ASN A 33 17.36 1.29 13.31
N ASP A 34 16.62 2.29 13.77
CA ASP A 34 16.57 3.56 13.06
C ASP A 34 17.58 4.52 13.69
N ILE A 35 17.37 5.81 13.41
CA ILE A 35 18.25 6.84 13.94
C ILE A 35 17.85 7.15 15.39
N TYR A 36 16.83 6.44 15.85
CA TYR A 36 16.34 6.64 17.21
C TYR A 36 16.70 5.44 18.10
N GLY A 37 17.35 4.47 17.49
CA GLY A 37 17.76 3.27 18.22
C GLY A 37 16.65 2.22 18.20
N ASN A 38 15.49 2.63 17.70
CA ASN A 38 14.35 1.73 17.63
C ASN A 38 14.53 0.79 16.42
N PRO A 39 13.89 -0.40 16.54
CA PRO A 39 13.98 -1.40 15.47
C PRO A 39 13.10 -1.00 14.29
N ILE A 40 13.70 -1.03 13.10
CA ILE A 40 12.99 -0.67 11.88
C ILE A 40 12.00 -1.78 11.55
N LYS A 41 12.51 -2.80 10.87
CA LYS A 41 11.68 -3.93 10.47
C LYS A 41 10.70 -3.48 9.39
N ARG A 42 10.75 -4.18 8.26
CA ARG A 42 9.88 -3.87 7.14
C ARG A 42 9.17 -5.13 6.65
N ILE A 43 8.26 -5.62 7.48
CA ILE A 43 7.50 -6.83 7.14
C ILE A 43 7.08 -6.76 5.67
N GLN A 44 7.04 -7.92 5.04
CA GLN A 44 6.66 -8.01 3.65
C GLN A 44 5.13 -8.14 3.53
N TYR A 45 4.68 -8.24 2.29
CA TYR A 45 3.25 -8.37 2.03
C TYR A 45 2.99 -9.43 0.95
N GLU A 46 3.25 -10.68 1.31
CA GLU A 46 3.05 -11.78 0.39
C GLU A 46 1.57 -11.90 0.02
N ILE A 47 1.09 -10.91 -0.73
CA ILE A 47 -0.30 -10.89 -1.15
C ILE A 47 -0.55 -12.07 -2.10
N LYS A 48 -1.77 -12.10 -2.62
CA LYS A 48 -2.14 -13.16 -3.55
C LYS A 48 -2.62 -12.54 -4.86
N GLN A 49 -2.60 -11.21 -4.89
CA GLN A 49 -3.03 -10.48 -6.07
C GLN A 49 -4.47 -10.86 -6.44
N ILE A 50 -5.30 -9.85 -6.60
CA ILE A 50 -6.69 -10.07 -6.95
C ILE A 50 -7.08 -9.10 -8.07
N LYS A 51 -6.54 -7.89 -7.98
CA LYS A 51 -6.83 -6.87 -8.97
C LYS A 51 -5.57 -6.03 -9.21
N MET A 52 -5.63 -5.24 -10.27
CA MET A 52 -4.50 -4.38 -10.62
C MET A 52 -4.99 -3.08 -11.26
N PHE A 53 -5.70 -2.29 -10.46
CA PHE A 53 -6.22 -1.02 -10.93
C PHE A 53 -5.20 -0.30 -11.82
N LYS A 54 -4.21 0.28 -11.17
CA LYS A 54 -3.17 1.00 -11.88
C LYS A 54 -1.80 0.47 -11.45
N GLY A 55 -1.50 -0.74 -11.88
CA GLY A 55 -0.24 -1.38 -11.54
C GLY A 55 0.46 -1.90 -12.79
N PRO A 56 1.39 -2.86 -12.58
CA PRO A 56 2.14 -3.45 -13.68
C PRO A 56 1.27 -4.41 -14.49
N GLU A 57 1.90 -5.09 -15.43
CA GLU A 57 1.20 -6.05 -16.27
C GLU A 57 1.20 -7.42 -15.62
N LYS A 58 2.29 -7.73 -14.94
CA LYS A 58 2.43 -9.00 -14.26
C LYS A 58 1.70 -8.95 -12.92
N ASP A 59 2.36 -8.32 -11.95
CA ASP A 59 1.80 -8.19 -10.61
C ASP A 59 2.93 -8.08 -9.60
N ILE A 60 2.54 -7.77 -8.37
CA ILE A 60 3.51 -7.63 -7.29
C ILE A 60 3.56 -8.93 -6.49
N GLU A 61 2.51 -9.15 -5.71
CA GLU A 61 2.43 -10.34 -4.89
C GLU A 61 3.38 -10.24 -3.69
N PHE A 62 4.19 -9.20 -3.72
CA PHE A 62 5.15 -8.96 -2.64
C PHE A 62 5.36 -7.46 -2.42
N ILE A 63 4.64 -6.95 -1.42
CA ILE A 63 4.74 -5.54 -1.10
C ILE A 63 5.52 -5.38 0.21
N TYR A 64 5.86 -4.14 0.52
CA TYR A 64 6.60 -3.84 1.74
C TYR A 64 5.83 -2.85 2.62
N THR A 65 6.14 -2.90 3.91
CA THR A 65 5.49 -2.02 4.86
C THR A 65 6.13 -2.16 6.24
N ALA A 66 5.44 -1.63 7.24
CA ALA A 66 5.94 -1.69 8.61
C ALA A 66 5.20 -2.78 9.37
N PRO A 67 5.87 -3.30 10.43
CA PRO A 67 5.29 -4.34 11.26
C PRO A 67 4.20 -3.78 12.17
N SER A 68 3.83 -4.59 13.15
CA SER A 68 2.80 -4.19 14.10
C SER A 68 1.49 -3.90 13.35
N SER A 69 0.52 -3.37 14.10
CA SER A 69 -0.76 -3.05 13.52
C SER A 69 -0.59 -2.14 12.30
N ALA A 70 0.43 -1.29 12.38
CA ALA A 70 0.72 -0.37 11.29
C ALA A 70 1.33 0.90 11.87
N VAL A 71 2.62 1.08 11.59
CA VAL A 71 3.33 2.25 12.08
C VAL A 71 3.80 3.08 10.88
N CYS A 72 4.18 2.38 9.82
CA CYS A 72 4.65 3.04 8.62
C CYS A 72 3.87 2.47 7.43
N GLY A 73 2.74 1.83 7.74
CA GLY A 73 1.90 1.24 6.72
C GLY A 73 0.48 1.02 7.23
N VAL A 74 -0.18 0.04 6.64
CA VAL A 74 -1.54 -0.29 7.03
C VAL A 74 -1.58 -1.71 7.58
N SER A 75 -0.42 -2.35 7.57
CA SER A 75 -0.31 -3.70 8.07
C SER A 75 -1.59 -4.49 7.77
N LEU A 76 -1.64 -5.04 6.56
CA LEU A 76 -2.79 -5.81 6.14
C LEU A 76 -2.45 -7.30 6.15
N ASP A 77 -3.35 -8.09 6.71
CA ASP A 77 -3.16 -9.52 6.78
C ASP A 77 -4.32 -10.23 6.10
N VAL A 78 -5.24 -9.43 5.57
CA VAL A 78 -6.40 -9.97 4.88
C VAL A 78 -7.35 -10.58 5.92
N GLY A 79 -6.83 -11.55 6.65
CA GLY A 79 -7.60 -12.23 7.67
C GLY A 79 -8.21 -11.23 8.65
N GLY A 80 -7.76 -9.98 8.54
CA GLY A 80 -8.25 -8.93 9.41
C GLY A 80 -8.94 -7.83 8.60
N LYS A 81 -8.59 -7.78 7.32
CA LYS A 81 -9.17 -6.78 6.42
C LYS A 81 -9.83 -7.48 5.24
N LYS A 82 -9.06 -7.64 4.18
CA LYS A 82 -9.56 -8.29 2.98
C LYS A 82 -8.58 -8.04 1.83
N GLU A 83 -8.79 -6.93 1.14
CA GLU A 83 -7.94 -6.56 0.03
C GLU A 83 -7.82 -5.05 -0.08
N TYR A 84 -6.68 -4.60 -0.58
CA TYR A 84 -6.42 -3.18 -0.73
C TYR A 84 -5.90 -2.87 -2.14
N LEU A 85 -6.16 -1.65 -2.57
CA LEU A 85 -5.72 -1.21 -3.89
C LEU A 85 -4.27 -0.73 -3.81
N ILE A 86 -3.70 -0.87 -2.61
CA ILE A 86 -2.33 -0.46 -2.39
C ILE A 86 -1.83 0.33 -3.61
N ALA A 87 -1.76 1.65 -3.43
CA ALA A 87 -1.31 2.53 -4.49
C ALA A 87 -0.22 3.46 -3.95
N GLY A 88 1.00 3.22 -4.41
CA GLY A 88 2.13 4.02 -3.99
C GLY A 88 3.16 4.17 -5.10
N LYS A 89 4.13 5.05 -4.88
CA LYS A 89 5.16 5.28 -5.86
C LYS A 89 5.58 3.95 -6.49
N ALA A 90 5.56 2.91 -5.67
CA ALA A 90 5.93 1.58 -6.13
C ALA A 90 7.45 1.43 -6.08
N GLU A 91 7.91 0.24 -6.43
CA GLU A 91 9.33 -0.05 -6.43
C GLU A 91 9.72 -0.79 -7.71
N GLY A 92 8.76 -0.89 -8.61
CA GLY A 92 8.99 -1.57 -9.87
C GLY A 92 7.91 -2.63 -10.14
N ASP A 93 8.37 -3.86 -10.34
CA ASP A 93 7.45 -4.96 -10.60
C ASP A 93 7.77 -6.11 -9.66
N GLY A 94 6.73 -6.81 -9.23
CA GLY A 94 6.88 -7.94 -8.33
C GLY A 94 7.18 -7.46 -6.91
N LYS A 95 7.25 -6.15 -6.75
CA LYS A 95 7.52 -5.56 -5.45
C LYS A 95 7.42 -4.03 -5.56
N MET A 96 6.89 -3.43 -4.51
CA MET A 96 6.73 -2.00 -4.47
C MET A 96 6.90 -1.46 -3.04
N HIS A 97 6.56 -0.18 -2.88
CA HIS A 97 6.67 0.45 -1.57
C HIS A 97 5.34 1.12 -1.22
N ILE A 98 4.88 0.83 -0.01
CA ILE A 98 3.63 1.40 0.46
C ILE A 98 3.76 1.73 1.95
N THR A 99 3.20 2.89 2.31
CA THR A 99 3.24 3.34 3.69
C THR A 99 1.90 3.93 4.10
N LEU A 100 1.71 4.06 5.40
CA LEU A 100 0.48 4.62 5.94
C LEU A 100 0.32 6.07 5.45
N CYS A 101 1.46 6.71 5.21
CA CYS A 101 1.45 8.08 4.76
C CYS A 101 1.08 8.08 3.27
N ASP A 102 1.45 7.00 2.60
CA ASP A 102 1.17 6.86 1.17
C ASP A 102 -0.27 6.40 0.99
N PHE A 103 -0.72 6.43 -0.26
CA PHE A 103 -2.07 6.03 -0.58
C PHE A 103 -2.24 4.51 -0.44
N ILE A 104 -3.12 4.13 0.48
CA ILE A 104 -3.38 2.72 0.73
C ILE A 104 -4.68 2.58 1.53
N VAL A 105 -5.53 1.67 1.06
CA VAL A 105 -6.79 1.43 1.72
C VAL A 105 -7.25 0.01 1.43
N PRO A 106 -8.14 -0.51 2.33
CA PRO A 106 -8.65 -1.86 2.17
C PRO A 106 -9.71 -1.91 1.06
N TRP A 107 -9.83 -0.80 0.34
CA TRP A 107 -10.79 -0.71 -0.74
C TRP A 107 -12.18 -0.59 -0.12
N ASP A 108 -12.53 -1.58 0.68
CA ASP A 108 -13.82 -1.59 1.34
C ASP A 108 -13.88 -0.49 2.39
N THR A 109 -13.51 0.71 1.95
CA THR A 109 -13.52 1.87 2.84
C THR A 109 -13.58 3.16 2.03
N LEU A 110 -12.62 3.30 1.11
CA LEU A 110 -12.55 4.48 0.27
C LEU A 110 -13.58 5.52 0.77
N SER A 111 -14.64 5.65 -0.01
CA SER A 111 -15.69 6.60 0.34
C SER A 111 -16.32 7.16 -0.95
N THR A 112 -15.46 7.46 -1.90
CA THR A 112 -15.91 8.00 -3.17
C THR A 112 -14.76 8.70 -3.90
N THR A 113 -14.26 9.76 -3.27
CA THR A 113 -13.17 10.52 -3.84
C THR A 113 -12.01 9.60 -4.22
N GLN A 114 -11.96 8.47 -3.54
CA GLN A 114 -10.91 7.48 -3.80
C GLN A 114 -11.32 6.58 -4.97
N LYS A 115 -12.61 6.34 -5.07
CA LYS A 115 -13.13 5.50 -6.13
C LYS A 115 -13.06 6.26 -7.46
N LYS A 116 -13.43 7.53 -7.40
CA LYS A 116 -13.41 8.38 -8.58
C LYS A 116 -11.97 8.52 -9.08
N SER A 117 -11.04 8.10 -8.23
CA SER A 117 -9.63 8.19 -8.57
C SER A 117 -9.14 6.83 -9.07
N LEU A 118 -9.90 5.80 -8.73
CA LEU A 118 -9.56 4.45 -9.15
C LEU A 118 -9.78 4.30 -10.66
N ASN A 119 -10.70 5.12 -11.16
CA ASN A 119 -11.02 5.10 -12.59
C ASN A 119 -10.15 6.13 -13.31
N HIS A 120 -9.71 7.13 -12.56
CA HIS A 120 -8.89 8.18 -13.12
C HIS A 120 -7.42 7.73 -13.13
N ARG A 121 -7.22 6.52 -13.63
CA ARG A 121 -5.89 5.96 -13.70
C ARG A 121 -5.22 5.96 -12.32
N TYR A 122 -4.23 6.84 -12.18
CA TYR A 122 -3.50 6.95 -10.93
C TYR A 122 -3.03 8.38 -10.70
N GLN A 123 -3.55 9.29 -11.52
CA GLN A 123 -3.20 10.69 -11.42
C GLN A 123 -3.71 11.46 -12.64
N MET A 124 -5.02 11.48 -12.77
CA MET A 124 -5.66 12.17 -13.88
C MET A 124 -5.52 13.68 -13.74
N GLY A 125 -4.28 14.11 -13.59
CA GLY A 125 -3.99 15.53 -13.44
C GLY A 125 -4.89 16.16 -12.37
N CYS A 126 -5.38 15.31 -11.49
CA CYS A 126 -6.26 15.76 -10.42
C CYS A 126 -5.49 16.78 -9.57
N GLU A 127 -6.08 17.13 -8.44
CA GLU A 127 -5.46 18.09 -7.54
C GLU A 127 -6.31 18.27 -6.28
N CYS A 1 6.71 8.27 9.46
CA CYS A 1 5.98 7.14 10.01
C CYS A 1 4.85 7.68 10.89
N SER A 2 3.92 6.79 11.20
CA SER A 2 2.79 7.16 12.03
C SER A 2 2.14 8.45 11.50
N CYS A 3 2.39 8.71 10.23
CA CYS A 3 1.85 9.89 9.60
C CYS A 3 0.34 9.72 9.46
N SER A 4 -0.35 10.84 9.24
CA SER A 4 -1.79 10.82 9.09
C SER A 4 -2.17 10.50 7.64
N PRO A 5 -2.84 9.33 7.47
CA PRO A 5 -3.27 8.91 6.15
C PRO A 5 -4.48 9.72 5.67
N VAL A 6 -4.18 10.88 5.10
CA VAL A 6 -5.23 11.76 4.60
C VAL A 6 -5.28 11.66 3.07
N HIS A 7 -5.32 12.82 2.44
CA HIS A 7 -5.36 12.88 0.99
C HIS A 7 -6.33 11.82 0.47
N PRO A 8 -7.60 12.25 0.26
CA PRO A 8 -8.63 11.36 -0.24
C PRO A 8 -8.45 11.09 -1.73
N GLN A 9 -7.86 12.06 -2.40
CA GLN A 9 -7.62 11.94 -3.84
C GLN A 9 -6.12 12.04 -4.13
N GLN A 10 -5.47 12.95 -3.43
CA GLN A 10 -4.03 13.15 -3.60
C GLN A 10 -3.29 11.84 -3.35
N ALA A 11 -4.02 10.86 -2.86
CA ALA A 11 -3.43 9.56 -2.57
C ALA A 11 -3.40 8.72 -3.85
N PHE A 12 -4.47 8.84 -4.62
CA PHE A 12 -4.58 8.11 -5.88
C PHE A 12 -3.91 8.87 -7.01
N CYS A 13 -3.34 10.02 -6.67
CA CYS A 13 -2.66 10.85 -7.65
C CYS A 13 -1.16 10.80 -7.37
N ASN A 14 -0.83 10.32 -6.19
CA ASN A 14 0.57 10.21 -5.78
C ASN A 14 1.07 8.80 -6.07
N ALA A 15 0.19 7.83 -5.82
CA ALA A 15 0.54 6.44 -6.04
C ALA A 15 1.02 6.25 -7.49
N ASP A 16 1.51 5.06 -7.77
CA ASP A 16 2.00 4.75 -9.10
C ASP A 16 1.77 3.27 -9.38
N VAL A 17 0.99 2.64 -8.51
CA VAL A 17 0.68 1.22 -8.67
C VAL A 17 -0.48 0.86 -7.73
N VAL A 18 -1.69 0.94 -8.28
CA VAL A 18 -2.87 0.61 -7.52
C VAL A 18 -3.34 -0.79 -7.88
N ILE A 19 -3.44 -1.62 -6.85
CA ILE A 19 -3.87 -3.00 -7.05
C ILE A 19 -4.69 -3.45 -5.83
N ARG A 20 -5.89 -3.93 -6.12
CA ARG A 20 -6.77 -4.40 -5.06
C ARG A 20 -6.33 -5.78 -4.56
N THR A 21 -5.02 -5.96 -4.51
CA THR A 21 -4.45 -7.22 -4.06
C THR A 21 -4.89 -7.51 -2.62
N LYS A 22 -4.71 -8.77 -2.23
CA LYS A 22 -5.08 -9.19 -0.89
C LYS A 22 -3.83 -9.71 -0.17
N ALA A 23 -3.51 -9.06 0.93
CA ALA A 23 -2.35 -9.44 1.72
C ALA A 23 -2.77 -10.44 2.80
N VAL A 24 -2.51 -11.71 2.54
CA VAL A 24 -2.87 -12.75 3.48
C VAL A 24 -1.61 -13.22 4.22
N SER A 25 -0.51 -13.23 3.48
CA SER A 25 0.77 -13.66 4.05
C SER A 25 1.75 -12.48 4.06
N GLU A 26 2.77 -12.62 4.88
CA GLU A 26 3.79 -11.59 5.00
C GLU A 26 5.16 -12.21 5.28
N LYS A 27 6.15 -11.34 5.45
CA LYS A 27 7.50 -11.80 5.72
C LYS A 27 8.23 -10.73 6.56
N GLU A 28 8.52 -11.09 7.80
CA GLU A 28 9.21 -10.19 8.69
C GLU A 28 10.69 -10.09 8.31
N VAL A 29 10.99 -9.10 7.49
CA VAL A 29 12.35 -8.89 7.04
C VAL A 29 13.00 -7.77 7.87
N ASP A 30 13.44 -8.14 9.07
CA ASP A 30 14.06 -7.18 9.96
C ASP A 30 15.05 -6.33 9.18
N SER A 31 15.05 -5.04 9.49
CA SER A 31 15.94 -4.10 8.83
C SER A 31 16.79 -3.35 9.87
N GLY A 32 17.09 -4.05 10.96
CA GLY A 32 17.88 -3.46 12.03
C GLY A 32 17.22 -2.19 12.57
N ASN A 33 17.96 -1.47 13.38
CA ASN A 33 17.46 -0.24 13.98
C ASN A 33 17.65 0.91 12.98
N ASP A 34 16.98 2.01 13.27
CA ASP A 34 17.07 3.18 12.41
C ASP A 34 18.12 4.14 12.97
N ILE A 35 18.05 5.38 12.53
CA ILE A 35 18.99 6.39 12.97
C ILE A 35 18.56 6.92 14.34
N TYR A 36 17.46 6.35 14.83
CA TYR A 36 16.93 6.76 16.12
C TYR A 36 17.16 5.66 17.17
N GLY A 37 17.75 4.57 16.72
CA GLY A 37 18.03 3.45 17.60
C GLY A 37 16.84 2.49 17.65
N ASN A 38 15.74 2.92 17.06
CA ASN A 38 14.53 2.12 17.04
C ASN A 38 14.68 1.03 15.97
N PRO A 39 13.94 -0.09 16.19
CA PRO A 39 13.98 -1.21 15.25
C PRO A 39 13.19 -0.88 13.98
N ILE A 40 13.83 -1.11 12.84
CA ILE A 40 13.20 -0.85 11.56
C ILE A 40 12.18 -1.94 11.26
N LYS A 41 12.63 -2.95 10.53
CA LYS A 41 11.77 -4.06 10.16
C LYS A 41 10.75 -3.60 9.13
N ARG A 42 10.77 -4.26 7.99
CA ARG A 42 9.87 -3.94 6.90
C ARG A 42 9.10 -5.18 6.45
N ILE A 43 8.21 -5.63 7.33
CA ILE A 43 7.40 -6.81 7.04
C ILE A 43 6.99 -6.78 5.57
N GLN A 44 6.89 -7.98 4.99
CA GLN A 44 6.50 -8.10 3.59
C GLN A 44 4.98 -8.22 3.48
N TYR A 45 4.51 -8.33 2.24
CA TYR A 45 3.10 -8.45 1.98
C TYR A 45 2.82 -9.51 0.92
N GLU A 46 3.04 -10.76 1.31
CA GLU A 46 2.82 -11.88 0.40
C GLU A 46 1.34 -11.98 0.03
N ILE A 47 0.87 -10.98 -0.69
CA ILE A 47 -0.51 -10.94 -1.12
C ILE A 47 -0.78 -12.09 -2.09
N LYS A 48 -2.00 -12.12 -2.60
CA LYS A 48 -2.39 -13.17 -3.53
C LYS A 48 -2.79 -12.52 -4.87
N GLN A 49 -2.68 -11.20 -4.91
CA GLN A 49 -3.02 -10.47 -6.11
C GLN A 49 -4.39 -10.90 -6.63
N ILE A 50 -5.37 -10.01 -6.46
CA ILE A 50 -6.72 -10.29 -6.90
C ILE A 50 -7.11 -9.31 -8.01
N LYS A 51 -6.58 -8.09 -7.88
CA LYS A 51 -6.86 -7.06 -8.86
C LYS A 51 -5.62 -6.19 -9.05
N MET A 52 -5.62 -5.42 -10.13
CA MET A 52 -4.50 -4.55 -10.43
C MET A 52 -4.98 -3.24 -11.07
N PHE A 53 -5.64 -2.43 -10.26
CA PHE A 53 -6.15 -1.14 -10.74
C PHE A 53 -5.15 -0.47 -11.67
N LYS A 54 -4.13 0.11 -11.07
CA LYS A 54 -3.10 0.80 -11.84
C LYS A 54 -1.72 0.32 -11.38
N GLY A 55 -0.72 0.64 -12.19
CA GLY A 55 0.65 0.25 -11.88
C GLY A 55 1.30 -0.45 -13.07
N PRO A 56 2.03 -1.56 -12.76
CA PRO A 56 2.70 -2.33 -13.79
C PRO A 56 1.71 -3.17 -14.58
N GLU A 57 2.24 -4.15 -15.30
CA GLU A 57 1.43 -5.03 -16.11
C GLU A 57 1.60 -6.48 -15.66
N LYS A 58 2.79 -6.76 -15.16
CA LYS A 58 3.11 -8.11 -14.70
C LYS A 58 2.30 -8.41 -13.43
N ASP A 59 2.82 -7.92 -12.31
CA ASP A 59 2.15 -8.12 -11.03
C ASP A 59 3.19 -8.03 -9.91
N ILE A 60 2.70 -7.77 -8.71
CA ILE A 60 3.57 -7.66 -7.54
C ILE A 60 3.47 -8.94 -6.72
N GLU A 61 2.41 -9.02 -5.94
CA GLU A 61 2.19 -10.18 -5.08
C GLU A 61 3.10 -10.13 -3.86
N PHE A 62 4.01 -9.17 -3.89
CA PHE A 62 4.95 -9.00 -2.79
C PHE A 62 5.23 -7.52 -2.53
N ILE A 63 4.47 -6.96 -1.60
CA ILE A 63 4.64 -5.55 -1.26
C ILE A 63 5.37 -5.44 0.08
N TYR A 64 5.74 -4.22 0.42
CA TYR A 64 6.44 -3.96 1.67
C TYR A 64 5.65 -3.02 2.56
N THR A 65 6.03 -2.98 3.84
CA THR A 65 5.36 -2.13 4.80
C THR A 65 6.05 -2.24 6.16
N ALA A 66 5.45 -1.58 7.14
CA ALA A 66 5.99 -1.58 8.49
C ALA A 66 5.19 -2.56 9.35
N PRO A 67 5.90 -3.18 10.34
CA PRO A 67 5.27 -4.13 11.23
C PRO A 67 4.40 -3.42 12.26
N SER A 68 4.10 -4.14 13.34
CA SER A 68 3.28 -3.59 14.41
C SER A 68 1.92 -3.17 13.84
N SER A 69 1.16 -2.47 14.68
CA SER A 69 -0.16 -2.01 14.28
C SER A 69 -0.03 -0.90 13.23
N ALA A 70 0.68 -1.22 12.17
CA ALA A 70 0.89 -0.26 11.08
C ALA A 70 1.52 1.01 11.66
N VAL A 71 2.83 1.09 11.55
CA VAL A 71 3.57 2.24 12.04
C VAL A 71 3.95 3.14 10.86
N CYS A 72 4.24 2.49 9.75
CA CYS A 72 4.64 3.22 8.55
C CYS A 72 3.81 2.67 7.37
N GLY A 73 2.81 1.87 7.71
CA GLY A 73 1.95 1.29 6.70
C GLY A 73 0.55 1.06 7.24
N VAL A 74 -0.16 0.12 6.62
CA VAL A 74 -1.51 -0.21 7.04
C VAL A 74 -1.53 -1.65 7.57
N SER A 75 -0.37 -2.27 7.57
CA SER A 75 -0.24 -3.63 8.04
C SER A 75 -1.55 -4.40 7.80
N LEU A 76 -1.68 -4.92 6.59
CA LEU A 76 -2.87 -5.67 6.21
C LEU A 76 -2.55 -7.16 6.24
N ASP A 77 -3.42 -7.90 6.92
CA ASP A 77 -3.25 -9.34 7.04
C ASP A 77 -4.43 -10.04 6.36
N VAL A 78 -5.36 -9.24 5.89
CA VAL A 78 -6.53 -9.77 5.21
C VAL A 78 -7.46 -10.43 6.25
N GLY A 79 -6.87 -11.32 7.02
CA GLY A 79 -7.61 -12.03 8.05
C GLY A 79 -8.45 -11.06 8.88
N GLY A 80 -8.11 -9.79 8.77
CA GLY A 80 -8.81 -8.75 9.50
C GLY A 80 -9.49 -7.77 8.55
N LYS A 81 -8.85 -7.55 7.41
CA LYS A 81 -9.38 -6.64 6.41
C LYS A 81 -10.02 -7.44 5.28
N LYS A 82 -9.24 -7.66 4.23
CA LYS A 82 -9.72 -8.41 3.09
C LYS A 82 -8.79 -8.16 1.89
N GLU A 83 -8.80 -6.93 1.43
CA GLU A 83 -7.96 -6.55 0.30
C GLU A 83 -7.80 -5.03 0.25
N TYR A 84 -6.84 -4.60 -0.57
CA TYR A 84 -6.57 -3.18 -0.71
C TYR A 84 -6.02 -2.87 -2.11
N LEU A 85 -6.25 -1.63 -2.55
CA LEU A 85 -5.78 -1.21 -3.85
C LEU A 85 -4.31 -0.77 -3.75
N ILE A 86 -3.79 -0.88 -2.54
CA ILE A 86 -2.41 -0.50 -2.28
C ILE A 86 -1.88 0.29 -3.49
N ALA A 87 -1.85 1.61 -3.32
CA ALA A 87 -1.37 2.49 -4.38
C ALA A 87 -0.30 3.42 -3.81
N GLY A 88 0.94 3.17 -4.23
CA GLY A 88 2.05 3.98 -3.77
C GLY A 88 3.05 4.22 -4.91
N LYS A 89 4.08 5.01 -4.60
CA LYS A 89 5.10 5.32 -5.58
C LYS A 89 5.62 4.03 -6.21
N ALA A 90 5.54 2.95 -5.43
CA ALA A 90 5.99 1.65 -5.90
C ALA A 90 7.51 1.54 -5.70
N GLU A 91 8.04 0.40 -6.11
CA GLU A 91 9.46 0.16 -5.99
C GLU A 91 10.02 -0.48 -7.26
N GLY A 92 9.20 -1.35 -7.85
CA GLY A 92 9.59 -2.04 -9.07
C GLY A 92 8.56 -3.11 -9.44
N ASP A 93 9.05 -4.15 -10.11
CA ASP A 93 8.19 -5.23 -10.53
C ASP A 93 8.32 -6.40 -9.54
N GLY A 94 7.17 -6.89 -9.09
CA GLY A 94 7.14 -8.00 -8.15
C GLY A 94 7.32 -7.49 -6.71
N LYS A 95 7.55 -6.19 -6.60
CA LYS A 95 7.74 -5.57 -5.29
C LYS A 95 7.66 -4.06 -5.43
N MET A 96 7.04 -3.44 -4.44
CA MET A 96 6.89 -1.99 -4.45
C MET A 96 7.08 -1.42 -3.04
N HIS A 97 6.55 -0.22 -2.84
CA HIS A 97 6.66 0.44 -1.55
C HIS A 97 5.34 1.12 -1.20
N ILE A 98 4.88 0.85 0.01
CA ILE A 98 3.62 1.42 0.48
C ILE A 98 3.77 1.80 1.96
N THR A 99 3.14 2.92 2.31
CA THR A 99 3.20 3.41 3.67
C THR A 99 1.84 3.99 4.08
N LEU A 100 1.63 4.05 5.39
CA LEU A 100 0.39 4.58 5.92
C LEU A 100 0.14 5.97 5.36
N CYS A 101 1.19 6.79 5.39
CA CYS A 101 1.10 8.15 4.89
C CYS A 101 0.77 8.09 3.39
N ASP A 102 1.26 7.03 2.76
CA ASP A 102 1.03 6.84 1.33
C ASP A 102 -0.41 6.37 1.12
N PHE A 103 -0.83 6.41 -0.14
CA PHE A 103 -2.18 6.00 -0.50
C PHE A 103 -2.34 4.49 -0.36
N ILE A 104 -3.22 4.09 0.55
CA ILE A 104 -3.47 2.69 0.79
C ILE A 104 -4.77 2.54 1.59
N VAL A 105 -5.62 1.63 1.13
CA VAL A 105 -6.89 1.39 1.79
C VAL A 105 -7.32 -0.07 1.54
N PRO A 106 -8.22 -0.55 2.42
CA PRO A 106 -8.72 -1.92 2.29
C PRO A 106 -9.74 -2.02 1.15
N TRP A 107 -9.81 -0.96 0.37
CA TRP A 107 -10.73 -0.93 -0.75
C TRP A 107 -12.15 -0.81 -0.19
N ASP A 108 -12.52 -1.80 0.60
CA ASP A 108 -13.85 -1.82 1.20
C ASP A 108 -13.95 -0.70 2.24
N THR A 109 -13.60 0.51 1.81
CA THR A 109 -13.65 1.66 2.69
C THR A 109 -13.73 2.95 1.87
N LEU A 110 -12.74 3.12 1.00
CA LEU A 110 -12.68 4.31 0.16
C LEU A 110 -13.70 5.32 0.65
N SER A 111 -14.76 5.48 -0.14
CA SER A 111 -15.82 6.42 0.21
C SER A 111 -16.42 7.01 -1.08
N THR A 112 -15.55 7.33 -2.02
CA THR A 112 -15.99 7.89 -3.29
C THR A 112 -14.82 8.59 -3.98
N THR A 113 -14.35 9.66 -3.36
CA THR A 113 -13.24 10.43 -3.91
C THR A 113 -12.08 9.50 -4.28
N GLN A 114 -12.03 8.37 -3.58
CA GLN A 114 -10.98 7.39 -3.82
C GLN A 114 -11.35 6.49 -5.01
N LYS A 115 -12.65 6.28 -5.16
CA LYS A 115 -13.16 5.45 -6.25
C LYS A 115 -13.08 6.23 -7.56
N LYS A 116 -13.48 7.49 -7.49
CA LYS A 116 -13.46 8.36 -8.66
C LYS A 116 -12.01 8.51 -9.15
N SER A 117 -11.08 8.10 -8.29
CA SER A 117 -9.67 8.20 -8.62
C SER A 117 -9.17 6.85 -9.16
N LEU A 118 -9.98 5.82 -8.94
CA LEU A 118 -9.63 4.49 -9.39
C LEU A 118 -9.72 4.44 -10.92
N ASN A 119 -10.61 5.25 -11.46
CA ASN A 119 -10.80 5.30 -12.90
C ASN A 119 -9.82 6.31 -13.50
N HIS A 120 -9.32 7.19 -12.63
CA HIS A 120 -8.37 8.20 -13.07
C HIS A 120 -6.95 7.63 -13.03
N ARG A 121 -6.84 6.41 -13.52
CA ARG A 121 -5.55 5.73 -13.56
C ARG A 121 -4.90 5.75 -12.17
N TYR A 122 -3.96 6.66 -12.01
CA TYR A 122 -3.25 6.80 -10.74
C TYR A 122 -2.82 8.25 -10.51
N GLN A 123 -3.37 9.14 -11.33
CA GLN A 123 -3.05 10.55 -11.22
C GLN A 123 -3.40 11.28 -12.52
N MET A 124 -4.68 11.22 -12.86
CA MET A 124 -5.16 11.87 -14.07
C MET A 124 -5.13 13.39 -13.93
N GLY A 125 -3.97 13.90 -13.57
CA GLY A 125 -3.80 15.33 -13.41
C GLY A 125 -4.83 15.90 -12.44
N CYS A 126 -5.33 15.03 -11.57
CA CYS A 126 -6.33 15.43 -10.60
C CYS A 126 -5.74 16.54 -9.73
N GLU A 127 -6.43 16.82 -8.64
CA GLU A 127 -5.98 17.86 -7.72
C GLU A 127 -6.93 17.96 -6.53
N CYS A 1 5.65 6.19 7.92
CA CYS A 1 5.75 6.19 9.37
C CYS A 1 4.74 7.18 9.93
N SER A 2 4.65 7.23 11.25
CA SER A 2 3.73 8.13 11.92
C SER A 2 3.45 9.34 11.04
N CYS A 3 2.40 9.23 10.23
CA CYS A 3 2.03 10.31 9.33
C CYS A 3 0.51 10.24 9.11
N SER A 4 -0.12 11.40 9.21
CA SER A 4 -1.55 11.49 9.02
C SER A 4 -1.92 11.06 7.60
N PRO A 5 -2.57 9.87 7.51
CA PRO A 5 -2.99 9.34 6.23
C PRO A 5 -4.21 10.08 5.70
N VAL A 6 -3.97 11.28 5.19
CA VAL A 6 -5.03 12.10 4.64
C VAL A 6 -5.06 11.94 3.11
N HIS A 7 -5.15 13.08 2.44
CA HIS A 7 -5.19 13.08 0.98
C HIS A 7 -6.12 11.97 0.50
N PRO A 8 -7.40 12.37 0.26
CA PRO A 8 -8.41 11.43 -0.22
C PRO A 8 -8.19 11.10 -1.69
N GLN A 9 -7.71 12.09 -2.42
CA GLN A 9 -7.45 11.93 -3.85
C GLN A 9 -5.96 12.04 -4.13
N GLN A 10 -5.31 12.93 -3.40
CA GLN A 10 -3.88 13.14 -3.57
C GLN A 10 -3.12 11.84 -3.34
N ALA A 11 -3.84 10.85 -2.81
CA ALA A 11 -3.24 9.56 -2.54
C ALA A 11 -3.22 8.73 -3.82
N PHE A 12 -4.26 8.92 -4.63
CA PHE A 12 -4.38 8.20 -5.89
C PHE A 12 -3.70 8.97 -7.02
N CYS A 13 -3.22 10.15 -6.68
CA CYS A 13 -2.55 11.00 -7.66
C CYS A 13 -1.04 10.94 -7.40
N ASN A 14 -0.69 10.34 -6.27
CA ASN A 14 0.70 10.21 -5.89
C ASN A 14 1.16 8.77 -6.15
N ALA A 15 0.27 7.84 -5.86
CA ALA A 15 0.59 6.43 -6.06
C ALA A 15 1.04 6.21 -7.51
N ASP A 16 1.55 5.02 -7.77
CA ASP A 16 2.02 4.67 -9.09
C ASP A 16 1.81 3.17 -9.33
N VAL A 17 1.01 2.57 -8.46
CA VAL A 17 0.72 1.16 -8.56
C VAL A 17 -0.48 0.81 -7.67
N VAL A 18 -1.66 0.92 -8.27
CA VAL A 18 -2.88 0.63 -7.54
C VAL A 18 -3.37 -0.78 -7.91
N ILE A 19 -3.40 -1.63 -6.89
CA ILE A 19 -3.83 -3.01 -7.09
C ILE A 19 -4.64 -3.46 -5.87
N ARG A 20 -5.85 -3.92 -6.15
CA ARG A 20 -6.73 -4.38 -5.09
C ARG A 20 -6.32 -5.78 -4.64
N THR A 21 -5.02 -6.00 -4.56
CA THR A 21 -4.49 -7.27 -4.14
C THR A 21 -4.97 -7.62 -2.73
N LYS A 22 -4.54 -8.78 -2.26
CA LYS A 22 -4.91 -9.23 -0.93
C LYS A 22 -3.68 -9.74 -0.20
N ALA A 23 -3.37 -9.08 0.91
CA ALA A 23 -2.22 -9.45 1.71
C ALA A 23 -2.64 -10.44 2.79
N VAL A 24 -2.31 -11.70 2.57
CA VAL A 24 -2.65 -12.75 3.51
C VAL A 24 -1.39 -13.21 4.24
N SER A 25 -0.29 -13.23 3.49
CA SER A 25 0.99 -13.64 4.04
C SER A 25 1.96 -12.47 4.08
N GLU A 26 2.99 -12.62 4.89
CA GLU A 26 4.00 -11.57 5.03
C GLU A 26 5.36 -12.19 5.29
N LYS A 27 6.35 -11.31 5.49
CA LYS A 27 7.70 -11.75 5.77
C LYS A 27 8.41 -10.73 6.65
N GLU A 28 8.73 -11.15 7.86
CA GLU A 28 9.40 -10.28 8.80
C GLU A 28 10.88 -10.12 8.42
N VAL A 29 11.14 -9.08 7.64
CA VAL A 29 12.50 -8.81 7.20
C VAL A 29 13.07 -7.63 8.01
N ASP A 30 14.15 -7.90 8.71
CA ASP A 30 14.79 -6.89 9.52
C ASP A 30 15.28 -5.75 8.62
N SER A 31 15.49 -4.60 9.23
CA SER A 31 15.94 -3.43 8.49
C SER A 31 16.85 -2.57 9.39
N GLY A 32 17.34 -3.20 10.45
CA GLY A 32 18.21 -2.50 11.38
C GLY A 32 17.41 -1.53 12.25
N ASN A 33 18.13 -0.86 13.14
CA ASN A 33 17.51 0.11 14.04
C ASN A 33 17.38 1.46 13.32
N ASP A 34 16.55 2.32 13.90
CA ASP A 34 16.33 3.63 13.32
C ASP A 34 17.24 4.64 14.02
N ILE A 35 16.88 5.91 13.88
CA ILE A 35 17.65 6.98 14.49
C ILE A 35 17.26 7.11 15.96
N TYR A 36 16.37 6.23 16.39
CA TYR A 36 15.91 6.22 17.76
C TYR A 36 16.43 4.99 18.51
N GLY A 37 17.19 4.17 17.80
CA GLY A 37 17.75 2.97 18.38
C GLY A 37 16.76 1.80 18.27
N ASN A 38 15.54 2.13 17.88
CA ASN A 38 14.51 1.12 17.74
C ASN A 38 14.73 0.35 16.43
N PRO A 39 14.23 -0.91 16.41
CA PRO A 39 14.36 -1.76 15.24
C PRO A 39 13.40 -1.32 14.13
N ILE A 40 13.95 -1.15 12.95
CA ILE A 40 13.15 -0.74 11.80
C ILE A 40 12.15 -1.83 11.47
N LYS A 41 12.63 -2.86 10.79
CA LYS A 41 11.79 -3.97 10.39
C LYS A 41 10.81 -3.51 9.31
N ARG A 42 10.81 -4.23 8.21
CA ARG A 42 9.94 -3.90 7.10
C ARG A 42 9.20 -5.16 6.62
N ILE A 43 8.31 -5.64 7.48
CA ILE A 43 7.53 -6.82 7.16
C ILE A 43 7.10 -6.78 5.70
N GLN A 44 7.04 -7.95 5.09
CA GLN A 44 6.65 -8.06 3.69
C GLN A 44 5.13 -8.17 3.57
N TYR A 45 4.68 -8.27 2.33
CA TYR A 45 3.26 -8.38 2.07
C TYR A 45 2.98 -9.43 0.99
N GLU A 46 3.24 -10.68 1.35
CA GLU A 46 3.03 -11.79 0.44
C GLU A 46 1.54 -11.90 0.08
N ILE A 47 1.07 -10.94 -0.69
CA ILE A 47 -0.32 -10.91 -1.10
C ILE A 47 -0.59 -12.09 -2.03
N LYS A 48 -1.79 -12.12 -2.59
CA LYS A 48 -2.18 -13.18 -3.51
C LYS A 48 -2.69 -12.57 -4.81
N GLN A 49 -2.62 -11.24 -4.87
CA GLN A 49 -3.07 -10.52 -6.05
C GLN A 49 -4.52 -10.92 -6.39
N ILE A 50 -5.35 -9.90 -6.50
CA ILE A 50 -6.76 -10.12 -6.81
C ILE A 50 -7.18 -9.16 -7.93
N LYS A 51 -6.55 -8.00 -7.94
CA LYS A 51 -6.84 -6.99 -8.95
C LYS A 51 -5.62 -6.08 -9.13
N MET A 52 -5.67 -5.29 -10.19
CA MET A 52 -4.57 -4.38 -10.50
C MET A 52 -5.10 -3.09 -11.11
N PHE A 53 -5.76 -2.30 -10.27
CA PHE A 53 -6.32 -1.04 -10.71
C PHE A 53 -5.37 -0.33 -11.69
N LYS A 54 -4.33 0.26 -11.13
CA LYS A 54 -3.35 0.96 -11.94
C LYS A 54 -1.94 0.54 -11.50
N GLY A 55 -1.59 -0.68 -11.85
CA GLY A 55 -0.28 -1.21 -11.51
C GLY A 55 0.45 -1.73 -12.75
N PRO A 56 1.34 -2.72 -12.52
CA PRO A 56 2.11 -3.30 -13.60
C PRO A 56 1.24 -4.25 -14.45
N GLU A 57 1.91 -5.01 -15.30
CA GLU A 57 1.20 -5.94 -16.16
C GLU A 57 1.24 -7.34 -15.56
N LYS A 58 2.35 -7.64 -14.89
CA LYS A 58 2.51 -8.94 -14.26
C LYS A 58 1.77 -8.96 -12.92
N ASP A 59 2.42 -8.37 -11.92
CA ASP A 59 1.84 -8.31 -10.59
C ASP A 59 2.95 -8.17 -9.56
N ILE A 60 2.54 -7.90 -8.33
CA ILE A 60 3.49 -7.74 -7.24
C ILE A 60 3.57 -9.03 -6.43
N GLU A 61 2.51 -9.26 -5.64
CA GLU A 61 2.44 -10.44 -4.81
C GLU A 61 3.42 -10.32 -3.64
N PHE A 62 4.24 -9.29 -3.68
CA PHE A 62 5.21 -9.06 -2.63
C PHE A 62 5.43 -7.56 -2.41
N ILE A 63 4.71 -7.03 -1.43
CA ILE A 63 4.81 -5.61 -1.10
C ILE A 63 5.57 -5.46 0.22
N TYR A 64 5.95 -4.22 0.50
CA TYR A 64 6.70 -3.92 1.71
C TYR A 64 5.95 -2.90 2.56
N THR A 65 6.18 -2.97 3.86
CA THR A 65 5.55 -2.07 4.80
C THR A 65 6.20 -2.15 6.18
N ALA A 66 5.53 -1.59 7.16
CA ALA A 66 6.03 -1.60 8.53
C ALA A 66 5.30 -2.67 9.33
N PRO A 67 6.00 -3.17 10.39
CA PRO A 67 5.42 -4.19 11.25
C PRO A 67 4.37 -3.61 12.18
N SER A 68 4.06 -4.35 13.23
CA SER A 68 3.06 -3.91 14.20
C SER A 68 1.73 -3.66 13.49
N SER A 69 0.82 -3.05 14.22
CA SER A 69 -0.50 -2.74 13.68
C SER A 69 -0.35 -1.95 12.38
N ALA A 70 0.60 -1.02 12.38
CA ALA A 70 0.85 -0.21 11.21
C ALA A 70 1.45 1.14 11.65
N VAL A 71 2.76 1.25 11.48
CA VAL A 71 3.45 2.46 11.86
C VAL A 71 3.85 3.24 10.60
N CYS A 72 4.36 2.49 9.63
CA CYS A 72 4.78 3.09 8.37
C CYS A 72 3.99 2.42 7.24
N GLY A 73 2.81 1.93 7.59
CA GLY A 73 1.97 1.27 6.61
C GLY A 73 0.55 1.07 7.17
N VAL A 74 -0.11 0.04 6.65
CA VAL A 74 -1.46 -0.28 7.08
C VAL A 74 -1.49 -1.71 7.63
N SER A 75 -0.34 -2.35 7.57
CA SER A 75 -0.22 -3.72 8.07
C SER A 75 -1.51 -4.48 7.78
N LEU A 76 -1.62 -4.98 6.57
CA LEU A 76 -2.80 -5.73 6.16
C LEU A 76 -2.47 -7.22 6.12
N ASP A 77 -3.34 -8.00 6.72
CA ASP A 77 -3.15 -9.44 6.77
C ASP A 77 -4.30 -10.13 6.04
N VAL A 78 -5.21 -9.31 5.52
CA VAL A 78 -6.36 -9.83 4.81
C VAL A 78 -7.30 -10.53 5.79
N GLY A 79 -6.74 -11.52 6.47
CA GLY A 79 -7.52 -12.27 7.45
C GLY A 79 -8.23 -11.33 8.43
N GLY A 80 -7.81 -10.08 8.41
CA GLY A 80 -8.40 -9.08 9.29
C GLY A 80 -9.10 -7.98 8.47
N LYS A 81 -8.65 -7.82 7.24
CA LYS A 81 -9.23 -6.82 6.37
C LYS A 81 -9.95 -7.52 5.21
N LYS A 82 -9.21 -7.76 4.14
CA LYS A 82 -9.77 -8.41 2.97
C LYS A 82 -8.86 -8.17 1.77
N GLU A 83 -8.73 -6.91 1.40
CA GLU A 83 -7.89 -6.54 0.27
C GLU A 83 -7.73 -5.02 0.22
N TYR A 84 -6.76 -4.58 -0.58
CA TYR A 84 -6.49 -3.17 -0.73
C TYR A 84 -5.94 -2.85 -2.12
N LEU A 85 -6.19 -1.62 -2.55
CA LEU A 85 -5.73 -1.19 -3.86
C LEU A 85 -4.27 -0.73 -3.76
N ILE A 86 -3.71 -0.90 -2.57
CA ILE A 86 -2.33 -0.51 -2.32
C ILE A 86 -1.81 0.29 -3.52
N ALA A 87 -1.78 1.61 -3.34
CA ALA A 87 -1.31 2.49 -4.39
C ALA A 87 -0.22 3.40 -3.83
N GLY A 88 1.01 3.15 -4.28
CA GLY A 88 2.15 3.93 -3.84
C GLY A 88 3.16 4.11 -4.96
N LYS A 89 4.15 4.96 -4.71
CA LYS A 89 5.18 5.23 -5.70
C LYS A 89 5.57 3.92 -6.38
N ALA A 90 5.57 2.85 -5.61
CA ALA A 90 5.91 1.54 -6.13
C ALA A 90 7.44 1.38 -6.13
N GLU A 91 7.87 0.18 -6.51
CA GLU A 91 9.29 -0.11 -6.55
C GLU A 91 9.65 -0.85 -7.84
N GLY A 92 8.65 -0.94 -8.71
CA GLY A 92 8.84 -1.62 -9.99
C GLY A 92 7.76 -2.68 -10.21
N ASP A 93 8.22 -3.91 -10.41
CA ASP A 93 7.30 -5.02 -10.64
C ASP A 93 7.67 -6.17 -9.71
N GLY A 94 6.64 -6.85 -9.21
CA GLY A 94 6.85 -7.97 -8.32
C GLY A 94 7.15 -7.50 -6.90
N LYS A 95 7.20 -6.18 -6.75
CA LYS A 95 7.48 -5.58 -5.45
C LYS A 95 7.39 -4.06 -5.57
N MET A 96 6.86 -3.44 -4.52
CA MET A 96 6.71 -2.01 -4.49
C MET A 96 6.90 -1.47 -3.07
N HIS A 97 6.55 -0.20 -2.90
CA HIS A 97 6.66 0.46 -1.61
C HIS A 97 5.33 1.10 -1.24
N ILE A 98 4.87 0.81 -0.05
CA ILE A 98 3.62 1.36 0.44
C ILE A 98 3.75 1.70 1.93
N THR A 99 3.15 2.82 2.31
CA THR A 99 3.19 3.26 3.69
C THR A 99 1.84 3.87 4.10
N LEU A 100 1.67 4.01 5.40
CA LEU A 100 0.44 4.58 5.93
C LEU A 100 0.25 5.99 5.36
N CYS A 101 1.32 6.75 5.36
CA CYS A 101 1.29 8.10 4.85
C CYS A 101 0.95 8.05 3.35
N ASP A 102 1.41 6.97 2.72
CA ASP A 102 1.16 6.79 1.30
C ASP A 102 -0.29 6.34 1.09
N PHE A 103 -0.72 6.37 -0.16
CA PHE A 103 -2.06 5.98 -0.51
C PHE A 103 -2.25 4.46 -0.38
N ILE A 104 -3.11 4.08 0.55
CA ILE A 104 -3.38 2.67 0.79
C ILE A 104 -4.68 2.54 1.59
N VAL A 105 -5.53 1.63 1.11
CA VAL A 105 -6.81 1.40 1.77
C VAL A 105 -7.24 -0.05 1.51
N PRO A 106 -8.14 -0.54 2.41
CA PRO A 106 -8.65 -1.90 2.29
C PRO A 106 -9.66 -2.01 1.15
N TRP A 107 -9.72 -0.95 0.35
CA TRP A 107 -10.64 -0.92 -0.78
C TRP A 107 -12.05 -0.77 -0.22
N ASP A 108 -12.47 -1.77 0.54
CA ASP A 108 -13.80 -1.76 1.13
C ASP A 108 -13.85 -0.68 2.22
N THR A 109 -13.49 0.54 1.82
CA THR A 109 -13.50 1.66 2.74
C THR A 109 -13.57 2.98 1.96
N LEU A 110 -12.59 3.16 1.08
CA LEU A 110 -12.53 4.37 0.27
C LEU A 110 -13.51 5.40 0.82
N SER A 111 -14.59 5.60 0.09
CA SER A 111 -15.60 6.56 0.48
C SER A 111 -16.25 7.20 -0.75
N THR A 112 -15.39 7.52 -1.71
CA THR A 112 -15.86 8.14 -2.94
C THR A 112 -14.71 8.87 -3.64
N THR A 113 -14.19 9.87 -2.96
CA THR A 113 -13.08 10.66 -3.49
C THR A 113 -11.95 9.74 -3.95
N GLN A 114 -11.94 8.54 -3.39
CA GLN A 114 -10.91 7.56 -3.73
C GLN A 114 -11.35 6.75 -4.95
N LYS A 115 -12.65 6.45 -5.00
CA LYS A 115 -13.20 5.69 -6.10
C LYS A 115 -13.12 6.52 -7.39
N LYS A 116 -13.37 7.81 -7.23
CA LYS A 116 -13.33 8.72 -8.36
C LYS A 116 -11.91 8.77 -8.93
N SER A 117 -10.97 8.31 -8.11
CA SER A 117 -9.57 8.30 -8.51
C SER A 117 -9.19 6.91 -9.04
N LEU A 118 -10.09 5.97 -8.85
CA LEU A 118 -9.87 4.61 -9.30
C LEU A 118 -9.97 4.56 -10.83
N ASN A 119 -10.80 5.44 -11.36
CA ASN A 119 -11.00 5.52 -12.80
C ASN A 119 -10.10 6.61 -13.38
N HIS A 120 -9.33 7.23 -12.50
CA HIS A 120 -8.43 8.29 -12.91
C HIS A 120 -7.08 7.68 -13.33
N ARG A 121 -7.11 6.40 -13.59
CA ARG A 121 -5.90 5.68 -14.00
C ARG A 121 -4.78 5.93 -12.99
N TYR A 122 -4.00 6.96 -13.26
CA TYR A 122 -2.89 7.31 -12.40
C TYR A 122 -2.64 8.82 -12.41
N GLN A 123 -3.24 9.50 -11.44
CA GLN A 123 -3.09 10.94 -11.33
C GLN A 123 -3.49 11.61 -12.64
N MET A 124 -4.75 11.39 -13.03
CA MET A 124 -5.27 11.97 -14.26
C MET A 124 -5.40 13.49 -14.13
N GLY A 125 -4.30 14.13 -13.80
CA GLY A 125 -4.27 15.57 -13.65
C GLY A 125 -5.32 16.03 -12.62
N CYS A 126 -5.59 15.13 -11.68
CA CYS A 126 -6.57 15.43 -10.64
C CYS A 126 -6.09 16.64 -9.85
N GLU A 127 -6.75 16.89 -8.73
CA GLU A 127 -6.38 18.01 -7.88
C GLU A 127 -7.27 18.03 -6.63
N CYS A 1 7.82 5.76 12.84
CA CYS A 1 7.03 6.67 12.04
C CYS A 1 5.58 6.58 12.48
N SER A 2 4.88 7.70 12.36
CA SER A 2 3.49 7.76 12.76
C SER A 2 2.75 8.80 11.91
N CYS A 3 2.92 8.69 10.60
CA CYS A 3 2.28 9.61 9.68
C CYS A 3 0.77 9.45 9.82
N SER A 4 0.05 10.13 8.93
CA SER A 4 -1.39 10.08 8.95
C SER A 4 -1.93 10.05 7.52
N PRO A 5 -2.75 9.00 7.22
CA PRO A 5 -3.33 8.85 5.91
C PRO A 5 -4.47 9.84 5.69
N VAL A 6 -4.46 10.47 4.52
CA VAL A 6 -5.49 11.43 4.19
C VAL A 6 -5.62 11.53 2.67
N HIS A 7 -5.69 12.76 2.18
CA HIS A 7 -5.82 13.00 0.76
C HIS A 7 -6.63 11.87 0.12
N PRO A 8 -7.98 12.09 0.07
CA PRO A 8 -8.87 11.10 -0.51
C PRO A 8 -8.77 11.10 -2.04
N GLN A 9 -7.85 11.92 -2.55
CA GLN A 9 -7.65 12.02 -3.98
C GLN A 9 -6.16 12.12 -4.30
N GLN A 10 -5.48 12.96 -3.53
CA GLN A 10 -4.05 13.16 -3.72
C GLN A 10 -3.29 11.86 -3.44
N ALA A 11 -4.03 10.88 -2.96
CA ALA A 11 -3.44 9.59 -2.64
C ALA A 11 -3.35 8.75 -3.93
N PHE A 12 -4.34 8.95 -4.79
CA PHE A 12 -4.38 8.23 -6.05
C PHE A 12 -3.64 8.99 -7.15
N CYS A 13 -3.15 10.16 -6.78
CA CYS A 13 -2.42 11.00 -7.72
C CYS A 13 -0.93 10.92 -7.38
N ASN A 14 -0.66 10.39 -6.20
CA ASN A 14 0.71 10.25 -5.74
C ASN A 14 1.18 8.81 -5.97
N ALA A 15 0.28 7.88 -5.72
CA ALA A 15 0.59 6.48 -5.90
C ALA A 15 1.12 6.25 -7.32
N ASP A 16 1.58 5.04 -7.56
CA ASP A 16 2.12 4.68 -8.86
C ASP A 16 1.89 3.18 -9.11
N VAL A 17 1.03 2.60 -8.28
CA VAL A 17 0.72 1.19 -8.40
C VAL A 17 -0.50 0.86 -7.53
N VAL A 18 -1.67 0.98 -8.15
CA VAL A 18 -2.91 0.71 -7.44
C VAL A 18 -3.39 -0.70 -7.79
N ILE A 19 -3.44 -1.56 -6.78
CA ILE A 19 -3.87 -2.93 -6.98
C ILE A 19 -4.70 -3.38 -5.77
N ARG A 20 -5.92 -3.81 -6.05
CA ARG A 20 -6.82 -4.25 -5.01
C ARG A 20 -6.43 -5.65 -4.54
N THR A 21 -5.12 -5.86 -4.41
CA THR A 21 -4.61 -7.14 -3.97
C THR A 21 -5.07 -7.45 -2.55
N LYS A 22 -4.74 -8.64 -2.10
CA LYS A 22 -5.11 -9.07 -0.76
C LYS A 22 -3.88 -9.59 -0.03
N ALA A 23 -3.56 -8.94 1.08
CA ALA A 23 -2.41 -9.33 1.88
C ALA A 23 -2.85 -10.33 2.96
N VAL A 24 -2.43 -11.57 2.76
CA VAL A 24 -2.77 -12.63 3.71
C VAL A 24 -1.50 -13.09 4.43
N SER A 25 -0.40 -13.08 3.69
CA SER A 25 0.88 -13.49 4.26
C SER A 25 1.84 -12.31 4.26
N GLU A 26 2.96 -12.50 4.95
CA GLU A 26 3.98 -11.46 5.04
C GLU A 26 5.36 -12.09 5.24
N LYS A 27 6.36 -11.23 5.32
CA LYS A 27 7.72 -11.68 5.51
C LYS A 27 8.47 -10.68 6.40
N GLU A 28 8.81 -11.13 7.60
CA GLU A 28 9.51 -10.29 8.55
C GLU A 28 10.98 -10.15 8.14
N VAL A 29 11.24 -9.11 7.36
CA VAL A 29 12.59 -8.85 6.89
C VAL A 29 13.17 -7.64 7.64
N ASP A 30 14.22 -7.90 8.40
CA ASP A 30 14.87 -6.85 9.16
C ASP A 30 15.32 -5.74 8.22
N SER A 31 15.57 -4.58 8.80
CA SER A 31 16.01 -3.43 8.02
C SER A 31 16.96 -2.56 8.85
N GLY A 32 17.51 -3.18 9.89
CA GLY A 32 18.44 -2.48 10.77
C GLY A 32 17.69 -1.56 11.73
N ASN A 33 18.46 -0.92 12.60
CA ASN A 33 17.89 0.00 13.57
C ASN A 33 17.74 1.38 12.94
N ASP A 34 16.91 2.20 13.57
CA ASP A 34 16.66 3.55 13.08
C ASP A 34 17.62 4.52 13.78
N ILE A 35 17.28 5.79 13.70
CA ILE A 35 18.09 6.83 14.32
C ILE A 35 17.78 6.89 15.82
N TYR A 36 16.89 6.00 16.24
CA TYR A 36 16.50 5.94 17.64
C TYR A 36 17.06 4.67 18.31
N GLY A 37 17.76 3.88 17.51
CA GLY A 37 18.35 2.65 18.02
C GLY A 37 17.37 1.49 17.92
N ASN A 38 16.13 1.83 17.58
CA ASN A 38 15.08 0.83 17.46
C ASN A 38 15.23 0.12 16.12
N PRO A 39 14.74 -1.15 16.08
CA PRO A 39 14.81 -1.96 14.88
C PRO A 39 13.78 -1.49 13.85
N ILE A 40 14.26 -1.29 12.63
CA ILE A 40 13.39 -0.84 11.55
C ILE A 40 12.36 -1.93 11.24
N LYS A 41 12.82 -2.93 10.50
CA LYS A 41 11.95 -4.04 10.14
C LYS A 41 10.91 -3.56 9.14
N ARG A 42 10.85 -4.24 8.00
CA ARG A 42 9.90 -3.90 6.96
C ARG A 42 9.14 -5.13 6.49
N ILE A 43 8.30 -5.64 7.39
CA ILE A 43 7.50 -6.81 7.08
C ILE A 43 7.01 -6.73 5.64
N GLN A 44 7.04 -7.87 4.97
CA GLN A 44 6.59 -7.93 3.59
C GLN A 44 5.07 -8.07 3.52
N TYR A 45 4.57 -8.18 2.30
CA TYR A 45 3.14 -8.31 2.10
C TYR A 45 2.83 -9.38 1.04
N GLU A 46 3.08 -10.63 1.42
CA GLU A 46 2.83 -11.74 0.53
C GLU A 46 1.34 -11.85 0.20
N ILE A 47 0.87 -10.87 -0.55
CA ILE A 47 -0.54 -10.84 -0.94
C ILE A 47 -0.82 -12.02 -1.87
N LYS A 48 -2.05 -12.04 -2.37
CA LYS A 48 -2.47 -13.11 -3.28
C LYS A 48 -2.91 -12.49 -4.60
N GLN A 49 -2.91 -11.16 -4.63
CA GLN A 49 -3.31 -10.45 -5.83
C GLN A 49 -4.75 -10.79 -6.21
N ILE A 50 -5.56 -9.75 -6.33
CA ILE A 50 -6.96 -9.94 -6.68
C ILE A 50 -7.34 -8.94 -7.80
N LYS A 51 -6.80 -7.75 -7.67
CA LYS A 51 -7.06 -6.70 -8.65
C LYS A 51 -5.81 -5.85 -8.84
N MET A 52 -5.68 -5.30 -10.04
CA MET A 52 -4.54 -4.47 -10.37
C MET A 52 -4.97 -3.20 -11.10
N PHE A 53 -5.67 -2.34 -10.37
CA PHE A 53 -6.16 -1.09 -10.94
C PHE A 53 -5.06 -0.41 -11.76
N LYS A 54 -4.10 0.15 -11.04
CA LYS A 54 -2.99 0.84 -11.69
C LYS A 54 -1.67 0.26 -11.19
N GLY A 55 -0.63 0.47 -11.97
CA GLY A 55 0.69 -0.02 -11.62
C GLY A 55 1.37 -0.69 -12.84
N PRO A 56 2.13 -1.77 -12.54
CA PRO A 56 2.83 -2.50 -13.58
C PRO A 56 1.86 -3.35 -14.39
N GLU A 57 2.43 -4.30 -15.13
CA GLU A 57 1.63 -5.20 -15.95
C GLU A 57 1.77 -6.64 -15.46
N LYS A 58 2.94 -6.94 -14.92
CA LYS A 58 3.22 -8.27 -14.41
C LYS A 58 2.40 -8.50 -13.14
N ASP A 59 2.88 -7.90 -12.05
CA ASP A 59 2.21 -8.02 -10.76
C ASP A 59 3.25 -7.92 -9.65
N ILE A 60 2.74 -7.67 -8.44
CA ILE A 60 3.61 -7.55 -7.29
C ILE A 60 3.51 -8.82 -6.44
N GLU A 61 2.41 -8.92 -5.70
CA GLU A 61 2.17 -10.07 -4.85
C GLU A 61 3.06 -9.99 -3.61
N PHE A 62 3.99 -9.05 -3.63
CA PHE A 62 4.90 -8.86 -2.52
C PHE A 62 5.18 -7.38 -2.29
N ILE A 63 4.40 -6.79 -1.39
CA ILE A 63 4.55 -5.39 -1.06
C ILE A 63 5.38 -5.25 0.22
N TYR A 64 5.75 -4.01 0.51
CA TYR A 64 6.56 -3.73 1.70
C TYR A 64 5.86 -2.69 2.58
N THR A 65 6.07 -2.84 3.88
CA THR A 65 5.48 -1.93 4.84
C THR A 65 6.21 -2.03 6.18
N ALA A 66 5.54 -1.54 7.22
CA ALA A 66 6.11 -1.57 8.56
C ALA A 66 5.40 -2.65 9.39
N PRO A 67 6.15 -3.17 10.40
CA PRO A 67 5.61 -4.19 11.28
C PRO A 67 4.60 -3.61 12.26
N SER A 68 4.37 -4.35 13.34
CA SER A 68 3.44 -3.92 14.36
C SER A 68 2.06 -3.65 13.74
N SER A 69 1.20 -3.05 14.53
CA SER A 69 -0.15 -2.74 14.08
C SER A 69 -0.11 -1.56 13.11
N ALA A 70 0.73 -1.69 12.09
CA ALA A 70 0.87 -0.65 11.09
C ALA A 70 1.43 0.62 11.76
N VAL A 71 2.72 0.84 11.55
CA VAL A 71 3.37 2.00 12.12
C VAL A 71 3.76 2.97 10.99
N CYS A 72 4.05 2.38 9.83
CA CYS A 72 4.44 3.17 8.68
C CYS A 72 3.63 2.69 7.47
N GLY A 73 2.60 1.90 7.77
CA GLY A 73 1.74 1.38 6.73
C GLY A 73 0.33 1.14 7.26
N VAL A 74 -0.34 0.17 6.65
CA VAL A 74 -1.70 -0.16 7.05
C VAL A 74 -1.72 -1.59 7.59
N SER A 75 -0.54 -2.18 7.70
CA SER A 75 -0.41 -3.54 8.20
C SER A 75 -1.69 -4.32 7.93
N LEU A 76 -1.75 -4.90 6.73
CA LEU A 76 -2.90 -5.67 6.33
C LEU A 76 -2.55 -7.17 6.38
N ASP A 77 -3.48 -7.94 6.91
CA ASP A 77 -3.29 -9.38 7.03
C ASP A 77 -4.47 -10.10 6.37
N VAL A 78 -5.40 -9.31 5.86
CA VAL A 78 -6.56 -9.86 5.21
C VAL A 78 -7.50 -10.46 6.26
N GLY A 79 -6.94 -11.37 7.05
CA GLY A 79 -7.69 -12.03 8.10
C GLY A 79 -8.38 -11.00 9.00
N GLY A 80 -7.97 -9.75 8.83
CA GLY A 80 -8.53 -8.66 9.64
C GLY A 80 -9.23 -7.63 8.74
N LYS A 81 -8.72 -7.50 7.52
CA LYS A 81 -9.28 -6.56 6.58
C LYS A 81 -9.92 -7.33 5.42
N LYS A 82 -9.15 -7.50 4.36
CA LYS A 82 -9.63 -8.21 3.19
C LYS A 82 -8.70 -7.95 2.01
N GLU A 83 -8.93 -6.83 1.35
CA GLU A 83 -8.11 -6.46 0.20
C GLU A 83 -7.96 -4.94 0.14
N TYR A 84 -6.92 -4.51 -0.57
CA TYR A 84 -6.66 -3.08 -0.71
C TYR A 84 -6.07 -2.78 -2.10
N LEU A 85 -6.31 -1.56 -2.55
CA LEU A 85 -5.82 -1.13 -3.84
C LEU A 85 -4.37 -0.66 -3.70
N ILE A 86 -3.84 -0.84 -2.51
CA ILE A 86 -2.47 -0.45 -2.23
C ILE A 86 -1.93 0.35 -3.41
N ALA A 87 -1.91 1.67 -3.25
CA ALA A 87 -1.42 2.55 -4.29
C ALA A 87 -0.36 3.48 -3.70
N GLY A 88 0.89 3.21 -4.06
CA GLY A 88 2.00 4.01 -3.57
C GLY A 88 3.22 3.85 -4.48
N LYS A 89 4.09 4.86 -4.44
CA LYS A 89 5.30 4.83 -5.24
C LYS A 89 5.84 3.40 -5.30
N ALA A 90 5.45 2.70 -6.36
CA ALA A 90 5.89 1.34 -6.55
C ALA A 90 7.42 1.28 -6.53
N GLU A 91 7.93 0.06 -6.59
CA GLU A 91 9.37 -0.15 -6.57
C GLU A 91 9.82 -0.87 -7.85
N GLY A 92 8.87 -1.06 -8.75
CA GLY A 92 9.17 -1.73 -10.00
C GLY A 92 8.09 -2.77 -10.32
N ASP A 93 8.47 -4.03 -10.20
CA ASP A 93 7.55 -5.12 -10.48
C ASP A 93 7.86 -6.29 -9.53
N GLY A 94 6.80 -6.87 -8.99
CA GLY A 94 6.93 -7.99 -8.08
C GLY A 94 7.19 -7.50 -6.65
N LYS A 95 7.28 -6.19 -6.51
CA LYS A 95 7.52 -5.58 -5.22
C LYS A 95 7.46 -4.06 -5.35
N MET A 96 6.90 -3.43 -4.32
CA MET A 96 6.78 -1.98 -4.31
C MET A 96 6.93 -1.43 -2.89
N HIS A 97 6.60 -0.16 -2.74
CA HIS A 97 6.69 0.49 -1.45
C HIS A 97 5.36 1.17 -1.12
N ILE A 98 4.88 0.90 0.09
CA ILE A 98 3.62 1.47 0.54
C ILE A 98 3.74 1.85 2.02
N THR A 99 3.12 2.97 2.37
CA THR A 99 3.14 3.43 3.74
C THR A 99 1.77 3.99 4.13
N LEU A 100 1.58 4.14 5.44
CA LEU A 100 0.33 4.66 5.96
C LEU A 100 0.07 6.05 5.38
N CYS A 101 1.12 6.87 5.42
CA CYS A 101 1.03 8.22 4.90
C CYS A 101 0.73 8.16 3.41
N ASP A 102 1.19 7.07 2.80
CA ASP A 102 0.99 6.87 1.37
C ASP A 102 -0.46 6.44 1.14
N PHE A 103 -0.86 6.47 -0.12
CA PHE A 103 -2.21 6.08 -0.50
C PHE A 103 -2.40 4.57 -0.37
N ILE A 104 -3.32 4.20 0.51
CA ILE A 104 -3.61 2.80 0.75
C ILE A 104 -4.93 2.67 1.51
N VAL A 105 -5.76 1.74 1.05
CA VAL A 105 -7.05 1.51 1.67
C VAL A 105 -7.51 0.08 1.37
N PRO A 106 -8.42 -0.43 2.24
CA PRO A 106 -8.95 -1.77 2.08
C PRO A 106 -9.96 -1.83 0.93
N TRP A 107 -10.09 -0.71 0.25
CA TRP A 107 -11.01 -0.61 -0.87
C TRP A 107 -12.43 -0.46 -0.30
N ASP A 108 -12.81 -1.43 0.52
CA ASP A 108 -14.13 -1.42 1.13
C ASP A 108 -14.20 -0.28 2.15
N THR A 109 -13.80 0.90 1.70
CA THR A 109 -13.82 2.07 2.56
C THR A 109 -13.84 3.35 1.72
N LEU A 110 -12.91 3.42 0.78
CA LEU A 110 -12.82 4.58 -0.09
C LEU A 110 -13.85 5.63 0.35
N SER A 111 -14.90 5.74 -0.44
CA SER A 111 -15.95 6.70 -0.14
C SER A 111 -16.52 7.27 -1.45
N THR A 112 -15.62 7.54 -2.37
CA THR A 112 -16.02 8.09 -3.66
C THR A 112 -14.83 8.78 -4.34
N THR A 113 -14.37 9.85 -3.71
CA THR A 113 -13.24 10.60 -4.24
C THR A 113 -12.08 9.66 -4.58
N GLN A 114 -12.06 8.52 -3.89
CA GLN A 114 -11.02 7.53 -4.11
C GLN A 114 -11.37 6.65 -5.31
N LYS A 115 -12.67 6.38 -5.45
CA LYS A 115 -13.14 5.56 -6.55
C LYS A 115 -12.99 6.32 -7.86
N LYS A 116 -13.35 7.60 -7.81
CA LYS A 116 -13.26 8.45 -8.99
C LYS A 116 -11.80 8.56 -9.42
N SER A 117 -10.91 8.25 -8.49
CA SER A 117 -9.48 8.30 -8.77
C SER A 117 -8.97 6.91 -9.14
N LEU A 118 -9.85 5.93 -9.01
CA LEU A 118 -9.49 4.57 -9.32
C LEU A 118 -9.62 4.34 -10.83
N ASN A 119 -10.43 5.18 -11.45
CA ASN A 119 -10.65 5.10 -12.89
C ASN A 119 -9.90 6.24 -13.58
N HIS A 120 -9.05 6.90 -12.81
CA HIS A 120 -8.28 8.02 -13.34
C HIS A 120 -6.98 7.50 -13.97
N ARG A 121 -6.95 6.18 -14.17
CA ARG A 121 -5.78 5.56 -14.76
C ARG A 121 -4.58 5.66 -13.81
N TYR A 122 -4.07 6.87 -13.69
CA TYR A 122 -2.94 7.11 -12.81
C TYR A 122 -2.62 8.61 -12.72
N GLN A 123 -3.20 9.24 -11.71
CA GLN A 123 -2.99 10.66 -11.50
C GLN A 123 -3.36 11.44 -12.76
N MET A 124 -4.53 11.12 -13.31
CA MET A 124 -5.00 11.78 -14.51
C MET A 124 -5.36 13.25 -14.23
N GLY A 125 -4.37 13.96 -13.71
CA GLY A 125 -4.57 15.37 -13.39
C GLY A 125 -5.66 15.55 -12.33
N CYS A 126 -5.90 14.48 -11.58
CA CYS A 126 -6.91 14.51 -10.54
C CYS A 126 -6.56 15.62 -9.55
N GLU A 127 -7.37 15.72 -8.50
CA GLU A 127 -7.16 16.73 -7.49
C GLU A 127 -8.20 16.61 -6.38
N CYS A 1 5.39 6.28 8.25
CA CYS A 1 5.76 6.34 9.64
C CYS A 1 4.89 7.40 10.32
N SER A 2 4.03 6.94 11.22
CA SER A 2 3.14 7.82 11.95
C SER A 2 2.79 9.03 11.07
N CYS A 3 2.58 8.75 9.79
CA CYS A 3 2.23 9.79 8.84
C CYS A 3 0.71 9.86 8.74
N SER A 4 0.19 11.08 8.74
CA SER A 4 -1.23 11.29 8.64
C SER A 4 -1.74 10.86 7.27
N PRO A 5 -2.53 9.76 7.26
CA PRO A 5 -3.09 9.23 6.03
C PRO A 5 -4.24 10.10 5.53
N VAL A 6 -3.89 11.30 5.08
CA VAL A 6 -4.88 12.23 4.57
C VAL A 6 -5.00 12.07 3.06
N HIS A 7 -5.02 13.20 2.37
CA HIS A 7 -5.13 13.20 0.92
C HIS A 7 -6.13 12.14 0.49
N PRO A 8 -7.40 12.59 0.31
CA PRO A 8 -8.47 11.70 -0.10
C PRO A 8 -8.35 11.35 -1.58
N GLN A 9 -7.77 12.28 -2.34
CA GLN A 9 -7.59 12.09 -3.76
C GLN A 9 -6.11 12.17 -4.13
N GLN A 10 -5.42 13.09 -3.47
CA GLN A 10 -3.99 13.28 -3.71
C GLN A 10 -3.24 11.98 -3.44
N ALA A 11 -3.95 11.01 -2.88
CA ALA A 11 -3.36 9.73 -2.57
C ALA A 11 -3.36 8.85 -3.84
N PHE A 12 -4.44 8.97 -4.59
CA PHE A 12 -4.59 8.21 -5.82
C PHE A 12 -3.96 8.94 -6.99
N CYS A 13 -3.38 10.09 -6.70
CA CYS A 13 -2.75 10.91 -7.73
C CYS A 13 -1.23 10.86 -7.50
N ASN A 14 -0.86 10.44 -6.30
CA ASN A 14 0.55 10.34 -5.95
C ASN A 14 1.04 8.91 -6.21
N ALA A 15 0.17 7.96 -5.90
CA ALA A 15 0.50 6.56 -6.09
C ALA A 15 0.96 6.33 -7.53
N ASP A 16 1.41 5.11 -7.79
CA ASP A 16 1.88 4.77 -9.12
C ASP A 16 1.76 3.25 -9.31
N VAL A 17 0.95 2.64 -8.46
CA VAL A 17 0.75 1.20 -8.52
C VAL A 17 -0.46 0.82 -7.65
N VAL A 18 -1.64 1.02 -8.21
CA VAL A 18 -2.86 0.71 -7.50
C VAL A 18 -3.33 -0.70 -7.88
N ILE A 19 -3.36 -1.57 -6.89
CA ILE A 19 -3.78 -2.94 -7.10
C ILE A 19 -4.58 -3.43 -5.90
N ARG A 20 -5.79 -3.90 -6.17
CA ARG A 20 -6.65 -4.39 -5.11
C ARG A 20 -6.20 -5.77 -4.65
N THR A 21 -4.88 -5.93 -4.59
CA THR A 21 -4.30 -7.19 -4.16
C THR A 21 -4.75 -7.53 -2.73
N LYS A 22 -4.45 -8.76 -2.32
CA LYS A 22 -4.82 -9.21 -1.00
C LYS A 22 -3.57 -9.70 -0.27
N ALA A 23 -3.28 -9.05 0.85
CA ALA A 23 -2.12 -9.40 1.65
C ALA A 23 -2.54 -10.39 2.74
N VAL A 24 -2.38 -11.67 2.43
CA VAL A 24 -2.73 -12.72 3.38
C VAL A 24 -1.47 -13.18 4.11
N SER A 25 -0.37 -13.20 3.38
CA SER A 25 0.90 -13.62 3.94
C SER A 25 1.87 -12.44 4.01
N GLU A 26 2.89 -12.59 4.83
CA GLU A 26 3.90 -11.56 4.99
C GLU A 26 5.27 -12.16 5.27
N LYS A 27 6.24 -11.29 5.49
CA LYS A 27 7.59 -11.74 5.77
C LYS A 27 8.31 -10.68 6.62
N GLU A 28 8.56 -11.06 7.86
CA GLU A 28 9.24 -10.16 8.79
C GLU A 28 10.73 -10.05 8.44
N VAL A 29 11.03 -9.06 7.61
CA VAL A 29 12.41 -8.84 7.20
C VAL A 29 13.03 -7.73 8.05
N ASP A 30 13.46 -8.11 9.24
CA ASP A 30 14.06 -7.17 10.16
C ASP A 30 15.07 -6.30 9.41
N SER A 31 15.07 -5.02 9.75
CA SER A 31 15.98 -4.08 9.11
C SER A 31 16.81 -3.34 10.17
N GLY A 32 17.05 -4.04 11.28
CA GLY A 32 17.81 -3.46 12.37
C GLY A 32 17.14 -2.21 12.90
N ASN A 33 17.88 -1.50 13.76
CA ASN A 33 17.37 -0.27 14.35
C ASN A 33 17.61 0.88 13.39
N ASP A 34 16.92 1.98 13.66
CA ASP A 34 17.04 3.17 12.84
C ASP A 34 18.08 4.12 13.45
N ILE A 35 18.03 5.37 13.00
CA ILE A 35 18.95 6.37 13.51
C ILE A 35 18.46 6.88 14.86
N TYR A 36 17.35 6.30 15.31
CA TYR A 36 16.78 6.69 16.58
C TYR A 36 16.97 5.59 17.62
N GLY A 37 17.58 4.50 17.19
CA GLY A 37 17.83 3.37 18.07
C GLY A 37 16.64 2.41 18.08
N ASN A 38 15.56 2.85 17.45
CA ASN A 38 14.36 2.03 17.37
C ASN A 38 14.55 0.96 16.30
N PRO A 39 13.81 -0.17 16.48
CA PRO A 39 13.88 -1.27 15.54
C PRO A 39 13.11 -0.94 14.26
N ILE A 40 13.79 -1.13 13.13
CA ILE A 40 13.18 -0.86 11.84
C ILE A 40 12.17 -1.96 11.52
N LYS A 41 12.62 -2.94 10.75
CA LYS A 41 11.77 -4.04 10.36
C LYS A 41 10.76 -3.57 9.31
N ARG A 42 10.78 -4.23 8.17
CA ARG A 42 9.88 -3.88 7.08
C ARG A 42 9.11 -5.12 6.61
N ILE A 43 8.24 -5.60 7.48
CA ILE A 43 7.44 -6.78 7.16
C ILE A 43 7.05 -6.73 5.69
N GLN A 44 6.95 -7.92 5.10
CA GLN A 44 6.58 -8.03 3.70
C GLN A 44 5.07 -8.14 3.57
N TYR A 45 4.62 -8.24 2.32
CA TYR A 45 3.20 -8.34 2.04
C TYR A 45 2.93 -9.39 0.95
N GLU A 46 3.19 -10.64 1.31
CA GLU A 46 2.98 -11.74 0.38
C GLU A 46 1.50 -11.84 0.00
N ILE A 47 1.05 -10.86 -0.78
CA ILE A 47 -0.34 -10.82 -1.21
C ILE A 47 -0.60 -12.02 -2.14
N LYS A 48 -1.75 -11.96 -2.81
CA LYS A 48 -2.13 -13.01 -3.73
C LYS A 48 -2.63 -12.40 -5.03
N GLN A 49 -2.38 -11.11 -5.17
CA GLN A 49 -2.79 -10.39 -6.36
C GLN A 49 -4.20 -10.82 -6.77
N ILE A 50 -5.14 -9.90 -6.60
CA ILE A 50 -6.52 -10.17 -6.96
C ILE A 50 -6.97 -9.20 -8.05
N LYS A 51 -6.35 -8.02 -8.03
CA LYS A 51 -6.68 -6.99 -9.00
C LYS A 51 -5.46 -6.09 -9.22
N MET A 52 -5.54 -5.28 -10.26
CA MET A 52 -4.45 -4.37 -10.59
C MET A 52 -4.98 -3.07 -11.18
N PHE A 53 -5.64 -2.29 -10.32
CA PHE A 53 -6.20 -1.02 -10.75
C PHE A 53 -5.25 -0.29 -11.70
N LYS A 54 -4.21 0.30 -11.11
CA LYS A 54 -3.22 1.03 -11.89
C LYS A 54 -1.82 0.59 -11.45
N GLY A 55 -1.47 -0.62 -11.84
CA GLY A 55 -0.16 -1.17 -11.51
C GLY A 55 0.57 -1.64 -12.77
N PRO A 56 1.54 -2.56 -12.54
CA PRO A 56 2.33 -3.11 -13.64
C PRO A 56 1.51 -4.11 -14.45
N GLU A 57 2.16 -4.71 -15.43
CA GLU A 57 1.51 -5.69 -16.28
C GLU A 57 1.63 -7.09 -15.67
N LYS A 58 2.75 -7.31 -15.00
CA LYS A 58 3.00 -8.60 -14.37
C LYS A 58 2.23 -8.67 -13.05
N ASP A 59 2.82 -8.06 -12.02
CA ASP A 59 2.19 -8.04 -10.71
C ASP A 59 3.28 -7.93 -9.64
N ILE A 60 2.83 -7.71 -8.42
CA ILE A 60 3.76 -7.58 -7.30
C ILE A 60 3.75 -8.88 -6.49
N GLU A 61 2.66 -9.08 -5.77
CA GLU A 61 2.51 -10.27 -4.94
C GLU A 61 3.41 -10.18 -3.71
N PHE A 62 4.25 -9.15 -3.70
CA PHE A 62 5.16 -8.93 -2.59
C PHE A 62 5.38 -7.44 -2.35
N ILE A 63 4.65 -6.91 -1.38
CA ILE A 63 4.76 -5.50 -1.04
C ILE A 63 5.53 -5.36 0.28
N TYR A 64 5.91 -4.13 0.57
CA TYR A 64 6.64 -3.83 1.79
C TYR A 64 5.88 -2.82 2.66
N THR A 65 6.12 -2.92 3.96
CA THR A 65 5.47 -2.03 4.90
C THR A 65 6.14 -2.13 6.27
N ALA A 66 5.49 -1.52 7.26
CA ALA A 66 6.01 -1.54 8.61
C ALA A 66 5.21 -2.54 9.45
N PRO A 67 5.91 -3.14 10.45
CA PRO A 67 5.28 -4.13 11.32
C PRO A 67 4.35 -3.44 12.33
N SER A 68 4.03 -4.18 13.38
CA SER A 68 3.14 -3.67 14.41
C SER A 68 1.75 -3.44 13.84
N SER A 69 1.00 -2.57 14.51
CA SER A 69 -0.35 -2.26 14.09
C SER A 69 -0.32 -1.25 12.94
N ALA A 70 0.79 -1.24 12.23
CA ALA A 70 0.96 -0.33 11.12
C ALA A 70 1.50 1.01 11.62
N VAL A 71 2.81 1.18 11.47
CA VAL A 71 3.47 2.40 11.92
C VAL A 71 3.82 3.25 10.70
N CYS A 72 4.32 2.58 9.67
CA CYS A 72 4.70 3.26 8.45
C CYS A 72 3.89 2.66 7.30
N GLY A 73 2.87 1.90 7.66
CA GLY A 73 2.02 1.27 6.66
C GLY A 73 0.60 1.06 7.21
N VAL A 74 -0.13 0.17 6.55
CA VAL A 74 -1.49 -0.13 6.96
C VAL A 74 -1.54 -1.53 7.55
N SER A 75 -0.38 -2.18 7.56
CA SER A 75 -0.28 -3.53 8.10
C SER A 75 -1.60 -4.27 7.88
N LEU A 76 -1.77 -4.77 6.66
CA LEU A 76 -2.97 -5.49 6.30
C LEU A 76 -2.67 -7.00 6.31
N ASP A 77 -3.51 -7.74 7.01
CA ASP A 77 -3.35 -9.18 7.10
C ASP A 77 -4.42 -9.87 6.26
N VAL A 78 -5.37 -9.07 5.78
CA VAL A 78 -6.45 -9.58 4.97
C VAL A 78 -7.40 -10.41 5.85
N GLY A 79 -6.81 -11.36 6.57
CA GLY A 79 -7.58 -12.22 7.44
C GLY A 79 -8.54 -11.40 8.30
N GLY A 80 -8.29 -10.10 8.35
CA GLY A 80 -9.13 -9.20 9.12
C GLY A 80 -9.82 -8.18 8.22
N LYS A 81 -9.15 -7.85 7.13
CA LYS A 81 -9.68 -6.88 6.18
C LYS A 81 -10.22 -7.62 4.96
N LYS A 82 -9.36 -7.74 3.96
CA LYS A 82 -9.74 -8.42 2.73
C LYS A 82 -8.67 -8.16 1.66
N GLU A 83 -8.83 -7.03 0.99
CA GLU A 83 -7.89 -6.65 -0.06
C GLU A 83 -7.81 -5.13 -0.18
N TYR A 84 -6.64 -4.65 -0.58
CA TYR A 84 -6.43 -3.22 -0.74
C TYR A 84 -5.90 -2.90 -2.13
N LEU A 85 -6.16 -1.67 -2.56
CA LEU A 85 -5.72 -1.22 -3.87
C LEU A 85 -4.28 -0.73 -3.77
N ILE A 86 -3.71 -0.88 -2.59
CA ILE A 86 -2.34 -0.45 -2.35
C ILE A 86 -1.84 0.35 -3.55
N ALA A 87 -1.78 1.66 -3.36
CA ALA A 87 -1.33 2.55 -4.42
C ALA A 87 -0.26 3.49 -3.87
N GLY A 88 0.97 3.27 -4.31
CA GLY A 88 2.08 4.09 -3.86
C GLY A 88 3.10 4.30 -4.99
N LYS A 89 4.17 5.00 -4.66
CA LYS A 89 5.22 5.28 -5.63
C LYS A 89 5.65 3.97 -6.30
N ALA A 90 5.57 2.89 -5.53
CA ALA A 90 5.94 1.58 -6.03
C ALA A 90 7.47 1.45 -6.04
N GLU A 91 7.93 0.27 -6.38
CA GLU A 91 9.36 0.00 -6.43
C GLU A 91 9.72 -0.73 -7.73
N GLY A 92 8.72 -0.88 -8.57
CA GLY A 92 8.92 -1.56 -9.84
C GLY A 92 7.86 -2.64 -10.07
N ASP A 93 8.34 -3.85 -10.32
CA ASP A 93 7.45 -4.98 -10.54
C ASP A 93 7.85 -6.13 -9.61
N GLY A 94 6.83 -6.82 -9.11
CA GLY A 94 7.06 -7.94 -8.22
C GLY A 94 7.36 -7.46 -6.80
N LYS A 95 7.43 -6.14 -6.67
CA LYS A 95 7.71 -5.54 -5.37
C LYS A 95 7.59 -4.02 -5.48
N MET A 96 7.01 -3.43 -4.45
CA MET A 96 6.82 -1.99 -4.43
C MET A 96 6.94 -1.45 -2.99
N HIS A 97 6.65 -0.17 -2.86
CA HIS A 97 6.72 0.48 -1.56
C HIS A 97 5.38 1.12 -1.23
N ILE A 98 4.91 0.83 -0.03
CA ILE A 98 3.63 1.37 0.43
C ILE A 98 3.73 1.72 1.91
N THR A 99 3.25 2.91 2.24
CA THR A 99 3.28 3.38 3.62
C THR A 99 1.91 3.97 4.01
N LEU A 100 1.69 4.04 5.31
CA LEU A 100 0.44 4.57 5.82
C LEU A 100 0.21 5.96 5.24
N CYS A 101 1.28 6.54 4.71
CA CYS A 101 1.20 7.86 4.12
C CYS A 101 1.02 7.70 2.60
N ASP A 102 1.50 6.58 2.09
CA ASP A 102 1.39 6.28 0.67
C ASP A 102 0.00 5.68 0.39
N PHE A 103 -0.86 6.51 -0.19
CA PHE A 103 -2.21 6.08 -0.52
C PHE A 103 -2.35 4.56 -0.39
N ILE A 104 -3.25 4.16 0.48
CA ILE A 104 -3.49 2.74 0.71
C ILE A 104 -4.79 2.57 1.50
N VAL A 105 -5.59 1.61 1.06
CA VAL A 105 -6.86 1.34 1.71
C VAL A 105 -7.28 -0.09 1.41
N PRO A 106 -8.16 -0.64 2.30
CA PRO A 106 -8.66 -1.99 2.13
C PRO A 106 -9.69 -2.07 1.00
N TRP A 107 -9.76 -0.99 0.23
CA TRP A 107 -10.69 -0.93 -0.88
C TRP A 107 -12.10 -0.81 -0.30
N ASP A 108 -12.50 -1.82 0.46
CA ASP A 108 -13.81 -1.85 1.07
C ASP A 108 -13.87 -0.79 2.17
N THR A 109 -13.50 0.43 1.80
CA THR A 109 -13.51 1.54 2.74
C THR A 109 -13.56 2.87 1.99
N LEU A 110 -12.59 3.04 1.10
CA LEU A 110 -12.51 4.27 0.32
C LEU A 110 -13.48 5.30 0.89
N SER A 111 -14.56 5.52 0.16
CA SER A 111 -15.57 6.48 0.58
C SER A 111 -16.23 7.11 -0.65
N THR A 112 -15.40 7.47 -1.61
CA THR A 112 -15.89 8.08 -2.83
C THR A 112 -14.75 8.81 -3.54
N THR A 113 -14.25 9.86 -2.90
CA THR A 113 -13.17 10.65 -3.45
C THR A 113 -12.02 9.73 -3.92
N GLN A 114 -12.00 8.54 -3.34
CA GLN A 114 -10.98 7.57 -3.69
C GLN A 114 -11.41 6.75 -4.91
N LYS A 115 -12.69 6.44 -4.95
CA LYS A 115 -13.24 5.67 -6.06
C LYS A 115 -13.18 6.49 -7.34
N LYS A 116 -13.46 7.78 -7.19
CA LYS A 116 -13.43 8.69 -8.32
C LYS A 116 -12.01 8.78 -8.87
N SER A 117 -11.06 8.29 -8.08
CA SER A 117 -9.67 8.31 -8.47
C SER A 117 -9.27 6.95 -9.04
N LEU A 118 -10.12 5.96 -8.79
CA LEU A 118 -9.87 4.62 -9.27
C LEU A 118 -10.08 4.57 -10.78
N ASN A 119 -10.97 5.44 -11.25
CA ASN A 119 -11.29 5.51 -12.66
C ASN A 119 -10.36 6.54 -13.32
N HIS A 120 -9.71 7.34 -12.50
CA HIS A 120 -8.79 8.35 -12.98
C HIS A 120 -7.38 7.78 -13.07
N ARG A 121 -7.32 6.48 -13.31
CA ARG A 121 -6.04 5.80 -13.41
C ARG A 121 -5.30 5.84 -12.07
N TYR A 122 -4.23 6.62 -12.04
CA TYR A 122 -3.43 6.75 -10.84
C TYR A 122 -3.02 8.21 -10.62
N GLN A 123 -3.52 9.07 -11.48
CA GLN A 123 -3.22 10.49 -11.39
C GLN A 123 -3.66 11.21 -12.67
N MET A 124 -4.95 11.10 -12.96
CA MET A 124 -5.51 11.73 -14.14
C MET A 124 -5.54 13.25 -13.98
N GLY A 125 -4.38 13.81 -13.66
CA GLY A 125 -4.27 15.25 -13.48
C GLY A 125 -5.20 15.74 -12.36
N CYS A 126 -5.68 14.78 -11.58
CA CYS A 126 -6.56 15.10 -10.48
C CYS A 126 -5.77 15.90 -9.43
N GLU A 127 -6.36 16.01 -8.26
CA GLU A 127 -5.73 16.73 -7.16
C GLU A 127 -6.61 16.71 -5.92
N CYS A 1 6.47 8.11 11.98
CA CYS A 1 6.13 7.01 11.08
C CYS A 1 4.61 6.94 10.95
N SER A 2 3.95 7.00 12.09
CA SER A 2 2.50 6.94 12.12
C SER A 2 1.91 8.19 11.44
N CYS A 3 2.19 8.31 10.15
CA CYS A 3 1.71 9.44 9.38
C CYS A 3 0.19 9.35 9.33
N SER A 4 -0.38 10.04 8.34
CA SER A 4 -1.82 10.05 8.16
C SER A 4 -2.17 9.99 6.68
N PRO A 5 -2.80 8.85 6.27
CA PRO A 5 -3.19 8.67 4.89
C PRO A 5 -4.41 9.52 4.53
N VAL A 6 -4.19 10.81 4.46
CA VAL A 6 -5.27 11.74 4.13
C VAL A 6 -5.45 11.79 2.61
N HIS A 7 -5.55 13.01 2.10
CA HIS A 7 -5.73 13.20 0.68
C HIS A 7 -6.55 12.04 0.10
N PRO A 8 -7.90 12.25 0.07
CA PRO A 8 -8.80 11.24 -0.44
C PRO A 8 -8.75 11.20 -1.97
N GLN A 9 -7.85 12.00 -2.53
CA GLN A 9 -7.69 12.06 -3.97
C GLN A 9 -6.22 12.17 -4.34
N GLN A 10 -5.52 13.00 -3.57
CA GLN A 10 -4.10 13.20 -3.79
C GLN A 10 -3.31 11.92 -3.50
N ALA A 11 -4.03 10.94 -2.97
CA ALA A 11 -3.42 9.66 -2.64
C ALA A 11 -3.37 8.78 -3.89
N PHE A 12 -4.42 8.89 -4.69
CA PHE A 12 -4.52 8.11 -5.92
C PHE A 12 -3.83 8.84 -7.08
N CYS A 13 -3.39 10.05 -6.80
CA CYS A 13 -2.72 10.85 -7.81
C CYS A 13 -1.21 10.81 -7.54
N ASN A 14 -0.87 10.39 -6.33
CA ASN A 14 0.52 10.29 -5.93
C ASN A 14 1.03 8.87 -6.19
N ALA A 15 0.17 7.91 -5.87
CA ALA A 15 0.51 6.51 -6.07
C ALA A 15 0.94 6.29 -7.51
N ASP A 16 1.41 5.08 -7.79
CA ASP A 16 1.86 4.73 -9.12
C ASP A 16 1.72 3.21 -9.31
N VAL A 17 0.91 2.61 -8.46
CA VAL A 17 0.68 1.17 -8.52
C VAL A 17 -0.52 0.81 -7.63
N VAL A 18 -1.70 1.02 -8.19
CA VAL A 18 -2.92 0.72 -7.46
C VAL A 18 -3.40 -0.69 -7.83
N ILE A 19 -3.47 -1.54 -6.82
CA ILE A 19 -3.91 -2.91 -7.02
C ILE A 19 -4.70 -3.38 -5.80
N ARG A 20 -5.90 -3.87 -6.06
CA ARG A 20 -6.76 -4.36 -5.00
C ARG A 20 -6.31 -5.74 -4.54
N THR A 21 -5.00 -5.90 -4.43
CA THR A 21 -4.43 -7.17 -4.01
C THR A 21 -4.84 -7.48 -2.58
N LYS A 22 -4.63 -8.73 -2.20
CA LYS A 22 -4.98 -9.18 -0.86
C LYS A 22 -3.72 -9.67 -0.14
N ALA A 23 -3.45 -9.05 1.00
CA ALA A 23 -2.27 -9.41 1.78
C ALA A 23 -2.69 -10.40 2.87
N VAL A 24 -2.37 -11.66 2.64
CA VAL A 24 -2.69 -12.71 3.60
C VAL A 24 -1.42 -13.17 4.29
N SER A 25 -0.34 -13.24 3.51
CA SER A 25 0.94 -13.67 4.04
C SER A 25 1.92 -12.50 4.03
N GLU A 26 2.95 -12.62 4.86
CA GLU A 26 3.97 -11.59 4.95
C GLU A 26 5.35 -12.22 5.20
N LYS A 27 6.33 -11.35 5.39
CA LYS A 27 7.69 -11.81 5.64
C LYS A 27 8.42 -10.77 6.47
N GLU A 28 8.77 -11.16 7.69
CA GLU A 28 9.48 -10.28 8.60
C GLU A 28 10.95 -10.14 8.17
N VAL A 29 11.21 -9.08 7.42
CA VAL A 29 12.56 -8.82 6.94
C VAL A 29 13.19 -7.72 7.79
N ASP A 30 13.64 -8.10 8.97
CA ASP A 30 14.27 -7.16 9.88
C ASP A 30 15.23 -6.26 9.09
N SER A 31 15.23 -4.99 9.47
CA SER A 31 16.08 -4.02 8.81
C SER A 31 16.93 -3.27 9.85
N GLY A 32 17.25 -3.98 10.93
CA GLY A 32 18.04 -3.40 11.99
C GLY A 32 17.33 -2.18 12.60
N ASN A 33 18.07 -1.47 13.44
CA ASN A 33 17.53 -0.28 14.09
C ASN A 33 17.69 0.92 13.16
N ASP A 34 16.98 1.99 13.50
CA ASP A 34 17.04 3.20 12.71
C ASP A 34 18.06 4.16 13.32
N ILE A 35 17.94 5.43 12.93
CA ILE A 35 18.84 6.45 13.43
C ILE A 35 18.38 6.89 14.83
N TYR A 36 17.29 6.28 15.28
CA TYR A 36 16.75 6.60 16.59
C TYR A 36 17.01 5.47 17.58
N GLY A 37 17.65 4.41 17.08
CA GLY A 37 17.96 3.27 17.91
C GLY A 37 16.80 2.26 17.91
N ASN A 38 15.69 2.68 17.34
CA ASN A 38 14.51 1.84 17.25
C ASN A 38 14.70 0.81 16.15
N PRO A 39 14.02 -0.35 16.32
CA PRO A 39 14.11 -1.43 15.34
C PRO A 39 13.29 -1.10 14.09
N ILE A 40 13.94 -1.23 12.94
CA ILE A 40 13.29 -0.95 11.67
C ILE A 40 12.30 -2.08 11.36
N LYS A 41 12.77 -3.02 10.57
CA LYS A 41 11.93 -4.16 10.17
C LYS A 41 10.87 -3.69 9.17
N ARG A 42 10.94 -4.27 7.98
CA ARG A 42 10.01 -3.92 6.92
C ARG A 42 9.25 -5.17 6.46
N ILE A 43 8.42 -5.68 7.34
CA ILE A 43 7.63 -6.87 7.04
C ILE A 43 7.17 -6.80 5.58
N GLN A 44 7.08 -7.97 4.97
CA GLN A 44 6.66 -8.06 3.58
C GLN A 44 5.14 -8.18 3.49
N TYR A 45 4.64 -8.28 2.27
CA TYR A 45 3.22 -8.40 2.04
C TYR A 45 2.92 -9.44 0.97
N GLU A 46 3.17 -10.70 1.32
CA GLU A 46 2.94 -11.80 0.40
C GLU A 46 1.46 -11.89 0.05
N ILE A 47 0.99 -10.88 -0.68
CA ILE A 47 -0.40 -10.84 -1.08
C ILE A 47 -0.69 -11.99 -2.05
N LYS A 48 -1.91 -12.02 -2.55
CA LYS A 48 -2.32 -13.05 -3.47
C LYS A 48 -2.71 -12.41 -4.81
N GLN A 49 -2.71 -11.08 -4.82
CA GLN A 49 -3.05 -10.35 -6.03
C GLN A 49 -4.42 -10.78 -6.53
N ILE A 50 -5.38 -9.87 -6.44
CA ILE A 50 -6.72 -10.14 -6.89
C ILE A 50 -7.10 -9.16 -8.01
N LYS A 51 -6.59 -7.94 -7.88
CA LYS A 51 -6.86 -6.91 -8.86
C LYS A 51 -5.62 -6.03 -9.03
N MET A 52 -5.61 -5.28 -10.11
CA MET A 52 -4.49 -4.39 -10.39
C MET A 52 -4.98 -3.09 -11.03
N PHE A 53 -5.68 -2.30 -10.24
CA PHE A 53 -6.21 -1.03 -10.72
C PHE A 53 -5.21 -0.35 -11.66
N LYS A 54 -4.23 0.32 -11.05
CA LYS A 54 -3.22 1.01 -11.82
C LYS A 54 -1.83 0.54 -11.37
N GLY A 55 -1.50 -0.68 -11.78
CA GLY A 55 -0.22 -1.25 -11.43
C GLY A 55 0.58 -1.63 -12.68
N PRO A 56 1.61 -2.49 -12.47
CA PRO A 56 2.45 -2.93 -13.58
C PRO A 56 1.72 -3.95 -14.45
N GLU A 57 2.46 -4.51 -15.39
CA GLU A 57 1.89 -5.50 -16.29
C GLU A 57 2.12 -6.92 -15.74
N LYS A 58 3.25 -7.09 -15.08
CA LYS A 58 3.60 -8.38 -14.50
C LYS A 58 2.73 -8.61 -13.25
N ASP A 59 3.16 -8.02 -12.15
CA ASP A 59 2.44 -8.18 -10.90
C ASP A 59 3.42 -8.00 -9.73
N ILE A 60 2.85 -7.81 -8.55
CA ILE A 60 3.66 -7.63 -7.35
C ILE A 60 3.61 -8.90 -6.51
N GLU A 61 2.51 -9.05 -5.77
CA GLU A 61 2.33 -10.22 -4.92
C GLU A 61 3.24 -10.12 -3.71
N PHE A 62 4.13 -9.14 -3.74
CA PHE A 62 5.06 -8.95 -2.64
C PHE A 62 5.31 -7.45 -2.39
N ILE A 63 4.53 -6.91 -1.46
CA ILE A 63 4.65 -5.50 -1.11
C ILE A 63 5.45 -5.37 0.18
N TYR A 64 5.79 -4.12 0.51
CA TYR A 64 6.56 -3.84 1.70
C TYR A 64 5.81 -2.88 2.63
N THR A 65 6.14 -2.97 3.91
CA THR A 65 5.50 -2.10 4.90
C THR A 65 6.20 -2.26 6.25
N ALA A 66 5.57 -1.67 7.27
CA ALA A 66 6.11 -1.73 8.61
C ALA A 66 5.28 -2.71 9.44
N PRO A 67 5.99 -3.41 10.38
CA PRO A 67 5.34 -4.37 11.24
C PRO A 67 4.52 -3.68 12.33
N SER A 68 4.21 -4.43 13.37
CA SER A 68 3.43 -3.90 14.48
C SER A 68 2.08 -3.40 13.97
N SER A 69 1.39 -2.68 14.85
CA SER A 69 0.08 -2.14 14.50
C SER A 69 0.23 -1.04 13.46
N ALA A 70 0.87 -1.40 12.36
CA ALA A 70 1.09 -0.45 11.28
C ALA A 70 1.73 0.82 11.83
N VAL A 71 3.03 0.94 11.63
CA VAL A 71 3.77 2.09 12.11
C VAL A 71 4.05 3.03 10.94
N CYS A 72 4.33 2.44 9.79
CA CYS A 72 4.62 3.21 8.59
C CYS A 72 3.83 2.60 7.44
N GLY A 73 2.80 1.84 7.78
CA GLY A 73 1.96 1.21 6.79
C GLY A 73 0.55 0.95 7.34
N VAL A 74 -0.17 0.08 6.64
CA VAL A 74 -1.52 -0.26 7.05
C VAL A 74 -1.55 -1.69 7.58
N SER A 75 -0.37 -2.28 7.68
CA SER A 75 -0.24 -3.64 8.17
C SER A 75 -1.53 -4.42 7.89
N LEU A 76 -1.61 -4.96 6.69
CA LEU A 76 -2.78 -5.73 6.29
C LEU A 76 -2.45 -7.22 6.34
N ASP A 77 -3.36 -7.97 6.94
CA ASP A 77 -3.18 -9.41 7.07
C ASP A 77 -4.33 -10.13 6.38
N VAL A 78 -5.29 -9.33 5.91
CA VAL A 78 -6.44 -9.87 5.22
C VAL A 78 -7.36 -10.54 6.24
N GLY A 79 -6.77 -11.38 7.07
CA GLY A 79 -7.52 -12.09 8.09
C GLY A 79 -8.31 -11.11 8.97
N GLY A 80 -7.97 -9.84 8.82
CA GLY A 80 -8.64 -8.80 9.59
C GLY A 80 -9.33 -7.79 8.66
N LYS A 81 -8.68 -7.52 7.54
CA LYS A 81 -9.22 -6.58 6.57
C LYS A 81 -9.86 -7.35 5.42
N LYS A 82 -9.09 -7.52 4.36
CA LYS A 82 -9.57 -8.24 3.18
C LYS A 82 -8.63 -7.98 2.01
N GLU A 83 -8.83 -6.85 1.36
CA GLU A 83 -8.02 -6.48 0.23
C GLU A 83 -7.87 -4.96 0.15
N TYR A 84 -6.82 -4.53 -0.53
CA TYR A 84 -6.56 -3.10 -0.68
C TYR A 84 -6.01 -2.80 -2.08
N LEU A 85 -6.27 -1.58 -2.52
CA LEU A 85 -5.82 -1.14 -3.83
C LEU A 85 -4.36 -0.68 -3.73
N ILE A 86 -3.80 -0.84 -2.55
CA ILE A 86 -2.43 -0.43 -2.31
C ILE A 86 -1.92 0.35 -3.51
N ALA A 87 -1.81 1.67 -3.33
CA ALA A 87 -1.34 2.54 -4.38
C ALA A 87 -0.26 3.46 -3.82
N GLY A 88 0.97 3.22 -4.28
CA GLY A 88 2.10 4.03 -3.84
C GLY A 88 3.09 4.24 -4.98
N LYS A 89 4.14 5.00 -4.67
CA LYS A 89 5.17 5.29 -5.66
C LYS A 89 5.63 3.98 -6.31
N ALA A 90 5.47 2.90 -5.55
CA ALA A 90 5.86 1.58 -6.05
C ALA A 90 7.39 1.46 -5.98
N GLU A 91 7.86 0.27 -6.31
CA GLU A 91 9.29 -0.01 -6.29
C GLU A 91 9.71 -0.71 -7.58
N GLY A 92 8.76 -0.85 -8.49
CA GLY A 92 9.02 -1.49 -9.76
C GLY A 92 7.96 -2.55 -10.06
N ASP A 93 8.44 -3.78 -10.23
CA ASP A 93 7.55 -4.90 -10.52
C ASP A 93 7.86 -6.06 -9.58
N GLY A 94 6.81 -6.74 -9.16
CA GLY A 94 6.96 -7.87 -8.26
C GLY A 94 7.14 -7.41 -6.82
N LYS A 95 7.25 -6.10 -6.67
CA LYS A 95 7.42 -5.51 -5.35
C LYS A 95 7.33 -3.99 -5.45
N MET A 96 6.80 -3.38 -4.40
CA MET A 96 6.65 -1.94 -4.36
C MET A 96 6.79 -1.41 -2.94
N HIS A 97 6.46 -0.13 -2.78
CA HIS A 97 6.54 0.50 -1.47
C HIS A 97 5.20 1.12 -1.11
N ILE A 98 4.76 0.85 0.11
CA ILE A 98 3.49 1.37 0.59
C ILE A 98 3.60 1.68 2.08
N THR A 99 3.07 2.85 2.45
CA THR A 99 3.11 3.28 3.84
C THR A 99 1.77 3.90 4.24
N LEU A 100 1.57 4.00 5.54
CA LEU A 100 0.34 4.57 6.07
C LEU A 100 0.21 6.02 5.59
N CYS A 101 1.36 6.63 5.35
CA CYS A 101 1.40 8.01 4.89
C CYS A 101 1.05 8.03 3.40
N ASP A 102 1.41 6.95 2.73
CA ASP A 102 1.14 6.83 1.30
C ASP A 102 -0.32 6.40 1.11
N PHE A 103 -0.75 6.45 -0.15
CA PHE A 103 -2.11 6.07 -0.49
C PHE A 103 -2.30 4.55 -0.35
N ILE A 104 -3.21 4.18 0.54
CA ILE A 104 -3.50 2.77 0.78
C ILE A 104 -4.80 2.65 1.56
N VAL A 105 -5.63 1.72 1.11
CA VAL A 105 -6.92 1.49 1.75
C VAL A 105 -7.38 0.06 1.47
N PRO A 106 -8.29 -0.44 2.36
CA PRO A 106 -8.81 -1.79 2.22
C PRO A 106 -9.83 -1.86 1.07
N TRP A 107 -9.92 -0.76 0.34
CA TRP A 107 -10.85 -0.69 -0.78
C TRP A 107 -12.26 -0.55 -0.21
N ASP A 108 -12.65 -1.53 0.60
CA ASP A 108 -13.96 -1.53 1.21
C ASP A 108 -14.04 -0.41 2.25
N THR A 109 -13.66 0.78 1.81
CA THR A 109 -13.68 1.95 2.68
C THR A 109 -13.73 3.24 1.86
N LEU A 110 -12.80 3.34 0.92
CA LEU A 110 -12.74 4.51 0.05
C LEU A 110 -13.76 5.55 0.53
N SER A 111 -14.82 5.68 -0.25
CA SER A 111 -15.87 6.63 0.07
C SER A 111 -16.45 7.23 -1.21
N THR A 112 -15.56 7.50 -2.15
CA THR A 112 -15.98 8.08 -3.43
C THR A 112 -14.80 8.78 -4.10
N THR A 113 -14.32 9.84 -3.46
CA THR A 113 -13.20 10.60 -3.98
C THR A 113 -12.06 9.66 -4.38
N GLN A 114 -12.02 8.51 -3.72
CA GLN A 114 -10.99 7.53 -3.99
C GLN A 114 -11.39 6.66 -5.19
N LYS A 115 -12.69 6.39 -5.28
CA LYS A 115 -13.21 5.58 -6.36
C LYS A 115 -13.08 6.35 -7.67
N LYS A 116 -13.39 7.64 -7.61
CA LYS A 116 -13.31 8.49 -8.78
C LYS A 116 -11.87 8.55 -9.27
N SER A 117 -10.96 8.11 -8.40
CA SER A 117 -9.55 8.10 -8.74
C SER A 117 -9.13 6.70 -9.22
N LEU A 118 -10.05 5.76 -9.06
CA LEU A 118 -9.79 4.40 -9.48
C LEU A 118 -9.92 4.29 -11.00
N ASN A 119 -10.77 5.14 -11.55
CA ASN A 119 -10.99 5.15 -12.98
C ASN A 119 -10.18 6.29 -13.61
N HIS A 120 -9.63 7.13 -12.75
CA HIS A 120 -8.83 8.25 -13.20
C HIS A 120 -7.36 7.83 -13.30
N ARG A 121 -7.17 6.56 -13.60
CA ARG A 121 -5.82 6.02 -13.73
C ARG A 121 -5.12 6.04 -12.37
N TYR A 122 -4.05 6.82 -12.32
CA TYR A 122 -3.27 6.94 -11.09
C TYR A 122 -2.89 8.38 -10.82
N GLN A 123 -3.39 9.27 -11.67
CA GLN A 123 -3.11 10.69 -11.53
C GLN A 123 -3.67 11.46 -12.74
N MET A 124 -4.99 11.44 -12.85
CA MET A 124 -5.66 12.13 -13.94
C MET A 124 -5.53 13.65 -13.79
N GLY A 125 -4.30 14.10 -13.67
CA GLY A 125 -4.04 15.53 -13.50
C GLY A 125 -4.93 16.13 -12.43
N CYS A 126 -5.42 15.27 -11.55
CA CYS A 126 -6.29 15.71 -10.47
C CYS A 126 -5.54 16.77 -9.66
N GLU A 127 -6.14 17.11 -8.52
CA GLU A 127 -5.54 18.10 -7.64
C GLU A 127 -6.41 18.30 -6.39
N CYS A 1 8.47 7.03 12.43
CA CYS A 1 7.40 7.32 11.49
C CYS A 1 6.07 7.32 12.24
N SER A 2 5.12 8.08 11.71
CA SER A 2 3.81 8.17 12.32
C SER A 2 3.01 9.31 11.68
N CYS A 3 2.76 9.15 10.39
CA CYS A 3 2.01 10.15 9.65
C CYS A 3 0.54 9.73 9.62
N SER A 4 -0.32 10.70 9.34
CA SER A 4 -1.75 10.44 9.27
C SER A 4 -2.18 10.22 7.81
N PRO A 5 -2.88 9.08 7.59
CA PRO A 5 -3.34 8.74 6.26
C PRO A 5 -4.55 9.59 5.86
N VAL A 6 -4.28 10.60 5.05
CA VAL A 6 -5.32 11.50 4.60
C VAL A 6 -5.39 11.47 3.07
N HIS A 7 -5.44 12.67 2.49
CA HIS A 7 -5.49 12.79 1.04
C HIS A 7 -6.40 11.71 0.46
N PRO A 8 -7.71 12.05 0.35
CA PRO A 8 -8.69 11.11 -0.18
C PRO A 8 -8.55 10.99 -1.70
N GLN A 9 -8.08 12.06 -2.32
CA GLN A 9 -7.90 12.08 -3.76
C GLN A 9 -6.41 12.22 -4.11
N GLN A 10 -5.70 12.92 -3.24
CA GLN A 10 -4.28 13.15 -3.44
C GLN A 10 -3.51 11.85 -3.22
N ALA A 11 -4.23 10.83 -2.77
CA ALA A 11 -3.63 9.54 -2.52
C ALA A 11 -3.59 8.73 -3.82
N PHE A 12 -4.64 8.90 -4.61
CA PHE A 12 -4.75 8.21 -5.88
C PHE A 12 -4.13 9.03 -7.01
N CYS A 13 -3.49 10.13 -6.62
CA CYS A 13 -2.86 11.01 -7.59
C CYS A 13 -1.35 11.01 -7.32
N ASN A 14 -0.99 10.39 -6.21
CA ASN A 14 0.42 10.31 -5.83
C ASN A 14 0.93 8.89 -6.07
N ALA A 15 0.07 7.93 -5.79
CA ALA A 15 0.43 6.52 -5.99
C ALA A 15 0.91 6.32 -7.42
N ASP A 16 1.40 5.12 -7.68
CA ASP A 16 1.90 4.79 -9.01
C ASP A 16 1.73 3.29 -9.24
N VAL A 17 0.93 2.67 -8.38
CA VAL A 17 0.68 1.24 -8.48
C VAL A 17 -0.54 0.88 -7.62
N VAL A 18 -1.71 0.99 -8.22
CA VAL A 18 -2.95 0.67 -7.52
C VAL A 18 -3.39 -0.74 -7.88
N ILE A 19 -3.48 -1.58 -6.87
CA ILE A 19 -3.90 -2.96 -7.07
C ILE A 19 -4.71 -3.43 -5.86
N ARG A 20 -5.90 -3.92 -6.15
CA ARG A 20 -6.79 -4.40 -5.10
C ARG A 20 -6.33 -5.78 -4.61
N THR A 21 -5.02 -5.93 -4.51
CA THR A 21 -4.44 -7.18 -4.05
C THR A 21 -4.86 -7.47 -2.61
N LYS A 22 -4.70 -8.73 -2.22
CA LYS A 22 -5.05 -9.16 -0.88
C LYS A 22 -3.80 -9.67 -0.17
N ALA A 23 -3.52 -9.04 0.97
CA ALA A 23 -2.36 -9.41 1.76
C ALA A 23 -2.78 -10.41 2.84
N VAL A 24 -2.50 -11.68 2.56
CA VAL A 24 -2.85 -12.73 3.51
C VAL A 24 -1.59 -13.20 4.23
N SER A 25 -0.48 -13.19 3.49
CA SER A 25 0.79 -13.61 4.05
C SER A 25 1.77 -12.44 4.05
N GLU A 26 2.81 -12.58 4.86
CA GLU A 26 3.83 -11.55 4.97
C GLU A 26 5.21 -12.18 5.17
N LYS A 27 6.19 -11.31 5.35
CA LYS A 27 7.56 -11.77 5.56
C LYS A 27 8.31 -10.73 6.39
N GLU A 28 8.67 -11.14 7.59
CA GLU A 28 9.40 -10.26 8.49
C GLU A 28 10.86 -10.13 8.06
N VAL A 29 11.12 -9.13 7.25
CA VAL A 29 12.47 -8.89 6.76
C VAL A 29 13.12 -7.79 7.58
N ASP A 30 13.88 -8.23 8.58
CA ASP A 30 14.57 -7.29 9.46
C ASP A 30 15.23 -6.19 8.61
N SER A 31 15.27 -4.99 9.17
CA SER A 31 15.86 -3.87 8.49
C SER A 31 16.80 -3.11 9.43
N GLY A 32 17.19 -3.79 10.49
CA GLY A 32 18.08 -3.21 11.48
C GLY A 32 17.40 -2.06 12.23
N ASN A 33 18.16 -1.40 13.07
CA ASN A 33 17.64 -0.29 13.86
C ASN A 33 17.72 0.99 13.02
N ASP A 34 17.00 2.00 13.48
CA ASP A 34 16.96 3.28 12.79
C ASP A 34 18.01 4.21 13.41
N ILE A 35 17.84 5.50 13.13
CA ILE A 35 18.77 6.50 13.65
C ILE A 35 18.40 6.82 15.10
N TYR A 36 17.37 6.13 15.58
CA TYR A 36 16.92 6.33 16.94
C TYR A 36 17.27 5.14 17.82
N GLY A 37 17.91 4.15 17.20
CA GLY A 37 18.31 2.95 17.91
C GLY A 37 17.18 1.91 17.92
N ASN A 38 16.02 2.34 17.46
CA ASN A 38 14.86 1.47 17.41
C ASN A 38 14.97 0.54 16.19
N PRO A 39 14.31 -0.64 16.31
CA PRO A 39 14.33 -1.61 15.23
C PRO A 39 13.42 -1.18 14.07
N ILE A 40 13.98 -1.24 12.87
CA ILE A 40 13.24 -0.86 11.68
C ILE A 40 12.20 -1.93 11.37
N LYS A 41 12.66 -2.96 10.67
CA LYS A 41 11.78 -4.06 10.29
C LYS A 41 10.79 -3.57 9.23
N ARG A 42 10.80 -4.26 8.11
CA ARG A 42 9.91 -3.92 7.01
C ARG A 42 9.14 -5.15 6.54
N ILE A 43 8.27 -5.64 7.40
CA ILE A 43 7.47 -6.81 7.09
C ILE A 43 7.01 -6.73 5.63
N GLN A 44 6.96 -7.90 4.99
CA GLN A 44 6.54 -7.97 3.60
C GLN A 44 5.02 -8.08 3.52
N TYR A 45 4.54 -8.21 2.29
CA TYR A 45 3.11 -8.33 2.05
C TYR A 45 2.81 -9.39 1.00
N GLU A 46 3.06 -10.64 1.37
CA GLU A 46 2.83 -11.75 0.47
C GLU A 46 1.35 -11.84 0.09
N ILE A 47 0.91 -10.88 -0.70
CA ILE A 47 -0.48 -10.83 -1.12
C ILE A 47 -0.74 -11.98 -2.11
N LYS A 48 -1.96 -12.00 -2.63
CA LYS A 48 -2.34 -13.03 -3.59
C LYS A 48 -2.74 -12.37 -4.91
N GLN A 49 -2.47 -11.07 -4.99
CA GLN A 49 -2.80 -10.32 -6.19
C GLN A 49 -4.12 -10.81 -6.79
N ILE A 50 -5.17 -10.04 -6.50
CA ILE A 50 -6.50 -10.38 -7.00
C ILE A 50 -6.89 -9.39 -8.09
N LYS A 51 -6.44 -8.16 -7.93
CA LYS A 51 -6.73 -7.11 -8.89
C LYS A 51 -5.53 -6.18 -9.03
N MET A 52 -5.52 -5.42 -10.11
CA MET A 52 -4.44 -4.49 -10.37
C MET A 52 -4.95 -3.21 -11.03
N PHE A 53 -5.67 -2.43 -10.24
CA PHE A 53 -6.23 -1.18 -10.73
C PHE A 53 -5.27 -0.50 -11.72
N LYS A 54 -4.25 0.13 -11.15
CA LYS A 54 -3.26 0.82 -11.97
C LYS A 54 -1.86 0.42 -11.50
N GLY A 55 -1.42 -0.74 -11.97
CA GLY A 55 -0.11 -1.24 -11.60
C GLY A 55 0.70 -1.63 -12.85
N PRO A 56 1.74 -2.46 -12.63
CA PRO A 56 2.59 -2.92 -13.72
C PRO A 56 1.89 -3.97 -14.56
N GLU A 57 2.64 -4.57 -15.47
CA GLU A 57 2.10 -5.58 -16.35
C GLU A 57 2.36 -6.97 -15.77
N LYS A 58 3.50 -7.09 -15.10
CA LYS A 58 3.88 -8.36 -14.50
C LYS A 58 3.00 -8.61 -13.26
N ASP A 59 3.36 -7.96 -12.18
CA ASP A 59 2.62 -8.11 -10.93
C ASP A 59 3.58 -7.95 -9.75
N ILE A 60 2.99 -7.76 -8.58
CA ILE A 60 3.78 -7.59 -7.37
C ILE A 60 3.68 -8.86 -6.51
N GLU A 61 2.55 -8.98 -5.82
CA GLU A 61 2.31 -10.13 -4.97
C GLU A 61 3.17 -10.03 -3.70
N PHE A 62 4.08 -9.08 -3.71
CA PHE A 62 4.96 -8.88 -2.57
C PHE A 62 5.21 -7.39 -2.33
N ILE A 63 4.44 -6.83 -1.42
CA ILE A 63 4.57 -5.42 -1.09
C ILE A 63 5.39 -5.28 0.20
N TYR A 64 5.77 -4.04 0.49
CA TYR A 64 6.55 -3.76 1.68
C TYR A 64 5.85 -2.73 2.56
N THR A 65 6.08 -2.85 3.87
CA THR A 65 5.48 -1.93 4.82
C THR A 65 6.18 -2.05 6.19
N ALA A 66 5.51 -1.54 7.21
CA ALA A 66 6.05 -1.58 8.55
C ALA A 66 5.27 -2.60 9.37
N PRO A 67 5.97 -3.16 10.41
CA PRO A 67 5.36 -4.16 11.27
C PRO A 67 4.36 -3.49 12.24
N SER A 68 4.09 -4.21 13.33
CA SER A 68 3.17 -3.72 14.33
C SER A 68 1.79 -3.45 13.71
N SER A 69 0.96 -2.77 14.47
CA SER A 69 -0.38 -2.45 13.99
C SER A 69 -0.32 -1.31 12.98
N ALA A 70 0.58 -1.46 12.02
CA ALA A 70 0.75 -0.44 10.99
C ALA A 70 1.32 0.83 11.61
N VAL A 71 2.62 0.99 11.46
CA VAL A 71 3.31 2.16 12.00
C VAL A 71 3.72 3.08 10.85
N CYS A 72 4.08 2.45 9.73
CA CYS A 72 4.51 3.20 8.56
C CYS A 72 3.68 2.73 7.37
N GLY A 73 2.67 1.92 7.66
CA GLY A 73 1.79 1.40 6.64
C GLY A 73 0.38 1.16 7.17
N VAL A 74 -0.28 0.17 6.59
CA VAL A 74 -1.62 -0.17 7.00
C VAL A 74 -1.65 -1.60 7.55
N SER A 75 -0.46 -2.19 7.61
CA SER A 75 -0.33 -3.55 8.10
C SER A 75 -1.62 -4.33 7.84
N LEU A 76 -1.72 -4.84 6.62
CA LEU A 76 -2.89 -5.61 6.23
C LEU A 76 -2.54 -7.10 6.23
N ASP A 77 -3.39 -7.88 6.90
CA ASP A 77 -3.18 -9.31 6.99
C ASP A 77 -4.35 -10.03 6.32
N VAL A 78 -5.35 -9.25 5.96
CA VAL A 78 -6.53 -9.80 5.30
C VAL A 78 -7.39 -10.53 6.34
N GLY A 79 -6.72 -11.03 7.36
CA GLY A 79 -7.41 -11.76 8.42
C GLY A 79 -8.39 -10.84 9.15
N GLY A 80 -8.28 -9.55 8.88
CA GLY A 80 -9.15 -8.57 9.49
C GLY A 80 -9.81 -7.67 8.44
N LYS A 81 -9.04 -7.40 7.38
CA LYS A 81 -9.53 -6.56 6.31
C LYS A 81 -10.11 -7.44 5.20
N LYS A 82 -9.31 -7.61 4.15
CA LYS A 82 -9.73 -8.41 3.02
C LYS A 82 -8.78 -8.16 1.83
N GLU A 83 -8.80 -6.93 1.37
CA GLU A 83 -7.95 -6.54 0.25
C GLU A 83 -7.80 -5.01 0.20
N TYR A 84 -6.84 -4.57 -0.59
CA TYR A 84 -6.59 -3.16 -0.74
C TYR A 84 -6.03 -2.84 -2.13
N LEU A 85 -6.30 -1.62 -2.57
CA LEU A 85 -5.84 -1.18 -3.88
C LEU A 85 -4.39 -0.69 -3.77
N ILE A 86 -3.83 -0.86 -2.57
CA ILE A 86 -2.46 -0.45 -2.32
C ILE A 86 -1.95 0.37 -3.52
N ALA A 87 -1.88 1.67 -3.32
CA ALA A 87 -1.42 2.56 -4.38
C ALA A 87 -0.33 3.48 -3.81
N GLY A 88 0.90 3.24 -4.23
CA GLY A 88 2.02 4.04 -3.78
C GLY A 88 3.05 4.23 -4.90
N LYS A 89 4.09 4.98 -4.59
CA LYS A 89 5.15 5.25 -5.55
C LYS A 89 5.55 3.93 -6.22
N ALA A 90 5.59 2.88 -5.42
CA ALA A 90 5.96 1.57 -5.93
C ALA A 90 7.49 1.43 -5.91
N GLU A 91 7.94 0.24 -6.27
CA GLU A 91 9.37 -0.03 -6.30
C GLU A 91 9.74 -0.75 -7.60
N GLY A 92 8.77 -0.87 -8.48
CA GLY A 92 8.98 -1.54 -9.75
C GLY A 92 7.94 -2.63 -9.99
N ASP A 93 8.42 -3.85 -10.17
CA ASP A 93 7.54 -4.98 -10.41
C ASP A 93 7.92 -6.12 -9.46
N GLY A 94 6.90 -6.84 -9.02
CA GLY A 94 7.12 -7.95 -8.12
C GLY A 94 7.34 -7.47 -6.68
N LYS A 95 7.41 -6.15 -6.54
CA LYS A 95 7.62 -5.54 -5.24
C LYS A 95 7.51 -4.02 -5.37
N MET A 96 6.96 -3.40 -4.33
CA MET A 96 6.81 -1.97 -4.31
C MET A 96 6.97 -1.40 -2.90
N HIS A 97 6.61 -0.14 -2.75
CA HIS A 97 6.70 0.52 -1.45
C HIS A 97 5.37 1.20 -1.12
N ILE A 98 4.87 0.91 0.07
CA ILE A 98 3.62 1.49 0.52
C ILE A 98 3.73 1.86 1.99
N THR A 99 3.14 3.00 2.34
CA THR A 99 3.16 3.47 3.71
C THR A 99 1.79 4.02 4.11
N LEU A 100 1.60 4.17 5.41
CA LEU A 100 0.35 4.69 5.94
C LEU A 100 0.09 6.08 5.35
N CYS A 101 1.13 6.91 5.40
CA CYS A 101 1.03 8.26 4.88
C CYS A 101 0.73 8.18 3.38
N ASP A 102 1.17 7.08 2.78
CA ASP A 102 0.95 6.87 1.36
C ASP A 102 -0.49 6.41 1.13
N PHE A 103 -0.90 6.47 -0.13
CA PHE A 103 -2.24 6.06 -0.49
C PHE A 103 -2.42 4.54 -0.36
N ILE A 104 -3.32 4.15 0.53
CA ILE A 104 -3.58 2.74 0.76
C ILE A 104 -4.90 2.59 1.53
N VAL A 105 -5.71 1.66 1.07
CA VAL A 105 -6.99 1.41 1.72
C VAL A 105 -7.41 -0.04 1.47
N PRO A 106 -8.32 -0.54 2.35
CA PRO A 106 -8.80 -1.91 2.23
C PRO A 106 -9.80 -2.04 1.08
N TRP A 107 -9.86 -0.99 0.27
CA TRP A 107 -10.77 -0.97 -0.87
C TRP A 107 -12.20 -0.84 -0.33
N ASP A 108 -12.60 -1.84 0.44
CA ASP A 108 -13.93 -1.85 1.02
C ASP A 108 -14.03 -0.76 2.08
N THR A 109 -13.69 0.46 1.68
CA THR A 109 -13.73 1.59 2.58
C THR A 109 -13.80 2.90 1.80
N LEU A 110 -12.85 3.06 0.88
CA LEU A 110 -12.80 4.26 0.06
C LEU A 110 -13.80 5.29 0.59
N SER A 111 -14.87 5.45 -0.16
CA SER A 111 -15.91 6.41 0.22
C SER A 111 -16.52 7.05 -1.03
N THR A 112 -15.65 7.39 -1.96
CA THR A 112 -16.08 8.00 -3.20
C THR A 112 -14.91 8.73 -3.88
N THR A 113 -14.42 9.75 -3.20
CA THR A 113 -13.30 10.52 -3.72
C THR A 113 -12.17 9.59 -4.18
N GLN A 114 -12.13 8.41 -3.56
CA GLN A 114 -11.12 7.43 -3.89
C GLN A 114 -11.53 6.61 -5.12
N LYS A 115 -12.84 6.35 -5.19
CA LYS A 115 -13.38 5.58 -6.30
C LYS A 115 -13.29 6.41 -7.58
N LYS A 116 -13.62 7.69 -7.44
CA LYS A 116 -13.58 8.60 -8.57
C LYS A 116 -12.15 8.69 -9.10
N SER A 117 -11.22 8.22 -8.28
CA SER A 117 -9.81 8.25 -8.64
C SER A 117 -9.41 6.91 -9.26
N LEU A 118 -10.19 5.89 -8.95
CA LEU A 118 -9.92 4.56 -9.47
C LEU A 118 -10.07 4.56 -10.99
N ASN A 119 -10.92 5.46 -11.47
CA ASN A 119 -11.15 5.58 -12.90
C ASN A 119 -10.13 6.56 -13.49
N HIS A 120 -9.41 7.22 -12.60
CA HIS A 120 -8.40 8.18 -13.03
C HIS A 120 -7.12 7.45 -13.41
N ARG A 121 -7.21 6.12 -13.42
CA ARG A 121 -6.06 5.29 -13.76
C ARG A 121 -4.93 5.51 -12.77
N TYR A 122 -4.13 6.53 -13.03
CA TYR A 122 -3.01 6.86 -12.16
C TYR A 122 -2.69 8.35 -12.21
N GLN A 123 -3.32 9.09 -11.30
CA GLN A 123 -3.11 10.52 -11.24
C GLN A 123 -3.41 11.17 -12.58
N MET A 124 -4.69 11.13 -12.95
CA MET A 124 -5.12 11.71 -14.22
C MET A 124 -5.01 13.23 -14.19
N GLY A 125 -3.79 13.69 -13.93
CA GLY A 125 -3.52 15.13 -13.87
C GLY A 125 -4.54 15.83 -12.97
N CYS A 126 -5.09 15.08 -12.04
CA CYS A 126 -6.07 15.61 -11.11
C CYS A 126 -5.45 16.81 -10.39
N GLU A 127 -6.16 17.29 -9.39
CA GLU A 127 -5.68 18.43 -8.61
C GLU A 127 -6.67 18.75 -7.48
N CYS A 1 6.96 5.08 12.34
CA CYS A 1 6.34 6.38 12.24
C CYS A 1 4.85 6.24 12.56
N SER A 2 4.09 7.23 12.13
CA SER A 2 2.65 7.22 12.37
C SER A 2 1.99 8.39 11.62
N CYS A 3 2.38 8.53 10.36
CA CYS A 3 1.84 9.59 9.53
C CYS A 3 0.32 9.42 9.47
N SER A 4 -0.28 10.07 8.47
CA SER A 4 -1.71 9.99 8.29
C SER A 4 -2.05 9.97 6.80
N PRO A 5 -2.69 8.84 6.37
CA PRO A 5 -3.07 8.68 4.98
C PRO A 5 -4.29 9.54 4.64
N VAL A 6 -4.05 10.84 4.54
CA VAL A 6 -5.11 11.77 4.22
C VAL A 6 -5.30 11.82 2.71
N HIS A 7 -5.38 13.04 2.19
CA HIS A 7 -5.57 13.24 0.76
C HIS A 7 -6.39 12.09 0.18
N PRO A 8 -7.73 12.29 0.18
CA PRO A 8 -8.64 11.27 -0.34
C PRO A 8 -8.59 11.23 -1.87
N GLN A 9 -7.69 12.03 -2.42
CA GLN A 9 -7.54 12.09 -3.87
C GLN A 9 -6.07 12.23 -4.25
N GLN A 10 -5.36 13.04 -3.47
CA GLN A 10 -3.95 13.26 -3.70
C GLN A 10 -3.15 12.00 -3.36
N ALA A 11 -3.87 10.99 -2.91
CA ALA A 11 -3.24 9.73 -2.55
C ALA A 11 -3.18 8.82 -3.78
N PHE A 12 -4.20 8.94 -4.61
CA PHE A 12 -4.26 8.14 -5.82
C PHE A 12 -3.57 8.84 -6.99
N CYS A 13 -3.42 10.15 -6.85
CA CYS A 13 -2.77 10.95 -7.87
C CYS A 13 -1.25 10.92 -7.62
N ASN A 14 -0.89 10.46 -6.43
CA ASN A 14 0.50 10.38 -6.05
C ASN A 14 1.02 8.96 -6.30
N ALA A 15 0.20 7.99 -5.92
CA ALA A 15 0.55 6.59 -6.10
C ALA A 15 0.96 6.36 -7.56
N ASP A 16 1.52 5.18 -7.79
CA ASP A 16 1.96 4.82 -9.12
C ASP A 16 1.83 3.30 -9.32
N VAL A 17 1.06 2.70 -8.43
CA VAL A 17 0.85 1.26 -8.49
C VAL A 17 -0.35 0.90 -7.61
N VAL A 18 -1.53 1.06 -8.18
CA VAL A 18 -2.76 0.75 -7.46
C VAL A 18 -3.24 -0.65 -7.85
N ILE A 19 -3.34 -1.51 -6.85
CA ILE A 19 -3.78 -2.87 -7.07
C ILE A 19 -4.59 -3.35 -5.87
N ARG A 20 -5.80 -3.81 -6.15
CA ARG A 20 -6.68 -4.30 -5.10
C ARG A 20 -6.25 -5.70 -4.67
N THR A 21 -4.95 -5.87 -4.55
CA THR A 21 -4.39 -7.16 -4.15
C THR A 21 -4.85 -7.51 -2.72
N LYS A 22 -4.51 -8.72 -2.30
CA LYS A 22 -4.88 -9.18 -0.98
C LYS A 22 -3.63 -9.68 -0.26
N ALA A 23 -3.34 -9.05 0.87
CA ALA A 23 -2.17 -9.41 1.66
C ALA A 23 -2.61 -10.41 2.74
N VAL A 24 -2.29 -11.67 2.50
CA VAL A 24 -2.63 -12.72 3.44
C VAL A 24 -1.37 -13.18 4.17
N SER A 25 -0.27 -13.22 3.43
CA SER A 25 0.99 -13.63 3.98
C SER A 25 1.95 -12.43 4.08
N GLU A 26 3.03 -12.64 4.80
CA GLU A 26 4.02 -11.59 4.97
C GLU A 26 5.40 -12.20 5.22
N LYS A 27 6.37 -11.32 5.48
CA LYS A 27 7.73 -11.76 5.73
C LYS A 27 8.42 -10.74 6.65
N GLU A 28 8.76 -11.20 7.84
CA GLU A 28 9.43 -10.34 8.80
C GLU A 28 10.91 -10.17 8.43
N VAL A 29 11.18 -9.10 7.71
CA VAL A 29 12.54 -8.81 7.28
C VAL A 29 13.05 -7.58 8.04
N ASP A 30 14.12 -7.80 8.79
CA ASP A 30 14.73 -6.73 9.56
C ASP A 30 15.35 -5.71 8.61
N SER A 31 15.47 -4.48 9.10
CA SER A 31 16.04 -3.41 8.30
C SER A 31 17.00 -2.57 9.16
N GLY A 32 17.44 -3.18 10.25
CA GLY A 32 18.35 -2.51 11.16
C GLY A 32 17.60 -1.51 12.05
N ASN A 33 18.35 -0.85 12.92
CA ASN A 33 17.78 0.11 13.83
C ASN A 33 17.65 1.46 13.12
N ASP A 34 16.82 2.33 13.70
CA ASP A 34 16.61 3.64 13.12
C ASP A 34 17.54 4.66 13.79
N ILE A 35 17.19 5.92 13.67
CA ILE A 35 17.98 6.98 14.26
C ILE A 35 17.63 7.12 15.74
N TYR A 36 16.71 6.27 16.18
CA TYR A 36 16.28 6.28 17.57
C TYR A 36 16.80 5.05 18.31
N GLY A 37 17.51 4.21 17.58
CA GLY A 37 18.07 3.00 18.15
C GLY A 37 17.08 1.84 18.07
N ASN A 38 15.85 2.18 17.69
CA ASN A 38 14.80 1.19 17.57
C ASN A 38 15.01 0.40 16.27
N PRO A 39 14.51 -0.87 16.29
CA PRO A 39 14.63 -1.74 15.13
C PRO A 39 13.64 -1.32 14.03
N ILE A 40 14.17 -1.16 12.82
CA ILE A 40 13.35 -0.77 11.70
C ILE A 40 12.36 -1.89 11.38
N LYS A 41 12.82 -2.83 10.57
CA LYS A 41 11.97 -3.96 10.18
C LYS A 41 10.93 -3.49 9.16
N ARG A 42 10.89 -4.20 8.04
CA ARG A 42 9.95 -3.87 6.99
C ARG A 42 9.22 -5.13 6.52
N ILE A 43 8.37 -5.64 7.39
CA ILE A 43 7.61 -6.84 7.08
C ILE A 43 7.18 -6.79 5.62
N GLN A 44 7.07 -7.98 5.03
CA GLN A 44 6.68 -8.09 3.64
C GLN A 44 5.16 -8.20 3.52
N TYR A 45 4.69 -8.26 2.28
CA TYR A 45 3.26 -8.36 2.03
C TYR A 45 2.98 -9.40 0.94
N GLU A 46 3.24 -10.65 1.27
CA GLU A 46 3.03 -11.74 0.34
C GLU A 46 1.55 -11.85 -0.01
N ILE A 47 1.07 -10.86 -0.75
CA ILE A 47 -0.33 -10.83 -1.16
C ILE A 47 -0.61 -12.01 -2.11
N LYS A 48 -1.81 -12.02 -2.65
CA LYS A 48 -2.21 -13.07 -3.56
C LYS A 48 -2.68 -12.45 -4.87
N GLN A 49 -2.63 -11.13 -4.92
CA GLN A 49 -3.05 -10.40 -6.11
C GLN A 49 -4.48 -10.78 -6.48
N ILE A 50 -5.33 -9.76 -6.58
CA ILE A 50 -6.72 -9.98 -6.92
C ILE A 50 -7.12 -9.01 -8.03
N LYS A 51 -6.52 -7.83 -7.99
CA LYS A 51 -6.80 -6.80 -8.97
C LYS A 51 -5.57 -5.90 -9.15
N MET A 52 -5.58 -5.14 -10.22
CA MET A 52 -4.47 -4.24 -10.51
C MET A 52 -4.97 -2.94 -11.15
N PHE A 53 -5.62 -2.13 -10.32
CA PHE A 53 -6.14 -0.86 -10.79
C PHE A 53 -5.15 -0.15 -11.71
N LYS A 54 -4.12 0.40 -11.09
CA LYS A 54 -3.09 1.11 -11.84
C LYS A 54 -1.71 0.58 -11.44
N GLY A 55 -1.51 -0.70 -11.70
CA GLY A 55 -0.24 -1.33 -11.37
C GLY A 55 0.49 -1.79 -12.64
N PRO A 56 1.43 -2.75 -12.44
CA PRO A 56 2.21 -3.28 -13.55
C PRO A 56 1.37 -4.22 -14.41
N GLU A 57 2.06 -4.95 -15.29
CA GLU A 57 1.39 -5.88 -16.17
C GLU A 57 1.40 -7.29 -15.56
N LYS A 58 2.50 -7.59 -14.89
CA LYS A 58 2.64 -8.89 -14.26
C LYS A 58 1.89 -8.90 -12.93
N ASP A 59 2.53 -8.33 -11.91
CA ASP A 59 1.93 -8.25 -10.60
C ASP A 59 3.04 -8.12 -9.55
N ILE A 60 2.62 -7.85 -8.32
CA ILE A 60 3.56 -7.70 -7.22
C ILE A 60 3.59 -8.98 -6.40
N GLU A 61 2.51 -9.21 -5.66
CA GLU A 61 2.40 -10.39 -4.83
C GLU A 61 3.31 -10.26 -3.61
N PHE A 62 4.15 -9.24 -3.63
CA PHE A 62 5.07 -9.00 -2.54
C PHE A 62 5.30 -7.51 -2.33
N ILE A 63 4.59 -6.96 -1.35
CA ILE A 63 4.71 -5.55 -1.04
C ILE A 63 5.54 -5.37 0.23
N TYR A 64 5.88 -4.12 0.51
CA TYR A 64 6.67 -3.80 1.70
C TYR A 64 5.95 -2.79 2.59
N THR A 65 6.14 -2.95 3.88
CA THR A 65 5.51 -2.05 4.84
C THR A 65 6.21 -2.16 6.21
N ALA A 66 5.56 -1.61 7.22
CA ALA A 66 6.09 -1.63 8.56
C ALA A 66 5.37 -2.70 9.37
N PRO A 67 6.11 -3.28 10.36
CA PRO A 67 5.54 -4.31 11.22
C PRO A 67 4.59 -3.71 12.25
N SER A 68 4.35 -4.46 13.30
CA SER A 68 3.46 -4.01 14.37
C SER A 68 2.04 -3.82 13.82
N SER A 69 1.26 -3.04 14.55
CA SER A 69 -0.11 -2.76 14.15
C SER A 69 -0.14 -1.67 13.08
N ALA A 70 0.97 -1.58 12.35
CA ALA A 70 1.08 -0.58 11.31
C ALA A 70 1.65 0.71 11.88
N VAL A 71 2.95 0.88 11.69
CA VAL A 71 3.63 2.07 12.19
C VAL A 71 3.94 3.01 11.01
N CYS A 72 4.35 2.40 9.92
CA CYS A 72 4.69 3.15 8.72
C CYS A 72 3.89 2.59 7.55
N GLY A 73 2.82 1.88 7.89
CA GLY A 73 1.97 1.28 6.88
C GLY A 73 0.55 1.06 7.42
N VAL A 74 -0.16 0.14 6.77
CA VAL A 74 -1.52 -0.17 7.18
C VAL A 74 -1.57 -1.60 7.71
N SER A 75 -0.41 -2.25 7.69
CA SER A 75 -0.31 -3.62 8.16
C SER A 75 -1.61 -4.37 7.89
N LEU A 76 -1.69 -4.95 6.69
CA LEU A 76 -2.87 -5.69 6.30
C LEU A 76 -2.58 -7.20 6.41
N ASP A 77 -3.53 -7.90 7.01
CA ASP A 77 -3.39 -9.34 7.18
C ASP A 77 -4.50 -10.05 6.39
N VAL A 78 -5.41 -9.26 5.86
CA VAL A 78 -6.52 -9.80 5.09
C VAL A 78 -7.50 -10.49 6.03
N GLY A 79 -6.96 -11.40 6.83
CA GLY A 79 -7.78 -12.14 7.77
C GLY A 79 -8.66 -11.19 8.60
N GLY A 80 -8.32 -9.91 8.53
CA GLY A 80 -9.06 -8.90 9.27
C GLY A 80 -9.72 -7.91 8.31
N LYS A 81 -9.02 -7.62 7.22
CA LYS A 81 -9.53 -6.69 6.21
C LYS A 81 -10.10 -7.49 5.04
N LYS A 82 -9.28 -7.59 4.00
CA LYS A 82 -9.69 -8.32 2.81
C LYS A 82 -8.67 -8.05 1.68
N GLU A 83 -8.86 -6.93 1.01
CA GLU A 83 -7.98 -6.55 -0.08
C GLU A 83 -7.87 -5.02 -0.16
N TYR A 84 -6.71 -4.58 -0.61
CA TYR A 84 -6.46 -3.15 -0.74
C TYR A 84 -5.91 -2.81 -2.13
N LEU A 85 -6.16 -1.58 -2.55
CA LEU A 85 -5.69 -1.12 -3.85
C LEU A 85 -4.24 -0.66 -3.74
N ILE A 86 -3.70 -0.81 -2.53
CA ILE A 86 -2.32 -0.41 -2.28
C ILE A 86 -1.80 0.38 -3.48
N ALA A 87 -1.74 1.69 -3.29
CA ALA A 87 -1.26 2.58 -4.34
C ALA A 87 -0.16 3.49 -3.78
N GLY A 88 1.06 3.22 -4.22
CA GLY A 88 2.20 4.00 -3.77
C GLY A 88 3.24 4.15 -4.89
N LYS A 89 4.19 5.04 -4.66
CA LYS A 89 5.24 5.29 -5.64
C LYS A 89 5.64 3.96 -6.29
N ALA A 90 5.58 2.90 -5.49
CA ALA A 90 5.92 1.57 -5.98
C ALA A 90 7.44 1.41 -5.96
N GLU A 91 7.89 0.21 -6.32
CA GLU A 91 9.31 -0.08 -6.35
C GLU A 91 9.67 -0.81 -7.64
N GLY A 92 8.69 -0.90 -8.53
CA GLY A 92 8.89 -1.57 -9.80
C GLY A 92 7.83 -2.64 -10.03
N ASP A 93 8.29 -3.86 -10.22
CA ASP A 93 7.39 -4.98 -10.45
C ASP A 93 7.76 -6.13 -9.50
N GLY A 94 6.73 -6.83 -9.06
CA GLY A 94 6.93 -7.96 -8.15
C GLY A 94 7.18 -7.46 -6.73
N LYS A 95 7.25 -6.14 -6.59
CA LYS A 95 7.48 -5.54 -5.29
C LYS A 95 7.36 -4.01 -5.42
N MET A 96 6.88 -3.40 -4.34
CA MET A 96 6.71 -1.96 -4.32
C MET A 96 6.88 -1.40 -2.91
N HIS A 97 6.52 -0.14 -2.75
CA HIS A 97 6.63 0.51 -1.46
C HIS A 97 5.28 1.15 -1.09
N ILE A 98 4.86 0.90 0.14
CA ILE A 98 3.60 1.43 0.62
C ILE A 98 3.72 1.75 2.11
N THR A 99 3.22 2.92 2.48
CA THR A 99 3.28 3.35 3.86
C THR A 99 1.93 3.95 4.28
N LEU A 100 1.75 4.06 5.59
CA LEU A 100 0.52 4.61 6.13
C LEU A 100 0.37 6.07 5.67
N CYS A 101 1.51 6.71 5.44
CA CYS A 101 1.52 8.09 5.00
C CYS A 101 1.18 8.12 3.51
N ASP A 102 1.49 7.02 2.84
CA ASP A 102 1.22 6.91 1.41
C ASP A 102 -0.23 6.47 1.21
N PHE A 103 -0.64 6.48 -0.05
CA PHE A 103 -2.00 6.09 -0.39
C PHE A 103 -2.18 4.57 -0.26
N ILE A 104 -3.09 4.19 0.61
CA ILE A 104 -3.37 2.78 0.84
C ILE A 104 -4.68 2.65 1.61
N VAL A 105 -5.51 1.72 1.14
CA VAL A 105 -6.80 1.47 1.78
C VAL A 105 -7.25 0.04 1.47
N PRO A 106 -8.15 -0.47 2.35
CA PRO A 106 -8.68 -1.82 2.18
C PRO A 106 -9.69 -1.87 1.05
N TRP A 107 -9.75 -0.79 0.30
CA TRP A 107 -10.68 -0.71 -0.82
C TRP A 107 -12.10 -0.56 -0.26
N ASP A 108 -12.49 -1.57 0.52
CA ASP A 108 -13.80 -1.57 1.13
C ASP A 108 -13.88 -0.47 2.19
N THR A 109 -13.51 0.73 1.78
CA THR A 109 -13.53 1.86 2.68
C THR A 109 -13.58 3.18 1.88
N LEU A 110 -12.62 3.32 0.98
CA LEU A 110 -12.55 4.52 0.16
C LEU A 110 -13.58 5.53 0.64
N SER A 111 -14.62 5.71 -0.15
CA SER A 111 -15.68 6.64 0.19
C SER A 111 -16.28 7.24 -1.09
N THR A 112 -15.39 7.55 -2.03
CA THR A 112 -15.82 8.13 -3.29
C THR A 112 -14.65 8.86 -3.95
N THR A 113 -14.20 9.92 -3.30
CA THR A 113 -13.10 10.71 -3.82
C THR A 113 -11.95 9.80 -4.23
N GLN A 114 -11.91 8.62 -3.63
CA GLN A 114 -10.87 7.65 -3.92
C GLN A 114 -11.26 6.80 -5.13
N LYS A 115 -12.54 6.45 -5.18
CA LYS A 115 -13.06 5.63 -6.26
C LYS A 115 -12.96 6.42 -7.57
N LYS A 116 -13.25 7.71 -7.46
CA LYS A 116 -13.21 8.58 -8.63
C LYS A 116 -11.78 8.60 -9.19
N SER A 117 -10.84 8.19 -8.35
CA SER A 117 -9.44 8.15 -8.74
C SER A 117 -9.10 6.77 -9.30
N LEU A 118 -10.00 5.83 -9.10
CA LEU A 118 -9.81 4.47 -9.57
C LEU A 118 -10.25 4.38 -11.03
N ASN A 119 -11.11 5.31 -11.42
CA ASN A 119 -11.61 5.34 -12.78
C ASN A 119 -10.63 6.10 -13.68
N HIS A 120 -10.22 7.27 -13.19
CA HIS A 120 -9.29 8.09 -13.94
C HIS A 120 -7.87 7.55 -13.76
N ARG A 121 -7.74 6.24 -13.97
CA ARG A 121 -6.45 5.59 -13.84
C ARG A 121 -5.96 5.68 -12.40
N TYR A 122 -5.54 6.88 -12.03
CA TYR A 122 -5.03 7.12 -10.68
C TYR A 122 -4.54 8.56 -10.52
N GLN A 123 -4.05 9.11 -11.62
CA GLN A 123 -3.55 10.47 -11.61
C GLN A 123 -3.83 11.14 -12.97
N MET A 124 -5.11 11.27 -13.27
CA MET A 124 -5.52 11.89 -14.52
C MET A 124 -5.35 13.42 -14.46
N GLY A 125 -4.14 13.83 -14.13
CA GLY A 125 -3.83 15.25 -14.03
C GLY A 125 -4.79 15.95 -13.05
N CYS A 126 -5.22 15.19 -12.06
CA CYS A 126 -6.13 15.72 -11.05
C CYS A 126 -5.41 16.84 -10.30
N GLU A 127 -6.05 17.30 -9.23
CA GLU A 127 -5.48 18.35 -8.41
C GLU A 127 -6.40 18.65 -7.23
N CYS A 1 5.09 6.21 8.71
CA CYS A 1 5.70 6.17 10.03
C CYS A 1 4.94 7.13 10.95
N SER A 2 3.82 6.62 11.46
CA SER A 2 2.98 7.42 12.35
C SER A 2 2.44 8.64 11.60
N CYS A 3 2.67 8.64 10.30
CA CYS A 3 2.20 9.74 9.46
C CYS A 3 0.68 9.82 9.56
N SER A 4 0.14 10.88 8.98
CA SER A 4 -1.30 11.07 8.99
C SER A 4 -1.88 10.84 7.60
N PRO A 5 -2.61 9.69 7.46
CA PRO A 5 -3.21 9.34 6.19
C PRO A 5 -4.45 10.20 5.91
N VAL A 6 -4.45 10.81 4.74
CA VAL A 6 -5.55 11.66 4.34
C VAL A 6 -5.64 11.69 2.80
N HIS A 7 -5.81 12.90 2.28
CA HIS A 7 -5.92 13.08 0.84
C HIS A 7 -6.69 11.91 0.24
N PRO A 8 -8.04 12.09 0.16
CA PRO A 8 -8.91 11.08 -0.40
C PRO A 8 -8.79 11.02 -1.93
N GLN A 9 -7.94 11.89 -2.45
CA GLN A 9 -7.72 11.96 -3.89
C GLN A 9 -6.22 12.07 -4.19
N GLN A 10 -5.55 12.89 -3.41
CA GLN A 10 -4.13 13.10 -3.59
C GLN A 10 -3.36 11.79 -3.36
N ALA A 11 -4.10 10.79 -2.90
CA ALA A 11 -3.51 9.49 -2.63
C ALA A 11 -3.43 8.70 -3.94
N PHE A 12 -4.42 8.92 -4.79
CA PHE A 12 -4.46 8.23 -6.07
C PHE A 12 -3.75 9.05 -7.15
N CYS A 13 -3.19 10.16 -6.73
CA CYS A 13 -2.48 11.03 -7.65
C CYS A 13 -0.98 10.96 -7.32
N ASN A 14 -0.69 10.38 -6.16
CA ASN A 14 0.69 10.24 -5.73
C ASN A 14 1.17 8.82 -6.00
N ALA A 15 0.28 7.87 -5.74
CA ALA A 15 0.60 6.46 -5.97
C ALA A 15 1.07 6.27 -7.41
N ASP A 16 1.56 5.08 -7.68
CA ASP A 16 2.04 4.76 -9.01
C ASP A 16 1.81 3.27 -9.30
N VAL A 17 1.01 2.66 -8.43
CA VAL A 17 0.70 1.25 -8.57
C VAL A 17 -0.48 0.90 -7.65
N VAL A 18 -1.67 0.97 -8.22
CA VAL A 18 -2.87 0.66 -7.47
C VAL A 18 -3.35 -0.75 -7.81
N ILE A 19 -3.44 -1.58 -6.78
CA ILE A 19 -3.88 -2.96 -6.96
C ILE A 19 -4.70 -3.39 -5.76
N ARG A 20 -5.91 -3.85 -6.04
CA ARG A 20 -6.81 -4.30 -4.98
C ARG A 20 -6.41 -5.69 -4.50
N THR A 21 -5.10 -5.91 -4.43
CA THR A 21 -4.58 -7.18 -3.99
C THR A 21 -5.03 -7.48 -2.56
N LYS A 22 -4.77 -8.71 -2.13
CA LYS A 22 -5.15 -9.13 -0.80
C LYS A 22 -3.90 -9.66 -0.07
N ALA A 23 -3.59 -9.02 1.04
CA ALA A 23 -2.44 -9.42 1.83
C ALA A 23 -2.87 -10.42 2.90
N VAL A 24 -2.54 -11.68 2.65
CA VAL A 24 -2.89 -12.75 3.57
C VAL A 24 -1.63 -13.21 4.32
N SER A 25 -0.52 -13.23 3.59
CA SER A 25 0.75 -13.64 4.17
C SER A 25 1.71 -12.45 4.23
N GLU A 26 2.80 -12.64 4.97
CA GLU A 26 3.79 -11.60 5.11
C GLU A 26 5.18 -12.22 5.33
N LYS A 27 6.14 -11.35 5.61
CA LYS A 27 7.51 -11.79 5.84
C LYS A 27 8.22 -10.77 6.73
N GLU A 28 8.55 -11.22 7.93
CA GLU A 28 9.23 -10.36 8.88
C GLU A 28 10.71 -10.24 8.51
N VAL A 29 11.00 -9.21 7.72
CA VAL A 29 12.37 -8.96 7.28
C VAL A 29 12.93 -7.76 8.04
N ASP A 30 13.86 -8.05 8.95
CA ASP A 30 14.48 -7.01 9.74
C ASP A 30 15.28 -6.09 8.82
N SER A 31 15.35 -4.82 9.22
CA SER A 31 16.08 -3.83 8.43
C SER A 31 17.03 -3.05 9.34
N GLY A 32 17.43 -3.70 10.43
CA GLY A 32 18.34 -3.08 11.38
C GLY A 32 17.65 -1.97 12.15
N ASN A 33 18.41 -1.30 13.00
CA ASN A 33 17.89 -0.22 13.81
C ASN A 33 17.93 1.07 12.99
N ASP A 34 17.18 2.06 13.46
CA ASP A 34 17.12 3.35 12.79
C ASP A 34 18.13 4.30 13.43
N ILE A 35 17.91 5.59 13.19
CA ILE A 35 18.78 6.61 13.74
C ILE A 35 18.38 6.89 15.19
N TYR A 36 17.37 6.16 15.64
CA TYR A 36 16.89 6.32 17.00
C TYR A 36 17.27 5.12 17.87
N GLY A 37 17.95 4.16 17.23
CA GLY A 37 18.37 2.96 17.92
C GLY A 37 17.27 1.90 17.89
N ASN A 38 16.11 2.30 17.43
CA ASN A 38 14.97 1.39 17.34
C ASN A 38 15.14 0.49 16.12
N PRO A 39 14.54 -0.73 16.21
CA PRO A 39 14.62 -1.68 15.12
C PRO A 39 13.68 -1.28 13.97
N ILE A 40 14.24 -1.25 12.78
CA ILE A 40 13.46 -0.89 11.59
C ILE A 40 12.43 -1.98 11.31
N LYS A 41 12.86 -2.95 10.51
CA LYS A 41 11.98 -4.05 10.16
C LYS A 41 10.95 -3.57 9.14
N ARG A 42 10.88 -4.29 8.02
CA ARG A 42 9.94 -3.94 6.98
C ARG A 42 9.17 -5.18 6.51
N ILE A 43 8.31 -5.67 7.40
CA ILE A 43 7.51 -6.84 7.10
C ILE A 43 7.08 -6.80 5.63
N GLN A 44 6.93 -7.99 5.06
CA GLN A 44 6.53 -8.10 3.67
C GLN A 44 5.01 -8.22 3.57
N TYR A 45 4.53 -8.31 2.33
CA TYR A 45 3.10 -8.42 2.08
C TYR A 45 2.82 -9.49 1.02
N GLU A 46 3.05 -10.74 1.41
CA GLU A 46 2.81 -11.86 0.51
C GLU A 46 1.33 -11.95 0.15
N ILE A 47 0.86 -10.94 -0.57
CA ILE A 47 -0.53 -10.89 -0.98
C ILE A 47 -0.80 -12.05 -1.95
N LYS A 48 -2.04 -12.09 -2.43
CA LYS A 48 -2.44 -13.12 -3.37
C LYS A 48 -2.79 -12.49 -4.71
N GLN A 49 -2.82 -11.16 -4.72
CA GLN A 49 -3.14 -10.42 -5.92
C GLN A 49 -4.51 -10.84 -6.46
N ILE A 50 -5.45 -9.92 -6.39
CA ILE A 50 -6.79 -10.18 -6.87
C ILE A 50 -7.14 -9.18 -7.98
N LYS A 51 -6.63 -7.98 -7.84
CA LYS A 51 -6.87 -6.93 -8.82
C LYS A 51 -5.61 -6.06 -8.96
N MET A 52 -5.58 -5.30 -10.04
CA MET A 52 -4.45 -4.43 -10.31
C MET A 52 -4.90 -3.15 -11.00
N PHE A 53 -5.56 -2.30 -10.21
CA PHE A 53 -6.04 -1.03 -10.73
C PHE A 53 -5.00 -0.35 -11.63
N LYS A 54 -3.97 0.18 -10.99
CA LYS A 54 -2.90 0.85 -11.71
C LYS A 54 -1.56 0.29 -11.27
N GLY A 55 -0.53 0.57 -12.06
CA GLY A 55 0.80 0.09 -11.76
C GLY A 55 1.41 -0.62 -12.97
N PRO A 56 2.14 -1.73 -12.67
CA PRO A 56 2.80 -2.51 -13.70
C PRO A 56 1.77 -3.36 -14.47
N GLU A 57 2.28 -4.31 -15.23
CA GLU A 57 1.43 -5.18 -16.01
C GLU A 57 1.58 -6.63 -15.53
N LYS A 58 2.76 -6.94 -15.03
CA LYS A 58 3.05 -8.27 -14.54
C LYS A 58 2.22 -8.52 -13.27
N ASP A 59 2.73 -8.00 -12.16
CA ASP A 59 2.06 -8.16 -10.88
C ASP A 59 3.08 -8.05 -9.75
N ILE A 60 2.58 -7.76 -8.56
CA ILE A 60 3.43 -7.62 -7.40
C ILE A 60 3.38 -8.90 -6.57
N GLU A 61 2.31 -9.02 -5.81
CA GLU A 61 2.13 -10.21 -4.97
C GLU A 61 3.05 -10.13 -3.74
N PHE A 62 3.96 -9.16 -3.77
CA PHE A 62 4.90 -8.97 -2.68
C PHE A 62 5.18 -7.49 -2.46
N ILE A 63 4.48 -6.93 -1.48
CA ILE A 63 4.66 -5.53 -1.15
C ILE A 63 5.42 -5.40 0.16
N TYR A 64 5.85 -4.18 0.46
CA TYR A 64 6.59 -3.92 1.68
C TYR A 64 5.87 -2.89 2.55
N THR A 65 6.14 -2.97 3.84
CA THR A 65 5.53 -2.05 4.79
C THR A 65 6.22 -2.15 6.15
N ALA A 66 5.56 -1.59 7.16
CA ALA A 66 6.11 -1.61 8.50
C ALA A 66 5.38 -2.66 9.34
N PRO A 67 6.12 -3.25 10.31
CA PRO A 67 5.56 -4.27 11.17
C PRO A 67 4.62 -3.65 12.21
N SER A 68 4.42 -4.39 13.30
CA SER A 68 3.55 -3.93 14.37
C SER A 68 2.17 -3.58 13.81
N SER A 69 1.37 -2.96 14.66
CA SER A 69 0.02 -2.57 14.26
C SER A 69 0.08 -1.43 13.25
N ALA A 70 0.83 -1.67 12.18
CA ALA A 70 0.98 -0.67 11.14
C ALA A 70 1.52 0.63 11.75
N VAL A 71 2.80 0.87 11.52
CA VAL A 71 3.45 2.06 12.04
C VAL A 71 3.82 2.98 10.88
N CYS A 72 4.27 2.35 9.80
CA CYS A 72 4.67 3.10 8.61
C CYS A 72 3.84 2.59 7.42
N GLY A 73 2.79 1.86 7.76
CA GLY A 73 1.91 1.31 6.73
C GLY A 73 0.50 1.08 7.28
N VAL A 74 -0.21 0.18 6.62
CA VAL A 74 -1.57 -0.14 7.03
C VAL A 74 -1.60 -1.55 7.61
N SER A 75 -0.44 -2.19 7.62
CA SER A 75 -0.33 -3.54 8.14
C SER A 75 -1.62 -4.31 7.89
N LEU A 76 -1.71 -4.87 6.69
CA LEU A 76 -2.90 -5.63 6.31
C LEU A 76 -2.57 -7.13 6.37
N ASP A 77 -3.54 -7.89 6.85
CA ASP A 77 -3.36 -9.33 6.97
C ASP A 77 -4.54 -10.03 6.28
N VAL A 78 -5.41 -9.23 5.69
CA VAL A 78 -6.57 -9.75 5.00
C VAL A 78 -7.53 -10.37 6.01
N GLY A 79 -7.00 -11.32 6.78
CA GLY A 79 -7.80 -11.98 7.80
C GLY A 79 -8.40 -10.98 8.77
N GLY A 80 -7.94 -9.74 8.66
CA GLY A 80 -8.41 -8.68 9.53
C GLY A 80 -9.08 -7.57 8.72
N LYS A 81 -8.79 -7.56 7.43
CA LYS A 81 -9.35 -6.56 6.54
C LYS A 81 -10.10 -7.25 5.40
N LYS A 82 -9.37 -7.51 4.33
CA LYS A 82 -9.95 -8.17 3.17
C LYS A 82 -9.04 -7.96 1.96
N GLU A 83 -8.97 -6.71 1.52
CA GLU A 83 -8.15 -6.37 0.38
C GLU A 83 -7.94 -4.85 0.31
N TYR A 84 -6.97 -4.45 -0.49
CA TYR A 84 -6.65 -3.04 -0.66
C TYR A 84 -6.08 -2.76 -2.04
N LEU A 85 -6.29 -1.53 -2.50
CA LEU A 85 -5.80 -1.13 -3.80
C LEU A 85 -4.33 -0.71 -3.69
N ILE A 86 -3.82 -0.81 -2.47
CA ILE A 86 -2.43 -0.44 -2.22
C ILE A 86 -1.89 0.35 -3.41
N ALA A 87 -1.84 1.66 -3.25
CA ALA A 87 -1.34 2.53 -4.30
C ALA A 87 -0.28 3.45 -3.72
N GLY A 88 0.97 3.18 -4.10
CA GLY A 88 2.09 3.98 -3.62
C GLY A 88 3.09 4.23 -4.74
N LYS A 89 4.10 5.03 -4.43
CA LYS A 89 5.13 5.36 -5.40
C LYS A 89 5.61 4.07 -6.08
N ALA A 90 5.56 2.98 -5.32
CA ALA A 90 5.98 1.69 -5.83
C ALA A 90 7.51 1.55 -5.68
N GLU A 91 8.01 0.41 -6.11
CA GLU A 91 9.44 0.14 -6.03
C GLU A 91 9.94 -0.47 -7.33
N GLY A 92 9.11 -1.32 -7.91
CA GLY A 92 9.45 -1.99 -9.15
C GLY A 92 8.42 -3.06 -9.51
N ASP A 93 8.92 -4.16 -10.05
CA ASP A 93 8.05 -5.26 -10.45
C ASP A 93 8.21 -6.40 -9.44
N GLY A 94 7.07 -6.88 -8.95
CA GLY A 94 7.07 -7.96 -7.99
C GLY A 94 7.39 -7.45 -6.59
N LYS A 95 7.54 -6.14 -6.49
CA LYS A 95 7.85 -5.52 -5.21
C LYS A 95 7.73 -4.00 -5.35
N MET A 96 7.07 -3.39 -4.37
CA MET A 96 6.89 -1.96 -4.37
C MET A 96 7.10 -1.37 -2.97
N HIS A 97 6.57 -0.17 -2.78
CA HIS A 97 6.70 0.50 -1.50
C HIS A 97 5.37 1.18 -1.15
N ILE A 98 4.88 0.85 0.04
CA ILE A 98 3.63 1.42 0.50
C ILE A 98 3.74 1.76 1.99
N THR A 99 3.18 2.90 2.36
CA THR A 99 3.22 3.34 3.74
C THR A 99 1.86 3.91 4.15
N LEU A 100 1.69 4.08 5.46
CA LEU A 100 0.46 4.60 6.00
C LEU A 100 0.26 6.04 5.49
N CYS A 101 1.37 6.74 5.33
CA CYS A 101 1.32 8.11 4.85
C CYS A 101 0.97 8.09 3.36
N ASP A 102 1.37 7.01 2.70
CA ASP A 102 1.10 6.86 1.28
C ASP A 102 -0.35 6.43 1.09
N PHE A 103 -0.77 6.46 -0.17
CA PHE A 103 -2.13 6.07 -0.51
C PHE A 103 -2.33 4.56 -0.36
N ILE A 104 -3.23 4.20 0.54
CA ILE A 104 -3.52 2.79 0.78
C ILE A 104 -4.83 2.68 1.57
N VAL A 105 -5.69 1.78 1.12
CA VAL A 105 -6.96 1.56 1.77
C VAL A 105 -7.42 0.13 1.53
N PRO A 106 -8.32 -0.36 2.43
CA PRO A 106 -8.83 -1.71 2.32
C PRO A 106 -9.86 -1.82 1.20
N TRP A 107 -9.96 -0.74 0.43
CA TRP A 107 -10.90 -0.70 -0.68
C TRP A 107 -12.31 -0.56 -0.11
N ASP A 108 -12.68 -1.53 0.71
CA ASP A 108 -14.00 -1.53 1.33
C ASP A 108 -14.08 -0.37 2.34
N THR A 109 -13.71 0.81 1.86
CA THR A 109 -13.73 2.00 2.70
C THR A 109 -13.81 3.26 1.84
N LEU A 110 -12.86 3.37 0.92
CA LEU A 110 -12.81 4.52 0.04
C LEU A 110 -13.85 5.54 0.47
N SER A 111 -14.90 5.64 -0.34
CA SER A 111 -15.98 6.57 -0.06
C SER A 111 -16.54 7.14 -1.36
N THR A 112 -15.63 7.41 -2.29
CA THR A 112 -16.02 7.96 -3.58
C THR A 112 -14.83 8.65 -4.24
N THR A 113 -14.40 9.73 -3.61
CA THR A 113 -13.28 10.50 -4.12
C THR A 113 -12.10 9.57 -4.46
N GLN A 114 -12.08 8.43 -3.79
CA GLN A 114 -11.03 7.45 -4.01
C GLN A 114 -11.39 6.54 -5.19
N LYS A 115 -12.69 6.34 -5.38
CA LYS A 115 -13.17 5.51 -6.46
C LYS A 115 -13.07 6.28 -7.78
N LYS A 116 -13.42 7.56 -7.70
CA LYS A 116 -13.37 8.41 -8.88
C LYS A 116 -11.92 8.53 -9.36
N SER A 117 -11.00 8.19 -8.47
CA SER A 117 -9.59 8.25 -8.79
C SER A 117 -9.11 6.89 -9.32
N LEU A 118 -9.94 5.89 -9.10
CA LEU A 118 -9.62 4.54 -9.54
C LEU A 118 -9.69 4.48 -11.07
N ASN A 119 -10.56 5.30 -11.63
CA ASN A 119 -10.72 5.36 -13.07
C ASN A 119 -9.52 6.08 -13.69
N HIS A 120 -9.02 7.06 -12.96
CA HIS A 120 -7.88 7.83 -13.42
C HIS A 120 -6.68 6.91 -13.64
N ARG A 121 -6.40 6.64 -14.90
CA ARG A 121 -5.29 5.77 -15.26
C ARG A 121 -4.14 5.95 -14.27
N TYR A 122 -3.99 7.18 -13.80
CA TYR A 122 -2.93 7.50 -12.85
C TYR A 122 -2.73 9.01 -12.74
N GLN A 123 -3.16 9.55 -11.61
CA GLN A 123 -3.03 10.98 -11.37
C GLN A 123 -3.46 11.77 -12.60
N MET A 124 -4.61 11.39 -13.14
CA MET A 124 -5.15 12.05 -14.32
C MET A 124 -5.58 13.48 -14.00
N GLY A 125 -4.64 14.25 -13.47
CA GLY A 125 -4.92 15.63 -13.11
C GLY A 125 -6.01 15.71 -12.03
N CYS A 126 -6.18 14.61 -11.33
CA CYS A 126 -7.18 14.54 -10.28
C CYS A 126 -6.95 15.71 -9.31
N GLU A 127 -7.70 15.70 -8.22
CA GLU A 127 -7.59 16.75 -7.22
C GLU A 127 -8.55 16.47 -6.06
N CYS A 1 7.19 6.80 11.88
CA CYS A 1 6.39 7.47 10.86
C CYS A 1 5.08 7.91 11.49
N SER A 2 4.21 6.94 11.72
CA SER A 2 2.91 7.22 12.32
C SER A 2 2.28 8.42 11.64
N CYS A 3 2.51 8.54 10.34
CA CYS A 3 1.96 9.64 9.57
C CYS A 3 0.43 9.58 9.66
N SER A 4 -0.20 10.25 8.72
CA SER A 4 -1.66 10.28 8.68
C SER A 4 -2.15 10.12 7.24
N PRO A 5 -2.91 9.02 7.02
CA PRO A 5 -3.45 8.73 5.69
C PRO A 5 -4.61 9.65 5.37
N VAL A 6 -4.31 10.71 4.64
CA VAL A 6 -5.33 11.68 4.25
C VAL A 6 -5.44 11.70 2.72
N HIS A 7 -5.47 12.92 2.18
CA HIS A 7 -5.58 13.08 0.75
C HIS A 7 -6.45 11.98 0.16
N PRO A 8 -7.79 12.24 0.16
CA PRO A 8 -8.74 11.28 -0.36
C PRO A 8 -8.72 11.26 -1.89
N GLN A 9 -7.79 12.03 -2.45
CA GLN A 9 -7.66 12.12 -3.88
C GLN A 9 -6.17 12.20 -4.28
N GLN A 10 -5.46 13.04 -3.54
CA GLN A 10 -4.04 13.21 -3.80
C GLN A 10 -3.28 11.90 -3.55
N ALA A 11 -4.01 10.93 -3.03
CA ALA A 11 -3.43 9.63 -2.74
C ALA A 11 -3.38 8.80 -4.02
N PHE A 12 -4.42 8.96 -4.83
CA PHE A 12 -4.51 8.23 -6.08
C PHE A 12 -3.82 8.99 -7.22
N CYS A 13 -3.25 10.13 -6.85
CA CYS A 13 -2.55 10.97 -7.82
C CYS A 13 -1.06 10.92 -7.50
N ASN A 14 -0.74 10.45 -6.31
CA ASN A 14 0.64 10.36 -5.88
C ASN A 14 1.15 8.93 -6.12
N ALA A 15 0.28 7.98 -5.84
CA ALA A 15 0.63 6.58 -6.02
C ALA A 15 1.12 6.36 -7.46
N ASP A 16 1.60 5.15 -7.71
CA ASP A 16 2.10 4.80 -9.03
C ASP A 16 1.93 3.30 -9.25
N VAL A 17 1.11 2.69 -8.40
CA VAL A 17 0.85 1.28 -8.50
C VAL A 17 -0.36 0.92 -7.64
N VAL A 18 -1.53 1.02 -8.24
CA VAL A 18 -2.76 0.73 -7.54
C VAL A 18 -3.23 -0.69 -7.91
N ILE A 19 -3.34 -1.53 -6.89
CA ILE A 19 -3.76 -2.90 -7.09
C ILE A 19 -4.59 -3.36 -5.89
N ARG A 20 -5.80 -3.82 -6.19
CA ARG A 20 -6.69 -4.29 -5.14
C ARG A 20 -6.31 -5.70 -4.70
N THR A 21 -5.00 -5.90 -4.58
CA THR A 21 -4.49 -7.19 -4.16
C THR A 21 -4.95 -7.53 -2.74
N LYS A 22 -4.60 -8.73 -2.30
CA LYS A 22 -4.98 -9.17 -0.97
C LYS A 22 -3.73 -9.69 -0.24
N ALA A 23 -3.42 -9.05 0.87
CA ALA A 23 -2.27 -9.44 1.66
C ALA A 23 -2.71 -10.44 2.72
N VAL A 24 -2.35 -11.71 2.48
CA VAL A 24 -2.70 -12.77 3.40
C VAL A 24 -1.44 -13.23 4.13
N SER A 25 -0.34 -13.24 3.39
CA SER A 25 0.94 -13.66 3.95
C SER A 25 1.91 -12.48 3.97
N GLU A 26 2.96 -12.64 4.77
CA GLU A 26 3.98 -11.61 4.88
C GLU A 26 5.35 -12.23 5.15
N LYS A 27 6.33 -11.37 5.34
CA LYS A 27 7.69 -11.81 5.59
C LYS A 27 8.42 -10.77 6.43
N GLU A 28 8.70 -11.16 7.67
CA GLU A 28 9.39 -10.27 8.60
C GLU A 28 10.87 -10.17 8.23
N VAL A 29 11.18 -9.17 7.42
CA VAL A 29 12.56 -8.96 6.99
C VAL A 29 13.16 -7.80 7.79
N ASP A 30 13.71 -8.15 8.94
CA ASP A 30 14.33 -7.15 9.80
C ASP A 30 15.23 -6.25 8.97
N SER A 31 15.31 -5.00 9.39
CA SER A 31 16.15 -4.03 8.69
C SER A 31 17.00 -3.25 9.70
N GLY A 32 17.35 -3.94 10.78
CA GLY A 32 18.17 -3.33 11.81
C GLY A 32 17.45 -2.15 12.46
N ASN A 33 18.17 -1.44 13.31
CA ASN A 33 17.62 -0.29 14.00
C ASN A 33 17.73 0.94 13.10
N ASP A 34 17.00 1.98 13.47
CA ASP A 34 17.01 3.22 12.71
C ASP A 34 18.01 4.19 13.34
N ILE A 35 17.86 5.46 12.99
CA ILE A 35 18.75 6.48 13.51
C ILE A 35 18.29 6.88 14.91
N TYR A 36 17.23 6.22 15.36
CA TYR A 36 16.69 6.49 16.68
C TYR A 36 16.99 5.34 17.65
N GLY A 37 17.64 4.32 17.11
CA GLY A 37 18.01 3.17 17.91
C GLY A 37 16.89 2.13 17.91
N ASN A 38 15.75 2.53 17.35
CA ASN A 38 14.61 1.65 17.27
C ASN A 38 14.79 0.65 16.12
N PRO A 39 14.15 -0.53 16.27
CA PRO A 39 14.24 -1.57 15.26
C PRO A 39 13.39 -1.21 14.03
N ILE A 40 14.02 -1.29 12.87
CA ILE A 40 13.34 -0.98 11.62
C ILE A 40 12.33 -2.08 11.31
N LYS A 41 12.76 -3.04 10.51
CA LYS A 41 11.90 -4.15 10.13
C LYS A 41 10.87 -3.66 9.11
N ARG A 42 10.89 -4.30 7.94
CA ARG A 42 9.97 -3.94 6.88
C ARG A 42 9.20 -5.18 6.42
N ILE A 43 8.37 -5.69 7.32
CA ILE A 43 7.57 -6.87 7.01
C ILE A 43 7.14 -6.82 5.54
N GLN A 44 7.05 -8.01 4.96
CA GLN A 44 6.65 -8.11 3.56
C GLN A 44 5.13 -8.20 3.45
N TYR A 45 4.66 -8.32 2.21
CA TYR A 45 3.24 -8.42 1.95
C TYR A 45 2.95 -9.47 0.88
N GLU A 46 3.21 -10.72 1.23
CA GLU A 46 2.99 -11.82 0.31
C GLU A 46 1.50 -11.93 -0.02
N ILE A 47 1.01 -10.94 -0.76
CA ILE A 47 -0.39 -10.93 -1.15
C ILE A 47 -0.67 -12.10 -2.09
N LYS A 48 -1.86 -12.06 -2.69
CA LYS A 48 -2.25 -13.12 -3.62
C LYS A 48 -2.68 -12.48 -4.95
N GLN A 49 -2.60 -11.16 -4.98
CA GLN A 49 -2.98 -10.43 -6.18
C GLN A 49 -4.37 -10.85 -6.65
N ILE A 50 -5.30 -9.92 -6.56
CA ILE A 50 -6.67 -10.18 -6.96
C ILE A 50 -7.09 -9.17 -8.04
N LYS A 51 -6.52 -7.99 -7.93
CA LYS A 51 -6.81 -6.93 -8.89
C LYS A 51 -5.58 -6.04 -9.05
N MET A 52 -5.60 -5.26 -10.13
CA MET A 52 -4.49 -4.35 -10.40
C MET A 52 -4.99 -3.05 -11.03
N PHE A 53 -5.68 -2.27 -10.22
CA PHE A 53 -6.21 -1.00 -10.68
C PHE A 53 -5.24 -0.31 -11.65
N LYS A 54 -4.21 0.28 -11.07
CA LYS A 54 -3.21 0.97 -11.86
C LYS A 54 -1.80 0.51 -11.43
N GLY A 55 -1.47 -0.70 -11.83
CA GLY A 55 -0.19 -1.29 -11.49
C GLY A 55 0.55 -1.77 -12.74
N PRO A 56 1.59 -2.60 -12.51
CA PRO A 56 2.37 -3.14 -13.61
C PRO A 56 1.61 -4.25 -14.33
N GLU A 57 2.32 -4.96 -15.19
CA GLU A 57 1.73 -6.05 -15.96
C GLU A 57 1.84 -7.35 -15.17
N LYS A 58 2.95 -7.51 -14.48
CA LYS A 58 3.18 -8.71 -13.69
C LYS A 58 2.31 -8.67 -12.44
N ASP A 59 2.73 -7.88 -11.47
CA ASP A 59 2.00 -7.74 -10.23
C ASP A 59 2.99 -7.67 -9.05
N ILE A 60 2.50 -7.13 -7.94
CA ILE A 60 3.32 -7.01 -6.76
C ILE A 60 2.79 -7.94 -5.67
N GLU A 61 3.10 -9.22 -5.82
CA GLU A 61 2.66 -10.21 -4.87
C GLU A 61 3.45 -10.09 -3.56
N PHE A 62 4.49 -9.28 -3.62
CA PHE A 62 5.34 -9.06 -2.46
C PHE A 62 5.58 -7.56 -2.23
N ILE A 63 4.69 -6.97 -1.44
CA ILE A 63 4.79 -5.56 -1.13
C ILE A 63 5.59 -5.38 0.16
N TYR A 64 5.96 -4.14 0.43
CA TYR A 64 6.72 -3.82 1.63
C TYR A 64 5.97 -2.82 2.50
N THR A 65 6.19 -2.94 3.81
CA THR A 65 5.55 -2.05 4.76
C THR A 65 6.23 -2.14 6.12
N ALA A 66 5.56 -1.61 7.13
CA ALA A 66 6.08 -1.62 8.49
C ALA A 66 5.30 -2.64 9.32
N PRO A 67 6.02 -3.26 10.29
CA PRO A 67 5.40 -4.24 11.16
C PRO A 67 4.50 -3.57 12.21
N SER A 68 4.28 -4.29 13.30
CA SER A 68 3.45 -3.77 14.37
C SER A 68 2.08 -3.39 13.83
N SER A 69 1.30 -2.74 14.69
CA SER A 69 -0.04 -2.31 14.31
C SER A 69 0.05 -1.18 13.27
N ALA A 70 0.80 -1.45 12.21
CA ALA A 70 0.96 -0.48 11.15
C ALA A 70 1.57 0.81 11.73
N VAL A 71 2.88 0.93 11.57
CA VAL A 71 3.58 2.10 12.06
C VAL A 71 3.93 3.02 10.89
N CYS A 72 4.22 2.41 9.75
CA CYS A 72 4.57 3.15 8.56
C CYS A 72 3.79 2.56 7.38
N GLY A 73 2.71 1.87 7.72
CA GLY A 73 1.87 1.26 6.70
C GLY A 73 0.46 0.99 7.23
N VAL A 74 -0.21 0.06 6.58
CA VAL A 74 -1.57 -0.29 6.98
C VAL A 74 -1.58 -1.72 7.53
N SER A 75 -0.40 -2.32 7.56
CA SER A 75 -0.26 -3.68 8.05
C SER A 75 -1.54 -4.47 7.79
N LEU A 76 -1.64 -4.98 6.57
CA LEU A 76 -2.81 -5.74 6.16
C LEU A 76 -2.45 -7.24 6.17
N ASP A 77 -3.34 -8.02 6.75
CA ASP A 77 -3.14 -9.45 6.83
C ASP A 77 -4.28 -10.17 6.10
N VAL A 78 -5.28 -9.38 5.73
CA VAL A 78 -6.44 -9.93 5.03
C VAL A 78 -7.30 -10.71 6.02
N GLY A 79 -6.73 -10.97 7.18
CA GLY A 79 -7.44 -11.70 8.21
C GLY A 79 -8.40 -10.79 8.98
N GLY A 80 -8.28 -9.49 8.70
CA GLY A 80 -9.12 -8.51 9.35
C GLY A 80 -9.76 -7.58 8.32
N LYS A 81 -9.02 -7.34 7.25
CA LYS A 81 -9.50 -6.47 6.19
C LYS A 81 -10.13 -7.32 5.08
N LYS A 82 -9.36 -7.52 4.02
CA LYS A 82 -9.82 -8.31 2.89
C LYS A 82 -8.91 -8.06 1.69
N GLU A 83 -8.81 -6.81 1.31
CA GLU A 83 -7.97 -6.43 0.18
C GLU A 83 -7.77 -4.91 0.15
N TYR A 84 -6.81 -4.49 -0.66
CA TYR A 84 -6.53 -3.07 -0.79
C TYR A 84 -5.95 -2.76 -2.18
N LEU A 85 -6.18 -1.53 -2.60
CA LEU A 85 -5.70 -1.09 -3.91
C LEU A 85 -4.25 -0.64 -3.78
N ILE A 86 -3.71 -0.79 -2.58
CA ILE A 86 -2.33 -0.40 -2.32
C ILE A 86 -1.79 0.40 -3.51
N ALA A 87 -1.78 1.71 -3.33
CA ALA A 87 -1.29 2.60 -4.37
C ALA A 87 -0.21 3.52 -3.80
N GLY A 88 1.02 3.26 -4.19
CA GLY A 88 2.14 4.06 -3.72
C GLY A 88 3.15 4.30 -4.85
N LYS A 89 4.21 5.04 -4.51
CA LYS A 89 5.24 5.35 -5.48
C LYS A 89 5.70 4.06 -6.16
N ALA A 90 5.64 2.97 -5.41
CA ALA A 90 6.04 1.67 -5.94
C ALA A 90 7.55 1.51 -5.79
N GLU A 91 8.02 0.31 -6.14
CA GLU A 91 9.43 0.02 -6.04
C GLU A 91 9.90 -0.73 -7.30
N GLY A 92 9.08 -1.68 -7.73
CA GLY A 92 9.40 -2.47 -8.90
C GLY A 92 8.12 -3.01 -9.55
N ASP A 93 8.18 -4.29 -9.91
CA ASP A 93 7.05 -4.94 -10.53
C ASP A 93 6.50 -6.02 -9.60
N GLY A 94 7.42 -6.71 -8.94
CA GLY A 94 7.04 -7.75 -8.01
C GLY A 94 7.24 -7.30 -6.56
N LYS A 95 7.40 -6.01 -6.40
CA LYS A 95 7.60 -5.43 -5.08
C LYS A 95 7.58 -3.90 -5.18
N MET A 96 6.81 -3.29 -4.28
CA MET A 96 6.69 -1.84 -4.26
C MET A 96 6.81 -1.31 -2.83
N HIS A 97 6.52 -0.02 -2.69
CA HIS A 97 6.59 0.63 -1.40
C HIS A 97 5.23 1.24 -1.06
N ILE A 98 4.76 0.93 0.14
CA ILE A 98 3.48 1.44 0.61
C ILE A 98 3.57 1.77 2.10
N THR A 99 3.10 2.97 2.44
CA THR A 99 3.13 3.42 3.82
C THR A 99 1.77 3.98 4.22
N LEU A 100 1.57 4.10 5.52
CA LEU A 100 0.32 4.61 6.05
C LEU A 100 0.14 6.05 5.59
N CYS A 101 1.26 6.72 5.36
CA CYS A 101 1.23 8.10 4.91
C CYS A 101 0.90 8.12 3.42
N ASP A 102 1.30 7.05 2.74
CA ASP A 102 1.06 6.93 1.31
C ASP A 102 -0.38 6.46 1.09
N PHE A 103 -0.79 6.51 -0.17
CA PHE A 103 -2.14 6.10 -0.54
C PHE A 103 -2.31 4.59 -0.40
N ILE A 104 -3.21 4.21 0.49
CA ILE A 104 -3.48 2.79 0.72
C ILE A 104 -4.80 2.65 1.50
N VAL A 105 -5.62 1.73 1.05
CA VAL A 105 -6.90 1.49 1.70
C VAL A 105 -7.33 0.04 1.43
N PRO A 106 -8.22 -0.46 2.33
CA PRO A 106 -8.72 -1.82 2.21
C PRO A 106 -9.75 -1.94 1.07
N TRP A 107 -9.87 -0.85 0.32
CA TRP A 107 -10.81 -0.81 -0.78
C TRP A 107 -12.22 -0.66 -0.21
N ASP A 108 -12.60 -1.65 0.59
CA ASP A 108 -13.91 -1.64 1.21
C ASP A 108 -13.98 -0.52 2.26
N THR A 109 -13.62 0.67 1.82
CA THR A 109 -13.64 1.82 2.69
C THR A 109 -13.70 3.12 1.88
N LEU A 110 -12.72 3.27 0.99
CA LEU A 110 -12.64 4.45 0.15
C LEU A 110 -13.65 5.49 0.65
N SER A 111 -14.71 5.66 -0.11
CA SER A 111 -15.75 6.62 0.24
C SER A 111 -16.36 7.21 -1.03
N THR A 112 -15.50 7.50 -1.98
CA THR A 112 -15.94 8.08 -3.25
C THR A 112 -14.78 8.78 -3.95
N THR A 113 -14.28 9.83 -3.32
CA THR A 113 -13.18 10.59 -3.87
C THR A 113 -12.04 9.65 -4.29
N GLN A 114 -11.98 8.51 -3.60
CA GLN A 114 -10.95 7.53 -3.89
C GLN A 114 -11.36 6.66 -5.07
N LYS A 115 -12.67 6.43 -5.18
CA LYS A 115 -13.20 5.62 -6.25
C LYS A 115 -13.14 6.41 -7.56
N LYS A 116 -13.49 7.69 -7.46
CA LYS A 116 -13.48 8.56 -8.62
C LYS A 116 -12.05 8.65 -9.17
N SER A 117 -11.10 8.31 -8.31
CA SER A 117 -9.70 8.36 -8.69
C SER A 117 -9.26 6.99 -9.23
N LEU A 118 -10.12 6.01 -9.02
CA LEU A 118 -9.84 4.66 -9.47
C LEU A 118 -9.96 4.59 -11.00
N ASN A 119 -10.83 5.46 -11.52
CA ASN A 119 -11.06 5.50 -12.95
C ASN A 119 -10.21 6.63 -13.56
N HIS A 120 -9.32 7.17 -12.74
CA HIS A 120 -8.45 8.24 -13.18
C HIS A 120 -7.20 7.65 -13.85
N ARG A 121 -7.23 6.33 -14.02
CA ARG A 121 -6.11 5.65 -14.64
C ARG A 121 -4.87 5.73 -13.75
N TYR A 122 -4.36 6.94 -13.61
CA TYR A 122 -3.19 7.17 -12.79
C TYR A 122 -2.84 8.65 -12.73
N GLN A 123 -3.32 9.30 -11.69
CA GLN A 123 -3.08 10.73 -11.50
C GLN A 123 -3.50 11.51 -12.75
N MET A 124 -4.75 11.34 -13.12
CA MET A 124 -5.29 12.02 -14.29
C MET A 124 -5.48 13.52 -14.02
N GLY A 125 -4.40 14.15 -13.58
CA GLY A 125 -4.43 15.56 -13.28
C GLY A 125 -5.53 15.89 -12.26
N CYS A 126 -5.80 14.91 -11.41
CA CYS A 126 -6.82 15.07 -10.39
C CYS A 126 -6.40 16.21 -9.46
N GLU A 127 -7.14 16.36 -8.37
CA GLU A 127 -6.85 17.40 -7.40
C GLU A 127 -7.83 17.32 -6.23
N CYS A 1 5.14 5.68 10.05
CA CYS A 1 6.05 6.29 10.99
C CYS A 1 5.32 7.39 11.74
N SER A 2 4.13 7.06 12.22
CA SER A 2 3.32 8.02 12.95
C SER A 2 2.75 9.07 11.99
N CYS A 3 3.05 8.87 10.72
CA CYS A 3 2.57 9.79 9.69
C CYS A 3 1.05 9.83 9.76
N SER A 4 0.49 10.92 9.24
CA SER A 4 -0.95 11.09 9.23
C SER A 4 -1.49 10.82 7.82
N PRO A 5 -2.18 9.66 7.68
CA PRO A 5 -2.76 9.27 6.40
C PRO A 5 -4.02 10.09 6.10
N VAL A 6 -4.01 10.72 4.94
CA VAL A 6 -5.14 11.53 4.53
C VAL A 6 -5.22 11.56 3.00
N HIS A 7 -5.40 12.76 2.47
CA HIS A 7 -5.49 12.94 1.03
C HIS A 7 -6.31 11.80 0.42
N PRO A 8 -7.65 11.99 0.41
CA PRO A 8 -8.56 10.99 -0.15
C PRO A 8 -8.50 10.99 -1.67
N GLN A 9 -7.67 11.87 -2.20
CA GLN A 9 -7.52 11.98 -3.64
C GLN A 9 -6.05 12.10 -4.02
N GLN A 10 -5.33 12.92 -3.25
CA GLN A 10 -3.92 13.12 -3.49
C GLN A 10 -3.15 11.81 -3.31
N ALA A 11 -3.87 10.81 -2.83
CA ALA A 11 -3.27 9.50 -2.61
C ALA A 11 -3.26 8.72 -3.92
N PHE A 12 -4.31 8.93 -4.71
CA PHE A 12 -4.42 8.26 -5.99
C PHE A 12 -3.78 9.08 -7.12
N CYS A 13 -3.16 10.18 -6.71
CA CYS A 13 -2.50 11.05 -7.66
C CYS A 13 -1.00 11.01 -7.40
N ASN A 14 -0.64 10.37 -6.30
CA ASN A 14 0.76 10.26 -5.91
C ASN A 14 1.23 8.82 -6.18
N ALA A 15 0.36 7.88 -5.87
CA ALA A 15 0.67 6.48 -6.07
C ALA A 15 1.11 6.25 -7.52
N ASP A 16 1.58 5.03 -7.78
CA ASP A 16 2.04 4.68 -9.11
C ASP A 16 1.87 3.17 -9.32
N VAL A 17 1.07 2.57 -8.45
CA VAL A 17 0.83 1.15 -8.53
C VAL A 17 -0.38 0.80 -7.65
N VAL A 18 -1.56 0.96 -8.22
CA VAL A 18 -2.79 0.67 -7.51
C VAL A 18 -3.27 -0.73 -7.88
N ILE A 19 -3.33 -1.60 -6.88
CA ILE A 19 -3.78 -2.96 -7.09
C ILE A 19 -4.59 -3.42 -5.88
N ARG A 20 -5.81 -3.87 -6.17
CA ARG A 20 -6.69 -4.35 -5.11
C ARG A 20 -6.27 -5.74 -4.66
N THR A 21 -4.97 -5.95 -4.58
CA THR A 21 -4.43 -7.22 -4.17
C THR A 21 -4.87 -7.55 -2.74
N LYS A 22 -4.54 -8.77 -2.32
CA LYS A 22 -4.90 -9.21 -0.98
C LYS A 22 -3.65 -9.71 -0.25
N ALA A 23 -3.35 -9.06 0.86
CA ALA A 23 -2.19 -9.42 1.64
C ALA A 23 -2.60 -10.39 2.76
N VAL A 24 -2.40 -11.66 2.49
CA VAL A 24 -2.75 -12.69 3.45
C VAL A 24 -1.49 -13.17 4.18
N SER A 25 -0.39 -13.20 3.43
CA SER A 25 0.88 -13.63 3.99
C SER A 25 1.85 -12.44 4.03
N GLU A 26 2.88 -12.60 4.84
CA GLU A 26 3.89 -11.55 4.98
C GLU A 26 5.25 -12.18 5.30
N LYS A 27 6.24 -11.30 5.46
CA LYS A 27 7.59 -11.75 5.77
C LYS A 27 8.27 -10.72 6.67
N GLU A 28 8.51 -11.13 7.91
CA GLU A 28 9.14 -10.26 8.88
C GLU A 28 10.64 -10.13 8.57
N VAL A 29 10.96 -9.10 7.80
CA VAL A 29 12.34 -8.85 7.43
C VAL A 29 12.86 -7.63 8.19
N ASP A 30 13.88 -7.87 9.00
CA ASP A 30 14.47 -6.80 9.79
C ASP A 30 15.17 -5.81 8.86
N SER A 31 15.26 -4.58 9.32
CA SER A 31 15.90 -3.53 8.54
C SER A 31 16.83 -2.70 9.43
N GLY A 32 17.28 -3.33 10.51
CA GLY A 32 18.17 -2.67 11.44
C GLY A 32 17.41 -1.62 12.27
N ASN A 33 18.15 -0.97 13.15
CA ASN A 33 17.56 0.06 14.01
C ASN A 33 17.55 1.39 13.25
N ASP A 34 16.75 2.31 13.77
CA ASP A 34 16.63 3.63 13.16
C ASP A 34 17.60 4.60 13.85
N ILE A 35 17.33 5.87 13.66
CA ILE A 35 18.16 6.91 14.26
C ILE A 35 17.76 7.11 15.72
N TYR A 36 16.78 6.31 16.14
CA TYR A 36 16.31 6.38 17.51
C TYR A 36 16.73 5.15 18.30
N GLY A 37 17.42 4.25 17.63
CA GLY A 37 17.90 3.03 18.26
C GLY A 37 16.84 1.92 18.17
N ASN A 38 15.66 2.31 17.71
CA ASN A 38 14.56 1.37 17.58
C ASN A 38 14.77 0.53 16.31
N PRO A 39 14.21 -0.71 16.35
CA PRO A 39 14.33 -1.62 15.22
C PRO A 39 13.40 -1.20 14.08
N ILE A 40 13.96 -1.11 12.89
CA ILE A 40 13.20 -0.72 11.72
C ILE A 40 12.19 -1.81 11.39
N LYS A 41 12.65 -2.79 10.62
CA LYS A 41 11.79 -3.90 10.22
C LYS A 41 10.80 -3.42 9.16
N ARG A 42 10.76 -4.18 8.06
CA ARG A 42 9.87 -3.84 6.96
C ARG A 42 9.10 -5.08 6.51
N ILE A 43 8.26 -5.57 7.41
CA ILE A 43 7.46 -6.75 7.12
C ILE A 43 7.03 -6.73 5.64
N GLN A 44 6.98 -7.92 5.06
CA GLN A 44 6.60 -8.05 3.66
C GLN A 44 5.07 -8.15 3.54
N TYR A 45 4.62 -8.26 2.29
CA TYR A 45 3.20 -8.36 2.03
C TYR A 45 2.93 -9.42 0.96
N GLU A 46 3.19 -10.67 1.32
CA GLU A 46 2.99 -11.77 0.41
C GLU A 46 1.50 -11.88 0.04
N ILE A 47 1.05 -10.91 -0.74
CA ILE A 47 -0.34 -10.89 -1.17
C ILE A 47 -0.60 -12.07 -2.11
N LYS A 48 -1.82 -12.10 -2.64
CA LYS A 48 -2.20 -13.17 -3.56
C LYS A 48 -2.64 -12.56 -4.89
N GLN A 49 -2.62 -11.23 -4.93
CA GLN A 49 -3.01 -10.51 -6.13
C GLN A 49 -4.42 -10.91 -6.55
N ILE A 50 -5.30 -9.92 -6.57
CA ILE A 50 -6.68 -10.15 -6.95
C ILE A 50 -7.08 -9.15 -8.05
N LYS A 51 -6.47 -7.98 -7.99
CA LYS A 51 -6.75 -6.95 -8.97
C LYS A 51 -5.50 -6.08 -9.16
N MET A 52 -5.54 -5.26 -10.20
CA MET A 52 -4.42 -4.39 -10.51
C MET A 52 -4.91 -3.08 -11.11
N PHE A 53 -5.59 -2.28 -10.29
CA PHE A 53 -6.11 -1.00 -10.74
C PHE A 53 -5.14 -0.32 -11.69
N LYS A 54 -4.10 0.27 -11.10
CA LYS A 54 -3.10 0.96 -11.89
C LYS A 54 -1.71 0.44 -11.49
N GLY A 55 -1.47 -0.83 -11.82
CA GLY A 55 -0.20 -1.45 -11.51
C GLY A 55 0.47 -1.98 -12.77
N PRO A 56 1.40 -2.95 -12.58
CA PRO A 56 2.13 -3.54 -13.69
C PRO A 56 1.23 -4.51 -14.46
N GLU A 57 1.83 -5.14 -15.47
CA GLU A 57 1.10 -6.09 -16.30
C GLU A 57 1.08 -7.46 -15.63
N LYS A 58 2.18 -7.77 -14.95
CA LYS A 58 2.30 -9.05 -14.27
C LYS A 58 1.60 -8.96 -12.92
N ASP A 59 2.29 -8.34 -11.97
CA ASP A 59 1.75 -8.19 -10.63
C ASP A 59 2.90 -8.11 -9.62
N ILE A 60 2.54 -7.79 -8.38
CA ILE A 60 3.53 -7.67 -7.32
C ILE A 60 3.55 -8.97 -6.51
N GLU A 61 2.49 -9.17 -5.74
CA GLU A 61 2.38 -10.36 -4.92
C GLU A 61 3.30 -10.26 -3.70
N PHE A 62 4.15 -9.23 -3.72
CA PHE A 62 5.08 -9.00 -2.64
C PHE A 62 5.33 -7.51 -2.42
N ILE A 63 4.63 -6.98 -1.43
CA ILE A 63 4.76 -5.57 -1.11
C ILE A 63 5.54 -5.40 0.20
N TYR A 64 5.93 -4.18 0.48
CA TYR A 64 6.67 -3.88 1.69
C TYR A 64 5.96 -2.82 2.54
N THR A 65 6.16 -2.93 3.85
CA THR A 65 5.54 -2.00 4.77
C THR A 65 6.21 -2.09 6.15
N ALA A 66 5.56 -1.50 7.14
CA ALA A 66 6.07 -1.50 8.49
C ALA A 66 5.26 -2.50 9.33
N PRO A 67 5.95 -3.07 10.36
CA PRO A 67 5.32 -4.04 11.23
C PRO A 67 4.38 -3.34 12.22
N SER A 68 4.09 -4.04 13.31
CA SER A 68 3.21 -3.49 14.33
C SER A 68 1.85 -3.15 13.73
N SER A 69 1.05 -2.43 14.50
CA SER A 69 -0.28 -2.02 14.05
C SER A 69 -0.15 -0.98 12.94
N ALA A 70 0.61 -1.34 11.92
CA ALA A 70 0.81 -0.45 10.79
C ALA A 70 1.30 0.91 11.31
N VAL A 71 2.61 1.10 11.22
CA VAL A 71 3.21 2.34 11.67
C VAL A 71 3.55 3.21 10.45
N CYS A 72 4.33 2.63 9.55
CA CYS A 72 4.74 3.33 8.34
C CYS A 72 3.93 2.79 7.17
N GLY A 73 2.90 2.00 7.51
CA GLY A 73 2.04 1.42 6.51
C GLY A 73 0.62 1.22 7.05
N VAL A 74 -0.05 0.21 6.51
CA VAL A 74 -1.41 -0.09 6.93
C VAL A 74 -1.46 -1.51 7.50
N SER A 75 -0.30 -2.15 7.50
CA SER A 75 -0.20 -3.51 8.00
C SER A 75 -1.53 -4.24 7.81
N LEU A 76 -1.71 -4.76 6.60
CA LEU A 76 -2.94 -5.48 6.27
C LEU A 76 -2.65 -6.99 6.27
N ASP A 77 -3.52 -7.72 6.94
CA ASP A 77 -3.38 -9.17 7.03
C ASP A 77 -4.46 -9.84 6.18
N VAL A 78 -5.39 -9.02 5.72
CA VAL A 78 -6.49 -9.51 4.90
C VAL A 78 -7.42 -10.35 5.76
N GLY A 79 -6.84 -11.31 6.46
CA GLY A 79 -7.61 -12.19 7.33
C GLY A 79 -8.55 -11.38 8.23
N GLY A 80 -8.30 -10.08 8.27
CA GLY A 80 -9.11 -9.19 9.08
C GLY A 80 -9.80 -8.13 8.22
N LYS A 81 -9.13 -7.79 7.12
CA LYS A 81 -9.67 -6.79 6.21
C LYS A 81 -10.26 -7.50 4.98
N LYS A 82 -9.42 -7.63 3.96
CA LYS A 82 -9.84 -8.28 2.73
C LYS A 82 -8.78 -8.04 1.65
N GLU A 83 -8.93 -6.93 0.97
CA GLU A 83 -7.99 -6.56 -0.10
C GLU A 83 -7.88 -5.04 -0.22
N TYR A 84 -6.69 -4.59 -0.58
CA TYR A 84 -6.44 -3.18 -0.73
C TYR A 84 -5.90 -2.86 -2.12
N LEU A 85 -6.12 -1.62 -2.54
CA LEU A 85 -5.67 -1.18 -3.85
C LEU A 85 -4.22 -0.73 -3.76
N ILE A 86 -3.65 -0.88 -2.57
CA ILE A 86 -2.28 -0.50 -2.33
C ILE A 86 -1.76 0.30 -3.54
N ALA A 87 -1.70 1.62 -3.35
CA ALA A 87 -1.24 2.50 -4.41
C ALA A 87 -0.15 3.41 -3.85
N GLY A 88 1.07 3.15 -4.30
CA GLY A 88 2.21 3.94 -3.85
C GLY A 88 3.23 4.13 -4.99
N LYS A 89 4.24 4.91 -4.71
CA LYS A 89 5.28 5.18 -5.68
C LYS A 89 5.64 3.88 -6.40
N ALA A 90 5.66 2.80 -5.64
CA ALA A 90 5.97 1.49 -6.19
C ALA A 90 7.49 1.32 -6.23
N GLU A 91 7.91 0.12 -6.59
CA GLU A 91 9.33 -0.18 -6.66
C GLU A 91 9.64 -0.94 -7.97
N GLY A 92 8.65 -0.99 -8.83
CA GLY A 92 8.80 -1.67 -10.11
C GLY A 92 7.72 -2.74 -10.29
N ASP A 93 8.17 -3.97 -10.49
CA ASP A 93 7.26 -5.08 -10.68
C ASP A 93 7.65 -6.23 -9.74
N GLY A 94 6.63 -6.93 -9.27
CA GLY A 94 6.85 -8.04 -8.36
C GLY A 94 7.17 -7.55 -6.94
N LYS A 95 7.23 -6.24 -6.81
CA LYS A 95 7.52 -5.62 -5.53
C LYS A 95 7.41 -4.11 -5.65
N MET A 96 6.93 -3.49 -4.59
CA MET A 96 6.77 -2.05 -4.56
C MET A 96 6.97 -1.49 -3.15
N HIS A 97 6.64 -0.22 -3.00
CA HIS A 97 6.76 0.44 -1.70
C HIS A 97 5.46 1.13 -1.34
N ILE A 98 4.98 0.83 -0.14
CA ILE A 98 3.74 1.41 0.34
C ILE A 98 3.88 1.77 1.82
N THR A 99 3.25 2.87 2.19
CA THR A 99 3.30 3.33 3.57
C THR A 99 1.96 3.95 3.98
N LEU A 100 1.82 4.17 5.27
CA LEU A 100 0.60 4.74 5.80
C LEU A 100 0.40 6.15 5.22
N CYS A 101 1.47 6.93 5.29
CA CYS A 101 1.42 8.29 4.78
C CYS A 101 1.15 8.22 3.27
N ASP A 102 1.39 7.04 2.71
CA ASP A 102 1.18 6.83 1.29
C ASP A 102 -0.27 6.37 1.06
N PHE A 103 -0.67 6.41 -0.20
CA PHE A 103 -2.01 6.00 -0.57
C PHE A 103 -2.18 4.48 -0.42
N ILE A 104 -3.06 4.10 0.49
CA ILE A 104 -3.31 2.69 0.73
C ILE A 104 -4.60 2.55 1.54
N VAL A 105 -5.48 1.68 1.05
CA VAL A 105 -6.75 1.44 1.72
C VAL A 105 -7.20 0.00 1.43
N PRO A 106 -8.08 -0.51 2.33
CA PRO A 106 -8.60 -1.86 2.19
C PRO A 106 -9.65 -1.92 1.08
N TRP A 107 -9.74 -0.84 0.32
CA TRP A 107 -10.69 -0.76 -0.77
C TRP A 107 -12.10 -0.64 -0.17
N ASP A 108 -12.45 -1.65 0.63
CA ASP A 108 -13.75 -1.67 1.27
C ASP A 108 -13.81 -0.56 2.33
N THR A 109 -13.46 0.64 1.91
CA THR A 109 -13.45 1.78 2.81
C THR A 109 -13.52 3.08 2.02
N LEU A 110 -12.57 3.23 1.10
CA LEU A 110 -12.52 4.42 0.26
C LEU A 110 -13.54 5.44 0.77
N SER A 111 -14.60 5.59 -0.01
CA SER A 111 -15.66 6.53 0.34
C SER A 111 -16.27 7.12 -0.93
N THR A 112 -15.40 7.44 -1.87
CA THR A 112 -15.83 8.02 -3.14
C THR A 112 -14.67 8.74 -3.83
N THR A 113 -14.20 9.80 -3.16
CA THR A 113 -13.10 10.58 -3.69
C THR A 113 -11.94 9.67 -4.11
N GLN A 114 -11.92 8.49 -3.50
CA GLN A 114 -10.88 7.52 -3.79
C GLN A 114 -11.27 6.66 -4.99
N LYS A 115 -12.56 6.37 -5.07
CA LYS A 115 -13.08 5.57 -6.16
C LYS A 115 -13.02 6.37 -7.46
N LYS A 116 -13.39 7.64 -7.35
CA LYS A 116 -13.38 8.53 -8.51
C LYS A 116 -11.95 8.65 -9.03
N SER A 117 -11.00 8.30 -8.18
CA SER A 117 -9.61 8.37 -8.54
C SER A 117 -9.13 7.01 -9.08
N LEU A 118 -9.95 6.01 -8.84
CA LEU A 118 -9.64 4.66 -9.30
C LEU A 118 -9.72 4.60 -10.82
N ASN A 119 -10.57 5.45 -11.37
CA ASN A 119 -10.75 5.50 -12.81
C ASN A 119 -9.88 6.62 -13.39
N HIS A 120 -9.00 7.14 -12.53
CA HIS A 120 -8.11 8.21 -12.94
C HIS A 120 -6.75 7.63 -13.34
N ARG A 121 -6.74 6.32 -13.53
CA ARG A 121 -5.52 5.62 -13.90
C ARG A 121 -4.39 5.93 -12.92
N TYR A 122 -3.69 7.02 -13.20
CA TYR A 122 -2.59 7.44 -12.34
C TYR A 122 -2.44 8.96 -12.35
N GLN A 123 -3.11 9.59 -11.40
CA GLN A 123 -3.06 11.03 -11.27
C GLN A 123 -3.57 11.69 -12.56
N MET A 124 -4.77 11.29 -12.96
CA MET A 124 -5.37 11.83 -14.17
C MET A 124 -5.76 13.29 -13.97
N GLY A 125 -4.77 14.09 -13.59
CA GLY A 125 -5.00 15.51 -13.37
C GLY A 125 -6.07 15.73 -12.30
N CYS A 126 -6.18 14.77 -11.40
CA CYS A 126 -7.15 14.85 -10.33
C CYS A 126 -6.81 16.07 -9.46
N GLU A 127 -7.44 16.13 -8.30
CA GLU A 127 -7.22 17.24 -7.39
C GLU A 127 -8.04 17.03 -6.10
N CYS A 1 5.94 7.69 8.53
CA CYS A 1 5.74 6.80 9.66
C CYS A 1 4.82 7.50 10.66
N SER A 2 3.83 6.76 11.13
CA SER A 2 2.88 7.29 12.09
C SER A 2 2.29 8.60 11.58
N CYS A 3 2.45 8.81 10.28
CA CYS A 3 1.93 10.01 9.64
C CYS A 3 0.42 9.88 9.52
N SER A 4 -0.23 11.02 9.31
CA SER A 4 -1.68 11.05 9.18
C SER A 4 -2.07 10.72 7.74
N PRO A 5 -2.74 9.54 7.59
CA PRO A 5 -3.17 9.10 6.27
C PRO A 5 -4.40 9.90 5.81
N VAL A 6 -4.13 10.92 5.02
CA VAL A 6 -5.21 11.76 4.51
C VAL A 6 -5.21 11.71 2.97
N HIS A 7 -5.28 12.88 2.37
CA HIS A 7 -5.29 12.97 0.92
C HIS A 7 -6.17 11.86 0.34
N PRO A 8 -7.50 12.16 0.26
CA PRO A 8 -8.45 11.20 -0.27
C PRO A 8 -8.35 11.11 -1.78
N GLN A 9 -7.71 12.12 -2.37
CA GLN A 9 -7.54 12.16 -3.81
C GLN A 9 -6.05 12.22 -4.16
N GLN A 10 -5.34 13.02 -3.40
CA GLN A 10 -3.90 13.19 -3.62
C GLN A 10 -3.18 11.86 -3.37
N ALA A 11 -3.94 10.89 -2.89
CA ALA A 11 -3.38 9.58 -2.61
C ALA A 11 -3.32 8.76 -3.90
N PHE A 12 -4.35 8.93 -4.72
CA PHE A 12 -4.43 8.21 -5.98
C PHE A 12 -3.73 9.00 -7.09
N CYS A 13 -3.21 10.16 -6.72
CA CYS A 13 -2.51 11.00 -7.68
C CYS A 13 -1.02 10.94 -7.37
N ASN A 14 -0.70 10.40 -6.19
CA ASN A 14 0.68 10.28 -5.78
C ASN A 14 1.17 8.86 -6.04
N ALA A 15 0.28 7.90 -5.77
CA ALA A 15 0.61 6.50 -5.96
C ALA A 15 1.05 6.29 -7.42
N ASP A 16 1.55 5.09 -7.68
CA ASP A 16 2.01 4.75 -9.01
C ASP A 16 1.82 3.25 -9.24
N VAL A 17 1.04 2.64 -8.37
CA VAL A 17 0.77 1.21 -8.46
C VAL A 17 -0.43 0.86 -7.60
N VAL A 18 -1.62 0.99 -8.19
CA VAL A 18 -2.85 0.69 -7.49
C VAL A 18 -3.32 -0.72 -7.87
N ILE A 19 -3.40 -1.57 -6.85
CA ILE A 19 -3.83 -2.94 -7.06
C ILE A 19 -4.62 -3.41 -5.85
N ARG A 20 -5.83 -3.90 -6.11
CA ARG A 20 -6.70 -4.37 -5.05
C ARG A 20 -6.23 -5.76 -4.58
N THR A 21 -4.92 -5.91 -4.47
CA THR A 21 -4.35 -7.17 -4.03
C THR A 21 -4.81 -7.50 -2.61
N LYS A 22 -4.51 -8.72 -2.19
CA LYS A 22 -4.89 -9.18 -0.87
C LYS A 22 -3.65 -9.68 -0.13
N ALA A 23 -3.36 -9.05 0.99
CA ALA A 23 -2.21 -9.41 1.79
C ALA A 23 -2.64 -10.42 2.86
N VAL A 24 -2.32 -11.68 2.62
CA VAL A 24 -2.66 -12.74 3.54
C VAL A 24 -1.40 -13.19 4.29
N SER A 25 -0.31 -13.25 3.53
CA SER A 25 0.96 -13.67 4.11
C SER A 25 1.93 -12.49 4.12
N GLU A 26 2.96 -12.63 4.95
CA GLU A 26 3.98 -11.58 5.06
C GLU A 26 5.36 -12.21 5.31
N LYS A 27 6.33 -11.34 5.49
CA LYS A 27 7.69 -11.79 5.74
C LYS A 27 8.44 -10.74 6.56
N GLU A 28 8.79 -11.11 7.78
CA GLU A 28 9.51 -10.21 8.66
C GLU A 28 10.96 -10.06 8.21
N VAL A 29 11.19 -9.07 7.38
CA VAL A 29 12.53 -8.81 6.88
C VAL A 29 13.19 -7.70 7.71
N ASP A 30 13.94 -8.13 8.71
CA ASP A 30 14.62 -7.20 9.59
C ASP A 30 15.29 -6.11 8.74
N SER A 31 15.29 -4.90 9.29
CA SER A 31 15.89 -3.77 8.61
C SER A 31 16.80 -3.00 9.56
N GLY A 32 17.19 -3.67 10.64
CA GLY A 32 18.06 -3.06 11.63
C GLY A 32 17.33 -1.93 12.37
N ASN A 33 18.08 -1.25 13.22
CA ASN A 33 17.53 -0.16 14.00
C ASN A 33 17.57 1.12 13.16
N ASP A 34 16.85 2.12 13.64
CA ASP A 34 16.80 3.40 12.95
C ASP A 34 17.82 4.36 13.58
N ILE A 35 17.63 5.64 13.31
CA ILE A 35 18.52 6.66 13.84
C ILE A 35 18.13 6.97 15.28
N TYR A 36 17.10 6.26 15.76
CA TYR A 36 16.64 6.45 17.11
C TYR A 36 16.99 5.25 17.99
N GLY A 37 17.64 4.28 17.37
CA GLY A 37 18.04 3.07 18.08
C GLY A 37 16.93 2.03 18.06
N ASN A 38 15.77 2.45 17.57
CA ASN A 38 14.62 1.56 17.49
C ASN A 38 14.78 0.64 16.28
N PRO A 39 14.15 -0.56 16.39
CA PRO A 39 14.21 -1.54 15.32
C PRO A 39 13.32 -1.12 14.15
N ILE A 40 13.92 -1.14 12.96
CA ILE A 40 13.19 -0.78 11.76
C ILE A 40 12.17 -1.86 11.43
N LYS A 41 12.65 -2.90 10.76
CA LYS A 41 11.78 -4.00 10.37
C LYS A 41 10.80 -3.54 9.29
N ARG A 42 10.83 -4.25 8.17
CA ARG A 42 9.96 -3.92 7.06
C ARG A 42 9.20 -5.17 6.59
N ILE A 43 8.33 -5.65 7.46
CA ILE A 43 7.54 -6.83 7.14
C ILE A 43 7.11 -6.78 5.67
N GLN A 44 7.02 -7.96 5.07
CA GLN A 44 6.63 -8.06 3.68
C GLN A 44 5.11 -8.19 3.57
N TYR A 45 4.65 -8.27 2.33
CA TYR A 45 3.22 -8.40 2.07
C TYR A 45 2.95 -9.47 1.00
N GLU A 46 3.18 -10.72 1.39
CA GLU A 46 2.96 -11.82 0.49
C GLU A 46 1.48 -11.93 0.12
N ILE A 47 1.01 -10.94 -0.62
CA ILE A 47 -0.38 -10.92 -1.03
C ILE A 47 -0.66 -12.10 -1.96
N LYS A 48 -1.80 -12.05 -2.62
CA LYS A 48 -2.19 -13.12 -3.53
C LYS A 48 -2.70 -12.50 -4.83
N GLN A 49 -2.52 -11.19 -4.95
CA GLN A 49 -2.95 -10.48 -6.14
C GLN A 49 -4.37 -10.88 -6.50
N ILE A 50 -5.26 -9.89 -6.46
CA ILE A 50 -6.66 -10.12 -6.78
C ILE A 50 -7.08 -9.17 -7.91
N LYS A 51 -6.46 -8.00 -7.91
CA LYS A 51 -6.76 -7.00 -8.93
C LYS A 51 -5.52 -6.15 -9.18
N MET A 52 -5.58 -5.36 -10.24
CA MET A 52 -4.47 -4.50 -10.60
C MET A 52 -4.97 -3.20 -11.24
N PHE A 53 -5.65 -2.40 -10.42
CA PHE A 53 -6.19 -1.14 -10.88
C PHE A 53 -5.18 -0.40 -11.76
N LYS A 54 -4.24 0.27 -11.10
CA LYS A 54 -3.21 1.02 -11.79
C LYS A 54 -1.84 0.54 -11.32
N GLY A 55 -1.49 -0.67 -11.71
CA GLY A 55 -0.22 -1.26 -11.34
C GLY A 55 0.56 -1.71 -12.58
N PRO A 56 1.45 -2.71 -12.36
CA PRO A 56 2.26 -3.24 -13.44
C PRO A 56 1.43 -4.13 -14.37
N GLU A 57 2.13 -4.82 -15.25
CA GLU A 57 1.47 -5.72 -16.19
C GLU A 57 1.36 -7.12 -15.60
N LYS A 58 2.38 -7.50 -14.85
CA LYS A 58 2.41 -8.80 -14.22
C LYS A 58 1.68 -8.74 -12.88
N ASP A 59 2.37 -8.20 -11.89
CA ASP A 59 1.80 -8.06 -10.56
C ASP A 59 2.94 -7.98 -9.53
N ILE A 60 2.55 -7.68 -8.30
CA ILE A 60 3.51 -7.56 -7.22
C ILE A 60 3.55 -8.87 -6.43
N GLU A 61 2.49 -9.09 -5.66
CA GLU A 61 2.39 -10.29 -4.84
C GLU A 61 3.31 -10.19 -3.64
N PHE A 62 4.16 -9.17 -3.65
CA PHE A 62 5.10 -8.95 -2.56
C PHE A 62 5.35 -7.46 -2.35
N ILE A 63 4.64 -6.91 -1.38
CA ILE A 63 4.77 -5.50 -1.06
C ILE A 63 5.55 -5.35 0.24
N TYR A 64 5.98 -4.12 0.51
CA TYR A 64 6.73 -3.82 1.71
C TYR A 64 6.01 -2.77 2.57
N THR A 65 6.22 -2.88 3.87
CA THR A 65 5.60 -1.95 4.80
C THR A 65 6.27 -2.05 6.18
N ALA A 66 5.57 -1.55 7.18
CA ALA A 66 6.08 -1.57 8.55
C ALA A 66 5.28 -2.60 9.35
N PRO A 67 5.96 -3.16 10.40
CA PRO A 67 5.34 -4.15 11.25
C PRO A 67 4.33 -3.50 12.20
N SER A 68 4.04 -4.21 13.28
CA SER A 68 3.09 -3.71 14.27
C SER A 68 1.70 -3.54 13.65
N SER A 69 0.89 -2.74 14.31
CA SER A 69 -0.46 -2.49 13.83
C SER A 69 -0.43 -1.40 12.76
N ALA A 70 0.65 -1.38 12.01
CA ALA A 70 0.82 -0.40 10.95
C ALA A 70 1.37 0.90 11.54
N VAL A 71 2.69 1.03 11.45
CA VAL A 71 3.35 2.22 11.97
C VAL A 71 3.75 3.12 10.80
N CYS A 72 4.13 2.49 9.70
CA CYS A 72 4.54 3.22 8.51
C CYS A 72 3.72 2.70 7.33
N GLY A 73 2.72 1.89 7.64
CA GLY A 73 1.86 1.34 6.62
C GLY A 73 0.44 1.10 7.16
N VAL A 74 -0.23 0.13 6.57
CA VAL A 74 -1.58 -0.21 6.97
C VAL A 74 -1.60 -1.62 7.56
N SER A 75 -0.42 -2.23 7.58
CA SER A 75 -0.29 -3.58 8.11
C SER A 75 -1.58 -4.37 7.85
N LEU A 76 -1.65 -4.95 6.66
CA LEU A 76 -2.81 -5.73 6.27
C LEU A 76 -2.46 -7.22 6.33
N ASP A 77 -3.38 -7.99 6.87
CA ASP A 77 -3.19 -9.43 6.99
C ASP A 77 -4.34 -10.16 6.31
N VAL A 78 -5.26 -9.37 5.76
CA VAL A 78 -6.42 -9.93 5.08
C VAL A 78 -7.36 -10.56 6.11
N GLY A 79 -6.81 -11.50 6.87
CA GLY A 79 -7.58 -12.18 7.89
C GLY A 79 -8.29 -11.19 8.80
N GLY A 80 -7.88 -9.94 8.68
CA GLY A 80 -8.48 -8.88 9.48
C GLY A 80 -9.17 -7.84 8.60
N LYS A 81 -8.64 -7.69 7.40
CA LYS A 81 -9.19 -6.74 6.45
C LYS A 81 -9.83 -7.49 5.28
N LYS A 82 -9.04 -7.67 4.23
CA LYS A 82 -9.52 -8.36 3.05
C LYS A 82 -8.57 -8.09 1.88
N GLU A 83 -8.79 -6.96 1.23
CA GLU A 83 -7.97 -6.56 0.11
C GLU A 83 -7.84 -5.04 0.05
N TYR A 84 -6.79 -4.59 -0.64
CA TYR A 84 -6.54 -3.16 -0.78
C TYR A 84 -5.96 -2.84 -2.15
N LEU A 85 -6.23 -1.62 -2.60
CA LEU A 85 -5.73 -1.18 -3.90
C LEU A 85 -4.28 -0.71 -3.75
N ILE A 86 -3.75 -0.90 -2.55
CA ILE A 86 -2.38 -0.51 -2.27
C ILE A 86 -1.84 0.32 -3.44
N ALA A 87 -1.82 1.62 -3.25
CA ALA A 87 -1.34 2.53 -4.27
C ALA A 87 -0.31 3.49 -3.66
N GLY A 88 0.95 3.21 -3.95
CA GLY A 88 2.03 4.04 -3.44
C GLY A 88 3.29 3.88 -4.28
N LYS A 89 4.19 4.85 -4.14
CA LYS A 89 5.44 4.82 -4.88
C LYS A 89 5.90 3.37 -5.05
N ALA A 90 5.59 2.81 -6.21
CA ALA A 90 5.96 1.44 -6.50
C ALA A 90 7.49 1.32 -6.51
N GLU A 91 7.95 0.10 -6.70
CA GLU A 91 9.38 -0.16 -6.73
C GLU A 91 9.75 -0.92 -8.00
N GLY A 92 8.78 -1.03 -8.90
CA GLY A 92 8.99 -1.73 -10.15
C GLY A 92 7.90 -2.77 -10.39
N ASP A 93 8.31 -4.03 -10.42
CA ASP A 93 7.37 -5.12 -10.65
C ASP A 93 7.71 -6.27 -9.69
N GLY A 94 6.66 -6.88 -9.17
CA GLY A 94 6.82 -7.99 -8.25
C GLY A 94 7.14 -7.49 -6.85
N LYS A 95 7.21 -6.17 -6.72
CA LYS A 95 7.52 -5.56 -5.44
C LYS A 95 7.42 -4.04 -5.57
N MET A 96 6.96 -3.42 -4.50
CA MET A 96 6.81 -1.97 -4.49
C MET A 96 6.99 -1.41 -3.07
N HIS A 97 6.64 -0.14 -2.92
CA HIS A 97 6.75 0.51 -1.63
C HIS A 97 5.42 1.19 -1.28
N ILE A 98 4.96 0.91 -0.07
CA ILE A 98 3.71 1.48 0.41
C ILE A 98 3.85 1.85 1.89
N THR A 99 3.11 2.89 2.27
CA THR A 99 3.14 3.35 3.65
C THR A 99 1.79 3.92 4.05
N LEU A 100 1.61 4.09 5.36
CA LEU A 100 0.36 4.62 5.88
C LEU A 100 0.14 6.02 5.32
N CYS A 101 1.19 6.83 5.39
CA CYS A 101 1.11 8.20 4.90
C CYS A 101 0.83 8.14 3.40
N ASP A 102 1.20 7.03 2.80
CA ASP A 102 0.99 6.84 1.37
C ASP A 102 -0.45 6.38 1.13
N PHE A 103 -0.84 6.42 -0.14
CA PHE A 103 -2.18 6.01 -0.52
C PHE A 103 -2.36 4.50 -0.39
N ILE A 104 -3.26 4.11 0.49
CA ILE A 104 -3.52 2.70 0.72
C ILE A 104 -4.84 2.55 1.50
N VAL A 105 -5.68 1.65 1.02
CA VAL A 105 -6.95 1.39 1.65
C VAL A 105 -7.40 -0.03 1.35
N PRO A 106 -8.30 -0.55 2.22
CA PRO A 106 -8.81 -1.90 2.06
C PRO A 106 -9.84 -1.96 0.92
N TRP A 107 -9.97 -0.85 0.23
CA TRP A 107 -10.90 -0.75 -0.88
C TRP A 107 -12.32 -0.62 -0.31
N ASP A 108 -12.70 -1.60 0.50
CA ASP A 108 -14.00 -1.60 1.11
C ASP A 108 -14.07 -0.50 2.17
N THR A 109 -13.69 0.70 1.76
CA THR A 109 -13.69 1.84 2.65
C THR A 109 -13.73 3.14 1.86
N LEU A 110 -12.74 3.29 0.98
CA LEU A 110 -12.64 4.48 0.15
C LEU A 110 -13.63 5.53 0.66
N SER A 111 -14.69 5.72 -0.11
CA SER A 111 -15.70 6.70 0.26
C SER A 111 -16.32 7.32 -1.00
N THR A 112 -15.45 7.59 -1.97
CA THR A 112 -15.90 8.18 -3.22
C THR A 112 -14.71 8.85 -3.94
N THR A 113 -14.19 9.89 -3.32
CA THR A 113 -13.08 10.62 -3.89
C THR A 113 -11.96 9.65 -4.29
N GLN A 114 -11.90 8.53 -3.58
CA GLN A 114 -10.89 7.53 -3.85
C GLN A 114 -11.33 6.65 -5.03
N LYS A 115 -12.64 6.48 -5.15
CA LYS A 115 -13.19 5.67 -6.22
C LYS A 115 -13.08 6.43 -7.54
N LYS A 116 -13.40 7.71 -7.47
CA LYS A 116 -13.35 8.56 -8.65
C LYS A 116 -11.91 8.63 -9.16
N SER A 117 -10.98 8.35 -8.25
CA SER A 117 -9.56 8.36 -8.59
C SER A 117 -9.12 6.98 -9.06
N LEU A 118 -9.92 5.99 -8.70
CA LEU A 118 -9.62 4.61 -9.08
C LEU A 118 -9.75 4.47 -10.59
N ASN A 119 -10.62 5.27 -11.16
CA ASN A 119 -10.85 5.25 -12.59
C ASN A 119 -9.74 6.03 -13.30
N HIS A 120 -9.11 6.92 -12.54
CA HIS A 120 -8.04 7.73 -13.08
C HIS A 120 -6.83 6.84 -13.40
N ARG A 121 -6.60 6.66 -14.69
CA ARG A 121 -5.49 5.84 -15.14
C ARG A 121 -4.29 5.99 -14.20
N TYR A 122 -4.11 7.21 -13.72
CA TYR A 122 -3.02 7.50 -12.81
C TYR A 122 -2.78 9.01 -12.70
N GLN A 123 -3.18 9.56 -11.57
CA GLN A 123 -3.02 10.98 -11.32
C GLN A 123 -3.43 11.79 -12.57
N MET A 124 -4.66 11.56 -12.99
CA MET A 124 -5.19 12.24 -14.16
C MET A 124 -5.39 13.73 -13.87
N GLY A 125 -4.31 14.37 -13.45
CA GLY A 125 -4.36 15.79 -13.13
C GLY A 125 -5.46 16.09 -12.11
N CYS A 126 -5.76 15.09 -11.30
CA CYS A 126 -6.79 15.22 -10.28
C CYS A 126 -6.36 16.36 -9.33
N GLU A 127 -7.05 16.42 -8.20
CA GLU A 127 -6.76 17.44 -7.21
C GLU A 127 -7.68 17.28 -5.99
N CYS A 1 5.95 6.74 8.48
CA CYS A 1 5.84 6.08 9.77
C CYS A 1 4.74 6.77 10.57
N SER A 2 5.17 7.59 11.52
CA SER A 2 4.23 8.32 12.36
C SER A 2 3.69 9.53 11.60
N CYS A 3 3.27 9.27 10.37
CA CYS A 3 2.72 10.33 9.52
C CYS A 3 1.20 10.26 9.61
N SER A 4 0.58 11.36 9.20
CA SER A 4 -0.88 11.43 9.22
C SER A 4 -1.44 11.13 7.83
N PRO A 5 -2.10 9.96 7.72
CA PRO A 5 -2.69 9.54 6.46
C PRO A 5 -3.96 10.32 6.16
N VAL A 6 -4.01 10.88 4.96
CA VAL A 6 -5.17 11.65 4.53
C VAL A 6 -5.25 11.65 3.00
N HIS A 7 -5.46 12.83 2.46
CA HIS A 7 -5.56 12.99 1.01
C HIS A 7 -6.37 11.82 0.44
N PRO A 8 -7.72 12.01 0.39
CA PRO A 8 -8.60 10.99 -0.12
C PRO A 8 -8.54 10.93 -1.65
N GLN A 9 -7.75 11.84 -2.21
CA GLN A 9 -7.59 11.91 -3.66
C GLN A 9 -6.11 12.04 -4.02
N GLN A 10 -5.43 12.90 -3.28
CA GLN A 10 -4.02 13.13 -3.52
C GLN A 10 -3.23 11.83 -3.33
N ALA A 11 -3.93 10.82 -2.82
CA ALA A 11 -3.31 9.54 -2.57
C ALA A 11 -3.31 8.72 -3.87
N PHE A 12 -4.36 8.92 -4.65
CA PHE A 12 -4.49 8.22 -5.92
C PHE A 12 -3.84 9.00 -7.06
N CYS A 13 -3.15 10.07 -6.68
CA CYS A 13 -2.48 10.91 -7.65
C CYS A 13 -0.97 10.86 -7.38
N ASN A 14 -0.64 10.32 -6.23
CA ASN A 14 0.76 10.19 -5.83
C ASN A 14 1.23 8.76 -6.10
N ALA A 15 0.32 7.82 -5.91
CA ALA A 15 0.62 6.42 -6.13
C ALA A 15 1.07 6.22 -7.58
N ASP A 16 1.53 5.00 -7.86
CA ASP A 16 1.98 4.67 -9.20
C ASP A 16 1.78 3.17 -9.44
N VAL A 17 0.99 2.56 -8.57
CA VAL A 17 0.72 1.14 -8.68
C VAL A 17 -0.46 0.79 -7.77
N VAL A 18 -1.66 0.96 -8.31
CA VAL A 18 -2.87 0.66 -7.57
C VAL A 18 -3.36 -0.75 -7.93
N ILE A 19 -3.39 -1.60 -6.92
CA ILE A 19 -3.83 -2.97 -7.12
C ILE A 19 -4.64 -3.42 -5.89
N ARG A 20 -5.84 -3.90 -6.17
CA ARG A 20 -6.72 -4.37 -5.11
C ARG A 20 -6.29 -5.76 -4.64
N THR A 21 -4.98 -5.95 -4.57
CA THR A 21 -4.43 -7.22 -4.14
C THR A 21 -4.87 -7.52 -2.70
N LYS A 22 -4.67 -8.78 -2.30
CA LYS A 22 -5.03 -9.21 -0.97
C LYS A 22 -3.79 -9.72 -0.25
N ALA A 23 -3.49 -9.09 0.88
CA ALA A 23 -2.33 -9.48 1.67
C ALA A 23 -2.75 -10.48 2.74
N VAL A 24 -2.48 -11.75 2.46
CA VAL A 24 -2.83 -12.81 3.39
C VAL A 24 -1.56 -13.29 4.10
N SER A 25 -0.46 -13.30 3.36
CA SER A 25 0.80 -13.73 3.91
C SER A 25 1.78 -12.55 3.98
N GLU A 26 2.80 -12.72 4.80
CA GLU A 26 3.81 -11.68 4.95
C GLU A 26 5.17 -12.30 5.27
N LYS A 27 6.14 -11.42 5.50
CA LYS A 27 7.49 -11.87 5.82
C LYS A 27 8.20 -10.81 6.65
N GLU A 28 8.48 -11.17 7.90
CA GLU A 28 9.15 -10.26 8.80
C GLU A 28 10.64 -10.14 8.45
N VAL A 29 10.96 -9.11 7.68
CA VAL A 29 12.33 -8.89 7.25
C VAL A 29 12.93 -7.75 8.09
N ASP A 30 13.34 -8.10 9.30
CA ASP A 30 13.93 -7.12 10.20
C ASP A 30 14.93 -6.26 9.43
N SER A 31 14.93 -4.98 9.73
CA SER A 31 15.82 -4.04 9.08
C SER A 31 16.63 -3.27 10.12
N GLY A 32 16.90 -3.94 11.23
CA GLY A 32 17.66 -3.32 12.31
C GLY A 32 16.96 -2.07 12.83
N ASN A 33 17.67 -1.34 13.67
CA ASN A 33 17.13 -0.12 14.24
C ASN A 33 17.37 1.04 13.27
N ASP A 34 16.68 2.14 13.52
CA ASP A 34 16.81 3.32 12.68
C ASP A 34 17.84 4.27 13.30
N ILE A 35 17.79 5.51 12.84
CA ILE A 35 18.71 6.53 13.33
C ILE A 35 18.21 7.06 14.68
N TYR A 36 17.09 6.49 15.12
CA TYR A 36 16.50 6.90 16.38
C TYR A 36 16.67 5.81 17.44
N GLY A 37 17.29 4.72 17.02
CA GLY A 37 17.53 3.60 17.93
C GLY A 37 16.33 2.63 17.93
N ASN A 38 15.26 3.06 17.27
CA ASN A 38 14.06 2.25 17.19
C ASN A 38 14.26 1.16 16.13
N PRO A 39 13.53 0.03 16.33
CA PRO A 39 13.62 -1.09 15.41
C PRO A 39 12.88 -0.79 14.11
N ILE A 40 13.57 -1.02 13.00
CA ILE A 40 12.98 -0.79 11.69
C ILE A 40 11.97 -1.90 11.38
N LYS A 41 12.46 -2.91 10.68
CA LYS A 41 11.63 -4.04 10.30
C LYS A 41 10.64 -3.60 9.22
N ARG A 42 10.73 -4.26 8.08
CA ARG A 42 9.85 -3.95 6.96
C ARG A 42 9.11 -5.20 6.51
N ILE A 43 8.22 -5.68 7.38
CA ILE A 43 7.45 -6.87 7.07
C ILE A 43 7.03 -6.84 5.60
N GLN A 44 6.93 -8.03 5.03
CA GLN A 44 6.55 -8.17 3.63
C GLN A 44 5.03 -8.28 3.51
N TYR A 45 4.58 -8.35 2.26
CA TYR A 45 3.15 -8.45 1.99
C TYR A 45 2.88 -9.50 0.91
N GLU A 46 3.12 -10.75 1.27
CA GLU A 46 2.90 -11.85 0.34
C GLU A 46 1.42 -11.94 -0.03
N ILE A 47 0.96 -10.95 -0.78
CA ILE A 47 -0.43 -10.91 -1.20
C ILE A 47 -0.68 -12.05 -2.18
N LYS A 48 -1.89 -12.05 -2.73
CA LYS A 48 -2.28 -13.08 -3.67
C LYS A 48 -2.70 -12.42 -4.99
N GLN A 49 -2.44 -11.13 -5.08
CA GLN A 49 -2.77 -10.37 -6.27
C GLN A 49 -4.11 -10.86 -6.85
N ILE A 50 -5.14 -10.08 -6.59
CA ILE A 50 -6.47 -10.42 -7.09
C ILE A 50 -6.89 -9.41 -8.17
N LYS A 51 -6.44 -8.17 -7.97
CA LYS A 51 -6.75 -7.12 -8.93
C LYS A 51 -5.56 -6.18 -9.05
N MET A 52 -5.56 -5.42 -10.14
CA MET A 52 -4.48 -4.48 -10.38
C MET A 52 -5.01 -3.19 -11.02
N PHE A 53 -5.70 -2.40 -10.21
CA PHE A 53 -6.26 -1.15 -10.68
C PHE A 53 -5.31 -0.45 -11.66
N LYS A 54 -4.30 0.19 -11.10
CA LYS A 54 -3.33 0.89 -11.91
C LYS A 54 -1.92 0.46 -11.50
N GLY A 55 -1.60 -0.78 -11.85
CA GLY A 55 -0.30 -1.33 -11.52
C GLY A 55 0.48 -1.68 -12.79
N PRO A 56 1.56 -2.49 -12.59
CA PRO A 56 2.39 -2.91 -13.70
C PRO A 56 1.69 -3.98 -14.55
N GLU A 57 2.42 -4.50 -15.51
CA GLU A 57 1.89 -5.54 -16.39
C GLU A 57 2.21 -6.92 -15.83
N LYS A 58 3.37 -7.02 -15.18
CA LYS A 58 3.80 -8.27 -14.60
C LYS A 58 2.95 -8.57 -13.36
N ASP A 59 3.30 -7.91 -12.27
CA ASP A 59 2.58 -8.09 -11.02
C ASP A 59 3.55 -7.95 -9.85
N ILE A 60 2.98 -7.79 -8.67
CA ILE A 60 3.78 -7.64 -7.46
C ILE A 60 3.70 -8.91 -6.63
N GLU A 61 2.60 -9.04 -5.90
CA GLU A 61 2.39 -10.20 -5.05
C GLU A 61 3.28 -10.14 -3.81
N PHE A 62 4.20 -9.18 -3.84
CA PHE A 62 5.12 -9.00 -2.72
C PHE A 62 5.38 -7.52 -2.46
N ILE A 63 4.59 -6.98 -1.55
CA ILE A 63 4.72 -5.57 -1.18
C ILE A 63 5.50 -5.46 0.13
N TYR A 64 5.89 -4.23 0.43
CA TYR A 64 6.64 -3.97 1.65
C TYR A 64 5.93 -2.92 2.52
N THR A 65 6.16 -3.03 3.83
CA THR A 65 5.54 -2.11 4.77
C THR A 65 6.21 -2.24 6.14
N ALA A 66 5.53 -1.69 7.15
CA ALA A 66 6.04 -1.74 8.50
C ALA A 66 5.16 -2.68 9.33
N PRO A 67 5.80 -3.32 10.34
CA PRO A 67 5.09 -4.24 11.22
C PRO A 67 4.22 -3.47 12.22
N SER A 68 3.88 -4.16 13.30
CA SER A 68 3.05 -3.57 14.34
C SER A 68 1.71 -3.13 13.75
N SER A 69 0.95 -2.40 14.56
CA SER A 69 -0.35 -1.92 14.13
C SER A 69 -0.18 -0.85 13.06
N ALA A 70 0.55 -1.22 12.00
CA ALA A 70 0.79 -0.31 10.90
C ALA A 70 1.40 0.98 11.43
N VAL A 71 2.72 1.03 11.38
CA VAL A 71 3.45 2.20 11.86
C VAL A 71 3.88 3.07 10.66
N CYS A 72 4.25 2.37 9.59
CA CYS A 72 4.69 3.06 8.38
C CYS A 72 3.89 2.51 7.21
N GLY A 73 2.79 1.82 7.54
CA GLY A 73 1.93 1.24 6.53
C GLY A 73 0.51 1.04 7.06
N VAL A 74 -0.15 0.04 6.51
CA VAL A 74 -1.51 -0.27 6.92
C VAL A 74 -1.56 -1.70 7.49
N SER A 75 -0.38 -2.30 7.58
CA SER A 75 -0.26 -3.65 8.10
C SER A 75 -1.55 -4.43 7.80
N LEU A 76 -1.64 -4.94 6.58
CA LEU A 76 -2.80 -5.70 6.17
C LEU A 76 -2.46 -7.19 6.17
N ASP A 77 -3.33 -7.97 6.80
CA ASP A 77 -3.12 -9.40 6.88
C ASP A 77 -4.27 -10.12 6.16
N VAL A 78 -5.28 -9.33 5.81
CA VAL A 78 -6.44 -9.87 5.11
C VAL A 78 -7.30 -10.66 6.10
N GLY A 79 -6.73 -10.91 7.27
CA GLY A 79 -7.43 -11.65 8.30
C GLY A 79 -8.40 -10.74 9.06
N GLY A 80 -8.29 -9.45 8.79
CA GLY A 80 -9.14 -8.47 9.44
C GLY A 80 -9.75 -7.52 8.40
N LYS A 81 -9.04 -7.35 7.30
CA LYS A 81 -9.50 -6.48 6.24
C LYS A 81 -10.12 -7.31 5.12
N LYS A 82 -9.33 -7.54 4.08
CA LYS A 82 -9.80 -8.33 2.95
C LYS A 82 -8.86 -8.10 1.76
N GLU A 83 -8.74 -6.83 1.37
CA GLU A 83 -7.89 -6.46 0.26
C GLU A 83 -7.70 -4.95 0.21
N TYR A 84 -6.76 -4.53 -0.62
CA TYR A 84 -6.47 -3.11 -0.77
C TYR A 84 -5.93 -2.80 -2.17
N LEU A 85 -6.17 -1.57 -2.60
CA LEU A 85 -5.71 -1.14 -3.92
C LEU A 85 -4.24 -0.70 -3.81
N ILE A 86 -3.69 -0.85 -2.62
CA ILE A 86 -2.31 -0.48 -2.39
C ILE A 86 -1.78 0.31 -3.59
N ALA A 87 -1.75 1.63 -3.42
CA ALA A 87 -1.27 2.49 -4.48
C ALA A 87 -0.18 3.42 -3.93
N GLY A 88 1.03 3.17 -4.38
CA GLY A 88 2.17 3.96 -3.94
C GLY A 88 3.17 4.18 -5.09
N LYS A 89 4.24 4.88 -4.76
CA LYS A 89 5.27 5.17 -5.76
C LYS A 89 5.69 3.87 -6.45
N ALA A 90 5.66 2.79 -5.67
CA ALA A 90 6.03 1.49 -6.20
C ALA A 90 7.55 1.34 -6.15
N GLU A 91 8.00 0.14 -6.49
CA GLU A 91 9.43 -0.14 -6.49
C GLU A 91 9.83 -0.86 -7.79
N GLY A 92 8.86 -0.98 -8.68
CA GLY A 92 9.10 -1.64 -9.96
C GLY A 92 8.02 -2.70 -10.23
N ASP A 93 8.49 -3.93 -10.41
CA ASP A 93 7.59 -5.04 -10.68
C ASP A 93 7.93 -6.20 -9.74
N GLY A 94 6.88 -6.86 -9.27
CA GLY A 94 7.05 -8.00 -8.37
C GLY A 94 7.28 -7.52 -6.94
N LYS A 95 7.34 -6.20 -6.78
CA LYS A 95 7.55 -5.61 -5.48
C LYS A 95 7.47 -4.09 -5.59
N MET A 96 6.92 -3.48 -4.55
CA MET A 96 6.78 -2.03 -4.52
C MET A 96 6.93 -1.50 -3.09
N HIS A 97 6.60 -0.22 -2.94
CA HIS A 97 6.70 0.42 -1.64
C HIS A 97 5.36 1.07 -1.29
N ILE A 98 4.91 0.79 -0.07
CA ILE A 98 3.65 1.33 0.40
C ILE A 98 3.77 1.69 1.89
N THR A 99 3.18 2.82 2.25
CA THR A 99 3.22 3.27 3.63
C THR A 99 1.88 3.90 4.02
N LEU A 100 1.68 4.01 5.32
CA LEU A 100 0.44 4.60 5.84
C LEU A 100 0.28 6.01 5.26
N CYS A 101 1.36 6.77 5.31
CA CYS A 101 1.34 8.13 4.80
C CYS A 101 1.02 8.08 3.30
N ASP A 102 1.43 6.98 2.69
CA ASP A 102 1.19 6.80 1.26
C ASP A 102 -0.25 6.34 1.04
N PHE A 103 -0.67 6.40 -0.21
CA PHE A 103 -2.02 6.00 -0.57
C PHE A 103 -2.20 4.49 -0.43
N ILE A 104 -3.06 4.10 0.48
CA ILE A 104 -3.34 2.69 0.72
C ILE A 104 -4.62 2.55 1.54
N VAL A 105 -5.50 1.69 1.06
CA VAL A 105 -6.76 1.45 1.72
C VAL A 105 -7.21 0.00 1.48
N PRO A 106 -8.08 -0.49 2.40
CA PRO A 106 -8.58 -1.85 2.29
C PRO A 106 -9.63 -1.97 1.19
N TRP A 107 -9.72 -0.91 0.40
CA TRP A 107 -10.68 -0.88 -0.70
C TRP A 107 -12.08 -0.75 -0.10
N ASP A 108 -12.44 -1.74 0.70
CA ASP A 108 -13.75 -1.75 1.34
C ASP A 108 -13.81 -0.63 2.38
N THR A 109 -13.48 0.57 1.93
CA THR A 109 -13.49 1.73 2.80
C THR A 109 -13.57 3.01 1.99
N LEU A 110 -12.63 3.16 1.06
CA LEU A 110 -12.59 4.33 0.21
C LEU A 110 -13.62 5.36 0.71
N SER A 111 -14.69 5.50 -0.05
CA SER A 111 -15.74 6.43 0.30
C SER A 111 -16.36 7.02 -0.97
N THR A 112 -15.51 7.34 -1.92
CA THR A 112 -15.95 7.90 -3.18
C THR A 112 -14.80 8.61 -3.88
N THR A 113 -14.35 9.70 -3.28
CA THR A 113 -13.25 10.47 -3.83
C THR A 113 -12.10 9.54 -4.24
N GLN A 114 -12.04 8.40 -3.58
CA GLN A 114 -11.00 7.43 -3.87
C GLN A 114 -11.40 6.55 -5.06
N LYS A 115 -12.70 6.28 -5.15
CA LYS A 115 -13.22 5.47 -6.22
C LYS A 115 -13.13 6.23 -7.53
N LYS A 116 -13.47 7.52 -7.46
CA LYS A 116 -13.44 8.38 -8.63
C LYS A 116 -11.99 8.48 -9.13
N SER A 117 -11.06 8.15 -8.25
CA SER A 117 -9.65 8.21 -8.59
C SER A 117 -9.18 6.83 -9.07
N LEU A 118 -10.09 5.87 -8.98
CA LEU A 118 -9.77 4.51 -9.40
C LEU A 118 -10.03 4.37 -10.89
N ASN A 119 -10.89 5.23 -11.40
CA ASN A 119 -11.24 5.22 -12.82
C ASN A 119 -10.45 6.32 -13.53
N HIS A 120 -9.77 7.14 -12.74
CA HIS A 120 -8.99 8.23 -13.28
C HIS A 120 -7.52 7.80 -13.41
N ARG A 121 -7.35 6.54 -13.79
CA ARG A 121 -6.02 5.99 -13.97
C ARG A 121 -5.31 5.89 -12.61
N TYR A 122 -4.56 6.92 -12.29
CA TYR A 122 -3.82 6.97 -11.04
C TYR A 122 -3.17 8.34 -10.82
N GLN A 123 -3.60 9.28 -11.63
CA GLN A 123 -3.07 10.64 -11.53
C GLN A 123 -3.65 11.51 -12.65
N MET A 124 -4.97 11.48 -12.76
CA MET A 124 -5.66 12.26 -13.77
C MET A 124 -5.63 13.76 -13.43
N GLY A 125 -4.42 14.26 -13.21
CA GLY A 125 -4.24 15.66 -12.88
C GLY A 125 -5.15 16.07 -11.72
N CYS A 126 -5.54 15.07 -10.94
CA CYS A 126 -6.43 15.31 -9.80
C CYS A 126 -5.65 16.16 -8.79
N GLU A 127 -6.20 16.22 -7.58
CA GLU A 127 -5.59 16.99 -6.52
C GLU A 127 -6.41 16.87 -5.23
N CYS A 1 5.24 5.95 8.94
CA CYS A 1 5.67 5.81 10.32
C CYS A 1 4.88 6.80 11.18
N SER A 2 3.79 6.30 11.75
CA SER A 2 2.94 7.12 12.60
C SER A 2 2.49 8.36 11.82
N CYS A 3 2.71 8.31 10.51
CA CYS A 3 2.33 9.43 9.65
C CYS A 3 0.80 9.57 9.69
N SER A 4 0.33 10.70 9.20
CA SER A 4 -1.10 10.97 9.17
C SER A 4 -1.65 10.69 7.77
N PRO A 5 -2.41 9.57 7.66
CA PRO A 5 -3.00 9.19 6.39
C PRO A 5 -4.20 10.07 6.05
N VAL A 6 -4.08 10.79 4.95
CA VAL A 6 -5.15 11.67 4.51
C VAL A 6 -5.23 11.66 2.98
N HIS A 7 -5.32 12.85 2.41
CA HIS A 7 -5.41 12.98 0.97
C HIS A 7 -6.31 11.88 0.40
N PRO A 8 -7.59 12.25 0.16
CA PRO A 8 -8.56 11.32 -0.38
C PRO A 8 -8.31 11.07 -1.87
N GLN A 9 -7.80 12.10 -2.53
CA GLN A 9 -7.52 12.00 -3.95
C GLN A 9 -6.01 12.14 -4.20
N GLN A 10 -5.37 12.95 -3.37
CA GLN A 10 -3.94 13.17 -3.49
C GLN A 10 -3.18 11.85 -3.28
N ALA A 11 -3.92 10.86 -2.79
CA ALA A 11 -3.33 9.55 -2.55
C ALA A 11 -3.31 8.75 -3.85
N PHE A 12 -4.35 8.95 -4.65
CA PHE A 12 -4.46 8.25 -5.92
C PHE A 12 -3.82 9.06 -7.05
N CYS A 13 -3.20 10.17 -6.66
CA CYS A 13 -2.55 11.03 -7.63
C CYS A 13 -1.04 10.98 -7.36
N ASN A 14 -0.69 10.40 -6.22
CA ASN A 14 0.71 10.29 -5.84
C ASN A 14 1.19 8.86 -6.12
N ALA A 15 0.33 7.91 -5.81
CA ALA A 15 0.65 6.51 -6.02
C ALA A 15 1.09 6.31 -7.47
N ASP A 16 1.57 5.11 -7.75
CA ASP A 16 2.02 4.77 -9.09
C ASP A 16 1.86 3.27 -9.31
N VAL A 17 1.06 2.65 -8.45
CA VAL A 17 0.82 1.22 -8.54
C VAL A 17 -0.38 0.86 -7.66
N VAL A 18 -1.56 1.04 -8.24
CA VAL A 18 -2.79 0.73 -7.52
C VAL A 18 -3.27 -0.66 -7.90
N ILE A 19 -3.31 -1.54 -6.91
CA ILE A 19 -3.74 -2.91 -7.13
C ILE A 19 -4.57 -3.38 -5.94
N ARG A 20 -5.77 -3.87 -6.24
CA ARG A 20 -6.67 -4.36 -5.20
C ARG A 20 -6.25 -5.76 -4.75
N THR A 21 -4.95 -5.95 -4.65
CA THR A 21 -4.41 -7.24 -4.23
C THR A 21 -4.92 -7.61 -2.84
N LYS A 22 -4.55 -8.80 -2.41
CA LYS A 22 -4.96 -9.28 -1.10
C LYS A 22 -3.72 -9.77 -0.33
N ALA A 23 -3.48 -9.12 0.80
CA ALA A 23 -2.34 -9.49 1.63
C ALA A 23 -2.79 -10.48 2.70
N VAL A 24 -2.37 -11.73 2.53
CA VAL A 24 -2.72 -12.77 3.48
C VAL A 24 -1.46 -13.22 4.23
N SER A 25 -0.36 -13.26 3.50
CA SER A 25 0.91 -13.66 4.09
C SER A 25 1.86 -12.47 4.14
N GLU A 26 2.92 -12.63 4.93
CA GLU A 26 3.91 -11.57 5.07
C GLU A 26 5.29 -12.18 5.32
N LYS A 27 6.24 -11.29 5.62
CA LYS A 27 7.60 -11.73 5.88
C LYS A 27 8.29 -10.72 6.80
N GLU A 28 8.69 -11.21 7.96
CA GLU A 28 9.35 -10.37 8.94
C GLU A 28 10.83 -10.18 8.58
N VAL A 29 11.09 -9.11 7.84
CA VAL A 29 12.45 -8.81 7.41
C VAL A 29 12.98 -7.62 8.22
N ASP A 30 13.63 -7.95 9.33
CA ASP A 30 14.19 -6.93 10.20
C ASP A 30 15.02 -5.96 9.36
N SER A 31 14.83 -4.68 9.64
CA SER A 31 15.56 -3.63 8.93
C SER A 31 16.46 -2.87 9.89
N GLY A 32 17.02 -3.60 10.84
CA GLY A 32 17.90 -3.00 11.83
C GLY A 32 17.28 -1.73 12.43
N ASN A 33 18.10 -1.01 13.18
CA ASN A 33 17.64 0.22 13.80
C ASN A 33 17.77 1.37 12.82
N ASP A 34 17.11 2.47 13.14
CA ASP A 34 17.14 3.65 12.30
C ASP A 34 18.20 4.63 12.82
N ILE A 35 18.06 5.88 12.40
CA ILE A 35 18.99 6.91 12.83
C ILE A 35 18.61 7.38 14.23
N TYR A 36 17.56 6.76 14.77
CA TYR A 36 17.09 7.12 16.10
C TYR A 36 17.47 6.04 17.12
N GLY A 37 18.09 4.98 16.61
CA GLY A 37 18.52 3.88 17.46
C GLY A 37 17.38 2.86 17.63
N ASN A 38 16.22 3.21 17.11
CA ASN A 38 15.06 2.34 17.20
C ASN A 38 15.10 1.34 16.04
N PRO A 39 14.44 0.17 16.27
CA PRO A 39 14.38 -0.87 15.27
C PRO A 39 13.41 -0.50 14.15
N ILE A 40 13.89 -0.63 12.92
CA ILE A 40 13.08 -0.32 11.76
C ILE A 40 12.03 -1.39 11.58
N LYS A 41 12.45 -2.50 10.97
CA LYS A 41 11.54 -3.61 10.74
C LYS A 41 10.54 -3.23 9.63
N ARG A 42 10.58 -4.02 8.56
CA ARG A 42 9.69 -3.78 7.44
C ARG A 42 9.11 -5.10 6.93
N ILE A 43 8.08 -5.56 7.63
CA ILE A 43 7.43 -6.81 7.27
C ILE A 43 7.02 -6.75 5.79
N GLN A 44 6.94 -7.92 5.18
CA GLN A 44 6.56 -8.01 3.78
C GLN A 44 5.06 -8.14 3.65
N TYR A 45 4.60 -8.22 2.40
CA TYR A 45 3.18 -8.33 2.12
C TYR A 45 2.92 -9.39 1.04
N GLU A 46 3.20 -10.64 1.40
CA GLU A 46 2.99 -11.74 0.48
C GLU A 46 1.52 -11.85 0.10
N ILE A 47 1.06 -10.89 -0.68
CA ILE A 47 -0.32 -10.88 -1.13
C ILE A 47 -0.58 -12.06 -2.07
N LYS A 48 -1.78 -12.09 -2.62
CA LYS A 48 -2.16 -13.16 -3.53
C LYS A 48 -2.60 -12.55 -4.87
N GLN A 49 -2.58 -11.22 -4.90
CA GLN A 49 -2.96 -10.50 -6.11
C GLN A 49 -4.39 -10.91 -6.52
N ILE A 50 -5.23 -9.90 -6.66
CA ILE A 50 -6.61 -10.13 -7.05
C ILE A 50 -7.00 -9.13 -8.14
N LYS A 51 -6.42 -7.95 -8.06
CA LYS A 51 -6.70 -6.91 -9.03
C LYS A 51 -5.45 -6.02 -9.19
N MET A 52 -5.49 -5.20 -10.23
CA MET A 52 -4.38 -4.30 -10.51
C MET A 52 -4.88 -2.99 -11.12
N PHE A 53 -5.57 -2.21 -10.31
CA PHE A 53 -6.10 -0.95 -10.75
C PHE A 53 -5.12 -0.24 -11.69
N LYS A 54 -4.11 0.37 -11.10
CA LYS A 54 -3.11 1.08 -11.87
C LYS A 54 -1.72 0.59 -11.47
N GLY A 55 -1.47 -0.68 -11.77
CA GLY A 55 -0.19 -1.29 -11.44
C GLY A 55 0.51 -1.80 -12.70
N PRO A 56 1.47 -2.75 -12.49
CA PRO A 56 2.21 -3.33 -13.59
C PRO A 56 1.35 -4.32 -14.38
N GLU A 57 1.94 -4.87 -15.43
CA GLU A 57 1.24 -5.83 -16.27
C GLU A 57 1.27 -7.21 -15.62
N LYS A 58 2.37 -7.50 -14.93
CA LYS A 58 2.54 -8.77 -14.26
C LYS A 58 1.80 -8.74 -12.92
N ASP A 59 2.46 -8.14 -11.94
CA ASP A 59 1.88 -8.05 -10.61
C ASP A 59 3.00 -7.96 -9.57
N ILE A 60 2.61 -7.69 -8.34
CA ILE A 60 3.57 -7.57 -7.26
C ILE A 60 3.59 -8.88 -6.47
N GLU A 61 2.54 -9.10 -5.71
CA GLU A 61 2.42 -10.31 -4.90
C GLU A 61 3.36 -10.23 -3.70
N PHE A 62 4.20 -9.19 -3.70
CA PHE A 62 5.14 -8.99 -2.62
C PHE A 62 5.37 -7.49 -2.37
N ILE A 63 4.65 -6.98 -1.38
CA ILE A 63 4.76 -5.57 -1.03
C ILE A 63 5.51 -5.45 0.29
N TYR A 64 5.86 -4.21 0.62
CA TYR A 64 6.59 -3.94 1.84
C TYR A 64 5.83 -2.94 2.72
N THR A 65 6.15 -2.98 4.01
CA THR A 65 5.51 -2.09 4.96
C THR A 65 6.14 -2.24 6.34
N ALA A 66 5.39 -1.79 7.35
CA ALA A 66 5.86 -1.88 8.72
C ALA A 66 5.05 -2.94 9.47
N PRO A 67 5.72 -3.59 10.44
CA PRO A 67 5.08 -4.63 11.24
C PRO A 67 4.14 -4.01 12.27
N SER A 68 3.78 -4.83 13.25
CA SER A 68 2.88 -4.38 14.31
C SER A 68 1.54 -3.95 13.70
N SER A 69 0.73 -3.30 14.53
CA SER A 69 -0.57 -2.84 14.09
C SER A 69 -0.41 -1.67 13.12
N ALA A 70 0.41 -1.91 12.10
CA ALA A 70 0.66 -0.89 11.10
C ALA A 70 1.20 0.38 11.77
N VAL A 71 2.49 0.60 11.56
CA VAL A 71 3.15 1.76 12.14
C VAL A 71 3.58 2.71 11.02
N CYS A 72 4.05 2.11 9.92
CA CYS A 72 4.49 2.89 8.78
C CYS A 72 3.70 2.43 7.55
N GLY A 73 2.65 1.67 7.82
CA GLY A 73 1.80 1.16 6.74
C GLY A 73 0.36 0.97 7.23
N VAL A 74 -0.32 0.02 6.60
CA VAL A 74 -1.69 -0.28 6.96
C VAL A 74 -1.78 -1.69 7.53
N SER A 75 -0.62 -2.34 7.58
CA SER A 75 -0.55 -3.70 8.10
C SER A 75 -1.83 -4.47 7.74
N LEU A 76 -1.80 -5.09 6.57
CA LEU A 76 -2.94 -5.84 6.09
C LEU A 76 -2.59 -7.34 6.11
N ASP A 77 -3.52 -8.13 6.62
CA ASP A 77 -3.33 -9.57 6.69
C ASP A 77 -4.49 -10.28 6.00
N VAL A 78 -5.40 -9.47 5.46
CA VAL A 78 -6.55 -10.01 4.76
C VAL A 78 -7.52 -10.61 5.78
N GLY A 79 -6.99 -11.57 6.54
CA GLY A 79 -7.80 -12.24 7.55
C GLY A 79 -8.41 -11.23 8.52
N GLY A 80 -7.98 -9.99 8.39
CA GLY A 80 -8.47 -8.92 9.24
C GLY A 80 -9.15 -7.83 8.42
N LYS A 81 -8.81 -7.81 7.13
CA LYS A 81 -9.38 -6.82 6.23
C LYS A 81 -10.01 -7.53 5.03
N LYS A 82 -9.21 -7.66 3.97
CA LYS A 82 -9.68 -8.31 2.77
C LYS A 82 -8.69 -8.05 1.63
N GLU A 83 -8.90 -6.96 0.93
CA GLU A 83 -8.05 -6.58 -0.17
C GLU A 83 -7.93 -5.06 -0.27
N TYR A 84 -6.75 -4.61 -0.69
CA TYR A 84 -6.50 -3.19 -0.83
C TYR A 84 -5.95 -2.86 -2.21
N LEU A 85 -6.17 -1.62 -2.62
CA LEU A 85 -5.70 -1.17 -3.92
C LEU A 85 -4.24 -0.71 -3.80
N ILE A 86 -3.71 -0.86 -2.60
CA ILE A 86 -2.34 -0.47 -2.35
C ILE A 86 -1.81 0.33 -3.53
N ALA A 87 -1.77 1.64 -3.35
CA ALA A 87 -1.28 2.54 -4.40
C ALA A 87 -0.17 3.43 -3.83
N GLY A 88 1.04 3.18 -4.29
CA GLY A 88 2.18 3.95 -3.85
C GLY A 88 3.16 4.20 -5.00
N LYS A 89 4.24 4.89 -4.68
CA LYS A 89 5.26 5.20 -5.67
C LYS A 89 5.75 3.91 -6.30
N ALA A 90 5.57 2.81 -5.57
CA ALA A 90 6.00 1.51 -6.05
C ALA A 90 7.52 1.40 -5.91
N GLU A 91 8.03 0.22 -6.28
CA GLU A 91 9.45 -0.03 -6.20
C GLU A 91 9.94 -0.73 -7.47
N GLY A 92 9.15 -1.68 -7.92
CA GLY A 92 9.48 -2.42 -9.12
C GLY A 92 8.62 -3.68 -9.26
N ASP A 93 7.97 -3.80 -10.40
CA ASP A 93 7.10 -4.94 -10.66
C ASP A 93 7.55 -6.12 -9.79
N GLY A 94 6.57 -6.76 -9.17
CA GLY A 94 6.85 -7.90 -8.31
C GLY A 94 7.17 -7.44 -6.88
N LYS A 95 7.27 -6.13 -6.72
CA LYS A 95 7.56 -5.55 -5.42
C LYS A 95 7.46 -4.03 -5.50
N MET A 96 6.96 -3.45 -4.42
CA MET A 96 6.80 -2.00 -4.37
C MET A 96 6.96 -1.48 -2.94
N HIS A 97 6.64 -0.22 -2.75
CA HIS A 97 6.73 0.40 -1.45
C HIS A 97 5.41 1.09 -1.09
N ILE A 98 4.91 0.79 0.10
CA ILE A 98 3.66 1.38 0.55
C ILE A 98 3.78 1.71 2.04
N THR A 99 3.19 2.83 2.41
CA THR A 99 3.21 3.27 3.79
C THR A 99 1.87 3.86 4.19
N LEU A 100 1.66 3.97 5.50
CA LEU A 100 0.43 4.52 6.02
C LEU A 100 0.21 5.93 5.46
N CYS A 101 1.29 6.69 5.45
CA CYS A 101 1.24 8.06 4.95
C CYS A 101 0.91 8.01 3.46
N ASP A 102 1.40 6.96 2.81
CA ASP A 102 1.17 6.78 1.39
C ASP A 102 -0.28 6.34 1.17
N PHE A 103 -0.70 6.40 -0.10
CA PHE A 103 -2.05 6.01 -0.45
C PHE A 103 -2.23 4.49 -0.34
N ILE A 104 -3.14 4.10 0.55
CA ILE A 104 -3.41 2.69 0.77
C ILE A 104 -4.72 2.55 1.56
N VAL A 105 -5.56 1.64 1.08
CA VAL A 105 -6.84 1.39 1.72
C VAL A 105 -7.30 -0.03 1.40
N PRO A 106 -8.19 -0.56 2.30
CA PRO A 106 -8.71 -1.90 2.12
C PRO A 106 -9.74 -1.95 0.99
N TRP A 107 -9.81 -0.86 0.24
CA TRP A 107 -10.75 -0.76 -0.86
C TRP A 107 -12.16 -0.64 -0.27
N ASP A 108 -12.54 -1.66 0.50
CA ASP A 108 -13.85 -1.67 1.12
C ASP A 108 -13.91 -0.59 2.20
N THR A 109 -13.54 0.62 1.79
CA THR A 109 -13.56 1.74 2.72
C THR A 109 -13.61 3.07 1.94
N LEU A 110 -12.68 3.20 1.01
CA LEU A 110 -12.60 4.41 0.21
C LEU A 110 -13.61 5.43 0.73
N SER A 111 -14.68 5.60 -0.03
CA SER A 111 -15.73 6.55 0.35
C SER A 111 -16.35 7.16 -0.90
N THR A 112 -15.49 7.48 -1.86
CA THR A 112 -15.93 8.08 -3.11
C THR A 112 -14.78 8.83 -3.78
N THR A 113 -14.26 9.81 -3.07
CA THR A 113 -13.16 10.61 -3.60
C THR A 113 -12.01 9.71 -4.04
N GLN A 114 -11.98 8.51 -3.47
CA GLN A 114 -10.94 7.55 -3.79
C GLN A 114 -11.36 6.73 -5.02
N LYS A 115 -12.64 6.43 -5.10
CA LYS A 115 -13.17 5.66 -6.21
C LYS A 115 -13.11 6.51 -7.49
N LYS A 116 -13.42 7.78 -7.34
CA LYS A 116 -13.39 8.69 -8.46
C LYS A 116 -11.96 8.80 -9.01
N SER A 117 -11.02 8.36 -8.18
CA SER A 117 -9.62 8.40 -8.56
C SER A 117 -9.20 7.04 -9.14
N LEU A 118 -10.05 6.06 -8.92
CA LEU A 118 -9.79 4.72 -9.41
C LEU A 118 -9.90 4.70 -10.93
N ASN A 119 -10.76 5.58 -11.43
CA ASN A 119 -10.98 5.67 -12.86
C ASN A 119 -10.04 6.73 -13.45
N HIS A 120 -9.28 7.36 -12.56
CA HIS A 120 -8.33 8.39 -12.97
C HIS A 120 -7.03 7.72 -13.43
N ARG A 121 -7.10 6.41 -13.58
CA ARG A 121 -5.93 5.65 -14.01
C ARG A 121 -4.76 5.89 -13.06
N TYR A 122 -4.07 6.99 -13.29
CA TYR A 122 -2.93 7.34 -12.46
C TYR A 122 -2.70 8.86 -12.46
N GLN A 123 -3.21 9.51 -11.42
CA GLN A 123 -3.07 10.94 -11.29
C GLN A 123 -3.51 11.64 -12.58
N MET A 124 -4.78 11.45 -12.92
CA MET A 124 -5.33 12.05 -14.12
C MET A 124 -5.43 13.57 -13.98
N GLY A 125 -4.29 14.18 -13.69
CA GLY A 125 -4.23 15.63 -13.53
C GLY A 125 -5.26 16.09 -12.49
N CYS A 126 -5.58 15.20 -11.58
CA CYS A 126 -6.54 15.50 -10.53
C CYS A 126 -6.02 16.72 -9.75
N GLU A 127 -6.67 16.97 -8.63
CA GLU A 127 -6.30 18.10 -7.78
C GLU A 127 -7.20 18.16 -6.55
N CYS A 1 7.16 5.51 12.29
CA CYS A 1 6.45 6.73 11.91
C CYS A 1 4.99 6.58 12.32
N SER A 2 4.25 7.68 12.17
CA SER A 2 2.85 7.68 12.53
C SER A 2 2.13 8.82 11.79
N CYS A 3 2.53 9.03 10.55
CA CYS A 3 1.95 10.08 9.73
C CYS A 3 0.43 9.86 9.70
N SER A 4 -0.27 10.91 9.30
CA SER A 4 -1.72 10.85 9.22
C SER A 4 -2.15 10.61 7.77
N PRO A 5 -2.81 9.44 7.55
CA PRO A 5 -3.27 9.09 6.22
C PRO A 5 -4.52 9.89 5.84
N VAL A 6 -4.34 10.79 4.89
CA VAL A 6 -5.44 11.62 4.43
C VAL A 6 -5.45 11.64 2.90
N HIS A 7 -5.58 12.85 2.36
CA HIS A 7 -5.62 13.02 0.92
C HIS A 7 -6.42 11.87 0.28
N PRO A 8 -7.77 12.07 0.25
CA PRO A 8 -8.66 11.07 -0.30
C PRO A 8 -8.59 11.09 -1.84
N GLN A 9 -7.73 11.96 -2.35
CA GLN A 9 -7.56 12.09 -3.78
C GLN A 9 -6.08 12.17 -4.14
N GLN A 10 -5.36 12.97 -3.36
CA GLN A 10 -3.94 13.14 -3.59
C GLN A 10 -3.20 11.82 -3.38
N ALA A 11 -3.94 10.83 -2.89
CA ALA A 11 -3.37 9.52 -2.65
C ALA A 11 -3.34 8.73 -3.96
N PHE A 12 -4.36 8.96 -4.77
CA PHE A 12 -4.46 8.27 -6.05
C PHE A 12 -3.78 9.07 -7.16
N CYS A 13 -3.14 10.16 -6.74
CA CYS A 13 -2.43 11.02 -7.69
C CYS A 13 -0.94 10.94 -7.39
N ASN A 14 -0.63 10.36 -6.24
CA ASN A 14 0.76 10.22 -5.82
C ASN A 14 1.22 8.78 -6.08
N ALA A 15 0.31 7.85 -5.82
CA ALA A 15 0.61 6.44 -6.02
C ALA A 15 1.09 6.21 -7.45
N ASP A 16 1.60 5.02 -7.70
CA ASP A 16 2.09 4.67 -9.01
C ASP A 16 1.88 3.18 -9.26
N VAL A 17 1.05 2.59 -8.41
CA VAL A 17 0.74 1.17 -8.52
C VAL A 17 -0.47 0.84 -7.65
N VAL A 18 -1.64 0.93 -8.26
CA VAL A 18 -2.88 0.65 -7.55
C VAL A 18 -3.36 -0.76 -7.92
N ILE A 19 -3.41 -1.61 -6.90
CA ILE A 19 -3.84 -2.98 -7.09
C ILE A 19 -4.66 -3.43 -5.89
N ARG A 20 -5.86 -3.92 -6.16
CA ARG A 20 -6.75 -4.38 -5.11
C ARG A 20 -6.33 -5.78 -4.64
N THR A 21 -5.03 -5.97 -4.55
CA THR A 21 -4.48 -7.24 -4.11
C THR A 21 -4.96 -7.56 -2.70
N LYS A 22 -4.60 -8.76 -2.24
CA LYS A 22 -4.98 -9.20 -0.92
C LYS A 22 -3.73 -9.71 -0.18
N ALA A 23 -3.43 -9.05 0.92
CA ALA A 23 -2.27 -9.42 1.72
C ALA A 23 -2.70 -10.44 2.79
N VAL A 24 -2.33 -11.69 2.54
CA VAL A 24 -2.68 -12.76 3.47
C VAL A 24 -1.41 -13.21 4.20
N SER A 25 -0.30 -13.15 3.48
CA SER A 25 0.97 -13.55 4.05
C SER A 25 1.93 -12.36 4.08
N GLU A 26 3.03 -12.53 4.82
CA GLU A 26 4.02 -11.49 4.93
C GLU A 26 5.40 -12.09 5.16
N LYS A 27 6.39 -11.21 5.29
CA LYS A 27 7.75 -11.64 5.52
C LYS A 27 8.47 -10.62 6.41
N GLU A 28 8.76 -11.05 7.62
CA GLU A 28 9.45 -10.19 8.57
C GLU A 28 10.92 -10.04 8.19
N VAL A 29 11.19 -9.02 7.38
CA VAL A 29 12.55 -8.76 6.93
C VAL A 29 13.11 -7.57 7.70
N ASP A 30 14.25 -7.80 8.33
CA ASP A 30 14.90 -6.76 9.11
C ASP A 30 15.39 -5.66 8.16
N SER A 31 15.65 -4.49 8.74
CA SER A 31 16.12 -3.35 7.97
C SER A 31 17.05 -2.49 8.82
N GLY A 32 17.55 -3.08 9.89
CA GLY A 32 18.44 -2.39 10.79
C GLY A 32 17.67 -1.47 11.73
N ASN A 33 18.41 -0.85 12.64
CA ASN A 33 17.81 0.07 13.59
C ASN A 33 17.68 1.45 12.97
N ASP A 34 16.83 2.27 13.57
CA ASP A 34 16.60 3.62 13.10
C ASP A 34 17.54 4.59 13.82
N ILE A 35 17.20 5.87 13.75
CA ILE A 35 18.00 6.90 14.39
C ILE A 35 17.66 6.94 15.87
N TYR A 36 16.75 6.06 16.27
CA TYR A 36 16.33 5.99 17.66
C TYR A 36 16.88 4.74 18.34
N GLY A 37 17.60 3.95 17.56
CA GLY A 37 18.19 2.72 18.07
C GLY A 37 17.21 1.55 17.95
N ASN A 38 15.98 1.88 17.58
CA ASN A 38 14.95 0.88 17.43
C ASN A 38 15.13 0.17 16.09
N PRO A 39 14.64 -1.10 16.04
CA PRO A 39 14.73 -1.90 14.83
C PRO A 39 13.72 -1.43 13.78
N ILE A 40 14.22 -1.23 12.57
CA ILE A 40 13.38 -0.78 11.48
C ILE A 40 12.34 -1.86 11.17
N LYS A 41 12.77 -2.86 10.42
CA LYS A 41 11.89 -3.95 10.05
C LYS A 41 10.87 -3.46 9.01
N ARG A 42 10.84 -4.16 7.89
CA ARG A 42 9.92 -3.81 6.82
C ARG A 42 9.13 -5.04 6.37
N ILE A 43 8.33 -5.57 7.29
CA ILE A 43 7.52 -6.73 7.00
C ILE A 43 7.06 -6.68 5.54
N GLN A 44 7.04 -7.84 4.91
CA GLN A 44 6.62 -7.94 3.52
C GLN A 44 5.10 -8.08 3.43
N TYR A 45 4.61 -8.18 2.22
CA TYR A 45 3.18 -8.32 1.98
C TYR A 45 2.90 -9.39 0.93
N GLU A 46 3.20 -10.63 1.29
CA GLU A 46 2.98 -11.74 0.39
C GLU A 46 1.49 -11.88 0.06
N ILE A 47 0.99 -10.92 -0.71
CA ILE A 47 -0.41 -10.92 -1.10
C ILE A 47 -0.67 -12.10 -2.03
N LYS A 48 -1.85 -12.08 -2.64
CA LYS A 48 -2.23 -13.15 -3.55
C LYS A 48 -2.70 -12.54 -4.88
N GLN A 49 -2.65 -11.21 -4.92
CA GLN A 49 -3.06 -10.49 -6.12
C GLN A 49 -4.49 -10.88 -6.50
N ILE A 50 -5.36 -9.87 -6.54
CA ILE A 50 -6.74 -10.09 -6.89
C ILE A 50 -7.15 -9.12 -8.00
N LYS A 51 -6.50 -7.96 -7.99
CA LYS A 51 -6.79 -6.94 -8.99
C LYS A 51 -5.53 -6.10 -9.22
N MET A 52 -5.57 -5.33 -10.29
CA MET A 52 -4.44 -4.48 -10.65
C MET A 52 -4.91 -3.18 -11.29
N PHE A 53 -5.69 -2.43 -10.54
CA PHE A 53 -6.21 -1.16 -11.03
C PHE A 53 -5.18 -0.43 -11.89
N LYS A 54 -4.28 0.27 -11.22
CA LYS A 54 -3.24 1.01 -11.91
C LYS A 54 -1.87 0.51 -11.45
N GLY A 55 -1.58 -0.72 -11.84
CA GLY A 55 -0.30 -1.34 -11.48
C GLY A 55 0.44 -1.83 -12.72
N PRO A 56 1.38 -2.77 -12.48
CA PRO A 56 2.17 -3.35 -13.56
C PRO A 56 1.34 -4.33 -14.39
N GLU A 57 2.01 -4.98 -15.32
CA GLU A 57 1.35 -5.95 -16.18
C GLU A 57 1.44 -7.36 -15.58
N LYS A 58 2.57 -7.60 -14.91
CA LYS A 58 2.80 -8.90 -14.28
C LYS A 58 2.03 -8.96 -12.96
N ASP A 59 2.62 -8.35 -11.94
CA ASP A 59 2.01 -8.33 -10.63
C ASP A 59 3.10 -8.21 -9.56
N ILE A 60 2.66 -7.97 -8.33
CA ILE A 60 3.59 -7.83 -7.22
C ILE A 60 3.57 -9.11 -6.38
N GLU A 61 2.49 -9.28 -5.64
CA GLU A 61 2.34 -10.45 -4.80
C GLU A 61 3.24 -10.33 -3.56
N PHE A 62 4.08 -9.32 -3.57
CA PHE A 62 5.00 -9.08 -2.47
C PHE A 62 5.27 -7.58 -2.30
N ILE A 63 4.50 -6.97 -1.43
CA ILE A 63 4.65 -5.55 -1.15
C ILE A 63 5.46 -5.36 0.14
N TYR A 64 5.83 -4.12 0.38
CA TYR A 64 6.60 -3.79 1.57
C TYR A 64 5.88 -2.76 2.43
N THR A 65 6.10 -2.86 3.73
CA THR A 65 5.47 -1.94 4.67
C THR A 65 6.18 -1.99 6.03
N ALA A 66 5.50 -1.46 7.03
CA ALA A 66 6.05 -1.43 8.38
C ALA A 66 5.33 -2.47 9.23
N PRO A 67 6.08 -3.01 10.24
CA PRO A 67 5.52 -4.01 11.13
C PRO A 67 4.56 -3.37 12.13
N SER A 68 4.35 -4.07 13.24
CA SER A 68 3.45 -3.58 14.29
C SER A 68 2.03 -3.47 13.73
N SER A 69 1.23 -2.66 14.42
CA SER A 69 -0.15 -2.45 14.02
C SER A 69 -0.21 -1.41 12.89
N ALA A 70 0.91 -1.28 12.18
CA ALA A 70 0.98 -0.33 11.08
C ALA A 70 1.54 0.99 11.60
N VAL A 71 2.85 1.15 11.45
CA VAL A 71 3.51 2.36 11.90
C VAL A 71 3.77 3.28 10.70
N CYS A 72 4.12 2.64 9.58
CA CYS A 72 4.40 3.39 8.36
C CYS A 72 3.63 2.72 7.22
N GLY A 73 2.56 2.03 7.58
CA GLY A 73 1.74 1.34 6.60
C GLY A 73 0.33 1.09 7.15
N VAL A 74 -0.32 0.10 6.57
CA VAL A 74 -1.67 -0.26 6.98
C VAL A 74 -1.67 -1.67 7.55
N SER A 75 -0.48 -2.28 7.55
CA SER A 75 -0.34 -3.62 8.06
C SER A 75 -1.60 -4.43 7.79
N LEU A 76 -1.70 -4.93 6.57
CA LEU A 76 -2.85 -5.72 6.17
C LEU A 76 -2.48 -7.21 6.18
N ASP A 77 -3.34 -7.99 6.79
CA ASP A 77 -3.12 -9.43 6.88
C ASP A 77 -4.26 -10.17 6.17
N VAL A 78 -5.26 -9.39 5.77
CA VAL A 78 -6.40 -9.97 5.09
C VAL A 78 -7.24 -10.77 6.09
N GLY A 79 -6.67 -10.95 7.27
CA GLY A 79 -7.35 -11.70 8.32
C GLY A 79 -8.32 -10.81 9.09
N GLY A 80 -8.27 -9.52 8.78
CA GLY A 80 -9.12 -8.56 9.45
C GLY A 80 -9.77 -7.60 8.44
N LYS A 81 -9.04 -7.36 7.35
CA LYS A 81 -9.52 -6.47 6.31
C LYS A 81 -10.16 -7.30 5.20
N LYS A 82 -9.41 -7.51 4.13
CA LYS A 82 -9.90 -8.28 3.00
C LYS A 82 -8.98 -8.05 1.80
N GLU A 83 -8.96 -6.81 1.33
CA GLU A 83 -8.14 -6.46 0.20
C GLU A 83 -7.94 -4.94 0.14
N TYR A 84 -6.95 -4.53 -0.65
CA TYR A 84 -6.65 -3.11 -0.79
C TYR A 84 -6.07 -2.81 -2.18
N LEU A 85 -6.30 -1.60 -2.64
CA LEU A 85 -5.81 -1.18 -3.93
C LEU A 85 -4.35 -0.74 -3.80
N ILE A 86 -3.83 -0.87 -2.59
CA ILE A 86 -2.45 -0.49 -2.32
C ILE A 86 -1.91 0.31 -3.51
N ALA A 87 -1.92 1.63 -3.34
CA ALA A 87 -1.44 2.51 -4.39
C ALA A 87 -0.35 3.42 -3.81
N GLY A 88 0.88 3.13 -4.18
CA GLY A 88 2.01 3.92 -3.70
C GLY A 88 3.02 4.15 -4.83
N LYS A 89 4.05 4.93 -4.50
CA LYS A 89 5.09 5.23 -5.46
C LYS A 89 5.58 3.93 -6.10
N ALA A 90 5.50 2.86 -5.33
CA ALA A 90 5.93 1.56 -5.81
C ALA A 90 7.44 1.44 -5.67
N GLU A 91 7.96 0.29 -6.06
CA GLU A 91 9.39 0.04 -5.98
C GLU A 91 9.89 -0.56 -7.30
N GLY A 92 9.07 -1.41 -7.88
CA GLY A 92 9.43 -2.04 -9.14
C GLY A 92 8.41 -3.13 -9.52
N ASP A 93 8.93 -4.28 -9.91
CA ASP A 93 8.08 -5.39 -10.30
C ASP A 93 8.25 -6.52 -9.28
N GLY A 94 7.11 -7.06 -8.87
CA GLY A 94 7.11 -8.16 -7.90
C GLY A 94 7.23 -7.62 -6.47
N LYS A 95 7.50 -6.33 -6.38
CA LYS A 95 7.64 -5.68 -5.09
C LYS A 95 7.57 -4.18 -5.26
N MET A 96 6.96 -3.52 -4.28
CA MET A 96 6.83 -2.07 -4.32
C MET A 96 7.02 -1.47 -2.93
N HIS A 97 6.53 -0.25 -2.78
CA HIS A 97 6.64 0.46 -1.51
C HIS A 97 5.31 1.13 -1.18
N ILE A 98 4.81 0.83 0.01
CA ILE A 98 3.55 1.41 0.45
C ILE A 98 3.65 1.75 1.94
N THR A 99 2.97 2.83 2.31
CA THR A 99 2.97 3.28 3.70
C THR A 99 1.62 3.91 4.06
N LEU A 100 1.40 4.07 5.36
CA LEU A 100 0.18 4.65 5.85
C LEU A 100 0.02 6.06 5.27
N CYS A 101 1.09 6.84 5.39
CA CYS A 101 1.08 8.20 4.89
C CYS A 101 0.82 8.15 3.38
N ASP A 102 1.15 7.01 2.79
CA ASP A 102 0.96 6.83 1.36
C ASP A 102 -0.48 6.38 1.09
N PHE A 103 -0.85 6.41 -0.18
CA PHE A 103 -2.19 6.01 -0.58
C PHE A 103 -2.37 4.50 -0.45
N ILE A 104 -3.25 4.12 0.47
CA ILE A 104 -3.53 2.72 0.70
C ILE A 104 -4.84 2.59 1.48
N VAL A 105 -5.69 1.69 0.99
CA VAL A 105 -6.98 1.46 1.64
C VAL A 105 -7.43 0.02 1.36
N PRO A 106 -8.33 -0.48 2.25
CA PRO A 106 -8.85 -1.83 2.10
C PRO A 106 -9.87 -1.91 0.97
N TRP A 107 -9.99 -0.81 0.24
CA TRP A 107 -10.92 -0.73 -0.87
C TRP A 107 -12.33 -0.60 -0.29
N ASP A 108 -12.69 -1.58 0.52
CA ASP A 108 -14.01 -1.58 1.13
C ASP A 108 -14.09 -0.46 2.17
N THR A 109 -13.72 0.74 1.72
CA THR A 109 -13.74 1.89 2.59
C THR A 109 -13.79 3.18 1.76
N LEU A 110 -12.80 3.32 0.90
CA LEU A 110 -12.72 4.50 0.04
C LEU A 110 -13.70 5.56 0.54
N SER A 111 -14.79 5.71 -0.21
CA SER A 111 -15.82 6.68 0.15
C SER A 111 -16.41 7.29 -1.11
N THR A 112 -15.53 7.58 -2.08
CA THR A 112 -15.96 8.16 -3.33
C THR A 112 -14.78 8.85 -4.02
N THR A 113 -14.26 9.88 -3.36
CA THR A 113 -13.14 10.62 -3.89
C THR A 113 -12.01 9.67 -4.29
N GLN A 114 -11.98 8.53 -3.63
CA GLN A 114 -10.97 7.52 -3.91
C GLN A 114 -11.37 6.68 -5.11
N LYS A 115 -12.68 6.47 -5.24
CA LYS A 115 -13.20 5.68 -6.34
C LYS A 115 -13.09 6.47 -7.64
N LYS A 116 -13.43 7.75 -7.54
CA LYS A 116 -13.37 8.63 -8.70
C LYS A 116 -11.92 8.74 -9.17
N SER A 117 -11.01 8.44 -8.27
CA SER A 117 -9.59 8.49 -8.59
C SER A 117 -9.10 7.11 -9.06
N LEU A 118 -9.93 6.11 -8.81
CA LEU A 118 -9.60 4.75 -9.20
C LEU A 118 -9.73 4.62 -10.72
N ASN A 119 -10.58 5.45 -11.28
CA ASN A 119 -10.81 5.42 -12.72
C ASN A 119 -9.98 6.54 -13.38
N HIS A 120 -9.09 7.11 -12.59
CA HIS A 120 -8.24 8.19 -13.08
C HIS A 120 -6.90 7.60 -13.56
N ARG A 121 -6.92 6.31 -13.83
CA ARG A 121 -5.73 5.63 -14.29
C ARG A 121 -4.58 5.82 -13.29
N TYR A 122 -3.88 6.94 -13.44
CA TYR A 122 -2.77 7.24 -12.55
C TYR A 122 -2.51 8.75 -12.52
N GLN A 123 -3.12 9.40 -11.54
CA GLN A 123 -2.96 10.84 -11.38
C GLN A 123 -3.38 11.56 -12.66
N MET A 124 -4.63 11.33 -13.04
CA MET A 124 -5.17 11.95 -14.23
C MET A 124 -5.44 13.44 -14.00
N GLY A 125 -4.41 14.13 -13.54
CA GLY A 125 -4.52 15.56 -13.28
C GLY A 125 -5.60 15.84 -12.23
N CYS A 126 -5.73 14.90 -11.29
CA CYS A 126 -6.71 15.03 -10.23
C CYS A 126 -6.21 16.06 -9.23
N GLU A 127 -6.77 16.00 -8.03
CA GLU A 127 -6.38 16.92 -6.97
C GLU A 127 -6.69 18.36 -7.38
N CYS A 1 8.55 7.05 12.21
CA CYS A 1 7.54 7.65 11.34
C CYS A 1 6.22 7.70 12.11
N SER A 2 5.23 8.30 11.48
CA SER A 2 3.92 8.43 12.09
C SER A 2 3.12 9.53 11.39
N CYS A 3 2.94 9.37 10.09
CA CYS A 3 2.20 10.34 9.31
C CYS A 3 0.72 9.99 9.37
N SER A 4 -0.10 10.92 8.90
CA SER A 4 -1.55 10.72 8.91
C SER A 4 -2.03 10.44 7.49
N PRO A 5 -2.73 9.27 7.34
CA PRO A 5 -3.27 8.88 6.04
C PRO A 5 -4.50 9.71 5.68
N VAL A 6 -4.26 10.75 4.90
CA VAL A 6 -5.34 11.63 4.46
C VAL A 6 -5.41 11.63 2.94
N HIS A 7 -5.49 12.83 2.39
CA HIS A 7 -5.56 12.99 0.94
C HIS A 7 -6.42 11.87 0.36
N PRO A 8 -7.76 12.11 0.37
CA PRO A 8 -8.70 11.13 -0.16
C PRO A 8 -8.68 11.13 -1.69
N GLN A 9 -7.79 11.95 -2.24
CA GLN A 9 -7.67 12.05 -3.69
C GLN A 9 -6.20 12.13 -4.08
N GLN A 10 -5.46 12.96 -3.35
CA GLN A 10 -4.05 13.14 -3.61
C GLN A 10 -3.29 11.83 -3.38
N ALA A 11 -4.02 10.85 -2.86
CA ALA A 11 -3.43 9.55 -2.58
C ALA A 11 -3.41 8.72 -3.87
N PHE A 12 -4.48 8.87 -4.65
CA PHE A 12 -4.59 8.14 -5.90
C PHE A 12 -3.94 8.91 -7.05
N CYS A 13 -3.40 10.08 -6.70
CA CYS A 13 -2.74 10.91 -7.70
C CYS A 13 -1.23 10.87 -7.43
N ASN A 14 -0.89 10.34 -6.27
CA ASN A 14 0.51 10.23 -5.88
C ASN A 14 1.00 8.81 -6.14
N ALA A 15 0.13 7.85 -5.85
CA ALA A 15 0.46 6.44 -6.04
C ALA A 15 0.91 6.24 -7.48
N ASP A 16 1.34 5.01 -7.77
CA ASP A 16 1.80 4.66 -9.09
C ASP A 16 1.70 3.14 -9.28
N VAL A 17 0.88 2.53 -8.44
CA VAL A 17 0.69 1.09 -8.50
C VAL A 17 -0.51 0.71 -7.63
N VAL A 18 -1.69 0.93 -8.18
CA VAL A 18 -2.93 0.61 -7.47
C VAL A 18 -3.37 -0.80 -7.84
N ILE A 19 -3.46 -1.65 -6.83
CA ILE A 19 -3.86 -3.03 -7.04
C ILE A 19 -4.69 -3.50 -5.84
N ARG A 20 -5.89 -3.96 -6.12
CA ARG A 20 -6.78 -4.44 -5.07
C ARG A 20 -6.37 -5.84 -4.62
N THR A 21 -5.06 -6.02 -4.50
CA THR A 21 -4.52 -7.30 -4.08
C THR A 21 -4.98 -7.63 -2.66
N LYS A 22 -4.64 -8.84 -2.23
CA LYS A 22 -5.01 -9.30 -0.90
C LYS A 22 -3.77 -9.77 -0.16
N ALA A 23 -3.46 -9.08 0.94
CA ALA A 23 -2.30 -9.43 1.74
C ALA A 23 -2.72 -10.39 2.84
N VAL A 24 -2.50 -11.67 2.59
CA VAL A 24 -2.85 -12.70 3.56
C VAL A 24 -1.58 -13.18 4.25
N SER A 25 -0.50 -13.24 3.50
CA SER A 25 0.77 -13.68 4.04
C SER A 25 1.77 -12.52 4.05
N GLU A 26 2.77 -12.64 4.92
CA GLU A 26 3.78 -11.61 5.05
C GLU A 26 5.16 -12.25 5.28
N LYS A 27 6.12 -11.38 5.54
CA LYS A 27 7.48 -11.84 5.78
C LYS A 27 8.23 -10.81 6.64
N GLU A 28 8.73 -11.29 7.77
CA GLU A 28 9.47 -10.42 8.67
C GLU A 28 10.91 -10.23 8.19
N VAL A 29 11.13 -9.13 7.51
CA VAL A 29 12.45 -8.81 6.99
C VAL A 29 13.08 -7.70 7.82
N ASP A 30 14.02 -8.10 8.67
CA ASP A 30 14.70 -7.15 9.53
C ASP A 30 15.27 -6.02 8.68
N SER A 31 15.34 -4.84 9.28
CA SER A 31 15.87 -3.67 8.59
C SER A 31 16.78 -2.88 9.53
N GLY A 32 17.25 -3.56 10.56
CA GLY A 32 18.14 -2.93 11.53
C GLY A 32 17.39 -1.87 12.34
N ASN A 33 18.14 -1.20 13.21
CA ASN A 33 17.56 -0.16 14.05
C ASN A 33 17.52 1.16 13.27
N ASP A 34 16.76 2.09 13.80
CA ASP A 34 16.63 3.40 13.17
C ASP A 34 17.62 4.38 13.80
N ILE A 35 17.36 5.66 13.60
CA ILE A 35 18.22 6.69 14.15
C ILE A 35 17.86 6.93 15.62
N TYR A 36 16.90 6.15 16.08
CA TYR A 36 16.46 6.26 17.47
C TYR A 36 16.90 5.04 18.28
N GLY A 37 17.57 4.12 17.60
CA GLY A 37 18.05 2.91 18.24
C GLY A 37 16.98 1.82 18.21
N ASN A 38 15.79 2.20 17.78
CA ASN A 38 14.68 1.26 17.69
C ASN A 38 14.85 0.41 16.43
N PRO A 39 14.26 -0.82 16.50
CA PRO A 39 14.34 -1.75 15.38
C PRO A 39 13.40 -1.31 14.25
N ILE A 40 13.95 -1.25 13.06
CA ILE A 40 13.18 -0.85 11.89
C ILE A 40 12.17 -1.96 11.56
N LYS A 41 12.65 -2.96 10.84
CA LYS A 41 11.80 -4.07 10.45
C LYS A 41 10.78 -3.59 9.42
N ARG A 42 10.80 -4.24 8.27
CA ARG A 42 9.89 -3.89 7.19
C ARG A 42 9.19 -5.15 6.66
N ILE A 43 8.32 -5.71 7.49
CA ILE A 43 7.59 -6.90 7.11
C ILE A 43 7.18 -6.80 5.64
N GLN A 44 6.96 -7.97 5.04
CA GLN A 44 6.58 -8.03 3.64
C GLN A 44 5.05 -8.14 3.52
N TYR A 45 4.60 -8.25 2.28
CA TYR A 45 3.17 -8.37 2.02
C TYR A 45 2.89 -9.46 0.98
N GLU A 46 3.15 -10.69 1.37
CA GLU A 46 2.94 -11.82 0.48
C GLU A 46 1.45 -11.94 0.12
N ILE A 47 0.98 -10.96 -0.64
CA ILE A 47 -0.40 -10.95 -1.06
C ILE A 47 -0.67 -12.10 -2.02
N LYS A 48 -1.84 -12.08 -2.61
CA LYS A 48 -2.22 -13.12 -3.56
C LYS A 48 -2.63 -12.48 -4.89
N GLN A 49 -2.55 -11.16 -4.92
CA GLN A 49 -2.91 -10.42 -6.11
C GLN A 49 -4.26 -10.90 -6.65
N ILE A 50 -5.28 -10.05 -6.46
CA ILE A 50 -6.61 -10.38 -6.92
C ILE A 50 -7.04 -9.39 -8.00
N LYS A 51 -6.58 -8.16 -7.84
CA LYS A 51 -6.89 -7.10 -8.79
C LYS A 51 -5.67 -6.21 -8.99
N MET A 52 -5.66 -5.52 -10.12
CA MET A 52 -4.56 -4.63 -10.43
C MET A 52 -5.06 -3.34 -11.10
N PHE A 53 -5.73 -2.52 -10.30
CA PHE A 53 -6.27 -1.27 -10.79
C PHE A 53 -5.26 -0.57 -11.72
N LYS A 54 -4.30 0.08 -11.10
CA LYS A 54 -3.27 0.79 -11.85
C LYS A 54 -1.88 0.35 -11.37
N GLY A 55 -1.49 -0.83 -11.83
CA GLY A 55 -0.20 -1.38 -11.45
C GLY A 55 0.64 -1.70 -12.68
N PRO A 56 1.68 -2.56 -12.47
CA PRO A 56 2.55 -2.96 -13.56
C PRO A 56 1.87 -3.97 -14.47
N GLU A 57 2.66 -4.54 -15.37
CA GLU A 57 2.14 -5.52 -16.31
C GLU A 57 2.35 -6.94 -15.76
N LYS A 58 3.46 -7.11 -15.05
CA LYS A 58 3.79 -8.40 -14.47
C LYS A 58 2.91 -8.65 -13.25
N ASP A 59 3.34 -8.07 -12.13
CA ASP A 59 2.60 -8.22 -10.88
C ASP A 59 3.56 -8.03 -9.71
N ILE A 60 2.98 -7.86 -8.53
CA ILE A 60 3.76 -7.67 -7.32
C ILE A 60 3.70 -8.94 -6.49
N GLU A 61 2.60 -9.09 -5.77
CA GLU A 61 2.42 -10.26 -4.92
C GLU A 61 3.32 -10.17 -3.68
N PHE A 62 4.19 -9.16 -3.69
CA PHE A 62 5.12 -8.96 -2.60
C PHE A 62 5.35 -7.47 -2.35
N ILE A 63 4.58 -6.92 -1.43
CA ILE A 63 4.69 -5.51 -1.10
C ILE A 63 5.47 -5.36 0.21
N TYR A 64 5.84 -4.13 0.50
CA TYR A 64 6.59 -3.84 1.72
C TYR A 64 5.84 -2.84 2.60
N THR A 65 6.14 -2.91 3.89
CA THR A 65 5.50 -2.03 4.85
C THR A 65 6.09 -2.24 6.24
N ALA A 66 5.43 -1.66 7.23
CA ALA A 66 5.88 -1.77 8.61
C ALA A 66 5.28 -3.03 9.23
N PRO A 67 6.01 -3.56 10.27
CA PRO A 67 5.56 -4.76 10.96
C PRO A 67 4.39 -4.45 11.88
N SER A 68 4.66 -3.61 12.87
CA SER A 68 3.64 -3.22 13.84
C SER A 68 2.30 -3.03 13.13
N SER A 69 1.26 -2.93 13.94
CA SER A 69 -0.08 -2.74 13.40
C SER A 69 -0.03 -1.87 12.14
N ALA A 70 0.87 -0.90 12.17
CA ALA A 70 1.03 0.01 11.05
C ALA A 70 1.68 1.31 11.54
N VAL A 71 2.99 1.36 11.42
CA VAL A 71 3.74 2.54 11.85
C VAL A 71 4.12 3.37 10.61
N CYS A 72 4.42 2.66 9.53
CA CYS A 72 4.79 3.32 8.29
C CYS A 72 3.97 2.71 7.15
N GLY A 73 2.86 2.08 7.54
CA GLY A 73 1.98 1.45 6.57
C GLY A 73 0.59 1.22 7.15
N VAL A 74 -0.09 0.23 6.60
CA VAL A 74 -1.43 -0.10 7.06
C VAL A 74 -1.43 -1.53 7.60
N SER A 75 -0.32 -2.21 7.40
CA SER A 75 -0.18 -3.58 7.86
C SER A 75 -1.53 -4.31 7.74
N LEU A 76 -1.79 -4.82 6.55
CA LEU A 76 -3.03 -5.53 6.29
C LEU A 76 -2.74 -7.04 6.25
N ASP A 77 -3.56 -7.77 6.97
CA ASP A 77 -3.42 -9.23 7.02
C ASP A 77 -4.50 -9.87 6.17
N VAL A 78 -5.47 -9.06 5.79
CA VAL A 78 -6.57 -9.55 4.97
C VAL A 78 -7.49 -10.42 5.82
N GLY A 79 -6.87 -11.27 6.63
CA GLY A 79 -7.62 -12.16 7.49
C GLY A 79 -8.57 -11.38 8.40
N GLY A 80 -8.39 -10.07 8.38
CA GLY A 80 -9.23 -9.19 9.19
C GLY A 80 -9.91 -8.12 8.33
N LYS A 81 -9.27 -7.83 7.21
CA LYS A 81 -9.80 -6.83 6.29
C LYS A 81 -10.39 -7.53 5.06
N LYS A 82 -9.56 -7.68 4.05
CA LYS A 82 -9.98 -8.33 2.82
C LYS A 82 -8.93 -8.09 1.73
N GLU A 83 -9.05 -6.96 1.06
CA GLU A 83 -8.13 -6.60 0.00
C GLU A 83 -8.02 -5.09 -0.12
N TYR A 84 -6.84 -4.64 -0.55
CA TYR A 84 -6.58 -3.21 -0.70
C TYR A 84 -6.04 -2.91 -2.10
N LEU A 85 -6.27 -1.68 -2.53
CA LEU A 85 -5.81 -1.24 -3.84
C LEU A 85 -4.36 -0.77 -3.73
N ILE A 86 -3.80 -0.93 -2.55
CA ILE A 86 -2.44 -0.52 -2.30
C ILE A 86 -1.91 0.26 -3.50
N ALA A 87 -1.85 1.57 -3.34
CA ALA A 87 -1.38 2.45 -4.40
C ALA A 87 -0.29 3.38 -3.85
N GLY A 88 0.93 3.13 -4.28
CA GLY A 88 2.06 3.94 -3.85
C GLY A 88 3.08 4.11 -4.98
N LYS A 89 4.04 4.99 -4.73
CA LYS A 89 5.08 5.26 -5.71
C LYS A 89 5.50 3.95 -6.38
N ALA A 90 5.49 2.89 -5.59
CA ALA A 90 5.87 1.57 -6.08
C ALA A 90 7.39 1.43 -6.03
N GLU A 91 7.85 0.24 -6.39
CA GLU A 91 9.28 -0.04 -6.38
C GLU A 91 9.67 -0.78 -7.66
N GLY A 92 8.72 -0.89 -8.56
CA GLY A 92 8.95 -1.57 -9.83
C GLY A 92 7.89 -2.65 -10.07
N ASP A 93 8.38 -3.87 -10.27
CA ASP A 93 7.51 -4.99 -10.52
C ASP A 93 7.87 -6.14 -9.56
N GLY A 94 6.83 -6.85 -9.14
CA GLY A 94 7.03 -7.97 -8.22
C GLY A 94 7.23 -7.47 -6.79
N LYS A 95 7.28 -6.15 -6.65
CA LYS A 95 7.46 -5.54 -5.35
C LYS A 95 7.38 -4.03 -5.49
N MET A 96 6.83 -3.40 -4.45
CA MET A 96 6.69 -1.95 -4.44
C MET A 96 6.86 -1.39 -3.03
N HIS A 97 6.49 -0.13 -2.88
CA HIS A 97 6.60 0.54 -1.59
C HIS A 97 5.26 1.18 -1.23
N ILE A 98 4.80 0.86 -0.04
CA ILE A 98 3.53 1.40 0.44
C ILE A 98 3.65 1.74 1.92
N THR A 99 3.15 2.92 2.27
CA THR A 99 3.20 3.39 3.64
C THR A 99 1.85 3.98 4.06
N LEU A 100 1.71 4.21 5.35
CA LEU A 100 0.49 4.77 5.89
C LEU A 100 0.27 6.17 5.30
N CYS A 101 1.35 6.93 5.28
CA CYS A 101 1.30 8.29 4.74
C CYS A 101 0.97 8.21 3.25
N ASP A 102 1.31 7.08 2.66
CA ASP A 102 1.06 6.86 1.24
C ASP A 102 -0.40 6.42 1.06
N PHE A 103 -0.81 6.38 -0.20
CA PHE A 103 -2.17 5.98 -0.53
C PHE A 103 -2.34 4.46 -0.38
N ILE A 104 -3.23 4.09 0.54
CA ILE A 104 -3.50 2.69 0.79
C ILE A 104 -4.81 2.56 1.57
N VAL A 105 -5.64 1.63 1.12
CA VAL A 105 -6.92 1.41 1.77
C VAL A 105 -7.37 -0.04 1.50
N PRO A 106 -8.25 -0.55 2.40
CA PRO A 106 -8.77 -1.89 2.28
C PRO A 106 -9.81 -1.98 1.16
N TRP A 107 -9.89 -0.90 0.38
CA TRP A 107 -10.84 -0.85 -0.72
C TRP A 107 -12.25 -0.70 -0.13
N ASP A 108 -12.61 -1.69 0.67
CA ASP A 108 -13.92 -1.68 1.30
C ASP A 108 -13.98 -0.58 2.36
N THR A 109 -13.62 0.62 1.93
CA THR A 109 -13.61 1.77 2.82
C THR A 109 -13.68 3.07 2.02
N LEU A 110 -12.72 3.22 1.12
CA LEU A 110 -12.66 4.41 0.28
C LEU A 110 -13.66 5.44 0.80
N SER A 111 -14.75 5.60 0.05
CA SER A 111 -15.78 6.55 0.43
C SER A 111 -16.41 7.16 -0.83
N THR A 112 -15.56 7.46 -1.79
CA THR A 112 -16.01 8.05 -3.04
C THR A 112 -14.86 8.76 -3.76
N THR A 113 -14.34 9.79 -3.10
CA THR A 113 -13.24 10.55 -3.66
C THR A 113 -12.10 9.62 -4.08
N GLN A 114 -12.06 8.46 -3.44
CA GLN A 114 -11.03 7.48 -3.72
C GLN A 114 -11.44 6.62 -4.92
N LYS A 115 -12.74 6.39 -5.02
CA LYS A 115 -13.28 5.60 -6.11
C LYS A 115 -13.21 6.39 -7.41
N LYS A 116 -13.54 7.67 -7.30
CA LYS A 116 -13.53 8.55 -8.46
C LYS A 116 -12.10 8.67 -8.98
N SER A 117 -11.16 8.36 -8.10
CA SER A 117 -9.75 8.44 -8.45
C SER A 117 -9.29 7.10 -9.03
N LEU A 118 -10.07 6.06 -8.75
CA LEU A 118 -9.75 4.73 -9.23
C LEU A 118 -9.95 4.68 -10.74
N ASN A 119 -10.87 5.52 -11.22
CA ASN A 119 -11.17 5.58 -12.64
C ASN A 119 -10.23 6.59 -13.31
N HIS A 120 -9.45 7.27 -12.48
CA HIS A 120 -8.51 8.26 -12.98
C HIS A 120 -7.17 7.58 -13.28
N ARG A 121 -7.24 6.28 -13.54
CA ARG A 121 -6.05 5.52 -13.84
C ARG A 121 -4.95 5.81 -12.83
N TYR A 122 -4.10 6.77 -13.18
CA TYR A 122 -3.01 7.16 -12.32
C TYR A 122 -2.76 8.67 -12.37
N GLN A 123 -3.39 9.37 -11.42
CA GLN A 123 -3.25 10.81 -11.36
C GLN A 123 -3.66 11.45 -12.69
N MET A 124 -4.93 11.26 -13.04
CA MET A 124 -5.45 11.80 -14.28
C MET A 124 -5.48 13.33 -14.23
N GLY A 125 -4.31 13.91 -14.02
CA GLY A 125 -4.18 15.35 -13.96
C GLY A 125 -5.16 15.94 -12.93
N CYS A 126 -5.54 15.10 -11.98
CA CYS A 126 -6.46 15.52 -10.93
C CYS A 126 -5.85 16.73 -10.22
N GLU A 127 -6.47 17.08 -9.10
CA GLU A 127 -6.02 18.22 -8.32
C GLU A 127 -6.89 18.40 -7.07
N CYS A 1 6.76 7.67 9.39
CA CYS A 1 6.30 6.41 9.96
C CYS A 1 4.94 6.65 10.63
N SER A 2 4.99 7.41 11.71
CA SER A 2 3.78 7.73 12.45
C SER A 2 3.02 8.87 11.75
N CYS A 3 3.03 8.81 10.43
CA CYS A 3 2.34 9.82 9.64
C CYS A 3 0.84 9.57 9.75
N SER A 4 0.08 10.46 9.11
CA SER A 4 -1.37 10.35 9.13
C SER A 4 -1.90 10.23 7.70
N PRO A 5 -2.67 9.13 7.46
CA PRO A 5 -3.24 8.90 6.15
C PRO A 5 -4.43 9.82 5.88
N VAL A 6 -4.31 10.60 4.83
CA VAL A 6 -5.36 11.53 4.46
C VAL A 6 -5.47 11.59 2.93
N HIS A 7 -5.55 12.80 2.41
CA HIS A 7 -5.66 13.01 0.97
C HIS A 7 -6.49 11.88 0.36
N PRO A 8 -7.83 12.10 0.35
CA PRO A 8 -8.74 11.11 -0.20
C PRO A 8 -8.69 11.11 -1.74
N GLN A 9 -7.76 11.89 -2.26
CA GLN A 9 -7.59 11.98 -3.71
C GLN A 9 -6.11 12.12 -4.06
N GLN A 10 -5.44 12.99 -3.32
CA GLN A 10 -4.01 13.22 -3.56
C GLN A 10 -3.23 11.92 -3.35
N ALA A 11 -3.93 10.92 -2.83
CA ALA A 11 -3.31 9.63 -2.59
C ALA A 11 -3.31 8.81 -3.88
N PHE A 12 -4.34 9.02 -4.68
CA PHE A 12 -4.47 8.33 -5.95
C PHE A 12 -3.82 9.12 -7.09
N CYS A 13 -3.17 10.20 -6.70
CA CYS A 13 -2.51 11.06 -7.67
C CYS A 13 -1.00 11.01 -7.40
N ASN A 14 -0.65 10.41 -6.28
CA ASN A 14 0.75 10.30 -5.90
C ASN A 14 1.22 8.86 -6.15
N ALA A 15 0.34 7.92 -5.86
CA ALA A 15 0.66 6.51 -6.05
C ALA A 15 1.17 6.29 -7.47
N ASP A 16 1.65 5.09 -7.71
CA ASP A 16 2.17 4.74 -9.03
C ASP A 16 1.99 3.24 -9.27
N VAL A 17 1.16 2.63 -8.42
CA VAL A 17 0.89 1.21 -8.53
C VAL A 17 -0.33 0.86 -7.66
N VAL A 18 -1.50 1.04 -8.24
CA VAL A 18 -2.74 0.75 -7.55
C VAL A 18 -3.21 -0.66 -7.93
N ILE A 19 -3.35 -1.50 -6.91
CA ILE A 19 -3.79 -2.86 -7.13
C ILE A 19 -4.63 -3.31 -5.94
N ARG A 20 -5.84 -3.77 -6.24
CA ARG A 20 -6.76 -4.23 -5.21
C ARG A 20 -6.36 -5.63 -4.74
N THR A 21 -5.05 -5.84 -4.65
CA THR A 21 -4.53 -7.13 -4.22
C THR A 21 -5.03 -7.46 -2.81
N LYS A 22 -4.63 -8.63 -2.34
CA LYS A 22 -5.02 -9.07 -1.01
C LYS A 22 -3.80 -9.60 -0.27
N ALA A 23 -3.48 -8.96 0.84
CA ALA A 23 -2.35 -9.35 1.65
C ALA A 23 -2.80 -10.35 2.71
N VAL A 24 -2.42 -11.61 2.49
CA VAL A 24 -2.79 -12.67 3.42
C VAL A 24 -1.54 -13.13 4.17
N SER A 25 -0.42 -13.12 3.46
CA SER A 25 0.84 -13.53 4.04
C SER A 25 1.82 -12.34 4.08
N GLU A 26 2.90 -12.53 4.81
CA GLU A 26 3.92 -11.50 4.94
C GLU A 26 5.29 -12.12 5.19
N LYS A 27 6.30 -11.27 5.21
CA LYS A 27 7.66 -11.71 5.44
C LYS A 27 8.37 -10.73 6.36
N GLU A 28 8.67 -11.19 7.57
CA GLU A 28 9.34 -10.36 8.55
C GLU A 28 10.82 -10.20 8.18
N VAL A 29 11.10 -9.12 7.48
CA VAL A 29 12.46 -8.84 7.05
C VAL A 29 13.01 -7.65 7.85
N ASP A 30 13.99 -7.94 8.69
CA ASP A 30 14.60 -6.91 9.51
C ASP A 30 15.25 -5.85 8.61
N SER A 31 15.37 -4.66 9.15
CA SER A 31 15.97 -3.56 8.41
C SER A 31 16.88 -2.74 9.32
N GLY A 32 17.31 -3.39 10.40
CA GLY A 32 18.19 -2.73 11.36
C GLY A 32 17.43 -1.68 12.17
N ASN A 33 18.16 -1.02 13.06
CA ASN A 33 17.57 0.02 13.89
C ASN A 33 17.56 1.34 13.13
N ASP A 34 16.74 2.26 13.62
CA ASP A 34 16.63 3.56 13.00
C ASP A 34 17.58 4.54 13.69
N ILE A 35 17.32 5.83 13.49
CA ILE A 35 18.15 6.87 14.08
C ILE A 35 17.72 7.07 15.54
N TYR A 36 16.75 6.28 15.95
CA TYR A 36 16.24 6.36 17.32
C TYR A 36 16.68 5.15 18.14
N GLY A 37 17.38 4.24 17.47
CA GLY A 37 17.86 3.04 18.12
C GLY A 37 16.83 1.92 18.05
N ASN A 38 15.64 2.29 17.59
CA ASN A 38 14.55 1.33 17.46
C ASN A 38 14.77 0.49 16.20
N PRO A 39 14.21 -0.75 16.23
CA PRO A 39 14.34 -1.66 15.11
C PRO A 39 13.40 -1.24 13.96
N ILE A 40 13.97 -1.16 12.78
CA ILE A 40 13.22 -0.78 11.60
C ILE A 40 12.22 -1.89 11.25
N LYS A 41 12.73 -2.89 10.54
CA LYS A 41 11.91 -4.02 10.14
C LYS A 41 10.89 -3.54 9.10
N ARG A 42 10.88 -4.23 7.98
CA ARG A 42 9.95 -3.90 6.90
C ARG A 42 9.20 -5.15 6.44
N ILE A 43 8.29 -5.60 7.29
CA ILE A 43 7.50 -6.78 6.99
C ILE A 43 7.03 -6.72 5.53
N GLN A 44 6.99 -7.87 4.90
CA GLN A 44 6.57 -7.96 3.51
C GLN A 44 5.05 -8.08 3.43
N TYR A 45 4.55 -8.17 2.21
CA TYR A 45 3.12 -8.30 1.97
C TYR A 45 2.82 -9.36 0.92
N GLU A 46 3.11 -10.61 1.29
CA GLU A 46 2.88 -11.73 0.39
C GLU A 46 1.39 -11.83 0.05
N ILE A 47 0.93 -10.89 -0.76
CA ILE A 47 -0.46 -10.86 -1.16
C ILE A 47 -0.75 -12.05 -2.08
N LYS A 48 -1.94 -12.04 -2.67
CA LYS A 48 -2.33 -13.11 -3.57
C LYS A 48 -2.77 -12.51 -4.90
N GLN A 49 -2.68 -11.18 -4.98
CA GLN A 49 -3.06 -10.48 -6.19
C GLN A 49 -4.49 -10.86 -6.61
N ILE A 50 -5.37 -9.87 -6.56
CA ILE A 50 -6.75 -10.09 -6.92
C ILE A 50 -7.16 -9.07 -7.99
N LYS A 51 -6.47 -7.94 -7.99
CA LYS A 51 -6.75 -6.89 -8.94
C LYS A 51 -5.50 -6.03 -9.12
N MET A 52 -5.50 -5.25 -10.20
CA MET A 52 -4.38 -4.38 -10.50
C MET A 52 -4.85 -3.08 -11.16
N PHE A 53 -5.53 -2.26 -10.37
CA PHE A 53 -6.03 -1.00 -10.87
C PHE A 53 -5.04 -0.34 -11.82
N LYS A 54 -4.03 0.29 -11.21
CA LYS A 54 -3.00 0.96 -11.99
C LYS A 54 -1.62 0.49 -11.52
N GLY A 55 -1.26 -0.71 -11.97
CA GLY A 55 0.02 -1.28 -11.61
C GLY A 55 0.75 -1.83 -12.84
N PRO A 56 1.65 -2.82 -12.57
CA PRO A 56 2.41 -3.43 -13.65
C PRO A 56 1.54 -4.41 -14.44
N GLU A 57 2.18 -5.11 -15.37
CA GLU A 57 1.48 -6.07 -16.20
C GLU A 57 1.56 -7.47 -15.58
N LYS A 58 2.68 -7.72 -14.91
CA LYS A 58 2.90 -9.01 -14.26
C LYS A 58 2.10 -9.05 -12.95
N ASP A 59 2.67 -8.42 -11.94
CA ASP A 59 2.04 -8.38 -10.62
C ASP A 59 3.11 -8.24 -9.55
N ILE A 60 2.66 -7.98 -8.33
CA ILE A 60 3.56 -7.83 -7.21
C ILE A 60 3.55 -9.11 -6.38
N GLU A 61 2.46 -9.29 -5.65
CA GLU A 61 2.31 -10.47 -4.81
C GLU A 61 3.19 -10.35 -3.57
N PHE A 62 4.03 -9.33 -3.58
CA PHE A 62 4.94 -9.09 -2.46
C PHE A 62 5.23 -7.60 -2.30
N ILE A 63 4.48 -6.98 -1.39
CA ILE A 63 4.65 -5.56 -1.13
C ILE A 63 5.44 -5.38 0.16
N TYR A 64 5.85 -4.14 0.40
CA TYR A 64 6.62 -3.82 1.58
C TYR A 64 5.88 -2.79 2.45
N THR A 65 6.18 -2.84 3.75
CA THR A 65 5.56 -1.92 4.69
C THR A 65 6.25 -2.02 6.05
N ALA A 66 5.53 -1.56 7.07
CA ALA A 66 6.06 -1.58 8.42
C ALA A 66 5.30 -2.64 9.25
N PRO A 67 6.02 -3.22 10.24
CA PRO A 67 5.43 -4.23 11.10
C PRO A 67 4.48 -3.60 12.11
N SER A 68 4.23 -4.34 13.18
CA SER A 68 3.34 -3.87 14.23
C SER A 68 1.99 -3.49 13.64
N SER A 69 1.16 -2.88 14.47
CA SER A 69 -0.16 -2.46 14.04
C SER A 69 -0.06 -1.28 13.07
N ALA A 70 0.74 -1.49 12.03
CA ALA A 70 0.94 -0.47 11.03
C ALA A 70 1.56 0.76 11.68
N VAL A 71 2.86 0.90 11.50
CA VAL A 71 3.59 2.03 12.05
C VAL A 71 4.04 2.96 10.93
N CYS A 72 4.24 2.36 9.76
CA CYS A 72 4.66 3.12 8.60
C CYS A 72 3.84 2.66 7.40
N GLY A 73 2.81 1.89 7.68
CA GLY A 73 1.93 1.38 6.64
C GLY A 73 0.51 1.19 7.16
N VAL A 74 -0.20 0.25 6.54
CA VAL A 74 -1.57 -0.02 6.93
C VAL A 74 -1.65 -1.43 7.51
N SER A 75 -0.51 -2.12 7.51
CA SER A 75 -0.44 -3.46 8.03
C SER A 75 -1.73 -4.22 7.70
N LEU A 76 -1.72 -4.88 6.57
CA LEU A 76 -2.88 -5.64 6.13
C LEU A 76 -2.55 -7.14 6.18
N ASP A 77 -3.49 -7.90 6.72
CA ASP A 77 -3.31 -9.34 6.84
C ASP A 77 -4.49 -10.05 6.17
N VAL A 78 -5.37 -9.24 5.59
CA VAL A 78 -6.54 -9.79 4.92
C VAL A 78 -7.50 -10.37 5.96
N GLY A 79 -6.97 -11.29 6.76
CA GLY A 79 -7.76 -11.93 7.79
C GLY A 79 -8.38 -10.89 8.74
N GLY A 80 -7.89 -9.66 8.61
CA GLY A 80 -8.38 -8.57 9.43
C GLY A 80 -9.04 -7.48 8.59
N LYS A 81 -8.62 -7.42 7.33
CA LYS A 81 -9.16 -6.43 6.42
C LYS A 81 -9.89 -7.15 5.28
N LYS A 82 -9.14 -7.41 4.21
CA LYS A 82 -9.70 -8.10 3.06
C LYS A 82 -8.80 -7.86 1.85
N GLU A 83 -8.93 -6.67 1.27
CA GLU A 83 -8.14 -6.31 0.12
C GLU A 83 -7.93 -4.79 0.07
N TYR A 84 -6.93 -4.39 -0.71
CA TYR A 84 -6.61 -2.98 -0.85
C TYR A 84 -6.04 -2.68 -2.23
N LEU A 85 -6.24 -1.44 -2.67
CA LEU A 85 -5.74 -1.02 -3.97
C LEU A 85 -4.28 -0.60 -3.84
N ILE A 86 -3.76 -0.75 -2.62
CA ILE A 86 -2.37 -0.40 -2.35
C ILE A 86 -1.81 0.38 -3.55
N ALA A 87 -1.78 1.70 -3.39
CA ALA A 87 -1.27 2.56 -4.44
C ALA A 87 -0.18 3.46 -3.86
N GLY A 88 1.06 3.18 -4.26
CA GLY A 88 2.19 3.96 -3.78
C GLY A 88 3.22 4.13 -4.90
N LYS A 89 4.21 4.98 -4.61
CA LYS A 89 5.26 5.24 -5.58
C LYS A 89 5.71 3.92 -6.20
N ALA A 90 5.66 2.87 -5.41
CA ALA A 90 6.06 1.55 -5.87
C ALA A 90 7.57 1.40 -5.71
N GLU A 91 8.06 0.23 -6.10
CA GLU A 91 9.48 -0.05 -6.02
C GLU A 91 9.99 -0.65 -7.33
N GLY A 92 9.15 -1.50 -7.91
CA GLY A 92 9.49 -2.15 -9.16
C GLY A 92 8.47 -3.22 -9.53
N ASP A 93 8.97 -4.38 -9.91
CA ASP A 93 8.11 -5.49 -10.28
C ASP A 93 8.26 -6.62 -9.26
N GLY A 94 7.12 -7.15 -8.83
CA GLY A 94 7.11 -8.22 -7.86
C GLY A 94 7.31 -7.68 -6.44
N LYS A 95 7.52 -6.38 -6.36
CA LYS A 95 7.71 -5.73 -5.08
C LYS A 95 7.65 -4.21 -5.26
N MET A 96 7.02 -3.56 -4.29
CA MET A 96 6.89 -2.12 -4.33
C MET A 96 7.12 -1.50 -2.95
N HIS A 97 6.60 -0.29 -2.78
CA HIS A 97 6.75 0.41 -1.52
C HIS A 97 5.45 1.15 -1.19
N ILE A 98 4.94 0.87 -0.01
CA ILE A 98 3.70 1.49 0.44
C ILE A 98 3.82 1.84 1.92
N THR A 99 3.17 2.94 2.30
CA THR A 99 3.20 3.39 3.68
C THR A 99 1.84 3.97 4.07
N LEU A 100 1.66 4.13 5.38
CA LEU A 100 0.41 4.66 5.90
C LEU A 100 0.17 6.05 5.30
N CYS A 101 1.20 6.88 5.36
CA CYS A 101 1.11 8.22 4.82
C CYS A 101 0.82 8.13 3.33
N ASP A 102 1.30 7.05 2.72
CA ASP A 102 1.09 6.84 1.31
C ASP A 102 -0.36 6.40 1.07
N PHE A 103 -0.76 6.46 -0.20
CA PHE A 103 -2.11 6.07 -0.57
C PHE A 103 -2.29 4.55 -0.44
N ILE A 104 -3.16 4.17 0.49
CA ILE A 104 -3.44 2.77 0.73
C ILE A 104 -4.74 2.64 1.52
N VAL A 105 -5.63 1.80 1.01
CA VAL A 105 -6.91 1.58 1.67
C VAL A 105 -7.38 0.16 1.38
N PRO A 106 -8.27 -0.35 2.27
CA PRO A 106 -8.80 -1.70 2.12
C PRO A 106 -9.84 -1.76 1.00
N TRP A 107 -9.97 -0.63 0.29
CA TRP A 107 -10.91 -0.55 -0.80
C TRP A 107 -12.32 -0.41 -0.20
N ASP A 108 -12.68 -1.39 0.61
CA ASP A 108 -13.98 -1.39 1.25
C ASP A 108 -14.04 -0.27 2.29
N THR A 109 -13.65 0.91 1.85
CA THR A 109 -13.65 2.07 2.73
C THR A 109 -13.70 3.37 1.91
N LEU A 110 -12.75 3.48 0.99
CA LEU A 110 -12.67 4.65 0.14
C LEU A 110 -13.72 5.67 0.58
N SER A 111 -14.76 5.79 -0.22
CA SER A 111 -15.83 6.72 0.08
C SER A 111 -16.41 7.29 -1.23
N THR A 112 -15.51 7.61 -2.14
CA THR A 112 -15.91 8.16 -3.43
C THR A 112 -14.74 8.88 -4.09
N THR A 113 -14.30 9.95 -3.45
CA THR A 113 -13.19 10.73 -3.97
C THR A 113 -12.02 9.82 -4.31
N GLN A 114 -12.01 8.66 -3.70
CA GLN A 114 -10.96 7.68 -3.94
C GLN A 114 -11.32 6.79 -5.13
N LYS A 115 -12.61 6.51 -5.25
CA LYS A 115 -13.10 5.67 -6.34
C LYS A 115 -13.00 6.45 -7.65
N LYS A 116 -13.33 7.73 -7.58
CA LYS A 116 -13.28 8.58 -8.75
C LYS A 116 -11.84 8.68 -9.25
N SER A 117 -10.91 8.27 -8.39
CA SER A 117 -9.51 8.31 -8.72
C SER A 117 -9.04 6.91 -9.16
N LEU A 118 -9.91 5.94 -8.96
CA LEU A 118 -9.61 4.57 -9.32
C LEU A 118 -9.99 4.33 -10.78
N ASN A 119 -10.97 5.10 -11.23
CA ASN A 119 -11.44 4.98 -12.61
C ASN A 119 -10.42 5.62 -13.55
N HIS A 120 -9.69 6.58 -13.00
CA HIS A 120 -8.67 7.28 -13.78
C HIS A 120 -7.33 6.56 -13.64
N ARG A 121 -6.46 6.82 -14.59
CA ARG A 121 -5.13 6.21 -14.59
C ARG A 121 -4.59 6.13 -13.16
N TYR A 122 -3.86 7.16 -12.77
CA TYR A 122 -3.29 7.21 -11.44
C TYR A 122 -3.00 8.66 -11.03
N GLN A 123 -3.52 9.58 -11.82
CA GLN A 123 -3.33 11.00 -11.55
C GLN A 123 -3.91 11.84 -12.69
N MET A 124 -5.14 11.52 -13.06
CA MET A 124 -5.82 12.22 -14.13
C MET A 124 -6.14 13.66 -13.71
N GLY A 125 -5.09 14.38 -13.32
CA GLY A 125 -5.25 15.75 -12.89
C GLY A 125 -6.06 15.85 -11.59
N CYS A 126 -6.31 14.68 -11.01
CA CYS A 126 -7.07 14.61 -9.77
C CYS A 126 -6.29 15.34 -8.69
N GLU A 127 -6.99 15.70 -7.62
CA GLU A 127 -6.37 16.39 -6.51
C GLU A 127 -7.38 16.57 -5.37
N CYS A 1 5.38 6.01 8.74
CA CYS A 1 5.50 5.83 10.17
C CYS A 1 4.45 6.70 10.85
N SER A 2 4.93 7.53 11.77
CA SER A 2 4.05 8.42 12.51
C SER A 2 3.57 9.55 11.59
N CYS A 3 3.08 9.15 10.43
CA CYS A 3 2.58 10.12 9.46
C CYS A 3 1.05 10.14 9.55
N SER A 4 0.49 11.26 9.09
CA SER A 4 -0.95 11.43 9.11
C SER A 4 -1.54 11.12 7.74
N PRO A 5 -2.27 9.97 7.66
CA PRO A 5 -2.89 9.56 6.40
C PRO A 5 -4.12 10.41 6.09
N VAL A 6 -4.13 10.95 4.88
CA VAL A 6 -5.24 11.78 4.44
C VAL A 6 -5.32 11.78 2.92
N HIS A 7 -5.47 12.96 2.36
CA HIS A 7 -5.55 13.10 0.91
C HIS A 7 -6.38 11.95 0.33
N PRO A 8 -7.72 12.14 0.32
CA PRO A 8 -8.62 11.13 -0.20
C PRO A 8 -8.58 11.10 -1.73
N GLN A 9 -7.74 11.94 -2.29
CA GLN A 9 -7.59 12.02 -3.73
C GLN A 9 -6.12 12.12 -4.11
N GLN A 10 -5.40 12.97 -3.40
CA GLN A 10 -3.98 13.16 -3.65
C GLN A 10 -3.23 11.84 -3.45
N ALA A 11 -3.95 10.85 -2.93
CA ALA A 11 -3.37 9.55 -2.68
C ALA A 11 -3.36 8.74 -3.98
N PHE A 12 -4.39 8.97 -4.78
CA PHE A 12 -4.50 8.28 -6.05
C PHE A 12 -3.85 9.07 -7.19
N CYS A 13 -3.19 10.16 -6.79
CA CYS A 13 -2.52 11.00 -7.75
C CYS A 13 -1.02 10.96 -7.48
N ASN A 14 -0.68 10.34 -6.35
CA ASN A 14 0.71 10.21 -5.95
C ASN A 14 1.18 8.78 -6.21
N ALA A 15 0.31 7.84 -5.90
CA ALA A 15 0.62 6.44 -6.09
C ALA A 15 1.08 6.20 -7.53
N ASP A 16 1.59 5.01 -7.77
CA ASP A 16 2.06 4.65 -9.09
C ASP A 16 1.86 3.15 -9.33
N VAL A 17 1.04 2.57 -8.45
CA VAL A 17 0.74 1.14 -8.55
C VAL A 17 -0.45 0.82 -7.66
N VAL A 18 -1.63 0.92 -8.25
CA VAL A 18 -2.86 0.64 -7.53
C VAL A 18 -3.35 -0.77 -7.88
N ILE A 19 -3.39 -1.61 -6.85
CA ILE A 19 -3.83 -2.98 -7.05
C ILE A 19 -4.66 -3.42 -5.83
N ARG A 20 -5.85 -3.90 -6.12
CA ARG A 20 -6.75 -4.35 -5.06
C ARG A 20 -6.32 -5.74 -4.57
N THR A 21 -5.02 -5.93 -4.50
CA THR A 21 -4.48 -7.21 -4.04
C THR A 21 -4.93 -7.49 -2.62
N LYS A 22 -4.70 -8.74 -2.21
CA LYS A 22 -5.07 -9.16 -0.86
C LYS A 22 -3.84 -9.67 -0.13
N ALA A 23 -3.54 -9.03 0.99
CA ALA A 23 -2.39 -9.41 1.79
C ALA A 23 -2.82 -10.43 2.84
N VAL A 24 -2.50 -11.68 2.57
CA VAL A 24 -2.84 -12.76 3.48
C VAL A 24 -1.59 -13.21 4.24
N SER A 25 -0.47 -13.19 3.52
CA SER A 25 0.80 -13.60 4.11
C SER A 25 1.75 -12.40 4.15
N GLU A 26 2.85 -12.59 4.87
CA GLU A 26 3.85 -11.55 4.99
C GLU A 26 5.23 -12.16 5.25
N LYS A 27 6.23 -11.28 5.32
CA LYS A 27 7.60 -11.72 5.57
C LYS A 27 8.28 -10.73 6.51
N GLU A 28 8.56 -11.20 7.71
CA GLU A 28 9.23 -10.37 8.70
C GLU A 28 10.71 -10.21 8.37
N VAL A 29 11.00 -9.16 7.62
CA VAL A 29 12.37 -8.89 7.23
C VAL A 29 12.90 -7.68 8.01
N ASP A 30 14.07 -7.86 8.59
CA ASP A 30 14.69 -6.80 9.38
C ASP A 30 15.29 -5.76 8.43
N SER A 31 15.45 -4.56 8.95
CA SER A 31 16.01 -3.46 8.17
C SER A 31 16.96 -2.63 9.03
N GLY A 32 17.42 -3.24 10.10
CA GLY A 32 18.33 -2.57 11.01
C GLY A 32 17.58 -1.62 11.94
N ASN A 33 18.32 -1.00 12.84
CA ASN A 33 17.74 -0.06 13.79
C ASN A 33 17.63 1.32 13.13
N ASP A 34 16.81 2.16 13.73
CA ASP A 34 16.60 3.51 13.22
C ASP A 34 17.55 4.47 13.94
N ILE A 35 17.23 5.75 13.83
CA ILE A 35 18.03 6.79 14.47
C ILE A 35 17.68 6.86 15.96
N TYR A 36 16.75 6.00 16.35
CA TYR A 36 16.31 5.96 17.74
C TYR A 36 16.82 4.70 18.43
N GLY A 37 17.53 3.89 17.67
CA GLY A 37 18.08 2.65 18.21
C GLY A 37 17.07 1.51 18.08
N ASN A 38 15.86 1.87 17.71
CA ASN A 38 14.79 0.89 17.55
C ASN A 38 14.99 0.15 16.22
N PRO A 39 14.49 -1.12 16.20
CA PRO A 39 14.60 -1.95 15.01
C PRO A 39 13.61 -1.50 13.93
N ILE A 40 14.14 -1.31 12.73
CA ILE A 40 13.32 -0.88 11.62
C ILE A 40 12.31 -1.98 11.28
N LYS A 41 12.76 -2.93 10.47
CA LYS A 41 11.92 -4.03 10.06
C LYS A 41 10.88 -3.53 9.06
N ARG A 42 10.78 -4.24 7.95
CA ARG A 42 9.84 -3.87 6.91
C ARG A 42 9.05 -5.11 6.44
N ILE A 43 8.23 -5.62 7.35
CA ILE A 43 7.43 -6.80 7.06
C ILE A 43 6.96 -6.73 5.60
N GLN A 44 6.98 -7.88 4.96
CA GLN A 44 6.56 -7.98 3.56
C GLN A 44 5.04 -8.11 3.48
N TYR A 45 4.56 -8.22 2.25
CA TYR A 45 3.13 -8.36 2.02
C TYR A 45 2.85 -9.44 0.97
N GLU A 46 3.08 -10.68 1.36
CA GLU A 46 2.85 -11.80 0.46
C GLU A 46 1.37 -11.90 0.11
N ILE A 47 0.90 -10.91 -0.63
CA ILE A 47 -0.49 -10.88 -1.04
C ILE A 47 -0.76 -12.04 -2.01
N LYS A 48 -1.94 -12.01 -2.60
CA LYS A 48 -2.33 -13.05 -3.53
C LYS A 48 -2.75 -12.40 -4.86
N GLN A 49 -2.50 -11.10 -4.95
CA GLN A 49 -2.84 -10.35 -6.15
C GLN A 49 -4.17 -10.84 -6.72
N ILE A 50 -5.20 -10.02 -6.53
CA ILE A 50 -6.53 -10.35 -7.01
C ILE A 50 -6.94 -9.34 -8.09
N LYS A 51 -6.49 -8.10 -7.90
CA LYS A 51 -6.80 -7.05 -8.84
C LYS A 51 -5.59 -6.14 -9.01
N MET A 52 -5.58 -5.41 -10.11
CA MET A 52 -4.49 -4.50 -10.40
C MET A 52 -4.98 -3.23 -11.08
N PHE A 53 -5.73 -2.44 -10.31
CA PHE A 53 -6.28 -1.19 -10.81
C PHE A 53 -5.27 -0.49 -11.73
N LYS A 54 -4.33 0.20 -11.10
CA LYS A 54 -3.31 0.92 -11.84
C LYS A 54 -1.93 0.43 -11.41
N GLY A 55 -1.58 -0.76 -11.88
CA GLY A 55 -0.30 -1.35 -11.55
C GLY A 55 0.48 -1.70 -12.82
N PRO A 56 1.52 -2.57 -12.64
CA PRO A 56 2.35 -2.99 -13.75
C PRO A 56 1.61 -4.01 -14.63
N GLU A 57 2.38 -4.68 -15.48
CA GLU A 57 1.81 -5.67 -16.37
C GLU A 57 2.06 -7.08 -15.81
N LYS A 58 3.20 -7.23 -15.16
CA LYS A 58 3.56 -8.52 -14.57
C LYS A 58 2.70 -8.77 -13.33
N ASP A 59 3.12 -8.15 -12.24
CA ASP A 59 2.41 -8.29 -10.98
C ASP A 59 3.39 -8.15 -9.81
N ILE A 60 2.83 -7.92 -8.63
CA ILE A 60 3.65 -7.76 -7.44
C ILE A 60 3.54 -9.02 -6.59
N GLU A 61 2.44 -9.10 -5.83
CA GLU A 61 2.20 -10.24 -4.96
C GLU A 61 3.08 -10.14 -3.71
N PHE A 62 3.99 -9.19 -3.74
CA PHE A 62 4.89 -8.98 -2.61
C PHE A 62 5.18 -7.50 -2.41
N ILE A 63 4.46 -6.90 -1.47
CA ILE A 63 4.62 -5.50 -1.17
C ILE A 63 5.42 -5.35 0.13
N TYR A 64 5.80 -4.11 0.41
CA TYR A 64 6.57 -3.82 1.62
C TYR A 64 5.86 -2.77 2.47
N THR A 65 6.08 -2.87 3.77
CA THR A 65 5.47 -1.94 4.71
C THR A 65 6.18 -2.01 6.07
N ALA A 66 5.50 -1.50 7.08
CA ALA A 66 6.04 -1.50 8.43
C ALA A 66 5.31 -2.54 9.26
N PRO A 67 6.05 -3.09 10.27
CA PRO A 67 5.49 -4.09 11.15
C PRO A 67 4.53 -3.46 12.16
N SER A 68 4.31 -4.18 13.25
CA SER A 68 3.41 -3.70 14.29
C SER A 68 2.02 -3.41 13.71
N SER A 69 1.19 -2.81 14.53
CA SER A 69 -0.16 -2.47 14.11
C SER A 69 -0.12 -1.34 13.07
N ALA A 70 0.63 -1.60 12.01
CA ALA A 70 0.76 -0.63 10.93
C ALA A 70 1.26 0.69 11.52
N VAL A 71 2.56 0.90 11.42
CA VAL A 71 3.17 2.12 11.92
C VAL A 71 3.54 3.03 10.75
N CYS A 72 4.15 2.43 9.74
CA CYS A 72 4.55 3.17 8.56
C CYS A 72 3.75 2.65 7.37
N GLY A 73 2.68 1.94 7.68
CA GLY A 73 1.81 1.38 6.65
C GLY A 73 0.40 1.17 7.18
N VAL A 74 -0.26 0.17 6.62
CA VAL A 74 -1.62 -0.16 7.03
C VAL A 74 -1.65 -1.59 7.57
N SER A 75 -0.49 -2.20 7.59
CA SER A 75 -0.37 -3.57 8.09
C SER A 75 -1.66 -4.33 7.81
N LEU A 76 -1.75 -4.88 6.61
CA LEU A 76 -2.92 -5.65 6.22
C LEU A 76 -2.59 -7.14 6.24
N ASP A 77 -3.51 -7.90 6.79
CA ASP A 77 -3.33 -9.35 6.89
C ASP A 77 -4.50 -10.05 6.17
N VAL A 78 -5.37 -9.24 5.60
CA VAL A 78 -6.53 -9.77 4.89
C VAL A 78 -7.49 -10.40 5.90
N GLY A 79 -6.95 -11.34 6.67
CA GLY A 79 -7.74 -12.02 7.68
C GLY A 79 -8.36 -11.04 8.67
N GLY A 80 -7.91 -9.79 8.57
CA GLY A 80 -8.41 -8.75 9.44
C GLY A 80 -9.07 -7.63 8.64
N LYS A 81 -8.77 -7.62 7.35
CA LYS A 81 -9.33 -6.61 6.46
C LYS A 81 -10.08 -7.30 5.32
N LYS A 82 -9.34 -7.57 4.25
CA LYS A 82 -9.92 -8.23 3.09
C LYS A 82 -9.01 -8.00 1.87
N GLU A 83 -8.94 -6.76 1.45
CA GLU A 83 -8.11 -6.41 0.30
C GLU A 83 -7.91 -4.89 0.25
N TYR A 84 -6.94 -4.48 -0.57
CA TYR A 84 -6.65 -3.07 -0.73
C TYR A 84 -6.07 -2.78 -2.12
N LEU A 85 -6.30 -1.56 -2.58
CA LEU A 85 -5.80 -1.15 -3.89
C LEU A 85 -4.34 -0.72 -3.76
N ILE A 86 -3.82 -0.84 -2.55
CA ILE A 86 -2.44 -0.47 -2.28
C ILE A 86 -1.89 0.31 -3.47
N ALA A 87 -1.89 1.63 -3.33
CA ALA A 87 -1.40 2.51 -4.39
C ALA A 87 -0.29 3.39 -3.83
N GLY A 88 0.94 3.07 -4.21
CA GLY A 88 2.09 3.82 -3.75
C GLY A 88 3.12 3.99 -4.88
N LYS A 89 3.98 4.99 -4.71
CA LYS A 89 5.00 5.26 -5.70
C LYS A 89 5.51 3.94 -6.28
N ALA A 90 5.53 2.92 -5.43
CA ALA A 90 5.99 1.61 -5.85
C ALA A 90 7.51 1.52 -5.65
N GLU A 91 8.06 0.38 -6.04
CA GLU A 91 9.49 0.15 -5.90
C GLU A 91 10.04 -0.46 -7.19
N GLY A 92 9.25 -1.34 -7.79
CA GLY A 92 9.65 -2.00 -9.01
C GLY A 92 8.65 -3.08 -9.42
N ASP A 93 9.18 -4.22 -9.82
CA ASP A 93 8.34 -5.34 -10.23
C ASP A 93 8.47 -6.47 -9.21
N GLY A 94 7.32 -7.00 -8.81
CA GLY A 94 7.30 -8.09 -7.84
C GLY A 94 7.55 -7.56 -6.43
N LYS A 95 7.72 -6.26 -6.33
CA LYS A 95 7.97 -5.62 -5.05
C LYS A 95 7.86 -4.11 -5.21
N MET A 96 7.12 -3.50 -4.30
CA MET A 96 6.93 -2.06 -4.32
C MET A 96 7.16 -1.45 -2.94
N HIS A 97 6.61 -0.25 -2.74
CA HIS A 97 6.75 0.44 -1.48
C HIS A 97 5.44 1.17 -1.15
N ILE A 98 4.91 0.84 0.02
CA ILE A 98 3.67 1.45 0.47
C ILE A 98 3.79 1.81 1.95
N THR A 99 3.12 2.88 2.33
CA THR A 99 3.14 3.34 3.71
C THR A 99 1.79 3.94 4.10
N LEU A 100 1.61 4.13 5.39
CA LEU A 100 0.38 4.69 5.90
C LEU A 100 0.17 6.09 5.31
N CYS A 101 1.25 6.86 5.31
CA CYS A 101 1.20 8.21 4.77
C CYS A 101 0.88 8.12 3.27
N ASP A 102 1.35 7.03 2.66
CA ASP A 102 1.12 6.82 1.25
C ASP A 102 -0.33 6.39 1.03
N PHE A 103 -0.75 6.43 -0.23
CA PHE A 103 -2.10 6.06 -0.60
C PHE A 103 -2.30 4.55 -0.45
N ILE A 104 -3.17 4.18 0.48
CA ILE A 104 -3.46 2.78 0.72
C ILE A 104 -4.78 2.66 1.50
N VAL A 105 -5.63 1.77 1.04
CA VAL A 105 -6.91 1.55 1.69
C VAL A 105 -7.36 0.10 1.45
N PRO A 106 -8.25 -0.38 2.37
CA PRO A 106 -8.75 -1.74 2.26
C PRO A 106 -9.79 -1.86 1.15
N TRP A 107 -9.88 -0.81 0.35
CA TRP A 107 -10.82 -0.77 -0.75
C TRP A 107 -12.23 -0.60 -0.17
N ASP A 108 -12.61 -1.56 0.65
CA ASP A 108 -13.92 -1.54 1.28
C ASP A 108 -13.96 -0.42 2.32
N THR A 109 -13.61 0.78 1.86
CA THR A 109 -13.61 1.93 2.74
C THR A 109 -13.68 3.22 1.91
N LEU A 110 -12.71 3.36 1.00
CA LEU A 110 -12.66 4.54 0.15
C LEU A 110 -13.66 5.58 0.65
N SER A 111 -14.75 5.71 -0.10
CA SER A 111 -15.78 6.67 0.26
C SER A 111 -16.41 7.26 -1.01
N THR A 112 -15.53 7.57 -1.96
CA THR A 112 -15.98 8.15 -3.22
C THR A 112 -14.82 8.85 -3.93
N THR A 113 -14.32 9.90 -3.29
CA THR A 113 -13.22 10.65 -3.85
C THR A 113 -12.07 9.71 -4.26
N GLN A 114 -12.03 8.58 -3.58
CA GLN A 114 -11.00 7.58 -3.87
C GLN A 114 -11.40 6.71 -5.06
N LYS A 115 -12.71 6.46 -5.15
CA LYS A 115 -13.24 5.64 -6.23
C LYS A 115 -13.15 6.43 -7.54
N LYS A 116 -13.48 7.71 -7.46
CA LYS A 116 -13.45 8.58 -8.62
C LYS A 116 -12.00 8.68 -9.13
N SER A 117 -11.08 8.36 -8.23
CA SER A 117 -9.67 8.41 -8.57
C SER A 117 -9.19 7.03 -9.04
N LEU A 118 -10.03 6.04 -8.80
CA LEU A 118 -9.70 4.67 -9.19
C LEU A 118 -9.91 4.51 -10.70
N ASN A 119 -10.74 5.38 -11.24
CA ASN A 119 -11.03 5.35 -12.67
C ASN A 119 -10.25 6.46 -13.37
N HIS A 120 -9.36 7.08 -12.61
CA HIS A 120 -8.55 8.16 -13.15
C HIS A 120 -7.27 7.59 -13.75
N ARG A 121 -7.29 6.28 -13.97
CA ARG A 121 -6.14 5.60 -14.55
C ARG A 121 -4.94 5.70 -13.60
N TYR A 122 -4.36 6.89 -13.56
CA TYR A 122 -3.22 7.14 -12.71
C TYR A 122 -2.87 8.62 -12.65
N GLN A 123 -3.43 9.29 -11.66
CA GLN A 123 -3.19 10.71 -11.48
C GLN A 123 -3.61 11.48 -12.74
N MET A 124 -4.86 11.26 -13.13
CA MET A 124 -5.40 11.91 -14.31
C MET A 124 -5.65 13.39 -14.04
N GLY A 125 -4.62 14.07 -13.57
CA GLY A 125 -4.72 15.49 -13.27
C GLY A 125 -5.78 15.75 -12.20
N CYS A 126 -6.02 14.73 -11.38
CA CYS A 126 -7.00 14.83 -10.32
C CYS A 126 -6.57 15.96 -9.38
N GLU A 127 -7.24 16.02 -8.25
CA GLU A 127 -6.94 17.05 -7.25
C GLU A 127 -7.84 16.87 -6.02
N CYS A 1 6.23 6.76 7.52
CA CYS A 1 6.10 6.33 8.89
C CYS A 1 5.00 7.16 9.56
N SER A 2 4.92 7.03 10.88
CA SER A 2 3.94 7.76 11.65
C SER A 2 3.56 9.06 10.93
N CYS A 3 2.51 8.98 10.12
CA CYS A 3 2.05 10.13 9.38
C CYS A 3 0.53 10.04 9.24
N SER A 4 -0.11 11.19 9.35
CA SER A 4 -1.56 11.26 9.24
C SER A 4 -1.99 10.87 7.83
N PRO A 5 -2.63 9.68 7.73
CA PRO A 5 -3.11 9.17 6.46
C PRO A 5 -4.36 9.92 6.00
N VAL A 6 -4.15 10.89 5.12
CA VAL A 6 -5.25 11.69 4.61
C VAL A 6 -5.23 11.64 3.08
N HIS A 7 -5.37 12.82 2.48
CA HIS A 7 -5.37 12.93 1.03
C HIS A 7 -6.23 11.81 0.43
N PRO A 8 -7.57 12.06 0.43
CA PRO A 8 -8.51 11.09 -0.12
C PRO A 8 -8.47 11.08 -1.64
N GLN A 9 -7.63 11.95 -2.19
CA GLN A 9 -7.48 12.04 -3.64
C GLN A 9 -6.00 12.12 -4.01
N GLN A 10 -5.28 12.96 -3.27
CA GLN A 10 -3.87 13.14 -3.52
C GLN A 10 -3.12 11.81 -3.35
N ALA A 11 -3.85 10.82 -2.86
CA ALA A 11 -3.27 9.50 -2.64
C ALA A 11 -3.27 8.74 -3.96
N PHE A 12 -4.29 8.98 -4.76
CA PHE A 12 -4.42 8.33 -6.05
C PHE A 12 -3.76 9.15 -7.16
N CYS A 13 -3.12 10.23 -6.75
CA CYS A 13 -2.45 11.11 -7.68
C CYS A 13 -0.95 11.06 -7.41
N ASN A 14 -0.61 10.41 -6.31
CA ASN A 14 0.80 10.28 -5.92
C ASN A 14 1.25 8.84 -6.18
N ALA A 15 0.37 7.91 -5.87
CA ALA A 15 0.67 6.50 -6.07
C ALA A 15 1.14 6.28 -7.50
N ASP A 16 1.61 5.06 -7.76
CA ASP A 16 2.09 4.71 -9.08
C ASP A 16 1.90 3.21 -9.30
N VAL A 17 1.07 2.62 -8.45
CA VAL A 17 0.79 1.18 -8.54
C VAL A 17 -0.42 0.85 -7.68
N VAL A 18 -1.59 0.97 -8.28
CA VAL A 18 -2.83 0.68 -7.58
C VAL A 18 -3.30 -0.73 -7.96
N ILE A 19 -3.36 -1.58 -6.95
CA ILE A 19 -3.80 -2.94 -7.14
C ILE A 19 -4.62 -3.40 -5.93
N ARG A 20 -5.83 -3.86 -6.22
CA ARG A 20 -6.72 -4.33 -5.16
C ARG A 20 -6.30 -5.73 -4.71
N THR A 21 -5.00 -5.93 -4.60
CA THR A 21 -4.46 -7.20 -4.17
C THR A 21 -4.94 -7.54 -2.77
N LYS A 22 -4.57 -8.72 -2.31
CA LYS A 22 -4.96 -9.18 -0.98
C LYS A 22 -3.71 -9.67 -0.24
N ALA A 23 -3.45 -9.02 0.89
CA ALA A 23 -2.30 -9.39 1.70
C ALA A 23 -2.74 -10.38 2.79
N VAL A 24 -2.34 -11.63 2.59
CA VAL A 24 -2.68 -12.68 3.52
C VAL A 24 -1.42 -13.12 4.28
N SER A 25 -0.32 -13.14 3.55
CA SER A 25 0.96 -13.54 4.12
C SER A 25 1.91 -12.35 4.17
N GLU A 26 3.02 -12.54 4.86
CA GLU A 26 4.01 -11.50 5.01
C GLU A 26 5.40 -12.09 5.21
N LYS A 27 6.36 -11.22 5.43
CA LYS A 27 7.73 -11.65 5.65
C LYS A 27 8.45 -10.67 6.57
N GLU A 28 8.80 -11.15 7.75
CA GLU A 28 9.48 -10.33 8.73
C GLU A 28 10.93 -10.09 8.30
N VAL A 29 11.13 -8.99 7.59
CA VAL A 29 12.45 -8.62 7.12
C VAL A 29 12.98 -7.44 7.93
N ASP A 30 13.98 -7.71 8.74
CA ASP A 30 14.58 -6.68 9.58
C ASP A 30 15.25 -5.64 8.68
N SER A 31 15.29 -4.41 9.19
CA SER A 31 15.89 -3.31 8.45
C SER A 31 16.81 -2.51 9.37
N GLY A 32 17.36 -3.19 10.36
CA GLY A 32 18.25 -2.56 11.32
C GLY A 32 17.49 -1.56 12.20
N ASN A 33 18.24 -0.89 13.07
CA ASN A 33 17.65 0.08 13.97
C ASN A 33 17.52 1.42 13.26
N ASP A 34 16.74 2.31 13.87
CA ASP A 34 16.53 3.63 13.30
C ASP A 34 17.48 4.62 13.97
N ILE A 35 17.15 5.89 13.82
CA ILE A 35 17.96 6.95 14.41
C ILE A 35 17.62 7.08 15.90
N TYR A 36 16.69 6.25 16.33
CA TYR A 36 16.27 6.26 17.73
C TYR A 36 16.78 5.04 18.47
N GLY A 37 17.49 4.19 17.74
CA GLY A 37 18.04 2.98 18.30
C GLY A 37 17.03 1.83 18.24
N ASN A 38 15.82 2.17 17.84
CA ASN A 38 14.75 1.19 17.73
C ASN A 38 14.94 0.39 16.44
N PRO A 39 14.45 -0.88 16.47
CA PRO A 39 14.56 -1.76 15.31
C PRO A 39 13.55 -1.36 14.23
N ILE A 40 14.06 -1.19 13.02
CA ILE A 40 13.24 -0.80 11.89
C ILE A 40 12.27 -1.95 11.57
N LYS A 41 12.72 -2.84 10.71
CA LYS A 41 11.91 -3.98 10.31
C LYS A 41 10.79 -3.50 9.39
N ARG A 42 10.72 -4.14 8.22
CA ARG A 42 9.71 -3.80 7.25
C ARG A 42 9.05 -5.06 6.70
N ILE A 43 8.24 -5.67 7.53
CA ILE A 43 7.53 -6.89 7.14
C ILE A 43 7.07 -6.76 5.69
N GLN A 44 7.04 -7.90 5.01
CA GLN A 44 6.61 -7.94 3.62
C GLN A 44 5.09 -8.07 3.53
N TYR A 45 4.61 -8.17 2.30
CA TYR A 45 3.18 -8.32 2.06
C TYR A 45 2.90 -9.37 0.99
N GLU A 46 3.18 -10.61 1.35
CA GLU A 46 2.97 -11.73 0.43
C GLU A 46 1.48 -11.84 0.08
N ILE A 47 1.01 -10.87 -0.69
CA ILE A 47 -0.39 -10.85 -1.10
C ILE A 47 -0.66 -12.04 -2.02
N LYS A 48 -1.86 -12.05 -2.59
CA LYS A 48 -2.24 -13.13 -3.48
C LYS A 48 -2.72 -12.52 -4.81
N GLN A 49 -2.65 -11.20 -4.88
CA GLN A 49 -3.08 -10.49 -6.08
C GLN A 49 -4.52 -10.86 -6.44
N ILE A 50 -5.35 -9.85 -6.54
CA ILE A 50 -6.75 -10.05 -6.88
C ILE A 50 -7.15 -9.09 -7.99
N LYS A 51 -6.50 -7.93 -8.00
CA LYS A 51 -6.76 -6.92 -9.01
C LYS A 51 -5.52 -6.07 -9.21
N MET A 52 -5.56 -5.26 -10.26
CA MET A 52 -4.45 -4.38 -10.59
C MET A 52 -4.93 -3.07 -11.20
N PHE A 53 -5.65 -2.31 -10.38
CA PHE A 53 -6.19 -1.03 -10.82
C PHE A 53 -5.21 -0.34 -11.77
N LYS A 54 -4.21 0.29 -11.18
CA LYS A 54 -3.20 1.00 -11.95
C LYS A 54 -1.81 0.54 -11.52
N GLY A 55 -1.53 -0.72 -11.82
CA GLY A 55 -0.24 -1.31 -11.48
C GLY A 55 0.46 -1.86 -12.72
N PRO A 56 1.39 -2.82 -12.48
CA PRO A 56 2.14 -3.43 -13.56
C PRO A 56 1.27 -4.43 -14.33
N GLU A 57 1.89 -5.08 -15.30
CA GLU A 57 1.18 -6.06 -16.11
C GLU A 57 1.29 -7.45 -15.49
N LYS A 58 2.42 -7.68 -14.83
CA LYS A 58 2.66 -8.96 -14.18
C LYS A 58 1.92 -9.00 -12.84
N ASP A 59 2.52 -8.36 -11.86
CA ASP A 59 1.93 -8.30 -10.53
C ASP A 59 3.04 -8.17 -9.48
N ILE A 60 2.62 -7.92 -8.26
CA ILE A 60 3.57 -7.76 -7.16
C ILE A 60 3.59 -9.05 -6.32
N GLU A 61 2.51 -9.25 -5.58
CA GLU A 61 2.39 -10.42 -4.74
C GLU A 61 3.29 -10.29 -3.52
N PHE A 62 4.09 -9.23 -3.52
CA PHE A 62 5.01 -8.98 -2.42
C PHE A 62 5.22 -7.48 -2.22
N ILE A 63 4.53 -6.94 -1.24
CA ILE A 63 4.64 -5.52 -0.94
C ILE A 63 5.41 -5.34 0.37
N TYR A 64 5.71 -4.08 0.68
CA TYR A 64 6.45 -3.76 1.89
C TYR A 64 5.63 -2.86 2.80
N THR A 65 5.97 -2.90 4.08
CA THR A 65 5.27 -2.10 5.07
C THR A 65 5.90 -2.27 6.45
N ALA A 66 5.19 -1.79 7.46
CA ALA A 66 5.68 -1.89 8.83
C ALA A 66 5.19 -3.21 9.44
N PRO A 67 6.04 -3.77 10.34
CA PRO A 67 5.71 -5.02 10.99
C PRO A 67 4.65 -4.81 12.08
N SER A 68 4.98 -3.91 13.00
CA SER A 68 4.06 -3.60 14.09
C SER A 68 2.65 -3.38 13.55
N SER A 69 1.78 -2.92 14.44
CA SER A 69 0.40 -2.66 14.06
C SER A 69 0.33 -1.50 13.07
N ALA A 70 1.05 -1.65 11.97
CA ALA A 70 1.08 -0.63 10.95
C ALA A 70 1.58 0.68 11.56
N VAL A 71 2.89 0.89 11.46
CA VAL A 71 3.51 2.09 12.00
C VAL A 71 3.91 3.00 10.85
N CYS A 72 4.17 2.39 9.70
CA CYS A 72 4.57 3.13 8.53
C CYS A 72 3.78 2.61 7.33
N GLY A 73 2.75 1.83 7.64
CA GLY A 73 1.91 1.26 6.60
C GLY A 73 0.47 1.08 7.11
N VAL A 74 -0.21 0.11 6.52
CA VAL A 74 -1.59 -0.16 6.90
C VAL A 74 -1.66 -1.53 7.58
N SER A 75 -0.56 -2.26 7.48
CA SER A 75 -0.48 -3.59 8.07
C SER A 75 -1.77 -4.37 7.79
N LEU A 76 -1.80 -4.97 6.61
CA LEU A 76 -2.97 -5.74 6.20
C LEU A 76 -2.62 -7.24 6.22
N ASP A 77 -3.51 -8.01 6.81
CA ASP A 77 -3.31 -9.45 6.91
C ASP A 77 -4.46 -10.17 6.20
N VAL A 78 -5.38 -9.37 5.66
CA VAL A 78 -6.52 -9.92 4.96
C VAL A 78 -7.49 -10.54 5.98
N GLY A 79 -6.95 -11.47 6.75
CA GLY A 79 -7.75 -12.14 7.76
C GLY A 79 -8.44 -11.15 8.69
N GLY A 80 -8.03 -9.89 8.55
CA GLY A 80 -8.59 -8.82 9.36
C GLY A 80 -9.28 -7.77 8.48
N LYS A 81 -8.79 -7.65 7.26
CA LYS A 81 -9.34 -6.69 6.33
C LYS A 81 -9.97 -7.44 5.14
N LYS A 82 -9.17 -7.59 4.10
CA LYS A 82 -9.63 -8.28 2.91
C LYS A 82 -8.66 -8.02 1.76
N GLU A 83 -8.89 -6.90 1.07
CA GLU A 83 -8.03 -6.53 -0.04
C GLU A 83 -7.91 -5.00 -0.12
N TYR A 84 -6.80 -4.56 -0.69
CA TYR A 84 -6.55 -3.14 -0.84
C TYR A 84 -5.99 -2.82 -2.23
N LEU A 85 -6.24 -1.59 -2.67
CA LEU A 85 -5.75 -1.15 -3.96
C LEU A 85 -4.30 -0.70 -3.85
N ILE A 86 -3.76 -0.86 -2.64
CA ILE A 86 -2.39 -0.47 -2.39
C ILE A 86 -1.85 0.33 -3.57
N ALA A 87 -1.79 1.64 -3.39
CA ALA A 87 -1.30 2.52 -4.44
C ALA A 87 -0.21 3.43 -3.86
N GLY A 88 1.01 3.18 -4.27
CA GLY A 88 2.15 3.96 -3.81
C GLY A 88 3.18 4.13 -4.92
N LYS A 89 4.22 4.91 -4.60
CA LYS A 89 5.28 5.16 -5.56
C LYS A 89 5.66 3.85 -6.25
N ALA A 90 5.66 2.78 -5.45
CA ALA A 90 6.00 1.46 -5.97
C ALA A 90 7.52 1.29 -5.96
N GLU A 91 7.95 0.09 -6.32
CA GLU A 91 9.37 -0.22 -6.35
C GLU A 91 9.72 -0.96 -7.63
N GLY A 92 8.74 -1.05 -8.52
CA GLY A 92 8.93 -1.73 -9.79
C GLY A 92 7.86 -2.80 -10.00
N ASP A 93 8.32 -4.03 -10.18
CA ASP A 93 7.42 -5.15 -10.39
C ASP A 93 7.78 -6.29 -9.43
N GLY A 94 6.75 -6.99 -8.98
CA GLY A 94 6.95 -8.10 -8.06
C GLY A 94 7.20 -7.60 -6.64
N LYS A 95 7.28 -6.28 -6.51
CA LYS A 95 7.52 -5.65 -5.22
C LYS A 95 7.42 -4.14 -5.36
N MET A 96 6.90 -3.51 -4.32
CA MET A 96 6.76 -2.06 -4.31
C MET A 96 6.91 -1.50 -2.89
N HIS A 97 6.57 -0.23 -2.76
CA HIS A 97 6.66 0.44 -1.47
C HIS A 97 5.32 1.10 -1.14
N ILE A 98 4.85 0.83 0.07
CA ILE A 98 3.59 1.38 0.52
C ILE A 98 3.70 1.74 2.01
N THR A 99 3.13 2.88 2.36
CA THR A 99 3.16 3.35 3.73
C THR A 99 1.81 3.95 4.11
N LEU A 100 1.59 4.06 5.43
CA LEU A 100 0.35 4.62 5.93
C LEU A 100 0.14 6.02 5.33
N CYS A 101 1.21 6.79 5.33
CA CYS A 101 1.16 8.14 4.80
C CYS A 101 0.85 8.05 3.30
N ASP A 102 1.36 6.99 2.68
CA ASP A 102 1.14 6.78 1.27
C ASP A 102 -0.30 6.34 1.03
N PHE A 103 -0.71 6.39 -0.23
CA PHE A 103 -2.06 6.00 -0.59
C PHE A 103 -2.26 4.49 -0.45
N ILE A 104 -3.16 4.12 0.44
CA ILE A 104 -3.45 2.72 0.68
C ILE A 104 -4.78 2.59 1.44
N VAL A 105 -5.59 1.64 0.99
CA VAL A 105 -6.88 1.42 1.61
C VAL A 105 -7.34 -0.01 1.32
N PRO A 106 -8.24 -0.52 2.20
CA PRO A 106 -8.77 -1.86 2.04
C PRO A 106 -9.79 -1.93 0.90
N TRP A 107 -9.85 -0.84 0.14
CA TRP A 107 -10.77 -0.75 -0.98
C TRP A 107 -12.19 -0.62 -0.40
N ASP A 108 -12.58 -1.62 0.37
CA ASP A 108 -13.90 -1.62 0.98
C ASP A 108 -13.96 -0.54 2.05
N THR A 109 -13.58 0.67 1.65
CA THR A 109 -13.58 1.79 2.57
C THR A 109 -13.63 3.12 1.80
N LEU A 110 -12.65 3.28 0.92
CA LEU A 110 -12.57 4.49 0.11
C LEU A 110 -13.58 5.52 0.63
N SER A 111 -14.64 5.69 -0.14
CA SER A 111 -15.69 6.64 0.23
C SER A 111 -16.29 7.27 -1.02
N THR A 112 -15.41 7.61 -1.95
CA THR A 112 -15.85 8.22 -3.20
C THR A 112 -14.68 8.93 -3.89
N THR A 113 -14.20 9.97 -3.23
CA THR A 113 -13.09 10.75 -3.76
C THR A 113 -11.95 9.82 -4.18
N GLN A 114 -11.93 8.64 -3.57
CA GLN A 114 -10.90 7.66 -3.88
C GLN A 114 -11.32 6.81 -5.08
N LYS A 115 -12.62 6.56 -5.17
CA LYS A 115 -13.16 5.76 -6.25
C LYS A 115 -13.08 6.57 -7.55
N LYS A 116 -13.40 7.85 -7.44
CA LYS A 116 -13.38 8.73 -8.58
C LYS A 116 -11.95 8.83 -9.12
N SER A 117 -11.01 8.46 -8.26
CA SER A 117 -9.61 8.50 -8.63
C SER A 117 -9.16 7.14 -9.17
N LEU A 118 -10.02 6.14 -8.95
CA LEU A 118 -9.74 4.80 -9.40
C LEU A 118 -9.83 4.74 -10.93
N ASN A 119 -10.67 5.62 -11.46
CA ASN A 119 -10.87 5.68 -12.90
C ASN A 119 -10.01 6.81 -13.48
N HIS A 120 -9.07 7.27 -12.67
CA HIS A 120 -8.18 8.34 -13.09
C HIS A 120 -6.86 7.75 -13.58
N ARG A 121 -6.85 6.44 -13.74
CA ARG A 121 -5.66 5.75 -14.20
C ARG A 121 -4.50 6.00 -13.24
N TYR A 122 -3.85 7.13 -13.42
CA TYR A 122 -2.72 7.50 -12.59
C TYR A 122 -2.54 9.02 -12.55
N GLN A 123 -3.14 9.62 -11.52
CA GLN A 123 -3.06 11.06 -11.36
C GLN A 123 -3.56 11.77 -12.62
N MET A 124 -4.75 11.39 -13.05
CA MET A 124 -5.35 11.98 -14.23
C MET A 124 -5.75 13.44 -13.97
N GLY A 125 -4.76 14.21 -13.56
CA GLY A 125 -4.99 15.62 -13.28
C GLY A 125 -6.06 15.80 -12.20
N CYS A 126 -6.17 14.79 -11.35
CA CYS A 126 -7.14 14.84 -10.28
C CYS A 126 -6.84 16.03 -9.38
N GLU A 127 -7.48 16.05 -8.22
CA GLU A 127 -7.28 17.13 -7.27
C GLU A 127 -8.11 16.88 -6.02
N CYS A 1 5.48 5.99 8.33
CA CYS A 1 5.65 5.84 9.77
C CYS A 1 4.68 6.79 10.46
N SER A 2 5.19 7.47 11.48
CA SER A 2 4.38 8.40 12.24
C SER A 2 4.01 9.60 11.37
N CYS A 3 3.37 9.30 10.24
CA CYS A 3 2.96 10.34 9.32
C CYS A 3 1.44 10.50 9.43
N SER A 4 0.97 11.67 9.02
CA SER A 4 -0.45 11.96 9.06
C SER A 4 -1.12 11.56 7.74
N PRO A 5 -1.98 10.51 7.83
CA PRO A 5 -2.68 10.01 6.66
C PRO A 5 -3.81 10.96 6.26
N VAL A 6 -3.79 11.36 5.00
CA VAL A 6 -4.81 12.26 4.48
C VAL A 6 -4.92 12.07 2.97
N HIS A 7 -4.95 13.20 2.27
CA HIS A 7 -5.07 13.18 0.82
C HIS A 7 -5.99 12.04 0.40
N PRO A 8 -7.31 12.37 0.33
CA PRO A 8 -8.32 11.39 -0.07
C PRO A 8 -8.27 11.13 -1.57
N GLN A 9 -7.79 12.13 -2.30
CA GLN A 9 -7.68 12.03 -3.74
C GLN A 9 -6.23 12.13 -4.18
N GLN A 10 -5.48 12.96 -3.47
CA GLN A 10 -4.07 13.15 -3.77
C GLN A 10 -3.30 11.85 -3.52
N ALA A 11 -4.00 10.88 -2.95
CA ALA A 11 -3.38 9.60 -2.65
C ALA A 11 -3.40 8.74 -3.92
N PHE A 12 -4.47 8.88 -4.69
CA PHE A 12 -4.62 8.12 -5.92
C PHE A 12 -3.97 8.86 -7.10
N CYS A 13 -3.35 9.99 -6.78
CA CYS A 13 -2.69 10.79 -7.79
C CYS A 13 -1.18 10.76 -7.52
N ASN A 14 -0.84 10.31 -6.33
CA ASN A 14 0.56 10.24 -5.93
C ASN A 14 1.08 8.82 -6.18
N ALA A 15 0.20 7.86 -5.93
CA ALA A 15 0.56 6.46 -6.12
C ALA A 15 1.06 6.26 -7.55
N ASP A 16 1.54 5.05 -7.81
CA ASP A 16 2.06 4.72 -9.12
C ASP A 16 1.89 3.21 -9.36
N VAL A 17 1.08 2.60 -8.51
CA VAL A 17 0.83 1.17 -8.62
C VAL A 17 -0.37 0.81 -7.75
N VAL A 18 -1.56 0.94 -8.35
CA VAL A 18 -2.79 0.62 -7.64
C VAL A 18 -3.25 -0.78 -8.04
N ILE A 19 -3.32 -1.65 -7.03
CA ILE A 19 -3.75 -3.02 -7.26
C ILE A 19 -4.58 -3.50 -6.06
N ARG A 20 -5.77 -3.99 -6.37
CA ARG A 20 -6.66 -4.48 -5.34
C ARG A 20 -6.23 -5.88 -4.88
N THR A 21 -4.92 -6.06 -4.77
CA THR A 21 -4.37 -7.34 -4.35
C THR A 21 -4.85 -7.68 -2.94
N LYS A 22 -4.51 -8.89 -2.52
CA LYS A 22 -4.89 -9.36 -1.19
C LYS A 22 -3.64 -9.81 -0.44
N ALA A 23 -3.40 -9.17 0.69
CA ALA A 23 -2.25 -9.51 1.51
C ALA A 23 -2.68 -10.50 2.60
N VAL A 24 -2.29 -11.75 2.40
CA VAL A 24 -2.62 -12.80 3.34
C VAL A 24 -1.35 -13.24 4.07
N SER A 25 -0.27 -13.31 3.32
CA SER A 25 1.01 -13.72 3.88
C SER A 25 1.97 -12.52 3.93
N GLU A 26 3.00 -12.67 4.75
CA GLU A 26 3.99 -11.61 4.89
C GLU A 26 5.36 -12.21 5.20
N LYS A 27 6.31 -11.32 5.47
CA LYS A 27 7.66 -11.75 5.79
C LYS A 27 8.34 -10.68 6.64
N GLU A 28 8.61 -11.04 7.89
CA GLU A 28 9.26 -10.12 8.81
C GLU A 28 10.74 -10.00 8.48
N VAL A 29 11.05 -9.01 7.65
CA VAL A 29 12.42 -8.77 7.25
C VAL A 29 12.99 -7.61 8.07
N ASP A 30 13.44 -7.95 9.28
CA ASP A 30 14.01 -6.95 10.16
C ASP A 30 14.99 -6.08 9.39
N SER A 31 14.98 -4.79 9.71
CA SER A 31 15.85 -3.84 9.05
C SER A 31 16.65 -3.06 10.09
N GLY A 32 16.93 -3.72 11.21
CA GLY A 32 17.68 -3.10 12.28
C GLY A 32 16.95 -1.86 12.81
N ASN A 33 17.64 -1.12 13.67
CA ASN A 33 17.08 0.08 14.26
C ASN A 33 17.26 1.25 13.30
N ASP A 34 16.52 2.31 13.57
CA ASP A 34 16.60 3.50 12.73
C ASP A 34 17.58 4.49 13.35
N ILE A 35 17.47 5.74 12.91
CA ILE A 35 18.35 6.79 13.42
C ILE A 35 17.82 7.28 14.77
N TYR A 36 16.74 6.67 15.20
CA TYR A 36 16.13 7.02 16.47
C TYR A 36 16.36 5.93 17.51
N GLY A 37 17.03 4.87 17.08
CA GLY A 37 17.32 3.76 17.97
C GLY A 37 16.18 2.74 17.96
N ASN A 38 15.09 3.13 17.32
CA ASN A 38 13.92 2.26 17.24
C ASN A 38 14.16 1.20 16.16
N PRO A 39 13.48 0.04 16.34
CA PRO A 39 13.61 -1.06 15.39
C PRO A 39 12.84 -0.76 14.10
N ILE A 40 13.54 -0.92 12.99
CA ILE A 40 12.94 -0.68 11.68
C ILE A 40 11.95 -1.80 11.36
N LYS A 41 12.45 -2.79 10.65
CA LYS A 41 11.62 -3.93 10.27
C LYS A 41 10.63 -3.49 9.19
N ARG A 42 10.69 -4.17 8.06
CA ARG A 42 9.79 -3.87 6.95
C ARG A 42 9.05 -5.13 6.50
N ILE A 43 8.17 -5.60 7.36
CA ILE A 43 7.39 -6.79 7.06
C ILE A 43 6.99 -6.78 5.59
N GLN A 44 6.97 -7.97 5.00
CA GLN A 44 6.61 -8.11 3.60
C GLN A 44 5.09 -8.24 3.46
N TYR A 45 4.65 -8.32 2.20
CA TYR A 45 3.24 -8.43 1.92
C TYR A 45 2.98 -9.49 0.83
N GLU A 46 3.25 -10.73 1.19
CA GLU A 46 3.06 -11.84 0.27
C GLU A 46 1.58 -11.96 -0.11
N ILE A 47 1.10 -10.97 -0.85
CA ILE A 47 -0.28 -10.95 -1.28
C ILE A 47 -0.53 -12.14 -2.21
N LYS A 48 -1.74 -12.17 -2.77
CA LYS A 48 -2.11 -13.23 -3.68
C LYS A 48 -2.57 -12.63 -5.01
N GLN A 49 -2.50 -11.31 -5.07
CA GLN A 49 -2.91 -10.60 -6.28
C GLN A 49 -4.32 -11.01 -6.69
N ILE A 50 -5.21 -10.03 -6.73
CA ILE A 50 -6.59 -10.28 -7.09
C ILE A 50 -7.01 -9.28 -8.18
N LYS A 51 -6.39 -8.11 -8.13
CA LYS A 51 -6.69 -7.07 -9.10
C LYS A 51 -5.46 -6.17 -9.26
N MET A 52 -5.47 -5.41 -10.35
CA MET A 52 -4.37 -4.51 -10.63
C MET A 52 -4.87 -3.23 -11.30
N PHE A 53 -5.60 -2.43 -10.53
CA PHE A 53 -6.14 -1.19 -11.03
C PHE A 53 -5.13 -0.48 -11.94
N LYS A 54 -4.17 0.18 -11.30
CA LYS A 54 -3.14 0.90 -12.03
C LYS A 54 -1.76 0.39 -11.59
N GLY A 55 -1.45 -0.83 -12.01
CA GLY A 55 -0.18 -1.44 -11.67
C GLY A 55 0.51 -1.98 -12.92
N PRO A 56 1.49 -2.90 -12.69
CA PRO A 56 2.23 -3.50 -13.78
C PRO A 56 1.38 -4.54 -14.52
N GLU A 57 2.01 -5.19 -15.49
CA GLU A 57 1.33 -6.21 -16.28
C GLU A 57 1.51 -7.58 -15.64
N LYS A 58 2.68 -7.77 -15.03
CA LYS A 58 2.98 -9.03 -14.38
C LYS A 58 2.23 -9.12 -13.04
N ASP A 59 2.79 -8.45 -12.05
CA ASP A 59 2.18 -8.44 -10.73
C ASP A 59 3.27 -8.30 -9.66
N ILE A 60 2.84 -8.06 -8.44
CA ILE A 60 3.76 -7.90 -7.33
C ILE A 60 3.77 -9.19 -6.49
N GLU A 61 2.70 -9.36 -5.75
CA GLU A 61 2.56 -10.54 -4.89
C GLU A 61 3.49 -10.42 -3.68
N PHE A 62 4.32 -9.40 -3.70
CA PHE A 62 5.25 -9.15 -2.61
C PHE A 62 5.50 -7.66 -2.42
N ILE A 63 4.75 -7.08 -1.50
CA ILE A 63 4.87 -5.66 -1.20
C ILE A 63 5.60 -5.49 0.13
N TYR A 64 6.01 -4.25 0.39
CA TYR A 64 6.72 -3.94 1.62
C TYR A 64 5.93 -2.93 2.46
N THR A 65 6.10 -3.04 3.77
CA THR A 65 5.41 -2.14 4.69
C THR A 65 6.06 -2.20 6.07
N ALA A 66 5.38 -1.61 7.04
CA ALA A 66 5.87 -1.59 8.41
C ALA A 66 5.06 -2.56 9.26
N PRO A 67 5.75 -3.16 10.27
CA PRO A 67 5.12 -4.11 11.16
C PRO A 67 4.20 -3.40 12.15
N SER A 68 3.91 -4.10 13.25
CA SER A 68 3.05 -3.55 14.28
C SER A 68 1.69 -3.17 13.67
N SER A 69 0.90 -2.47 14.46
CA SER A 69 -0.42 -2.05 14.03
C SER A 69 -0.29 -0.99 12.94
N ALA A 70 0.45 -1.33 11.90
CA ALA A 70 0.67 -0.42 10.79
C ALA A 70 1.21 0.91 11.32
N VAL A 71 2.53 1.00 11.33
CA VAL A 71 3.19 2.21 11.80
C VAL A 71 3.61 3.06 10.61
N CYS A 72 4.12 2.39 9.59
CA CYS A 72 4.55 3.07 8.39
C CYS A 72 3.76 2.52 7.20
N GLY A 73 2.71 1.78 7.53
CA GLY A 73 1.86 1.19 6.50
C GLY A 73 0.45 0.97 7.02
N VAL A 74 -0.22 -0.02 6.43
CA VAL A 74 -1.58 -0.33 6.83
C VAL A 74 -1.62 -1.75 7.41
N SER A 75 -0.45 -2.39 7.39
CA SER A 75 -0.34 -3.74 7.91
C SER A 75 -1.63 -4.53 7.62
N LEU A 76 -1.68 -5.09 6.42
CA LEU A 76 -2.85 -5.86 6.01
C LEU A 76 -2.50 -7.35 6.06
N ASP A 77 -3.42 -8.13 6.60
CA ASP A 77 -3.23 -9.57 6.70
C ASP A 77 -4.39 -10.29 6.00
N VAL A 78 -5.30 -9.49 5.46
CA VAL A 78 -6.45 -10.03 4.77
C VAL A 78 -7.40 -10.67 5.80
N GLY A 79 -6.87 -11.60 6.55
CA GLY A 79 -7.65 -12.28 7.57
C GLY A 79 -8.35 -11.27 8.49
N GLY A 80 -7.94 -10.02 8.37
CA GLY A 80 -8.51 -8.96 9.19
C GLY A 80 -9.20 -7.92 8.31
N LYS A 81 -8.70 -7.80 7.08
CA LYS A 81 -9.26 -6.84 6.14
C LYS A 81 -9.90 -7.59 4.97
N LYS A 82 -9.11 -7.78 3.93
CA LYS A 82 -9.59 -8.47 2.74
C LYS A 82 -8.64 -8.19 1.57
N GLU A 83 -8.84 -7.04 0.95
CA GLU A 83 -8.02 -6.65 -0.18
C GLU A 83 -7.89 -5.13 -0.24
N TYR A 84 -6.82 -4.68 -0.88
CA TYR A 84 -6.56 -3.25 -1.00
C TYR A 84 -5.99 -2.92 -2.38
N LEU A 85 -6.24 -1.69 -2.81
CA LEU A 85 -5.76 -1.24 -4.10
C LEU A 85 -4.30 -0.80 -3.97
N ILE A 86 -3.78 -0.93 -2.76
CA ILE A 86 -2.40 -0.55 -2.49
C ILE A 86 -1.86 0.26 -3.67
N ALA A 87 -1.86 1.57 -3.49
CA ALA A 87 -1.37 2.46 -4.53
C ALA A 87 -0.28 3.37 -3.95
N GLY A 88 0.95 3.08 -4.33
CA GLY A 88 2.08 3.86 -3.86
C GLY A 88 3.12 4.05 -4.97
N LYS A 89 4.03 4.99 -4.73
CA LYS A 89 5.07 5.28 -5.70
C LYS A 89 5.57 3.98 -6.31
N ALA A 90 5.50 2.92 -5.52
CA ALA A 90 5.93 1.61 -5.97
C ALA A 90 7.45 1.49 -5.78
N GLU A 91 7.98 0.35 -6.18
CA GLU A 91 9.40 0.10 -6.07
C GLU A 91 9.93 -0.52 -7.36
N GLY A 92 9.12 -1.40 -7.94
CA GLY A 92 9.50 -2.08 -9.17
C GLY A 92 8.50 -3.18 -9.52
N ASP A 93 9.02 -4.25 -10.09
CA ASP A 93 8.20 -5.38 -10.47
C ASP A 93 8.38 -6.51 -9.46
N GLY A 94 7.25 -7.07 -9.04
CA GLY A 94 7.27 -8.16 -8.08
C GLY A 94 7.39 -7.62 -6.65
N LYS A 95 7.58 -6.32 -6.56
CA LYS A 95 7.71 -5.67 -5.25
C LYS A 95 7.62 -4.16 -5.43
N MET A 96 7.00 -3.52 -4.45
CA MET A 96 6.83 -2.08 -4.49
C MET A 96 7.05 -1.46 -3.10
N HIS A 97 6.51 -0.27 -2.93
CA HIS A 97 6.64 0.43 -1.66
C HIS A 97 5.30 1.09 -1.31
N ILE A 98 4.81 0.77 -0.13
CA ILE A 98 3.55 1.32 0.34
C ILE A 98 3.66 1.65 1.83
N THR A 99 3.06 2.77 2.20
CA THR A 99 3.09 3.21 3.58
C THR A 99 1.74 3.81 3.98
N LEU A 100 1.54 3.95 5.28
CA LEU A 100 0.31 4.51 5.80
C LEU A 100 0.11 5.92 5.23
N CYS A 101 1.19 6.68 5.22
CA CYS A 101 1.15 8.03 4.70
C CYS A 101 0.81 7.97 3.22
N ASP A 102 1.27 6.91 2.58
CA ASP A 102 1.03 6.72 1.16
C ASP A 102 -0.43 6.26 0.95
N PHE A 103 -0.86 6.32 -0.30
CA PHE A 103 -2.20 5.92 -0.64
C PHE A 103 -2.37 4.40 -0.53
N ILE A 104 -3.24 4.00 0.40
CA ILE A 104 -3.50 2.58 0.61
C ILE A 104 -4.80 2.42 1.39
N VAL A 105 -5.63 1.51 0.91
CA VAL A 105 -6.91 1.25 1.56
C VAL A 105 -7.37 -0.17 1.21
N PRO A 106 -8.24 -0.72 2.09
CA PRO A 106 -8.76 -2.06 1.90
C PRO A 106 -9.82 -2.09 0.79
N TRP A 107 -9.88 -0.98 0.07
CA TRP A 107 -10.84 -0.86 -1.02
C TRP A 107 -12.24 -0.72 -0.40
N ASP A 108 -12.63 -1.76 0.34
CA ASP A 108 -13.93 -1.76 0.98
C ASP A 108 -13.94 -0.74 2.11
N THR A 109 -13.54 0.49 1.77
CA THR A 109 -13.50 1.56 2.74
C THR A 109 -13.53 2.91 2.04
N LEU A 110 -12.56 3.10 1.14
CA LEU A 110 -12.46 4.34 0.40
C LEU A 110 -13.39 5.38 1.03
N SER A 111 -14.50 5.63 0.35
CA SER A 111 -15.48 6.60 0.83
C SER A 111 -16.16 7.28 -0.36
N THR A 112 -15.36 7.62 -1.35
CA THR A 112 -15.88 8.28 -2.54
C THR A 112 -14.76 9.01 -3.28
N THR A 113 -14.21 10.00 -2.60
CA THR A 113 -13.13 10.79 -3.17
C THR A 113 -11.98 9.88 -3.63
N GLN A 114 -11.92 8.71 -3.02
CA GLN A 114 -10.89 7.74 -3.36
C GLN A 114 -11.27 6.98 -4.64
N LYS A 115 -12.57 6.72 -4.76
CA LYS A 115 -13.08 6.01 -5.92
C LYS A 115 -12.93 6.88 -7.16
N LYS A 116 -13.36 8.13 -7.01
CA LYS A 116 -13.29 9.08 -8.11
C LYS A 116 -11.83 9.32 -8.48
N SER A 117 -10.94 8.82 -7.64
CA SER A 117 -9.52 8.97 -7.86
C SER A 117 -8.91 7.62 -8.26
N LEU A 118 -9.69 6.56 -8.05
CA LEU A 118 -9.24 5.23 -8.39
C LEU A 118 -9.78 4.84 -9.76
N ASN A 119 -10.74 5.63 -10.23
CA ASN A 119 -11.34 5.39 -11.53
C ASN A 119 -10.60 6.20 -12.59
N HIS A 120 -10.03 7.31 -12.15
CA HIS A 120 -9.29 8.17 -13.05
C HIS A 120 -7.83 7.69 -13.14
N ARG A 121 -7.68 6.43 -13.50
CA ARG A 121 -6.37 5.84 -13.63
C ARG A 121 -5.67 5.79 -12.26
N TYR A 122 -4.81 6.78 -12.04
CA TYR A 122 -4.07 6.86 -10.79
C TYR A 122 -3.32 8.19 -10.69
N GLN A 123 -3.75 9.14 -11.50
CA GLN A 123 -3.13 10.46 -11.51
C GLN A 123 -3.64 11.28 -12.68
N MET A 124 -4.97 11.34 -12.79
CA MET A 124 -5.60 12.09 -13.86
C MET A 124 -5.48 13.60 -13.62
N GLY A 125 -4.24 14.03 -13.41
CA GLY A 125 -3.97 15.44 -13.16
C GLY A 125 -4.90 16.00 -12.09
N CYS A 126 -5.43 15.10 -11.28
CA CYS A 126 -6.34 15.49 -10.21
C CYS A 126 -5.57 16.40 -9.26
N GLU A 127 -6.21 16.69 -8.12
CA GLU A 127 -5.61 17.55 -7.13
C GLU A 127 -6.54 17.68 -5.91
N CYS A 1 5.54 6.01 9.15
CA CYS A 1 5.73 5.83 10.58
C CYS A 1 4.88 6.87 11.31
N SER A 2 3.82 6.40 11.94
CA SER A 2 2.93 7.29 12.67
C SER A 2 2.47 8.44 11.77
N CYS A 3 2.72 8.26 10.48
CA CYS A 3 2.34 9.27 9.51
C CYS A 3 0.84 9.56 9.68
N SER A 4 0.33 10.38 8.77
CA SER A 4 -1.08 10.74 8.80
C SER A 4 -1.71 10.51 7.42
N PRO A 5 -2.56 9.45 7.34
CA PRO A 5 -3.22 9.11 6.10
C PRO A 5 -4.37 10.09 5.81
N VAL A 6 -4.27 10.75 4.66
CA VAL A 6 -5.28 11.71 4.26
C VAL A 6 -5.38 11.74 2.74
N HIS A 7 -5.43 12.95 2.21
CA HIS A 7 -5.52 13.13 0.77
C HIS A 7 -6.28 11.96 0.15
N PRO A 8 -7.62 12.16 0.00
CA PRO A 8 -8.48 11.13 -0.57
C PRO A 8 -8.29 11.05 -2.08
N GLN A 9 -7.92 12.19 -2.67
CA GLN A 9 -7.71 12.25 -4.11
C GLN A 9 -6.21 12.36 -4.41
N GLN A 10 -5.50 13.02 -3.52
CA GLN A 10 -4.07 13.20 -3.68
C GLN A 10 -3.34 11.88 -3.41
N ALA A 11 -4.11 10.90 -2.99
CA ALA A 11 -3.55 9.58 -2.69
C ALA A 11 -3.44 8.77 -3.98
N PHE A 12 -4.41 8.99 -4.86
CA PHE A 12 -4.43 8.29 -6.13
C PHE A 12 -3.69 9.08 -7.21
N CYS A 13 -3.27 10.29 -6.83
CA CYS A 13 -2.55 11.15 -7.76
C CYS A 13 -1.06 11.08 -7.41
N ASN A 14 -0.77 10.47 -6.27
CA ASN A 14 0.60 10.34 -5.83
C ASN A 14 1.07 8.91 -6.07
N ALA A 15 0.19 7.96 -5.80
CA ALA A 15 0.50 6.56 -5.98
C ALA A 15 0.99 6.33 -7.41
N ASP A 16 1.49 5.12 -7.65
CA ASP A 16 2.00 4.77 -8.96
C ASP A 16 1.80 3.28 -9.20
N VAL A 17 0.98 2.68 -8.36
CA VAL A 17 0.70 1.26 -8.46
C VAL A 17 -0.51 0.92 -7.59
N VAL A 18 -1.68 0.99 -8.20
CA VAL A 18 -2.92 0.70 -7.50
C VAL A 18 -3.38 -0.72 -7.87
N ILE A 19 -3.46 -1.56 -6.85
CA ILE A 19 -3.88 -2.93 -7.04
C ILE A 19 -4.71 -3.38 -5.83
N ARG A 20 -5.93 -3.83 -6.12
CA ARG A 20 -6.81 -4.30 -5.06
C ARG A 20 -6.39 -5.69 -4.59
N THR A 21 -5.08 -5.87 -4.49
CA THR A 21 -4.54 -7.14 -4.04
C THR A 21 -4.99 -7.45 -2.61
N LYS A 22 -4.68 -8.66 -2.18
CA LYS A 22 -5.05 -9.09 -0.84
C LYS A 22 -3.80 -9.60 -0.12
N ALA A 23 -3.50 -8.96 1.00
CA ALA A 23 -2.35 -9.33 1.80
C ALA A 23 -2.77 -10.34 2.86
N VAL A 24 -2.37 -11.59 2.64
CA VAL A 24 -2.72 -12.65 3.57
C VAL A 24 -1.45 -13.11 4.29
N SER A 25 -0.34 -13.12 3.55
CA SER A 25 0.93 -13.52 4.11
C SER A 25 1.90 -12.34 4.13
N GLU A 26 2.97 -12.51 4.89
CA GLU A 26 3.97 -11.46 5.01
C GLU A 26 5.36 -12.08 5.22
N LYS A 27 6.32 -11.21 5.45
CA LYS A 27 7.70 -11.65 5.67
C LYS A 27 8.42 -10.62 6.54
N GLU A 28 8.74 -11.04 7.76
CA GLU A 28 9.44 -10.16 8.69
C GLU A 28 10.91 -10.04 8.30
N VAL A 29 11.18 -9.06 7.45
CA VAL A 29 12.53 -8.82 6.99
C VAL A 29 13.18 -7.74 7.86
N ASP A 30 13.63 -8.15 9.03
CA ASP A 30 14.26 -7.23 9.97
C ASP A 30 15.24 -6.34 9.20
N SER A 31 15.26 -5.07 9.59
CA SER A 31 16.14 -4.10 8.96
C SER A 31 16.98 -3.39 10.01
N GLY A 32 17.28 -4.12 11.08
CA GLY A 32 18.08 -3.57 12.17
C GLY A 32 17.42 -2.32 12.74
N ASN A 33 18.18 -1.63 13.59
CA ASN A 33 17.69 -0.41 14.21
C ASN A 33 17.91 0.77 13.26
N ASP A 34 17.22 1.86 13.55
CA ASP A 34 17.32 3.06 12.73
C ASP A 34 18.37 3.99 13.35
N ILE A 35 18.30 5.25 12.95
CA ILE A 35 19.23 6.26 13.44
C ILE A 35 18.77 6.73 14.81
N TYR A 36 17.67 6.14 15.28
CA TYR A 36 17.12 6.50 16.57
C TYR A 36 17.36 5.37 17.60
N GLY A 37 17.97 4.30 17.12
CA GLY A 37 18.26 3.16 17.98
C GLY A 37 17.08 2.19 18.00
N ASN A 38 15.98 2.63 17.41
CA ASN A 38 14.78 1.81 17.36
C ASN A 38 14.92 0.77 16.24
N PRO A 39 14.21 -0.38 16.43
CA PRO A 39 14.25 -1.45 15.45
C PRO A 39 13.42 -1.08 14.20
N ILE A 40 14.05 -1.26 13.05
CA ILE A 40 13.39 -0.95 11.79
C ILE A 40 12.36 -2.05 11.48
N LYS A 41 12.82 -3.03 10.72
CA LYS A 41 11.96 -4.15 10.33
C LYS A 41 10.92 -3.66 9.33
N ARG A 42 10.91 -4.31 8.17
CA ARG A 42 9.98 -3.95 7.11
C ARG A 42 9.21 -5.19 6.64
N ILE A 43 8.28 -5.64 7.47
CA ILE A 43 7.49 -6.81 7.15
C ILE A 43 7.03 -6.72 5.69
N GLN A 44 7.02 -7.86 5.04
CA GLN A 44 6.60 -7.93 3.64
C GLN A 44 5.08 -8.06 3.55
N TYR A 45 4.60 -8.16 2.31
CA TYR A 45 3.18 -8.28 2.07
C TYR A 45 2.89 -9.34 1.02
N GLU A 46 3.17 -10.58 1.38
CA GLU A 46 2.95 -11.70 0.47
C GLU A 46 1.46 -11.81 0.12
N ILE A 47 0.98 -10.83 -0.62
CA ILE A 47 -0.42 -10.80 -1.04
C ILE A 47 -0.68 -11.97 -2.00
N LYS A 48 -1.89 -12.00 -2.53
CA LYS A 48 -2.29 -13.04 -3.46
C LYS A 48 -2.67 -12.41 -4.79
N GLN A 49 -2.63 -11.09 -4.82
CA GLN A 49 -2.97 -10.35 -6.03
C GLN A 49 -4.33 -10.80 -6.56
N ILE A 50 -5.32 -9.93 -6.42
CA ILE A 50 -6.66 -10.22 -6.87
C ILE A 50 -7.05 -9.25 -7.98
N LYS A 51 -6.57 -8.02 -7.85
CA LYS A 51 -6.85 -6.99 -8.83
C LYS A 51 -5.63 -6.07 -8.97
N MET A 52 -5.59 -5.36 -10.07
CA MET A 52 -4.50 -4.44 -10.34
C MET A 52 -5.00 -3.15 -10.98
N PHE A 53 -5.74 -2.38 -10.19
CA PHE A 53 -6.28 -1.12 -10.65
C PHE A 53 -5.32 -0.43 -11.61
N LYS A 54 -4.33 0.25 -11.02
CA LYS A 54 -3.34 0.95 -11.82
C LYS A 54 -1.93 0.51 -11.37
N GLY A 55 -1.59 -0.71 -11.75
CA GLY A 55 -0.30 -1.25 -11.40
C GLY A 55 0.50 -1.62 -12.65
N PRO A 56 1.56 -2.46 -12.44
CA PRO A 56 2.39 -2.89 -13.53
C PRO A 56 1.69 -3.95 -14.39
N GLU A 57 2.44 -4.52 -15.32
CA GLU A 57 1.90 -5.54 -16.20
C GLU A 57 2.19 -6.93 -15.64
N LYS A 58 3.34 -7.04 -14.98
CA LYS A 58 3.74 -8.31 -14.40
C LYS A 58 2.89 -8.59 -13.16
N ASP A 59 3.26 -7.93 -12.07
CA ASP A 59 2.53 -8.11 -10.82
C ASP A 59 3.51 -7.95 -9.64
N ILE A 60 2.94 -7.76 -8.47
CA ILE A 60 3.74 -7.59 -7.26
C ILE A 60 3.66 -8.87 -6.43
N GLU A 61 2.56 -9.00 -5.71
CA GLU A 61 2.35 -10.16 -4.87
C GLU A 61 3.24 -10.09 -3.62
N PHE A 62 4.12 -9.10 -3.64
CA PHE A 62 5.04 -8.90 -2.52
C PHE A 62 5.28 -7.41 -2.27
N ILE A 63 4.49 -6.85 -1.36
CA ILE A 63 4.61 -5.45 -1.02
C ILE A 63 5.43 -5.31 0.27
N TYR A 64 5.76 -4.06 0.58
CA TYR A 64 6.54 -3.78 1.78
C TYR A 64 5.80 -2.78 2.68
N THR A 65 6.13 -2.84 3.96
CA THR A 65 5.53 -1.95 4.93
C THR A 65 6.23 -2.06 6.28
N ALA A 66 5.55 -1.60 7.31
CA ALA A 66 6.10 -1.64 8.66
C ALA A 66 5.36 -2.71 9.48
N PRO A 67 6.09 -3.28 10.47
CA PRO A 67 5.52 -4.30 11.33
C PRO A 67 4.56 -3.69 12.35
N SER A 68 4.29 -4.45 13.39
CA SER A 68 3.39 -3.99 14.44
C SER A 68 2.02 -3.66 13.84
N SER A 69 1.17 -3.09 14.69
CA SER A 69 -0.17 -2.71 14.25
C SER A 69 -0.09 -1.55 13.26
N ALA A 70 0.64 -1.79 12.18
CA ALA A 70 0.80 -0.79 11.15
C ALA A 70 1.32 0.51 11.78
N VAL A 71 2.60 0.76 11.56
CA VAL A 71 3.24 1.96 12.11
C VAL A 71 3.61 2.90 10.96
N CYS A 72 4.18 2.30 9.91
CA CYS A 72 4.59 3.07 8.75
C CYS A 72 3.76 2.59 7.54
N GLY A 73 2.73 1.82 7.85
CA GLY A 73 1.87 1.29 6.80
C GLY A 73 0.45 1.06 7.34
N VAL A 74 -0.27 0.16 6.66
CA VAL A 74 -1.63 -0.16 7.06
C VAL A 74 -1.67 -1.58 7.59
N SER A 75 -0.50 -2.21 7.63
CA SER A 75 -0.39 -3.57 8.13
C SER A 75 -1.67 -4.34 7.81
N LEU A 76 -1.69 -4.94 6.63
CA LEU A 76 -2.84 -5.72 6.19
C LEU A 76 -2.48 -7.19 6.18
N ASP A 77 -3.35 -7.99 6.80
CA ASP A 77 -3.13 -9.43 6.86
C ASP A 77 -4.33 -10.15 6.23
N VAL A 78 -5.26 -9.35 5.73
CA VAL A 78 -6.45 -9.89 5.10
C VAL A 78 -7.35 -10.51 6.19
N GLY A 79 -6.77 -11.43 6.94
CA GLY A 79 -7.50 -12.10 8.00
C GLY A 79 -8.16 -11.08 8.94
N GLY A 80 -7.75 -9.83 8.79
CA GLY A 80 -8.28 -8.75 9.61
C GLY A 80 -8.99 -7.71 8.76
N LYS A 81 -8.49 -7.55 7.53
CA LYS A 81 -9.06 -6.59 6.60
C LYS A 81 -9.77 -7.34 5.47
N LYS A 82 -9.04 -7.52 4.38
CA LYS A 82 -9.58 -8.21 3.22
C LYS A 82 -8.68 -7.96 2.02
N GLU A 83 -8.87 -6.80 1.40
CA GLU A 83 -8.09 -6.43 0.23
C GLU A 83 -7.92 -4.92 0.16
N TYR A 84 -6.91 -4.49 -0.57
CA TYR A 84 -6.63 -3.07 -0.72
C TYR A 84 -6.07 -2.77 -2.11
N LEU A 85 -6.29 -1.54 -2.55
CA LEU A 85 -5.81 -1.11 -3.86
C LEU A 85 -4.36 -0.65 -3.72
N ILE A 86 -3.82 -0.80 -2.52
CA ILE A 86 -2.46 -0.39 -2.26
C ILE A 86 -1.92 0.40 -3.45
N ALA A 87 -1.90 1.72 -3.28
CA ALA A 87 -1.41 2.60 -4.33
C ALA A 87 -0.35 3.54 -3.76
N GLY A 88 0.89 3.30 -4.16
CA GLY A 88 2.00 4.10 -3.70
C GLY A 88 3.03 4.31 -4.81
N LYS A 89 4.10 5.00 -4.46
CA LYS A 89 5.16 5.28 -5.41
C LYS A 89 5.56 3.98 -6.11
N ALA A 90 5.57 2.91 -5.33
CA ALA A 90 5.93 1.61 -5.88
C ALA A 90 7.45 1.46 -5.89
N GLU A 91 7.89 0.26 -6.22
CA GLU A 91 9.31 -0.03 -6.27
C GLU A 91 9.68 -0.70 -7.60
N GLY A 92 8.67 -0.86 -8.44
CA GLY A 92 8.86 -1.50 -9.73
C GLY A 92 7.82 -2.58 -9.98
N ASP A 93 8.30 -3.80 -10.17
CA ASP A 93 7.42 -4.92 -10.41
C ASP A 93 7.81 -6.09 -9.50
N GLY A 94 6.79 -6.79 -9.02
CA GLY A 94 7.02 -7.92 -8.14
C GLY A 94 7.27 -7.44 -6.70
N LYS A 95 7.34 -6.14 -6.54
CA LYS A 95 7.56 -5.55 -5.23
C LYS A 95 7.48 -4.02 -5.33
N MET A 96 6.88 -3.42 -4.31
CA MET A 96 6.73 -1.98 -4.28
C MET A 96 6.87 -1.45 -2.85
N HIS A 97 6.56 -0.17 -2.70
CA HIS A 97 6.65 0.46 -1.40
C HIS A 97 5.32 1.15 -1.06
N ILE A 98 4.82 0.86 0.12
CA ILE A 98 3.57 1.44 0.57
C ILE A 98 3.67 1.78 2.06
N THR A 99 3.21 2.98 2.39
CA THR A 99 3.25 3.45 3.76
C THR A 99 1.88 4.00 4.18
N LEU A 100 1.70 4.14 5.49
CA LEU A 100 0.46 4.65 6.02
C LEU A 100 0.26 6.09 5.56
N CYS A 101 1.37 6.74 5.25
CA CYS A 101 1.34 8.11 4.79
C CYS A 101 0.96 8.12 3.31
N ASP A 102 1.35 7.06 2.63
CA ASP A 102 1.06 6.94 1.21
C ASP A 102 -0.39 6.50 1.03
N PHE A 103 -0.83 6.52 -0.22
CA PHE A 103 -2.19 6.14 -0.55
C PHE A 103 -2.38 4.62 -0.40
N ILE A 104 -3.31 4.26 0.48
CA ILE A 104 -3.60 2.85 0.72
C ILE A 104 -4.92 2.73 1.48
N VAL A 105 -5.71 1.75 1.08
CA VAL A 105 -7.00 1.52 1.71
C VAL A 105 -7.44 0.08 1.46
N PRO A 106 -8.34 -0.42 2.34
CA PRO A 106 -8.86 -1.76 2.21
C PRO A 106 -9.87 -1.87 1.06
N TRP A 107 -9.95 -0.79 0.29
CA TRP A 107 -10.87 -0.75 -0.82
C TRP A 107 -12.29 -0.60 -0.27
N ASP A 108 -12.67 -1.57 0.55
CA ASP A 108 -14.00 -1.57 1.15
C ASP A 108 -14.07 -0.44 2.17
N THR A 109 -13.72 0.75 1.73
CA THR A 109 -13.73 1.92 2.60
C THR A 109 -13.78 3.20 1.76
N LEU A 110 -12.80 3.33 0.88
CA LEU A 110 -12.71 4.50 0.02
C LEU A 110 -13.69 5.56 0.51
N SER A 111 -14.76 5.74 -0.25
CA SER A 111 -15.76 6.72 0.10
C SER A 111 -16.38 7.32 -1.18
N THR A 112 -15.52 7.56 -2.15
CA THR A 112 -15.96 8.13 -3.42
C THR A 112 -14.78 8.78 -4.14
N THR A 113 -14.28 9.85 -3.55
CA THR A 113 -13.16 10.57 -4.13
C THR A 113 -12.03 9.61 -4.50
N GLN A 114 -12.00 8.50 -3.79
CA GLN A 114 -10.98 7.49 -4.04
C GLN A 114 -11.39 6.59 -5.21
N LYS A 115 -12.70 6.45 -5.37
CA LYS A 115 -13.23 5.63 -6.45
C LYS A 115 -13.13 6.40 -7.77
N LYS A 116 -13.47 7.68 -7.70
CA LYS A 116 -13.43 8.52 -8.87
C LYS A 116 -11.99 8.60 -9.38
N SER A 117 -11.06 8.30 -8.49
CA SER A 117 -9.65 8.33 -8.84
C SER A 117 -9.21 6.97 -9.37
N LEU A 118 -10.10 5.99 -9.21
CA LEU A 118 -9.81 4.64 -9.66
C LEU A 118 -9.94 4.58 -11.18
N ASN A 119 -10.77 5.47 -11.72
CA ASN A 119 -10.99 5.54 -13.15
C ASN A 119 -10.19 6.70 -13.73
N HIS A 120 -9.25 7.19 -12.94
CA HIS A 120 -8.42 8.30 -13.37
C HIS A 120 -7.19 7.77 -14.12
N ARG A 121 -7.15 6.44 -14.25
CA ARG A 121 -6.05 5.80 -14.95
C ARG A 121 -4.77 5.90 -14.12
N TYR A 122 -4.39 7.14 -13.83
CA TYR A 122 -3.19 7.39 -13.04
C TYR A 122 -2.91 8.89 -12.93
N GLN A 123 -3.38 9.47 -11.83
CA GLN A 123 -3.20 10.89 -11.59
C GLN A 123 -3.61 11.70 -12.83
N MET A 124 -4.81 11.41 -13.31
CA MET A 124 -5.33 12.09 -14.48
C MET A 124 -5.64 13.56 -14.16
N GLY A 125 -4.63 14.25 -13.66
CA GLY A 125 -4.79 15.66 -13.31
C GLY A 125 -5.76 15.83 -12.15
N CYS A 126 -6.13 14.70 -11.56
CA CYS A 126 -7.06 14.71 -10.45
C CYS A 126 -6.53 15.69 -9.40
N GLU A 127 -7.32 15.87 -8.34
CA GLU A 127 -6.95 16.77 -7.27
C GLU A 127 -8.02 16.78 -6.18
N CYS A 1 7.68 6.22 13.12
CA CYS A 1 6.85 7.13 12.35
C CYS A 1 5.41 7.00 12.85
N SER A 2 4.50 7.60 12.10
CA SER A 2 3.09 7.55 12.46
C SER A 2 2.33 8.65 11.71
N CYS A 3 2.49 8.66 10.40
CA CYS A 3 1.84 9.64 9.56
C CYS A 3 0.34 9.29 9.50
N SER A 4 -0.32 9.85 8.50
CA SER A 4 -1.74 9.61 8.32
C SER A 4 -2.10 9.63 6.83
N PRO A 5 -2.68 8.50 6.36
CA PRO A 5 -3.06 8.37 4.97
C PRO A 5 -4.32 9.18 4.67
N VAL A 6 -4.14 10.49 4.53
CA VAL A 6 -5.25 11.37 4.25
C VAL A 6 -5.42 11.50 2.73
N HIS A 7 -5.56 12.74 2.28
CA HIS A 7 -5.73 13.00 0.86
C HIS A 7 -6.53 11.86 0.22
N PRO A 8 -7.87 12.05 0.18
CA PRO A 8 -8.75 11.04 -0.39
C PRO A 8 -8.68 11.06 -1.92
N GLN A 9 -7.76 11.87 -2.43
CA GLN A 9 -7.56 11.99 -3.86
C GLN A 9 -6.07 12.12 -4.19
N GLN A 10 -5.39 12.94 -3.42
CA GLN A 10 -3.97 13.14 -3.62
C GLN A 10 -3.19 11.85 -3.36
N ALA A 11 -3.92 10.85 -2.88
CA ALA A 11 -3.32 9.57 -2.58
C ALA A 11 -3.23 8.74 -3.88
N PHE A 12 -4.20 8.97 -4.75
CA PHE A 12 -4.24 8.26 -6.02
C PHE A 12 -3.52 9.05 -7.11
N CYS A 13 -3.08 10.25 -6.74
CA CYS A 13 -2.37 11.10 -7.66
C CYS A 13 -0.88 11.04 -7.34
N ASN A 14 -0.59 10.41 -6.22
CA ASN A 14 0.79 10.26 -5.77
C ASN A 14 1.28 8.84 -6.04
N ALA A 15 0.39 7.89 -5.77
CA ALA A 15 0.71 6.49 -5.97
C ALA A 15 1.19 6.29 -7.41
N ASP A 16 1.72 5.10 -7.66
CA ASP A 16 2.22 4.77 -8.99
C ASP A 16 1.96 3.28 -9.26
N VAL A 17 1.16 2.68 -8.40
CA VAL A 17 0.83 1.27 -8.54
C VAL A 17 -0.37 0.95 -7.65
N VAL A 18 -1.55 1.01 -8.25
CA VAL A 18 -2.77 0.73 -7.51
C VAL A 18 -3.25 -0.68 -7.87
N ILE A 19 -3.32 -1.52 -6.85
CA ILE A 19 -3.76 -2.89 -7.04
C ILE A 19 -4.60 -3.33 -5.84
N ARG A 20 -5.81 -3.78 -6.14
CA ARG A 20 -6.73 -4.22 -5.11
C ARG A 20 -6.36 -5.63 -4.65
N THR A 21 -5.07 -5.87 -4.52
CA THR A 21 -4.58 -7.16 -4.09
C THR A 21 -5.03 -7.45 -2.66
N LYS A 22 -4.75 -8.67 -2.22
CA LYS A 22 -5.12 -9.09 -0.88
C LYS A 22 -3.88 -9.63 -0.16
N ALA A 23 -3.55 -8.98 0.95
CA ALA A 23 -2.40 -9.38 1.74
C ALA A 23 -2.84 -10.37 2.81
N VAL A 24 -2.49 -11.63 2.59
CA VAL A 24 -2.84 -12.68 3.54
C VAL A 24 -1.58 -13.15 4.26
N SER A 25 -0.49 -13.16 3.53
CA SER A 25 0.79 -13.58 4.08
C SER A 25 1.77 -12.42 4.09
N GLU A 26 2.86 -12.60 4.83
CA GLU A 26 3.88 -11.58 4.93
C GLU A 26 5.25 -12.21 5.21
N LYS A 27 6.25 -11.36 5.28
CA LYS A 27 7.61 -11.82 5.52
C LYS A 27 8.34 -10.81 6.42
N GLU A 28 8.63 -11.25 7.64
CA GLU A 28 9.32 -10.40 8.59
C GLU A 28 10.79 -10.27 8.22
N VAL A 29 11.10 -9.19 7.52
CA VAL A 29 12.46 -8.93 7.09
C VAL A 29 13.00 -7.71 7.82
N ASP A 30 13.99 -7.94 8.67
CA ASP A 30 14.59 -6.86 9.43
C ASP A 30 15.25 -5.87 8.48
N SER A 31 15.38 -4.64 8.95
CA SER A 31 16.00 -3.59 8.15
C SER A 31 16.93 -2.75 9.02
N GLY A 32 17.39 -3.35 10.09
CA GLY A 32 18.30 -2.67 11.02
C GLY A 32 17.54 -1.64 11.85
N ASN A 33 18.29 -0.97 12.71
CA ASN A 33 17.71 0.04 13.58
C ASN A 33 17.62 1.37 12.82
N ASP A 34 16.84 2.28 13.38
CA ASP A 34 16.66 3.59 12.77
C ASP A 34 17.60 4.59 13.44
N ILE A 35 17.29 5.86 13.25
CA ILE A 35 18.10 6.93 13.83
C ILE A 35 17.71 7.10 15.30
N TYR A 36 16.76 6.29 15.73
CA TYR A 36 16.30 6.34 17.11
C TYR A 36 16.78 5.13 17.90
N GLY A 37 17.50 4.26 17.21
CA GLY A 37 18.03 3.06 17.83
C GLY A 37 17.02 1.92 17.77
N ASN A 38 15.81 2.26 17.34
CA ASN A 38 14.74 1.28 17.24
C ASN A 38 14.94 0.46 15.96
N PRO A 39 14.41 -0.80 16.00
CA PRO A 39 14.54 -1.70 14.87
C PRO A 39 13.57 -1.29 13.75
N ILE A 40 14.13 -1.17 12.55
CA ILE A 40 13.33 -0.79 11.40
C ILE A 40 12.31 -1.89 11.10
N LYS A 41 12.77 -2.87 10.33
CA LYS A 41 11.91 -3.99 9.96
C LYS A 41 10.89 -3.52 8.92
N ARG A 42 10.86 -4.24 7.81
CA ARG A 42 9.94 -3.92 6.74
C ARG A 42 9.18 -5.16 6.30
N ILE A 43 8.35 -5.67 7.20
CA ILE A 43 7.56 -6.85 6.93
C ILE A 43 7.09 -6.81 5.47
N GLN A 44 7.03 -7.99 4.88
CA GLN A 44 6.61 -8.12 3.49
C GLN A 44 5.08 -8.20 3.40
N TYR A 45 4.60 -8.33 2.18
CA TYR A 45 3.17 -8.42 1.95
C TYR A 45 2.84 -9.49 0.91
N GLU A 46 3.08 -10.73 1.29
CA GLU A 46 2.83 -11.86 0.40
C GLU A 46 1.34 -11.95 0.07
N ILE A 47 0.86 -10.95 -0.65
CA ILE A 47 -0.54 -10.90 -1.04
C ILE A 47 -0.85 -12.08 -1.97
N LYS A 48 -2.04 -12.04 -2.55
CA LYS A 48 -2.46 -13.10 -3.45
C LYS A 48 -2.92 -12.48 -4.78
N GLN A 49 -2.81 -11.16 -4.84
CA GLN A 49 -3.20 -10.44 -6.05
C GLN A 49 -4.59 -10.88 -6.50
N ILE A 50 -5.52 -9.93 -6.43
CA ILE A 50 -6.90 -10.21 -6.83
C ILE A 50 -7.31 -9.21 -7.92
N LYS A 51 -6.74 -8.02 -7.84
CA LYS A 51 -7.03 -6.98 -8.81
C LYS A 51 -5.78 -6.13 -9.04
N MET A 52 -5.83 -5.34 -10.10
CA MET A 52 -4.71 -4.48 -10.45
C MET A 52 -5.20 -3.17 -11.06
N PHE A 53 -5.77 -2.33 -10.20
CA PHE A 53 -6.28 -1.04 -10.64
C PHE A 53 -5.30 -0.35 -11.61
N LYS A 54 -4.29 0.27 -11.03
CA LYS A 54 -3.28 0.96 -11.81
C LYS A 54 -1.89 0.46 -11.40
N GLY A 55 -1.58 -0.75 -11.84
CA GLY A 55 -0.28 -1.35 -11.53
C GLY A 55 0.38 -1.91 -12.79
N PRO A 56 1.41 -2.75 -12.57
CA PRO A 56 2.14 -3.36 -13.67
C PRO A 56 1.32 -4.47 -14.32
N GLU A 57 1.89 -5.04 -15.38
CA GLU A 57 1.23 -6.11 -16.09
C GLU A 57 1.28 -7.41 -15.29
N LYS A 58 2.40 -7.59 -14.60
CA LYS A 58 2.58 -8.78 -13.79
C LYS A 58 1.76 -8.65 -12.50
N ASP A 59 2.37 -8.03 -11.50
CA ASP A 59 1.71 -7.83 -10.22
C ASP A 59 2.76 -7.77 -9.11
N ILE A 60 2.32 -7.34 -7.94
CA ILE A 60 3.20 -7.22 -6.80
C ILE A 60 2.68 -8.10 -5.66
N GLU A 61 2.90 -9.39 -5.81
CA GLU A 61 2.45 -10.35 -4.82
C GLU A 61 3.29 -10.22 -3.54
N PHE A 62 4.30 -9.36 -3.63
CA PHE A 62 5.18 -9.13 -2.49
C PHE A 62 5.44 -7.64 -2.30
N ILE A 63 4.61 -7.02 -1.47
CA ILE A 63 4.73 -5.60 -1.19
C ILE A 63 5.53 -5.41 0.10
N TYR A 64 5.94 -4.17 0.33
CA TYR A 64 6.71 -3.84 1.52
C TYR A 64 5.96 -2.84 2.40
N THR A 65 6.14 -3.00 3.70
CA THR A 65 5.48 -2.12 4.66
C THR A 65 6.17 -2.22 6.02
N ALA A 66 5.54 -1.61 7.01
CA ALA A 66 6.08 -1.61 8.37
C ALA A 66 5.32 -2.65 9.21
N PRO A 67 6.05 -3.23 10.19
CA PRO A 67 5.46 -4.23 11.07
C PRO A 67 4.53 -3.57 12.10
N SER A 68 4.30 -4.29 13.18
CA SER A 68 3.44 -3.80 14.24
C SER A 68 2.02 -3.60 13.72
N SER A 69 1.26 -2.79 14.44
CA SER A 69 -0.12 -2.52 14.05
C SER A 69 -0.14 -1.43 12.97
N ALA A 70 0.91 -1.41 12.17
CA ALA A 70 1.02 -0.43 11.10
C ALA A 70 1.62 0.87 11.65
N VAL A 71 2.94 0.94 11.60
CA VAL A 71 3.65 2.11 12.09
C VAL A 71 4.00 3.02 10.91
N CYS A 72 4.41 2.40 9.83
CA CYS A 72 4.77 3.13 8.63
C CYS A 72 3.97 2.58 7.46
N GLY A 73 2.89 1.90 7.80
CA GLY A 73 2.02 1.31 6.79
C GLY A 73 0.61 1.08 7.34
N VAL A 74 -0.12 0.19 6.68
CA VAL A 74 -1.48 -0.13 7.09
C VAL A 74 -1.52 -1.56 7.62
N SER A 75 -0.36 -2.21 7.57
CA SER A 75 -0.26 -3.58 8.04
C SER A 75 -1.56 -4.32 7.78
N LEU A 76 -1.66 -4.90 6.59
CA LEU A 76 -2.84 -5.64 6.19
C LEU A 76 -2.53 -7.13 6.22
N ASP A 77 -3.48 -7.90 6.76
CA ASP A 77 -3.32 -9.34 6.84
C ASP A 77 -4.49 -10.02 6.14
N VAL A 78 -5.38 -9.20 5.61
CA VAL A 78 -6.54 -9.71 4.91
C VAL A 78 -7.50 -10.35 5.92
N GLY A 79 -6.96 -11.33 6.64
CA GLY A 79 -7.75 -12.05 7.63
C GLY A 79 -8.49 -11.06 8.55
N GLY A 80 -8.06 -9.82 8.49
CA GLY A 80 -8.68 -8.77 9.30
C GLY A 80 -9.38 -7.74 8.42
N LYS A 81 -8.82 -7.54 7.24
CA LYS A 81 -9.38 -6.59 6.30
C LYS A 81 -10.09 -7.33 5.16
N LYS A 82 -9.35 -7.57 4.10
CA LYS A 82 -9.88 -8.28 2.95
C LYS A 82 -8.98 -8.03 1.73
N GLU A 83 -8.86 -6.77 1.37
CA GLU A 83 -8.03 -6.39 0.24
C GLU A 83 -7.83 -4.88 0.22
N TYR A 84 -6.88 -4.46 -0.62
CA TYR A 84 -6.57 -3.04 -0.74
C TYR A 84 -6.00 -2.73 -2.13
N LEU A 85 -6.21 -1.49 -2.56
CA LEU A 85 -5.72 -1.06 -3.85
C LEU A 85 -4.25 -0.62 -3.71
N ILE A 86 -3.74 -0.77 -2.51
CA ILE A 86 -2.35 -0.40 -2.23
C ILE A 86 -1.80 0.39 -3.42
N ALA A 87 -1.76 1.70 -3.25
CA ALA A 87 -1.25 2.57 -4.29
C ALA A 87 -0.20 3.51 -3.69
N GLY A 88 1.04 3.29 -4.10
CA GLY A 88 2.15 4.10 -3.62
C GLY A 88 3.20 4.29 -4.71
N LYS A 89 4.14 5.17 -4.43
CA LYS A 89 5.20 5.46 -5.38
C LYS A 89 5.69 4.16 -6.01
N ALA A 90 5.59 3.09 -5.23
CA ALA A 90 6.02 1.78 -5.69
C ALA A 90 7.51 1.62 -5.45
N GLU A 91 8.02 0.46 -5.86
CA GLU A 91 9.43 0.16 -5.68
C GLU A 91 9.98 -0.55 -6.93
N GLY A 92 9.09 -0.80 -7.87
CA GLY A 92 9.46 -1.47 -9.09
C GLY A 92 8.42 -2.53 -9.48
N ASP A 93 8.92 -3.75 -9.66
CA ASP A 93 8.04 -4.85 -10.02
C ASP A 93 8.25 -6.00 -9.03
N GLY A 94 7.17 -6.73 -8.78
CA GLY A 94 7.21 -7.85 -7.87
C GLY A 94 7.33 -7.37 -6.42
N LYS A 95 7.40 -6.06 -6.27
CA LYS A 95 7.51 -5.46 -4.95
C LYS A 95 7.54 -3.93 -5.09
N MET A 96 6.81 -3.28 -4.19
CA MET A 96 6.73 -1.84 -4.20
C MET A 96 6.93 -1.26 -2.79
N HIS A 97 6.48 -0.03 -2.62
CA HIS A 97 6.60 0.63 -1.33
C HIS A 97 5.28 1.29 -0.97
N ILE A 98 4.77 0.92 0.20
CA ILE A 98 3.51 1.46 0.69
C ILE A 98 3.63 1.74 2.18
N THR A 99 3.17 2.93 2.56
CA THR A 99 3.21 3.34 3.95
C THR A 99 1.86 3.94 4.37
N LEU A 100 1.71 4.13 5.68
CA LEU A 100 0.49 4.68 6.22
C LEU A 100 0.34 6.13 5.75
N CYS A 101 1.48 6.74 5.45
CA CYS A 101 1.49 8.13 4.99
C CYS A 101 1.18 8.13 3.50
N ASP A 102 1.44 7.00 2.86
CA ASP A 102 1.19 6.85 1.44
C ASP A 102 -0.26 6.42 1.22
N PHE A 103 -0.66 6.46 -0.04
CA PHE A 103 -2.02 6.08 -0.40
C PHE A 103 -2.21 4.57 -0.26
N ILE A 104 -3.14 4.20 0.60
CA ILE A 104 -3.43 2.80 0.85
C ILE A 104 -4.75 2.68 1.60
N VAL A 105 -5.58 1.76 1.14
CA VAL A 105 -6.88 1.54 1.77
C VAL A 105 -7.32 0.10 1.51
N PRO A 106 -8.23 -0.39 2.40
CA PRO A 106 -8.73 -1.75 2.27
C PRO A 106 -9.75 -1.85 1.13
N TRP A 107 -9.85 -0.77 0.38
CA TRP A 107 -10.78 -0.72 -0.74
C TRP A 107 -12.19 -0.58 -0.18
N ASP A 108 -12.58 -1.55 0.62
CA ASP A 108 -13.90 -1.54 1.23
C ASP A 108 -13.98 -0.41 2.25
N THR A 109 -13.62 0.77 1.80
CA THR A 109 -13.65 1.95 2.66
C THR A 109 -13.70 3.22 1.81
N LEU A 110 -12.75 3.33 0.90
CA LEU A 110 -12.69 4.49 0.03
C LEU A 110 -13.73 5.52 0.48
N SER A 111 -14.78 5.64 -0.33
CA SER A 111 -15.85 6.58 -0.03
C SER A 111 -16.41 7.15 -1.33
N THR A 112 -15.52 7.45 -2.25
CA THR A 112 -15.91 8.01 -3.53
C THR A 112 -14.72 8.72 -4.19
N THR A 113 -14.29 9.80 -3.55
CA THR A 113 -13.17 10.57 -4.06
C THR A 113 -12.01 9.65 -4.42
N GLN A 114 -11.97 8.49 -3.76
CA GLN A 114 -10.92 7.52 -4.00
C GLN A 114 -11.28 6.64 -5.20
N LYS A 115 -12.58 6.41 -5.35
CA LYS A 115 -13.08 5.59 -6.44
C LYS A 115 -12.94 6.36 -7.76
N LYS A 116 -13.26 7.65 -7.68
CA LYS A 116 -13.19 8.51 -8.85
C LYS A 116 -11.74 8.59 -9.33
N SER A 117 -10.83 8.26 -8.42
CA SER A 117 -9.42 8.29 -8.73
C SER A 117 -8.94 6.90 -9.18
N LEU A 118 -9.86 5.94 -9.09
CA LEU A 118 -9.55 4.58 -9.47
C LEU A 118 -9.64 4.46 -11.00
N ASN A 119 -10.46 5.31 -11.59
CA ASN A 119 -10.64 5.30 -13.03
C ASN A 119 -9.87 6.48 -13.64
N HIS A 120 -9.05 7.10 -12.81
CA HIS A 120 -8.26 8.23 -13.26
C HIS A 120 -7.00 7.73 -13.98
N ARG A 121 -6.96 6.42 -14.17
CA ARG A 121 -5.83 5.80 -14.85
C ARG A 121 -4.58 5.91 -13.98
N TYR A 122 -4.18 7.14 -13.71
CA TYR A 122 -3.00 7.40 -12.90
C TYR A 122 -2.72 8.90 -12.79
N GLN A 123 -3.24 9.49 -11.73
CA GLN A 123 -3.05 10.91 -11.50
C GLN A 123 -3.46 11.70 -12.73
N MET A 124 -4.66 11.41 -13.22
CA MET A 124 -5.18 12.09 -14.39
C MET A 124 -5.52 13.55 -14.08
N GLY A 125 -4.53 14.26 -13.56
CA GLY A 125 -4.72 15.66 -13.21
C GLY A 125 -5.75 15.81 -12.10
N CYS A 126 -5.99 14.71 -11.40
CA CYS A 126 -6.96 14.72 -10.31
C CYS A 126 -6.54 15.78 -9.29
N GLU A 127 -7.30 15.85 -8.21
CA GLU A 127 -7.00 16.81 -7.16
C GLU A 127 -8.00 16.65 -6.01
N CYS A 1 5.25 5.66 9.52
CA CYS A 1 5.81 5.94 10.84
C CYS A 1 4.94 7.02 11.50
N SER A 2 3.87 6.56 12.13
CA SER A 2 2.95 7.46 12.80
C SER A 2 2.48 8.55 11.84
N CYS A 3 2.70 8.30 10.56
CA CYS A 3 2.31 9.24 9.54
C CYS A 3 0.82 9.54 9.69
N SER A 4 0.31 10.39 8.81
CA SER A 4 -1.09 10.76 8.84
C SER A 4 -1.70 10.60 7.45
N PRO A 5 -2.56 9.54 7.32
CA PRO A 5 -3.22 9.27 6.06
C PRO A 5 -4.35 10.27 5.80
N VAL A 6 -4.33 10.84 4.60
CA VAL A 6 -5.35 11.80 4.22
C VAL A 6 -5.48 11.81 2.70
N HIS A 7 -5.53 13.03 2.15
CA HIS A 7 -5.65 13.19 0.71
C HIS A 7 -6.50 12.06 0.14
N PRO A 8 -7.84 12.29 0.12
CA PRO A 8 -8.77 11.32 -0.40
C PRO A 8 -8.72 11.26 -1.93
N GLN A 9 -7.81 12.04 -2.48
CA GLN A 9 -7.66 12.10 -3.93
C GLN A 9 -6.17 12.20 -4.29
N GLN A 10 -5.47 13.05 -3.58
CA GLN A 10 -4.05 13.25 -3.81
C GLN A 10 -3.28 11.96 -3.52
N ALA A 11 -4.00 10.98 -3.00
CA ALA A 11 -3.40 9.70 -2.68
C ALA A 11 -3.34 8.83 -3.94
N PHE A 12 -4.37 8.96 -4.77
CA PHE A 12 -4.44 8.21 -6.00
C PHE A 12 -3.74 8.94 -7.14
N CYS A 13 -3.31 10.16 -6.84
CA CYS A 13 -2.62 10.98 -7.82
C CYS A 13 -1.12 10.91 -7.52
N ASN A 14 -0.81 10.49 -6.31
CA ASN A 14 0.59 10.39 -5.90
C ASN A 14 1.08 8.96 -6.16
N ALA A 15 0.22 8.00 -5.84
CA ALA A 15 0.56 6.60 -6.03
C ALA A 15 0.99 6.39 -7.49
N ASP A 16 1.47 5.18 -7.75
CA ASP A 16 1.93 4.83 -9.09
C ASP A 16 1.76 3.32 -9.30
N VAL A 17 0.97 2.72 -8.43
CA VAL A 17 0.71 1.30 -8.50
C VAL A 17 -0.48 0.94 -7.61
N VAL A 18 -1.67 1.03 -8.20
CA VAL A 18 -2.88 0.73 -7.47
C VAL A 18 -3.34 -0.69 -7.83
N ILE A 19 -3.36 -1.54 -6.82
CA ILE A 19 -3.77 -2.93 -7.00
C ILE A 19 -4.59 -3.38 -5.79
N ARG A 20 -5.79 -3.88 -6.08
CA ARG A 20 -6.68 -4.35 -5.03
C ARG A 20 -6.23 -5.73 -4.54
N THR A 21 -4.92 -5.88 -4.43
CA THR A 21 -4.34 -7.14 -3.98
C THR A 21 -4.78 -7.44 -2.54
N LYS A 22 -4.61 -8.70 -2.16
CA LYS A 22 -4.98 -9.12 -0.82
C LYS A 22 -3.74 -9.63 -0.09
N ALA A 23 -3.44 -8.99 1.04
CA ALA A 23 -2.29 -9.36 1.84
C ALA A 23 -2.73 -10.36 2.92
N VAL A 24 -2.38 -11.62 2.68
CA VAL A 24 -2.73 -12.67 3.63
C VAL A 24 -1.48 -13.13 4.36
N SER A 25 -0.38 -13.16 3.62
CA SER A 25 0.89 -13.58 4.19
C SER A 25 1.87 -12.41 4.20
N GLU A 26 2.94 -12.58 4.97
CA GLU A 26 3.96 -11.54 5.09
C GLU A 26 5.33 -12.16 5.31
N LYS A 27 6.31 -11.30 5.50
CA LYS A 27 7.68 -11.75 5.73
C LYS A 27 8.42 -10.72 6.58
N GLU A 28 8.77 -11.14 7.79
CA GLU A 28 9.48 -10.26 8.71
C GLU A 28 10.95 -10.12 8.27
N VAL A 29 11.19 -9.10 7.46
CA VAL A 29 12.53 -8.84 6.97
C VAL A 29 13.16 -7.70 7.78
N ASP A 30 14.17 -8.06 8.56
CA ASP A 30 14.85 -7.08 9.38
C ASP A 30 15.38 -5.96 8.49
N SER A 31 15.51 -4.78 9.09
CA SER A 31 16.01 -3.62 8.37
C SER A 31 16.94 -2.80 9.27
N GLY A 32 17.44 -3.46 10.31
CA GLY A 32 18.34 -2.81 11.24
C GLY A 32 17.58 -1.80 12.13
N ASN A 33 18.34 -1.14 12.99
CA ASN A 33 17.76 -0.15 13.88
C ASN A 33 17.65 1.18 13.16
N ASP A 34 16.84 2.07 13.73
CA ASP A 34 16.65 3.39 13.15
C ASP A 34 17.61 4.38 13.81
N ILE A 35 17.27 5.65 13.67
CA ILE A 35 18.09 6.71 14.25
C ILE A 35 17.75 6.86 15.73
N TYR A 36 16.82 6.02 16.19
CA TYR A 36 16.40 6.06 17.58
C TYR A 36 16.91 4.82 18.34
N GLY A 37 17.61 3.98 17.61
CA GLY A 37 18.16 2.76 18.19
C GLY A 37 17.15 1.62 18.13
N ASN A 38 15.93 1.97 17.73
CA ASN A 38 14.86 1.00 17.63
C ASN A 38 15.03 0.20 16.33
N PRO A 39 14.47 -1.03 16.33
CA PRO A 39 14.55 -1.90 15.17
C PRO A 39 13.59 -1.43 14.07
N ILE A 40 14.14 -1.30 12.87
CA ILE A 40 13.35 -0.87 11.73
C ILE A 40 12.32 -1.95 11.39
N LYS A 41 12.78 -2.97 10.71
CA LYS A 41 11.91 -4.07 10.31
C LYS A 41 10.91 -3.58 9.27
N ARG A 42 10.89 -4.27 8.14
CA ARG A 42 9.99 -3.92 7.06
C ARG A 42 9.21 -5.15 6.59
N ILE A 43 8.37 -5.66 7.48
CA ILE A 43 7.57 -6.83 7.16
C ILE A 43 7.13 -6.76 5.70
N GLN A 44 7.02 -7.94 5.10
CA GLN A 44 6.62 -8.03 3.71
C GLN A 44 5.09 -8.13 3.60
N TYR A 45 4.62 -8.24 2.37
CA TYR A 45 3.19 -8.35 2.13
C TYR A 45 2.90 -9.42 1.06
N GLU A 46 3.14 -10.66 1.44
CA GLU A 46 2.90 -11.78 0.53
C GLU A 46 1.42 -11.87 0.19
N ILE A 47 0.95 -10.88 -0.57
CA ILE A 47 -0.44 -10.85 -0.97
C ILE A 47 -0.72 -12.03 -1.90
N LYS A 48 -1.91 -12.01 -2.50
CA LYS A 48 -2.31 -13.06 -3.41
C LYS A 48 -2.76 -12.45 -4.74
N GLN A 49 -2.61 -11.13 -4.83
CA GLN A 49 -2.98 -10.41 -6.03
C GLN A 49 -4.40 -10.80 -6.46
N ILE A 50 -5.29 -9.84 -6.40
CA ILE A 50 -6.68 -10.07 -6.78
C ILE A 50 -7.08 -9.06 -7.86
N LYS A 51 -6.51 -7.87 -7.75
CA LYS A 51 -6.81 -6.82 -8.71
C LYS A 51 -5.53 -5.99 -8.96
N MET A 52 -5.56 -5.24 -10.05
CA MET A 52 -4.43 -4.40 -10.40
C MET A 52 -4.89 -3.12 -11.10
N PHE A 53 -5.65 -2.32 -10.36
CA PHE A 53 -6.15 -1.07 -10.89
C PHE A 53 -5.09 -0.36 -11.74
N LYS A 54 -4.07 0.14 -11.05
CA LYS A 54 -2.99 0.85 -11.72
C LYS A 54 -1.65 0.28 -11.25
N GLY A 55 -0.62 0.55 -12.03
CA GLY A 55 0.71 0.07 -11.71
C GLY A 55 1.34 -0.68 -12.89
N PRO A 56 1.97 -1.84 -12.56
CA PRO A 56 2.60 -2.66 -13.59
C PRO A 56 1.56 -3.41 -14.41
N GLU A 57 2.05 -4.39 -15.17
CA GLU A 57 1.17 -5.18 -16.01
C GLU A 57 1.08 -6.62 -15.46
N LYS A 58 2.16 -7.04 -14.84
CA LYS A 58 2.21 -8.38 -14.28
C LYS A 58 1.50 -8.39 -12.93
N ASP A 59 2.22 -7.92 -11.91
CA ASP A 59 1.66 -7.87 -10.57
C ASP A 59 2.81 -7.80 -9.56
N ILE A 60 2.44 -7.54 -8.31
CA ILE A 60 3.42 -7.45 -7.25
C ILE A 60 3.43 -8.76 -6.46
N GLU A 61 2.37 -8.96 -5.68
CA GLU A 61 2.25 -10.16 -4.89
C GLU A 61 3.18 -10.09 -3.67
N PHE A 62 4.06 -9.09 -3.69
CA PHE A 62 5.00 -8.90 -2.61
C PHE A 62 5.27 -7.42 -2.37
N ILE A 63 4.57 -6.87 -1.39
CA ILE A 63 4.71 -5.47 -1.05
C ILE A 63 5.49 -5.35 0.25
N TYR A 64 5.89 -4.12 0.56
CA TYR A 64 6.64 -3.86 1.78
C TYR A 64 5.93 -2.81 2.65
N THR A 65 6.21 -2.88 3.94
CA THR A 65 5.60 -1.95 4.89
C THR A 65 6.30 -2.05 6.25
N ALA A 66 5.61 -1.55 7.26
CA ALA A 66 6.15 -1.58 8.61
C ALA A 66 5.40 -2.63 9.44
N PRO A 67 6.11 -3.17 10.47
CA PRO A 67 5.53 -4.18 11.33
C PRO A 67 4.53 -3.56 12.30
N SER A 68 4.27 -4.29 13.37
CA SER A 68 3.34 -3.83 14.39
C SER A 68 1.93 -3.69 13.79
N SER A 69 1.11 -2.93 14.48
CA SER A 69 -0.27 -2.72 14.03
C SER A 69 -0.30 -1.64 12.94
N ALA A 70 0.82 -1.54 12.23
CA ALA A 70 0.93 -0.56 11.16
C ALA A 70 1.45 0.76 11.73
N VAL A 71 2.75 0.95 11.58
CA VAL A 71 3.39 2.16 12.08
C VAL A 71 3.78 3.05 10.91
N CYS A 72 4.23 2.40 9.85
CA CYS A 72 4.64 3.11 8.65
C CYS A 72 3.85 2.56 7.46
N GLY A 73 2.75 1.89 7.77
CA GLY A 73 1.91 1.31 6.75
C GLY A 73 0.50 1.07 7.28
N VAL A 74 -0.20 0.16 6.61
CA VAL A 74 -1.56 -0.17 7.00
C VAL A 74 -1.59 -1.60 7.57
N SER A 75 -0.42 -2.21 7.61
CA SER A 75 -0.29 -3.56 8.14
C SER A 75 -1.58 -4.35 7.86
N LEU A 76 -1.65 -4.89 6.66
CA LEU A 76 -2.81 -5.67 6.26
C LEU A 76 -2.47 -7.16 6.31
N ASP A 77 -3.38 -7.93 6.88
CA ASP A 77 -3.18 -9.37 6.99
C ASP A 77 -4.36 -10.09 6.33
N VAL A 78 -5.28 -9.30 5.80
CA VAL A 78 -6.45 -9.84 5.15
C VAL A 78 -7.38 -10.45 6.20
N GLY A 79 -6.81 -11.35 7.00
CA GLY A 79 -7.58 -12.01 8.04
C GLY A 79 -8.26 -11.00 8.95
N GLY A 80 -7.84 -9.74 8.80
CA GLY A 80 -8.40 -8.66 9.60
C GLY A 80 -9.10 -7.63 8.71
N LYS A 81 -8.59 -7.50 7.50
CA LYS A 81 -9.14 -6.54 6.55
C LYS A 81 -9.80 -7.31 5.40
N LYS A 82 -9.03 -7.49 4.33
CA LYS A 82 -9.52 -8.20 3.17
C LYS A 82 -8.59 -7.94 1.99
N GLU A 83 -8.81 -6.81 1.33
CA GLU A 83 -7.99 -6.44 0.19
C GLU A 83 -7.83 -4.92 0.11
N TYR A 84 -6.79 -4.50 -0.58
CA TYR A 84 -6.51 -3.08 -0.73
C TYR A 84 -5.93 -2.77 -2.11
N LEU A 85 -6.20 -1.56 -2.57
CA LEU A 85 -5.71 -1.14 -3.87
C LEU A 85 -4.26 -0.67 -3.74
N ILE A 86 -3.73 -0.82 -2.53
CA ILE A 86 -2.36 -0.41 -2.26
C ILE A 86 -1.83 0.40 -3.44
N ALA A 87 -1.83 1.72 -3.26
CA ALA A 87 -1.35 2.61 -4.30
C ALA A 87 -0.33 3.59 -3.69
N GLY A 88 0.93 3.32 -3.98
CA GLY A 88 2.00 4.17 -3.48
C GLY A 88 3.27 4.00 -4.32
N LYS A 89 4.22 4.90 -4.09
CA LYS A 89 5.48 4.86 -4.81
C LYS A 89 5.92 3.41 -4.99
N ALA A 90 5.62 2.87 -6.17
CA ALA A 90 5.97 1.51 -6.49
C ALA A 90 7.49 1.37 -6.50
N GLU A 91 7.95 0.13 -6.66
CA GLU A 91 9.38 -0.15 -6.70
C GLU A 91 9.73 -0.92 -7.97
N GLY A 92 8.77 -0.96 -8.90
CA GLY A 92 8.98 -1.66 -10.15
C GLY A 92 7.86 -2.67 -10.39
N ASP A 93 8.24 -3.94 -10.45
CA ASP A 93 7.29 -5.00 -10.68
C ASP A 93 7.61 -6.18 -9.75
N GLY A 94 6.56 -6.78 -9.20
CA GLY A 94 6.71 -7.90 -8.30
C GLY A 94 7.07 -7.43 -6.89
N LYS A 95 7.13 -6.11 -6.74
CA LYS A 95 7.45 -5.52 -5.46
C LYS A 95 7.36 -4.00 -5.56
N MET A 96 6.93 -3.38 -4.47
CA MET A 96 6.79 -1.93 -4.43
C MET A 96 6.96 -1.41 -3.01
N HIS A 97 6.66 -0.13 -2.84
CA HIS A 97 6.77 0.50 -1.53
C HIS A 97 5.45 1.19 -1.18
N ILE A 98 4.98 0.94 0.02
CA ILE A 98 3.74 1.52 0.50
C ILE A 98 3.87 1.89 1.97
N THR A 99 3.16 2.93 2.36
CA THR A 99 3.19 3.40 3.73
C THR A 99 1.83 3.97 4.14
N LEU A 100 1.64 4.11 5.44
CA LEU A 100 0.40 4.63 5.97
C LEU A 100 0.22 6.08 5.49
N CYS A 101 1.36 6.73 5.26
CA CYS A 101 1.34 8.11 4.80
C CYS A 101 0.98 8.13 3.32
N ASP A 102 1.37 7.05 2.63
CA ASP A 102 1.08 6.93 1.22
C ASP A 102 -0.36 6.49 1.03
N PHE A 103 -0.80 6.52 -0.23
CA PHE A 103 -2.16 6.12 -0.56
C PHE A 103 -2.33 4.60 -0.42
N ILE A 104 -3.23 4.23 0.47
CA ILE A 104 -3.51 2.82 0.71
C ILE A 104 -4.82 2.68 1.49
N VAL A 105 -5.64 1.75 1.03
CA VAL A 105 -6.93 1.51 1.67
C VAL A 105 -7.37 0.07 1.39
N PRO A 106 -8.27 -0.44 2.27
CA PRO A 106 -8.79 -1.79 2.13
C PRO A 106 -9.81 -1.86 0.99
N TRP A 107 -9.94 -0.75 0.29
CA TRP A 107 -10.89 -0.67 -0.82
C TRP A 107 -12.29 -0.54 -0.23
N ASP A 108 -12.65 -1.52 0.58
CA ASP A 108 -13.96 -1.52 1.21
C ASP A 108 -14.04 -0.38 2.24
N THR A 109 -13.66 0.81 1.78
CA THR A 109 -13.68 1.98 2.63
C THR A 109 -13.74 3.25 1.80
N LEU A 110 -12.77 3.37 0.90
CA LEU A 110 -12.70 4.53 0.03
C LEU A 110 -13.71 5.58 0.49
N SER A 111 -14.79 5.71 -0.28
CA SER A 111 -15.84 6.66 0.04
C SER A 111 -16.44 7.22 -1.25
N THR A 112 -15.56 7.54 -2.19
CA THR A 112 -16.00 8.08 -3.46
C THR A 112 -14.84 8.77 -4.18
N THR A 113 -14.33 9.82 -3.55
CA THR A 113 -13.22 10.57 -4.12
C THR A 113 -12.07 9.62 -4.48
N GLN A 114 -12.02 8.51 -3.77
CA GLN A 114 -10.98 7.52 -3.99
C GLN A 114 -11.35 6.63 -5.18
N LYS A 115 -12.64 6.37 -5.30
CA LYS A 115 -13.15 5.54 -6.38
C LYS A 115 -13.02 6.29 -7.70
N LYS A 116 -13.38 7.57 -7.66
CA LYS A 116 -13.32 8.40 -8.84
C LYS A 116 -11.86 8.50 -9.30
N SER A 117 -10.95 8.21 -8.39
CA SER A 117 -9.54 8.26 -8.69
C SER A 117 -9.03 6.87 -9.08
N LEU A 118 -9.91 5.89 -8.93
CA LEU A 118 -9.57 4.52 -9.27
C LEU A 118 -9.72 4.31 -10.78
N ASN A 119 -10.56 5.15 -11.38
CA ASN A 119 -10.80 5.08 -12.80
C ASN A 119 -10.04 6.20 -13.51
N HIS A 120 -9.18 6.86 -12.74
CA HIS A 120 -8.39 7.95 -13.27
C HIS A 120 -7.10 7.41 -13.88
N ARG A 121 -7.09 6.10 -14.10
CA ARG A 121 -5.93 5.44 -14.67
C ARG A 121 -4.74 5.53 -13.71
N TYR A 122 -4.22 6.74 -13.57
CA TYR A 122 -3.09 6.97 -12.69
C TYR A 122 -2.72 8.45 -12.66
N GLN A 123 -3.28 9.14 -11.66
CA GLN A 123 -3.02 10.56 -11.50
C GLN A 123 -3.35 11.31 -12.79
N MET A 124 -4.56 11.07 -13.28
CA MET A 124 -5.00 11.72 -14.51
C MET A 124 -5.30 13.21 -14.27
N GLY A 125 -4.30 13.89 -13.72
CA GLY A 125 -4.45 15.31 -13.44
C GLY A 125 -5.57 15.56 -12.43
N CYS A 126 -5.88 14.53 -11.65
CA CYS A 126 -6.93 14.62 -10.66
C CYS A 126 -6.57 15.75 -9.68
N GLU A 127 -7.33 15.81 -8.60
CA GLU A 127 -7.09 16.83 -7.59
C GLU A 127 -8.09 16.66 -6.44
N CYS A 1 5.54 6.37 8.65
CA CYS A 1 5.87 6.10 10.04
C CYS A 1 5.11 7.10 10.92
N SER A 2 4.04 6.60 11.53
CA SER A 2 3.22 7.43 12.39
C SER A 2 2.75 8.66 11.63
N CYS A 3 2.91 8.61 10.32
CA CYS A 3 2.52 9.72 9.47
C CYS A 3 1.00 9.86 9.54
N SER A 4 0.51 10.96 9.00
CA SER A 4 -0.93 11.22 8.99
C SER A 4 -1.51 10.94 7.60
N PRO A 5 -2.27 9.81 7.52
CA PRO A 5 -2.88 9.43 6.26
C PRO A 5 -4.09 10.31 5.94
N VAL A 6 -4.00 11.00 4.82
CA VAL A 6 -5.08 11.88 4.38
C VAL A 6 -5.18 11.85 2.87
N HIS A 7 -5.28 13.04 2.28
CA HIS A 7 -5.39 13.15 0.84
C HIS A 7 -6.27 12.01 0.29
N PRO A 8 -7.60 12.26 0.30
CA PRO A 8 -8.54 11.27 -0.19
C PRO A 8 -8.53 11.20 -1.72
N GLN A 9 -7.68 12.04 -2.31
CA GLN A 9 -7.56 12.07 -3.75
C GLN A 9 -6.08 12.17 -4.16
N GLN A 10 -5.37 13.02 -3.44
CA GLN A 10 -3.96 13.22 -3.71
C GLN A 10 -3.18 11.92 -3.45
N ALA A 11 -3.90 10.95 -2.93
CA ALA A 11 -3.29 9.66 -2.63
C ALA A 11 -3.27 8.79 -3.89
N PHE A 12 -4.33 8.95 -4.68
CA PHE A 12 -4.45 8.20 -5.92
C PHE A 12 -3.78 8.93 -7.08
N CYS A 13 -3.24 10.10 -6.77
CA CYS A 13 -2.58 10.92 -7.77
C CYS A 13 -1.07 10.88 -7.50
N ASN A 14 -0.73 10.44 -6.30
CA ASN A 14 0.67 10.35 -5.91
C ASN A 14 1.17 8.93 -6.14
N ALA A 15 0.30 7.96 -5.86
CA ALA A 15 0.64 6.56 -6.04
C ALA A 15 1.13 6.34 -7.47
N ASP A 16 1.61 5.13 -7.70
CA ASP A 16 2.12 4.77 -9.02
C ASP A 16 1.92 3.27 -9.24
N VAL A 17 1.08 2.68 -8.40
CA VAL A 17 0.81 1.25 -8.49
C VAL A 17 -0.41 0.92 -7.62
N VAL A 18 -1.58 1.04 -8.24
CA VAL A 18 -2.83 0.74 -7.54
C VAL A 18 -3.30 -0.65 -7.93
N ILE A 19 -3.36 -1.51 -6.92
CA ILE A 19 -3.80 -2.88 -7.13
C ILE A 19 -4.63 -3.35 -5.93
N ARG A 20 -5.82 -3.85 -6.22
CA ARG A 20 -6.71 -4.32 -5.17
C ARG A 20 -6.26 -5.71 -4.69
N THR A 21 -4.96 -5.85 -4.53
CA THR A 21 -4.40 -7.11 -4.07
C THR A 21 -4.83 -7.40 -2.63
N LYS A 22 -4.68 -8.67 -2.25
CA LYS A 22 -5.04 -9.08 -0.91
C LYS A 22 -3.82 -9.61 -0.18
N ALA A 23 -3.53 -8.99 0.95
CA ALA A 23 -2.37 -9.37 1.75
C ALA A 23 -2.82 -10.37 2.82
N VAL A 24 -2.49 -11.63 2.58
CA VAL A 24 -2.85 -12.69 3.51
C VAL A 24 -1.60 -13.17 4.23
N SER A 25 -0.50 -13.18 3.49
CA SER A 25 0.78 -13.62 4.06
C SER A 25 1.76 -12.43 4.10
N GLU A 26 2.79 -12.59 4.92
CA GLU A 26 3.79 -11.56 5.07
C GLU A 26 5.17 -12.19 5.31
N LYS A 27 6.13 -11.33 5.61
CA LYS A 27 7.48 -11.78 5.87
C LYS A 27 8.22 -10.75 6.72
N GLU A 28 8.64 -11.18 7.89
CA GLU A 28 9.36 -10.30 8.80
C GLU A 28 10.82 -10.17 8.38
N VAL A 29 11.09 -9.11 7.61
CA VAL A 29 12.44 -8.86 7.13
C VAL A 29 13.07 -7.75 7.96
N ASP A 30 13.63 -8.13 9.10
CA ASP A 30 14.26 -7.17 9.99
C ASP A 30 15.17 -6.25 9.17
N SER A 31 15.32 -5.03 9.65
CA SER A 31 16.15 -4.05 8.99
C SER A 31 17.00 -3.30 10.02
N GLY A 32 17.20 -3.94 11.15
CA GLY A 32 18.00 -3.35 12.22
C GLY A 32 17.31 -2.10 12.77
N ASN A 33 18.04 -1.38 13.62
CA ASN A 33 17.51 -0.17 14.22
C ASN A 33 17.71 1.00 13.27
N ASP A 34 16.99 2.08 13.55
CA ASP A 34 17.08 3.27 12.72
C ASP A 34 18.09 4.25 13.34
N ILE A 35 17.99 5.50 12.92
CA ILE A 35 18.88 6.53 13.42
C ILE A 35 18.38 7.01 14.78
N TYR A 36 17.30 6.39 15.23
CA TYR A 36 16.71 6.75 16.51
C TYR A 36 16.95 5.65 17.55
N GLY A 37 17.61 4.59 17.10
CA GLY A 37 17.91 3.47 17.96
C GLY A 37 16.76 2.46 17.97
N ASN A 38 15.66 2.86 17.36
CA ASN A 38 14.48 2.01 17.30
C ASN A 38 14.67 0.97 16.20
N PRO A 39 13.98 -0.18 16.36
CA PRO A 39 14.05 -1.26 15.39
C PRO A 39 13.26 -0.92 14.13
N ILE A 40 13.92 -1.08 12.98
CA ILE A 40 13.28 -0.79 11.71
C ILE A 40 12.27 -1.89 11.40
N LYS A 41 12.73 -2.92 10.71
CA LYS A 41 11.87 -4.03 10.34
C LYS A 41 10.83 -3.55 9.34
N ARG A 42 10.80 -4.21 8.19
CA ARG A 42 9.85 -3.86 7.15
C ARG A 42 9.13 -5.12 6.64
N ILE A 43 8.27 -5.65 7.50
CA ILE A 43 7.52 -6.84 7.15
C ILE A 43 7.11 -6.78 5.67
N GLN A 44 6.91 -7.95 5.10
CA GLN A 44 6.52 -8.04 3.70
C GLN A 44 5.01 -8.14 3.58
N TYR A 45 4.55 -8.23 2.34
CA TYR A 45 3.12 -8.32 2.06
C TYR A 45 2.84 -9.39 1.00
N GLU A 46 3.07 -10.64 1.37
CA GLU A 46 2.84 -11.75 0.47
C GLU A 46 1.36 -11.83 0.10
N ILE A 47 0.92 -10.85 -0.66
CA ILE A 47 -0.46 -10.80 -1.09
C ILE A 47 -0.73 -11.95 -2.06
N LYS A 48 -1.94 -11.95 -2.62
CA LYS A 48 -2.33 -12.98 -3.57
C LYS A 48 -2.73 -12.32 -4.89
N GLN A 49 -2.51 -11.02 -4.96
CA GLN A 49 -2.85 -10.27 -6.16
C GLN A 49 -4.19 -10.73 -6.72
N ILE A 50 -5.20 -9.89 -6.53
CA ILE A 50 -6.54 -10.20 -7.00
C ILE A 50 -6.92 -9.19 -8.09
N LYS A 51 -6.47 -7.96 -7.90
CA LYS A 51 -6.77 -6.91 -8.86
C LYS A 51 -5.54 -6.01 -9.02
N MET A 52 -5.51 -5.29 -10.13
CA MET A 52 -4.41 -4.41 -10.43
C MET A 52 -4.90 -3.12 -11.11
N PHE A 53 -5.65 -2.35 -10.36
CA PHE A 53 -6.19 -1.09 -10.88
C PHE A 53 -5.17 -0.40 -11.78
N LYS A 54 -4.24 0.30 -11.14
CA LYS A 54 -3.21 1.01 -11.87
C LYS A 54 -1.83 0.51 -11.43
N GLY A 55 -1.48 -0.66 -11.92
CA GLY A 55 -0.20 -1.26 -11.59
C GLY A 55 0.57 -1.65 -12.85
N PRO A 56 1.63 -2.48 -12.65
CA PRO A 56 2.45 -2.94 -13.75
C PRO A 56 1.73 -4.01 -14.57
N GLU A 57 2.47 -4.60 -15.50
CA GLU A 57 1.92 -5.64 -16.35
C GLU A 57 2.21 -7.02 -15.76
N LYS A 58 3.36 -7.13 -15.12
CA LYS A 58 3.77 -8.38 -14.51
C LYS A 58 2.92 -8.64 -13.27
N ASP A 59 3.27 -7.95 -12.19
CA ASP A 59 2.55 -8.09 -10.94
C ASP A 59 3.53 -7.94 -9.78
N ILE A 60 2.97 -7.73 -8.60
CA ILE A 60 3.78 -7.57 -7.40
C ILE A 60 3.68 -8.85 -6.55
N GLU A 61 2.58 -8.96 -5.83
CA GLU A 61 2.36 -10.11 -4.98
C GLU A 61 3.25 -10.04 -3.73
N PHE A 62 4.18 -9.10 -3.77
CA PHE A 62 5.10 -8.92 -2.67
C PHE A 62 5.35 -7.43 -2.39
N ILE A 63 4.59 -6.89 -1.46
CA ILE A 63 4.70 -5.50 -1.09
C ILE A 63 5.48 -5.38 0.23
N TYR A 64 5.87 -4.15 0.54
CA TYR A 64 6.61 -3.89 1.76
C TYR A 64 5.87 -2.88 2.64
N THR A 65 6.21 -2.90 3.92
CA THR A 65 5.59 -1.99 4.88
C THR A 65 6.25 -2.13 6.24
N ALA A 66 5.55 -1.63 7.26
CA ALA A 66 6.06 -1.70 8.62
C ALA A 66 5.35 -2.82 9.37
N PRO A 67 6.06 -3.37 10.40
CA PRO A 67 5.52 -4.46 11.19
C PRO A 67 4.45 -3.93 12.16
N SER A 68 3.96 -4.85 13.00
CA SER A 68 2.94 -4.49 13.96
C SER A 68 1.62 -4.21 13.26
N SER A 69 0.69 -3.62 14.01
CA SER A 69 -0.61 -3.29 13.47
C SER A 69 -0.47 -2.34 12.28
N ALA A 70 0.54 -1.48 12.37
CA ALA A 70 0.80 -0.52 11.32
C ALA A 70 1.41 0.75 11.92
N VAL A 71 2.69 0.96 11.60
CA VAL A 71 3.39 2.12 12.11
C VAL A 71 3.81 3.00 10.93
N CYS A 72 4.23 2.35 9.86
CA CYS A 72 4.65 3.07 8.67
C CYS A 72 3.86 2.54 7.47
N GLY A 73 2.76 1.85 7.79
CA GLY A 73 1.91 1.29 6.76
C GLY A 73 0.50 1.05 7.29
N VAL A 74 -0.19 0.11 6.66
CA VAL A 74 -1.55 -0.23 7.06
C VAL A 74 -1.58 -1.67 7.58
N SER A 75 -0.42 -2.31 7.54
CA SER A 75 -0.30 -3.69 8.00
C SER A 75 -1.61 -4.43 7.73
N LEU A 76 -1.71 -4.98 6.53
CA LEU A 76 -2.90 -5.72 6.14
C LEU A 76 -2.58 -7.22 6.17
N ASP A 77 -3.46 -7.96 6.83
CA ASP A 77 -3.29 -9.40 6.94
C ASP A 77 -4.47 -10.11 6.24
N VAL A 78 -5.40 -9.29 5.77
CA VAL A 78 -6.58 -9.82 5.09
C VAL A 78 -7.52 -10.44 6.11
N GLY A 79 -6.96 -11.31 6.95
CA GLY A 79 -7.73 -11.98 7.97
C GLY A 79 -8.54 -10.98 8.80
N GLY A 80 -8.17 -9.71 8.65
CA GLY A 80 -8.84 -8.65 9.37
C GLY A 80 -9.53 -7.67 8.41
N LYS A 81 -8.86 -7.46 7.28
CA LYS A 81 -9.40 -6.55 6.27
C LYS A 81 -9.98 -7.36 5.12
N LYS A 82 -9.20 -7.52 4.07
CA LYS A 82 -9.64 -8.26 2.90
C LYS A 82 -8.68 -8.00 1.74
N GLU A 83 -8.90 -6.88 1.08
CA GLU A 83 -8.07 -6.49 -0.05
C GLU A 83 -7.94 -4.97 -0.12
N TYR A 84 -6.84 -4.52 -0.70
CA TYR A 84 -6.58 -3.10 -0.84
C TYR A 84 -6.00 -2.78 -2.22
N LEU A 85 -6.26 -1.55 -2.66
CA LEU A 85 -5.76 -1.11 -3.96
C LEU A 85 -4.32 -0.65 -3.82
N ILE A 86 -3.77 -0.83 -2.62
CA ILE A 86 -2.41 -0.44 -2.35
C ILE A 86 -1.86 0.36 -3.53
N ALA A 87 -1.81 1.67 -3.34
CA ALA A 87 -1.32 2.55 -4.38
C ALA A 87 -0.23 3.47 -3.81
N GLY A 88 1.00 3.19 -4.20
CA GLY A 88 2.13 3.97 -3.73
C GLY A 88 3.16 4.18 -4.84
N LYS A 89 4.17 4.98 -4.53
CA LYS A 89 5.22 5.27 -5.49
C LYS A 89 5.63 3.97 -6.20
N ALA A 90 5.64 2.90 -5.42
CA ALA A 90 6.02 1.59 -5.95
C ALA A 90 7.54 1.45 -5.95
N GLU A 91 8.00 0.27 -6.32
CA GLU A 91 9.42 0.00 -6.36
C GLU A 91 9.79 -0.70 -7.67
N GLY A 92 8.80 -0.84 -8.52
CA GLY A 92 9.01 -1.49 -9.81
C GLY A 92 7.95 -2.57 -10.05
N ASP A 93 8.43 -3.79 -10.27
CA ASP A 93 7.54 -4.91 -10.52
C ASP A 93 7.91 -6.06 -9.60
N GLY A 94 6.89 -6.77 -9.14
CA GLY A 94 7.10 -7.90 -8.25
C GLY A 94 7.35 -7.42 -6.81
N LYS A 95 7.42 -6.11 -6.67
CA LYS A 95 7.67 -5.52 -5.36
C LYS A 95 7.57 -3.99 -5.47
N MET A 96 7.03 -3.40 -4.42
CA MET A 96 6.87 -1.95 -4.38
C MET A 96 7.02 -1.42 -2.95
N HIS A 97 6.67 -0.15 -2.79
CA HIS A 97 6.76 0.48 -1.49
C HIS A 97 5.43 1.16 -1.15
N ILE A 98 4.93 0.84 0.03
CA ILE A 98 3.66 1.40 0.49
C ILE A 98 3.76 1.71 1.98
N THR A 99 3.25 2.88 2.34
CA THR A 99 3.28 3.31 3.73
C THR A 99 1.92 3.91 4.13
N LEU A 100 1.74 4.06 5.43
CA LEU A 100 0.50 4.61 5.95
C LEU A 100 0.29 6.01 5.37
N CYS A 101 1.36 6.78 5.33
CA CYS A 101 1.30 8.13 4.82
C CYS A 101 0.97 8.06 3.33
N ASP A 102 1.44 6.99 2.70
CA ASP A 102 1.19 6.78 1.28
C ASP A 102 -0.26 6.36 1.08
N PHE A 103 -0.69 6.41 -0.18
CA PHE A 103 -2.05 6.05 -0.52
C PHE A 103 -2.26 4.53 -0.39
N ILE A 104 -3.17 4.17 0.50
CA ILE A 104 -3.47 2.77 0.73
C ILE A 104 -4.79 2.65 1.49
N VAL A 105 -5.60 1.70 1.04
CA VAL A 105 -6.90 1.48 1.67
C VAL A 105 -7.37 0.05 1.37
N PRO A 106 -8.26 -0.46 2.25
CA PRO A 106 -8.79 -1.80 2.10
C PRO A 106 -9.82 -1.85 0.96
N TRP A 107 -9.87 -0.77 0.20
CA TRP A 107 -10.80 -0.68 -0.91
C TRP A 107 -12.21 -0.54 -0.33
N ASP A 108 -12.61 -1.52 0.46
CA ASP A 108 -13.92 -1.52 1.07
C ASP A 108 -13.98 -0.42 2.14
N THR A 109 -13.61 0.78 1.73
CA THR A 109 -13.61 1.92 2.64
C THR A 109 -13.65 3.23 1.84
N LEU A 110 -12.69 3.37 0.94
CA LEU A 110 -12.61 4.57 0.12
C LEU A 110 -13.61 5.61 0.65
N SER A 111 -14.67 5.80 -0.12
CA SER A 111 -15.70 6.76 0.26
C SER A 111 -16.28 7.41 -0.99
N THR A 112 -15.41 7.73 -1.93
CA THR A 112 -15.82 8.34 -3.17
C THR A 112 -14.64 9.06 -3.84
N THR A 113 -14.15 10.07 -3.15
CA THR A 113 -13.02 10.84 -3.65
C THR A 113 -11.89 9.91 -4.09
N GLN A 114 -11.91 8.70 -3.55
CA GLN A 114 -10.90 7.71 -3.88
C GLN A 114 -11.34 6.90 -5.10
N LYS A 115 -12.63 6.60 -5.14
CA LYS A 115 -13.18 5.83 -6.24
C LYS A 115 -13.08 6.64 -7.52
N LYS A 116 -13.35 7.93 -7.41
CA LYS A 116 -13.28 8.82 -8.55
C LYS A 116 -11.86 8.85 -9.09
N SER A 117 -10.95 8.33 -8.29
CA SER A 117 -9.55 8.30 -8.69
C SER A 117 -9.20 6.91 -9.23
N LEU A 118 -10.12 5.98 -9.03
CA LEU A 118 -9.93 4.61 -9.49
C LEU A 118 -10.39 4.50 -10.95
N ASN A 119 -10.86 5.62 -11.47
CA ASN A 119 -11.33 5.67 -12.85
C ASN A 119 -10.12 5.66 -13.79
N HIS A 120 -9.30 6.70 -13.65
CA HIS A 120 -8.12 6.82 -14.48
C HIS A 120 -7.15 5.68 -14.18
N ARG A 121 -6.12 6.02 -13.42
CA ARG A 121 -5.10 5.03 -13.05
C ARG A 121 -4.38 5.47 -11.78
N TYR A 122 -3.47 6.43 -11.96
CA TYR A 122 -2.71 6.94 -10.84
C TYR A 122 -2.72 8.47 -10.82
N GLN A 123 -3.63 9.02 -11.61
CA GLN A 123 -3.76 10.48 -11.69
C GLN A 123 -5.03 10.85 -12.46
N MET A 124 -6.16 10.68 -11.80
CA MET A 124 -7.44 10.99 -12.40
C MET A 124 -7.58 12.50 -12.65
N GLY A 125 -6.61 13.04 -13.36
CA GLY A 125 -6.61 14.47 -13.66
C GLY A 125 -6.96 15.29 -12.42
N CYS A 126 -6.72 14.70 -11.27
CA CYS A 126 -7.00 15.36 -10.01
C CYS A 126 -6.13 16.62 -9.91
N GLU A 127 -6.10 17.20 -8.72
CA GLU A 127 -5.31 18.40 -8.48
C GLU A 127 -5.43 18.83 -7.03
N CYS A 1 5.04 5.72 9.41
CA CYS A 1 5.65 5.97 10.70
C CYS A 1 4.80 7.01 11.44
N SER A 2 3.78 6.50 12.12
CA SER A 2 2.89 7.37 12.88
C SER A 2 2.49 8.57 12.02
N CYS A 3 2.60 8.39 10.71
CA CYS A 3 2.24 9.46 9.79
C CYS A 3 0.73 9.62 9.80
N SER A 4 0.28 10.75 9.27
CA SER A 4 -1.14 11.04 9.21
C SER A 4 -1.68 10.74 7.81
N PRO A 5 -2.47 9.64 7.71
CA PRO A 5 -3.04 9.24 6.44
C PRO A 5 -4.21 10.15 6.07
N VAL A 6 -4.04 10.85 4.96
CA VAL A 6 -5.07 11.76 4.48
C VAL A 6 -5.13 11.69 2.95
N HIS A 7 -5.21 12.86 2.34
CA HIS A 7 -5.27 12.96 0.88
C HIS A 7 -6.17 11.84 0.35
N PRO A 8 -7.46 12.20 0.11
CA PRO A 8 -8.43 11.25 -0.41
C PRO A 8 -8.19 10.98 -1.89
N GLN A 9 -7.69 12.00 -2.57
CA GLN A 9 -7.42 11.90 -4.00
C GLN A 9 -5.91 12.02 -4.26
N GLN A 10 -5.27 12.84 -3.45
CA GLN A 10 -3.83 13.04 -3.58
C GLN A 10 -3.08 11.74 -3.34
N ALA A 11 -3.82 10.76 -2.85
CA ALA A 11 -3.24 9.45 -2.57
C ALA A 11 -3.19 8.62 -3.86
N PHE A 12 -4.23 8.80 -4.67
CA PHE A 12 -4.33 8.08 -5.93
C PHE A 12 -3.65 8.86 -7.06
N CYS A 13 -3.15 10.04 -6.70
CA CYS A 13 -2.46 10.88 -7.66
C CYS A 13 -0.96 10.81 -7.40
N ASN A 14 -0.63 10.26 -6.24
CA ASN A 14 0.77 10.11 -5.86
C ASN A 14 1.24 8.69 -6.16
N ALA A 15 0.39 7.74 -5.82
CA ALA A 15 0.71 6.34 -6.06
C ALA A 15 1.10 6.15 -7.52
N ASP A 16 1.58 4.95 -7.83
CA ASP A 16 1.99 4.62 -9.18
C ASP A 16 1.75 3.14 -9.44
N VAL A 17 0.99 2.52 -8.55
CA VAL A 17 0.69 1.11 -8.66
C VAL A 17 -0.47 0.76 -7.73
N VAL A 18 -1.68 0.92 -8.26
CA VAL A 18 -2.87 0.62 -7.48
C VAL A 18 -3.37 -0.78 -7.85
N ILE A 19 -3.38 -1.65 -6.85
CA ILE A 19 -3.83 -3.01 -7.04
C ILE A 19 -4.64 -3.46 -5.82
N ARG A 20 -5.85 -3.93 -6.09
CA ARG A 20 -6.73 -4.39 -5.03
C ARG A 20 -6.30 -5.79 -4.55
N THR A 21 -4.99 -5.99 -4.54
CA THR A 21 -4.44 -7.26 -4.12
C THR A 21 -4.90 -7.59 -2.69
N LYS A 22 -4.55 -8.79 -2.26
CA LYS A 22 -4.91 -9.24 -0.92
C LYS A 22 -3.67 -9.76 -0.20
N ALA A 23 -3.33 -9.10 0.90
CA ALA A 23 -2.17 -9.49 1.68
C ALA A 23 -2.60 -10.47 2.76
N VAL A 24 -2.36 -11.75 2.48
CA VAL A 24 -2.73 -12.79 3.43
C VAL A 24 -1.47 -13.25 4.17
N SER A 25 -0.36 -13.26 3.46
CA SER A 25 0.91 -13.68 4.03
C SER A 25 1.89 -12.50 4.03
N GLU A 26 2.93 -12.63 4.84
CA GLU A 26 3.94 -11.60 4.95
C GLU A 26 5.32 -12.22 5.24
N LYS A 27 6.29 -11.35 5.47
CA LYS A 27 7.64 -11.80 5.76
C LYS A 27 8.35 -10.74 6.60
N GLU A 28 8.64 -11.11 7.84
CA GLU A 28 9.32 -10.20 8.74
C GLU A 28 10.80 -10.08 8.37
N VAL A 29 11.09 -9.05 7.59
CA VAL A 29 12.46 -8.81 7.15
C VAL A 29 13.06 -7.66 7.97
N ASP A 30 13.50 -7.99 9.17
CA ASP A 30 14.10 -7.00 10.04
C ASP A 30 15.09 -6.15 9.26
N SER A 31 15.07 -4.85 9.54
CA SER A 31 15.95 -3.93 8.86
C SER A 31 16.77 -3.14 9.88
N GLY A 32 17.07 -3.81 10.98
CA GLY A 32 17.85 -3.19 12.05
C GLY A 32 17.15 -1.93 12.57
N ASN A 33 17.89 -1.19 13.39
CA ASN A 33 17.36 0.03 13.97
C ASN A 33 17.56 1.18 12.97
N ASP A 34 16.86 2.28 13.24
CA ASP A 34 16.96 3.45 12.39
C ASP A 34 17.99 4.42 12.96
N ILE A 35 17.92 5.66 12.49
CA ILE A 35 18.84 6.68 12.96
C ILE A 35 18.36 7.22 14.32
N TYR A 36 17.27 6.64 14.79
CA TYR A 36 16.70 7.05 16.07
C TYR A 36 16.92 5.96 17.13
N GLY A 37 17.54 4.87 16.70
CA GLY A 37 17.82 3.76 17.60
C GLY A 37 16.65 2.78 17.64
N ASN A 38 15.54 3.20 17.01
CA ASN A 38 14.36 2.37 16.98
C ASN A 38 14.53 1.28 15.92
N PRO A 39 13.82 0.15 16.13
CA PRO A 39 13.89 -0.97 15.22
C PRO A 39 13.11 -0.69 13.93
N ILE A 40 13.77 -0.90 12.81
CA ILE A 40 13.15 -0.66 11.52
C ILE A 40 12.15 -1.78 11.23
N LYS A 41 12.61 -2.78 10.51
CA LYS A 41 11.77 -3.91 10.15
C LYS A 41 10.75 -3.48 9.09
N ARG A 42 10.81 -4.15 7.95
CA ARG A 42 9.90 -3.84 6.85
C ARG A 42 9.16 -5.10 6.41
N ILE A 43 8.31 -5.60 7.31
CA ILE A 43 7.54 -6.79 7.02
C ILE A 43 7.11 -6.78 5.54
N GLN A 44 7.05 -7.97 4.97
CA GLN A 44 6.66 -8.11 3.59
C GLN A 44 5.14 -8.23 3.46
N TYR A 45 4.68 -8.34 2.22
CA TYR A 45 3.26 -8.47 1.96
C TYR A 45 2.98 -9.52 0.89
N GLU A 46 3.21 -10.77 1.28
CA GLU A 46 2.99 -11.89 0.37
C GLU A 46 1.51 -11.99 0.01
N ILE A 47 1.02 -10.99 -0.71
CA ILE A 47 -0.37 -10.95 -1.13
C ILE A 47 -0.64 -12.13 -2.06
N LYS A 48 -1.84 -12.13 -2.63
CA LYS A 48 -2.23 -13.19 -3.54
C LYS A 48 -2.68 -12.57 -4.87
N GLN A 49 -2.65 -11.25 -4.91
CA GLN A 49 -3.06 -10.52 -6.10
C GLN A 49 -4.47 -10.92 -6.51
N ILE A 50 -5.35 -9.93 -6.52
CA ILE A 50 -6.73 -10.17 -6.89
C ILE A 50 -7.13 -9.18 -8.00
N LYS A 51 -6.52 -8.01 -7.96
CA LYS A 51 -6.79 -6.98 -8.95
C LYS A 51 -5.57 -6.09 -9.12
N MET A 52 -5.60 -5.27 -10.15
CA MET A 52 -4.50 -4.37 -10.44
C MET A 52 -5.01 -3.06 -11.04
N PHE A 53 -5.72 -2.30 -10.22
CA PHE A 53 -6.26 -1.02 -10.65
C PHE A 53 -5.30 -0.31 -11.61
N LYS A 54 -4.28 0.30 -11.03
CA LYS A 54 -3.29 1.02 -11.81
C LYS A 54 -1.90 0.49 -11.47
N GLY A 55 -1.73 -0.81 -11.66
CA GLY A 55 -0.46 -1.45 -11.37
C GLY A 55 0.23 -1.90 -12.65
N PRO A 56 1.31 -2.71 -12.48
CA PRO A 56 2.07 -3.21 -13.62
C PRO A 56 1.30 -4.32 -14.33
N GLU A 57 1.96 -4.89 -15.34
CA GLU A 57 1.36 -5.96 -16.11
C GLU A 57 1.39 -7.27 -15.32
N LYS A 58 2.49 -7.47 -14.59
CA LYS A 58 2.64 -8.66 -13.79
C LYS A 58 1.83 -8.53 -12.50
N ASP A 59 2.44 -7.89 -11.52
CA ASP A 59 1.78 -7.69 -10.23
C ASP A 59 2.83 -7.59 -9.13
N ILE A 60 2.38 -7.18 -7.96
CA ILE A 60 3.27 -7.04 -6.81
C ILE A 60 2.81 -7.96 -5.69
N GLU A 61 3.03 -9.25 -5.89
CA GLU A 61 2.63 -10.24 -4.91
C GLU A 61 3.50 -10.11 -3.66
N PHE A 62 4.49 -9.24 -3.74
CA PHE A 62 5.39 -9.02 -2.62
C PHE A 62 5.58 -7.52 -2.36
N ILE A 63 4.74 -6.99 -1.48
CA ILE A 63 4.81 -5.59 -1.14
C ILE A 63 5.59 -5.41 0.16
N TYR A 64 5.96 -4.17 0.44
CA TYR A 64 6.71 -3.87 1.64
C TYR A 64 5.97 -2.86 2.52
N THR A 65 6.13 -3.01 3.82
CA THR A 65 5.48 -2.12 4.77
C THR A 65 6.16 -2.21 6.13
N ALA A 66 5.49 -1.64 7.12
CA ALA A 66 6.01 -1.65 8.48
C ALA A 66 5.21 -2.64 9.33
N PRO A 67 5.91 -3.24 10.32
CA PRO A 67 5.28 -4.21 11.21
C PRO A 67 4.37 -3.50 12.22
N SER A 68 4.06 -4.23 13.28
CA SER A 68 3.20 -3.69 14.33
C SER A 68 1.84 -3.32 13.75
N SER A 69 1.04 -2.65 14.58
CA SER A 69 -0.29 -2.24 14.16
C SER A 69 -0.18 -1.13 13.12
N ALA A 70 0.55 -1.44 12.05
CA ALA A 70 0.74 -0.48 10.97
C ALA A 70 1.30 0.82 11.54
N VAL A 71 2.63 0.91 11.55
CA VAL A 71 3.30 2.09 12.06
C VAL A 71 3.69 2.99 10.89
N CYS A 72 4.16 2.37 9.83
CA CYS A 72 4.57 3.10 8.64
C CYS A 72 3.79 2.56 7.44
N GLY A 73 2.70 1.86 7.75
CA GLY A 73 1.87 1.29 6.71
C GLY A 73 0.45 1.04 7.23
N VAL A 74 -0.21 0.07 6.61
CA VAL A 74 -1.57 -0.27 6.99
C VAL A 74 -1.59 -1.71 7.54
N SER A 75 -0.44 -2.32 7.53
CA SER A 75 -0.30 -3.68 8.02
C SER A 75 -1.63 -4.43 7.83
N LEU A 76 -1.84 -4.91 6.62
CA LEU A 76 -3.05 -5.64 6.29
C LEU A 76 -2.74 -7.14 6.24
N ASP A 77 -3.60 -7.91 6.89
CA ASP A 77 -3.44 -9.35 6.94
C ASP A 77 -4.51 -10.01 6.07
N VAL A 78 -5.44 -9.18 5.61
CA VAL A 78 -6.52 -9.67 4.77
C VAL A 78 -7.46 -10.54 5.62
N GLY A 79 -6.89 -11.55 6.23
CA GLY A 79 -7.66 -12.45 7.07
C GLY A 79 -8.52 -11.67 8.06
N GLY A 80 -8.24 -10.37 8.16
CA GLY A 80 -8.98 -9.51 9.07
C GLY A 80 -9.68 -8.40 8.30
N LYS A 81 -9.13 -8.09 7.13
CA LYS A 81 -9.69 -7.04 6.29
C LYS A 81 -10.32 -7.67 5.04
N LYS A 82 -9.50 -7.79 4.01
CA LYS A 82 -9.97 -8.37 2.76
C LYS A 82 -8.90 -8.14 1.68
N GLU A 83 -9.03 -7.00 1.01
CA GLU A 83 -8.09 -6.65 -0.05
C GLU A 83 -7.98 -5.13 -0.18
N TYR A 84 -6.77 -4.69 -0.50
CA TYR A 84 -6.52 -3.26 -0.65
C TYR A 84 -5.99 -2.95 -2.05
N LEU A 85 -6.21 -1.71 -2.47
CA LEU A 85 -5.75 -1.27 -3.77
C LEU A 85 -4.29 -0.82 -3.69
N ILE A 86 -3.74 -0.96 -2.49
CA ILE A 86 -2.36 -0.58 -2.26
C ILE A 86 -1.84 0.20 -3.47
N ALA A 87 -1.74 1.51 -3.31
CA ALA A 87 -1.26 2.36 -4.38
C ALA A 87 -0.10 3.22 -3.85
N GLY A 88 1.08 2.96 -4.39
CA GLY A 88 2.26 3.70 -4.00
C GLY A 88 3.16 3.97 -5.21
N LYS A 89 4.23 4.72 -4.95
CA LYS A 89 5.18 5.06 -5.99
C LYS A 89 5.72 3.78 -6.61
N ALA A 90 5.55 2.68 -5.89
CA ALA A 90 6.02 1.39 -6.36
C ALA A 90 7.54 1.32 -6.19
N GLU A 91 8.08 0.15 -6.51
CA GLU A 91 9.51 -0.07 -6.38
C GLU A 91 10.11 -0.48 -7.74
N GLY A 92 9.38 -1.34 -8.43
CA GLY A 92 9.82 -1.82 -9.72
C GLY A 92 9.20 -3.18 -10.06
N ASP A 93 7.88 -3.23 -9.96
CA ASP A 93 7.16 -4.47 -10.23
C ASP A 93 7.70 -5.58 -9.32
N GLY A 94 6.83 -6.56 -9.08
CA GLY A 94 7.21 -7.68 -8.23
C GLY A 94 7.40 -7.24 -6.79
N LYS A 95 7.43 -5.92 -6.60
CA LYS A 95 7.62 -5.35 -5.28
C LYS A 95 7.49 -3.84 -5.36
N MET A 96 6.90 -3.27 -4.33
CA MET A 96 6.71 -1.83 -4.27
C MET A 96 6.85 -1.31 -2.84
N HIS A 97 6.54 -0.04 -2.66
CA HIS A 97 6.62 0.59 -1.36
C HIS A 97 5.28 1.23 -1.01
N ILE A 98 4.79 0.88 0.18
CA ILE A 98 3.51 1.41 0.65
C ILE A 98 3.62 1.74 2.14
N THR A 99 3.08 2.89 2.49
CA THR A 99 3.10 3.32 3.88
C THR A 99 1.75 3.94 4.27
N LEU A 100 1.55 4.05 5.58
CA LEU A 100 0.31 4.62 6.09
C LEU A 100 0.12 6.03 5.53
N CYS A 101 1.21 6.79 5.54
CA CYS A 101 1.19 8.15 5.04
C CYS A 101 0.88 8.10 3.55
N ASP A 102 1.35 7.04 2.91
CA ASP A 102 1.14 6.86 1.48
C ASP A 102 -0.31 6.43 1.23
N PHE A 103 -0.65 6.33 -0.04
CA PHE A 103 -1.99 5.94 -0.42
C PHE A 103 -2.18 4.43 -0.28
N ILE A 104 -3.08 4.05 0.61
CA ILE A 104 -3.37 2.64 0.86
C ILE A 104 -4.68 2.52 1.62
N VAL A 105 -5.52 1.60 1.15
CA VAL A 105 -6.81 1.38 1.77
C VAL A 105 -7.27 -0.05 1.49
N PRO A 106 -8.16 -0.56 2.38
CA PRO A 106 -8.68 -1.91 2.23
C PRO A 106 -9.71 -1.98 1.10
N TRP A 107 -9.77 -0.90 0.33
CA TRP A 107 -10.70 -0.83 -0.77
C TRP A 107 -12.12 -0.70 -0.20
N ASP A 108 -12.49 -1.69 0.59
CA ASP A 108 -13.81 -1.70 1.20
C ASP A 108 -13.87 -0.60 2.27
N THR A 109 -13.51 0.60 1.85
CA THR A 109 -13.52 1.74 2.76
C THR A 109 -13.58 3.05 1.97
N LEU A 110 -12.62 3.21 1.07
CA LEU A 110 -12.55 4.40 0.25
C LEU A 110 -13.53 5.44 0.78
N SER A 111 -14.62 5.64 0.05
CA SER A 111 -15.64 6.59 0.44
C SER A 111 -16.27 7.21 -0.81
N THR A 112 -15.42 7.51 -1.78
CA THR A 112 -15.88 8.11 -3.02
C THR A 112 -14.74 8.84 -3.72
N THR A 113 -14.17 9.81 -3.01
CA THR A 113 -13.07 10.59 -3.56
C THR A 113 -11.94 9.66 -4.01
N GLN A 114 -11.92 8.47 -3.43
CA GLN A 114 -10.89 7.49 -3.77
C GLN A 114 -11.33 6.67 -4.98
N LYS A 115 -12.63 6.40 -5.03
CA LYS A 115 -13.19 5.62 -6.13
C LYS A 115 -13.09 6.43 -7.42
N LYS A 116 -13.34 7.73 -7.29
CA LYS A 116 -13.28 8.62 -8.44
C LYS A 116 -11.85 8.66 -8.97
N SER A 117 -10.92 8.20 -8.15
CA SER A 117 -9.53 8.18 -8.53
C SER A 117 -9.14 6.78 -9.02
N LEU A 118 -10.08 5.86 -8.89
CA LEU A 118 -9.86 4.50 -9.31
C LEU A 118 -9.95 4.41 -10.85
N ASN A 119 -10.72 5.34 -11.40
CA ASN A 119 -10.90 5.38 -12.84
C ASN A 119 -10.09 6.54 -13.41
N HIS A 120 -9.25 7.12 -12.56
CA HIS A 120 -8.41 8.23 -12.98
C HIS A 120 -7.06 7.71 -13.44
N ARG A 121 -7.07 6.46 -13.89
CA ARG A 121 -5.84 5.83 -14.37
C ARG A 121 -4.73 6.01 -13.35
N TYR A 122 -3.97 7.08 -13.52
CA TYR A 122 -2.86 7.39 -12.62
C TYR A 122 -2.60 8.89 -12.55
N GLN A 123 -3.17 9.51 -11.53
CA GLN A 123 -3.01 10.94 -11.33
C GLN A 123 -3.44 11.70 -12.60
N MET A 124 -4.71 11.53 -12.95
CA MET A 124 -5.25 12.19 -14.12
C MET A 124 -5.30 13.71 -13.92
N GLY A 125 -4.13 14.28 -13.65
CA GLY A 125 -4.04 15.72 -13.44
C GLY A 125 -5.05 16.18 -12.38
N CYS A 126 -5.41 15.25 -11.51
CA CYS A 126 -6.35 15.56 -10.45
C CYS A 126 -5.81 16.75 -9.64
N GLU A 127 -6.46 17.00 -8.52
CA GLU A 127 -6.06 18.09 -7.65
C GLU A 127 -6.96 18.16 -6.42
N CYS A 1 5.07 6.12 8.87
CA CYS A 1 5.68 6.12 10.19
C CYS A 1 4.94 7.13 11.06
N SER A 2 3.88 6.66 11.71
CA SER A 2 3.07 7.51 12.57
C SER A 2 2.61 8.74 11.80
N CYS A 3 2.71 8.64 10.48
CA CYS A 3 2.29 9.74 9.62
C CYS A 3 0.77 9.86 9.69
N SER A 4 0.26 10.93 9.08
CA SER A 4 -1.16 11.17 9.08
C SER A 4 -1.73 10.92 7.68
N PRO A 5 -2.50 9.80 7.57
CA PRO A 5 -3.09 9.42 6.30
C PRO A 5 -4.30 10.31 5.98
N VAL A 6 -4.26 10.92 4.80
CA VAL A 6 -5.34 11.78 4.37
C VAL A 6 -5.41 11.78 2.84
N HIS A 7 -5.53 12.98 2.28
CA HIS A 7 -5.61 13.12 0.84
C HIS A 7 -6.42 11.98 0.24
N PRO A 8 -7.76 12.19 0.20
CA PRO A 8 -8.66 11.18 -0.32
C PRO A 8 -8.59 11.14 -1.85
N GLN A 9 -7.73 11.99 -2.41
CA GLN A 9 -7.56 12.06 -3.84
C GLN A 9 -6.08 12.13 -4.20
N GLN A 10 -5.36 12.97 -3.45
CA GLN A 10 -3.94 13.14 -3.67
C GLN A 10 -3.21 11.82 -3.44
N ALA A 11 -3.95 10.84 -2.93
CA ALA A 11 -3.37 9.54 -2.66
C ALA A 11 -3.35 8.72 -3.95
N PHE A 12 -4.36 8.94 -4.77
CA PHE A 12 -4.47 8.24 -6.04
C PHE A 12 -3.80 9.02 -7.17
N CYS A 13 -3.14 10.09 -6.78
CA CYS A 13 -2.45 10.94 -7.75
C CYS A 13 -0.95 10.91 -7.45
N ASN A 14 -0.62 10.31 -6.31
CA ASN A 14 0.76 10.20 -5.90
C ASN A 14 1.24 8.76 -6.14
N ALA A 15 0.37 7.82 -5.83
CA ALA A 15 0.70 6.41 -6.02
C ALA A 15 1.18 6.18 -7.45
N ASP A 16 1.72 4.99 -7.68
CA ASP A 16 2.21 4.63 -9.00
C ASP A 16 1.96 3.15 -9.25
N VAL A 17 1.15 2.56 -8.37
CA VAL A 17 0.82 1.15 -8.49
C VAL A 17 -0.39 0.84 -7.60
N VAL A 18 -1.57 0.94 -8.22
CA VAL A 18 -2.80 0.67 -7.50
C VAL A 18 -3.31 -0.72 -7.86
N ILE A 19 -3.34 -1.58 -6.85
CA ILE A 19 -3.80 -2.95 -7.05
C ILE A 19 -4.62 -3.39 -5.84
N ARG A 20 -5.83 -3.87 -6.13
CA ARG A 20 -6.72 -4.32 -5.07
C ARG A 20 -6.29 -5.70 -4.56
N THR A 21 -4.98 -5.90 -4.52
CA THR A 21 -4.43 -7.16 -4.06
C THR A 21 -4.90 -7.45 -2.64
N LYS A 22 -4.64 -8.68 -2.21
CA LYS A 22 -5.03 -9.11 -0.87
C LYS A 22 -3.81 -9.65 -0.14
N ALA A 23 -3.51 -9.00 0.99
CA ALA A 23 -2.36 -9.40 1.79
C ALA A 23 -2.82 -10.43 2.84
N VAL A 24 -2.41 -11.67 2.63
CA VAL A 24 -2.77 -12.74 3.54
C VAL A 24 -1.52 -13.20 4.30
N SER A 25 -0.39 -13.16 3.59
CA SER A 25 0.87 -13.56 4.18
C SER A 25 1.85 -12.39 4.17
N GLU A 26 2.90 -12.53 4.98
CA GLU A 26 3.90 -11.49 5.07
C GLU A 26 5.28 -12.12 5.32
N LYS A 27 6.26 -11.25 5.54
CA LYS A 27 7.62 -11.70 5.79
C LYS A 27 8.35 -10.66 6.64
N GLU A 28 8.73 -11.08 7.84
CA GLU A 28 9.45 -10.19 8.74
C GLU A 28 10.91 -10.05 8.32
N VAL A 29 11.15 -9.03 7.51
CA VAL A 29 12.51 -8.78 7.02
C VAL A 29 13.11 -7.61 7.80
N ASP A 30 14.12 -7.92 8.60
CA ASP A 30 14.79 -6.92 9.40
C ASP A 30 15.38 -5.85 8.47
N SER A 31 15.45 -4.63 9.00
CA SER A 31 15.99 -3.52 8.23
C SER A 31 16.95 -2.71 9.10
N GLY A 32 17.38 -3.32 10.20
CA GLY A 32 18.29 -2.67 11.11
C GLY A 32 17.58 -1.61 11.95
N ASN A 33 18.32 -1.04 12.88
CA ASN A 33 17.78 0.00 13.75
C ASN A 33 17.82 1.35 13.03
N ASP A 34 17.02 2.27 13.53
CA ASP A 34 16.96 3.60 12.94
C ASP A 34 17.90 4.53 13.71
N ILE A 35 17.68 5.82 13.52
CA ILE A 35 18.50 6.82 14.19
C ILE A 35 18.03 6.97 15.63
N TYR A 36 17.01 6.22 15.98
CA TYR A 36 16.46 6.26 17.32
C TYR A 36 16.99 5.10 18.16
N GLY A 37 17.52 4.11 17.47
CA GLY A 37 18.07 2.93 18.14
C GLY A 37 17.10 1.76 18.07
N ASN A 38 15.89 2.05 17.58
CA ASN A 38 14.87 1.03 17.46
C ASN A 38 15.05 0.29 16.13
N PRO A 39 14.56 -0.98 16.10
CA PRO A 39 14.66 -1.79 14.91
C PRO A 39 13.65 -1.35 13.85
N ILE A 40 14.15 -1.15 12.64
CA ILE A 40 13.31 -0.73 11.54
C ILE A 40 12.27 -1.81 11.24
N LYS A 41 12.74 -2.85 10.56
CA LYS A 41 11.86 -3.96 10.21
C LYS A 41 10.85 -3.49 9.17
N ARG A 42 10.83 -4.18 8.04
CA ARG A 42 9.92 -3.86 6.96
C ARG A 42 9.16 -5.10 6.50
N ILE A 43 8.31 -5.60 7.39
CA ILE A 43 7.52 -6.78 7.08
C ILE A 43 7.10 -6.74 5.62
N GLN A 44 6.98 -7.93 5.03
CA GLN A 44 6.58 -8.04 3.64
C GLN A 44 5.05 -8.16 3.54
N TYR A 45 4.58 -8.25 2.30
CA TYR A 45 3.16 -8.37 2.05
C TYR A 45 2.87 -9.43 0.99
N GLU A 46 3.10 -10.67 1.38
CA GLU A 46 2.87 -11.79 0.47
C GLU A 46 1.39 -11.90 0.12
N ILE A 47 0.90 -10.91 -0.62
CA ILE A 47 -0.49 -10.88 -1.02
C ILE A 47 -0.78 -12.07 -1.93
N LYS A 48 -1.95 -12.04 -2.54
CA LYS A 48 -2.36 -13.11 -3.44
C LYS A 48 -2.81 -12.51 -4.77
N GLN A 49 -2.63 -11.20 -4.89
CA GLN A 49 -3.01 -10.50 -6.09
C GLN A 49 -4.42 -10.90 -6.53
N ILE A 50 -5.32 -9.93 -6.44
CA ILE A 50 -6.71 -10.17 -6.81
C ILE A 50 -7.10 -9.19 -7.93
N LYS A 51 -6.49 -8.02 -7.89
CA LYS A 51 -6.77 -6.99 -8.89
C LYS A 51 -5.53 -6.11 -9.06
N MET A 52 -5.56 -5.31 -10.11
CA MET A 52 -4.45 -4.41 -10.40
C MET A 52 -4.95 -3.12 -11.04
N PHE A 53 -5.66 -2.33 -10.23
CA PHE A 53 -6.20 -1.06 -10.70
C PHE A 53 -5.21 -0.36 -11.65
N LYS A 54 -4.22 0.27 -11.05
CA LYS A 54 -3.22 0.98 -11.83
C LYS A 54 -1.83 0.50 -11.41
N GLY A 55 -1.51 -0.72 -11.81
CA GLY A 55 -0.23 -1.30 -11.49
C GLY A 55 0.49 -1.79 -12.76
N PRO A 56 1.53 -2.65 -12.53
CA PRO A 56 2.29 -3.19 -13.64
C PRO A 56 1.51 -4.29 -14.37
N GLU A 57 2.18 -4.91 -15.32
CA GLU A 57 1.56 -5.97 -16.09
C GLU A 57 1.53 -7.27 -15.30
N LYS A 58 2.60 -7.50 -14.56
CA LYS A 58 2.72 -8.69 -13.74
C LYS A 58 1.88 -8.53 -12.48
N ASP A 59 2.48 -7.91 -11.48
CA ASP A 59 1.80 -7.67 -10.22
C ASP A 59 2.84 -7.56 -9.10
N ILE A 60 2.36 -7.14 -7.93
CA ILE A 60 3.23 -6.97 -6.78
C ILE A 60 2.74 -7.88 -5.65
N GLU A 61 2.93 -9.17 -5.85
CA GLU A 61 2.52 -10.16 -4.86
C GLU A 61 3.38 -10.04 -3.60
N PHE A 62 4.40 -9.19 -3.69
CA PHE A 62 5.30 -8.96 -2.58
C PHE A 62 5.50 -7.47 -2.32
N ILE A 63 4.65 -6.93 -1.45
CA ILE A 63 4.73 -5.52 -1.11
C ILE A 63 5.50 -5.36 0.20
N TYR A 64 5.89 -4.12 0.48
CA TYR A 64 6.62 -3.82 1.68
C TYR A 64 5.87 -2.80 2.55
N THR A 65 6.12 -2.89 3.85
CA THR A 65 5.47 -1.98 4.79
C THR A 65 6.17 -2.05 6.16
N ALA A 66 5.46 -1.55 7.16
CA ALA A 66 6.00 -1.55 8.51
C ALA A 66 5.31 -2.64 9.34
N PRO A 67 6.04 -3.15 10.35
CA PRO A 67 5.52 -4.20 11.22
C PRO A 67 4.48 -3.63 12.20
N SER A 68 4.24 -4.39 13.25
CA SER A 68 3.28 -3.99 14.26
C SER A 68 1.88 -3.90 13.65
N SER A 69 1.01 -3.17 14.33
CA SER A 69 -0.35 -3.00 13.87
C SER A 69 -0.42 -1.88 12.83
N ALA A 70 0.67 -1.73 12.09
CA ALA A 70 0.76 -0.71 11.06
C ALA A 70 1.25 0.60 11.68
N VAL A 71 2.55 0.80 11.58
CA VAL A 71 3.17 2.01 12.12
C VAL A 71 3.57 2.94 10.97
N CYS A 72 4.05 2.32 9.90
CA CYS A 72 4.47 3.09 8.74
C CYS A 72 3.69 2.58 7.52
N GLY A 73 2.63 1.83 7.82
CA GLY A 73 1.78 1.28 6.76
C GLY A 73 0.36 1.06 7.26
N VAL A 74 -0.31 0.11 6.64
CA VAL A 74 -1.68 -0.21 7.01
C VAL A 74 -1.73 -1.64 7.56
N SER A 75 -0.58 -2.27 7.60
CA SER A 75 -0.47 -3.63 8.10
C SER A 75 -1.75 -4.41 7.77
N LEU A 76 -1.74 -5.04 6.60
CA LEU A 76 -2.88 -5.81 6.16
C LEU A 76 -2.53 -7.30 6.18
N ASP A 77 -3.45 -8.09 6.72
CA ASP A 77 -3.24 -9.52 6.82
C ASP A 77 -4.44 -10.25 6.17
N VAL A 78 -5.35 -9.44 5.65
CA VAL A 78 -6.54 -9.99 5.01
C VAL A 78 -7.45 -10.59 6.07
N GLY A 79 -6.88 -11.52 6.84
CA GLY A 79 -7.63 -12.18 7.89
C GLY A 79 -8.29 -11.17 8.83
N GLY A 80 -7.87 -9.91 8.67
CA GLY A 80 -8.40 -8.84 9.49
C GLY A 80 -9.07 -7.78 8.63
N LYS A 81 -8.56 -7.63 7.41
CA LYS A 81 -9.10 -6.65 6.49
C LYS A 81 -9.80 -7.38 5.34
N LYS A 82 -9.05 -7.60 4.27
CA LYS A 82 -9.59 -8.28 3.11
C LYS A 82 -8.69 -8.01 1.90
N GLU A 83 -8.88 -6.85 1.29
CA GLU A 83 -8.09 -6.46 0.14
C GLU A 83 -7.92 -4.94 0.10
N TYR A 84 -6.92 -4.52 -0.65
CA TYR A 84 -6.63 -3.09 -0.78
C TYR A 84 -6.04 -2.78 -2.16
N LEU A 85 -6.27 -1.55 -2.60
CA LEU A 85 -5.77 -1.11 -3.89
C LEU A 85 -4.31 -0.67 -3.75
N ILE A 86 -3.80 -0.83 -2.53
CA ILE A 86 -2.43 -0.45 -2.24
C ILE A 86 -1.86 0.34 -3.43
N ALA A 87 -1.83 1.65 -3.26
CA ALA A 87 -1.31 2.52 -4.31
C ALA A 87 -0.23 3.43 -3.72
N GLY A 88 1.01 3.13 -4.10
CA GLY A 88 2.15 3.90 -3.62
C GLY A 88 3.34 3.76 -4.56
N LYS A 89 4.20 4.76 -4.55
CA LYS A 89 5.38 4.76 -5.38
C LYS A 89 5.94 3.34 -5.46
N ALA A 90 5.60 2.65 -6.54
CA ALA A 90 6.05 1.29 -6.74
C ALA A 90 7.57 1.23 -6.55
N GLU A 91 8.10 0.02 -6.67
CA GLU A 91 9.54 -0.18 -6.51
C GLU A 91 10.15 -0.64 -7.83
N GLY A 92 9.38 -1.42 -8.57
CA GLY A 92 9.84 -1.94 -9.85
C GLY A 92 9.17 -3.27 -10.17
N ASP A 93 7.86 -3.30 -10.04
CA ASP A 93 7.09 -4.49 -10.31
C ASP A 93 7.60 -5.63 -9.42
N GLY A 94 6.69 -6.53 -9.08
CA GLY A 94 7.03 -7.66 -8.23
C GLY A 94 7.32 -7.21 -6.80
N LYS A 95 7.32 -5.90 -6.61
CA LYS A 95 7.57 -5.33 -5.29
C LYS A 95 7.47 -3.81 -5.38
N MET A 96 6.89 -3.23 -4.33
CA MET A 96 6.73 -1.78 -4.27
C MET A 96 6.86 -1.28 -2.83
N HIS A 97 6.56 0.00 -2.67
CA HIS A 97 6.63 0.62 -1.35
C HIS A 97 5.29 1.26 -1.01
N ILE A 98 4.78 0.92 0.15
CA ILE A 98 3.50 1.45 0.60
C ILE A 98 3.59 1.76 2.11
N THR A 99 3.09 2.93 2.46
CA THR A 99 3.10 3.36 3.85
C THR A 99 1.74 3.96 4.23
N LEU A 100 1.55 4.09 5.54
CA LEU A 100 0.30 4.64 6.05
C LEU A 100 0.09 6.03 5.48
N CYS A 101 1.17 6.81 5.45
CA CYS A 101 1.12 8.16 4.93
C CYS A 101 0.81 8.09 3.43
N ASP A 102 1.30 7.03 2.81
CA ASP A 102 1.08 6.83 1.39
C ASP A 102 -0.37 6.40 1.16
N PHE A 103 -0.77 6.43 -0.10
CA PHE A 103 -2.13 6.04 -0.47
C PHE A 103 -2.32 4.52 -0.33
N ILE A 104 -3.24 4.15 0.54
CA ILE A 104 -3.53 2.75 0.78
C ILE A 104 -4.85 2.63 1.52
N VAL A 105 -5.68 1.70 1.07
CA VAL A 105 -6.97 1.47 1.68
C VAL A 105 -7.43 0.04 1.39
N PRO A 106 -8.32 -0.47 2.28
CA PRO A 106 -8.84 -1.82 2.13
C PRO A 106 -9.87 -1.89 0.99
N TRP A 107 -9.94 -0.81 0.23
CA TRP A 107 -10.87 -0.74 -0.88
C TRP A 107 -12.28 -0.59 -0.31
N ASP A 108 -12.67 -1.58 0.47
CA ASP A 108 -13.99 -1.58 1.09
C ASP A 108 -14.06 -0.47 2.15
N THR A 109 -13.68 0.72 1.73
CA THR A 109 -13.69 1.87 2.62
C THR A 109 -13.74 3.18 1.82
N LEU A 110 -12.75 3.34 0.95
CA LEU A 110 -12.67 4.52 0.13
C LEU A 110 -13.67 5.57 0.63
N SER A 111 -14.73 5.74 -0.15
CA SER A 111 -15.76 6.70 0.20
C SER A 111 -16.36 7.30 -1.07
N THR A 112 -15.49 7.59 -2.02
CA THR A 112 -15.92 8.17 -3.27
C THR A 112 -14.75 8.86 -3.98
N THR A 113 -14.27 9.93 -3.34
CA THR A 113 -13.15 10.68 -3.89
C THR A 113 -12.02 9.74 -4.30
N GLN A 114 -11.99 8.58 -3.66
CA GLN A 114 -10.98 7.58 -3.95
C GLN A 114 -11.40 6.72 -5.13
N LYS A 115 -12.71 6.46 -5.20
CA LYS A 115 -13.26 5.66 -6.28
C LYS A 115 -13.17 6.43 -7.59
N LYS A 116 -13.47 7.72 -7.50
CA LYS A 116 -13.42 8.58 -8.67
C LYS A 116 -11.99 8.62 -9.22
N SER A 117 -11.06 8.28 -8.35
CA SER A 117 -9.66 8.29 -8.74
C SER A 117 -9.26 6.90 -9.26
N LEU A 118 -10.12 5.94 -8.99
CA LEU A 118 -9.87 4.57 -9.41
C LEU A 118 -9.98 4.50 -10.94
N ASN A 119 -10.83 5.34 -11.48
CA ASN A 119 -11.05 5.38 -12.92
C ASN A 119 -9.84 6.05 -13.59
N HIS A 120 -9.31 7.06 -12.90
CA HIS A 120 -8.16 7.79 -13.41
C HIS A 120 -6.99 6.82 -13.59
N ARG A 121 -6.67 6.56 -14.85
CA ARG A 121 -5.56 5.67 -15.17
C ARG A 121 -4.47 5.77 -14.12
N TYR A 122 -4.11 7.00 -13.80
CA TYR A 122 -3.07 7.26 -12.82
C TYR A 122 -2.75 8.75 -12.71
N GLN A 123 -3.20 9.34 -11.62
CA GLN A 123 -2.96 10.76 -11.39
C GLN A 123 -3.34 11.57 -12.63
N MET A 124 -4.59 11.41 -13.06
CA MET A 124 -5.08 12.10 -14.23
C MET A 124 -5.27 13.59 -13.93
N GLY A 125 -4.20 14.21 -13.46
CA GLY A 125 -4.23 15.63 -13.14
C GLY A 125 -5.34 15.93 -12.13
N CYS A 126 -5.70 14.92 -11.36
CA CYS A 126 -6.74 15.06 -10.35
C CYS A 126 -6.35 16.21 -9.43
N GLU A 127 -7.08 16.30 -8.32
CA GLU A 127 -6.82 17.35 -7.34
C GLU A 127 -7.77 17.20 -6.15
N CYS A 1 5.00 6.22 8.69
CA CYS A 1 5.60 6.19 10.01
C CYS A 1 4.83 7.16 10.91
N SER A 2 3.78 6.64 11.52
CA SER A 2 2.95 7.45 12.41
C SER A 2 2.46 8.69 11.67
N CYS A 3 2.61 8.66 10.36
CA CYS A 3 2.19 9.78 9.52
C CYS A 3 0.66 9.86 9.58
N SER A 4 0.14 10.94 9.03
CA SER A 4 -1.30 11.16 9.01
C SER A 4 -1.85 10.87 7.62
N PRO A 5 -2.65 9.77 7.54
CA PRO A 5 -3.25 9.38 6.27
C PRO A 5 -4.42 10.29 5.91
N VAL A 6 -4.29 10.93 4.76
CA VAL A 6 -5.33 11.84 4.29
C VAL A 6 -5.39 11.80 2.76
N HIS A 7 -5.43 12.98 2.18
CA HIS A 7 -5.48 13.10 0.73
C HIS A 7 -6.34 11.98 0.16
N PRO A 8 -7.68 12.22 0.15
CA PRO A 8 -8.62 11.24 -0.36
C PRO A 8 -8.59 11.21 -1.89
N GLN A 9 -7.69 12.00 -2.45
CA GLN A 9 -7.57 12.08 -3.89
C GLN A 9 -6.09 12.16 -4.29
N GLN A 10 -5.36 12.99 -3.55
CA GLN A 10 -3.95 13.17 -3.82
C GLN A 10 -3.18 11.87 -3.54
N ALA A 11 -3.92 10.89 -3.04
CA ALA A 11 -3.32 9.60 -2.74
C ALA A 11 -3.25 8.76 -4.01
N PHE A 12 -4.29 8.90 -4.83
CA PHE A 12 -4.36 8.16 -6.08
C PHE A 12 -3.62 8.90 -7.20
N CYS A 13 -3.25 10.14 -6.90
CA CYS A 13 -2.54 10.95 -7.86
C CYS A 13 -1.04 10.88 -7.55
N ASN A 14 -0.74 10.39 -6.36
CA ASN A 14 0.64 10.25 -5.93
C ASN A 14 1.12 8.83 -6.21
N ALA A 15 0.26 7.87 -5.90
CA ALA A 15 0.58 6.47 -6.10
C ALA A 15 1.01 6.26 -7.56
N ASP A 16 1.52 5.07 -7.83
CA ASP A 16 1.96 4.73 -9.18
C ASP A 16 1.77 3.24 -9.41
N VAL A 17 1.00 2.62 -8.52
CA VAL A 17 0.73 1.20 -8.61
C VAL A 17 -0.45 0.85 -7.70
N VAL A 18 -1.64 0.96 -8.27
CA VAL A 18 -2.85 0.66 -7.52
C VAL A 18 -3.32 -0.75 -7.87
N ILE A 19 -3.41 -1.58 -6.84
CA ILE A 19 -3.84 -2.96 -7.03
C ILE A 19 -4.65 -3.41 -5.81
N ARG A 20 -5.85 -3.89 -6.07
CA ARG A 20 -6.73 -4.35 -5.01
C ARG A 20 -6.29 -5.74 -4.53
N THR A 21 -4.98 -5.91 -4.46
CA THR A 21 -4.42 -7.18 -4.01
C THR A 21 -4.86 -7.48 -2.57
N LYS A 22 -4.66 -8.73 -2.18
CA LYS A 22 -5.02 -9.16 -0.84
C LYS A 22 -3.77 -9.66 -0.10
N ALA A 23 -3.49 -9.03 1.02
CA ALA A 23 -2.34 -9.40 1.82
C ALA A 23 -2.76 -10.41 2.88
N VAL A 24 -2.45 -11.67 2.62
CA VAL A 24 -2.80 -12.74 3.54
C VAL A 24 -1.54 -13.21 4.26
N SER A 25 -0.43 -13.19 3.54
CA SER A 25 0.84 -13.61 4.09
C SER A 25 1.81 -12.43 4.12
N GLU A 26 2.85 -12.58 4.93
CA GLU A 26 3.87 -11.54 5.05
C GLU A 26 5.25 -12.16 5.24
N LYS A 27 6.23 -11.29 5.46
CA LYS A 27 7.60 -11.75 5.66
C LYS A 27 8.35 -10.71 6.49
N GLU A 28 8.73 -11.11 7.69
CA GLU A 28 9.46 -10.23 8.58
C GLU A 28 10.91 -10.08 8.12
N VAL A 29 11.15 -9.07 7.31
CA VAL A 29 12.48 -8.81 6.78
C VAL A 29 13.15 -7.73 7.64
N ASP A 30 13.96 -8.19 8.59
CA ASP A 30 14.66 -7.27 9.47
C ASP A 30 15.31 -6.16 8.64
N SER A 31 15.36 -4.98 9.23
CA SER A 31 15.96 -3.83 8.55
C SER A 31 16.88 -3.08 9.51
N GLY A 32 17.28 -3.78 10.57
CA GLY A 32 18.16 -3.19 11.56
C GLY A 32 17.45 -2.07 12.33
N ASN A 33 18.22 -1.41 13.19
CA ASN A 33 17.69 -0.32 13.98
C ASN A 33 17.73 0.97 13.16
N ASP A 34 17.01 1.97 13.66
CA ASP A 34 16.96 3.26 12.99
C ASP A 34 17.98 4.20 13.61
N ILE A 35 17.80 5.49 13.34
CA ILE A 35 18.70 6.50 13.87
C ILE A 35 18.33 6.79 15.33
N TYR A 36 17.32 6.07 15.81
CA TYR A 36 16.85 6.24 17.17
C TYR A 36 17.23 5.04 18.03
N GLY A 37 17.88 4.07 17.40
CA GLY A 37 18.29 2.86 18.08
C GLY A 37 17.18 1.81 18.08
N ASN A 38 16.01 2.24 17.63
CA ASN A 38 14.86 1.36 17.57
C ASN A 38 14.99 0.45 16.33
N PRO A 39 14.35 -0.74 16.43
CA PRO A 39 14.38 -1.70 15.33
C PRO A 39 13.48 -1.26 14.18
N ILE A 40 14.05 -1.28 12.99
CA ILE A 40 13.31 -0.89 11.80
C ILE A 40 12.29 -1.97 11.46
N LYS A 41 12.75 -2.98 10.76
CA LYS A 41 11.88 -4.08 10.37
C LYS A 41 10.88 -3.59 9.32
N ARG A 42 10.88 -4.27 8.19
CA ARG A 42 9.99 -3.90 7.10
C ARG A 42 9.22 -5.14 6.62
N ILE A 43 8.34 -5.62 7.48
CA ILE A 43 7.53 -6.79 7.16
C ILE A 43 7.08 -6.71 5.71
N GLN A 44 6.99 -7.87 5.08
CA GLN A 44 6.57 -7.94 3.69
C GLN A 44 5.05 -8.08 3.60
N TYR A 45 4.58 -8.18 2.37
CA TYR A 45 3.14 -8.31 2.13
C TYR A 45 2.86 -9.37 1.06
N GLU A 46 3.13 -10.62 1.43
CA GLU A 46 2.91 -11.73 0.52
C GLU A 46 1.43 -11.83 0.16
N ILE A 47 0.96 -10.85 -0.61
CA ILE A 47 -0.43 -10.82 -1.03
C ILE A 47 -0.69 -11.98 -2.00
N LYS A 48 -1.89 -11.97 -2.58
CA LYS A 48 -2.27 -13.01 -3.52
C LYS A 48 -2.68 -12.36 -4.84
N GLN A 49 -2.46 -11.05 -4.92
CA GLN A 49 -2.81 -10.30 -6.12
C GLN A 49 -4.14 -10.80 -6.69
N ILE A 50 -5.17 -10.01 -6.44
CA ILE A 50 -6.50 -10.36 -6.93
C ILE A 50 -6.92 -9.37 -8.02
N LYS A 51 -6.47 -8.13 -7.86
CA LYS A 51 -6.79 -7.10 -8.82
C LYS A 51 -5.58 -6.15 -8.96
N MET A 52 -5.59 -5.40 -10.05
CA MET A 52 -4.51 -4.47 -10.32
C MET A 52 -5.04 -3.17 -10.94
N PHE A 53 -5.75 -2.41 -10.13
CA PHE A 53 -6.32 -1.15 -10.59
C PHE A 53 -5.38 -0.45 -11.56
N LYS A 54 -4.36 0.20 -11.00
CA LYS A 54 -3.39 0.91 -11.81
C LYS A 54 -1.98 0.46 -11.40
N GLY A 55 -1.66 -0.77 -11.76
CA GLY A 55 -0.36 -1.33 -11.45
C GLY A 55 0.43 -1.65 -12.72
N PRO A 56 1.50 -2.46 -12.54
CA PRO A 56 2.33 -2.85 -13.68
C PRO A 56 1.63 -3.90 -14.54
N GLU A 57 2.40 -4.49 -15.44
CA GLU A 57 1.87 -5.51 -16.33
C GLU A 57 2.13 -6.91 -15.76
N LYS A 58 3.28 -7.03 -15.11
CA LYS A 58 3.66 -8.31 -14.51
C LYS A 58 2.80 -8.56 -13.27
N ASP A 59 3.20 -7.90 -12.18
CA ASP A 59 2.48 -8.05 -10.93
C ASP A 59 3.46 -7.89 -9.76
N ILE A 60 2.90 -7.67 -8.58
CA ILE A 60 3.71 -7.50 -7.39
C ILE A 60 3.63 -8.78 -6.55
N GLU A 61 2.55 -8.90 -5.80
CA GLU A 61 2.35 -10.05 -4.95
C GLU A 61 3.26 -9.99 -3.73
N PHE A 62 4.14 -8.99 -3.74
CA PHE A 62 5.07 -8.81 -2.64
C PHE A 62 5.27 -7.31 -2.35
N ILE A 63 4.48 -6.81 -1.41
CA ILE A 63 4.56 -5.41 -1.03
C ILE A 63 5.38 -5.29 0.26
N TYR A 64 5.69 -4.04 0.61
CA TYR A 64 6.46 -3.77 1.81
C TYR A 64 5.72 -2.80 2.72
N THR A 65 6.11 -2.81 3.99
CA THR A 65 5.50 -1.94 4.97
C THR A 65 6.22 -2.05 6.31
N ALA A 66 5.54 -1.59 7.36
CA ALA A 66 6.11 -1.63 8.69
C ALA A 66 5.35 -2.67 9.53
N PRO A 67 6.07 -3.21 10.55
CA PRO A 67 5.48 -4.21 11.42
C PRO A 67 4.50 -3.58 12.41
N SER A 68 4.22 -4.31 13.48
CA SER A 68 3.31 -3.83 14.50
C SER A 68 1.91 -3.64 13.90
N SER A 69 1.10 -2.89 14.63
CA SER A 69 -0.27 -2.62 14.18
C SER A 69 -0.26 -1.51 13.13
N ALA A 70 0.74 -1.58 12.26
CA ALA A 70 0.87 -0.59 11.20
C ALA A 70 1.40 0.72 11.79
N VAL A 71 2.71 0.89 11.65
CA VAL A 71 3.36 2.09 12.16
C VAL A 71 3.76 2.99 10.99
N CYS A 72 4.17 2.35 9.90
CA CYS A 72 4.57 3.08 8.71
C CYS A 72 3.78 2.53 7.52
N GLY A 73 2.70 1.85 7.84
CA GLY A 73 1.85 1.26 6.81
C GLY A 73 0.44 1.03 7.32
N VAL A 74 -0.25 0.09 6.69
CA VAL A 74 -1.60 -0.23 7.07
C VAL A 74 -1.67 -1.68 7.57
N SER A 75 -0.48 -2.26 7.75
CA SER A 75 -0.38 -3.62 8.22
C SER A 75 -1.67 -4.39 7.90
N LEU A 76 -1.70 -4.97 6.71
CA LEU A 76 -2.85 -5.73 6.27
C LEU A 76 -2.53 -7.22 6.29
N ASP A 77 -3.38 -7.98 6.94
CA ASP A 77 -3.19 -9.42 7.04
C ASP A 77 -4.36 -10.13 6.34
N VAL A 78 -5.35 -9.34 5.97
CA VAL A 78 -6.53 -9.88 5.29
C VAL A 78 -7.41 -10.60 6.31
N GLY A 79 -6.75 -11.22 7.29
CA GLY A 79 -7.46 -11.93 8.34
C GLY A 79 -8.35 -10.99 9.13
N GLY A 80 -8.17 -9.71 8.89
CA GLY A 80 -8.96 -8.69 9.59
C GLY A 80 -9.62 -7.74 8.60
N LYS A 81 -8.90 -7.43 7.54
CA LYS A 81 -9.40 -6.54 6.51
C LYS A 81 -10.03 -7.36 5.39
N LYS A 82 -9.28 -7.53 4.32
CA LYS A 82 -9.75 -8.29 3.17
C LYS A 82 -8.80 -8.06 1.99
N GLU A 83 -8.83 -6.84 1.47
CA GLU A 83 -7.99 -6.47 0.35
C GLU A 83 -7.82 -4.96 0.28
N TYR A 84 -6.82 -4.54 -0.49
CA TYR A 84 -6.54 -3.12 -0.65
C TYR A 84 -5.99 -2.83 -2.04
N LEU A 85 -6.22 -1.60 -2.49
CA LEU A 85 -5.76 -1.18 -3.80
C LEU A 85 -4.30 -0.71 -3.70
N ILE A 86 -3.76 -0.85 -2.50
CA ILE A 86 -2.39 -0.45 -2.25
C ILE A 86 -1.86 0.32 -3.47
N ALA A 87 -1.82 1.64 -3.33
CA ALA A 87 -1.34 2.49 -4.41
C ALA A 87 -0.21 3.37 -3.88
N GLY A 88 0.99 3.09 -4.36
CA GLY A 88 2.16 3.85 -3.95
C GLY A 88 3.08 4.11 -5.14
N LYS A 89 4.19 4.77 -4.85
CA LYS A 89 5.17 5.09 -5.88
C LYS A 89 5.68 3.80 -6.49
N ALA A 90 5.48 2.70 -5.77
CA ALA A 90 5.93 1.40 -6.24
C ALA A 90 7.45 1.28 -6.07
N GLU A 91 7.97 0.15 -6.49
CA GLU A 91 9.40 -0.11 -6.39
C GLU A 91 9.96 -0.48 -7.75
N GLY A 92 9.22 -1.32 -8.46
CA GLY A 92 9.63 -1.77 -9.77
C GLY A 92 8.99 -3.12 -10.11
N ASP A 93 7.68 -3.18 -9.99
CA ASP A 93 6.96 -4.40 -10.28
C ASP A 93 7.49 -5.53 -9.40
N GLY A 94 6.63 -6.51 -9.16
CA GLY A 94 7.00 -7.65 -8.34
C GLY A 94 7.28 -7.22 -6.90
N LYS A 95 7.23 -5.91 -6.68
CA LYS A 95 7.47 -5.36 -5.36
C LYS A 95 7.35 -3.84 -5.41
N MET A 96 6.82 -3.28 -4.34
CA MET A 96 6.64 -1.84 -4.25
C MET A 96 6.81 -1.35 -2.81
N HIS A 97 6.48 -0.09 -2.60
CA HIS A 97 6.59 0.51 -1.27
C HIS A 97 5.29 1.23 -0.93
N ILE A 98 4.75 0.86 0.23
CA ILE A 98 3.51 1.47 0.70
C ILE A 98 3.65 1.84 2.18
N THR A 99 3.09 2.98 2.52
CA THR A 99 3.14 3.47 3.89
C THR A 99 1.79 4.06 4.31
N LEU A 100 1.59 4.13 5.61
CA LEU A 100 0.35 4.67 6.15
C LEU A 100 0.19 6.12 5.69
N CYS A 101 1.31 6.72 5.35
CA CYS A 101 1.32 8.11 4.90
C CYS A 101 0.98 8.12 3.40
N ASP A 102 1.35 7.04 2.74
CA ASP A 102 1.11 6.92 1.31
C ASP A 102 -0.34 6.47 1.09
N PHE A 103 -0.74 6.47 -0.18
CA PHE A 103 -2.09 6.08 -0.54
C PHE A 103 -2.28 4.57 -0.37
N ILE A 104 -3.20 4.21 0.52
CA ILE A 104 -3.48 2.81 0.78
C ILE A 104 -4.81 2.70 1.53
N VAL A 105 -5.61 1.73 1.11
CA VAL A 105 -6.90 1.50 1.75
C VAL A 105 -7.33 0.06 1.50
N PRO A 106 -8.25 -0.42 2.39
CA PRO A 106 -8.75 -1.79 2.28
C PRO A 106 -9.75 -1.91 1.12
N TRP A 107 -9.81 -0.87 0.31
CA TRP A 107 -10.71 -0.85 -0.82
C TRP A 107 -12.14 -0.70 -0.29
N ASP A 108 -12.53 -1.68 0.51
CA ASP A 108 -13.87 -1.67 1.10
C ASP A 108 -13.97 -0.56 2.13
N THR A 109 -13.60 0.64 1.71
CA THR A 109 -13.63 1.79 2.58
C THR A 109 -13.68 3.09 1.78
N LEU A 110 -12.68 3.26 0.93
CA LEU A 110 -12.60 4.45 0.09
C LEU A 110 -13.61 5.48 0.59
N SER A 111 -14.68 5.65 -0.18
CA SER A 111 -15.72 6.59 0.17
C SER A 111 -16.33 7.19 -1.10
N THR A 112 -15.46 7.50 -2.05
CA THR A 112 -15.89 8.07 -3.30
C THR A 112 -14.72 8.76 -4.02
N THR A 113 -14.23 9.82 -3.38
CA THR A 113 -13.12 10.57 -3.94
C THR A 113 -11.98 9.63 -4.34
N GLN A 114 -11.91 8.50 -3.64
CA GLN A 114 -10.89 7.51 -3.90
C GLN A 114 -11.30 6.63 -5.08
N LYS A 115 -12.60 6.43 -5.21
CA LYS A 115 -13.14 5.62 -6.28
C LYS A 115 -13.07 6.39 -7.60
N LYS A 116 -13.41 7.67 -7.51
CA LYS A 116 -13.38 8.53 -8.68
C LYS A 116 -11.95 8.60 -9.22
N SER A 117 -11.01 8.27 -8.35
CA SER A 117 -9.61 8.31 -8.73
C SER A 117 -9.18 6.94 -9.26
N LEU A 118 -10.06 5.96 -9.09
CA LEU A 118 -9.79 4.61 -9.53
C LEU A 118 -9.93 4.55 -11.05
N ASN A 119 -10.77 5.42 -11.57
CA ASN A 119 -11.00 5.48 -13.00
C ASN A 119 -10.16 6.60 -13.62
N HIS A 120 -9.32 7.18 -12.78
CA HIS A 120 -8.46 8.27 -13.21
C HIS A 120 -7.29 7.71 -14.01
N ARG A 121 -7.28 6.39 -14.15
CA ARG A 121 -6.22 5.71 -14.88
C ARG A 121 -4.91 5.79 -14.11
N TYR A 122 -4.50 7.01 -13.82
CA TYR A 122 -3.26 7.23 -13.09
C TYR A 122 -2.95 8.73 -12.98
N GLN A 123 -3.36 9.31 -11.86
CA GLN A 123 -3.12 10.72 -11.62
C GLN A 123 -3.53 11.54 -12.85
N MET A 124 -4.77 11.37 -13.25
CA MET A 124 -5.31 12.07 -14.41
C MET A 124 -5.51 13.55 -14.08
N GLY A 125 -4.44 14.19 -13.64
CA GLY A 125 -4.49 15.60 -13.29
C GLY A 125 -5.55 15.86 -12.21
N CYS A 126 -5.88 14.80 -11.48
CA CYS A 126 -6.87 14.91 -10.42
C CYS A 126 -6.39 15.96 -9.42
N GLU A 127 -7.04 15.98 -8.27
CA GLU A 127 -6.69 16.92 -7.22
C GLU A 127 -7.59 16.72 -6.00
N CYS A 1 8.37 6.49 12.97
CA CYS A 1 7.39 7.08 12.06
C CYS A 1 6.04 7.14 12.77
N SER A 2 5.07 7.72 12.09
CA SER A 2 3.73 7.84 12.64
C SER A 2 2.93 8.87 11.84
N CYS A 3 3.07 8.79 10.52
CA CYS A 3 2.37 9.71 9.64
C CYS A 3 0.87 9.42 9.75
N SER A 4 0.10 10.16 8.96
CA SER A 4 -1.34 10.00 8.97
C SER A 4 -1.87 9.97 7.53
N PRO A 5 -2.70 8.94 7.24
CA PRO A 5 -3.27 8.79 5.92
C PRO A 5 -4.40 9.80 5.68
N VAL A 6 -4.29 10.52 4.58
CA VAL A 6 -5.28 11.52 4.24
C VAL A 6 -5.42 11.59 2.72
N HIS A 7 -5.42 12.81 2.21
CA HIS A 7 -5.55 13.02 0.77
C HIS A 7 -6.45 11.93 0.17
N PRO A 8 -7.77 12.22 0.17
CA PRO A 8 -8.74 11.27 -0.38
C PRO A 8 -8.70 11.27 -1.90
N GLN A 9 -7.78 12.05 -2.44
CA GLN A 9 -7.63 12.14 -3.88
C GLN A 9 -6.16 12.24 -4.26
N GLN A 10 -5.44 13.07 -3.53
CA GLN A 10 -4.02 13.26 -3.78
C GLN A 10 -3.26 11.95 -3.51
N ALA A 11 -4.00 10.97 -3.00
CA ALA A 11 -3.41 9.68 -2.69
C ALA A 11 -3.38 8.83 -3.96
N PHE A 12 -4.42 8.96 -4.76
CA PHE A 12 -4.52 8.21 -6.00
C PHE A 12 -3.85 8.97 -7.15
N CYS A 13 -3.25 10.09 -6.81
CA CYS A 13 -2.57 10.92 -7.79
C CYS A 13 -1.07 10.88 -7.49
N ASN A 14 -0.75 10.43 -6.30
CA ASN A 14 0.63 10.34 -5.87
C ASN A 14 1.14 8.91 -6.08
N ALA A 15 0.25 7.95 -5.83
CA ALA A 15 0.59 6.56 -5.99
C ALA A 15 1.14 6.32 -7.41
N ASP A 16 1.63 5.12 -7.62
CA ASP A 16 2.17 4.76 -8.92
C ASP A 16 1.96 3.25 -9.16
N VAL A 17 1.11 2.66 -8.33
CA VAL A 17 0.82 1.25 -8.44
C VAL A 17 -0.41 0.92 -7.59
N VAL A 18 -1.56 1.00 -8.22
CA VAL A 18 -2.81 0.72 -7.54
C VAL A 18 -3.28 -0.70 -7.90
N ILE A 19 -3.39 -1.54 -6.88
CA ILE A 19 -3.82 -2.90 -7.08
C ILE A 19 -4.65 -3.36 -5.88
N ARG A 20 -5.85 -3.84 -6.18
CA ARG A 20 -6.75 -4.30 -5.14
C ARG A 20 -6.32 -5.68 -4.64
N THR A 21 -5.02 -5.87 -4.55
CA THR A 21 -4.46 -7.13 -4.09
C THR A 21 -4.91 -7.43 -2.66
N LYS A 22 -4.71 -8.67 -2.26
CA LYS A 22 -5.09 -9.09 -0.92
C LYS A 22 -3.84 -9.60 -0.18
N ALA A 23 -3.57 -8.94 0.95
CA ALA A 23 -2.41 -9.31 1.76
C ALA A 23 -2.85 -10.31 2.84
N VAL A 24 -2.50 -11.56 2.62
CA VAL A 24 -2.85 -12.61 3.56
C VAL A 24 -1.59 -13.08 4.28
N SER A 25 -0.48 -13.06 3.55
CA SER A 25 0.79 -13.49 4.11
C SER A 25 1.76 -12.31 4.12
N GLU A 26 2.86 -12.49 4.85
CA GLU A 26 3.87 -11.46 4.96
C GLU A 26 5.25 -12.09 5.17
N LYS A 27 6.25 -11.24 5.27
CA LYS A 27 7.61 -11.69 5.47
C LYS A 27 8.37 -10.67 6.32
N GLU A 28 8.73 -11.10 7.53
CA GLU A 28 9.45 -10.23 8.44
C GLU A 28 10.90 -10.09 8.01
N VAL A 29 11.15 -9.08 7.18
CA VAL A 29 12.50 -8.82 6.69
C VAL A 29 13.15 -7.74 7.54
N ASP A 30 13.90 -8.19 8.54
CA ASP A 30 14.59 -7.26 9.43
C ASP A 30 15.25 -6.15 8.60
N SER A 31 15.29 -4.97 9.20
CA SER A 31 15.89 -3.82 8.52
C SER A 31 16.81 -3.08 9.48
N GLY A 32 17.19 -3.77 10.56
CA GLY A 32 18.06 -3.19 11.56
C GLY A 32 17.36 -2.06 12.31
N ASN A 33 18.12 -1.40 13.18
CA ASN A 33 17.58 -0.31 13.97
C ASN A 33 17.65 0.98 13.15
N ASP A 34 16.93 1.99 13.64
CA ASP A 34 16.90 3.28 12.96
C ASP A 34 17.94 4.21 13.61
N ILE A 35 17.75 5.50 13.36
CA ILE A 35 18.66 6.49 13.91
C ILE A 35 18.27 6.79 15.35
N TYR A 36 17.23 6.09 15.80
CA TYR A 36 16.75 6.27 17.17
C TYR A 36 17.09 5.05 18.03
N GLY A 37 17.75 4.09 17.40
CA GLY A 37 18.14 2.87 18.10
C GLY A 37 17.02 1.83 18.06
N ASN A 38 15.85 2.27 17.58
CA ASN A 38 14.70 1.40 17.49
C ASN A 38 14.85 0.49 16.27
N PRO A 39 14.21 -0.71 16.36
CA PRO A 39 14.25 -1.67 15.28
C PRO A 39 13.36 -1.23 14.11
N ILE A 40 13.95 -1.24 12.92
CA ILE A 40 13.22 -0.85 11.73
C ILE A 40 12.18 -1.92 11.39
N LYS A 41 12.66 -2.96 10.72
CA LYS A 41 11.79 -4.06 10.32
C LYS A 41 10.80 -3.57 9.26
N ARG A 42 10.81 -4.26 8.13
CA ARG A 42 9.93 -3.91 7.04
C ARG A 42 9.16 -5.15 6.55
N ILE A 43 8.27 -5.62 7.40
CA ILE A 43 7.48 -6.79 7.07
C ILE A 43 7.01 -6.70 5.62
N GLN A 44 6.98 -7.84 4.96
CA GLN A 44 6.56 -7.90 3.57
C GLN A 44 5.04 -8.02 3.49
N TYR A 45 4.56 -8.16 2.27
CA TYR A 45 3.12 -8.29 2.03
C TYR A 45 2.84 -9.35 0.98
N GLU A 46 3.07 -10.60 1.36
CA GLU A 46 2.83 -11.72 0.45
C GLU A 46 1.35 -11.81 0.09
N ILE A 47 0.90 -10.82 -0.66
CA ILE A 47 -0.50 -10.78 -1.08
C ILE A 47 -0.77 -11.94 -2.03
N LYS A 48 -1.97 -11.92 -2.60
CA LYS A 48 -2.36 -12.96 -3.54
C LYS A 48 -2.76 -12.32 -4.87
N GLN A 49 -2.47 -11.04 -4.98
CA GLN A 49 -2.79 -10.30 -6.19
C GLN A 49 -4.12 -10.79 -6.78
N ILE A 50 -5.16 -10.00 -6.53
CA ILE A 50 -6.48 -10.34 -7.03
C ILE A 50 -6.89 -9.35 -8.11
N LYS A 51 -6.42 -8.11 -7.94
CA LYS A 51 -6.73 -7.06 -8.90
C LYS A 51 -5.50 -6.18 -9.08
N MET A 52 -5.49 -5.45 -10.18
CA MET A 52 -4.39 -4.56 -10.49
C MET A 52 -4.89 -3.26 -11.14
N PHE A 53 -5.61 -2.47 -10.35
CA PHE A 53 -6.15 -1.21 -10.83
C PHE A 53 -5.14 -0.50 -11.74
N LYS A 54 -4.22 0.21 -11.11
CA LYS A 54 -3.21 0.95 -11.85
C LYS A 54 -1.82 0.49 -11.38
N GLY A 55 -1.42 -0.69 -11.84
CA GLY A 55 -0.14 -1.24 -11.47
C GLY A 55 0.69 -1.57 -12.73
N PRO A 56 1.73 -2.41 -12.51
CA PRO A 56 2.60 -2.81 -13.61
C PRO A 56 1.91 -3.84 -14.50
N GLU A 57 2.72 -4.47 -15.34
CA GLU A 57 2.20 -5.48 -16.25
C GLU A 57 2.46 -6.89 -15.70
N LYS A 58 3.58 -7.02 -15.02
CA LYS A 58 3.95 -8.29 -14.43
C LYS A 58 3.07 -8.57 -13.22
N ASP A 59 3.42 -7.93 -12.11
CA ASP A 59 2.67 -8.10 -10.87
C ASP A 59 3.61 -7.95 -9.68
N ILE A 60 3.01 -7.76 -8.52
CA ILE A 60 3.77 -7.59 -7.30
C ILE A 60 3.67 -8.86 -6.45
N GLU A 61 2.56 -8.97 -5.75
CA GLU A 61 2.32 -10.13 -4.90
C GLU A 61 3.17 -10.04 -3.63
N PHE A 62 4.07 -9.07 -3.64
CA PHE A 62 4.96 -8.87 -2.49
C PHE A 62 5.23 -7.38 -2.28
N ILE A 63 4.44 -6.79 -1.39
CA ILE A 63 4.58 -5.38 -1.08
C ILE A 63 5.40 -5.24 0.21
N TYR A 64 5.76 -3.99 0.50
CA TYR A 64 6.54 -3.69 1.69
C TYR A 64 5.81 -2.69 2.58
N THR A 65 6.10 -2.79 3.88
CA THR A 65 5.48 -1.90 4.84
C THR A 65 6.18 -2.02 6.20
N ALA A 66 5.50 -1.54 7.23
CA ALA A 66 6.04 -1.59 8.57
C ALA A 66 5.27 -2.63 9.39
N PRO A 67 5.97 -3.20 10.41
CA PRO A 67 5.37 -4.21 11.27
C PRO A 67 4.37 -3.57 12.24
N SER A 68 4.12 -4.29 13.32
CA SER A 68 3.20 -3.81 14.35
C SER A 68 1.85 -3.46 13.71
N SER A 69 1.00 -2.83 14.50
CA SER A 69 -0.32 -2.44 14.03
C SER A 69 -0.19 -1.28 13.04
N ALA A 70 0.65 -1.50 12.03
CA ALA A 70 0.86 -0.48 11.01
C ALA A 70 1.45 0.78 11.66
N VAL A 71 2.75 0.94 11.48
CA VAL A 71 3.45 2.08 12.05
C VAL A 71 3.88 3.02 10.92
N CYS A 72 4.08 2.43 9.75
CA CYS A 72 4.50 3.19 8.59
C CYS A 72 3.71 2.69 7.37
N GLY A 73 2.67 1.92 7.66
CA GLY A 73 1.82 1.38 6.61
C GLY A 73 0.40 1.14 7.12
N VAL A 74 -0.26 0.18 6.49
CA VAL A 74 -1.63 -0.15 6.88
C VAL A 74 -1.66 -1.57 7.45
N SER A 75 -0.49 -2.16 7.56
CA SER A 75 -0.38 -3.50 8.09
C SER A 75 -1.67 -4.28 7.82
N LEU A 76 -1.74 -4.84 6.61
CA LEU A 76 -2.91 -5.61 6.22
C LEU A 76 -2.57 -7.09 6.26
N ASP A 77 -3.51 -7.88 6.79
CA ASP A 77 -3.32 -9.31 6.88
C ASP A 77 -4.50 -10.02 6.22
N VAL A 78 -5.42 -9.23 5.71
CA VAL A 78 -6.60 -9.76 5.04
C VAL A 78 -7.53 -10.37 6.10
N GLY A 79 -6.97 -11.29 6.87
CA GLY A 79 -7.74 -11.96 7.91
C GLY A 79 -8.43 -10.95 8.81
N GLY A 80 -8.02 -9.70 8.67
CA GLY A 80 -8.60 -8.62 9.47
C GLY A 80 -9.29 -7.59 8.57
N LYS A 81 -8.78 -7.46 7.36
CA LYS A 81 -9.33 -6.52 6.41
C LYS A 81 -10.00 -7.29 5.27
N LYS A 82 -9.23 -7.50 4.22
CA LYS A 82 -9.75 -8.21 3.06
C LYS A 82 -8.82 -7.98 1.87
N GLU A 83 -8.90 -6.77 1.32
CA GLU A 83 -8.09 -6.40 0.18
C GLU A 83 -7.91 -4.88 0.13
N TYR A 84 -6.92 -4.46 -0.66
CA TYR A 84 -6.65 -3.04 -0.80
C TYR A 84 -6.07 -2.74 -2.19
N LEU A 85 -6.30 -1.51 -2.65
CA LEU A 85 -5.80 -1.09 -3.93
C LEU A 85 -4.34 -0.64 -3.80
N ILE A 86 -3.83 -0.79 -2.59
CA ILE A 86 -2.46 -0.40 -2.32
C ILE A 86 -1.90 0.41 -3.50
N ALA A 87 -1.88 1.72 -3.32
CA ALA A 87 -1.39 2.61 -4.36
C ALA A 87 -0.34 3.54 -3.77
N GLY A 88 0.92 3.28 -4.12
CA GLY A 88 2.02 4.09 -3.63
C GLY A 88 3.26 3.91 -4.51
N LYS A 89 4.11 4.93 -4.49
CA LYS A 89 5.33 4.89 -5.28
C LYS A 89 5.86 3.47 -5.33
N ALA A 90 5.49 2.77 -6.40
CA ALA A 90 5.93 1.40 -6.59
C ALA A 90 7.45 1.33 -6.53
N GLU A 91 7.97 0.12 -6.57
CA GLU A 91 9.41 -0.09 -6.53
C GLU A 91 9.89 -0.78 -7.82
N GLY A 92 8.92 -1.09 -8.67
CA GLY A 92 9.24 -1.75 -9.93
C GLY A 92 8.18 -2.81 -10.27
N ASP A 93 8.60 -4.06 -10.19
CA ASP A 93 7.70 -5.16 -10.49
C ASP A 93 8.00 -6.33 -9.54
N GLY A 94 6.94 -6.89 -8.99
CA GLY A 94 7.07 -8.00 -8.06
C GLY A 94 7.26 -7.50 -6.63
N LYS A 95 7.37 -6.19 -6.50
CA LYS A 95 7.56 -5.58 -5.20
C LYS A 95 7.51 -4.06 -5.33
N MET A 96 6.89 -3.42 -4.35
CA MET A 96 6.77 -1.98 -4.35
C MET A 96 6.90 -1.42 -2.94
N HIS A 97 6.59 -0.13 -2.81
CA HIS A 97 6.66 0.54 -1.52
C HIS A 97 5.32 1.18 -1.20
N ILE A 98 4.88 0.97 0.04
CA ILE A 98 3.61 1.52 0.49
C ILE A 98 3.72 1.90 1.96
N THR A 99 3.17 3.06 2.29
CA THR A 99 3.20 3.54 3.66
C THR A 99 1.83 4.11 4.05
N LEU A 100 1.61 4.17 5.36
CA LEU A 100 0.35 4.69 5.88
C LEU A 100 0.11 6.09 5.31
N CYS A 101 1.17 6.89 5.33
CA CYS A 101 1.09 8.26 4.82
C CYS A 101 0.76 8.20 3.33
N ASP A 102 1.25 7.15 2.69
CA ASP A 102 1.03 6.96 1.27
C ASP A 102 -0.42 6.51 1.04
N PHE A 103 -0.82 6.54 -0.22
CA PHE A 103 -2.18 6.14 -0.58
C PHE A 103 -2.36 4.63 -0.43
N ILE A 104 -3.28 4.25 0.44
CA ILE A 104 -3.56 2.85 0.68
C ILE A 104 -4.87 2.71 1.45
N VAL A 105 -5.70 1.78 1.00
CA VAL A 105 -6.98 1.54 1.63
C VAL A 105 -7.42 0.09 1.37
N PRO A 106 -8.31 -0.41 2.26
CA PRO A 106 -8.82 -1.76 2.13
C PRO A 106 -9.84 -1.86 1.00
N TRP A 107 -9.92 -0.78 0.22
CA TRP A 107 -10.85 -0.73 -0.89
C TRP A 107 -12.27 -0.58 -0.33
N ASP A 108 -12.65 -1.56 0.47
CA ASP A 108 -13.98 -1.55 1.08
C ASP A 108 -14.04 -0.45 2.13
N THR A 109 -13.68 0.76 1.69
CA THR A 109 -13.69 1.91 2.58
C THR A 109 -13.75 3.21 1.78
N LEU A 110 -12.78 3.36 0.89
CA LEU A 110 -12.71 4.55 0.06
C LEU A 110 -13.70 5.59 0.58
N SER A 111 -14.78 5.76 -0.17
CA SER A 111 -15.81 6.72 0.21
C SER A 111 -16.42 7.35 -1.05
N THR A 112 -15.55 7.65 -2.01
CA THR A 112 -15.99 8.25 -3.25
C THR A 112 -14.82 8.97 -3.94
N THR A 113 -14.32 9.99 -3.26
CA THR A 113 -13.21 10.77 -3.79
C THR A 113 -12.08 9.85 -4.23
N GLN A 114 -12.04 8.66 -3.63
CA GLN A 114 -11.03 7.68 -3.95
C GLN A 114 -11.46 6.84 -5.15
N LYS A 115 -12.74 6.53 -5.20
CA LYS A 115 -13.29 5.75 -6.29
C LYS A 115 -13.17 6.54 -7.59
N LYS A 116 -13.45 7.83 -7.49
CA LYS A 116 -13.38 8.70 -8.64
C LYS A 116 -11.96 8.70 -9.20
N SER A 117 -11.03 8.31 -8.35
CA SER A 117 -9.63 8.26 -8.74
C SER A 117 -9.29 6.86 -9.27
N LEU A 118 -10.22 5.94 -9.09
CA LEU A 118 -10.03 4.58 -9.54
C LEU A 118 -10.51 4.46 -11.00
N ASN A 119 -10.84 5.61 -11.57
CA ASN A 119 -11.30 5.65 -12.95
C ASN A 119 -10.09 5.61 -13.89
N HIS A 120 -9.37 6.72 -13.93
CA HIS A 120 -8.21 6.82 -14.78
C HIS A 120 -7.23 5.68 -14.47
N ARG A 121 -6.18 6.03 -13.72
CA ARG A 121 -5.19 5.04 -13.34
C ARG A 121 -4.56 5.42 -12.00
N TYR A 122 -3.61 6.34 -12.06
CA TYR A 122 -2.93 6.80 -10.86
C TYR A 122 -2.87 8.32 -10.81
N GLN A 123 -3.64 8.94 -11.70
CA GLN A 123 -3.67 10.39 -11.76
C GLN A 123 -4.91 10.85 -12.54
N MET A 124 -6.06 10.75 -11.89
CA MET A 124 -7.31 11.14 -12.51
C MET A 124 -7.37 12.66 -12.70
N GLY A 125 -6.36 13.18 -13.38
CA GLY A 125 -6.29 14.61 -13.64
C GLY A 125 -6.69 15.41 -12.40
N CYS A 126 -6.50 14.79 -11.24
CA CYS A 126 -6.85 15.42 -9.99
C CYS A 126 -5.88 16.59 -9.76
N GLU A 127 -5.82 17.03 -8.51
CA GLU A 127 -4.94 18.13 -8.14
C GLU A 127 -5.38 19.41 -8.86
N CYS A 1 8.63 7.06 12.46
CA CYS A 1 7.58 7.50 11.54
C CYS A 1 6.26 7.55 12.31
N SER A 2 5.28 8.18 11.68
CA SER A 2 3.97 8.30 12.30
C SER A 2 3.20 9.47 11.68
N CYS A 3 2.93 9.34 10.39
CA CYS A 3 2.21 10.37 9.67
C CYS A 3 0.72 10.00 9.65
N SER A 4 -0.10 11.03 9.44
CA SER A 4 -1.54 10.82 9.40
C SER A 4 -1.99 10.57 7.96
N PRO A 5 -2.64 9.39 7.75
CA PRO A 5 -3.12 9.02 6.44
C PRO A 5 -4.38 9.80 6.08
N VAL A 6 -4.30 10.54 4.98
CA VAL A 6 -5.43 11.33 4.53
C VAL A 6 -5.40 11.41 3.00
N HIS A 7 -5.60 12.62 2.49
CA HIS A 7 -5.60 12.85 1.06
C HIS A 7 -6.22 11.65 0.35
N PRO A 8 -7.57 11.71 0.18
CA PRO A 8 -8.28 10.63 -0.47
C PRO A 8 -8.06 10.67 -1.99
N GLN A 9 -7.88 11.87 -2.50
CA GLN A 9 -7.65 12.05 -3.92
C GLN A 9 -6.15 12.15 -4.22
N GLN A 10 -5.46 12.88 -3.34
CA GLN A 10 -4.02 13.05 -3.50
C GLN A 10 -3.30 11.73 -3.27
N ALA A 11 -4.07 10.72 -2.86
CA ALA A 11 -3.51 9.40 -2.61
C ALA A 11 -3.44 8.63 -3.93
N PHE A 12 -4.45 8.84 -4.76
CA PHE A 12 -4.52 8.18 -6.04
C PHE A 12 -3.81 8.99 -7.13
N CYS A 13 -3.24 10.11 -6.71
CA CYS A 13 -2.53 10.98 -7.63
C CYS A 13 -1.04 10.92 -7.29
N ASN A 14 -0.74 10.31 -6.16
CA ASN A 14 0.64 10.18 -5.72
C ASN A 14 1.11 8.75 -5.99
N ALA A 15 0.24 7.80 -5.70
CA ALA A 15 0.56 6.40 -5.91
C ALA A 15 1.00 6.20 -7.37
N ASP A 16 1.49 4.99 -7.64
CA ASP A 16 1.95 4.65 -8.97
C ASP A 16 1.74 3.16 -9.22
N VAL A 17 0.94 2.55 -8.35
CA VAL A 17 0.67 1.13 -8.46
C VAL A 17 -0.54 0.79 -7.57
N VAL A 18 -1.72 0.93 -8.16
CA VAL A 18 -2.95 0.64 -7.44
C VAL A 18 -3.43 -0.77 -7.82
N ILE A 19 -3.48 -1.63 -6.81
CA ILE A 19 -3.93 -3.00 -7.02
C ILE A 19 -4.74 -3.45 -5.81
N ARG A 20 -5.95 -3.91 -6.09
CA ARG A 20 -6.83 -4.37 -5.04
C ARG A 20 -6.41 -5.77 -4.58
N THR A 21 -5.10 -5.96 -4.48
CA THR A 21 -4.56 -7.23 -4.05
C THR A 21 -4.99 -7.54 -2.61
N LYS A 22 -4.69 -8.76 -2.20
CA LYS A 22 -5.04 -9.20 -0.85
C LYS A 22 -3.78 -9.70 -0.14
N ALA A 23 -3.48 -9.06 0.98
CA ALA A 23 -2.31 -9.42 1.75
C ALA A 23 -2.72 -10.42 2.84
N VAL A 24 -2.42 -11.68 2.60
CA VAL A 24 -2.74 -12.72 3.55
C VAL A 24 -1.47 -13.17 4.27
N SER A 25 -0.38 -13.17 3.53
CA SER A 25 0.90 -13.57 4.08
C SER A 25 1.87 -12.39 4.08
N GLU A 26 2.96 -12.56 4.81
CA GLU A 26 3.97 -11.51 4.90
C GLU A 26 5.35 -12.13 5.14
N LYS A 27 6.34 -11.25 5.25
CA LYS A 27 7.70 -11.70 5.48
C LYS A 27 8.42 -10.68 6.37
N GLU A 28 8.76 -11.13 7.57
CA GLU A 28 9.45 -10.28 8.52
C GLU A 28 10.91 -10.09 8.11
N VAL A 29 11.16 -9.03 7.37
CA VAL A 29 12.50 -8.73 6.90
C VAL A 29 13.06 -7.54 7.70
N ASP A 30 14.19 -7.78 8.33
CA ASP A 30 14.83 -6.75 9.13
C ASP A 30 15.28 -5.61 8.21
N SER A 31 15.51 -4.45 8.83
CA SER A 31 15.94 -3.29 8.07
C SER A 31 16.85 -2.42 8.94
N GLY A 32 17.40 -3.03 9.98
CA GLY A 32 18.28 -2.32 10.89
C GLY A 32 17.50 -1.41 11.81
N ASN A 33 18.22 -0.76 12.71
CA ASN A 33 17.61 0.17 13.66
C ASN A 33 17.46 1.54 13.01
N ASP A 34 16.64 2.37 13.63
CA ASP A 34 16.40 3.72 13.13
C ASP A 34 17.33 4.70 13.85
N ILE A 35 16.98 5.97 13.76
CA ILE A 35 17.76 7.01 14.40
C ILE A 35 17.40 7.07 15.88
N TYR A 36 16.50 6.18 16.28
CA TYR A 36 16.07 6.12 17.67
C TYR A 36 16.62 4.87 18.36
N GLY A 37 17.35 4.08 17.59
CA GLY A 37 17.93 2.86 18.12
C GLY A 37 16.96 1.69 17.99
N ASN A 38 15.73 2.01 17.62
CA ASN A 38 14.70 1.01 17.46
C ASN A 38 14.89 0.28 16.13
N PRO A 39 14.42 -0.98 16.09
CA PRO A 39 14.53 -1.79 14.88
C PRO A 39 13.52 -1.34 13.83
N ILE A 40 14.03 -1.13 12.62
CA ILE A 40 13.19 -0.70 11.52
C ILE A 40 12.17 -1.80 11.20
N LYS A 41 12.64 -2.81 10.49
CA LYS A 41 11.79 -3.92 10.12
C LYS A 41 10.78 -3.46 9.07
N ARG A 42 10.76 -4.17 7.95
CA ARG A 42 9.85 -3.85 6.87
C ARG A 42 9.11 -5.09 6.40
N ILE A 43 8.27 -5.61 7.28
CA ILE A 43 7.49 -6.80 6.98
C ILE A 43 7.02 -6.73 5.52
N GLN A 44 7.03 -7.88 4.87
CA GLN A 44 6.61 -7.97 3.48
C GLN A 44 5.09 -8.10 3.40
N TYR A 45 4.60 -8.23 2.17
CA TYR A 45 3.18 -8.37 1.95
C TYR A 45 2.89 -9.44 0.90
N GLU A 46 3.13 -10.69 1.29
CA GLU A 46 2.90 -11.82 0.41
C GLU A 46 1.43 -11.92 0.05
N ILE A 47 0.96 -10.94 -0.70
CA ILE A 47 -0.44 -10.90 -1.10
C ILE A 47 -0.70 -12.06 -2.07
N LYS A 48 -1.93 -12.11 -2.56
CA LYS A 48 -2.33 -13.16 -3.49
C LYS A 48 -2.74 -12.52 -4.82
N GLN A 49 -2.74 -11.19 -4.84
CA GLN A 49 -3.11 -10.46 -6.03
C GLN A 49 -4.50 -10.89 -6.51
N ILE A 50 -5.42 -9.93 -6.49
CA ILE A 50 -6.78 -10.19 -6.91
C ILE A 50 -7.16 -9.21 -8.03
N LYS A 51 -6.65 -8.00 -7.90
CA LYS A 51 -6.92 -6.96 -8.89
C LYS A 51 -5.67 -6.09 -9.08
N MET A 52 -5.67 -5.35 -10.18
CA MET A 52 -4.54 -4.48 -10.48
C MET A 52 -5.02 -3.19 -11.14
N PHE A 53 -5.78 -2.41 -10.38
CA PHE A 53 -6.31 -1.15 -10.88
C PHE A 53 -5.26 -0.42 -11.73
N LYS A 54 -4.36 0.26 -11.06
CA LYS A 54 -3.31 0.99 -11.74
C LYS A 54 -1.95 0.46 -11.31
N GLY A 55 -1.64 -0.74 -11.81
CA GLY A 55 -0.37 -1.38 -11.49
C GLY A 55 0.36 -1.80 -12.75
N PRO A 56 1.41 -2.64 -12.56
CA PRO A 56 2.21 -3.13 -13.68
C PRO A 56 1.44 -4.20 -14.47
N GLU A 57 2.13 -4.75 -15.47
CA GLU A 57 1.54 -5.77 -16.30
C GLU A 57 1.84 -7.16 -15.74
N LYS A 58 3.02 -7.27 -15.13
CA LYS A 58 3.44 -8.53 -14.55
C LYS A 58 2.61 -8.81 -13.29
N ASP A 59 3.02 -8.17 -12.20
CA ASP A 59 2.33 -8.34 -10.93
C ASP A 59 3.34 -8.19 -9.79
N ILE A 60 2.80 -7.98 -8.60
CA ILE A 60 3.63 -7.81 -7.42
C ILE A 60 3.56 -9.08 -6.56
N GLU A 61 2.47 -9.18 -5.81
CA GLU A 61 2.27 -10.34 -4.95
C GLU A 61 3.15 -10.23 -3.70
N PHE A 62 4.04 -9.24 -3.73
CA PHE A 62 4.94 -9.02 -2.61
C PHE A 62 5.22 -7.53 -2.42
N ILE A 63 4.47 -6.93 -1.52
CA ILE A 63 4.62 -5.51 -1.23
C ILE A 63 5.43 -5.34 0.05
N TYR A 64 5.80 -4.09 0.33
CA TYR A 64 6.58 -3.78 1.51
C TYR A 64 5.86 -2.75 2.38
N THR A 65 6.09 -2.86 3.68
CA THR A 65 5.47 -1.94 4.63
C THR A 65 6.14 -2.05 5.99
N ALA A 66 5.48 -1.49 7.00
CA ALA A 66 6.00 -1.53 8.35
C ALA A 66 5.28 -2.63 9.13
N PRO A 67 5.99 -3.14 10.17
CA PRO A 67 5.44 -4.19 11.01
C PRO A 67 4.37 -3.64 11.95
N SER A 68 4.08 -4.43 12.98
CA SER A 68 3.08 -4.04 13.96
C SER A 68 1.76 -3.70 13.26
N SER A 69 0.81 -3.23 14.05
CA SER A 69 -0.49 -2.87 13.52
C SER A 69 -0.32 -2.01 12.27
N ALA A 70 0.59 -1.04 12.36
CA ALA A 70 0.85 -0.15 11.25
C ALA A 70 1.50 1.14 11.78
N VAL A 71 2.80 1.25 11.55
CA VAL A 71 3.53 2.42 11.99
C VAL A 71 3.93 3.26 10.78
N CYS A 72 4.26 2.57 9.70
CA CYS A 72 4.66 3.24 8.48
C CYS A 72 3.86 2.63 7.32
N GLY A 73 2.74 2.00 7.67
CA GLY A 73 1.90 1.38 6.68
C GLY A 73 0.50 1.11 7.25
N VAL A 74 -0.18 0.15 6.65
CA VAL A 74 -1.52 -0.21 7.08
C VAL A 74 -1.52 -1.64 7.62
N SER A 75 -0.36 -2.27 7.51
CA SER A 75 -0.21 -3.63 7.99
C SER A 75 -1.52 -4.40 7.82
N LEU A 76 -1.70 -4.94 6.62
CA LEU A 76 -2.90 -5.69 6.32
C LEU A 76 -2.58 -7.19 6.34
N ASP A 77 -3.45 -7.93 7.02
CA ASP A 77 -3.26 -9.38 7.13
C ASP A 77 -4.40 -10.08 6.38
N VAL A 78 -5.39 -9.29 5.98
CA VAL A 78 -6.54 -9.83 5.27
C VAL A 78 -7.46 -10.53 6.25
N GLY A 79 -6.86 -11.27 7.17
CA GLY A 79 -7.63 -11.99 8.18
C GLY A 79 -8.51 -11.03 8.98
N GLY A 80 -8.25 -9.75 8.80
CA GLY A 80 -9.02 -8.73 9.50
C GLY A 80 -9.70 -7.78 8.51
N LYS A 81 -9.04 -7.58 7.39
CA LYS A 81 -9.58 -6.70 6.36
C LYS A 81 -10.15 -7.55 5.22
N LYS A 82 -9.33 -7.71 4.18
CA LYS A 82 -9.74 -8.48 3.03
C LYS A 82 -8.77 -8.21 1.86
N GLU A 83 -8.93 -7.03 1.27
CA GLU A 83 -8.09 -6.64 0.16
C GLU A 83 -7.95 -5.12 0.11
N TYR A 84 -6.92 -4.68 -0.60
CA TYR A 84 -6.66 -3.25 -0.73
C TYR A 84 -6.09 -2.92 -2.12
N LEU A 85 -6.34 -1.69 -2.55
CA LEU A 85 -5.85 -1.24 -3.84
C LEU A 85 -4.39 -0.79 -3.70
N ILE A 86 -3.87 -0.95 -2.50
CA ILE A 86 -2.49 -0.57 -2.23
C ILE A 86 -1.95 0.22 -3.42
N ALA A 87 -1.93 1.54 -3.26
CA ALA A 87 -1.44 2.42 -4.30
C ALA A 87 -0.35 3.32 -3.73
N GLY A 88 0.88 3.04 -4.13
CA GLY A 88 2.02 3.81 -3.66
C GLY A 88 3.04 4.02 -4.79
N LYS A 89 3.95 4.95 -4.55
CA LYS A 89 4.98 5.25 -5.52
C LYS A 89 5.46 3.96 -6.18
N ALA A 90 5.43 2.89 -5.40
CA ALA A 90 5.86 1.59 -5.89
C ALA A 90 7.37 1.47 -5.74
N GLU A 91 7.89 0.33 -6.18
CA GLU A 91 9.31 0.08 -6.10
C GLU A 91 9.82 -0.53 -7.41
N GLY A 92 9.04 -1.46 -7.93
CA GLY A 92 9.39 -2.13 -9.17
C GLY A 92 8.38 -3.23 -9.51
N ASP A 93 8.90 -4.28 -10.13
CA ASP A 93 8.06 -5.41 -10.51
C ASP A 93 8.27 -6.55 -9.51
N GLY A 94 7.16 -7.02 -8.94
CA GLY A 94 7.20 -8.09 -7.97
C GLY A 94 7.43 -7.56 -6.55
N LYS A 95 7.60 -6.24 -6.48
CA LYS A 95 7.81 -5.59 -5.20
C LYS A 95 7.68 -4.09 -5.36
N MET A 96 7.02 -3.47 -4.38
CA MET A 96 6.81 -2.04 -4.41
C MET A 96 7.06 -1.42 -3.03
N HIS A 97 6.48 -0.24 -2.83
CA HIS A 97 6.63 0.46 -1.57
C HIS A 97 5.33 1.17 -1.21
N ILE A 98 4.82 0.85 -0.03
CA ILE A 98 3.59 1.44 0.44
C ILE A 98 3.72 1.79 1.93
N THR A 99 3.11 2.91 2.30
CA THR A 99 3.16 3.36 3.68
C THR A 99 1.81 3.95 4.09
N LEU A 100 1.65 4.10 5.39
CA LEU A 100 0.41 4.66 5.93
C LEU A 100 0.18 6.06 5.36
N CYS A 101 1.23 6.87 5.45
CA CYS A 101 1.16 8.22 4.94
C CYS A 101 0.93 8.17 3.43
N ASP A 102 1.11 6.98 2.87
CA ASP A 102 0.92 6.78 1.46
C ASP A 102 -0.51 6.32 1.19
N PHE A 103 -0.89 6.36 -0.08
CA PHE A 103 -2.23 5.96 -0.46
C PHE A 103 -2.41 4.44 -0.33
N ILE A 104 -3.30 4.06 0.57
CA ILE A 104 -3.57 2.65 0.80
C ILE A 104 -4.88 2.51 1.57
N VAL A 105 -5.72 1.60 1.09
CA VAL A 105 -7.00 1.36 1.72
C VAL A 105 -7.46 -0.07 1.41
N PRO A 106 -8.37 -0.58 2.27
CA PRO A 106 -8.90 -1.93 2.10
C PRO A 106 -9.91 -1.97 0.95
N TRP A 107 -10.05 -0.84 0.28
CA TRP A 107 -10.98 -0.74 -0.83
C TRP A 107 -12.39 -0.59 -0.26
N ASP A 108 -12.77 -1.57 0.57
CA ASP A 108 -14.08 -1.57 1.18
C ASP A 108 -14.13 -0.46 2.24
N THR A 109 -13.75 0.74 1.81
CA THR A 109 -13.76 1.88 2.71
C THR A 109 -13.77 3.19 1.90
N LEU A 110 -12.73 3.35 1.10
CA LEU A 110 -12.61 4.54 0.27
C LEU A 110 -13.56 5.62 0.79
N SER A 111 -14.63 5.84 0.04
CA SER A 111 -15.62 6.83 0.42
C SER A 111 -16.27 7.41 -0.84
N THR A 112 -15.44 7.69 -1.83
CA THR A 112 -15.92 8.24 -3.08
C THR A 112 -14.78 8.94 -3.83
N THR A 113 -14.33 10.04 -3.27
CA THR A 113 -13.25 10.80 -3.87
C THR A 113 -12.10 9.87 -4.26
N GLN A 114 -12.03 8.73 -3.57
CA GLN A 114 -10.99 7.76 -3.84
C GLN A 114 -11.41 6.83 -4.98
N LYS A 115 -12.71 6.59 -5.06
CA LYS A 115 -13.26 5.73 -6.10
C LYS A 115 -13.18 6.45 -7.44
N LYS A 116 -13.53 7.73 -7.42
CA LYS A 116 -13.50 8.54 -8.62
C LYS A 116 -12.07 8.60 -9.16
N SER A 117 -11.13 8.34 -8.27
CA SER A 117 -9.73 8.37 -8.63
C SER A 117 -9.30 7.01 -9.17
N LEU A 118 -10.14 6.02 -8.92
CA LEU A 118 -9.86 4.67 -9.39
C LEU A 118 -10.14 4.57 -10.88
N ASN A 119 -10.86 5.57 -11.38
CA ASN A 119 -11.20 5.60 -12.80
C ASN A 119 -9.96 6.01 -13.60
N HIS A 120 -9.32 7.07 -13.15
CA HIS A 120 -8.13 7.58 -13.82
C HIS A 120 -7.10 6.46 -13.92
N ARG A 121 -6.23 6.59 -14.91
CA ARG A 121 -5.19 5.60 -15.14
C ARG A 121 -4.11 5.72 -14.05
N TYR A 122 -3.71 6.95 -13.78
CA TYR A 122 -2.70 7.20 -12.78
C TYR A 122 -2.44 8.70 -12.62
N GLN A 123 -3.19 9.29 -11.69
CA GLN A 123 -3.06 10.72 -11.43
C GLN A 123 -3.43 11.53 -12.67
N MET A 124 -4.71 11.45 -13.02
CA MET A 124 -5.21 12.16 -14.19
C MET A 124 -5.25 13.67 -13.94
N GLY A 125 -4.10 14.21 -13.54
CA GLY A 125 -4.01 15.63 -13.25
C GLY A 125 -5.05 16.06 -12.21
N CYS A 126 -5.45 15.09 -11.40
CA CYS A 126 -6.44 15.35 -10.37
C CYS A 126 -5.84 16.36 -9.39
N GLU A 127 -6.54 16.53 -8.27
CA GLU A 127 -6.09 17.46 -7.24
C GLU A 127 -7.04 17.43 -6.05
N CYS A 1 4.98 6.06 9.09
CA CYS A 1 5.90 6.51 10.12
C CYS A 1 5.19 7.57 10.97
N SER A 2 4.12 7.15 11.61
CA SER A 2 3.34 8.03 12.46
C SER A 2 2.79 9.20 11.62
N CYS A 3 2.89 9.05 10.31
CA CYS A 3 2.42 10.07 9.40
C CYS A 3 0.88 10.12 9.50
N SER A 4 0.33 11.20 8.97
CA SER A 4 -1.12 11.38 8.98
C SER A 4 -1.69 11.08 7.60
N PRO A 5 -2.43 9.94 7.52
CA PRO A 5 -3.04 9.54 6.26
C PRO A 5 -4.27 10.40 5.95
N VAL A 6 -4.27 10.96 4.75
CA VAL A 6 -5.38 11.80 4.31
C VAL A 6 -5.45 11.78 2.78
N HIS A 7 -5.60 12.97 2.22
CA HIS A 7 -5.70 13.10 0.77
C HIS A 7 -6.54 11.97 0.21
N PRO A 8 -7.88 12.19 0.18
CA PRO A 8 -8.80 11.21 -0.34
C PRO A 8 -8.75 11.15 -1.87
N GLN A 9 -7.89 11.98 -2.42
CA GLN A 9 -7.73 12.03 -3.87
C GLN A 9 -6.24 12.14 -4.24
N GLN A 10 -5.54 12.97 -3.50
CA GLN A 10 -4.12 13.17 -3.73
C GLN A 10 -3.35 11.87 -3.46
N ALA A 11 -4.09 10.87 -2.98
CA ALA A 11 -3.49 9.58 -2.68
C ALA A 11 -3.41 8.75 -3.96
N PHE A 12 -4.43 8.89 -4.79
CA PHE A 12 -4.49 8.16 -6.04
C PHE A 12 -3.77 8.93 -7.15
N CYS A 13 -3.28 10.11 -6.79
CA CYS A 13 -2.58 10.95 -7.75
C CYS A 13 -1.08 10.91 -7.41
N ASN A 14 -0.79 10.43 -6.22
CA ASN A 14 0.59 10.33 -5.77
C ASN A 14 1.10 8.91 -6.01
N ALA A 15 0.23 7.94 -5.74
CA ALA A 15 0.57 6.54 -5.93
C ALA A 15 1.05 6.33 -7.36
N ASP A 16 1.56 5.14 -7.61
CA ASP A 16 2.06 4.79 -8.92
C ASP A 16 1.88 3.28 -9.16
N VAL A 17 1.06 2.68 -8.31
CA VAL A 17 0.79 1.25 -8.40
C VAL A 17 -0.42 0.90 -7.53
N VAL A 18 -1.59 0.99 -8.15
CA VAL A 18 -2.82 0.68 -7.43
C VAL A 18 -3.29 -0.73 -7.81
N ILE A 19 -3.37 -1.59 -6.80
CA ILE A 19 -3.80 -2.96 -7.01
C ILE A 19 -4.61 -3.42 -5.80
N ARG A 20 -5.82 -3.89 -6.09
CA ARG A 20 -6.70 -4.37 -5.04
C ARG A 20 -6.26 -5.75 -4.56
N THR A 21 -4.95 -5.93 -4.51
CA THR A 21 -4.38 -7.20 -4.07
C THR A 21 -4.85 -7.53 -2.65
N LYS A 22 -4.57 -8.76 -2.24
CA LYS A 22 -4.95 -9.21 -0.92
C LYS A 22 -3.71 -9.71 -0.17
N ALA A 23 -3.41 -9.03 0.93
CA ALA A 23 -2.26 -9.39 1.74
C ALA A 23 -2.70 -10.35 2.85
N VAL A 24 -2.41 -11.63 2.63
CA VAL A 24 -2.77 -12.65 3.59
C VAL A 24 -1.51 -13.13 4.31
N SER A 25 -0.39 -13.11 3.58
CA SER A 25 0.88 -13.54 4.13
C SER A 25 1.86 -12.37 4.14
N GLU A 26 2.93 -12.54 4.90
CA GLU A 26 3.95 -11.51 5.02
C GLU A 26 5.32 -12.15 5.27
N LYS A 27 6.32 -11.29 5.38
CA LYS A 27 7.68 -11.74 5.61
C LYS A 27 8.40 -10.74 6.51
N GLU A 28 8.72 -11.18 7.72
CA GLU A 28 9.41 -10.32 8.67
C GLU A 28 10.89 -10.20 8.29
N VAL A 29 11.18 -9.17 7.51
CA VAL A 29 12.53 -8.92 7.07
C VAL A 29 13.10 -7.71 7.82
N ASP A 30 14.13 -7.97 8.61
CA ASP A 30 14.77 -6.92 9.39
C ASP A 30 15.24 -5.81 8.45
N SER A 31 15.48 -4.64 9.03
CA SER A 31 15.93 -3.50 8.26
C SER A 31 16.87 -2.64 9.10
N GLY A 32 17.39 -3.25 10.16
CA GLY A 32 18.30 -2.55 11.05
C GLY A 32 17.54 -1.59 11.98
N ASN A 33 18.30 -0.95 12.86
CA ASN A 33 17.71 -0.02 13.79
C ASN A 33 17.57 1.35 13.13
N ASP A 34 16.76 2.20 13.74
CA ASP A 34 16.53 3.53 13.22
C ASP A 34 17.47 4.52 13.90
N ILE A 35 17.12 5.79 13.81
CA ILE A 35 17.93 6.84 14.42
C ILE A 35 17.59 6.93 15.91
N TYR A 36 16.68 6.07 16.34
CA TYR A 36 16.27 6.03 17.73
C TYR A 36 16.80 4.78 18.44
N GLY A 37 17.50 3.96 17.66
CA GLY A 37 18.07 2.73 18.20
C GLY A 37 17.07 1.57 18.10
N ASN A 38 15.84 1.92 17.74
CA ASN A 38 14.79 0.93 17.59
C ASN A 38 14.98 0.18 16.28
N PRO A 39 14.47 -1.08 16.25
CA PRO A 39 14.58 -1.90 15.06
C PRO A 39 13.58 -1.46 13.99
N ILE A 40 14.11 -1.27 12.79
CA ILE A 40 13.27 -0.83 11.67
C ILE A 40 12.26 -1.93 11.34
N LYS A 41 12.73 -2.94 10.64
CA LYS A 41 11.87 -4.05 10.27
C LYS A 41 10.85 -3.57 9.23
N ARG A 42 10.82 -4.28 8.10
CA ARG A 42 9.90 -3.94 7.03
C ARG A 42 9.15 -5.18 6.56
N ILE A 43 8.27 -5.66 7.43
CA ILE A 43 7.48 -6.84 7.13
C ILE A 43 7.01 -6.77 5.67
N GLN A 44 7.05 -7.93 5.02
CA GLN A 44 6.63 -8.01 3.63
C GLN A 44 5.10 -8.12 3.54
N TYR A 45 4.63 -8.22 2.30
CA TYR A 45 3.20 -8.32 2.07
C TYR A 45 2.90 -9.39 1.00
N GLU A 46 3.16 -10.64 1.38
CA GLU A 46 2.92 -11.75 0.48
C GLU A 46 1.43 -11.85 0.14
N ILE A 47 0.98 -10.90 -0.67
CA ILE A 47 -0.42 -10.88 -1.08
C ILE A 47 -0.70 -12.09 -1.98
N LYS A 48 -1.86 -12.03 -2.63
CA LYS A 48 -2.26 -13.11 -3.53
C LYS A 48 -2.75 -12.52 -4.84
N GLN A 49 -2.51 -11.22 -5.00
CA GLN A 49 -2.91 -10.52 -6.21
C GLN A 49 -4.32 -10.95 -6.62
N ILE A 50 -5.25 -10.02 -6.48
CA ILE A 50 -6.64 -10.29 -6.84
C ILE A 50 -7.07 -9.33 -7.94
N LYS A 51 -6.46 -8.15 -7.94
CA LYS A 51 -6.78 -7.15 -8.94
C LYS A 51 -5.55 -6.26 -9.15
N MET A 52 -5.64 -5.43 -10.18
CA MET A 52 -4.55 -4.52 -10.51
C MET A 52 -5.08 -3.21 -11.08
N PHE A 53 -5.69 -2.42 -10.20
CA PHE A 53 -6.25 -1.14 -10.60
C PHE A 53 -5.30 -0.41 -11.55
N LYS A 54 -4.29 0.23 -10.96
CA LYS A 54 -3.32 0.97 -11.74
C LYS A 54 -1.91 0.52 -11.34
N GLY A 55 -1.55 -0.68 -11.79
CA GLY A 55 -0.26 -1.24 -11.49
C GLY A 55 0.45 -1.70 -12.76
N PRO A 56 1.39 -2.67 -12.58
CA PRO A 56 2.14 -3.21 -13.70
C PRO A 56 1.28 -4.17 -14.52
N GLU A 57 1.93 -4.86 -15.45
CA GLU A 57 1.23 -5.81 -16.31
C GLU A 57 1.21 -7.18 -15.65
N LYS A 58 2.30 -7.50 -14.96
CA LYS A 58 2.42 -8.79 -14.29
C LYS A 58 1.69 -8.72 -12.94
N ASP A 59 2.37 -8.13 -11.96
CA ASP A 59 1.81 -8.00 -10.63
C ASP A 59 2.94 -7.93 -9.60
N ILE A 60 2.57 -7.63 -8.37
CA ILE A 60 3.54 -7.52 -7.29
C ILE A 60 3.54 -8.82 -6.50
N GLU A 61 2.46 -9.05 -5.78
CA GLU A 61 2.32 -10.25 -4.97
C GLU A 61 3.24 -10.16 -3.74
N PHE A 62 4.09 -9.15 -3.75
CA PHE A 62 5.01 -8.94 -2.65
C PHE A 62 5.25 -7.45 -2.41
N ILE A 63 4.55 -6.92 -1.42
CA ILE A 63 4.68 -5.51 -1.07
C ILE A 63 5.50 -5.37 0.21
N TYR A 64 5.82 -4.13 0.53
CA TYR A 64 6.60 -3.85 1.74
C TYR A 64 5.90 -2.80 2.61
N THR A 65 6.13 -2.91 3.91
CA THR A 65 5.54 -1.98 4.85
C THR A 65 6.23 -2.09 6.21
N ALA A 66 5.56 -1.57 7.22
CA ALA A 66 6.10 -1.59 8.57
C ALA A 66 5.37 -2.68 9.37
N PRO A 67 6.08 -3.19 10.42
CA PRO A 67 5.53 -4.24 11.26
C PRO A 67 4.48 -3.66 12.22
N SER A 68 4.19 -4.42 13.27
CA SER A 68 3.21 -4.00 14.26
C SER A 68 1.89 -3.66 13.57
N SER A 69 0.98 -3.11 14.36
CA SER A 69 -0.34 -2.75 13.84
C SER A 69 -0.18 -1.96 12.54
N ALA A 70 0.73 -1.00 12.56
CA ALA A 70 0.97 -0.18 11.39
C ALA A 70 1.59 1.15 11.83
N VAL A 71 2.88 1.29 11.57
CA VAL A 71 3.59 2.51 11.94
C VAL A 71 3.94 3.29 10.67
N CYS A 72 4.41 2.56 9.67
CA CYS A 72 4.78 3.17 8.41
C CYS A 72 3.99 2.48 7.29
N GLY A 73 2.80 2.02 7.65
CA GLY A 73 1.94 1.35 6.69
C GLY A 73 0.54 1.11 7.27
N VAL A 74 -0.16 0.16 6.68
CA VAL A 74 -1.50 -0.17 7.12
C VAL A 74 -1.51 -1.60 7.66
N SER A 75 -0.35 -2.23 7.62
CA SER A 75 -0.21 -3.59 8.10
C SER A 75 -1.52 -4.36 7.88
N LEU A 76 -1.67 -4.88 6.67
CA LEU A 76 -2.87 -5.63 6.32
C LEU A 76 -2.53 -7.12 6.30
N ASP A 77 -3.40 -7.89 6.93
CA ASP A 77 -3.22 -9.34 7.00
C ASP A 77 -4.39 -10.03 6.30
N VAL A 78 -5.33 -9.21 5.84
CA VAL A 78 -6.50 -9.73 5.16
C VAL A 78 -7.42 -10.43 6.18
N GLY A 79 -6.82 -11.35 6.92
CA GLY A 79 -7.56 -12.08 7.93
C GLY A 79 -8.39 -11.14 8.81
N GLY A 80 -8.05 -9.86 8.72
CA GLY A 80 -8.74 -8.85 9.50
C GLY A 80 -9.44 -7.85 8.59
N LYS A 81 -8.84 -7.63 7.42
CA LYS A 81 -9.40 -6.70 6.46
C LYS A 81 -10.05 -7.47 5.32
N LYS A 82 -9.26 -7.67 4.27
CA LYS A 82 -9.74 -8.41 3.10
C LYS A 82 -8.79 -8.16 1.93
N GLU A 83 -8.76 -6.91 1.48
CA GLU A 83 -7.91 -6.53 0.37
C GLU A 83 -7.75 -5.01 0.31
N TYR A 84 -6.81 -4.58 -0.51
CA TYR A 84 -6.55 -3.15 -0.67
C TYR A 84 -5.99 -2.85 -2.06
N LEU A 85 -6.21 -1.61 -2.50
CA LEU A 85 -5.74 -1.19 -3.80
C LEU A 85 -4.29 -0.72 -3.68
N ILE A 86 -3.75 -0.86 -2.48
CA ILE A 86 -2.39 -0.46 -2.22
C ILE A 86 -1.85 0.34 -3.41
N ALA A 87 -1.83 1.65 -3.24
CA ALA A 87 -1.36 2.54 -4.29
C ALA A 87 -0.28 3.45 -3.72
N GLY A 88 0.96 3.18 -4.11
CA GLY A 88 2.08 3.97 -3.65
C GLY A 88 3.12 4.15 -4.76
N LYS A 89 4.11 4.98 -4.47
CA LYS A 89 5.16 5.25 -5.43
C LYS A 89 5.54 3.95 -6.14
N ALA A 90 5.61 2.88 -5.36
CA ALA A 90 5.96 1.58 -5.89
C ALA A 90 7.48 1.44 -5.93
N GLU A 91 7.93 0.25 -6.30
CA GLU A 91 9.36 -0.03 -6.38
C GLU A 91 9.69 -0.71 -7.71
N GLY A 92 8.67 -0.85 -8.54
CA GLY A 92 8.85 -1.49 -9.83
C GLY A 92 7.77 -2.55 -10.08
N ASP A 93 8.23 -3.77 -10.30
CA ASP A 93 7.32 -4.88 -10.54
C ASP A 93 7.69 -6.05 -9.64
N GLY A 94 6.66 -6.76 -9.19
CA GLY A 94 6.87 -7.91 -8.32
C GLY A 94 7.23 -7.47 -6.90
N LYS A 95 7.29 -6.15 -6.73
CA LYS A 95 7.61 -5.58 -5.43
C LYS A 95 7.52 -4.06 -5.50
N MET A 96 6.98 -3.48 -4.45
CA MET A 96 6.81 -2.04 -4.38
C MET A 96 6.98 -1.53 -2.95
N HIS A 97 6.66 -0.26 -2.76
CA HIS A 97 6.76 0.36 -1.45
C HIS A 97 5.46 1.08 -1.11
N ILE A 98 4.93 0.77 0.07
CA ILE A 98 3.69 1.38 0.51
C ILE A 98 3.80 1.75 2.00
N THR A 99 3.21 2.87 2.35
CA THR A 99 3.24 3.34 3.73
C THR A 99 1.88 3.91 4.12
N LEU A 100 1.72 4.13 5.43
CA LEU A 100 0.48 4.68 5.95
C LEU A 100 0.32 6.11 5.44
N CYS A 101 1.44 6.79 5.29
CA CYS A 101 1.43 8.16 4.82
C CYS A 101 1.08 8.15 3.32
N ASP A 102 1.37 7.02 2.69
CA ASP A 102 1.10 6.87 1.27
C ASP A 102 -0.35 6.43 1.07
N PHE A 103 -0.78 6.47 -0.17
CA PHE A 103 -2.14 6.08 -0.51
C PHE A 103 -2.33 4.57 -0.37
N ILE A 104 -3.24 4.20 0.52
CA ILE A 104 -3.51 2.79 0.76
C ILE A 104 -4.83 2.65 1.53
N VAL A 105 -5.64 1.69 1.11
CA VAL A 105 -6.92 1.46 1.74
C VAL A 105 -7.34 0.01 1.52
N PRO A 106 -8.25 -0.48 2.41
CA PRO A 106 -8.74 -1.85 2.31
C PRO A 106 -9.73 -1.99 1.15
N TRP A 107 -9.81 -0.95 0.35
CA TRP A 107 -10.71 -0.94 -0.79
C TRP A 107 -12.14 -0.81 -0.26
N ASP A 108 -12.53 -1.78 0.55
CA ASP A 108 -13.86 -1.79 1.13
C ASP A 108 -13.96 -0.66 2.17
N THR A 109 -13.61 0.53 1.73
CA THR A 109 -13.66 1.70 2.60
C THR A 109 -13.75 2.98 1.77
N LEU A 110 -12.73 3.19 0.95
CA LEU A 110 -12.68 4.36 0.10
C LEU A 110 -13.71 5.38 0.58
N SER A 111 -14.77 5.52 -0.20
CA SER A 111 -15.84 6.45 0.13
C SER A 111 -16.44 7.03 -1.14
N THR A 112 -15.56 7.35 -2.08
CA THR A 112 -15.99 7.92 -3.35
C THR A 112 -14.83 8.62 -4.04
N THR A 113 -14.37 9.71 -3.42
CA THR A 113 -13.27 10.47 -3.96
C THR A 113 -12.11 9.55 -4.34
N GLN A 114 -12.04 8.43 -3.64
CA GLN A 114 -10.99 7.45 -3.90
C GLN A 114 -11.39 6.54 -5.06
N LYS A 115 -12.69 6.34 -5.20
CA LYS A 115 -13.21 5.49 -6.26
C LYS A 115 -13.14 6.25 -7.59
N LYS A 116 -13.47 7.53 -7.52
CA LYS A 116 -13.46 8.37 -8.71
C LYS A 116 -12.03 8.44 -9.26
N SER A 117 -11.08 8.14 -8.38
CA SER A 117 -9.68 8.16 -8.76
C SER A 117 -9.25 6.79 -9.28
N LEU A 118 -10.10 5.80 -9.03
CA LEU A 118 -9.83 4.44 -9.48
C LEU A 118 -9.99 4.36 -11.00
N ASN A 119 -10.87 5.20 -11.51
CA ASN A 119 -11.12 5.23 -12.94
C ASN A 119 -9.94 5.91 -13.64
N HIS A 120 -9.44 6.95 -13.02
CA HIS A 120 -8.31 7.69 -13.58
C HIS A 120 -7.09 6.79 -13.67
N ARG A 121 -6.50 6.75 -14.85
CA ARG A 121 -5.34 5.93 -15.10
C ARG A 121 -4.37 6.02 -13.90
N TYR A 122 -3.60 7.09 -13.88
CA TYR A 122 -2.64 7.31 -12.81
C TYR A 122 -2.36 8.79 -12.61
N GLN A 123 -3.08 9.39 -11.67
CA GLN A 123 -2.92 10.80 -11.38
C GLN A 123 -3.31 11.64 -12.59
N MET A 124 -4.58 11.58 -12.92
CA MET A 124 -5.10 12.33 -14.06
C MET A 124 -5.12 13.82 -13.76
N GLY A 125 -3.98 14.34 -13.33
CA GLY A 125 -3.87 15.75 -13.01
C GLY A 125 -4.94 16.17 -11.99
N CYS A 126 -5.45 15.17 -11.28
CA CYS A 126 -6.47 15.42 -10.28
C CYS A 126 -5.93 16.46 -9.29
N GLU A 127 -6.64 16.59 -8.17
CA GLU A 127 -6.25 17.53 -7.14
C GLU A 127 -7.23 17.46 -5.97
N CYS A 1 5.16 5.98 8.95
CA CYS A 1 5.72 5.96 10.29
C CYS A 1 4.94 6.96 11.15
N SER A 2 3.83 6.49 11.70
CA SER A 2 3.00 7.31 12.54
C SER A 2 2.54 8.55 11.77
N CYS A 3 2.77 8.51 10.46
CA CYS A 3 2.39 9.61 9.59
C CYS A 3 0.87 9.78 9.69
N SER A 4 0.39 10.82 9.01
CA SER A 4 -1.05 11.10 9.00
C SER A 4 -1.61 10.88 7.60
N PRO A 5 -2.37 9.76 7.46
CA PRO A 5 -2.98 9.41 6.18
C PRO A 5 -4.19 10.31 5.89
N VAL A 6 -4.14 10.96 4.73
CA VAL A 6 -5.22 11.84 4.32
C VAL A 6 -5.33 11.84 2.80
N HIS A 7 -5.41 13.04 2.25
CA HIS A 7 -5.52 13.19 0.81
C HIS A 7 -6.38 12.05 0.23
N PRO A 8 -7.72 12.30 0.21
CA PRO A 8 -8.65 11.31 -0.30
C PRO A 8 -8.61 11.26 -1.82
N GLN A 9 -7.73 12.07 -2.39
CA GLN A 9 -7.57 12.12 -3.83
C GLN A 9 -6.09 12.21 -4.20
N GLN A 10 -5.37 13.05 -3.47
CA GLN A 10 -3.96 13.23 -3.72
C GLN A 10 -3.20 11.93 -3.42
N ALA A 11 -3.93 10.96 -2.92
CA ALA A 11 -3.34 9.67 -2.59
C ALA A 11 -3.29 8.80 -3.85
N PHE A 12 -4.33 8.94 -4.66
CA PHE A 12 -4.42 8.17 -5.89
C PHE A 12 -3.75 8.92 -7.05
N CYS A 13 -3.25 10.11 -6.74
CA CYS A 13 -2.59 10.92 -7.73
C CYS A 13 -1.07 10.90 -7.46
N ASN A 14 -0.74 10.44 -6.26
CA ASN A 14 0.65 10.36 -5.85
C ASN A 14 1.17 8.94 -6.11
N ALA A 15 0.31 7.97 -5.81
CA ALA A 15 0.66 6.57 -5.98
C ALA A 15 1.12 6.36 -7.43
N ASP A 16 1.62 5.15 -7.68
CA ASP A 16 2.10 4.81 -9.01
C ASP A 16 1.93 3.30 -9.23
N VAL A 17 1.13 2.70 -8.36
CA VAL A 17 0.89 1.26 -8.44
C VAL A 17 -0.33 0.91 -7.58
N VAL A 18 -1.50 1.01 -8.18
CA VAL A 18 -2.73 0.70 -7.48
C VAL A 18 -3.19 -0.71 -7.86
N ILE A 19 -3.29 -1.56 -6.85
CA ILE A 19 -3.71 -2.93 -7.06
C ILE A 19 -4.54 -3.39 -5.86
N ARG A 20 -5.77 -3.82 -6.15
CA ARG A 20 -6.66 -4.30 -5.11
C ARG A 20 -6.25 -5.70 -4.64
N THR A 21 -4.94 -5.89 -4.56
CA THR A 21 -4.40 -7.18 -4.13
C THR A 21 -4.89 -7.51 -2.72
N LYS A 22 -4.59 -8.73 -2.30
CA LYS A 22 -4.98 -9.18 -0.98
C LYS A 22 -3.74 -9.70 -0.23
N ALA A 23 -3.46 -9.05 0.89
CA ALA A 23 -2.31 -9.44 1.71
C ALA A 23 -2.76 -10.42 2.79
N VAL A 24 -2.53 -11.70 2.51
CA VAL A 24 -2.92 -12.74 3.45
C VAL A 24 -1.67 -13.21 4.21
N SER A 25 -0.56 -13.22 3.50
CA SER A 25 0.70 -13.65 4.09
C SER A 25 1.69 -12.47 4.13
N GLU A 26 2.73 -12.65 4.93
CA GLU A 26 3.74 -11.62 5.07
C GLU A 26 5.11 -12.25 5.30
N LYS A 27 6.09 -11.39 5.58
CA LYS A 27 7.45 -11.85 5.83
C LYS A 27 8.16 -10.85 6.73
N GLU A 28 8.58 -11.34 7.89
CA GLU A 28 9.27 -10.50 8.85
C GLU A 28 10.73 -10.34 8.46
N VAL A 29 11.01 -9.26 7.74
CA VAL A 29 12.37 -8.98 7.30
C VAL A 29 12.93 -7.81 8.09
N ASP A 30 13.62 -8.13 9.18
CA ASP A 30 14.21 -7.12 10.03
C ASP A 30 15.01 -6.14 9.16
N SER A 31 14.93 -4.86 9.53
CA SER A 31 15.63 -3.83 8.80
C SER A 31 16.56 -3.07 9.75
N GLY A 32 17.08 -3.78 10.73
CA GLY A 32 17.97 -3.19 11.70
C GLY A 32 17.35 -1.95 12.34
N ASN A 33 18.16 -1.24 13.11
CA ASN A 33 17.70 -0.03 13.78
C ASN A 33 17.84 1.16 12.83
N ASP A 34 17.18 2.25 13.19
CA ASP A 34 17.23 3.46 12.38
C ASP A 34 18.29 4.40 12.96
N ILE A 35 18.16 5.67 12.59
CA ILE A 35 19.10 6.68 13.06
C ILE A 35 18.71 7.10 14.47
N TYR A 36 17.66 6.47 14.99
CA TYR A 36 17.19 6.78 16.33
C TYR A 36 17.53 5.65 17.30
N GLY A 37 18.13 4.61 16.76
CA GLY A 37 18.52 3.46 17.56
C GLY A 37 17.36 2.46 17.68
N ASN A 38 16.22 2.86 17.16
CA ASN A 38 15.04 2.02 17.18
C ASN A 38 15.09 1.03 16.02
N PRO A 39 14.43 -0.14 16.21
CA PRO A 39 14.40 -1.16 15.19
C PRO A 39 13.44 -0.78 14.05
N ILE A 40 13.96 -0.87 12.84
CA ILE A 40 13.17 -0.52 11.67
C ILE A 40 12.07 -1.58 11.47
N LYS A 41 12.48 -2.69 10.87
CA LYS A 41 11.55 -3.79 10.62
C LYS A 41 10.59 -3.37 9.49
N ARG A 42 10.60 -4.17 8.44
CA ARG A 42 9.73 -3.91 7.30
C ARG A 42 9.10 -5.21 6.79
N ILE A 43 8.11 -5.68 7.54
CA ILE A 43 7.42 -6.91 7.19
C ILE A 43 7.01 -6.84 5.71
N GLN A 44 6.88 -8.02 5.12
CA GLN A 44 6.50 -8.11 3.72
C GLN A 44 4.97 -8.22 3.60
N TYR A 45 4.52 -8.29 2.36
CA TYR A 45 3.09 -8.39 2.09
C TYR A 45 2.81 -9.44 1.02
N GLU A 46 3.04 -10.69 1.38
CA GLU A 46 2.81 -11.80 0.46
C GLU A 46 1.33 -11.88 0.08
N ILE A 47 0.90 -10.91 -0.72
CA ILE A 47 -0.49 -10.87 -1.16
C ILE A 47 -0.75 -12.04 -2.10
N LYS A 48 -1.91 -11.98 -2.75
CA LYS A 48 -2.30 -13.04 -3.68
C LYS A 48 -2.76 -12.40 -4.99
N GLN A 49 -2.45 -11.12 -5.14
CA GLN A 49 -2.84 -10.39 -6.33
C GLN A 49 -4.23 -10.81 -6.79
N ILE A 50 -5.19 -9.93 -6.55
CA ILE A 50 -6.56 -10.20 -6.94
C ILE A 50 -7.00 -9.18 -8.00
N LYS A 51 -6.37 -8.02 -7.94
CA LYS A 51 -6.69 -6.95 -8.89
C LYS A 51 -5.46 -6.08 -9.09
N MET A 52 -5.47 -5.32 -10.17
CA MET A 52 -4.37 -4.44 -10.49
C MET A 52 -4.87 -3.17 -11.19
N PHE A 53 -5.40 -2.26 -10.37
CA PHE A 53 -5.91 -1.00 -10.90
C PHE A 53 -4.86 -0.29 -11.74
N LYS A 54 -3.82 0.18 -11.07
CA LYS A 54 -2.75 0.89 -11.74
C LYS A 54 -1.40 0.34 -11.25
N GLY A 55 -0.36 0.67 -11.99
CA GLY A 55 0.98 0.23 -11.63
C GLY A 55 1.65 -0.49 -12.82
N PRO A 56 2.32 -1.63 -12.49
CA PRO A 56 3.00 -2.41 -13.51
C PRO A 56 2.00 -3.20 -14.35
N GLU A 57 2.53 -4.13 -15.13
CA GLU A 57 1.70 -4.96 -15.99
C GLU A 57 1.73 -6.41 -15.50
N LYS A 58 2.85 -6.78 -14.92
CA LYS A 58 3.01 -8.14 -14.40
C LYS A 58 2.23 -8.28 -13.10
N ASP A 59 2.82 -7.76 -12.03
CA ASP A 59 2.19 -7.82 -10.72
C ASP A 59 3.26 -7.75 -9.64
N ILE A 60 2.81 -7.56 -8.41
CA ILE A 60 3.72 -7.47 -7.28
C ILE A 60 3.67 -8.77 -6.49
N GLU A 61 2.56 -8.95 -5.77
CA GLU A 61 2.37 -10.16 -4.97
C GLU A 61 3.24 -10.08 -3.72
N PHE A 62 4.12 -9.09 -3.69
CA PHE A 62 5.02 -8.91 -2.56
C PHE A 62 5.28 -7.42 -2.32
N ILE A 63 4.55 -6.87 -1.37
CA ILE A 63 4.70 -5.47 -1.02
C ILE A 63 5.47 -5.35 0.29
N TYR A 64 5.93 -4.13 0.56
CA TYR A 64 6.70 -3.88 1.77
C TYR A 64 6.01 -2.81 2.63
N THR A 65 6.14 -2.98 3.94
CA THR A 65 5.54 -2.04 4.88
C THR A 65 6.14 -2.23 6.27
N ALA A 66 5.42 -1.73 7.26
CA ALA A 66 5.88 -1.82 8.64
C ALA A 66 5.05 -2.88 9.37
N PRO A 67 5.71 -3.58 10.32
CA PRO A 67 5.05 -4.63 11.09
C PRO A 67 4.13 -4.02 12.15
N SER A 68 3.76 -4.84 13.11
CA SER A 68 2.88 -4.40 14.18
C SER A 68 1.50 -4.05 13.63
N SER A 69 0.77 -3.24 14.39
CA SER A 69 -0.56 -2.83 13.98
C SER A 69 -0.47 -1.71 12.95
N ALA A 70 0.59 -1.77 12.16
CA ALA A 70 0.81 -0.77 11.13
C ALA A 70 1.37 0.51 11.78
N VAL A 71 2.65 0.73 11.55
CA VAL A 71 3.32 1.91 12.09
C VAL A 71 3.71 2.85 10.95
N CYS A 72 4.15 2.25 9.86
CA CYS A 72 4.57 3.01 8.69
C CYS A 72 3.76 2.52 7.48
N GLY A 73 2.71 1.77 7.78
CA GLY A 73 1.85 1.24 6.73
C GLY A 73 0.42 1.03 7.25
N VAL A 74 -0.27 0.10 6.61
CA VAL A 74 -1.63 -0.20 6.98
C VAL A 74 -1.69 -1.62 7.60
N SER A 75 -0.53 -2.26 7.60
CA SER A 75 -0.43 -3.61 8.15
C SER A 75 -1.72 -4.37 7.87
N LEU A 76 -1.82 -4.90 6.66
CA LEU A 76 -2.99 -5.66 6.26
C LEU A 76 -2.65 -7.15 6.25
N ASP A 77 -3.51 -7.93 6.88
CA ASP A 77 -3.31 -9.37 6.96
C ASP A 77 -4.44 -10.07 6.22
N VAL A 78 -5.46 -9.29 5.87
CA VAL A 78 -6.61 -9.83 5.15
C VAL A 78 -7.47 -10.64 6.12
N GLY A 79 -6.88 -10.97 7.26
CA GLY A 79 -7.58 -11.73 8.27
C GLY A 79 -8.59 -10.86 9.01
N GLY A 80 -8.54 -9.56 8.73
CA GLY A 80 -9.45 -8.62 9.36
C GLY A 80 -10.06 -7.67 8.33
N LYS A 81 -9.29 -7.41 7.29
CA LYS A 81 -9.74 -6.53 6.23
C LYS A 81 -10.28 -7.37 5.06
N LYS A 82 -9.44 -7.53 4.05
CA LYS A 82 -9.82 -8.30 2.88
C LYS A 82 -8.81 -8.05 1.76
N GLU A 83 -8.88 -6.87 1.18
CA GLU A 83 -7.98 -6.49 0.11
C GLU A 83 -7.82 -4.98 0.05
N TYR A 84 -6.76 -4.55 -0.64
CA TYR A 84 -6.50 -3.13 -0.77
C TYR A 84 -5.91 -2.82 -2.15
N LEU A 85 -6.15 -1.59 -2.60
CA LEU A 85 -5.66 -1.16 -3.90
C LEU A 85 -4.20 -0.70 -3.77
N ILE A 86 -3.68 -0.85 -2.55
CA ILE A 86 -2.32 -0.45 -2.27
C ILE A 86 -1.78 0.36 -3.45
N ALA A 87 -1.74 1.67 -3.25
CA ALA A 87 -1.25 2.57 -4.28
C ALA A 87 -0.24 3.54 -3.66
N GLY A 88 1.03 3.26 -3.93
CA GLY A 88 2.11 4.09 -3.41
C GLY A 88 3.38 3.94 -4.25
N LYS A 89 4.32 4.85 -4.04
CA LYS A 89 5.56 4.83 -4.76
C LYS A 89 6.02 3.38 -4.93
N ALA A 90 5.72 2.83 -6.11
CA ALA A 90 6.07 1.46 -6.42
C ALA A 90 7.60 1.34 -6.43
N GLU A 91 8.06 0.10 -6.58
CA GLU A 91 9.49 -0.17 -6.62
C GLU A 91 9.86 -0.91 -7.90
N GLY A 92 8.87 -1.09 -8.76
CA GLY A 92 9.07 -1.77 -10.02
C GLY A 92 7.97 -2.81 -10.25
N ASP A 93 8.41 -4.06 -10.39
CA ASP A 93 7.48 -5.15 -10.63
C ASP A 93 7.82 -6.32 -9.70
N GLY A 94 6.79 -6.86 -9.08
CA GLY A 94 6.98 -7.99 -8.16
C GLY A 94 7.27 -7.50 -6.74
N LYS A 95 7.37 -6.19 -6.61
CA LYS A 95 7.64 -5.59 -5.32
C LYS A 95 7.56 -4.06 -5.45
N MET A 96 7.04 -3.44 -4.40
CA MET A 96 6.91 -2.00 -4.38
C MET A 96 7.06 -1.45 -2.96
N HIS A 97 6.73 -0.17 -2.81
CA HIS A 97 6.83 0.48 -1.51
C HIS A 97 5.49 1.14 -1.18
N ILE A 98 5.04 0.87 0.03
CA ILE A 98 3.77 1.43 0.50
C ILE A 98 3.89 1.79 1.98
N THR A 99 3.24 2.89 2.35
CA THR A 99 3.27 3.35 3.72
C THR A 99 1.91 3.91 4.13
N LEU A 100 1.71 4.03 5.43
CA LEU A 100 0.45 4.54 5.96
C LEU A 100 0.23 5.96 5.41
N CYS A 101 1.29 6.74 5.41
CA CYS A 101 1.22 8.11 4.92
C CYS A 101 0.88 8.07 3.42
N ASP A 102 1.36 7.02 2.77
CA ASP A 102 1.11 6.84 1.35
C ASP A 102 -0.33 6.39 1.14
N PHE A 103 -0.75 6.45 -0.12
CA PHE A 103 -2.11 6.06 -0.46
C PHE A 103 -2.28 4.55 -0.35
N ILE A 104 -3.21 4.15 0.52
CA ILE A 104 -3.48 2.73 0.73
C ILE A 104 -4.80 2.59 1.50
N VAL A 105 -5.63 1.67 1.02
CA VAL A 105 -6.91 1.42 1.66
C VAL A 105 -7.36 -0.01 1.34
N PRO A 106 -8.26 -0.53 2.22
CA PRO A 106 -8.78 -1.88 2.03
C PRO A 106 -9.80 -1.93 0.89
N TRP A 107 -9.91 -0.82 0.20
CA TRP A 107 -10.85 -0.71 -0.91
C TRP A 107 -12.26 -0.59 -0.34
N ASP A 108 -12.63 -1.58 0.46
CA ASP A 108 -13.94 -1.59 1.09
C ASP A 108 -14.02 -0.49 2.15
N THR A 109 -13.62 0.71 1.73
CA THR A 109 -13.63 1.86 2.63
C THR A 109 -13.66 3.16 1.83
N LEU A 110 -12.73 3.27 0.90
CA LEU A 110 -12.63 4.46 0.07
C LEU A 110 -13.64 5.50 0.55
N SER A 111 -14.69 5.67 -0.23
CA SER A 111 -15.73 6.63 0.11
C SER A 111 -16.31 7.24 -1.16
N THR A 112 -15.42 7.55 -2.09
CA THR A 112 -15.82 8.14 -3.36
C THR A 112 -14.65 8.87 -4.00
N THR A 113 -14.17 9.89 -3.32
CA THR A 113 -13.06 10.68 -3.82
C THR A 113 -11.91 9.76 -4.24
N GLN A 114 -11.92 8.56 -3.69
CA GLN A 114 -10.89 7.58 -4.01
C GLN A 114 -11.29 6.75 -5.22
N LYS A 115 -12.57 6.41 -5.28
CA LYS A 115 -13.10 5.62 -6.37
C LYS A 115 -13.02 6.44 -7.66
N LYS A 116 -13.28 7.73 -7.52
CA LYS A 116 -13.24 8.64 -8.66
C LYS A 116 -11.82 8.66 -9.23
N SER A 117 -10.87 8.28 -8.39
CA SER A 117 -9.48 8.26 -8.80
C SER A 117 -9.13 6.89 -9.41
N LEU A 118 -9.95 5.91 -9.07
CA LEU A 118 -9.75 4.56 -9.57
C LEU A 118 -10.25 4.48 -11.01
N ASN A 119 -10.77 5.60 -11.50
CA ASN A 119 -11.29 5.66 -12.85
C ASN A 119 -10.13 5.71 -13.84
N HIS A 120 -9.33 6.74 -13.70
CA HIS A 120 -8.17 6.92 -14.58
C HIS A 120 -7.19 5.78 -14.36
N ARG A 121 -6.17 6.06 -13.56
CA ARG A 121 -5.15 5.05 -13.27
C ARG A 121 -4.39 5.43 -11.99
N TYR A 122 -3.49 6.38 -12.14
CA TYR A 122 -2.69 6.84 -11.00
C TYR A 122 -2.73 8.37 -10.88
N GLN A 123 -3.52 8.97 -11.76
CA GLN A 123 -3.67 10.42 -11.76
C GLN A 123 -4.95 10.83 -12.49
N MET A 124 -6.07 10.66 -11.81
CA MET A 124 -7.35 11.00 -12.38
C MET A 124 -7.48 12.51 -12.57
N GLY A 125 -6.52 13.07 -13.30
CA GLY A 125 -6.51 14.50 -13.56
C GLY A 125 -6.93 15.29 -12.32
N CYS A 126 -6.66 14.70 -11.16
CA CYS A 126 -7.00 15.33 -9.90
C CYS A 126 -6.12 16.58 -9.74
N GLU A 127 -6.14 17.12 -8.54
CA GLU A 127 -5.36 18.31 -8.24
C GLU A 127 -5.53 18.71 -6.77
N CYS A 1 6.54 9.10 10.61
CA CYS A 1 6.21 7.72 10.25
C CYS A 1 4.68 7.56 10.30
N SER A 2 4.19 7.31 11.50
CA SER A 2 2.76 7.13 11.69
C SER A 2 2.03 8.42 11.37
N CYS A 3 2.05 8.79 10.09
CA CYS A 3 1.39 9.99 9.64
C CYS A 3 -0.08 9.66 9.36
N SER A 4 -0.87 10.72 9.19
CA SER A 4 -2.28 10.56 8.91
C SER A 4 -2.51 10.32 7.42
N PRO A 5 -3.14 9.17 7.11
CA PRO A 5 -3.43 8.82 5.72
C PRO A 5 -4.59 9.65 5.17
N VAL A 6 -4.32 10.93 5.00
CA VAL A 6 -5.33 11.85 4.48
C VAL A 6 -5.36 11.76 2.95
N HIS A 7 -5.40 12.92 2.32
CA HIS A 7 -5.43 12.99 0.87
C HIS A 7 -6.32 11.88 0.33
N PRO A 8 -7.61 12.26 0.06
CA PRO A 8 -8.57 11.32 -0.46
C PRO A 8 -8.31 11.03 -1.94
N GLN A 9 -7.85 12.06 -2.64
CA GLN A 9 -7.56 11.94 -4.05
C GLN A 9 -6.05 12.08 -4.30
N GLN A 10 -5.43 12.92 -3.49
CA GLN A 10 -4.00 13.15 -3.61
C GLN A 10 -3.24 11.85 -3.37
N ALA A 11 -3.95 10.86 -2.87
CA ALA A 11 -3.35 9.56 -2.59
C ALA A 11 -3.31 8.73 -3.87
N PHE A 12 -4.34 8.89 -4.68
CA PHE A 12 -4.43 8.17 -5.94
C PHE A 12 -3.75 8.95 -7.07
N CYS A 13 -3.23 10.11 -6.71
CA CYS A 13 -2.55 10.96 -7.67
C CYS A 13 -1.05 10.92 -7.38
N ASN A 14 -0.72 10.36 -6.23
CA ASN A 14 0.68 10.25 -5.83
C ASN A 14 1.17 8.83 -6.10
N ALA A 15 0.32 7.87 -5.79
CA ALA A 15 0.65 6.47 -5.99
C ALA A 15 1.10 6.25 -7.44
N ASP A 16 1.61 5.07 -7.71
CA ASP A 16 2.07 4.72 -9.04
C ASP A 16 1.87 3.23 -9.29
N VAL A 17 1.07 2.63 -8.42
CA VAL A 17 0.78 1.20 -8.53
C VAL A 17 -0.42 0.86 -7.64
N VAL A 18 -1.60 0.99 -8.22
CA VAL A 18 -2.82 0.70 -7.51
C VAL A 18 -3.31 -0.71 -7.90
N ILE A 19 -3.33 -1.59 -6.89
CA ILE A 19 -3.78 -2.95 -7.11
C ILE A 19 -4.60 -3.42 -5.90
N ARG A 20 -5.81 -3.86 -6.19
CA ARG A 20 -6.70 -4.33 -5.15
C ARG A 20 -6.28 -5.73 -4.68
N THR A 21 -4.97 -5.91 -4.59
CA THR A 21 -4.41 -7.19 -4.15
C THR A 21 -4.90 -7.53 -2.74
N LYS A 22 -4.49 -8.70 -2.27
CA LYS A 22 -4.88 -9.14 -0.94
C LYS A 22 -3.64 -9.67 -0.22
N ALA A 23 -3.34 -9.02 0.91
CA ALA A 23 -2.20 -9.40 1.71
C ALA A 23 -2.64 -10.40 2.79
N VAL A 24 -2.41 -11.67 2.51
CA VAL A 24 -2.78 -12.73 3.44
C VAL A 24 -1.54 -13.17 4.21
N SER A 25 -0.41 -13.21 3.50
CA SER A 25 0.84 -13.62 4.11
C SER A 25 1.73 -12.39 4.34
N GLU A 26 2.81 -12.62 5.06
CA GLU A 26 3.76 -11.55 5.36
C GLU A 26 5.15 -12.12 5.63
N LYS A 27 6.16 -11.32 5.34
CA LYS A 27 7.53 -11.73 5.55
C LYS A 27 8.24 -10.71 6.44
N GLU A 28 8.43 -11.10 7.69
CA GLU A 28 9.10 -10.22 8.65
C GLU A 28 10.59 -10.14 8.34
N VAL A 29 10.93 -9.14 7.52
CA VAL A 29 12.32 -8.94 7.14
C VAL A 29 12.89 -7.78 7.95
N ASP A 30 14.02 -8.05 8.61
CA ASP A 30 14.67 -7.05 9.42
C ASP A 30 15.24 -5.96 8.52
N SER A 31 15.48 -4.80 9.11
CA SER A 31 16.03 -3.67 8.37
C SER A 31 16.98 -2.86 9.26
N GLY A 32 17.42 -3.52 10.33
CA GLY A 32 18.33 -2.87 11.26
C GLY A 32 17.60 -1.85 12.13
N ASN A 33 18.36 -1.22 13.02
CA ASN A 33 17.80 -0.22 13.90
C ASN A 33 17.77 1.14 13.20
N ASP A 34 16.99 2.05 13.77
CA ASP A 34 16.87 3.38 13.19
C ASP A 34 17.85 4.32 13.89
N ILE A 35 17.58 5.61 13.75
CA ILE A 35 18.43 6.62 14.36
C ILE A 35 18.06 6.77 15.84
N TYR A 36 17.07 5.99 16.25
CA TYR A 36 16.60 6.04 17.62
C TYR A 36 17.04 4.78 18.38
N GLY A 37 17.73 3.91 17.66
CA GLY A 37 18.21 2.67 18.26
C GLY A 37 17.15 1.56 18.16
N ASN A 38 15.97 1.97 17.73
CA ASN A 38 14.86 1.03 17.59
C ASN A 38 15.04 0.23 16.30
N PRO A 39 14.47 -1.00 16.31
CA PRO A 39 14.56 -1.87 15.14
C PRO A 39 13.61 -1.41 14.03
N ILE A 40 14.17 -1.26 12.84
CA ILE A 40 13.41 -0.83 11.69
C ILE A 40 12.34 -1.88 11.36
N LYS A 41 12.78 -2.92 10.69
CA LYS A 41 11.88 -4.01 10.32
C LYS A 41 10.91 -3.50 9.25
N ARG A 42 10.88 -4.21 8.13
CA ARG A 42 10.00 -3.85 7.04
C ARG A 42 9.20 -5.07 6.57
N ILE A 43 8.31 -5.52 7.44
CA ILE A 43 7.47 -6.67 7.14
C ILE A 43 7.05 -6.61 5.67
N GLN A 44 6.96 -7.79 5.07
CA GLN A 44 6.56 -7.89 3.68
C GLN A 44 5.05 -8.04 3.56
N TYR A 45 4.58 -8.14 2.32
CA TYR A 45 3.16 -8.28 2.06
C TYR A 45 2.91 -9.35 0.98
N GLU A 46 3.17 -10.60 1.36
CA GLU A 46 2.98 -11.70 0.45
C GLU A 46 1.50 -11.83 0.07
N ILE A 47 1.03 -10.85 -0.69
CA ILE A 47 -0.36 -10.84 -1.12
C ILE A 47 -0.61 -12.02 -2.05
N LYS A 48 -1.78 -12.01 -2.67
CA LYS A 48 -2.15 -13.08 -3.58
C LYS A 48 -2.64 -12.48 -4.90
N GLN A 49 -2.58 -11.15 -4.96
CA GLN A 49 -3.01 -10.45 -6.16
C GLN A 49 -4.45 -10.82 -6.51
N ILE A 50 -5.31 -9.83 -6.52
CA ILE A 50 -6.71 -10.04 -6.84
C ILE A 50 -7.13 -9.08 -7.96
N LYS A 51 -6.45 -7.95 -8.00
CA LYS A 51 -6.74 -6.94 -9.01
C LYS A 51 -5.51 -6.05 -9.20
N MET A 52 -5.56 -5.24 -10.25
CA MET A 52 -4.46 -4.33 -10.55
C MET A 52 -4.99 -3.02 -11.14
N PHE A 53 -5.69 -2.28 -10.30
CA PHE A 53 -6.25 -1.00 -10.73
C PHE A 53 -5.29 -0.27 -11.66
N LYS A 54 -4.29 0.36 -11.08
CA LYS A 54 -3.30 1.10 -11.84
C LYS A 54 -1.90 0.64 -11.43
N GLY A 55 -1.58 -0.58 -11.82
CA GLY A 55 -0.28 -1.15 -11.50
C GLY A 55 0.41 -1.68 -12.76
N PRO A 56 1.36 -2.63 -12.53
CA PRO A 56 2.09 -3.23 -13.64
C PRO A 56 1.21 -4.22 -14.41
N GLU A 57 1.84 -4.89 -15.36
CA GLU A 57 1.13 -5.88 -16.17
C GLU A 57 1.28 -7.27 -15.55
N LYS A 58 2.42 -7.50 -14.94
CA LYS A 58 2.70 -8.77 -14.30
C LYS A 58 1.96 -8.85 -12.97
N ASP A 59 2.55 -8.22 -11.96
CA ASP A 59 1.95 -8.20 -10.64
C ASP A 59 3.06 -8.08 -9.59
N ILE A 60 2.65 -7.83 -8.36
CA ILE A 60 3.58 -7.69 -7.26
C ILE A 60 3.60 -8.98 -6.43
N GLU A 61 2.53 -9.18 -5.69
CA GLU A 61 2.41 -10.37 -4.86
C GLU A 61 3.29 -10.24 -3.61
N PHE A 62 4.10 -9.18 -3.62
CA PHE A 62 5.00 -8.93 -2.51
C PHE A 62 5.24 -7.43 -2.32
N ILE A 63 4.57 -6.88 -1.32
CA ILE A 63 4.70 -5.47 -1.02
C ILE A 63 5.48 -5.28 0.27
N TYR A 64 5.95 -4.06 0.48
CA TYR A 64 6.72 -3.74 1.67
C TYR A 64 6.00 -2.70 2.52
N THR A 65 6.28 -2.74 3.82
CA THR A 65 5.67 -1.81 4.75
C THR A 65 6.34 -1.91 6.12
N ALA A 66 5.63 -1.42 7.12
CA ALA A 66 6.14 -1.44 8.49
C ALA A 66 5.43 -2.55 9.27
N PRO A 67 6.14 -3.04 10.33
CA PRO A 67 5.58 -4.09 11.16
C PRO A 67 4.50 -3.55 12.09
N SER A 68 4.23 -4.30 13.15
CA SER A 68 3.22 -3.89 14.12
C SER A 68 1.90 -3.63 13.42
N SER A 69 0.93 -3.16 14.19
CA SER A 69 -0.38 -2.86 13.65
C SER A 69 -0.25 -1.95 12.44
N ALA A 70 0.76 -1.10 12.47
CA ALA A 70 1.01 -0.17 11.38
C ALA A 70 1.66 1.10 11.93
N VAL A 71 2.94 1.25 11.62
CA VAL A 71 3.68 2.42 12.08
C VAL A 71 3.98 3.32 10.88
N CYS A 72 4.43 2.69 9.80
CA CYS A 72 4.76 3.43 8.59
C CYS A 72 3.95 2.83 7.43
N GLY A 73 2.94 2.07 7.79
CA GLY A 73 2.09 1.43 6.80
C GLY A 73 0.68 1.23 7.35
N VAL A 74 -0.04 0.30 6.73
CA VAL A 74 -1.40 0.00 7.15
C VAL A 74 -1.45 -1.43 7.70
N SER A 75 -0.32 -2.11 7.60
CA SER A 75 -0.21 -3.47 8.10
C SER A 75 -1.54 -4.22 7.86
N LEU A 76 -1.62 -4.83 6.69
CA LEU A 76 -2.81 -5.57 6.32
C LEU A 76 -2.52 -7.07 6.40
N ASP A 77 -3.43 -7.78 7.06
CA ASP A 77 -3.28 -9.22 7.22
C ASP A 77 -4.42 -9.93 6.47
N VAL A 78 -5.34 -9.12 5.97
CA VAL A 78 -6.47 -9.67 5.24
C VAL A 78 -7.41 -10.37 6.21
N GLY A 79 -6.83 -11.24 7.03
CA GLY A 79 -7.59 -11.98 8.02
C GLY A 79 -8.57 -11.07 8.76
N GLY A 80 -8.30 -9.77 8.68
CA GLY A 80 -9.14 -8.78 9.34
C GLY A 80 -9.79 -7.85 8.33
N LYS A 81 -9.04 -7.56 7.27
CA LYS A 81 -9.52 -6.68 6.21
C LYS A 81 -10.09 -7.53 5.07
N LYS A 82 -9.26 -7.71 4.05
CA LYS A 82 -9.65 -8.49 2.89
C LYS A 82 -8.68 -8.22 1.75
N GLU A 83 -8.72 -6.99 1.25
CA GLU A 83 -7.86 -6.60 0.15
C GLU A 83 -7.73 -5.07 0.11
N TYR A 84 -6.73 -4.62 -0.63
CA TYR A 84 -6.48 -3.20 -0.76
C TYR A 84 -5.92 -2.86 -2.15
N LEU A 85 -6.17 -1.63 -2.57
CA LEU A 85 -5.69 -1.18 -3.88
C LEU A 85 -4.24 -0.71 -3.75
N ILE A 86 -3.70 -0.88 -2.55
CA ILE A 86 -2.32 -0.48 -2.29
C ILE A 86 -1.79 0.32 -3.47
N ALA A 87 -1.76 1.62 -3.28
CA ALA A 87 -1.28 2.52 -4.33
C ALA A 87 -0.19 3.43 -3.76
N GLY A 88 1.03 3.21 -4.23
CA GLY A 88 2.16 4.01 -3.78
C GLY A 88 3.16 4.24 -4.90
N LYS A 89 4.24 4.93 -4.57
CA LYS A 89 5.28 5.22 -5.54
C LYS A 89 5.67 3.94 -6.27
N ALA A 90 5.62 2.84 -5.52
CA ALA A 90 5.97 1.55 -6.08
C ALA A 90 7.50 1.38 -6.08
N GLU A 91 7.93 0.18 -6.44
CA GLU A 91 9.35 -0.10 -6.49
C GLU A 91 9.69 -0.86 -7.78
N GLY A 92 8.70 -0.98 -8.63
CA GLY A 92 8.88 -1.67 -9.90
C GLY A 92 7.81 -2.75 -10.09
N ASP A 93 8.28 -3.97 -10.30
CA ASP A 93 7.37 -5.09 -10.49
C ASP A 93 7.76 -6.23 -9.54
N GLY A 94 6.74 -6.92 -9.05
CA GLY A 94 6.96 -8.02 -8.13
C GLY A 94 7.23 -7.51 -6.72
N LYS A 95 7.30 -6.19 -6.60
CA LYS A 95 7.55 -5.56 -5.31
C LYS A 95 7.46 -4.04 -5.47
N MET A 96 6.95 -3.41 -4.43
CA MET A 96 6.79 -1.96 -4.43
C MET A 96 6.98 -1.38 -3.02
N HIS A 97 6.64 -0.12 -2.89
CA HIS A 97 6.77 0.56 -1.61
C HIS A 97 5.43 1.23 -1.25
N ILE A 98 4.98 0.97 -0.03
CA ILE A 98 3.73 1.53 0.44
C ILE A 98 3.86 1.88 1.92
N THR A 99 3.24 2.99 2.30
CA THR A 99 3.29 3.44 3.68
C THR A 99 1.91 3.96 4.12
N LEU A 100 1.76 4.13 5.42
CA LEU A 100 0.52 4.62 5.97
C LEU A 100 0.23 6.03 5.42
N CYS A 101 1.24 6.88 5.54
CA CYS A 101 1.11 8.25 5.07
C CYS A 101 0.89 8.22 3.55
N ASP A 102 1.15 7.06 2.97
CA ASP A 102 0.98 6.88 1.54
C ASP A 102 -0.44 6.42 1.26
N PHE A 103 -0.80 6.44 -0.02
CA PHE A 103 -2.14 6.03 -0.44
C PHE A 103 -2.30 4.51 -0.31
N ILE A 104 -3.20 4.12 0.58
CA ILE A 104 -3.46 2.71 0.80
C ILE A 104 -4.78 2.56 1.57
N VAL A 105 -5.59 1.61 1.12
CA VAL A 105 -6.87 1.36 1.75
C VAL A 105 -7.29 -0.09 1.48
N PRO A 106 -8.19 -0.60 2.36
CA PRO A 106 -8.68 -1.96 2.21
C PRO A 106 -9.69 -2.06 1.06
N TRP A 107 -9.75 -1.01 0.27
CA TRP A 107 -10.66 -0.96 -0.86
C TRP A 107 -12.08 -0.85 -0.32
N ASP A 108 -12.47 -1.86 0.44
CA ASP A 108 -13.81 -1.89 1.03
C ASP A 108 -13.91 -0.80 2.10
N THR A 109 -13.54 0.41 1.71
CA THR A 109 -13.59 1.54 2.62
C THR A 109 -13.67 2.85 1.84
N LEU A 110 -12.67 3.06 0.99
CA LEU A 110 -12.61 4.27 0.18
C LEU A 110 -13.61 5.29 0.73
N SER A 111 -14.68 5.48 -0.01
CA SER A 111 -15.72 6.43 0.38
C SER A 111 -16.37 7.03 -0.86
N THR A 112 -15.52 7.37 -1.83
CA THR A 112 -16.00 7.96 -3.07
C THR A 112 -14.87 8.71 -3.78
N THR A 113 -14.34 9.69 -3.07
CA THR A 113 -13.25 10.49 -3.62
C THR A 113 -12.10 9.59 -4.07
N GLN A 114 -12.05 8.41 -3.48
CA GLN A 114 -11.01 7.44 -3.80
C GLN A 114 -11.42 6.61 -5.01
N LYS A 115 -12.72 6.33 -5.09
CA LYS A 115 -13.25 5.54 -6.19
C LYS A 115 -13.15 6.36 -7.49
N LYS A 116 -13.41 7.64 -7.36
CA LYS A 116 -13.37 8.53 -8.51
C LYS A 116 -11.94 8.58 -9.05
N SER A 117 -11.00 8.14 -8.22
CA SER A 117 -9.60 8.13 -8.59
C SER A 117 -9.20 6.73 -9.07
N LEU A 118 -10.14 5.80 -8.93
CA LEU A 118 -9.90 4.43 -9.33
C LEU A 118 -9.97 4.33 -10.87
N ASN A 119 -10.78 5.20 -11.44
CA ASN A 119 -10.96 5.23 -12.88
C ASN A 119 -10.13 6.37 -13.47
N HIS A 120 -9.32 6.97 -12.61
CA HIS A 120 -8.47 8.07 -13.03
C HIS A 120 -7.10 7.54 -13.45
N ARG A 121 -7.12 6.32 -13.97
CA ARG A 121 -5.89 5.68 -14.42
C ARG A 121 -4.79 5.87 -13.37
N TYR A 122 -4.01 6.93 -13.55
CA TYR A 122 -2.93 7.22 -12.64
C TYR A 122 -2.66 8.73 -12.57
N GLN A 123 -3.25 9.36 -11.57
CA GLN A 123 -3.09 10.79 -11.38
C GLN A 123 -3.50 11.54 -12.64
N MET A 124 -4.77 11.40 -12.99
CA MET A 124 -5.31 12.06 -14.17
C MET A 124 -5.34 13.58 -13.99
N GLY A 125 -4.16 14.14 -13.72
CA GLY A 125 -4.05 15.57 -13.52
C GLY A 125 -5.07 16.07 -12.49
N CYS A 126 -5.46 15.16 -11.62
CA CYS A 126 -6.44 15.49 -10.58
C CYS A 126 -5.90 16.68 -9.79
N GLU A 127 -6.57 16.96 -8.68
CA GLU A 127 -6.17 18.06 -7.81
C GLU A 127 -7.10 18.15 -6.60
N CYS A 1 6.52 4.90 11.09
CA CYS A 1 6.32 6.27 11.54
C CYS A 1 4.97 6.34 12.24
N SER A 2 4.02 6.98 11.57
CA SER A 2 2.69 7.13 12.11
C SER A 2 2.00 8.36 11.49
N CYS A 3 2.24 8.53 10.21
CA CYS A 3 1.65 9.66 9.48
C CYS A 3 0.13 9.49 9.49
N SER A 4 -0.52 10.32 8.69
CA SER A 4 -1.97 10.28 8.59
C SER A 4 -2.39 10.12 7.13
N PRO A 5 -3.09 8.98 6.86
CA PRO A 5 -3.56 8.70 5.51
C PRO A 5 -4.76 9.57 5.15
N VAL A 6 -4.46 10.77 4.68
CA VAL A 6 -5.51 11.71 4.29
C VAL A 6 -5.63 11.73 2.77
N HIS A 7 -5.69 12.93 2.23
CA HIS A 7 -5.80 13.11 0.79
C HIS A 7 -6.64 11.96 0.20
N PRO A 8 -7.97 12.18 0.17
CA PRO A 8 -8.88 11.18 -0.36
C PRO A 8 -8.82 11.14 -1.89
N GLN A 9 -7.92 11.94 -2.44
CA GLN A 9 -7.75 12.01 -3.88
C GLN A 9 -6.26 12.12 -4.23
N GLN A 10 -5.56 12.93 -3.46
CA GLN A 10 -4.14 13.14 -3.68
C GLN A 10 -3.38 11.83 -3.43
N ALA A 11 -4.10 10.85 -2.92
CA ALA A 11 -3.50 9.55 -2.63
C ALA A 11 -3.45 8.72 -3.92
N PHE A 12 -4.47 8.90 -4.74
CA PHE A 12 -4.56 8.17 -6.01
C PHE A 12 -3.89 8.96 -7.13
N CYS A 13 -3.23 10.05 -6.75
CA CYS A 13 -2.55 10.89 -7.71
C CYS A 13 -1.05 10.87 -7.39
N ASN A 14 -0.73 10.31 -6.23
CA ASN A 14 0.66 10.23 -5.80
C ASN A 14 1.17 8.81 -6.05
N ALA A 15 0.29 7.85 -5.82
CA ALA A 15 0.65 6.45 -6.01
C ALA A 15 1.17 6.26 -7.44
N ASP A 16 1.65 5.05 -7.70
CA ASP A 16 2.18 4.72 -9.02
C ASP A 16 1.95 3.24 -9.30
N VAL A 17 1.12 2.63 -8.46
CA VAL A 17 0.80 1.22 -8.61
C VAL A 17 -0.39 0.87 -7.72
N VAL A 18 -1.58 0.99 -8.30
CA VAL A 18 -2.80 0.70 -7.57
C VAL A 18 -3.28 -0.70 -7.95
N ILE A 19 -3.36 -1.56 -6.94
CA ILE A 19 -3.81 -2.93 -7.16
C ILE A 19 -4.62 -3.39 -5.94
N ARG A 20 -5.84 -3.84 -6.22
CA ARG A 20 -6.71 -4.31 -5.18
C ARG A 20 -6.29 -5.70 -4.70
N THR A 21 -4.98 -5.89 -4.61
CA THR A 21 -4.43 -7.16 -4.18
C THR A 21 -4.88 -7.49 -2.76
N LYS A 22 -4.52 -8.67 -2.31
CA LYS A 22 -4.89 -9.12 -0.97
C LYS A 22 -3.64 -9.64 -0.25
N ALA A 23 -3.32 -8.99 0.86
CA ALA A 23 -2.16 -9.38 1.65
C ALA A 23 -2.60 -10.37 2.73
N VAL A 24 -2.33 -11.63 2.48
CA VAL A 24 -2.68 -12.69 3.42
C VAL A 24 -1.44 -13.14 4.17
N SER A 25 -0.31 -13.11 3.45
CA SER A 25 0.96 -13.52 4.03
C SER A 25 1.93 -12.34 4.04
N GLU A 26 2.96 -12.47 4.85
CA GLU A 26 3.97 -11.42 4.97
C GLU A 26 5.35 -12.05 5.21
N LYS A 27 6.32 -11.17 5.44
CA LYS A 27 7.68 -11.61 5.68
C LYS A 27 8.41 -10.57 6.54
N GLU A 28 8.72 -10.98 7.76
CA GLU A 28 9.40 -10.09 8.69
C GLU A 28 10.88 -9.98 8.31
N VAL A 29 11.17 -8.99 7.47
CA VAL A 29 12.53 -8.75 7.03
C VAL A 29 13.14 -7.62 7.85
N ASP A 30 13.65 -7.98 9.01
CA ASP A 30 14.26 -7.01 9.90
C ASP A 30 15.22 -6.12 9.10
N SER A 31 15.26 -4.85 9.46
CA SER A 31 16.12 -3.91 8.78
C SER A 31 16.99 -3.17 9.81
N GLY A 32 17.32 -3.88 10.88
CA GLY A 32 18.14 -3.30 11.93
C GLY A 32 17.46 -2.09 12.56
N ASN A 33 18.21 -1.40 13.41
CA ASN A 33 17.69 -0.22 14.09
C ASN A 33 17.85 1.00 13.16
N ASP A 34 17.15 2.06 13.52
CA ASP A 34 17.20 3.28 12.74
C ASP A 34 18.22 4.24 13.36
N ILE A 35 18.11 5.50 12.98
CA ILE A 35 19.01 6.52 13.49
C ILE A 35 18.54 6.95 14.89
N TYR A 36 17.48 6.32 15.34
CA TYR A 36 16.93 6.62 16.65
C TYR A 36 17.21 5.47 17.64
N GLY A 37 17.82 4.43 17.12
CA GLY A 37 18.15 3.28 17.94
C GLY A 37 17.01 2.26 17.96
N ASN A 38 15.90 2.67 17.36
CA ASN A 38 14.73 1.82 17.30
C ASN A 38 14.89 0.81 16.16
N PRO A 39 14.21 -0.35 16.32
CA PRO A 39 14.27 -1.41 15.33
C PRO A 39 13.43 -1.04 14.10
N ILE A 40 14.07 -1.13 12.94
CA ILE A 40 13.40 -0.82 11.68
C ILE A 40 12.37 -1.91 11.37
N LYS A 41 12.81 -2.87 10.57
CA LYS A 41 11.95 -3.98 10.19
C LYS A 41 10.91 -3.48 9.19
N ARG A 42 10.87 -4.15 8.05
CA ARG A 42 9.94 -3.80 6.99
C ARG A 42 9.16 -5.04 6.52
N ILE A 43 8.32 -5.53 7.40
CA ILE A 43 7.52 -6.71 7.10
C ILE A 43 7.07 -6.64 5.63
N GLN A 44 7.03 -7.81 5.01
CA GLN A 44 6.62 -7.90 3.62
C GLN A 44 5.10 -8.01 3.51
N TYR A 45 4.63 -8.14 2.27
CA TYR A 45 3.21 -8.26 2.02
C TYR A 45 2.92 -9.32 0.95
N GLU A 46 3.24 -10.55 1.30
CA GLU A 46 3.02 -11.67 0.39
C GLU A 46 1.54 -11.77 0.04
N ILE A 47 1.06 -10.82 -0.75
CA ILE A 47 -0.32 -10.80 -1.17
C ILE A 47 -0.60 -11.98 -2.09
N LYS A 48 -1.80 -12.01 -2.65
CA LYS A 48 -2.19 -13.07 -3.55
C LYS A 48 -2.68 -12.47 -4.86
N GLN A 49 -2.65 -11.15 -4.92
CA GLN A 49 -3.09 -10.43 -6.10
C GLN A 49 -4.53 -10.80 -6.45
N ILE A 50 -5.36 -9.77 -6.55
CA ILE A 50 -6.77 -9.97 -6.85
C ILE A 50 -7.17 -9.03 -8.00
N LYS A 51 -6.50 -7.89 -8.03
CA LYS A 51 -6.78 -6.89 -9.06
C LYS A 51 -5.55 -6.00 -9.24
N MET A 52 -5.60 -5.19 -10.30
CA MET A 52 -4.50 -4.29 -10.59
C MET A 52 -5.01 -2.98 -11.20
N PHE A 53 -5.66 -2.20 -10.36
CA PHE A 53 -6.22 -0.92 -10.79
C PHE A 53 -5.25 -0.21 -11.74
N LYS A 54 -4.19 0.34 -11.16
CA LYS A 54 -3.19 1.05 -11.94
C LYS A 54 -1.79 0.58 -11.52
N GLY A 55 -1.53 -0.69 -11.78
CA GLY A 55 -0.24 -1.28 -11.45
C GLY A 55 0.50 -1.73 -12.70
N PRO A 56 1.43 -2.71 -12.49
CA PRO A 56 2.21 -3.24 -13.60
C PRO A 56 1.38 -4.17 -14.48
N GLU A 57 2.06 -4.91 -15.33
CA GLU A 57 1.40 -5.83 -16.22
C GLU A 57 1.36 -7.23 -15.60
N LYS A 58 2.43 -7.56 -14.90
CA LYS A 58 2.53 -8.87 -14.26
C LYS A 58 1.78 -8.82 -12.93
N ASP A 59 2.46 -8.31 -11.92
CA ASP A 59 1.86 -8.21 -10.59
C ASP A 59 2.97 -8.07 -9.55
N ILE A 60 2.56 -7.78 -8.32
CA ILE A 60 3.50 -7.62 -7.23
C ILE A 60 3.55 -8.92 -6.42
N GLU A 61 2.50 -9.15 -5.66
CA GLU A 61 2.40 -10.34 -4.84
C GLU A 61 3.34 -10.22 -3.63
N PHE A 62 4.12 -9.16 -3.64
CA PHE A 62 5.06 -8.92 -2.56
C PHE A 62 5.28 -7.42 -2.35
N ILE A 63 4.58 -6.88 -1.37
CA ILE A 63 4.69 -5.46 -1.06
C ILE A 63 5.49 -5.28 0.23
N TYR A 64 5.83 -4.03 0.51
CA TYR A 64 6.59 -3.72 1.71
C TYR A 64 5.85 -2.73 2.59
N THR A 65 6.09 -2.84 3.89
CA THR A 65 5.46 -1.96 4.86
C THR A 65 6.16 -2.06 6.22
N ALA A 66 5.53 -1.44 7.21
CA ALA A 66 6.08 -1.44 8.56
C ALA A 66 5.34 -2.50 9.39
N PRO A 67 6.08 -3.06 10.39
CA PRO A 67 5.50 -4.07 11.26
C PRO A 67 4.55 -3.44 12.28
N SER A 68 4.30 -4.19 13.35
CA SER A 68 3.42 -3.71 14.39
C SER A 68 2.04 -3.39 13.81
N SER A 69 1.24 -2.67 14.59
CA SER A 69 -0.09 -2.29 14.17
C SER A 69 -0.01 -1.17 13.13
N ALA A 70 0.93 -1.33 12.21
CA ALA A 70 1.11 -0.35 11.15
C ALA A 70 1.72 0.93 11.76
N VAL A 71 3.01 1.10 11.50
CA VAL A 71 3.72 2.27 12.01
C VAL A 71 3.99 3.24 10.86
N CYS A 72 4.24 2.67 9.69
CA CYS A 72 4.52 3.47 8.51
C CYS A 72 3.71 2.89 7.34
N GLY A 73 2.74 2.06 7.69
CA GLY A 73 1.89 1.44 6.69
C GLY A 73 0.49 1.18 7.24
N VAL A 74 -0.21 0.25 6.60
CA VAL A 74 -1.56 -0.10 7.02
C VAL A 74 -1.55 -1.52 7.58
N SER A 75 -0.39 -2.14 7.54
CA SER A 75 -0.23 -3.49 8.04
C SER A 75 -1.52 -4.28 7.83
N LEU A 76 -1.66 -4.81 6.62
CA LEU A 76 -2.83 -5.59 6.27
C LEU A 76 -2.48 -7.08 6.29
N ASP A 77 -3.35 -7.85 6.93
CA ASP A 77 -3.14 -9.28 7.03
C ASP A 77 -4.29 -10.01 6.31
N VAL A 78 -5.29 -9.23 5.92
CA VAL A 78 -6.44 -9.78 5.23
C VAL A 78 -7.31 -10.53 6.22
N GLY A 79 -6.67 -11.07 7.26
CA GLY A 79 -7.37 -11.81 8.28
C GLY A 79 -8.39 -10.92 9.00
N GLY A 80 -8.28 -9.63 8.75
CA GLY A 80 -9.18 -8.66 9.36
C GLY A 80 -9.82 -7.77 8.31
N LYS A 81 -9.04 -7.47 7.28
CA LYS A 81 -9.53 -6.62 6.20
C LYS A 81 -10.09 -7.50 5.07
N LYS A 82 -9.29 -7.66 4.03
CA LYS A 82 -9.69 -8.46 2.90
C LYS A 82 -8.74 -8.20 1.73
N GLU A 83 -8.75 -6.95 1.27
CA GLU A 83 -7.89 -6.55 0.16
C GLU A 83 -7.76 -5.03 0.11
N TYR A 84 -6.80 -4.58 -0.68
CA TYR A 84 -6.56 -3.15 -0.83
C TYR A 84 -5.99 -2.83 -2.20
N LEU A 85 -6.24 -1.60 -2.64
CA LEU A 85 -5.76 -1.16 -3.94
C LEU A 85 -4.30 -0.69 -3.81
N ILE A 86 -3.77 -0.85 -2.60
CA ILE A 86 -2.40 -0.45 -2.33
C ILE A 86 -1.87 0.35 -3.52
N ALA A 87 -1.80 1.66 -3.33
CA ALA A 87 -1.30 2.54 -4.37
C ALA A 87 -0.24 3.47 -3.79
N GLY A 88 1.00 3.19 -4.15
CA GLY A 88 2.12 3.99 -3.67
C GLY A 88 3.32 3.86 -4.61
N LYS A 89 4.31 4.71 -4.35
CA LYS A 89 5.53 4.70 -5.16
C LYS A 89 6.03 3.27 -5.30
N ALA A 90 5.69 2.66 -6.42
CA ALA A 90 6.09 1.29 -6.69
C ALA A 90 7.62 1.18 -6.51
N GLU A 91 8.11 -0.04 -6.70
CA GLU A 91 9.53 -0.30 -6.56
C GLU A 91 10.10 -0.80 -7.89
N GLY A 92 9.29 -1.56 -8.61
CA GLY A 92 9.70 -2.11 -9.88
C GLY A 92 9.01 -3.44 -10.16
N ASP A 93 7.69 -3.43 -10.04
CA ASP A 93 6.90 -4.62 -10.27
C ASP A 93 7.41 -5.74 -9.38
N GLY A 94 6.51 -6.68 -9.07
CA GLY A 94 6.86 -7.80 -8.23
C GLY A 94 7.20 -7.35 -6.81
N LYS A 95 7.20 -6.04 -6.63
CA LYS A 95 7.51 -5.46 -5.33
C LYS A 95 7.42 -3.94 -5.42
N MET A 96 6.87 -3.35 -4.37
CA MET A 96 6.71 -1.90 -4.31
C MET A 96 6.84 -1.39 -2.88
N HIS A 97 6.57 -0.10 -2.72
CA HIS A 97 6.64 0.52 -1.40
C HIS A 97 5.31 1.19 -1.08
N ILE A 98 4.80 0.87 0.10
CA ILE A 98 3.53 1.44 0.54
C ILE A 98 3.62 1.78 2.03
N THR A 99 3.08 2.93 2.37
CA THR A 99 3.09 3.39 3.76
C THR A 99 1.72 3.97 4.14
N LEU A 100 1.55 4.18 5.43
CA LEU A 100 0.31 4.73 5.94
C LEU A 100 0.11 6.15 5.38
N CYS A 101 1.20 6.90 5.39
CA CYS A 101 1.16 8.26 4.88
C CYS A 101 0.86 8.22 3.38
N ASP A 102 1.22 7.09 2.77
CA ASP A 102 1.00 6.91 1.35
C ASP A 102 -0.45 6.46 1.12
N PHE A 103 -0.84 6.47 -0.14
CA PHE A 103 -2.19 6.07 -0.51
C PHE A 103 -2.36 4.55 -0.38
N ILE A 104 -3.29 4.16 0.49
CA ILE A 104 -3.57 2.76 0.72
C ILE A 104 -4.88 2.61 1.47
N VAL A 105 -5.68 1.65 1.03
CA VAL A 105 -6.97 1.41 1.65
C VAL A 105 -7.39 -0.05 1.39
N PRO A 106 -8.30 -0.55 2.26
CA PRO A 106 -8.78 -1.91 2.14
C PRO A 106 -9.78 -2.04 0.98
N TRP A 107 -9.83 -0.98 0.18
CA TRP A 107 -10.73 -0.96 -0.97
C TRP A 107 -12.16 -0.83 -0.44
N ASP A 108 -12.58 -1.83 0.32
CA ASP A 108 -13.91 -1.84 0.89
C ASP A 108 -14.01 -0.76 1.97
N THR A 109 -13.65 0.45 1.58
CA THR A 109 -13.69 1.58 2.50
C THR A 109 -13.75 2.89 1.72
N LEU A 110 -12.79 3.07 0.83
CA LEU A 110 -12.72 4.28 0.03
C LEU A 110 -13.75 5.29 0.53
N SER A 111 -14.81 5.45 -0.25
CA SER A 111 -15.87 6.38 0.11
C SER A 111 -16.49 6.98 -1.16
N THR A 112 -15.62 7.29 -2.11
CA THR A 112 -16.06 7.87 -3.36
C THR A 112 -14.90 8.61 -4.05
N THR A 113 -14.46 9.68 -3.39
CA THR A 113 -13.37 10.47 -3.92
C THR A 113 -12.21 9.57 -4.34
N GLN A 114 -12.12 8.43 -3.69
CA GLN A 114 -11.07 7.47 -3.99
C GLN A 114 -11.45 6.62 -5.19
N LYS A 115 -12.74 6.32 -5.28
CA LYS A 115 -13.25 5.51 -6.37
C LYS A 115 -13.14 6.29 -7.68
N LYS A 116 -13.49 7.57 -7.59
CA LYS A 116 -13.44 8.44 -8.75
C LYS A 116 -11.99 8.53 -9.25
N SER A 117 -11.08 8.16 -8.37
CA SER A 117 -9.65 8.21 -8.69
C SER A 117 -9.21 6.85 -9.24
N LEU A 118 -10.05 5.85 -9.02
CA LEU A 118 -9.76 4.50 -9.48
C LEU A 118 -9.92 4.44 -11.00
N ASN A 119 -10.80 5.30 -11.51
CA ASN A 119 -11.05 5.35 -12.93
C ASN A 119 -10.13 6.40 -13.57
N HIS A 120 -9.60 7.27 -12.73
CA HIS A 120 -8.72 8.33 -13.19
C HIS A 120 -7.28 7.80 -13.24
N ARG A 121 -7.16 6.53 -13.60
CA ARG A 121 -5.86 5.90 -13.69
C ARG A 121 -5.19 5.87 -12.31
N TYR A 122 -4.33 6.86 -12.09
CA TYR A 122 -3.62 6.96 -10.82
C TYR A 122 -2.99 8.34 -10.66
N GLN A 123 -3.42 9.26 -11.52
CA GLN A 123 -2.91 10.62 -11.48
C GLN A 123 -3.45 11.42 -12.66
N MET A 124 -4.77 11.51 -12.72
CA MET A 124 -5.42 12.24 -13.80
C MET A 124 -5.26 13.74 -13.61
N GLY A 125 -4.01 14.17 -13.47
CA GLY A 125 -3.71 15.57 -13.28
C GLY A 125 -4.60 16.18 -12.21
N CYS A 126 -5.11 15.32 -11.34
CA CYS A 126 -5.99 15.76 -10.26
C CYS A 126 -5.20 16.75 -9.39
N GLU A 127 -5.75 17.01 -8.21
CA GLU A 127 -5.12 17.92 -7.28
C GLU A 127 -5.94 18.01 -5.99
N CYS A 1 5.03 6.20 8.76
CA CYS A 1 5.78 6.27 10.00
C CYS A 1 5.07 7.24 10.94
N SER A 2 3.92 6.81 11.42
CA SER A 2 3.13 7.64 12.32
C SER A 2 2.59 8.86 11.58
N CYS A 3 2.89 8.91 10.29
CA CYS A 3 2.44 10.02 9.46
C CYS A 3 0.92 10.13 9.59
N SER A 4 0.37 11.09 8.87
CA SER A 4 -1.07 11.32 8.89
C SER A 4 -1.67 11.00 7.52
N PRO A 5 -2.46 9.89 7.49
CA PRO A 5 -3.09 9.48 6.24
C PRO A 5 -4.29 10.37 5.91
N VAL A 6 -4.14 11.12 4.82
CA VAL A 6 -5.19 12.02 4.38
C VAL A 6 -5.30 11.97 2.86
N HIS A 7 -5.35 13.16 2.27
CA HIS A 7 -5.45 13.27 0.82
C HIS A 7 -6.28 12.11 0.28
N PRO A 8 -7.62 12.30 0.30
CA PRO A 8 -8.54 11.28 -0.19
C PRO A 8 -8.54 11.23 -1.72
N GLN A 9 -7.68 12.06 -2.30
CA GLN A 9 -7.57 12.13 -3.75
C GLN A 9 -6.11 12.22 -4.17
N GLN A 10 -5.37 13.05 -3.45
CA GLN A 10 -3.95 13.23 -3.73
C GLN A 10 -3.17 11.94 -3.47
N ALA A 11 -3.90 10.96 -2.94
CA ALA A 11 -3.29 9.68 -2.63
C ALA A 11 -3.28 8.82 -3.89
N PHE A 12 -4.34 8.96 -4.68
CA PHE A 12 -4.46 8.20 -5.92
C PHE A 12 -3.80 8.94 -7.08
N CYS A 13 -3.23 10.09 -6.76
CA CYS A 13 -2.56 10.90 -7.77
C CYS A 13 -1.05 10.88 -7.48
N ASN A 14 -0.72 10.42 -6.29
CA ASN A 14 0.69 10.35 -5.89
C ASN A 14 1.20 8.93 -6.14
N ALA A 15 0.33 7.96 -5.85
CA ALA A 15 0.69 6.56 -6.03
C ALA A 15 1.20 6.35 -7.46
N ASP A 16 1.75 5.17 -7.70
CA ASP A 16 2.26 4.83 -9.01
C ASP A 16 2.04 3.34 -9.27
N VAL A 17 1.23 2.74 -8.42
CA VAL A 17 0.93 1.32 -8.55
C VAL A 17 -0.27 0.97 -7.67
N VAL A 18 -1.45 1.01 -8.28
CA VAL A 18 -2.68 0.72 -7.58
C VAL A 18 -3.15 -0.70 -7.95
N ILE A 19 -3.23 -1.54 -6.93
CA ILE A 19 -3.66 -2.91 -7.13
C ILE A 19 -4.51 -3.36 -5.95
N ARG A 20 -5.69 -3.85 -6.26
CA ARG A 20 -6.61 -4.31 -5.23
C ARG A 20 -6.19 -5.70 -4.73
N THR A 21 -4.88 -5.87 -4.64
CA THR A 21 -4.32 -7.13 -4.17
C THR A 21 -4.79 -7.43 -2.74
N LYS A 22 -4.59 -8.66 -2.33
CA LYS A 22 -4.98 -9.08 -0.99
C LYS A 22 -3.76 -9.63 -0.25
N ALA A 23 -3.44 -8.99 0.86
CA ALA A 23 -2.30 -9.40 1.67
C ALA A 23 -2.77 -10.40 2.74
N VAL A 24 -2.51 -11.67 2.46
CA VAL A 24 -2.90 -12.72 3.38
C VAL A 24 -1.67 -13.18 4.17
N SER A 25 -0.54 -13.18 3.48
CA SER A 25 0.71 -13.59 4.10
C SER A 25 1.71 -12.43 4.09
N GLU A 26 2.76 -12.59 4.89
CA GLU A 26 3.78 -11.57 4.97
C GLU A 26 5.15 -12.21 5.24
N LYS A 27 6.14 -11.36 5.46
CA LYS A 27 7.49 -11.83 5.72
C LYS A 27 8.22 -10.79 6.55
N GLU A 28 8.63 -11.20 7.75
CA GLU A 28 9.36 -10.31 8.64
C GLU A 28 10.82 -10.18 8.21
N VAL A 29 11.09 -9.15 7.43
CA VAL A 29 12.43 -8.91 6.94
C VAL A 29 13.05 -7.74 7.72
N ASP A 30 14.02 -8.08 8.55
CA ASP A 30 14.70 -7.07 9.35
C ASP A 30 15.25 -5.98 8.43
N SER A 31 15.40 -4.79 9.00
CA SER A 31 15.91 -3.66 8.24
C SER A 31 16.84 -2.83 9.13
N GLY A 32 17.32 -3.45 10.19
CA GLY A 32 18.23 -2.78 11.12
C GLY A 32 17.47 -1.76 11.97
N ASN A 33 18.21 -1.12 12.86
CA ASN A 33 17.64 -0.12 13.73
C ASN A 33 17.60 1.23 13.01
N ASP A 34 16.81 2.14 13.56
CA ASP A 34 16.66 3.46 12.98
C ASP A 34 17.63 4.42 13.67
N ILE A 35 17.34 5.71 13.51
CA ILE A 35 18.17 6.74 14.12
C ILE A 35 17.79 6.89 15.59
N TYR A 36 16.83 6.09 16.01
CA TYR A 36 16.36 6.12 17.38
C TYR A 36 16.82 4.87 18.15
N GLY A 37 17.52 4.01 17.43
CA GLY A 37 18.02 2.78 18.04
C GLY A 37 16.98 1.66 17.94
N ASN A 38 15.78 2.05 17.53
CA ASN A 38 14.70 1.09 17.40
C ASN A 38 14.89 0.29 16.11
N PRO A 39 14.34 -0.95 16.13
CA PRO A 39 14.43 -1.84 14.97
C PRO A 39 13.47 -1.39 13.87
N ILE A 40 14.02 -1.26 12.67
CA ILE A 40 13.23 -0.84 11.52
C ILE A 40 12.20 -1.92 11.20
N LYS A 41 12.67 -2.97 10.52
CA LYS A 41 11.80 -4.06 10.15
C LYS A 41 10.81 -3.59 9.08
N ARG A 42 10.81 -4.30 7.97
CA ARG A 42 9.92 -3.96 6.87
C ARG A 42 9.16 -5.20 6.40
N ILE A 43 8.30 -5.70 7.28
CA ILE A 43 7.51 -6.88 6.97
C ILE A 43 7.10 -6.84 5.50
N GLN A 44 6.95 -8.02 4.92
CA GLN A 44 6.56 -8.13 3.52
C GLN A 44 5.04 -8.22 3.41
N TYR A 45 4.58 -8.35 2.17
CA TYR A 45 3.15 -8.44 1.91
C TYR A 45 2.86 -9.51 0.85
N GLU A 46 3.04 -10.76 1.27
CA GLU A 46 2.79 -11.88 0.38
C GLU A 46 1.31 -11.95 0.01
N ILE A 47 0.86 -10.95 -0.73
CA ILE A 47 -0.52 -10.89 -1.16
C ILE A 47 -0.83 -12.07 -2.07
N LYS A 48 -2.00 -12.04 -2.68
CA LYS A 48 -2.41 -13.09 -3.58
C LYS A 48 -2.87 -12.48 -4.90
N GLN A 49 -2.60 -11.19 -5.05
CA GLN A 49 -2.97 -10.48 -6.27
C GLN A 49 -4.38 -10.86 -6.69
N ILE A 50 -5.30 -9.93 -6.52
CA ILE A 50 -6.68 -10.15 -6.89
C ILE A 50 -7.09 -9.16 -7.99
N LYS A 51 -6.40 -8.03 -8.01
CA LYS A 51 -6.66 -7.00 -9.01
C LYS A 51 -5.43 -6.12 -9.16
N MET A 52 -5.45 -5.32 -10.21
CA MET A 52 -4.35 -4.41 -10.49
C MET A 52 -4.85 -3.11 -11.11
N PHE A 53 -5.55 -2.34 -10.30
CA PHE A 53 -6.10 -1.06 -10.75
C PHE A 53 -5.11 -0.36 -11.70
N LYS A 54 -4.12 0.28 -11.11
CA LYS A 54 -3.12 0.98 -11.89
C LYS A 54 -1.72 0.51 -11.47
N GLY A 55 -1.38 -0.69 -11.92
CA GLY A 55 -0.09 -1.27 -11.60
C GLY A 55 0.61 -1.78 -12.86
N PRO A 56 1.64 -2.64 -12.64
CA PRO A 56 2.39 -3.21 -13.75
C PRO A 56 1.59 -4.30 -14.45
N GLU A 57 2.25 -4.99 -15.37
CA GLU A 57 1.62 -6.05 -16.13
C GLU A 57 1.67 -7.35 -15.33
N LYS A 58 2.78 -7.56 -14.65
CA LYS A 58 2.97 -8.76 -13.85
C LYS A 58 2.11 -8.67 -12.59
N ASP A 59 2.68 -8.04 -11.57
CA ASP A 59 1.98 -7.89 -10.31
C ASP A 59 3.00 -7.81 -9.16
N ILE A 60 2.53 -7.34 -8.03
CA ILE A 60 3.39 -7.22 -6.85
C ILE A 60 2.83 -8.09 -5.73
N GLU A 61 3.05 -9.39 -5.87
CA GLU A 61 2.58 -10.34 -4.87
C GLU A 61 3.38 -10.20 -3.59
N PHE A 62 4.40 -9.36 -3.65
CA PHE A 62 5.26 -9.12 -2.50
C PHE A 62 5.52 -7.63 -2.31
N ILE A 63 4.68 -7.02 -1.49
CA ILE A 63 4.81 -5.59 -1.22
C ILE A 63 5.58 -5.39 0.09
N TYR A 64 6.01 -4.16 0.31
CA TYR A 64 6.76 -3.84 1.51
C TYR A 64 6.01 -2.82 2.36
N THR A 65 6.19 -2.95 3.67
CA THR A 65 5.54 -2.05 4.61
C THR A 65 6.19 -2.15 5.99
N ALA A 66 5.52 -1.57 6.97
CA ALA A 66 6.02 -1.58 8.34
C ALA A 66 5.30 -2.68 9.12
N PRO A 67 6.01 -3.19 10.17
CA PRO A 67 5.45 -4.25 11.01
C PRO A 67 4.39 -3.69 11.95
N SER A 68 4.10 -4.45 12.99
CA SER A 68 3.11 -4.05 13.97
C SER A 68 1.80 -3.70 13.26
N SER A 69 0.85 -3.23 14.06
CA SER A 69 -0.45 -2.86 13.53
C SER A 69 -0.29 -2.04 12.25
N ALA A 70 0.60 -1.06 12.34
CA ALA A 70 0.87 -0.19 11.20
C ALA A 70 1.50 1.11 11.69
N VAL A 71 2.81 1.20 11.53
CA VAL A 71 3.53 2.38 11.95
C VAL A 71 3.94 3.20 10.72
N CYS A 72 4.36 2.48 9.69
CA CYS A 72 4.78 3.13 8.45
C CYS A 72 3.99 2.48 7.30
N GLY A 73 2.84 1.95 7.64
CA GLY A 73 1.99 1.31 6.64
C GLY A 73 0.59 1.06 7.20
N VAL A 74 -0.11 0.14 6.55
CA VAL A 74 -1.46 -0.20 6.97
C VAL A 74 -1.48 -1.63 7.51
N SER A 75 -0.33 -2.28 7.39
CA SER A 75 -0.20 -3.65 7.88
C SER A 75 -1.53 -4.40 7.68
N LEU A 76 -1.71 -4.88 6.46
CA LEU A 76 -2.92 -5.62 6.13
C LEU A 76 -2.61 -7.13 6.11
N ASP A 77 -3.47 -7.87 6.77
CA ASP A 77 -3.31 -9.32 6.85
C ASP A 77 -4.44 -10.00 6.07
N VAL A 78 -5.43 -9.19 5.71
CA VAL A 78 -6.57 -9.70 4.98
C VAL A 78 -7.46 -10.52 5.92
N GLY A 79 -6.89 -10.87 7.07
CA GLY A 79 -7.63 -11.63 8.05
C GLY A 79 -8.63 -10.77 8.80
N GLY A 80 -8.49 -9.46 8.61
CA GLY A 80 -9.39 -8.52 9.25
C GLY A 80 -9.98 -7.54 8.23
N LYS A 81 -9.28 -7.40 7.11
CA LYS A 81 -9.72 -6.51 6.06
C LYS A 81 -10.32 -7.33 4.91
N LYS A 82 -9.49 -7.57 3.91
CA LYS A 82 -9.92 -8.35 2.75
C LYS A 82 -8.94 -8.11 1.59
N GLU A 83 -8.82 -6.84 1.22
CA GLU A 83 -7.94 -6.46 0.13
C GLU A 83 -7.76 -4.95 0.09
N TYR A 84 -6.81 -4.51 -0.72
CA TYR A 84 -6.52 -3.10 -0.85
C TYR A 84 -5.93 -2.79 -2.23
N LEU A 85 -6.16 -1.55 -2.67
CA LEU A 85 -5.67 -1.12 -3.97
C LEU A 85 -4.21 -0.67 -3.83
N ILE A 86 -3.69 -0.81 -2.61
CA ILE A 86 -2.32 -0.42 -2.33
C ILE A 86 -1.78 0.39 -3.51
N ALA A 87 -1.74 1.69 -3.32
CA ALA A 87 -1.24 2.58 -4.36
C ALA A 87 -0.18 3.52 -3.76
N GLY A 88 1.07 3.28 -4.14
CA GLY A 88 2.17 4.09 -3.66
C GLY A 88 3.21 4.32 -4.75
N LYS A 89 4.19 5.15 -4.43
CA LYS A 89 5.25 5.46 -5.37
C LYS A 89 5.75 4.16 -6.01
N ALA A 90 5.64 3.09 -5.26
CA ALA A 90 6.08 1.79 -5.73
C ALA A 90 7.59 1.66 -5.52
N GLU A 91 8.10 0.48 -5.84
CA GLU A 91 9.52 0.20 -5.69
C GLU A 91 10.08 -0.45 -6.96
N GLY A 92 9.16 -0.85 -7.82
CA GLY A 92 9.54 -1.50 -9.06
C GLY A 92 8.53 -2.58 -9.45
N ASP A 93 9.05 -3.78 -9.66
CA ASP A 93 8.22 -4.91 -10.03
C ASP A 93 8.44 -6.06 -9.03
N GLY A 94 7.35 -6.77 -8.76
CA GLY A 94 7.42 -7.88 -7.83
C GLY A 94 7.50 -7.39 -6.38
N LYS A 95 7.57 -6.08 -6.24
CA LYS A 95 7.65 -5.47 -4.92
C LYS A 95 7.68 -3.94 -5.08
N MET A 96 6.93 -3.28 -4.19
CA MET A 96 6.86 -1.84 -4.22
C MET A 96 7.03 -1.26 -2.82
N HIS A 97 6.61 -0.01 -2.66
CA HIS A 97 6.71 0.67 -1.38
C HIS A 97 5.37 1.32 -1.04
N ILE A 98 4.85 0.94 0.12
CA ILE A 98 3.58 1.47 0.57
C ILE A 98 3.67 1.78 2.07
N THR A 99 3.17 2.94 2.44
CA THR A 99 3.19 3.37 3.82
C THR A 99 1.84 3.96 4.22
N LEU A 100 1.66 4.15 5.52
CA LEU A 100 0.42 4.71 6.04
C LEU A 100 0.27 6.13 5.53
N CYS A 101 1.40 6.79 5.35
CA CYS A 101 1.41 8.16 4.86
C CYS A 101 1.09 8.15 3.37
N ASP A 102 1.39 7.03 2.75
CA ASP A 102 1.15 6.86 1.33
C ASP A 102 -0.29 6.41 1.10
N PHE A 103 -0.71 6.47 -0.15
CA PHE A 103 -2.06 6.07 -0.51
C PHE A 103 -2.24 4.55 -0.37
N ILE A 104 -3.14 4.17 0.51
CA ILE A 104 -3.42 2.77 0.74
C ILE A 104 -4.74 2.63 1.50
N VAL A 105 -5.57 1.71 1.04
CA VAL A 105 -6.85 1.47 1.67
C VAL A 105 -7.29 0.02 1.40
N PRO A 106 -8.21 -0.47 2.27
CA PRO A 106 -8.70 -1.83 2.13
C PRO A 106 -9.69 -1.94 0.98
N TRP A 107 -9.74 -0.88 0.18
CA TRP A 107 -10.63 -0.85 -0.97
C TRP A 107 -12.07 -0.71 -0.45
N ASP A 108 -12.48 -1.71 0.32
CA ASP A 108 -13.82 -1.72 0.88
C ASP A 108 -13.91 -0.64 1.96
N THR A 109 -13.52 0.56 1.59
CA THR A 109 -13.56 1.68 2.51
C THR A 109 -13.62 3.01 1.74
N LEU A 110 -12.62 3.22 0.91
CA LEU A 110 -12.55 4.44 0.12
C LEU A 110 -13.52 5.46 0.69
N SER A 111 -14.60 5.68 -0.06
CA SER A 111 -15.61 6.64 0.35
C SER A 111 -16.23 7.31 -0.87
N THR A 112 -15.37 7.62 -1.83
CA THR A 112 -15.82 8.27 -3.05
C THR A 112 -14.64 8.99 -3.72
N THR A 113 -14.13 9.98 -3.03
CA THR A 113 -13.01 10.76 -3.54
C THR A 113 -11.89 9.84 -4.01
N GLN A 114 -11.89 8.63 -3.46
CA GLN A 114 -10.88 7.65 -3.81
C GLN A 114 -11.32 6.84 -5.04
N LYS A 115 -12.64 6.62 -5.11
CA LYS A 115 -13.19 5.86 -6.21
C LYS A 115 -13.11 6.69 -7.50
N LYS A 116 -13.38 7.99 -7.33
CA LYS A 116 -13.34 8.90 -8.46
C LYS A 116 -11.92 8.94 -9.03
N SER A 117 -10.98 8.42 -8.24
CA SER A 117 -9.59 8.39 -8.65
C SER A 117 -9.25 7.01 -9.22
N LEU A 118 -10.15 6.07 -9.00
CA LEU A 118 -9.95 4.71 -9.48
C LEU A 118 -10.46 4.60 -10.91
N ASN A 119 -10.95 5.73 -11.43
CA ASN A 119 -11.46 5.78 -12.77
C ASN A 119 -10.31 5.72 -13.77
N HIS A 120 -9.33 6.59 -13.54
CA HIS A 120 -8.17 6.65 -14.40
C HIS A 120 -7.22 5.50 -14.08
N ARG A 121 -6.11 5.84 -13.46
CA ARG A 121 -5.12 4.84 -13.08
C ARG A 121 -4.39 5.27 -11.80
N TYR A 122 -3.55 6.27 -11.94
CA TYR A 122 -2.79 6.78 -10.81
C TYR A 122 -2.81 8.30 -10.77
N GLN A 123 -3.66 8.88 -11.62
CA GLN A 123 -3.78 10.32 -11.70
C GLN A 123 -5.04 10.71 -12.47
N MET A 124 -6.17 10.57 -11.81
CA MET A 124 -7.45 10.89 -12.42
C MET A 124 -7.57 12.40 -12.68
N GLY A 125 -6.58 12.92 -13.40
CA GLY A 125 -6.56 14.33 -13.72
C GLY A 125 -6.93 15.18 -12.50
N CYS A 126 -6.70 14.60 -11.33
CA CYS A 126 -7.01 15.29 -10.09
C CYS A 126 -6.12 16.53 -9.99
N GLU A 127 -6.07 17.10 -8.80
CA GLU A 127 -5.26 18.29 -8.56
C GLU A 127 -5.38 18.73 -7.11
N CYS A 1 5.34 6.34 9.29
CA CYS A 1 5.81 5.90 10.59
C CYS A 1 5.07 6.70 11.67
N SER A 2 3.75 6.78 11.49
CA SER A 2 2.91 7.51 12.43
C SER A 2 2.23 8.68 11.72
N CYS A 3 2.81 9.07 10.59
CA CYS A 3 2.27 10.17 9.82
C CYS A 3 0.74 10.05 9.80
N SER A 4 0.09 11.15 9.46
CA SER A 4 -1.36 11.17 9.40
C SER A 4 -1.83 10.90 7.97
N PRO A 5 -2.47 9.71 7.79
CA PRO A 5 -2.98 9.33 6.49
C PRO A 5 -4.24 10.11 6.13
N VAL A 6 -4.17 10.79 4.99
CA VAL A 6 -5.29 11.58 4.52
C VAL A 6 -5.30 11.60 2.99
N HIS A 7 -5.47 12.79 2.45
CA HIS A 7 -5.50 12.96 1.00
C HIS A 7 -6.28 11.80 0.37
N PRO A 8 -7.61 12.01 0.23
CA PRO A 8 -8.48 10.99 -0.36
C PRO A 8 -8.29 10.92 -1.87
N GLN A 9 -7.94 12.07 -2.44
CA GLN A 9 -7.73 12.15 -3.87
C GLN A 9 -6.24 12.31 -4.19
N GLN A 10 -5.53 12.88 -3.23
CA GLN A 10 -4.10 13.08 -3.40
C GLN A 10 -3.34 11.77 -3.18
N ALA A 11 -4.08 10.77 -2.73
CA ALA A 11 -3.50 9.46 -2.48
C ALA A 11 -3.46 8.67 -3.79
N PHE A 12 -4.49 8.88 -4.60
CA PHE A 12 -4.58 8.19 -5.88
C PHE A 12 -3.93 9.01 -6.99
N CYS A 13 -3.29 10.10 -6.58
CA CYS A 13 -2.63 10.98 -7.53
C CYS A 13 -1.12 10.95 -7.24
N ASN A 14 -0.78 10.31 -6.13
CA ASN A 14 0.62 10.19 -5.74
C ASN A 14 1.11 8.77 -6.01
N ALA A 15 0.24 7.82 -5.74
CA ALA A 15 0.57 6.41 -5.96
C ALA A 15 1.05 6.22 -7.38
N ASP A 16 1.56 5.03 -7.66
CA ASP A 16 2.05 4.70 -8.98
C ASP A 16 1.86 3.20 -9.24
N VAL A 17 1.05 2.59 -8.39
CA VAL A 17 0.78 1.17 -8.51
C VAL A 17 -0.42 0.80 -7.63
N VAL A 18 -1.61 0.92 -8.22
CA VAL A 18 -2.83 0.61 -7.51
C VAL A 18 -3.30 -0.79 -7.91
N ILE A 19 -3.35 -1.67 -6.91
CA ILE A 19 -3.78 -3.04 -7.13
C ILE A 19 -4.62 -3.50 -5.95
N ARG A 20 -5.82 -3.97 -6.25
CA ARG A 20 -6.73 -4.45 -5.23
C ARG A 20 -6.31 -5.85 -4.76
N THR A 21 -5.00 -6.02 -4.63
CA THR A 21 -4.46 -7.31 -4.20
C THR A 21 -4.94 -7.63 -2.78
N LYS A 22 -4.56 -8.82 -2.33
CA LYS A 22 -4.94 -9.26 -0.99
C LYS A 22 -3.70 -9.75 -0.25
N ALA A 23 -3.43 -9.09 0.87
CA ALA A 23 -2.27 -9.45 1.69
C ALA A 23 -2.71 -10.44 2.77
N VAL A 24 -2.35 -11.69 2.55
CA VAL A 24 -2.69 -12.74 3.51
C VAL A 24 -1.43 -13.19 4.24
N SER A 25 -0.33 -13.18 3.52
CA SER A 25 0.95 -13.58 4.09
C SER A 25 1.91 -12.39 4.11
N GLU A 26 2.94 -12.50 4.94
CA GLU A 26 3.92 -11.45 5.07
C GLU A 26 5.31 -12.05 5.28
N LYS A 27 6.27 -11.18 5.55
CA LYS A 27 7.65 -11.61 5.77
C LYS A 27 8.36 -10.57 6.65
N GLU A 28 8.79 -11.04 7.81
CA GLU A 28 9.50 -10.17 8.75
C GLU A 28 10.94 -9.97 8.30
N VAL A 29 11.16 -8.88 7.58
CA VAL A 29 12.48 -8.56 7.08
C VAL A 29 13.08 -7.43 7.93
N ASP A 30 13.66 -7.84 9.06
CA ASP A 30 14.28 -6.88 9.96
C ASP A 30 15.20 -5.96 9.17
N SER A 31 15.20 -4.69 9.57
CA SER A 31 16.03 -3.69 8.91
C SER A 31 16.88 -2.95 9.94
N GLY A 32 17.24 -3.66 11.00
CA GLY A 32 18.03 -3.08 12.06
C GLY A 32 17.33 -1.88 12.69
N ASN A 33 18.06 -1.17 13.53
CA ASN A 33 17.52 0.00 14.21
C ASN A 33 17.64 1.21 13.27
N ASP A 34 16.92 2.26 13.65
CA ASP A 34 16.93 3.48 12.86
C ASP A 34 17.94 4.46 13.46
N ILE A 35 17.79 5.72 13.10
CA ILE A 35 18.68 6.75 13.60
C ILE A 35 18.24 7.18 15.00
N TYR A 36 17.18 6.54 15.47
CA TYR A 36 16.65 6.84 16.79
C TYR A 36 16.96 5.71 17.77
N GLY A 37 17.62 4.68 17.25
CA GLY A 37 17.97 3.53 18.07
C GLY A 37 16.85 2.49 18.08
N ASN A 38 15.71 2.89 17.52
CA ASN A 38 14.56 2.01 17.47
C ASN A 38 14.74 1.01 16.34
N PRO A 39 14.08 -0.17 16.51
CA PRO A 39 14.17 -1.23 15.50
C PRO A 39 13.31 -0.87 14.28
N ILE A 40 13.93 -0.99 13.11
CA ILE A 40 13.25 -0.69 11.86
C ILE A 40 12.26 -1.83 11.55
N LYS A 41 12.74 -2.76 10.74
CA LYS A 41 11.92 -3.89 10.35
C LYS A 41 10.83 -3.43 9.39
N ARG A 42 10.82 -4.04 8.20
CA ARG A 42 9.85 -3.71 7.19
C ARG A 42 9.17 -4.97 6.66
N ILE A 43 8.30 -5.52 7.50
CA ILE A 43 7.57 -6.74 7.12
C ILE A 43 7.15 -6.64 5.66
N GLN A 44 6.99 -7.80 5.04
CA GLN A 44 6.60 -7.87 3.66
C GLN A 44 5.08 -8.01 3.54
N TYR A 45 4.61 -8.12 2.30
CA TYR A 45 3.19 -8.26 2.04
C TYR A 45 2.93 -9.34 1.00
N GLU A 46 3.22 -10.57 1.37
CA GLU A 46 3.02 -11.70 0.47
C GLU A 46 1.54 -11.84 0.12
N ILE A 47 1.07 -10.89 -0.67
CA ILE A 47 -0.33 -10.89 -1.10
C ILE A 47 -0.56 -12.07 -2.03
N LYS A 48 -1.76 -12.12 -2.59
CA LYS A 48 -2.13 -13.19 -3.50
C LYS A 48 -2.57 -12.59 -4.84
N GLN A 49 -2.57 -11.26 -4.88
CA GLN A 49 -2.98 -10.56 -6.09
C GLN A 49 -4.39 -10.98 -6.51
N ILE A 50 -5.25 -9.98 -6.63
CA ILE A 50 -6.63 -10.23 -7.02
C ILE A 50 -7.02 -9.24 -8.12
N LYS A 51 -6.47 -8.04 -8.02
CA LYS A 51 -6.75 -7.00 -9.00
C LYS A 51 -5.52 -6.11 -9.18
N MET A 52 -5.53 -5.34 -10.25
CA MET A 52 -4.42 -4.45 -10.54
C MET A 52 -4.91 -3.16 -11.20
N PHE A 53 -5.64 -2.37 -10.43
CA PHE A 53 -6.17 -1.12 -10.93
C PHE A 53 -5.16 -0.40 -11.82
N LYS A 54 -4.18 0.22 -11.17
CA LYS A 54 -3.15 0.94 -11.90
C LYS A 54 -1.77 0.42 -11.47
N GLY A 55 -1.47 -0.80 -11.89
CA GLY A 55 -0.20 -1.41 -11.55
C GLY A 55 0.53 -1.90 -12.80
N PRO A 56 1.44 -2.87 -12.59
CA PRO A 56 2.21 -3.43 -13.68
C PRO A 56 1.36 -4.37 -14.54
N GLU A 57 2.01 -5.03 -15.49
CA GLU A 57 1.32 -5.96 -16.36
C GLU A 57 1.20 -7.33 -15.69
N LYS A 58 2.23 -7.70 -14.95
CA LYS A 58 2.24 -8.97 -14.25
C LYS A 58 1.54 -8.82 -12.91
N ASP A 59 2.26 -8.24 -11.96
CA ASP A 59 1.72 -8.03 -10.62
C ASP A 59 2.87 -7.96 -9.63
N ILE A 60 2.51 -7.58 -8.40
CA ILE A 60 3.50 -7.47 -7.33
C ILE A 60 3.53 -8.78 -6.54
N GLU A 61 2.48 -9.00 -5.77
CA GLU A 61 2.39 -10.20 -4.95
C GLU A 61 3.35 -10.11 -3.76
N PHE A 62 4.15 -9.06 -3.76
CA PHE A 62 5.11 -8.84 -2.70
C PHE A 62 5.33 -7.36 -2.44
N ILE A 63 4.62 -6.85 -1.43
CA ILE A 63 4.72 -5.45 -1.07
C ILE A 63 5.48 -5.32 0.25
N TYR A 64 5.85 -4.08 0.57
CA TYR A 64 6.57 -3.82 1.80
C TYR A 64 5.80 -2.82 2.69
N THR A 65 6.12 -2.86 3.97
CA THR A 65 5.48 -1.97 4.93
C THR A 65 6.12 -2.13 6.31
N ALA A 66 5.38 -1.68 7.31
CA ALA A 66 5.85 -1.77 8.68
C ALA A 66 5.35 -3.06 9.32
N PRO A 67 6.12 -3.55 10.32
CA PRO A 67 5.77 -4.78 11.01
C PRO A 67 4.60 -4.54 11.98
N SER A 68 4.85 -3.66 12.94
CA SER A 68 3.84 -3.34 13.94
C SER A 68 2.46 -3.26 13.28
N SER A 69 1.44 -3.22 14.13
CA SER A 69 0.07 -3.14 13.64
C SER A 69 0.01 -2.25 12.39
N ALA A 70 0.90 -1.26 12.37
CA ALA A 70 0.95 -0.33 11.24
C ALA A 70 1.50 1.01 11.73
N VAL A 71 2.80 1.18 11.56
CA VAL A 71 3.46 2.40 11.97
C VAL A 71 3.82 3.23 10.73
N CYS A 72 4.35 2.53 9.73
CA CYS A 72 4.74 3.18 8.49
C CYS A 72 3.91 2.58 7.36
N GLY A 73 2.82 1.95 7.74
CA GLY A 73 1.93 1.33 6.76
C GLY A 73 0.54 1.10 7.36
N VAL A 74 -0.17 0.16 6.76
CA VAL A 74 -1.51 -0.17 7.22
C VAL A 74 -1.51 -1.58 7.81
N SER A 75 -0.48 -2.33 7.45
CA SER A 75 -0.35 -3.70 7.94
C SER A 75 -1.66 -4.46 7.71
N LEU A 76 -1.77 -5.02 6.52
CA LEU A 76 -2.96 -5.78 6.16
C LEU A 76 -2.64 -7.28 6.20
N ASP A 77 -3.51 -8.02 6.85
CA ASP A 77 -3.33 -9.47 6.96
C ASP A 77 -4.46 -10.18 6.22
N VAL A 78 -5.41 -9.38 5.74
CA VAL A 78 -6.54 -9.92 5.02
C VAL A 78 -7.51 -10.58 6.00
N GLY A 79 -6.95 -11.50 6.79
CA GLY A 79 -7.74 -12.21 7.78
C GLY A 79 -8.59 -11.24 8.61
N GLY A 80 -8.23 -9.96 8.52
CA GLY A 80 -8.94 -8.92 9.26
C GLY A 80 -9.62 -7.95 8.30
N LYS A 81 -8.98 -7.74 7.17
CA LYS A 81 -9.51 -6.84 6.16
C LYS A 81 -10.09 -7.65 5.00
N LYS A 82 -9.29 -7.79 3.97
CA LYS A 82 -9.71 -8.55 2.79
C LYS A 82 -8.73 -8.26 1.64
N GLU A 83 -8.91 -7.10 1.03
CA GLU A 83 -8.07 -6.69 -0.08
C GLU A 83 -7.94 -5.17 -0.13
N TYR A 84 -6.88 -4.72 -0.77
CA TYR A 84 -6.63 -3.29 -0.90
C TYR A 84 -6.04 -2.95 -2.27
N LEU A 85 -6.27 -1.72 -2.68
CA LEU A 85 -5.77 -1.25 -3.97
C LEU A 85 -4.31 -0.81 -3.81
N ILE A 86 -3.81 -0.94 -2.59
CA ILE A 86 -2.45 -0.56 -2.29
C ILE A 86 -1.88 0.25 -3.47
N ALA A 87 -1.90 1.56 -3.30
CA ALA A 87 -1.39 2.45 -4.33
C ALA A 87 -0.30 3.36 -3.74
N GLY A 88 0.93 3.05 -4.12
CA GLY A 88 2.06 3.83 -3.64
C GLY A 88 3.25 3.72 -4.60
N LYS A 89 4.20 4.64 -4.43
CA LYS A 89 5.37 4.67 -5.28
C LYS A 89 5.91 3.25 -5.44
N ALA A 90 5.50 2.61 -6.53
CA ALA A 90 5.93 1.25 -6.82
C ALA A 90 7.46 1.17 -6.70
N GLU A 91 7.96 -0.03 -6.96
CA GLU A 91 9.40 -0.25 -6.88
C GLU A 91 9.94 -0.73 -8.24
N GLY A 92 9.13 -1.55 -8.89
CA GLY A 92 9.51 -2.07 -10.19
C GLY A 92 8.81 -3.41 -10.48
N ASP A 93 7.50 -3.40 -10.29
CA ASP A 93 6.70 -4.59 -10.51
C ASP A 93 7.25 -5.73 -9.65
N GLY A 94 6.35 -6.65 -9.30
CA GLY A 94 6.73 -7.78 -8.47
C GLY A 94 7.13 -7.33 -7.06
N LYS A 95 7.13 -6.02 -6.87
CA LYS A 95 7.48 -5.45 -5.59
C LYS A 95 7.38 -3.92 -5.66
N MET A 96 6.87 -3.34 -4.58
CA MET A 96 6.71 -1.90 -4.52
C MET A 96 6.92 -1.40 -3.09
N HIS A 97 6.60 -0.13 -2.89
CA HIS A 97 6.74 0.49 -1.58
C HIS A 97 5.44 1.21 -1.21
N ILE A 98 4.92 0.85 -0.05
CA ILE A 98 3.69 1.44 0.44
C ILE A 98 3.84 1.79 1.93
N THR A 99 3.15 2.85 2.32
CA THR A 99 3.21 3.29 3.71
C THR A 99 1.85 3.86 4.14
N LEU A 100 1.70 4.04 5.44
CA LEU A 100 0.47 4.57 5.99
C LEU A 100 0.22 5.96 5.42
N CYS A 101 1.26 6.79 5.49
CA CYS A 101 1.18 8.15 4.99
C CYS A 101 0.90 8.09 3.48
N ASP A 102 1.23 6.94 2.89
CA ASP A 102 1.02 6.74 1.47
C ASP A 102 -0.42 6.30 1.23
N PHE A 103 -0.82 6.34 -0.04
CA PHE A 103 -2.16 5.94 -0.41
C PHE A 103 -2.34 4.43 -0.30
N ILE A 104 -3.25 4.04 0.60
CA ILE A 104 -3.52 2.63 0.81
C ILE A 104 -4.84 2.49 1.57
N VAL A 105 -5.65 1.53 1.11
CA VAL A 105 -6.94 1.29 1.72
C VAL A 105 -7.40 -0.13 1.37
N PRO A 106 -8.29 -0.68 2.25
CA PRO A 106 -8.81 -2.01 2.05
C PRO A 106 -9.85 -2.04 0.91
N TRP A 107 -9.96 -0.90 0.24
CA TRP A 107 -10.92 -0.78 -0.85
C TRP A 107 -12.31 -0.65 -0.26
N ASP A 108 -12.68 -1.66 0.52
CA ASP A 108 -13.99 -1.67 1.16
C ASP A 108 -14.04 -0.58 2.24
N THR A 109 -13.65 0.62 1.84
CA THR A 109 -13.65 1.74 2.75
C THR A 109 -13.67 3.06 1.98
N LEU A 110 -12.77 3.16 1.02
CA LEU A 110 -12.66 4.35 0.20
C LEU A 110 -13.63 5.41 0.73
N SER A 111 -14.70 5.62 -0.01
CA SER A 111 -15.70 6.60 0.38
C SER A 111 -16.34 7.22 -0.87
N THR A 112 -15.50 7.49 -1.85
CA THR A 112 -15.97 8.08 -3.10
C THR A 112 -14.81 8.79 -3.82
N THR A 113 -14.27 9.80 -3.15
CA THR A 113 -13.17 10.56 -3.71
C THR A 113 -12.04 9.62 -4.16
N GLN A 114 -11.99 8.46 -3.52
CA GLN A 114 -10.98 7.47 -3.84
C GLN A 114 -11.41 6.66 -5.06
N LYS A 115 -12.70 6.37 -5.13
CA LYS A 115 -13.23 5.60 -6.24
C LYS A 115 -13.14 6.44 -7.52
N LYS A 116 -13.49 7.70 -7.39
CA LYS A 116 -13.45 8.62 -8.53
C LYS A 116 -12.01 8.76 -9.01
N SER A 117 -11.09 8.31 -8.17
CA SER A 117 -9.67 8.38 -8.49
C SER A 117 -9.20 7.06 -9.10
N LEU A 118 -9.92 6.00 -8.74
CA LEU A 118 -9.58 4.68 -9.24
C LEU A 118 -9.76 4.66 -10.76
N ASN A 119 -10.67 5.49 -11.23
CA ASN A 119 -10.93 5.58 -12.66
C ASN A 119 -10.00 6.61 -13.29
N HIS A 120 -9.25 7.28 -12.43
CA HIS A 120 -8.31 8.30 -12.89
C HIS A 120 -6.95 7.65 -13.14
N ARG A 121 -6.98 6.39 -13.54
CA ARG A 121 -5.76 5.65 -13.82
C ARG A 121 -4.70 5.98 -12.76
N TYR A 122 -3.84 6.93 -13.11
CA TYR A 122 -2.78 7.34 -12.20
C TYR A 122 -2.59 8.85 -12.24
N GLN A 123 -3.21 9.52 -11.28
CA GLN A 123 -3.11 10.96 -11.20
C GLN A 123 -3.51 11.61 -12.52
N MET A 124 -4.78 11.44 -12.87
CA MET A 124 -5.29 11.99 -14.11
C MET A 124 -5.28 13.52 -14.07
N GLY A 125 -4.09 14.08 -13.89
CA GLY A 125 -3.93 15.52 -13.83
C GLY A 125 -4.86 16.13 -12.79
N CYS A 126 -5.25 15.31 -11.83
CA CYS A 126 -6.15 15.75 -10.77
C CYS A 126 -5.49 16.94 -10.07
N GLU A 127 -6.10 17.34 -8.96
CA GLU A 127 -5.59 18.46 -8.18
C GLU A 127 -6.45 18.68 -6.94
N CYS A 1 6.52 6.95 7.75
CA CYS A 1 6.23 6.35 9.05
C CYS A 1 5.02 7.06 9.66
N SER A 2 4.87 6.90 10.96
CA SER A 2 3.77 7.51 11.67
C SER A 2 3.41 8.85 11.02
N CYS A 3 2.43 8.79 10.13
CA CYS A 3 1.99 10.00 9.44
C CYS A 3 0.47 9.91 9.26
N SER A 4 -0.16 11.08 9.26
CA SER A 4 -1.60 11.15 9.10
C SER A 4 -1.98 10.81 7.66
N PRO A 5 -2.64 9.63 7.51
CA PRO A 5 -3.07 9.18 6.19
C PRO A 5 -4.30 9.96 5.71
N VAL A 6 -4.02 11.10 5.10
CA VAL A 6 -5.09 11.95 4.59
C VAL A 6 -5.11 11.87 3.06
N HIS A 7 -5.20 13.04 2.44
CA HIS A 7 -5.24 13.13 0.99
C HIS A 7 -6.09 11.99 0.43
N PRO A 8 -7.41 12.26 0.32
CA PRO A 8 -8.35 11.27 -0.20
C PRO A 8 -8.21 11.14 -1.71
N GLN A 9 -7.77 12.22 -2.35
CA GLN A 9 -7.60 12.23 -3.78
C GLN A 9 -6.12 12.37 -4.13
N GLN A 10 -5.39 13.02 -3.24
CA GLN A 10 -3.96 13.21 -3.45
C GLN A 10 -3.20 11.90 -3.23
N ALA A 11 -3.94 10.89 -2.79
CA ALA A 11 -3.36 9.58 -2.54
C ALA A 11 -3.33 8.79 -3.85
N PHE A 12 -4.37 9.00 -4.65
CA PHE A 12 -4.48 8.31 -5.92
C PHE A 12 -3.85 9.12 -7.05
N CYS A 13 -3.21 10.22 -6.65
CA CYS A 13 -2.56 11.09 -7.61
C CYS A 13 -1.05 11.06 -7.34
N ASN A 14 -0.70 10.46 -6.22
CA ASN A 14 0.70 10.36 -5.84
C ASN A 14 1.20 8.93 -6.09
N ALA A 15 0.32 7.97 -5.81
CA ALA A 15 0.65 6.58 -6.00
C ALA A 15 1.12 6.36 -7.44
N ASP A 16 1.64 5.16 -7.68
CA ASP A 16 2.13 4.83 -9.01
C ASP A 16 1.94 3.32 -9.25
N VAL A 17 1.12 2.72 -8.40
CA VAL A 17 0.84 1.30 -8.51
C VAL A 17 -0.38 0.96 -7.64
N VAL A 18 -1.54 1.06 -8.26
CA VAL A 18 -2.79 0.77 -7.55
C VAL A 18 -3.26 -0.64 -7.93
N ILE A 19 -3.32 -1.50 -6.93
CA ILE A 19 -3.75 -2.87 -7.15
C ILE A 19 -4.55 -3.35 -5.93
N ARG A 20 -5.76 -3.81 -6.20
CA ARG A 20 -6.63 -4.29 -5.15
C ARG A 20 -6.19 -5.68 -4.69
N THR A 21 -4.88 -5.85 -4.62
CA THR A 21 -4.31 -7.12 -4.20
C THR A 21 -4.78 -7.47 -2.78
N LYS A 22 -4.52 -8.72 -2.39
CA LYS A 22 -4.90 -9.19 -1.07
C LYS A 22 -3.66 -9.69 -0.34
N ALA A 23 -3.39 -9.06 0.80
CA ALA A 23 -2.25 -9.44 1.61
C ALA A 23 -2.68 -10.44 2.68
N VAL A 24 -2.46 -11.72 2.38
CA VAL A 24 -2.81 -12.77 3.32
C VAL A 24 -1.57 -13.24 4.05
N SER A 25 -0.45 -13.23 3.35
CA SER A 25 0.81 -13.65 3.93
C SER A 25 1.79 -12.48 3.97
N GLU A 26 2.85 -12.65 4.75
CA GLU A 26 3.85 -11.61 4.89
C GLU A 26 5.22 -12.24 5.18
N LYS A 27 6.20 -11.38 5.41
CA LYS A 27 7.54 -11.83 5.71
C LYS A 27 8.27 -10.78 6.56
N GLU A 28 8.55 -11.16 7.80
CA GLU A 28 9.23 -10.27 8.71
C GLU A 28 10.71 -10.15 8.35
N VAL A 29 11.02 -9.13 7.55
CA VAL A 29 12.39 -8.90 7.13
C VAL A 29 13.00 -7.78 7.98
N ASP A 30 13.43 -8.16 9.17
CA ASP A 30 14.03 -7.21 10.08
C ASP A 30 15.03 -6.33 9.31
N SER A 31 15.04 -5.05 9.66
CA SER A 31 15.94 -4.11 9.02
C SER A 31 16.74 -3.35 10.07
N GLY A 32 17.00 -4.03 11.18
CA GLY A 32 17.76 -3.43 12.27
C GLY A 32 17.06 -2.18 12.79
N ASN A 33 17.78 -1.46 13.65
CA ASN A 33 17.24 -0.25 14.23
C ASN A 33 17.46 0.92 13.26
N ASP A 34 16.73 2.00 13.53
CA ASP A 34 16.84 3.18 12.68
C ASP A 34 17.84 4.16 13.30
N ILE A 35 17.75 5.41 12.87
CA ILE A 35 18.64 6.44 13.36
C ILE A 35 18.15 6.93 14.72
N TYR A 36 17.04 6.35 15.16
CA TYR A 36 16.45 6.73 16.43
C TYR A 36 16.68 5.63 17.48
N GLY A 37 17.33 4.56 17.04
CA GLY A 37 17.61 3.44 17.93
C GLY A 37 16.45 2.44 17.94
N ASN A 38 15.36 2.84 17.30
CA ASN A 38 14.18 1.99 17.23
C ASN A 38 14.39 0.93 16.14
N PRO A 39 13.67 -0.21 16.33
CA PRO A 39 13.77 -1.30 15.37
C PRO A 39 12.99 -0.98 14.09
N ILE A 40 13.69 -1.17 12.97
CA ILE A 40 13.08 -0.90 11.67
C ILE A 40 12.07 -2.01 11.35
N LYS A 41 12.55 -3.01 10.64
CA LYS A 41 11.70 -4.13 10.24
C LYS A 41 10.70 -3.66 9.19
N ARG A 42 10.75 -4.31 8.04
CA ARG A 42 9.85 -3.97 6.94
C ARG A 42 9.09 -5.21 6.49
N ILE A 43 8.22 -5.69 7.35
CA ILE A 43 7.41 -6.87 7.05
C ILE A 43 7.01 -6.83 5.57
N GLN A 44 6.93 -8.01 4.99
CA GLN A 44 6.55 -8.14 3.59
C GLN A 44 5.03 -8.22 3.46
N TYR A 45 4.59 -8.33 2.21
CA TYR A 45 3.16 -8.43 1.93
C TYR A 45 2.88 -9.47 0.86
N GLU A 46 3.10 -10.73 1.23
CA GLU A 46 2.88 -11.83 0.31
C GLU A 46 1.39 -11.92 -0.07
N ILE A 47 0.96 -10.92 -0.84
CA ILE A 47 -0.42 -10.87 -1.28
C ILE A 47 -0.70 -12.04 -2.21
N LYS A 48 -1.85 -11.97 -2.88
CA LYS A 48 -2.23 -13.02 -3.80
C LYS A 48 -2.72 -12.38 -5.11
N GLN A 49 -2.44 -11.10 -5.24
CA GLN A 49 -2.84 -10.37 -6.43
C GLN A 49 -4.25 -10.78 -6.86
N ILE A 50 -5.19 -9.86 -6.67
CA ILE A 50 -6.57 -10.11 -7.02
C ILE A 50 -7.00 -9.11 -8.09
N LYS A 51 -6.34 -7.97 -8.09
CA LYS A 51 -6.65 -6.92 -9.06
C LYS A 51 -5.41 -6.05 -9.28
N MET A 52 -5.47 -5.26 -10.34
CA MET A 52 -4.36 -4.39 -10.67
C MET A 52 -4.85 -3.08 -11.31
N PHE A 53 -5.59 -2.33 -10.53
CA PHE A 53 -6.14 -1.07 -11.00
C PHE A 53 -5.12 -0.32 -11.86
N LYS A 54 -4.19 0.35 -11.19
CA LYS A 54 -3.17 1.11 -11.88
C LYS A 54 -1.79 0.62 -11.42
N GLY A 55 -1.43 -0.56 -11.87
CA GLY A 55 -0.15 -1.15 -11.52
C GLY A 55 0.60 -1.62 -12.77
N PRO A 56 1.55 -2.58 -12.56
CA PRO A 56 2.34 -3.11 -13.64
C PRO A 56 1.51 -4.07 -14.50
N GLU A 57 2.20 -4.73 -15.42
CA GLU A 57 1.54 -5.67 -16.32
C GLU A 57 1.61 -7.09 -15.73
N LYS A 58 2.71 -7.36 -15.06
CA LYS A 58 2.91 -8.67 -14.45
C LYS A 58 2.14 -8.73 -13.12
N ASP A 59 2.73 -8.15 -12.09
CA ASP A 59 2.12 -8.14 -10.78
C ASP A 59 3.20 -8.04 -9.71
N ILE A 60 2.76 -7.81 -8.48
CA ILE A 60 3.68 -7.69 -7.36
C ILE A 60 3.67 -9.00 -6.56
N GLU A 61 2.60 -9.17 -5.80
CA GLU A 61 2.46 -10.37 -4.99
C GLU A 61 3.37 -10.28 -3.76
N PHE A 62 4.22 -9.27 -3.77
CA PHE A 62 5.14 -9.06 -2.66
C PHE A 62 5.41 -7.57 -2.43
N ILE A 63 4.68 -7.01 -1.48
CA ILE A 63 4.81 -5.60 -1.17
C ILE A 63 5.55 -5.45 0.16
N TYR A 64 5.98 -4.23 0.45
CA TYR A 64 6.69 -3.95 1.69
C TYR A 64 5.92 -2.94 2.54
N THR A 65 6.10 -3.07 3.85
CA THR A 65 5.45 -2.17 4.79
C THR A 65 6.09 -2.27 6.16
N ALA A 66 5.46 -1.62 7.13
CA ALA A 66 5.96 -1.63 8.49
C ALA A 66 5.15 -2.61 9.33
N PRO A 67 5.84 -3.24 10.31
CA PRO A 67 5.19 -4.21 11.18
C PRO A 67 4.29 -3.51 12.21
N SER A 68 3.99 -4.23 13.28
CA SER A 68 3.15 -3.69 14.33
C SER A 68 1.82 -3.25 13.75
N SER A 69 1.03 -2.57 14.59
CA SER A 69 -0.27 -2.09 14.17
C SER A 69 -0.11 -0.97 13.15
N ALA A 70 0.62 -1.28 12.08
CA ALA A 70 0.86 -0.32 11.03
C ALA A 70 1.50 0.95 11.63
N VAL A 71 2.81 1.01 11.55
CA VAL A 71 3.56 2.14 12.08
C VAL A 71 3.99 3.04 10.92
N CYS A 72 4.26 2.41 9.78
CA CYS A 72 4.68 3.14 8.60
C CYS A 72 3.87 2.63 7.41
N GLY A 73 2.85 1.86 7.71
CA GLY A 73 1.99 1.30 6.68
C GLY A 73 0.57 1.07 7.20
N VAL A 74 -0.13 0.14 6.57
CA VAL A 74 -1.49 -0.18 6.96
C VAL A 74 -1.53 -1.61 7.52
N SER A 75 -0.37 -2.26 7.47
CA SER A 75 -0.27 -3.61 7.97
C SER A 75 -1.56 -4.39 7.70
N LEU A 76 -1.64 -4.92 6.49
CA LEU A 76 -2.81 -5.68 6.08
C LEU A 76 -2.47 -7.17 6.07
N ASP A 77 -3.32 -7.94 6.74
CA ASP A 77 -3.11 -9.38 6.82
C ASP A 77 -4.28 -10.09 6.12
N VAL A 78 -5.28 -9.30 5.77
CA VAL A 78 -6.46 -9.84 5.10
C VAL A 78 -7.31 -10.62 6.11
N GLY A 79 -6.67 -10.97 7.22
CA GLY A 79 -7.35 -11.72 8.27
C GLY A 79 -8.34 -10.82 9.02
N GLY A 80 -8.26 -9.53 8.74
CA GLY A 80 -9.13 -8.56 9.38
C GLY A 80 -9.75 -7.62 8.35
N LYS A 81 -9.00 -7.37 7.28
CA LYS A 81 -9.47 -6.50 6.22
C LYS A 81 -10.07 -7.35 5.09
N LYS A 82 -9.26 -7.54 4.06
CA LYS A 82 -9.69 -8.33 2.92
C LYS A 82 -8.74 -8.08 1.74
N GLU A 83 -8.79 -6.86 1.23
CA GLU A 83 -7.94 -6.48 0.11
C GLU A 83 -7.77 -4.96 0.07
N TYR A 84 -6.77 -4.53 -0.68
CA TYR A 84 -6.48 -3.11 -0.82
C TYR A 84 -5.91 -2.79 -2.20
N LEU A 85 -6.17 -1.57 -2.65
CA LEU A 85 -5.69 -1.14 -3.94
C LEU A 85 -4.24 -0.69 -3.82
N ILE A 86 -3.70 -0.83 -2.61
CA ILE A 86 -2.32 -0.45 -2.36
C ILE A 86 -1.79 0.37 -3.53
N ALA A 87 -1.80 1.69 -3.35
CA ALA A 87 -1.33 2.59 -4.39
C ALA A 87 -0.25 3.50 -3.81
N GLY A 88 0.99 3.21 -4.20
CA GLY A 88 2.12 4.00 -3.72
C GLY A 88 3.14 4.22 -4.84
N LYS A 89 4.12 5.05 -4.54
CA LYS A 89 5.16 5.36 -5.51
C LYS A 89 5.65 4.06 -6.16
N ALA A 90 5.59 2.99 -5.38
CA ALA A 90 6.02 1.68 -5.87
C ALA A 90 7.54 1.58 -5.74
N GLU A 91 8.05 0.42 -6.13
CA GLU A 91 9.48 0.17 -6.07
C GLU A 91 9.98 -0.39 -7.39
N GLY A 92 9.16 -1.24 -8.00
CA GLY A 92 9.50 -1.86 -9.27
C GLY A 92 8.49 -2.93 -9.64
N ASP A 93 9.01 -4.09 -10.04
CA ASP A 93 8.17 -5.20 -10.43
C ASP A 93 8.35 -6.34 -9.43
N GLY A 94 7.23 -6.92 -9.03
CA GLY A 94 7.24 -8.02 -8.08
C GLY A 94 7.50 -7.51 -6.65
N LYS A 95 7.60 -6.19 -6.54
CA LYS A 95 7.83 -5.57 -5.25
C LYS A 95 7.74 -4.06 -5.39
N MET A 96 7.11 -3.43 -4.41
CA MET A 96 6.94 -1.99 -4.41
C MET A 96 7.15 -1.41 -3.01
N HIS A 97 6.64 -0.20 -2.82
CA HIS A 97 6.77 0.47 -1.54
C HIS A 97 5.44 1.15 -1.19
N ILE A 98 4.93 0.83 -0.01
CA ILE A 98 3.69 1.39 0.46
C ILE A 98 3.81 1.73 1.95
N THR A 99 3.24 2.87 2.31
CA THR A 99 3.27 3.32 3.70
C THR A 99 1.92 3.90 4.10
N LEU A 100 1.73 4.05 5.40
CA LEU A 100 0.50 4.60 5.93
C LEU A 100 0.27 5.99 5.34
N CYS A 101 1.33 6.79 5.37
CA CYS A 101 1.27 8.15 4.85
C CYS A 101 0.95 8.07 3.35
N ASP A 102 1.43 7.01 2.72
CA ASP A 102 1.20 6.81 1.30
C ASP A 102 -0.25 6.37 1.09
N PHE A 103 -0.67 6.45 -0.17
CA PHE A 103 -2.03 6.06 -0.52
C PHE A 103 -2.22 4.55 -0.41
N ILE A 104 -3.10 4.16 0.50
CA ILE A 104 -3.37 2.74 0.70
C ILE A 104 -4.68 2.60 1.50
N VAL A 105 -5.52 1.68 1.01
CA VAL A 105 -6.80 1.44 1.66
C VAL A 105 -7.24 0.00 1.36
N PRO A 106 -8.12 -0.52 2.26
CA PRO A 106 -8.64 -1.87 2.10
C PRO A 106 -9.68 -1.93 0.97
N TRP A 107 -9.77 -0.84 0.22
CA TRP A 107 -10.71 -0.77 -0.87
C TRP A 107 -12.12 -0.63 -0.29
N ASP A 108 -12.49 -1.64 0.50
CA ASP A 108 -13.80 -1.65 1.12
C ASP A 108 -13.86 -0.54 2.17
N THR A 109 -13.50 0.66 1.76
CA THR A 109 -13.51 1.80 2.65
C THR A 109 -13.56 3.11 1.85
N LEU A 110 -12.59 3.26 0.97
CA LEU A 110 -12.52 4.46 0.14
C LEU A 110 -13.47 5.52 0.69
N SER A 111 -14.58 5.70 -0.02
CA SER A 111 -15.58 6.68 0.40
C SER A 111 -16.22 7.32 -0.84
N THR A 112 -15.39 7.61 -1.82
CA THR A 112 -15.86 8.22 -3.05
C THR A 112 -14.71 8.92 -3.78
N THR A 113 -14.17 9.94 -3.13
CA THR A 113 -13.08 10.70 -3.69
C THR A 113 -11.95 9.76 -4.14
N GLN A 114 -11.94 8.57 -3.54
CA GLN A 114 -10.93 7.58 -3.87
C GLN A 114 -11.37 6.74 -5.06
N LYS A 115 -12.67 6.46 -5.11
CA LYS A 115 -13.24 5.68 -6.18
C LYS A 115 -13.12 6.47 -7.49
N LYS A 116 -13.42 7.75 -7.39
CA LYS A 116 -13.36 8.62 -8.56
C LYS A 116 -11.93 8.62 -9.11
N SER A 117 -10.99 8.25 -8.25
CA SER A 117 -9.59 8.20 -8.64
C SER A 117 -9.24 6.81 -9.17
N LEU A 118 -10.16 5.87 -8.93
CA LEU A 118 -9.96 4.50 -9.37
C LEU A 118 -10.42 4.36 -10.82
N ASN A 119 -11.00 5.44 -11.33
CA ASN A 119 -11.49 5.45 -12.70
C ASN A 119 -10.30 5.53 -13.65
N HIS A 120 -9.51 6.57 -13.48
CA HIS A 120 -8.33 6.77 -14.32
C HIS A 120 -7.31 5.67 -14.05
N ARG A 121 -6.23 6.06 -13.38
CA ARG A 121 -5.17 5.13 -13.05
C ARG A 121 -4.51 5.52 -11.73
N TYR A 122 -3.61 6.49 -11.81
CA TYR A 122 -2.90 6.95 -10.64
C TYR A 122 -2.85 8.49 -10.60
N GLN A 123 -3.58 9.09 -11.53
CA GLN A 123 -3.62 10.54 -11.62
C GLN A 123 -4.89 10.99 -12.34
N MET A 124 -6.02 10.87 -11.64
CA MET A 124 -7.29 11.26 -12.20
C MET A 124 -7.37 12.77 -12.42
N GLY A 125 -6.37 13.28 -13.14
CA GLY A 125 -6.31 14.70 -13.42
C GLY A 125 -6.71 15.52 -12.20
N CYS A 126 -6.52 14.94 -11.03
CA CYS A 126 -6.85 15.60 -9.79
C CYS A 126 -5.95 16.82 -9.64
N GLU A 127 -5.94 17.37 -8.42
CA GLU A 127 -5.13 18.53 -8.14
C GLU A 127 -5.28 18.93 -6.67
N CYS A 1 5.62 6.19 9.16
CA CYS A 1 6.02 5.67 10.46
C CYS A 1 5.18 6.39 11.53
N SER A 2 4.04 6.91 11.10
CA SER A 2 3.15 7.62 12.00
C SER A 2 2.44 8.75 11.26
N CYS A 3 2.94 9.04 10.06
CA CYS A 3 2.37 10.08 9.25
C CYS A 3 0.84 9.94 9.29
N SER A 4 0.17 10.99 8.83
CA SER A 4 -1.28 11.00 8.81
C SER A 4 -1.79 10.69 7.40
N PRO A 5 -2.47 9.52 7.28
CA PRO A 5 -3.00 9.10 5.99
C PRO A 5 -4.24 9.91 5.62
N VAL A 6 -4.00 11.03 4.95
CA VAL A 6 -5.08 11.90 4.53
C VAL A 6 -5.19 11.89 3.00
N HIS A 7 -5.29 13.08 2.43
CA HIS A 7 -5.39 13.21 0.99
C HIS A 7 -6.22 12.05 0.42
N PRO A 8 -7.57 12.22 0.49
CA PRO A 8 -8.47 11.20 -0.01
C PRO A 8 -8.51 11.20 -1.54
N GLN A 9 -7.61 11.98 -2.12
CA GLN A 9 -7.53 12.08 -3.57
C GLN A 9 -6.06 12.17 -4.02
N GLN A 10 -5.32 13.02 -3.32
CA GLN A 10 -3.91 13.21 -3.63
C GLN A 10 -3.15 11.90 -3.45
N ALA A 11 -3.84 10.92 -2.88
CA ALA A 11 -3.24 9.62 -2.65
C ALA A 11 -3.28 8.80 -3.94
N PHE A 12 -4.34 9.01 -4.70
CA PHE A 12 -4.52 8.30 -5.95
C PHE A 12 -3.91 9.09 -7.12
N CYS A 13 -3.23 10.16 -6.77
CA CYS A 13 -2.59 11.01 -7.77
C CYS A 13 -1.08 10.96 -7.54
N ASN A 14 -0.70 10.38 -6.41
CA ASN A 14 0.71 10.27 -6.07
C ASN A 14 1.18 8.83 -6.32
N ALA A 15 0.31 7.89 -6.00
CA ALA A 15 0.62 6.49 -6.20
C ALA A 15 1.07 6.26 -7.63
N ASP A 16 1.62 5.08 -7.87
CA ASP A 16 2.10 4.72 -9.20
C ASP A 16 1.96 3.21 -9.40
N VAL A 17 1.18 2.60 -8.52
CA VAL A 17 0.95 1.17 -8.60
C VAL A 17 -0.26 0.80 -7.73
N VAL A 18 -1.44 0.99 -8.30
CA VAL A 18 -2.67 0.68 -7.60
C VAL A 18 -3.15 -0.71 -7.98
N ILE A 19 -3.26 -1.57 -6.99
CA ILE A 19 -3.70 -2.93 -7.21
C ILE A 19 -4.53 -3.40 -6.00
N ARG A 20 -5.73 -3.85 -6.31
CA ARG A 20 -6.63 -4.33 -5.27
C ARG A 20 -6.23 -5.73 -4.82
N THR A 21 -4.92 -5.92 -4.68
CA THR A 21 -4.39 -7.21 -4.26
C THR A 21 -4.85 -7.53 -2.83
N LYS A 22 -4.54 -8.75 -2.41
CA LYS A 22 -4.92 -9.20 -1.07
C LYS A 22 -3.67 -9.67 -0.33
N ALA A 23 -3.39 -9.01 0.77
CA ALA A 23 -2.24 -9.35 1.59
C ALA A 23 -2.67 -10.30 2.71
N VAL A 24 -2.40 -11.57 2.50
CA VAL A 24 -2.76 -12.59 3.48
C VAL A 24 -1.48 -13.08 4.18
N SER A 25 -0.41 -13.14 3.42
CA SER A 25 0.87 -13.58 3.95
C SER A 25 1.86 -12.42 3.99
N GLU A 26 2.87 -12.58 4.82
CA GLU A 26 3.89 -11.55 4.97
C GLU A 26 5.25 -12.19 5.25
N LYS A 27 6.25 -11.33 5.43
CA LYS A 27 7.60 -11.80 5.71
C LYS A 27 8.31 -10.77 6.60
N GLU A 28 8.64 -11.21 7.79
CA GLU A 28 9.33 -10.34 8.74
C GLU A 28 10.81 -10.19 8.36
N VAL A 29 11.11 -9.09 7.68
CA VAL A 29 12.46 -8.82 7.24
C VAL A 29 13.00 -7.60 8.00
N ASP A 30 13.85 -7.88 8.98
CA ASP A 30 14.44 -6.81 9.78
C ASP A 30 15.09 -5.80 8.86
N SER A 31 15.22 -4.58 9.37
CA SER A 31 15.84 -3.51 8.62
C SER A 31 16.77 -2.69 9.51
N GLY A 32 17.11 -3.28 10.64
CA GLY A 32 17.99 -2.62 11.60
C GLY A 32 17.25 -1.56 12.40
N ASN A 33 17.98 -0.91 13.29
CA ASN A 33 17.41 0.14 14.12
C ASN A 33 17.40 1.45 13.35
N ASP A 34 16.59 2.38 13.84
CA ASP A 34 16.48 3.68 13.20
C ASP A 34 17.43 4.66 13.89
N ILE A 35 17.18 5.94 13.67
CA ILE A 35 17.99 6.99 14.27
C ILE A 35 17.56 7.20 15.73
N TYR A 36 16.58 6.40 16.15
CA TYR A 36 16.06 6.49 17.50
C TYR A 36 16.49 5.27 18.33
N GLY A 37 17.22 4.38 17.67
CA GLY A 37 17.69 3.18 18.33
C GLY A 37 16.64 2.06 18.26
N ASN A 38 15.47 2.43 17.79
CA ASN A 38 14.38 1.48 17.66
C ASN A 38 14.59 0.63 16.40
N PRO A 39 14.02 -0.61 16.43
CA PRO A 39 14.14 -1.51 15.31
C PRO A 39 13.23 -1.09 14.17
N ILE A 40 13.80 -1.03 12.98
CA ILE A 40 13.05 -0.64 11.80
C ILE A 40 12.05 -1.74 11.45
N LYS A 41 12.56 -2.74 10.74
CA LYS A 41 11.73 -3.86 10.34
C LYS A 41 10.75 -3.41 9.25
N ARG A 42 10.74 -4.15 8.16
CA ARG A 42 9.85 -3.83 7.04
C ARG A 42 9.13 -5.09 6.56
N ILE A 43 8.29 -5.63 7.43
CA ILE A 43 7.54 -6.83 7.11
C ILE A 43 7.14 -6.78 5.63
N GLN A 44 7.01 -7.97 5.05
CA GLN A 44 6.63 -8.08 3.66
C GLN A 44 5.11 -8.19 3.52
N TYR A 45 4.66 -8.25 2.27
CA TYR A 45 3.24 -8.36 1.99
C TYR A 45 2.97 -9.42 0.92
N GLU A 46 3.22 -10.66 1.29
CA GLU A 46 3.01 -11.77 0.37
C GLU A 46 1.53 -11.89 0.02
N ILE A 47 1.06 -10.91 -0.75
CA ILE A 47 -0.33 -10.88 -1.17
C ILE A 47 -0.60 -12.06 -2.11
N LYS A 48 -1.77 -12.05 -2.71
CA LYS A 48 -2.16 -13.11 -3.63
C LYS A 48 -2.58 -12.49 -4.96
N GLN A 49 -2.52 -11.17 -5.01
CA GLN A 49 -2.88 -10.44 -6.21
C GLN A 49 -4.28 -10.87 -6.68
N ILE A 50 -5.21 -9.93 -6.64
CA ILE A 50 -6.57 -10.19 -7.04
C ILE A 50 -6.98 -9.19 -8.12
N LYS A 51 -6.41 -7.99 -8.03
CA LYS A 51 -6.70 -6.94 -8.98
C LYS A 51 -5.46 -6.06 -9.16
N MET A 52 -5.46 -5.32 -10.26
CA MET A 52 -4.35 -4.43 -10.56
C MET A 52 -4.83 -3.16 -11.25
N PHE A 53 -5.48 -2.31 -10.47
CA PHE A 53 -6.01 -1.06 -10.98
C PHE A 53 -4.98 -0.38 -11.89
N LYS A 54 -3.98 0.22 -11.26
CA LYS A 54 -2.94 0.91 -12.00
C LYS A 54 -1.57 0.38 -11.54
N GLY A 55 -1.27 -0.83 -11.98
CA GLY A 55 -0.01 -1.45 -11.63
C GLY A 55 0.70 -2.00 -12.88
N PRO A 56 1.63 -2.95 -12.63
CA PRO A 56 2.39 -3.55 -13.72
C PRO A 56 1.52 -4.54 -14.51
N GLU A 57 2.13 -5.13 -15.54
CA GLU A 57 1.43 -6.08 -16.37
C GLU A 57 1.40 -7.46 -15.70
N LYS A 58 2.47 -7.76 -14.99
CA LYS A 58 2.58 -9.03 -14.29
C LYS A 58 1.83 -8.94 -12.96
N ASP A 59 2.49 -8.34 -11.98
CA ASP A 59 1.91 -8.19 -10.66
C ASP A 59 3.02 -8.10 -9.61
N ILE A 60 2.63 -7.77 -8.40
CA ILE A 60 3.58 -7.66 -7.30
C ILE A 60 3.60 -8.96 -6.50
N GLU A 61 2.52 -9.17 -5.75
CA GLU A 61 2.40 -10.37 -4.93
C GLU A 61 3.31 -10.27 -3.72
N PHE A 62 4.15 -9.25 -3.72
CA PHE A 62 5.08 -9.03 -2.62
C PHE A 62 5.35 -7.54 -2.41
N ILE A 63 4.66 -6.98 -1.44
CA ILE A 63 4.81 -5.57 -1.12
C ILE A 63 5.60 -5.42 0.18
N TYR A 64 5.98 -4.19 0.47
CA TYR A 64 6.74 -3.90 1.66
C TYR A 64 6.04 -2.84 2.52
N THR A 65 6.20 -2.96 3.82
CA THR A 65 5.59 -2.02 4.75
C THR A 65 6.22 -2.15 6.14
N ALA A 66 5.55 -1.58 7.12
CA ALA A 66 6.03 -1.62 8.48
C ALA A 66 5.28 -2.71 9.24
N PRO A 67 5.94 -3.23 10.32
CA PRO A 67 5.35 -4.27 11.14
C PRO A 67 4.26 -3.71 12.04
N SER A 68 3.93 -4.47 13.07
CA SER A 68 2.91 -4.06 14.02
C SER A 68 1.62 -3.71 13.27
N SER A 69 0.64 -3.25 14.04
CA SER A 69 -0.65 -2.89 13.46
C SER A 69 -0.43 -2.03 12.22
N ALA A 70 0.51 -1.11 12.32
CA ALA A 70 0.82 -0.22 11.21
C ALA A 70 1.46 1.06 11.75
N VAL A 71 2.73 1.25 11.41
CA VAL A 71 3.45 2.43 11.85
C VAL A 71 3.89 3.23 10.63
N CYS A 72 4.43 2.52 9.65
CA CYS A 72 4.90 3.16 8.44
C CYS A 72 4.04 2.67 7.27
N GLY A 73 2.97 1.96 7.63
CA GLY A 73 2.07 1.42 6.63
C GLY A 73 0.66 1.22 7.21
N VAL A 74 -0.05 0.27 6.63
CA VAL A 74 -1.40 -0.04 7.07
C VAL A 74 -1.44 -1.47 7.61
N SER A 75 -0.30 -2.15 7.48
CA SER A 75 -0.20 -3.52 7.94
C SER A 75 -1.53 -4.25 7.72
N LEU A 76 -1.69 -4.81 6.53
CA LEU A 76 -2.90 -5.53 6.19
C LEU A 76 -2.62 -7.02 6.23
N ASP A 77 -3.50 -7.74 6.91
CA ASP A 77 -3.36 -9.18 7.04
C ASP A 77 -4.48 -9.87 6.24
N VAL A 78 -5.44 -9.06 5.80
CA VAL A 78 -6.56 -9.57 5.03
C VAL A 78 -7.53 -10.28 5.98
N GLY A 79 -6.97 -11.09 6.86
CA GLY A 79 -7.77 -11.83 7.82
C GLY A 79 -8.65 -10.89 8.64
N GLY A 80 -8.38 -9.59 8.49
CA GLY A 80 -9.14 -8.58 9.21
C GLY A 80 -9.79 -7.60 8.24
N LYS A 81 -9.16 -7.44 7.10
CA LYS A 81 -9.67 -6.54 6.08
C LYS A 81 -10.23 -7.34 4.91
N LYS A 82 -9.39 -7.50 3.90
CA LYS A 82 -9.78 -8.25 2.71
C LYS A 82 -8.77 -8.01 1.60
N GLU A 83 -8.86 -6.84 1.00
CA GLU A 83 -7.95 -6.47 -0.08
C GLU A 83 -7.82 -4.96 -0.17
N TYR A 84 -6.68 -4.52 -0.72
CA TYR A 84 -6.42 -3.11 -0.87
C TYR A 84 -5.88 -2.79 -2.26
N LEU A 85 -6.10 -1.56 -2.69
CA LEU A 85 -5.63 -1.13 -4.00
C LEU A 85 -4.17 -0.67 -3.90
N ILE A 86 -3.63 -0.83 -2.70
CA ILE A 86 -2.25 -0.44 -2.45
C ILE A 86 -1.72 0.35 -3.64
N ALA A 87 -1.73 1.67 -3.49
CA ALA A 87 -1.26 2.54 -4.55
C ALA A 87 -0.13 3.42 -4.01
N GLY A 88 1.08 3.13 -4.47
CA GLY A 88 2.24 3.89 -4.04
C GLY A 88 3.21 4.12 -5.21
N LYS A 89 4.30 4.80 -4.90
CA LYS A 89 5.31 5.09 -5.91
C LYS A 89 5.75 3.78 -6.58
N ALA A 90 5.70 2.72 -5.79
CA ALA A 90 6.09 1.41 -6.28
C ALA A 90 7.61 1.25 -6.15
N GLU A 91 8.09 0.09 -6.54
CA GLU A 91 9.52 -0.21 -6.47
C GLU A 91 9.97 -0.93 -7.74
N GLY A 92 9.15 -1.88 -8.16
CA GLY A 92 9.45 -2.66 -9.35
C GLY A 92 8.58 -3.92 -9.43
N ASP A 93 7.92 -4.06 -10.57
CA ASP A 93 7.05 -5.21 -10.78
C ASP A 93 7.51 -6.36 -9.89
N GLY A 94 6.54 -6.99 -9.24
CA GLY A 94 6.82 -8.10 -8.36
C GLY A 94 7.18 -7.61 -6.96
N LYS A 95 7.24 -6.30 -6.82
CA LYS A 95 7.58 -5.69 -5.54
C LYS A 95 7.50 -4.17 -5.66
N MET A 96 6.98 -3.54 -4.62
CA MET A 96 6.85 -2.10 -4.60
C MET A 96 7.04 -1.55 -3.19
N HIS A 97 6.73 -0.27 -3.03
CA HIS A 97 6.86 0.39 -1.75
C HIS A 97 5.55 1.09 -1.39
N ILE A 98 5.07 0.80 -0.18
CA ILE A 98 3.83 1.39 0.29
C ILE A 98 3.98 1.74 1.77
N THR A 99 3.40 2.87 2.14
CA THR A 99 3.45 3.33 3.52
C THR A 99 2.10 3.92 3.94
N LEU A 100 1.98 4.18 5.23
CA LEU A 100 0.76 4.74 5.78
C LEU A 100 0.55 6.15 5.20
N CYS A 101 1.64 6.91 5.18
CA CYS A 101 1.58 8.27 4.66
C CYS A 101 1.26 8.21 3.17
N ASP A 102 1.54 7.04 2.58
CA ASP A 102 1.29 6.84 1.17
C ASP A 102 -0.17 6.41 0.98
N PHE A 103 -0.60 6.43 -0.27
CA PHE A 103 -1.96 6.05 -0.60
C PHE A 103 -2.15 4.54 -0.48
N ILE A 104 -3.02 4.16 0.44
CA ILE A 104 -3.31 2.75 0.67
C ILE A 104 -4.62 2.62 1.45
N VAL A 105 -5.44 1.70 1.00
CA VAL A 105 -6.73 1.46 1.64
C VAL A 105 -7.20 0.03 1.33
N PRO A 106 -8.08 -0.48 2.22
CA PRO A 106 -8.61 -1.82 2.06
C PRO A 106 -9.65 -1.87 0.94
N TRP A 107 -9.70 -0.79 0.17
CA TRP A 107 -10.65 -0.70 -0.92
C TRP A 107 -12.05 -0.57 -0.33
N ASP A 108 -12.44 -1.59 0.41
CA ASP A 108 -13.75 -1.59 1.04
C ASP A 108 -13.80 -0.55 2.15
N THR A 109 -13.39 0.67 1.79
CA THR A 109 -13.37 1.77 2.74
C THR A 109 -13.43 3.10 2.01
N LEU A 110 -12.46 3.30 1.14
CA LEU A 110 -12.38 4.53 0.36
C LEU A 110 -13.39 5.54 0.92
N SER A 111 -14.46 5.73 0.17
CA SER A 111 -15.51 6.66 0.58
C SER A 111 -16.18 7.25 -0.65
N THR A 112 -15.36 7.61 -1.63
CA THR A 112 -15.86 8.19 -2.86
C THR A 112 -14.75 8.93 -3.59
N THR A 113 -14.29 10.02 -2.98
CA THR A 113 -13.23 10.81 -3.56
C THR A 113 -12.06 9.92 -3.98
N GLN A 114 -11.94 8.79 -3.30
CA GLN A 114 -10.87 7.85 -3.59
C GLN A 114 -11.23 7.00 -4.82
N LYS A 115 -12.51 6.67 -4.92
CA LYS A 115 -12.99 5.88 -6.04
C LYS A 115 -12.89 6.70 -7.32
N LYS A 116 -13.36 7.93 -7.23
CA LYS A 116 -13.33 8.83 -8.38
C LYS A 116 -11.88 9.07 -8.80
N SER A 117 -10.98 8.76 -7.89
CA SER A 117 -9.56 8.93 -8.15
C SER A 117 -8.91 7.59 -8.48
N LEU A 118 -9.58 6.53 -8.05
CA LEU A 118 -9.09 5.18 -8.29
C LEU A 118 -9.67 4.66 -9.60
N ASN A 119 -10.71 5.32 -10.06
CA ASN A 119 -11.38 4.94 -11.30
C ASN A 119 -10.49 5.35 -12.49
N HIS A 120 -9.64 6.35 -12.24
CA HIS A 120 -8.74 6.83 -13.27
C HIS A 120 -7.38 6.16 -13.12
N ARG A 121 -6.56 6.36 -14.15
CA ARG A 121 -5.22 5.78 -14.14
C ARG A 121 -4.63 5.80 -12.74
N TYR A 122 -3.95 6.89 -12.43
CA TYR A 122 -3.33 7.05 -11.13
C TYR A 122 -3.01 8.52 -10.84
N GLN A 123 -3.65 9.38 -11.61
CA GLN A 123 -3.44 10.82 -11.46
C GLN A 123 -3.97 11.57 -12.68
N MET A 124 -5.23 11.30 -12.99
CA MET A 124 -5.87 11.94 -14.14
C MET A 124 -6.14 13.42 -13.85
N GLY A 125 -5.09 14.12 -13.46
CA GLY A 125 -5.20 15.54 -13.15
C GLY A 125 -6.21 15.77 -12.02
N CYS A 126 -6.37 14.75 -11.19
CA CYS A 126 -7.29 14.84 -10.07
C CYS A 126 -6.85 16.00 -9.18
N GLU A 127 -7.47 16.08 -8.00
CA GLU A 127 -7.16 17.13 -7.06
C GLU A 127 -7.99 16.97 -5.79
N CYS A 1 7.11 5.22 12.60
CA CYS A 1 6.43 6.48 12.37
C CYS A 1 4.94 6.28 12.62
N SER A 2 4.15 7.23 12.11
CA SER A 2 2.71 7.16 12.27
C SER A 2 2.05 8.33 11.53
N CYS A 3 2.47 8.52 10.29
CA CYS A 3 1.94 9.59 9.47
C CYS A 3 0.42 9.43 9.40
N SER A 4 -0.18 10.11 8.43
CA SER A 4 -1.62 10.05 8.25
C SER A 4 -1.95 10.01 6.76
N PRO A 5 -2.54 8.86 6.32
CA PRO A 5 -2.91 8.69 4.93
C PRO A 5 -4.16 9.50 4.59
N VAL A 6 -3.99 10.80 4.51
CA VAL A 6 -5.09 11.70 4.19
C VAL A 6 -5.29 11.74 2.68
N HIS A 7 -5.44 12.96 2.18
CA HIS A 7 -5.63 13.16 0.75
C HIS A 7 -6.44 11.98 0.17
N PRO A 8 -7.78 12.16 0.14
CA PRO A 8 -8.66 11.12 -0.37
C PRO A 8 -8.60 11.07 -1.90
N GLN A 9 -7.76 11.94 -2.46
CA GLN A 9 -7.61 12.01 -3.90
C GLN A 9 -6.13 12.16 -4.27
N GLN A 10 -5.45 13.00 -3.50
CA GLN A 10 -4.03 13.23 -3.74
C GLN A 10 -3.23 11.95 -3.50
N ALA A 11 -3.92 10.95 -2.96
CA ALA A 11 -3.28 9.67 -2.68
C ALA A 11 -3.27 8.83 -3.95
N PHE A 12 -4.32 9.00 -4.76
CA PHE A 12 -4.44 8.26 -5.99
C PHE A 12 -3.81 9.03 -7.16
N CYS A 13 -3.22 10.17 -6.82
CA CYS A 13 -2.57 11.01 -7.82
C CYS A 13 -1.08 11.00 -7.57
N ASN A 14 -0.70 10.45 -6.42
CA ASN A 14 0.70 10.37 -6.04
C ASN A 14 1.21 8.94 -6.28
N ALA A 15 0.37 7.99 -5.93
CA ALA A 15 0.72 6.58 -6.09
C ALA A 15 1.14 6.34 -7.54
N ASP A 16 1.61 5.12 -7.79
CA ASP A 16 2.05 4.75 -9.12
C ASP A 16 1.89 3.24 -9.30
N VAL A 17 1.10 2.65 -8.42
CA VAL A 17 0.87 1.21 -8.46
C VAL A 17 -0.34 0.87 -7.59
N VAL A 18 -1.52 1.03 -8.19
CA VAL A 18 -2.76 0.75 -7.49
C VAL A 18 -3.24 -0.66 -7.85
N ILE A 19 -3.34 -1.50 -6.83
CA ILE A 19 -3.78 -2.87 -7.04
C ILE A 19 -4.57 -3.33 -5.82
N ARG A 20 -5.80 -3.77 -6.08
CA ARG A 20 -6.67 -4.24 -5.01
C ARG A 20 -6.24 -5.63 -4.56
N THR A 21 -4.93 -5.82 -4.46
CA THR A 21 -4.38 -7.10 -4.04
C THR A 21 -4.83 -7.43 -2.62
N LYS A 22 -4.56 -8.66 -2.21
CA LYS A 22 -4.92 -9.11 -0.88
C LYS A 22 -3.68 -9.61 -0.16
N ALA A 23 -3.37 -8.95 0.95
CA ALA A 23 -2.21 -9.32 1.75
C ALA A 23 -2.64 -10.31 2.84
N VAL A 24 -2.45 -11.58 2.54
CA VAL A 24 -2.81 -12.64 3.48
C VAL A 24 -1.54 -13.13 4.18
N SER A 25 -0.45 -13.13 3.44
CA SER A 25 0.82 -13.58 3.98
C SER A 25 1.82 -12.41 4.02
N GLU A 26 2.87 -12.60 4.80
CA GLU A 26 3.90 -11.59 4.92
C GLU A 26 5.25 -12.23 5.21
N LYS A 27 6.26 -11.37 5.37
CA LYS A 27 7.60 -11.85 5.64
C LYS A 27 8.30 -10.85 6.57
N GLU A 28 8.55 -11.32 7.79
CA GLU A 28 9.21 -10.49 8.78
C GLU A 28 10.70 -10.34 8.45
N VAL A 29 11.01 -9.26 7.74
CA VAL A 29 12.39 -8.99 7.36
C VAL A 29 12.89 -7.76 8.12
N ASP A 30 13.98 -7.96 8.84
CA ASP A 30 14.58 -6.88 9.62
C ASP A 30 15.24 -5.89 8.67
N SER A 31 15.38 -4.66 9.14
CA SER A 31 16.00 -3.62 8.35
C SER A 31 16.94 -2.78 9.23
N GLY A 32 17.39 -3.40 10.31
CA GLY A 32 18.29 -2.73 11.23
C GLY A 32 17.53 -1.73 12.10
N ASN A 33 18.28 -1.07 12.98
CA ASN A 33 17.69 -0.09 13.87
C ASN A 33 17.58 1.25 13.16
N ASP A 34 16.77 2.13 13.74
CA ASP A 34 16.57 3.45 13.17
C ASP A 34 17.49 4.45 13.85
N ILE A 35 17.15 5.72 13.71
CA ILE A 35 17.95 6.78 14.31
C ILE A 35 17.57 6.91 15.79
N TYR A 36 16.65 6.06 16.22
CA TYR A 36 16.20 6.07 17.60
C TYR A 36 16.71 4.83 18.35
N GLY A 37 17.44 4.00 17.62
CA GLY A 37 17.98 2.79 18.21
C GLY A 37 16.98 1.63 18.11
N ASN A 38 15.76 1.98 17.72
CA ASN A 38 14.71 0.99 17.58
C ASN A 38 14.92 0.20 16.29
N PRO A 39 14.40 -1.06 16.29
CA PRO A 39 14.52 -1.91 15.12
C PRO A 39 13.57 -1.48 14.01
N ILE A 40 14.11 -1.34 12.82
CA ILE A 40 13.32 -0.93 11.67
C ILE A 40 12.31 -2.03 11.34
N LYS A 41 12.76 -2.97 10.53
CA LYS A 41 11.91 -4.08 10.13
C LYS A 41 10.89 -3.59 9.09
N ARG A 42 10.83 -4.31 7.98
CA ARG A 42 9.91 -3.95 6.92
C ARG A 42 9.13 -5.19 6.46
N ILE A 43 8.31 -5.71 7.37
CA ILE A 43 7.51 -6.87 7.07
C ILE A 43 7.06 -6.83 5.61
N GLN A 44 7.04 -8.00 4.99
CA GLN A 44 6.63 -8.10 3.60
C GLN A 44 5.11 -8.20 3.50
N TYR A 45 4.63 -8.26 2.26
CA TYR A 45 3.20 -8.35 2.01
C TYR A 45 2.90 -9.40 0.94
N GLU A 46 3.14 -10.65 1.30
CA GLU A 46 2.90 -11.74 0.38
C GLU A 46 1.41 -11.83 0.03
N ILE A 47 0.97 -10.84 -0.73
CA ILE A 47 -0.43 -10.79 -1.15
C ILE A 47 -0.72 -11.97 -2.08
N LYS A 48 -1.88 -11.90 -2.71
CA LYS A 48 -2.29 -12.95 -3.63
C LYS A 48 -2.78 -12.31 -4.93
N GLN A 49 -2.45 -11.04 -5.10
CA GLN A 49 -2.85 -10.31 -6.29
C GLN A 49 -4.25 -10.74 -6.73
N ILE A 50 -5.20 -9.83 -6.53
CA ILE A 50 -6.59 -10.10 -6.90
C ILE A 50 -7.01 -9.10 -7.99
N LYS A 51 -6.38 -7.94 -7.95
CA LYS A 51 -6.69 -6.90 -8.92
C LYS A 51 -5.44 -6.05 -9.16
N MET A 52 -5.50 -5.27 -10.24
CA MET A 52 -4.38 -4.41 -10.59
C MET A 52 -4.87 -3.10 -11.24
N PHE A 53 -5.56 -2.31 -10.43
CA PHE A 53 -6.09 -1.04 -10.91
C PHE A 53 -5.07 -0.31 -11.78
N LYS A 54 -4.12 0.33 -11.11
CA LYS A 54 -3.08 1.07 -11.80
C LYS A 54 -1.71 0.56 -11.35
N GLY A 55 -1.37 -0.63 -11.83
CA GLY A 55 -0.09 -1.24 -11.48
C GLY A 55 0.65 -1.69 -12.75
N PRO A 56 1.57 -2.67 -12.53
CA PRO A 56 2.37 -3.20 -13.64
C PRO A 56 1.52 -4.14 -14.50
N GLU A 57 2.20 -4.76 -15.46
CA GLU A 57 1.52 -5.68 -16.36
C GLU A 57 1.44 -7.08 -15.73
N LYS A 58 2.49 -7.42 -14.99
CA LYS A 58 2.55 -8.72 -14.34
C LYS A 58 1.81 -8.64 -13.01
N ASP A 59 2.49 -8.06 -12.02
CA ASP A 59 1.91 -7.93 -10.70
C ASP A 59 3.03 -7.86 -9.66
N ILE A 60 2.63 -7.54 -8.44
CA ILE A 60 3.60 -7.44 -7.35
C ILE A 60 3.60 -8.75 -6.55
N GLU A 61 2.52 -8.95 -5.81
CA GLU A 61 2.39 -10.15 -5.00
C GLU A 61 3.31 -10.07 -3.78
N PHE A 62 4.16 -9.06 -3.78
CA PHE A 62 5.10 -8.86 -2.69
C PHE A 62 5.32 -7.37 -2.42
N ILE A 63 4.57 -6.87 -1.45
CA ILE A 63 4.68 -5.46 -1.08
C ILE A 63 5.50 -5.34 0.21
N TYR A 64 5.90 -4.11 0.50
CA TYR A 64 6.68 -3.84 1.68
C TYR A 64 6.00 -2.79 2.57
N THR A 65 6.17 -2.98 3.88
CA THR A 65 5.58 -2.06 4.84
C THR A 65 6.27 -2.20 6.20
N ALA A 66 5.64 -1.62 7.20
CA ALA A 66 6.19 -1.66 8.56
C ALA A 66 5.40 -2.67 9.39
N PRO A 67 6.09 -3.27 10.38
CA PRO A 67 5.47 -4.25 11.25
C PRO A 67 4.54 -3.57 12.26
N SER A 68 4.25 -4.31 13.33
CA SER A 68 3.38 -3.79 14.37
C SER A 68 1.98 -3.55 13.82
N SER A 69 1.24 -2.72 14.52
CA SER A 69 -0.12 -2.39 14.11
C SER A 69 -0.10 -1.31 13.03
N ALA A 70 0.98 -1.30 12.27
CA ALA A 70 1.15 -0.33 11.20
C ALA A 70 1.77 0.95 11.77
N VAL A 71 3.08 1.04 11.62
CA VAL A 71 3.80 2.21 12.12
C VAL A 71 4.15 3.13 10.95
N CYS A 72 4.45 2.51 9.82
CA CYS A 72 4.79 3.26 8.63
C CYS A 72 4.01 2.68 7.45
N GLY A 73 2.90 2.02 7.78
CA GLY A 73 2.06 1.42 6.77
C GLY A 73 0.64 1.20 7.30
N VAL A 74 -0.07 0.29 6.64
CA VAL A 74 -1.44 -0.01 7.03
C VAL A 74 -1.50 -1.43 7.60
N SER A 75 -0.34 -2.07 7.64
CA SER A 75 -0.24 -3.43 8.15
C SER A 75 -1.58 -4.15 7.96
N LEU A 76 -1.78 -4.64 6.75
CA LEU A 76 -3.00 -5.36 6.43
C LEU A 76 -2.72 -6.87 6.42
N ASP A 77 -3.56 -7.59 7.13
CA ASP A 77 -3.41 -9.04 7.22
C ASP A 77 -4.51 -9.71 6.39
N VAL A 78 -5.43 -8.89 5.91
CA VAL A 78 -6.54 -9.38 5.11
C VAL A 78 -7.47 -10.20 5.99
N GLY A 79 -6.89 -11.17 6.69
CA GLY A 79 -7.67 -12.03 7.57
C GLY A 79 -8.62 -11.21 8.44
N GLY A 80 -8.36 -9.90 8.48
CA GLY A 80 -9.18 -9.00 9.27
C GLY A 80 -9.85 -7.95 8.38
N LYS A 81 -9.17 -7.62 7.30
CA LYS A 81 -9.68 -6.64 6.36
C LYS A 81 -10.25 -7.35 5.13
N LYS A 82 -9.42 -7.50 4.12
CA LYS A 82 -9.83 -8.16 2.90
C LYS A 82 -8.77 -7.94 1.81
N GLU A 83 -8.90 -6.80 1.13
CA GLU A 83 -7.96 -6.46 0.08
C GLU A 83 -7.84 -4.94 -0.05
N TYR A 84 -6.67 -4.50 -0.47
CA TYR A 84 -6.41 -3.08 -0.63
C TYR A 84 -5.86 -2.78 -2.03
N LEU A 85 -6.11 -1.55 -2.48
CA LEU A 85 -5.65 -1.13 -3.79
C LEU A 85 -4.20 -0.64 -3.70
N ILE A 86 -3.63 -0.81 -2.51
CA ILE A 86 -2.26 -0.39 -2.27
C ILE A 86 -1.75 0.39 -3.48
N ALA A 87 -1.71 1.70 -3.32
CA ALA A 87 -1.25 2.58 -4.38
C ALA A 87 -0.12 3.46 -3.85
N GLY A 88 1.08 3.18 -4.34
CA GLY A 88 2.25 3.94 -3.94
C GLY A 88 3.18 4.20 -5.12
N LYS A 89 4.29 4.85 -4.83
CA LYS A 89 5.26 5.17 -5.86
C LYS A 89 5.77 3.88 -6.49
N ALA A 90 5.49 2.78 -5.82
CA ALA A 90 5.92 1.48 -6.29
C ALA A 90 7.43 1.34 -6.15
N GLU A 91 7.94 0.21 -6.61
CA GLU A 91 9.37 -0.04 -6.53
C GLU A 91 9.91 -0.47 -7.90
N GLY A 92 9.14 -1.31 -8.57
CA GLY A 92 9.51 -1.81 -9.88
C GLY A 92 8.88 -3.17 -10.17
N ASP A 93 7.56 -3.20 -10.06
CA ASP A 93 6.82 -4.43 -10.30
C ASP A 93 7.38 -5.54 -9.41
N GLY A 94 6.53 -6.53 -9.15
CA GLY A 94 6.93 -7.65 -8.32
C GLY A 94 7.25 -7.19 -6.89
N LYS A 95 7.20 -5.88 -6.70
CA LYS A 95 7.49 -5.30 -5.40
C LYS A 95 7.35 -3.78 -5.47
N MET A 96 6.83 -3.21 -4.39
CA MET A 96 6.64 -1.78 -4.33
C MET A 96 6.83 -1.27 -2.90
N HIS A 97 6.49 0.01 -2.71
CA HIS A 97 6.63 0.63 -1.40
C HIS A 97 5.30 1.29 -1.02
N ILE A 98 4.83 0.95 0.18
CA ILE A 98 3.58 1.50 0.67
C ILE A 98 3.73 1.85 2.16
N THR A 99 3.20 3.00 2.51
CA THR A 99 3.27 3.46 3.89
C THR A 99 1.94 4.09 4.31
N LEU A 100 1.77 4.23 5.63
CA LEU A 100 0.56 4.81 6.16
C LEU A 100 0.45 6.27 5.71
N CYS A 101 1.59 6.83 5.36
CA CYS A 101 1.65 8.22 4.91
C CYS A 101 1.33 8.24 3.42
N ASP A 102 1.58 7.12 2.77
CA ASP A 102 1.32 7.00 1.34
C ASP A 102 -0.13 6.56 1.12
N PHE A 103 -0.53 6.56 -0.15
CA PHE A 103 -1.88 6.18 -0.49
C PHE A 103 -2.08 4.66 -0.34
N ILE A 104 -2.99 4.30 0.54
CA ILE A 104 -3.29 2.90 0.80
C ILE A 104 -4.61 2.79 1.55
N VAL A 105 -5.41 1.83 1.13
CA VAL A 105 -6.71 1.60 1.75
C VAL A 105 -7.16 0.17 1.47
N PRO A 106 -8.06 -0.34 2.37
CA PRO A 106 -8.58 -1.69 2.22
C PRO A 106 -9.62 -1.76 1.10
N TRP A 107 -9.70 -0.67 0.34
CA TRP A 107 -10.64 -0.59 -0.76
C TRP A 107 -12.05 -0.47 -0.18
N ASP A 108 -12.41 -1.45 0.62
CA ASP A 108 -13.72 -1.47 1.25
C ASP A 108 -13.79 -0.34 2.29
N THR A 109 -13.44 0.86 1.84
CA THR A 109 -13.47 2.01 2.71
C THR A 109 -13.54 3.30 1.88
N LEU A 110 -12.62 3.40 0.93
CA LEU A 110 -12.56 4.56 0.07
C LEU A 110 -13.57 5.61 0.56
N SER A 111 -14.66 5.73 -0.20
CA SER A 111 -15.70 6.68 0.15
C SER A 111 -16.30 7.29 -1.12
N THR A 112 -15.41 7.60 -2.06
CA THR A 112 -15.83 8.18 -3.33
C THR A 112 -14.66 8.91 -3.99
N THR A 113 -14.16 9.91 -3.30
CA THR A 113 -13.04 10.69 -3.80
C THR A 113 -11.90 9.77 -4.23
N GLN A 114 -11.89 8.59 -3.65
CA GLN A 114 -10.86 7.60 -3.96
C GLN A 114 -11.28 6.76 -5.17
N LYS A 115 -12.57 6.46 -5.23
CA LYS A 115 -13.11 5.68 -6.32
C LYS A 115 -13.02 6.48 -7.62
N LYS A 116 -13.30 7.76 -7.50
CA LYS A 116 -13.26 8.65 -8.65
C LYS A 116 -11.83 8.69 -9.21
N SER A 117 -10.90 8.19 -8.40
CA SER A 117 -9.51 8.16 -8.79
C SER A 117 -9.14 6.78 -9.32
N LEU A 118 -10.05 5.84 -9.12
CA LEU A 118 -9.84 4.47 -9.57
C LEU A 118 -10.29 4.35 -11.03
N ASN A 119 -10.73 5.47 -11.58
CA ASN A 119 -11.19 5.49 -12.97
C ASN A 119 -9.98 5.50 -13.90
N HIS A 120 -9.19 6.56 -13.79
CA HIS A 120 -8.00 6.70 -14.62
C HIS A 120 -7.00 5.60 -14.27
N ARG A 121 -6.03 5.96 -13.43
CA ARG A 121 -5.02 5.02 -13.02
C ARG A 121 -4.34 5.50 -11.73
N TYR A 122 -3.45 6.46 -11.90
CA TYR A 122 -2.73 7.02 -10.77
C TYR A 122 -2.76 8.55 -10.79
N GLN A 123 -3.68 9.07 -11.60
CA GLN A 123 -3.84 10.51 -11.71
C GLN A 123 -5.09 10.85 -12.53
N MET A 124 -6.23 10.68 -11.89
CA MET A 124 -7.51 10.95 -12.53
C MET A 124 -7.66 12.45 -12.82
N GLY A 125 -6.66 13.00 -13.50
CA GLY A 125 -6.68 14.41 -13.84
C GLY A 125 -7.02 15.27 -12.62
N CYS A 126 -6.82 14.68 -11.44
CA CYS A 126 -7.10 15.38 -10.21
C CYS A 126 -6.20 16.61 -10.14
N GLU A 127 -6.16 17.19 -8.94
CA GLU A 127 -5.35 18.38 -8.72
C GLU A 127 -5.45 18.83 -7.27
N CYS A 1 8.70 7.56 11.99
CA CYS A 1 7.60 7.75 11.04
C CYS A 1 6.29 7.71 11.82
N SER A 2 5.30 8.40 11.28
CA SER A 2 3.98 8.45 11.90
C SER A 2 3.17 9.60 11.32
N CYS A 3 2.90 9.50 10.03
CA CYS A 3 2.14 10.52 9.34
C CYS A 3 0.67 10.08 9.30
N SER A 4 -0.20 11.07 9.12
CA SER A 4 -1.63 10.79 9.07
C SER A 4 -2.05 10.51 7.63
N PRO A 5 -2.71 9.33 7.43
CA PRO A 5 -3.17 8.93 6.12
C PRO A 5 -4.41 9.72 5.71
N VAL A 6 -4.17 10.79 4.95
CA VAL A 6 -5.26 11.64 4.48
C VAL A 6 -5.28 11.64 2.95
N HIS A 7 -5.38 12.83 2.40
CA HIS A 7 -5.42 12.99 0.96
C HIS A 7 -6.24 11.85 0.34
N PRO A 8 -7.58 12.04 0.36
CA PRO A 8 -8.49 11.05 -0.20
C PRO A 8 -8.47 11.08 -1.73
N GLN A 9 -7.63 11.97 -2.25
CA GLN A 9 -7.51 12.10 -3.70
C GLN A 9 -6.03 12.20 -4.10
N GLN A 10 -5.29 12.98 -3.33
CA GLN A 10 -3.88 13.16 -3.59
C GLN A 10 -3.13 11.84 -3.40
N ALA A 11 -3.85 10.85 -2.91
CA ALA A 11 -3.27 9.55 -2.67
C ALA A 11 -3.29 8.74 -3.96
N PHE A 12 -4.33 8.97 -4.76
CA PHE A 12 -4.48 8.27 -6.02
C PHE A 12 -3.87 9.08 -7.17
N CYS A 13 -3.16 10.13 -6.79
CA CYS A 13 -2.52 11.00 -7.77
C CYS A 13 -1.01 10.97 -7.53
N ASN A 14 -0.64 10.39 -6.40
CA ASN A 14 0.77 10.29 -6.04
C ASN A 14 1.26 8.86 -6.27
N ALA A 15 0.39 7.91 -5.94
CA ALA A 15 0.72 6.50 -6.11
C ALA A 15 1.16 6.26 -7.56
N ASP A 16 1.61 5.04 -7.81
CA ASP A 16 2.07 4.67 -9.15
C ASP A 16 1.89 3.17 -9.33
N VAL A 17 1.07 2.58 -8.46
CA VAL A 17 0.81 1.16 -8.53
C VAL A 17 -0.41 0.82 -7.66
N VAL A 18 -1.58 0.99 -8.24
CA VAL A 18 -2.81 0.72 -7.54
C VAL A 18 -3.32 -0.68 -7.91
N ILE A 19 -3.36 -1.54 -6.90
CA ILE A 19 -3.82 -2.90 -7.11
C ILE A 19 -4.64 -3.35 -5.91
N ARG A 20 -5.84 -3.83 -6.20
CA ARG A 20 -6.74 -4.29 -5.15
C ARG A 20 -6.33 -5.69 -4.68
N THR A 21 -5.01 -5.89 -4.60
CA THR A 21 -4.48 -7.18 -4.17
C THR A 21 -4.94 -7.50 -2.75
N LYS A 22 -4.65 -8.72 -2.33
CA LYS A 22 -5.03 -9.16 -1.00
C LYS A 22 -3.79 -9.65 -0.26
N ALA A 23 -3.50 -8.98 0.86
CA ALA A 23 -2.35 -9.34 1.67
C ALA A 23 -2.78 -10.30 2.78
N VAL A 24 -2.54 -11.58 2.53
CA VAL A 24 -2.91 -12.60 3.50
C VAL A 24 -1.64 -13.07 4.23
N SER A 25 -0.55 -13.12 3.48
CA SER A 25 0.72 -13.54 4.05
C SER A 25 1.71 -12.37 4.06
N GLU A 26 2.76 -12.53 4.86
CA GLU A 26 3.77 -11.51 4.98
C GLU A 26 5.15 -12.14 5.17
N LYS A 27 6.13 -11.29 5.41
CA LYS A 27 7.49 -11.74 5.61
C LYS A 27 8.24 -10.74 6.49
N GLU A 28 8.69 -11.23 7.65
CA GLU A 28 9.42 -10.40 8.59
C GLU A 28 10.87 -10.23 8.12
N VAL A 29 11.10 -9.14 7.39
CA VAL A 29 12.43 -8.85 6.89
C VAL A 29 13.06 -7.74 7.74
N ASP A 30 13.91 -8.18 8.66
CA ASP A 30 14.59 -7.23 9.54
C ASP A 30 15.21 -6.11 8.71
N SER A 31 15.25 -4.93 9.32
CA SER A 31 15.81 -3.78 8.64
C SER A 31 16.76 -3.03 9.58
N GLY A 32 17.13 -3.71 10.65
CA GLY A 32 18.03 -3.13 11.63
C GLY A 32 17.32 -2.03 12.43
N ASN A 33 18.09 -1.36 13.28
CA ASN A 33 17.55 -0.29 14.10
C ASN A 33 17.53 1.01 13.29
N ASP A 34 16.80 1.98 13.81
CA ASP A 34 16.69 3.27 13.15
C ASP A 34 17.71 4.24 13.76
N ILE A 35 17.46 5.52 13.53
CA ILE A 35 18.33 6.55 14.05
C ILE A 35 17.98 6.82 15.52
N TYR A 36 17.00 6.08 16.00
CA TYR A 36 16.57 6.23 17.38
C TYR A 36 16.98 5.02 18.22
N GLY A 37 17.63 4.07 17.56
CA GLY A 37 18.10 2.87 18.24
C GLY A 37 17.01 1.79 18.24
N ASN A 38 15.83 2.19 17.80
CA ASN A 38 14.71 1.26 17.74
C ASN A 38 14.84 0.38 16.50
N PRO A 39 14.22 -0.83 16.58
CA PRO A 39 14.26 -1.78 15.48
C PRO A 39 13.35 -1.34 14.34
N ILE A 40 13.91 -1.31 13.15
CA ILE A 40 13.15 -0.90 11.97
C ILE A 40 12.12 -1.99 11.64
N LYS A 41 12.59 -3.00 10.91
CA LYS A 41 11.72 -4.10 10.52
C LYS A 41 10.71 -3.61 9.48
N ARG A 42 10.74 -4.26 8.33
CA ARG A 42 9.84 -3.91 7.25
C ARG A 42 9.13 -5.16 6.71
N ILE A 43 8.21 -5.68 7.52
CA ILE A 43 7.47 -6.87 7.14
C ILE A 43 7.04 -6.74 5.67
N GLN A 44 6.95 -7.88 5.01
CA GLN A 44 6.54 -7.92 3.62
C GLN A 44 5.02 -8.04 3.51
N TYR A 45 4.56 -8.17 2.27
CA TYR A 45 3.14 -8.30 2.02
C TYR A 45 2.85 -9.37 0.97
N GLU A 46 3.09 -10.62 1.37
CA GLU A 46 2.87 -11.74 0.47
C GLU A 46 1.39 -11.83 0.10
N ILE A 47 0.95 -10.86 -0.68
CA ILE A 47 -0.43 -10.81 -1.12
C ILE A 47 -0.69 -11.98 -2.09
N LYS A 48 -1.90 -12.00 -2.62
CA LYS A 48 -2.29 -13.04 -3.56
C LYS A 48 -2.64 -12.41 -4.91
N GLN A 49 -2.63 -11.09 -4.92
CA GLN A 49 -2.95 -10.35 -6.13
C GLN A 49 -4.30 -10.81 -6.69
N ILE A 50 -5.28 -9.93 -6.58
CA ILE A 50 -6.62 -10.23 -7.08
C ILE A 50 -7.00 -9.22 -8.16
N LYS A 51 -6.51 -8.00 -7.99
CA LYS A 51 -6.79 -6.95 -8.95
C LYS A 51 -5.57 -6.04 -9.06
N MET A 52 -5.53 -5.29 -10.15
CA MET A 52 -4.42 -4.38 -10.40
C MET A 52 -4.92 -3.08 -11.04
N PHE A 53 -5.63 -2.30 -10.23
CA PHE A 53 -6.17 -1.03 -10.70
C PHE A 53 -5.18 -0.34 -11.66
N LYS A 54 -4.16 0.27 -11.07
CA LYS A 54 -3.16 0.97 -11.85
C LYS A 54 -1.77 0.48 -11.44
N GLY A 55 -1.46 -0.74 -11.87
CA GLY A 55 -0.17 -1.32 -11.55
C GLY A 55 0.58 -1.72 -12.83
N PRO A 56 1.65 -2.54 -12.64
CA PRO A 56 2.46 -2.99 -13.76
C PRO A 56 1.73 -4.07 -14.56
N GLU A 57 2.45 -4.65 -15.51
CA GLU A 57 1.90 -5.69 -16.34
C GLU A 57 2.20 -7.07 -15.76
N LYS A 58 3.36 -7.16 -15.11
CA LYS A 58 3.79 -8.41 -14.50
C LYS A 58 2.93 -8.68 -13.26
N ASP A 59 3.27 -7.96 -12.19
CA ASP A 59 2.56 -8.11 -10.93
C ASP A 59 3.53 -7.96 -9.78
N ILE A 60 2.97 -7.74 -8.59
CA ILE A 60 3.78 -7.58 -7.39
C ILE A 60 3.70 -8.85 -6.54
N GLU A 61 2.57 -8.98 -5.85
CA GLU A 61 2.36 -10.14 -5.00
C GLU A 61 3.23 -10.05 -3.74
N PHE A 62 4.10 -9.06 -3.73
CA PHE A 62 5.00 -8.85 -2.61
C PHE A 62 5.23 -7.36 -2.36
N ILE A 63 4.50 -6.83 -1.40
CA ILE A 63 4.61 -5.42 -1.05
C ILE A 63 5.40 -5.27 0.25
N TYR A 64 5.72 -4.03 0.58
CA TYR A 64 6.47 -3.75 1.79
C TYR A 64 5.70 -2.80 2.70
N THR A 65 6.03 -2.86 3.99
CA THR A 65 5.38 -2.02 4.97
C THR A 65 6.00 -2.23 6.36
N ALA A 66 5.36 -1.65 7.36
CA ALA A 66 5.83 -1.77 8.73
C ALA A 66 5.23 -3.03 9.36
N PRO A 67 5.95 -3.55 10.38
CA PRO A 67 5.51 -4.74 11.08
C PRO A 67 4.34 -4.43 12.02
N SER A 68 4.59 -3.54 12.97
CA SER A 68 3.58 -3.15 13.92
C SER A 68 2.24 -2.96 13.21
N SER A 69 1.20 -2.78 14.02
CA SER A 69 -0.14 -2.60 13.48
C SER A 69 -0.07 -1.78 12.18
N ALA A 70 0.80 -0.77 12.19
CA ALA A 70 0.96 0.08 11.03
C ALA A 70 1.60 1.40 11.46
N VAL A 71 2.93 1.42 11.46
CA VAL A 71 3.66 2.61 11.85
C VAL A 71 4.05 3.40 10.60
N CYS A 72 4.42 2.65 9.56
CA CYS A 72 4.82 3.26 8.31
C CYS A 72 4.05 2.58 7.18
N GLY A 73 2.88 2.06 7.54
CA GLY A 73 2.04 1.38 6.56
C GLY A 73 0.62 1.18 7.12
N VAL A 74 -0.07 0.22 6.53
CA VAL A 74 -1.42 -0.10 6.95
C VAL A 74 -1.47 -1.50 7.55
N SER A 75 -0.38 -2.23 7.34
CA SER A 75 -0.27 -3.59 7.86
C SER A 75 -1.62 -4.29 7.74
N LEU A 76 -1.88 -4.77 6.53
CA LEU A 76 -3.13 -5.47 6.26
C LEU A 76 -2.87 -6.98 6.22
N ASP A 77 -3.69 -7.71 6.94
CA ASP A 77 -3.56 -9.15 7.00
C ASP A 77 -4.65 -9.79 6.13
N VAL A 78 -5.56 -8.96 5.68
CA VAL A 78 -6.66 -9.43 4.83
C VAL A 78 -7.62 -10.25 5.69
N GLY A 79 -7.06 -11.23 6.39
CA GLY A 79 -7.86 -12.09 7.24
C GLY A 79 -8.77 -11.26 8.16
N GLY A 80 -8.50 -9.97 8.20
CA GLY A 80 -9.28 -9.07 9.02
C GLY A 80 -9.95 -7.99 8.17
N LYS A 81 -9.36 -7.74 7.01
CA LYS A 81 -9.89 -6.73 6.10
C LYS A 81 -10.47 -7.43 4.86
N LYS A 82 -9.61 -7.58 3.85
CA LYS A 82 -10.02 -8.21 2.62
C LYS A 82 -8.95 -7.98 1.55
N GLU A 83 -9.07 -6.85 0.88
CA GLU A 83 -8.12 -6.50 -0.17
C GLU A 83 -8.00 -4.97 -0.29
N TYR A 84 -6.80 -4.53 -0.64
CA TYR A 84 -6.54 -3.11 -0.79
C TYR A 84 -5.99 -2.80 -2.18
N LEU A 85 -6.20 -1.56 -2.61
CA LEU A 85 -5.73 -1.12 -3.91
C LEU A 85 -4.27 -0.68 -3.79
N ILE A 86 -3.72 -0.85 -2.60
CA ILE A 86 -2.34 -0.47 -2.34
C ILE A 86 -1.81 0.32 -3.54
N ALA A 87 -1.74 1.63 -3.36
CA ALA A 87 -1.25 2.50 -4.42
C ALA A 87 -0.16 3.42 -3.85
N GLY A 88 1.07 3.15 -4.27
CA GLY A 88 2.19 3.94 -3.81
C GLY A 88 3.22 4.11 -4.93
N LYS A 89 4.23 4.93 -4.65
CA LYS A 89 5.27 5.20 -5.61
C LYS A 89 5.70 3.89 -6.28
N ALA A 90 5.66 2.82 -5.49
CA ALA A 90 6.03 1.51 -5.99
C ALA A 90 7.56 1.38 -5.98
N GLU A 91 8.02 0.20 -6.35
CA GLU A 91 9.45 -0.07 -6.39
C GLU A 91 9.82 -0.79 -7.69
N GLY A 92 8.83 -0.93 -8.56
CA GLY A 92 9.04 -1.59 -9.83
C GLY A 92 7.98 -2.67 -10.08
N ASP A 93 8.46 -3.90 -10.21
CA ASP A 93 7.57 -5.02 -10.44
C ASP A 93 7.96 -6.17 -9.50
N GLY A 94 6.93 -6.87 -9.02
CA GLY A 94 7.15 -7.99 -8.12
C GLY A 94 7.46 -7.49 -6.71
N LYS A 95 7.50 -6.18 -6.57
CA LYS A 95 7.78 -5.58 -5.28
C LYS A 95 7.67 -4.05 -5.40
N MET A 96 7.05 -3.46 -4.39
CA MET A 96 6.88 -2.01 -4.37
C MET A 96 7.04 -1.46 -2.95
N HIS A 97 6.66 -0.20 -2.80
CA HIS A 97 6.76 0.46 -1.50
C HIS A 97 5.43 1.13 -1.16
N ILE A 98 4.95 0.87 0.04
CA ILE A 98 3.69 1.44 0.49
C ILE A 98 3.82 1.81 1.97
N THR A 99 3.29 2.98 2.31
CA THR A 99 3.33 3.45 3.67
C THR A 99 1.97 4.03 4.08
N LEU A 100 1.76 4.13 5.39
CA LEU A 100 0.52 4.66 5.91
C LEU A 100 0.27 6.05 5.30
N CYS A 101 1.30 6.88 5.36
CA CYS A 101 1.20 8.23 4.83
C CYS A 101 0.91 8.14 3.33
N ASP A 102 1.41 7.07 2.72
CA ASP A 102 1.20 6.85 1.30
C ASP A 102 -0.25 6.41 1.07
N PHE A 103 -0.64 6.43 -0.19
CA PHE A 103 -1.99 6.04 -0.56
C PHE A 103 -2.18 4.52 -0.42
N ILE A 104 -3.10 4.16 0.46
CA ILE A 104 -3.38 2.76 0.71
C ILE A 104 -4.70 2.64 1.47
N VAL A 105 -5.52 1.70 1.03
CA VAL A 105 -6.82 1.48 1.67
C VAL A 105 -7.28 0.04 1.37
N PRO A 106 -8.16 -0.47 2.27
CA PRO A 106 -8.68 -1.82 2.11
C PRO A 106 -9.73 -1.86 1.01
N TRP A 107 -9.81 -0.79 0.25
CA TRP A 107 -10.77 -0.69 -0.84
C TRP A 107 -12.17 -0.56 -0.23
N ASP A 108 -12.53 -1.57 0.56
CA ASP A 108 -13.83 -1.58 1.21
C ASP A 108 -13.88 -0.48 2.27
N THR A 109 -13.51 0.73 1.84
CA THR A 109 -13.50 1.86 2.74
C THR A 109 -13.57 3.17 1.95
N LEU A 110 -12.61 3.31 1.04
CA LEU A 110 -12.54 4.50 0.21
C LEU A 110 -13.54 5.54 0.73
N SER A 111 -14.61 5.71 -0.03
CA SER A 111 -15.65 6.67 0.34
C SER A 111 -16.25 7.29 -0.92
N THR A 112 -15.38 7.60 -1.86
CA THR A 112 -15.81 8.20 -3.12
C THR A 112 -14.64 8.92 -3.80
N THR A 113 -14.16 9.96 -3.12
CA THR A 113 -13.05 10.73 -3.65
C THR A 113 -11.92 9.81 -4.11
N GLN A 114 -11.93 8.61 -3.55
CA GLN A 114 -10.91 7.63 -3.88
C GLN A 114 -11.36 6.79 -5.08
N LYS A 115 -12.66 6.52 -5.12
CA LYS A 115 -13.23 5.73 -6.20
C LYS A 115 -13.15 6.52 -7.50
N LYS A 116 -13.40 7.82 -7.38
CA LYS A 116 -13.36 8.70 -8.53
C LYS A 116 -11.96 8.70 -9.13
N SER A 117 -10.99 8.37 -8.28
CA SER A 117 -9.60 8.33 -8.71
C SER A 117 -9.26 6.93 -9.24
N LEU A 118 -10.17 6.00 -8.98
CA LEU A 118 -9.98 4.63 -9.42
C LEU A 118 -10.46 4.49 -10.87
N ASN A 119 -10.95 5.60 -11.41
CA ASN A 119 -11.43 5.62 -12.77
C ASN A 119 -10.25 5.57 -13.74
N HIS A 120 -9.37 6.55 -13.59
CA HIS A 120 -8.19 6.62 -14.44
C HIS A 120 -7.24 5.47 -14.11
N ARG A 121 -6.12 5.83 -13.49
CA ARG A 121 -5.13 4.84 -13.11
C ARG A 121 -4.44 5.25 -11.81
N TYR A 122 -3.60 6.27 -11.92
CA TYR A 122 -2.86 6.78 -10.78
C TYR A 122 -2.87 8.31 -10.76
N GLN A 123 -3.65 8.88 -11.65
CA GLN A 123 -3.74 10.33 -11.76
C GLN A 123 -5.03 10.72 -12.48
N MET A 124 -6.15 10.53 -11.79
CA MET A 124 -7.44 10.87 -12.35
C MET A 124 -7.59 12.38 -12.54
N GLY A 125 -6.64 12.95 -13.26
CA GLY A 125 -6.64 14.38 -13.51
C GLY A 125 -7.07 15.16 -12.27
N CYS A 126 -6.83 14.55 -11.12
CA CYS A 126 -7.18 15.17 -9.85
C CYS A 126 -6.39 16.47 -9.72
N GLU A 127 -6.47 17.05 -8.53
CA GLU A 127 -5.75 18.29 -8.24
C GLU A 127 -5.98 18.72 -6.80
N CYS A 1 5.46 5.70 9.25
CA CYS A 1 5.98 5.90 10.59
C CYS A 1 5.17 7.03 11.25
N SER A 2 4.20 6.63 12.05
CA SER A 2 3.36 7.59 12.75
C SER A 2 2.91 8.68 11.77
N CYS A 3 2.95 8.34 10.49
CA CYS A 3 2.55 9.29 9.46
C CYS A 3 1.06 9.59 9.63
N SER A 4 0.59 10.53 8.82
CA SER A 4 -0.81 10.92 8.87
C SER A 4 -1.46 10.70 7.50
N PRO A 5 -2.32 9.65 7.43
CA PRO A 5 -3.00 9.33 6.18
C PRO A 5 -4.14 10.31 5.92
N VAL A 6 -4.11 10.90 4.73
CA VAL A 6 -5.13 11.86 4.35
C VAL A 6 -5.26 11.88 2.83
N HIS A 7 -5.33 13.08 2.27
CA HIS A 7 -5.45 13.25 0.84
C HIS A 7 -6.25 12.08 0.25
N PRO A 8 -7.61 12.25 0.29
CA PRO A 8 -8.50 11.23 -0.22
C PRO A 8 -8.51 11.23 -1.75
N GLN A 9 -7.65 12.07 -2.32
CA GLN A 9 -7.54 12.17 -3.76
C GLN A 9 -6.08 12.27 -4.19
N GLN A 10 -5.33 13.10 -3.47
CA GLN A 10 -3.93 13.28 -3.75
C GLN A 10 -3.17 11.97 -3.55
N ALA A 11 -3.87 10.99 -3.02
CA ALA A 11 -3.29 9.69 -2.76
C ALA A 11 -3.30 8.87 -4.05
N PHE A 12 -4.35 9.09 -4.84
CA PHE A 12 -4.49 8.38 -6.10
C PHE A 12 -3.86 9.16 -7.25
N CYS A 13 -3.19 10.24 -6.89
CA CYS A 13 -2.54 11.08 -7.89
C CYS A 13 -1.03 11.06 -7.62
N ASN A 14 -0.67 10.46 -6.51
CA ASN A 14 0.73 10.36 -6.13
C ASN A 14 1.22 8.93 -6.36
N ALA A 15 0.35 7.99 -6.03
CA ALA A 15 0.67 6.57 -6.20
C ALA A 15 1.13 6.32 -7.64
N ASP A 16 1.62 5.12 -7.87
CA ASP A 16 2.09 4.74 -9.19
C ASP A 16 1.93 3.23 -9.36
N VAL A 17 1.13 2.64 -8.49
CA VAL A 17 0.88 1.21 -8.53
C VAL A 17 -0.34 0.87 -7.68
N VAL A 18 -1.51 1.02 -8.29
CA VAL A 18 -2.76 0.74 -7.59
C VAL A 18 -3.24 -0.66 -7.96
N ILE A 19 -3.34 -1.50 -6.94
CA ILE A 19 -3.78 -2.87 -7.14
C ILE A 19 -4.60 -3.32 -5.94
N ARG A 20 -5.81 -3.79 -6.22
CA ARG A 20 -6.70 -4.25 -5.17
C ARG A 20 -6.30 -5.64 -4.70
N THR A 21 -4.98 -5.83 -4.58
CA THR A 21 -4.45 -7.11 -4.14
C THR A 21 -4.91 -7.42 -2.72
N LYS A 22 -4.65 -8.65 -2.30
CA LYS A 22 -5.03 -9.08 -0.97
C LYS A 22 -3.79 -9.60 -0.23
N ALA A 23 -3.50 -8.97 0.90
CA ALA A 23 -2.35 -9.35 1.69
C ALA A 23 -2.80 -10.33 2.78
N VAL A 24 -2.45 -11.60 2.56
CA VAL A 24 -2.81 -12.63 3.51
C VAL A 24 -1.56 -13.11 4.24
N SER A 25 -0.46 -13.18 3.49
CA SER A 25 0.81 -13.61 4.04
C SER A 25 1.79 -12.44 4.09
N GLU A 26 2.85 -12.63 4.86
CA GLU A 26 3.86 -11.59 5.00
C GLU A 26 5.24 -12.23 5.27
N LYS A 27 6.22 -11.37 5.45
CA LYS A 27 7.57 -11.83 5.71
C LYS A 27 8.30 -10.83 6.61
N GLU A 28 8.56 -11.25 7.83
CA GLU A 28 9.23 -10.40 8.79
C GLU A 28 10.72 -10.28 8.44
N VAL A 29 11.04 -9.23 7.70
CA VAL A 29 12.41 -9.00 7.28
C VAL A 29 12.96 -7.78 8.03
N ASP A 30 13.75 -8.07 9.06
CA ASP A 30 14.35 -7.02 9.86
C ASP A 30 15.15 -6.08 8.96
N SER A 31 15.23 -4.82 9.38
CA SER A 31 15.97 -3.83 8.62
C SER A 31 16.89 -3.03 9.55
N GLY A 32 17.23 -3.65 10.66
CA GLY A 32 18.11 -3.03 11.64
C GLY A 32 17.37 -1.92 12.39
N ASN A 33 18.11 -1.24 13.26
CA ASN A 33 17.54 -0.16 14.05
C ASN A 33 17.58 1.13 13.23
N ASP A 34 16.80 2.11 13.68
CA ASP A 34 16.73 3.39 13.00
C ASP A 34 17.71 4.37 13.67
N ILE A 35 17.48 5.65 13.43
CA ILE A 35 18.33 6.68 14.00
C ILE A 35 17.88 6.96 15.44
N TYR A 36 16.85 6.24 15.85
CA TYR A 36 16.32 6.39 17.20
C TYR A 36 16.69 5.19 18.07
N GLY A 37 17.38 4.24 17.45
CA GLY A 37 17.80 3.04 18.17
C GLY A 37 16.71 1.96 18.10
N ASN A 38 15.56 2.36 17.59
CA ASN A 38 14.45 1.43 17.47
C ASN A 38 14.67 0.53 16.25
N PRO A 39 14.09 -0.70 16.33
CA PRO A 39 14.21 -1.66 15.26
C PRO A 39 13.33 -1.28 14.07
N ILE A 40 13.95 -1.23 12.90
CA ILE A 40 13.23 -0.88 11.69
C ILE A 40 12.21 -1.98 11.37
N LYS A 41 12.68 -2.95 10.60
CA LYS A 41 11.82 -4.07 10.22
C LYS A 41 10.82 -3.59 9.17
N ARG A 42 10.78 -4.30 8.05
CA ARG A 42 9.87 -3.95 6.97
C ARG A 42 9.10 -5.20 6.52
N ILE A 43 8.26 -5.69 7.41
CA ILE A 43 7.47 -6.87 7.11
C ILE A 43 7.02 -6.83 5.65
N GLN A 44 6.99 -8.01 5.04
CA GLN A 44 6.59 -8.12 3.65
C GLN A 44 5.06 -8.21 3.54
N TYR A 45 4.59 -8.29 2.30
CA TYR A 45 3.16 -8.39 2.05
C TYR A 45 2.87 -9.44 0.97
N GLU A 46 3.12 -10.69 1.34
CA GLU A 46 2.88 -11.79 0.42
C GLU A 46 1.40 -11.88 0.07
N ILE A 47 0.94 -10.89 -0.69
CA ILE A 47 -0.44 -10.85 -1.10
C ILE A 47 -0.72 -12.01 -2.07
N LYS A 48 -1.94 -12.00 -2.62
CA LYS A 48 -2.33 -13.04 -3.54
C LYS A 48 -2.71 -12.40 -4.89
N GLN A 49 -2.67 -11.07 -4.91
CA GLN A 49 -2.99 -10.34 -6.12
C GLN A 49 -4.36 -10.76 -6.64
N ILE A 50 -5.31 -9.85 -6.54
CA ILE A 50 -6.66 -10.13 -7.02
C ILE A 50 -7.02 -9.13 -8.12
N LYS A 51 -6.51 -7.92 -7.98
CA LYS A 51 -6.77 -6.87 -8.95
C LYS A 51 -5.53 -5.99 -9.10
N MET A 52 -5.49 -5.24 -10.19
CA MET A 52 -4.37 -4.36 -10.45
C MET A 52 -4.84 -3.05 -11.08
N PHE A 53 -5.58 -2.28 -10.30
CA PHE A 53 -6.10 -1.01 -10.77
C PHE A 53 -5.11 -0.33 -11.72
N LYS A 54 -4.11 0.32 -11.12
CA LYS A 54 -3.10 1.01 -11.89
C LYS A 54 -1.71 0.54 -11.43
N GLY A 55 -1.37 -0.67 -11.83
CA GLY A 55 -0.08 -1.24 -11.46
C GLY A 55 0.73 -1.60 -12.71
N PRO A 56 1.75 -2.48 -12.50
CA PRO A 56 2.59 -2.92 -13.59
C PRO A 56 1.87 -3.92 -14.48
N GLU A 57 2.62 -4.47 -15.44
CA GLU A 57 2.07 -5.44 -16.36
C GLU A 57 2.25 -6.86 -15.82
N LYS A 58 3.35 -7.05 -15.12
CA LYS A 58 3.67 -8.35 -14.54
C LYS A 58 2.79 -8.58 -13.30
N ASP A 59 3.27 -8.07 -12.18
CA ASP A 59 2.54 -8.21 -10.93
C ASP A 59 3.51 -8.04 -9.76
N ILE A 60 2.93 -7.86 -8.57
CA ILE A 60 3.73 -7.67 -7.38
C ILE A 60 3.66 -8.94 -6.53
N GLU A 61 2.56 -9.06 -5.80
CA GLU A 61 2.36 -10.22 -4.93
C GLU A 61 3.28 -10.15 -3.72
N PHE A 62 4.17 -9.17 -3.75
CA PHE A 62 5.12 -8.99 -2.66
C PHE A 62 5.35 -7.49 -2.39
N ILE A 63 4.55 -6.96 -1.49
CA ILE A 63 4.66 -5.55 -1.13
C ILE A 63 5.44 -5.42 0.17
N TYR A 64 5.75 -4.18 0.52
CA TYR A 64 6.49 -3.91 1.73
C TYR A 64 5.73 -2.93 2.64
N THR A 65 6.07 -2.98 3.92
CA THR A 65 5.42 -2.11 4.90
C THR A 65 6.13 -2.21 6.25
N ALA A 66 5.48 -1.65 7.26
CA ALA A 66 6.02 -1.67 8.61
C ALA A 66 5.26 -2.69 9.45
N PRO A 67 5.98 -3.27 10.44
CA PRO A 67 5.39 -4.26 11.33
C PRO A 67 4.44 -3.59 12.34
N SER A 68 4.19 -4.32 13.42
CA SER A 68 3.32 -3.81 14.46
C SER A 68 1.96 -3.45 13.87
N SER A 69 1.15 -2.79 14.70
CA SER A 69 -0.18 -2.38 14.27
C SER A 69 -0.07 -1.27 13.23
N ALA A 70 0.68 -1.55 12.18
CA ALA A 70 0.88 -0.60 11.11
C ALA A 70 1.43 0.71 11.69
N VAL A 71 2.73 0.88 11.54
CA VAL A 71 3.39 2.08 12.04
C VAL A 71 3.82 2.95 10.87
N CYS A 72 4.27 2.29 9.81
CA CYS A 72 4.71 3.00 8.61
C CYS A 72 3.93 2.46 7.42
N GLY A 73 2.82 1.81 7.73
CA GLY A 73 1.97 1.23 6.70
C GLY A 73 0.54 1.02 7.20
N VAL A 74 -0.16 0.12 6.54
CA VAL A 74 -1.53 -0.19 6.91
C VAL A 74 -1.59 -1.61 7.47
N SER A 75 -0.42 -2.23 7.55
CA SER A 75 -0.33 -3.58 8.07
C SER A 75 -1.62 -4.35 7.77
N LEU A 76 -1.68 -4.91 6.57
CA LEU A 76 -2.85 -5.67 6.15
C LEU A 76 -2.52 -7.16 6.17
N ASP A 77 -3.44 -7.93 6.75
CA ASP A 77 -3.25 -9.37 6.85
C ASP A 77 -4.44 -10.07 6.19
N VAL A 78 -5.36 -9.26 5.67
CA VAL A 78 -6.54 -9.79 5.02
C VAL A 78 -7.47 -10.39 6.06
N GLY A 79 -6.92 -11.31 6.84
CA GLY A 79 -7.69 -11.98 7.88
C GLY A 79 -8.39 -10.96 8.78
N GLY A 80 -7.99 -9.70 8.63
CA GLY A 80 -8.57 -8.63 9.41
C GLY A 80 -9.25 -7.60 8.50
N LYS A 81 -8.69 -7.44 7.32
CA LYS A 81 -9.23 -6.49 6.36
C LYS A 81 -9.90 -7.26 5.22
N LYS A 82 -9.13 -7.46 4.16
CA LYS A 82 -9.63 -8.17 2.99
C LYS A 82 -8.69 -7.93 1.81
N GLU A 83 -8.79 -6.73 1.26
CA GLU A 83 -7.96 -6.36 0.13
C GLU A 83 -7.78 -4.84 0.07
N TYR A 84 -6.78 -4.41 -0.69
CA TYR A 84 -6.50 -3.00 -0.83
C TYR A 84 -5.93 -2.70 -2.21
N LEU A 85 -6.16 -1.47 -2.66
CA LEU A 85 -5.69 -1.04 -3.96
C LEU A 85 -4.23 -0.58 -3.84
N ILE A 86 -3.69 -0.75 -2.65
CA ILE A 86 -2.31 -0.37 -2.38
C ILE A 86 -1.78 0.43 -3.58
N ALA A 87 -1.76 1.74 -3.41
CA ALA A 87 -1.28 2.63 -4.46
C ALA A 87 -0.18 3.52 -3.90
N GLY A 88 1.05 3.23 -4.31
CA GLY A 88 2.19 4.00 -3.86
C GLY A 88 3.24 4.15 -4.97
N LYS A 89 4.19 5.04 -4.73
CA LYS A 89 5.24 5.28 -5.71
C LYS A 89 5.65 3.96 -6.34
N ALA A 90 5.62 2.91 -5.54
CA ALA A 90 6.00 1.59 -6.01
C ALA A 90 7.51 1.42 -5.92
N GLU A 91 7.97 0.23 -6.24
CA GLU A 91 9.39 -0.06 -6.20
C GLU A 91 9.83 -0.76 -7.49
N GLY A 92 8.87 -0.92 -8.39
CA GLY A 92 9.13 -1.57 -9.67
C GLY A 92 8.07 -2.63 -9.98
N ASP A 93 8.54 -3.84 -10.20
CA ASP A 93 7.66 -4.95 -10.50
C ASP A 93 7.96 -6.12 -9.57
N GLY A 94 6.90 -6.81 -9.17
CA GLY A 94 7.04 -7.95 -8.27
C GLY A 94 7.19 -7.49 -6.82
N LYS A 95 7.32 -6.18 -6.66
CA LYS A 95 7.48 -5.60 -5.34
C LYS A 95 7.42 -4.08 -5.44
N MET A 96 6.85 -3.47 -4.41
CA MET A 96 6.73 -2.02 -4.37
C MET A 96 6.88 -1.50 -2.94
N HIS A 97 6.57 -0.22 -2.78
CA HIS A 97 6.67 0.42 -1.47
C HIS A 97 5.34 1.09 -1.13
N ILE A 98 4.87 0.82 0.08
CA ILE A 98 3.62 1.40 0.53
C ILE A 98 3.73 1.75 2.01
N THR A 99 3.23 2.94 2.34
CA THR A 99 3.29 3.41 3.72
C THR A 99 1.94 4.02 4.12
N LEU A 100 1.71 4.08 5.42
CA LEU A 100 0.47 4.63 5.95
C LEU A 100 0.33 6.08 5.49
N CYS A 101 1.47 6.70 5.21
CA CYS A 101 1.48 8.07 4.76
C CYS A 101 1.12 8.11 3.27
N ASP A 102 1.54 7.06 2.57
CA ASP A 102 1.27 6.95 1.16
C ASP A 102 -0.19 6.51 0.96
N PHE A 103 -0.61 6.54 -0.30
CA PHE A 103 -1.97 6.16 -0.64
C PHE A 103 -2.16 4.65 -0.51
N ILE A 104 -3.08 4.28 0.38
CA ILE A 104 -3.37 2.87 0.61
C ILE A 104 -4.68 2.75 1.39
N VAL A 105 -5.50 1.80 0.96
CA VAL A 105 -6.78 1.57 1.61
C VAL A 105 -7.24 0.13 1.33
N PRO A 106 -8.13 -0.37 2.23
CA PRO A 106 -8.64 -1.72 2.09
C PRO A 106 -9.68 -1.80 0.97
N TRP A 107 -9.75 -0.72 0.19
CA TRP A 107 -10.69 -0.66 -0.91
C TRP A 107 -12.09 -0.50 -0.33
N ASP A 108 -12.49 -1.51 0.45
CA ASP A 108 -13.80 -1.50 1.07
C ASP A 108 -13.84 -0.42 2.17
N THR A 109 -13.46 0.79 1.76
CA THR A 109 -13.45 1.91 2.69
C THR A 109 -13.49 3.23 1.92
N LEU A 110 -12.57 3.37 0.97
CA LEU A 110 -12.50 4.57 0.16
C LEU A 110 -13.50 5.60 0.70
N SER A 111 -14.57 5.78 -0.04
CA SER A 111 -15.60 6.73 0.34
C SER A 111 -16.23 7.36 -0.90
N THR A 112 -15.38 7.70 -1.86
CA THR A 112 -15.84 8.30 -3.09
C THR A 112 -14.68 9.03 -3.79
N THR A 113 -14.18 10.06 -3.12
CA THR A 113 -13.09 10.84 -3.65
C THR A 113 -11.95 9.94 -4.11
N GLN A 114 -11.94 8.73 -3.56
CA GLN A 114 -10.92 7.75 -3.90
C GLN A 114 -11.36 6.92 -5.10
N LYS A 115 -12.65 6.65 -5.15
CA LYS A 115 -13.21 5.86 -6.24
C LYS A 115 -13.14 6.68 -7.54
N LYS A 116 -13.43 7.96 -7.40
CA LYS A 116 -13.40 8.86 -8.55
C LYS A 116 -11.99 8.89 -9.13
N SER A 117 -11.03 8.50 -8.30
CA SER A 117 -9.64 8.48 -8.73
C SER A 117 -9.27 7.09 -9.25
N LEU A 118 -10.18 6.15 -9.02
CA LEU A 118 -9.95 4.78 -9.46
C LEU A 118 -10.49 4.62 -10.89
N ASN A 119 -11.00 5.72 -11.42
CA ASN A 119 -11.54 5.72 -12.77
C ASN A 119 -10.39 5.67 -13.78
N HIS A 120 -9.41 6.52 -13.56
CA HIS A 120 -8.25 6.59 -14.43
C HIS A 120 -7.29 5.45 -14.10
N ARG A 121 -6.17 5.81 -13.49
CA ARG A 121 -5.17 4.84 -13.11
C ARG A 121 -4.44 5.29 -11.84
N TYR A 122 -3.63 6.32 -12.01
CA TYR A 122 -2.87 6.86 -10.88
C TYR A 122 -2.90 8.39 -10.88
N GLN A 123 -3.73 8.93 -11.76
CA GLN A 123 -3.86 10.37 -11.87
C GLN A 123 -5.15 10.73 -12.61
N MET A 124 -6.26 10.54 -11.91
CA MET A 124 -7.57 10.84 -12.47
C MET A 124 -7.74 12.34 -12.70
N GLY A 125 -6.80 12.90 -13.44
CA GLY A 125 -6.83 14.33 -13.72
C GLY A 125 -7.22 15.13 -12.48
N CYS A 126 -6.94 14.55 -11.33
CA CYS A 126 -7.26 15.20 -10.07
C CYS A 126 -6.41 16.47 -9.95
N GLU A 127 -6.45 17.06 -8.77
CA GLU A 127 -5.70 18.28 -8.52
C GLU A 127 -5.88 18.73 -7.07
N CYS A 1 8.02 6.49 13.12
CA CYS A 1 7.10 7.13 12.20
C CYS A 1 5.73 7.19 12.85
N SER A 2 4.78 7.75 12.11
CA SER A 2 3.41 7.86 12.60
C SER A 2 2.65 8.90 11.78
N CYS A 3 2.84 8.83 10.47
CA CYS A 3 2.19 9.74 9.55
C CYS A 3 0.67 9.54 9.68
N SER A 4 -0.06 10.26 8.85
CA SER A 4 -1.51 10.17 8.86
C SER A 4 -2.03 10.01 7.43
N PRO A 5 -2.88 8.96 7.23
CA PRO A 5 -3.45 8.69 5.93
C PRO A 5 -4.56 9.69 5.60
N VAL A 6 -4.26 10.56 4.65
CA VAL A 6 -5.22 11.57 4.24
C VAL A 6 -5.35 11.56 2.71
N HIS A 7 -5.32 12.75 2.14
CA HIS A 7 -5.42 12.89 0.70
C HIS A 7 -6.34 11.80 0.14
N PRO A 8 -7.65 12.15 0.05
CA PRO A 8 -8.64 11.21 -0.45
C PRO A 8 -8.54 11.08 -1.97
N GLN A 9 -7.71 11.93 -2.56
CA GLN A 9 -7.52 11.91 -4.00
C GLN A 9 -6.02 12.02 -4.33
N GLN A 10 -5.35 12.92 -3.64
CA GLN A 10 -3.94 13.13 -3.85
C GLN A 10 -3.17 11.82 -3.60
N ALA A 11 -3.88 10.86 -3.03
CA ALA A 11 -3.28 9.57 -2.74
C ALA A 11 -3.30 8.70 -4.00
N PHE A 12 -4.37 8.85 -4.76
CA PHE A 12 -4.53 8.09 -5.99
C PHE A 12 -3.87 8.81 -7.17
N CYS A 13 -3.34 9.99 -6.87
CA CYS A 13 -2.68 10.79 -7.89
C CYS A 13 -1.17 10.72 -7.65
N ASN A 14 -0.82 10.27 -6.46
CA ASN A 14 0.58 10.17 -6.09
C ASN A 14 1.06 8.73 -6.35
N ALA A 15 0.18 7.79 -6.05
CA ALA A 15 0.50 6.38 -6.24
C ALA A 15 0.94 6.16 -7.69
N ASP A 16 1.44 4.95 -7.94
CA ASP A 16 1.88 4.59 -9.27
C ASP A 16 1.76 3.08 -9.46
N VAL A 17 0.97 2.48 -8.59
CA VAL A 17 0.76 1.04 -8.65
C VAL A 17 -0.43 0.67 -7.77
N VAL A 18 -1.61 0.84 -8.32
CA VAL A 18 -2.83 0.54 -7.59
C VAL A 18 -3.29 -0.88 -7.96
N ILE A 19 -3.38 -1.72 -6.93
CA ILE A 19 -3.79 -3.10 -7.12
C ILE A 19 -4.64 -3.54 -5.93
N ARG A 20 -5.82 -4.06 -6.23
CA ARG A 20 -6.72 -4.53 -5.20
C ARG A 20 -6.27 -5.89 -4.67
N THR A 21 -4.96 -6.05 -4.59
CA THR A 21 -4.38 -7.30 -4.10
C THR A 21 -4.87 -7.59 -2.68
N LYS A 22 -4.59 -8.80 -2.23
CA LYS A 22 -4.99 -9.21 -0.89
C LYS A 22 -3.77 -9.74 -0.14
N ALA A 23 -3.45 -9.08 0.95
CA ALA A 23 -2.31 -9.47 1.76
C ALA A 23 -2.77 -10.46 2.83
N VAL A 24 -2.46 -11.73 2.60
CA VAL A 24 -2.83 -12.78 3.53
C VAL A 24 -1.59 -13.24 4.30
N SER A 25 -0.46 -13.21 3.60
CA SER A 25 0.80 -13.62 4.21
C SER A 25 1.71 -12.41 4.42
N GLU A 26 2.79 -12.64 5.15
CA GLU A 26 3.73 -11.57 5.43
C GLU A 26 5.11 -12.15 5.71
N LYS A 27 6.13 -11.36 5.40
CA LYS A 27 7.51 -11.78 5.60
C LYS A 27 8.22 -10.76 6.48
N GLU A 28 8.43 -11.14 7.73
CA GLU A 28 9.09 -10.26 8.69
C GLU A 28 10.59 -10.18 8.37
N VAL A 29 10.93 -9.17 7.57
CA VAL A 29 12.32 -8.97 7.18
C VAL A 29 12.89 -7.77 7.93
N ASP A 30 14.01 -8.01 8.61
CA ASP A 30 14.66 -6.95 9.37
C ASP A 30 15.25 -5.92 8.41
N SER A 31 15.52 -4.74 8.95
CA SER A 31 16.08 -3.67 8.15
C SER A 31 17.05 -2.84 9.00
N GLY A 32 17.46 -3.42 10.12
CA GLY A 32 18.38 -2.74 11.02
C GLY A 32 17.63 -1.72 11.89
N ASN A 33 18.38 -1.10 12.78
CA ASN A 33 17.81 -0.10 13.67
C ASN A 33 17.77 1.25 12.96
N ASP A 34 16.95 2.14 13.50
CA ASP A 34 16.82 3.47 12.92
C ASP A 34 17.79 4.43 13.64
N ILE A 35 17.52 5.72 13.48
CA ILE A 35 18.34 6.74 14.10
C ILE A 35 17.95 6.89 15.57
N TYR A 36 16.99 6.08 15.98
CA TYR A 36 16.52 6.11 17.35
C TYR A 36 16.98 4.87 18.12
N GLY A 37 17.68 4.00 17.41
CA GLY A 37 18.18 2.77 18.00
C GLY A 37 17.15 1.66 17.92
N ASN A 38 15.94 2.04 17.49
CA ASN A 38 14.86 1.08 17.35
C ASN A 38 15.04 0.29 16.06
N PRO A 39 14.50 -0.96 16.07
CA PRO A 39 14.60 -1.82 14.90
C PRO A 39 13.64 -1.37 13.80
N ILE A 40 14.19 -1.23 12.60
CA ILE A 40 13.40 -0.81 11.46
C ILE A 40 12.33 -1.86 11.16
N LYS A 41 12.74 -2.90 10.47
CA LYS A 41 11.85 -3.98 10.11
C LYS A 41 10.86 -3.49 9.06
N ARG A 42 10.83 -4.21 7.95
CA ARG A 42 9.93 -3.85 6.85
C ARG A 42 9.12 -5.08 6.41
N ILE A 43 8.28 -5.56 7.32
CA ILE A 43 7.45 -6.71 7.04
C ILE A 43 7.03 -6.68 5.57
N GLN A 44 6.94 -7.86 4.99
CA GLN A 44 6.55 -7.99 3.60
C GLN A 44 5.03 -8.12 3.49
N TYR A 45 4.56 -8.24 2.25
CA TYR A 45 3.14 -8.37 1.99
C TYR A 45 2.87 -9.45 0.95
N GLU A 46 3.12 -10.69 1.35
CA GLU A 46 2.90 -11.82 0.45
C GLU A 46 1.42 -11.96 0.10
N ILE A 47 0.94 -10.99 -0.66
CA ILE A 47 -0.46 -10.98 -1.06
C ILE A 47 -0.73 -12.18 -1.96
N LYS A 48 -1.93 -12.19 -2.54
CA LYS A 48 -2.32 -13.28 -3.43
C LYS A 48 -2.73 -12.70 -4.78
N GLN A 49 -2.62 -11.39 -4.88
CA GLN A 49 -2.99 -10.69 -6.12
C GLN A 49 -4.41 -11.08 -6.54
N ILE A 50 -5.28 -10.09 -6.50
CA ILE A 50 -6.67 -10.30 -6.86
C ILE A 50 -7.04 -9.36 -8.01
N LYS A 51 -6.44 -8.18 -7.98
CA LYS A 51 -6.69 -7.18 -9.00
C LYS A 51 -5.46 -6.30 -9.16
N MET A 52 -5.45 -5.53 -10.25
CA MET A 52 -4.33 -4.64 -10.54
C MET A 52 -4.82 -3.37 -11.24
N PHE A 53 -5.50 -2.53 -10.49
CA PHE A 53 -6.02 -1.28 -11.05
C PHE A 53 -4.98 -0.60 -11.93
N LYS A 54 -3.96 -0.05 -11.27
CA LYS A 54 -2.90 0.63 -11.98
C LYS A 54 -1.55 0.13 -11.47
N GLY A 55 -0.52 0.36 -12.28
CA GLY A 55 0.83 -0.06 -11.92
C GLY A 55 1.49 -0.81 -13.07
N PRO A 56 2.22 -1.90 -12.70
CA PRO A 56 2.90 -2.72 -13.68
C PRO A 56 1.92 -3.60 -14.45
N GLU A 57 2.46 -4.60 -15.14
CA GLU A 57 1.65 -5.51 -15.90
C GLU A 57 1.61 -6.88 -15.23
N LYS A 58 2.74 -7.23 -14.62
CA LYS A 58 2.85 -8.52 -13.94
C LYS A 58 1.98 -8.49 -12.68
N ASP A 59 2.55 -7.98 -11.61
CA ASP A 59 1.84 -7.90 -10.34
C ASP A 59 2.85 -7.73 -9.21
N ILE A 60 2.33 -7.31 -8.06
CA ILE A 60 3.18 -7.12 -6.89
C ILE A 60 2.70 -8.02 -5.75
N GLU A 61 2.96 -9.31 -5.92
CA GLU A 61 2.55 -10.28 -4.92
C GLU A 61 3.42 -10.16 -3.68
N PHE A 62 4.40 -9.27 -3.77
CA PHE A 62 5.31 -9.03 -2.65
C PHE A 62 5.51 -7.54 -2.42
N ILE A 63 4.68 -6.98 -1.55
CA ILE A 63 4.76 -5.57 -1.23
C ILE A 63 5.54 -5.38 0.07
N TYR A 64 5.87 -4.13 0.36
CA TYR A 64 6.61 -3.82 1.56
C TYR A 64 5.86 -2.80 2.41
N THR A 65 6.14 -2.83 3.70
CA THR A 65 5.51 -1.91 4.63
C THR A 65 6.21 -1.96 6.00
N ALA A 66 5.51 -1.47 7.01
CA ALA A 66 6.05 -1.45 8.35
C ALA A 66 5.33 -2.50 9.20
N PRO A 67 6.05 -3.01 10.24
CA PRO A 67 5.49 -4.01 11.12
C PRO A 67 4.49 -3.39 12.09
N SER A 68 4.22 -4.13 13.16
CA SER A 68 3.27 -3.66 14.17
C SER A 68 1.88 -3.54 13.56
N SER A 69 1.02 -2.80 14.25
CA SER A 69 -0.33 -2.60 13.79
C SER A 69 -0.37 -1.47 12.75
N ALA A 70 0.69 -1.38 11.98
CA ALA A 70 0.80 -0.37 10.95
C ALA A 70 1.38 0.91 11.55
N VAL A 71 2.70 1.01 11.51
CA VAL A 71 3.38 2.17 12.05
C VAL A 71 3.78 3.10 10.90
N CYS A 72 4.00 2.50 9.74
CA CYS A 72 4.39 3.26 8.57
C CYS A 72 3.63 2.71 7.36
N GLY A 73 2.58 1.96 7.67
CA GLY A 73 1.75 1.36 6.63
C GLY A 73 0.33 1.11 7.12
N VAL A 74 -0.30 0.11 6.54
CA VAL A 74 -1.66 -0.25 6.90
C VAL A 74 -1.69 -1.67 7.45
N SER A 75 -0.51 -2.29 7.46
CA SER A 75 -0.38 -3.65 7.95
C SER A 75 -1.67 -4.43 7.67
N LEU A 76 -1.72 -5.01 6.48
CA LEU A 76 -2.89 -5.78 6.08
C LEU A 76 -2.54 -7.27 6.12
N ASP A 77 -3.42 -8.04 6.75
CA ASP A 77 -3.22 -9.48 6.87
C ASP A 77 -4.39 -10.20 6.21
N VAL A 78 -5.39 -9.42 5.83
CA VAL A 78 -6.56 -9.98 5.18
C VAL A 78 -7.41 -10.70 6.22
N GLY A 79 -6.80 -10.96 7.37
CA GLY A 79 -7.48 -11.65 8.45
C GLY A 79 -8.43 -10.70 9.19
N GLY A 80 -8.30 -9.43 8.87
CA GLY A 80 -9.14 -8.42 9.50
C GLY A 80 -9.77 -7.50 8.45
N LYS A 81 -9.03 -7.28 7.37
CA LYS A 81 -9.50 -6.44 6.29
C LYS A 81 -10.10 -7.31 5.19
N LYS A 82 -9.31 -7.51 4.14
CA LYS A 82 -9.76 -8.32 3.02
C LYS A 82 -8.83 -8.08 1.83
N GLU A 83 -8.95 -6.90 1.25
CA GLU A 83 -8.13 -6.54 0.11
C GLU A 83 -7.97 -5.02 0.02
N TYR A 84 -6.93 -4.60 -0.68
CA TYR A 84 -6.66 -3.18 -0.85
C TYR A 84 -6.08 -2.90 -2.23
N LEU A 85 -6.35 -1.68 -2.70
CA LEU A 85 -5.87 -1.27 -4.01
C LEU A 85 -4.42 -0.80 -3.89
N ILE A 86 -3.89 -0.92 -2.68
CA ILE A 86 -2.51 -0.51 -2.42
C ILE A 86 -1.97 0.24 -3.64
N ALA A 87 -1.87 1.56 -3.48
CA ALA A 87 -1.38 2.40 -4.56
C ALA A 87 -0.26 3.30 -4.01
N GLY A 88 0.94 3.05 -4.48
CA GLY A 88 2.10 3.83 -4.06
C GLY A 88 3.03 4.12 -5.23
N LYS A 89 4.10 4.83 -4.93
CA LYS A 89 5.08 5.19 -5.95
C LYS A 89 5.61 3.91 -6.59
N ALA A 90 5.61 2.83 -5.81
CA ALA A 90 6.08 1.55 -6.29
C ALA A 90 7.60 1.46 -6.07
N GLU A 91 8.13 0.29 -6.35
CA GLU A 91 9.56 0.05 -6.19
C GLU A 91 10.18 -0.39 -7.52
N GLY A 92 9.44 -1.22 -8.23
CA GLY A 92 9.90 -1.72 -9.51
C GLY A 92 9.25 -3.07 -9.84
N ASP A 93 7.94 -3.09 -9.76
CA ASP A 93 7.18 -4.31 -10.04
C ASP A 93 7.68 -5.43 -9.13
N GLY A 94 6.82 -6.41 -8.94
CA GLY A 94 7.16 -7.55 -8.10
C GLY A 94 7.31 -7.13 -6.63
N LYS A 95 7.42 -5.82 -6.44
CA LYS A 95 7.57 -5.27 -5.10
C LYS A 95 7.52 -3.74 -5.18
N MET A 96 6.83 -3.16 -4.20
CA MET A 96 6.70 -1.72 -4.14
C MET A 96 6.81 -1.22 -2.70
N HIS A 97 6.54 0.07 -2.53
CA HIS A 97 6.60 0.69 -1.22
C HIS A 97 5.26 1.36 -0.90
N ILE A 98 4.65 0.90 0.18
CA ILE A 98 3.37 1.45 0.60
C ILE A 98 3.43 1.77 2.09
N THR A 99 2.96 2.97 2.43
CA THR A 99 2.95 3.41 3.81
C THR A 99 1.59 4.01 4.16
N LEU A 100 1.36 4.14 5.46
CA LEU A 100 0.11 4.70 5.95
C LEU A 100 -0.11 6.08 5.33
N CYS A 101 0.98 6.86 5.33
CA CYS A 101 0.93 8.20 4.77
C CYS A 101 0.64 8.10 3.28
N ASP A 102 1.14 7.03 2.68
CA ASP A 102 0.94 6.79 1.26
C ASP A 102 -0.50 6.35 1.02
N PHE A 103 -0.88 6.33 -0.25
CA PHE A 103 -2.22 5.92 -0.62
C PHE A 103 -2.40 4.42 -0.47
N ILE A 104 -3.29 4.05 0.44
CA ILE A 104 -3.57 2.65 0.70
C ILE A 104 -4.90 2.52 1.45
N VAL A 105 -5.73 1.60 0.97
CA VAL A 105 -7.03 1.37 1.58
C VAL A 105 -7.47 -0.05 1.29
N PRO A 106 -8.41 -0.55 2.14
CA PRO A 106 -8.94 -1.89 1.99
C PRO A 106 -9.91 -1.97 0.81
N TRP A 107 -9.92 -0.91 0.02
CA TRP A 107 -10.80 -0.84 -1.14
C TRP A 107 -12.23 -0.67 -0.63
N ASP A 108 -12.68 -1.70 0.10
CA ASP A 108 -14.03 -1.67 0.64
C ASP A 108 -14.10 -0.64 1.76
N THR A 109 -13.67 0.57 1.44
CA THR A 109 -13.69 1.65 2.41
C THR A 109 -13.73 3.01 1.71
N LEU A 110 -12.75 3.21 0.84
CA LEU A 110 -12.66 4.45 0.08
C LEU A 110 -13.69 5.45 0.64
N SER A 111 -14.74 5.65 -0.13
CA SER A 111 -15.80 6.57 0.26
C SER A 111 -16.41 7.23 -0.97
N THR A 112 -15.54 7.58 -1.91
CA THR A 112 -15.98 8.23 -3.13
C THR A 112 -14.84 9.02 -3.76
N THR A 113 -14.35 9.99 -3.01
CA THR A 113 -13.26 10.82 -3.47
C THR A 113 -12.07 9.97 -3.91
N GLN A 114 -11.99 8.78 -3.32
CA GLN A 114 -10.92 7.86 -3.63
C GLN A 114 -11.24 7.08 -4.90
N LYS A 115 -12.52 6.79 -5.08
CA LYS A 115 -12.98 6.06 -6.25
C LYS A 115 -12.83 6.95 -7.49
N LYS A 116 -13.28 8.19 -7.34
CA LYS A 116 -13.21 9.15 -8.43
C LYS A 116 -11.76 9.40 -8.79
N SER A 117 -10.87 8.89 -7.95
CA SER A 117 -9.44 9.05 -8.17
C SER A 117 -8.82 7.72 -8.60
N LEU A 118 -9.47 6.65 -8.20
CA LEU A 118 -9.00 5.30 -8.53
C LEU A 118 -9.43 4.97 -9.97
N ASN A 119 -10.44 5.70 -10.44
CA ASN A 119 -10.94 5.48 -11.78
C ASN A 119 -10.09 6.29 -12.77
N HIS A 120 -9.39 7.28 -12.24
CA HIS A 120 -8.55 8.12 -13.07
C HIS A 120 -7.15 7.50 -13.17
N ARG A 121 -7.14 6.18 -13.36
CA ARG A 121 -5.89 5.47 -13.48
C ARG A 121 -5.11 5.51 -12.16
N TYR A 122 -4.19 6.46 -12.09
CA TYR A 122 -3.37 6.62 -10.90
C TYR A 122 -2.93 8.08 -10.74
N GLN A 123 -3.52 8.94 -11.57
CA GLN A 123 -3.19 10.35 -11.52
C GLN A 123 -3.54 11.02 -12.85
N MET A 124 -4.78 10.81 -13.27
CA MET A 124 -5.26 11.38 -14.52
C MET A 124 -5.44 12.90 -14.40
N GLY A 125 -4.37 13.56 -13.96
CA GLY A 125 -4.41 15.00 -13.80
C GLY A 125 -5.51 15.42 -12.82
N CYS A 126 -5.85 14.49 -11.94
CA CYS A 126 -6.88 14.74 -10.95
C CYS A 126 -6.49 16.00 -10.16
N GLU A 127 -7.22 16.23 -9.09
CA GLU A 127 -6.96 17.38 -8.24
C GLU A 127 -7.92 17.40 -7.05
#